data_8EM4
#
_entry.id   8EM4
#
_cell.length_a   1.00
_cell.length_b   1.00
_cell.length_c   1.00
_cell.angle_alpha   90.00
_cell.angle_beta   90.00
_cell.angle_gamma   90.00
#
_symmetry.space_group_name_H-M   'P 1'
#
loop_
_entity.id
_entity.type
_entity.pdbx_description
1 polymer 'Low-density lipoprotein receptor-related protein 2'
2 branched 2-acetamido-2-deoxy-beta-D-glucopyranose-(1-4)-2-acetamido-2-deoxy-beta-D-glucopyranose
3 non-polymer 2-acetamido-2-deoxy-beta-D-galactopyranose
4 non-polymer 2-acetamido-2-deoxy-beta-D-glucopyranose
5 non-polymer 'CALCIUM ION'
#
_entity_poly.entity_id   1
_entity_poly.type   'polypeptide(L)'
_entity_poly.pdbx_seq_one_letter_code
;MERGAAAAAWMLLLAIAACLAPVSGQECGSGNFRCDNGYCIPASWRCDGTRDCLDDTDEIGCPPRSCGSGFFLCPAEGTC
IPSSWVCDQDKDCSDGADEQQNCPGTTCSSQQLTCSNGQCVPIEYRCDHVSDCPDGSDERNCYYPTCDQLTCANGACYNT
SQKCDHKVDCRDSSDEANCTTLCSQKEFQCGSGECILRAYVCDHDNDCEDNSDEHNCNYDTCGGHQFTCSNGQCINQNWV
CDGDDDCQDSGDEDGCESNQRHHTCYPREWACPGSGRCISMDKVCDGVPDCPEGEDENNATSGRYCGTGLCSILNCEYQC
HQTPYGGECFCPPGHIINSNDSRTCIDFDDCQIWGICDQKCESRQGRHQCLCEEGYILERGQHCKSNDSFSAASIIFSNG
RDLLVGDLHGRNFRILAESKNRGIVMGVDFHYQKHRVFWTDPMQAKVFSTDINGLNTQEILNVSIDAPENLAVDWINNKL
YLVETRVNRIDVVNLEGNQRVTLITENLGHPRGIALDPTVGYLFFSDWGSLSGQPKVERAFMDGSNRKDLVTTKLGWPAG
ITLDLVSKRVYWVDSRYDYIETVTYDGIQRKTVARGGSLVPHPFGISLFEEHVFFTDWTKMAVMKANKFTDTNPQVYHQS
SLTPFGVTVYHALRQPNATNPCGNNNGGCAQICVLSHRTDNGGLGYRCKCEFGFELDADEHHCVAVKNFLLFSSQTAVRG
IPFTLSTQEDVMVPVTGSPSFFVGIDFDAQHSTIFYSDLSKNIIYQQKIDGTGKEVITANRLQNVECLSFDWISRNLYWT
DGGSKSVTVMKLADKSRRQIISNLNNPRSIVVHPAAGYMFLSDWFRPAKIMRAWSDGSHLMPIVNTSLGWPNGLAIDWST
SRLYWVDAFFDKIEHSNLDGLDRKRLGHVDQMTHPFGLTVFKDNVFLTDWRLGAIIRVRKSDGGDMTVVRRGISSIMHVK
AYDADLQTGTNYCSQTTHPNGDCSHFCFPVPNFQRVCGCPYGMKLQRDQMTCEGDPAREPPTQQCGSSSFPCNNGKCVPS
IFRCDGVDDCHDNSDEHQCGALNNTCSSSAFTCVHGGQCIPGQWRCDKQNDCLDGSDEQNCPTRSPSSTCPPTSFTCDNH
MCIPKEWVCDTDNDCSDGSDEKNCQASGTCHPTQFRCPDHRCISPLYVCDGDKDCVDGSDEAGCVLNCTSSQFKCADGSS
CINSRYRCDGVYDCKDNSDEAGCPTRPPGMCHPDEFQCQGDGTCIPNTWECDGHPDCIQGSDEHNGCVPKTCSPSHFLCD
NGNCIYNSWVCDGDNDCRDMSDEKDCPTQPFHCPSSQWQCPGYSICVNLSALCDGVFDCPNGTDESPLCNQDSCLHFNGG
CTHRCIQGPFGATCVCPIGYQLANDTKTCEDVNECDIPGFCSQHCVNMRGSFRCACDPEYTLESDGRTCKVTASENLLLV
VASRDKIIMDNITAHTHNIYSLVQDVSFVVALDFDSVTGRVFWSDLLEGKTWSAFQNGTDKRVVHDSGLSLTEMIAVDWI
GRNIYWTDYTLETIEVSKIDGSHRTVLISKNVTKPRGLALDPRMGDNVMFWSDWGHHPRIERASMDGTMRTVIVQEKIYW
PCGLSIDYPNRLIYFMDAYLDYIEFCDYDGQNRRQVIASDLVLHHPHALTLFEDSVFWTDRGTHQVMQANKWHGRNQSVV
MYSVPQPLGIIAIHPSRQPSSPNPCASATCSHLCLLSAQEPRHYSCACPSGWNLSDDSVNCVRGDQPFLISVRENVIFGI
SLDPEVKSNDAMVPISGIQHGYDVEFDDSEQFIYWVENPGEIHRVKTDGSNRTAFAPLSLLGSSLGLALDWVSRNIYYTT
PASRSIEVLTLRGDTRYGKTLITNDGTPLGVGFPVGIAVDPARGKLYWSDHGTDSGVPAKIASANMDGTSLKILFTGNME
HLEVVTLDIQEQKLYWAVTSRGVIERGNVDGTERMILVHHLAHPWGLVVHGSFLYYSDEQYEVIERVDKSSGSNKVVFRD
NIPYLRGLRVYHHRNAADSSNGCSNNPNACQQICLPVPGGMFSCACASGFKLSPDGRSCSPYNSFIVVSMLPAVRGFSLE
LSDHSEAMVPVAGQGRNVLHADVDVANGFIYWCDFSSSVRSSNGIRRIKPNGSNFTNIVTYGIGANGIRGVAVDWVAGNL
YFTNAFVYETLIEVIRINTTYRRVLLKVSVDMPRHIVVDPKHRYLFWADYGQKPKIERSFLDCTNRTVLVSEGIVTPRGL
AVDHDTGYIYWVDDSLDIIARIHRDGGESQVVRYGSRYPTPYGITVFGESIIWVDRNLRKVFQASKQPGNTDPPTVIRDS
INLLRDVTIFDEHVQPLSPAELNNNPCLQSNGGCSHFCFALPELPTPKCGCAFGTLEDDGKNCATSREDFLIYSLNNSLR
SLHFDPQDHNLPFQAISVEGMAIALDYDRRNNRIFFTQKLNPIRGQISYVNLYSGASSPTILLSNIGVTDGIAFDWINRR
IYYSDFSNQTINSMAEDGSNRAVIARVSKPRAIVLDPCRGYMYWTDWGTNAKIERATLGGNFRVPIVNTSLVWPNGLTLD
LETDLLYWADASLQKIERSTLTGSNREVVISTAFHSFGLTVYGQYIYWTDFYTKKIYRANKYDGSDLIAMTTRLPTQPSG
ISTVVKTQQQQCSNPCDQFNGGCSHICAPGPNGAECQCPHEGSWYLANDNKYCVVDTGARCNQFQFTCLNGRCISQDWKC
DNDNDCGDGSDELPTVCAFHTCRSTAFTCANGRCVPYHYRCDFYNDCGDNSDEAGCLFRSCNSTTEFTCSNGRCIPLSYV
CNGINNCHDNDTSDEKNCPPITCQPDFAKCQTTNICVPRAFLCDGDNDCGDGSDENPIYCASHTCRSNEFQCVSPHRCIP
SYWFCDGEADCVDSSDEPDTCGHSLNSCSANQFHCDNGRCISSSWVCDGDNDCGDMSDEDQRHHCELQNCSSTEFTCINS
RPPNRRCIPQHWVCDGDADCADALDELQNCTMRACSTGEFSCANGRCIRQSFRCDRRNDCGDYSDERGCSYPPCRDDQFT
CQNGQCITKLYVCDEDNDCGDGSDEQEHLCHTPEPTCPPHQFRCDNGHCIEMGTVCNHVDDCSDNSDEKGCGINECQDSS
ISHCDHNCTDTITSFYCSCLPGYKLMSDKRTCVDIDECKETPQLCSQKCENVIGSYICKCAPGYIREPDGKSCRQNSNIE
PYLVFSNRYYIRNLTIDGTSYSLILQGLGNVVALDFDRVEERLYWIDAEKQIIERMFLNKTNQETIISHRLRRAESLAVD
WVSRKLYWLDAILDCLFVSDLEGRQRKMLAQHCVDANNTFCFENPRGIVLHPQRGYVYWADWGDHAYIARIGMDGTNKTV
IISTKIEWPNAITIDYTNDLLYWADAHLGYIEFSDLEGHHRHTVYDGTLPHPFALTIFEDTVFWTDWNTRTVEKGNKYDG
SGRVVLVNTTHKPFDIHVLHPYRQPIMSNPCATNNGGCSHLCLIKAGGRGFTCECPDDFQTVQLRDRTLCMPMCSSTQFL
CGNNEKCIPIWWKCDGQKDCSDGSDESDLCPHRFCRLGQFQCRDGNCTSPQALCNARQDCADGSDEDRVLCEHHRCEANE
WQCANKRCIPEYWQCDSVDDCLDNSDEDPSHCASRTCRPGQFKCNNGRCIPQSWKCDVDNDCGDYSDEPIHECMTAAYNC
DNHTEFSCKTNYRCIPQWAVCNGFDDCRDNSDEQGCESVPCHPSGDFRCGNHHCIPLRWKCDGIDDCGDNSDEESCVPRE
CTESEFRCADQQCIPSRWVCDQENDCGDNSDERDCEMKTCHPEHFQCTSGHCVPKALACDGRADCLDASDESACPTRFPN
GTYCPAAMFECKNHVCIQSFWICDGENDCVDGSDEEIHLCFNVPCESPQRFRCDNSRCIYGHQLCNGVDDCGDGSDEKEE
HCRKPTHKPCTDTEYKCSNGNCVSQHYVCDNVDDCGDLSDETGCNLGENRTCAEKICEQNCTQLSNGGFICSCRPGFKPS
TLDKNSCQDINECEEFGICPQSCRNSKGSYECFCVDGFKSMSTHYGERCAADGSPPLLLLPENVRIRKYNISSEKFSEYL
EEEEHIQAIDYDWDPEGIGLSVVYYTVLSQGSQFGAIKRAYLPDFESGSNNPVREVDLGLKYLMQPDGLAVDWVGRHIYW
SDAKSQRIEVATLDGRYRKWLITTQLDQPAAIAVNPKLGLMFWTDQGKQPKIESAWMNGEHRSVLASANLGWPNGLSIDY
LNGDRIYWSDSKEDVIESIKYDGTDRRLIINDAMKPFSLDIFEDQLYWVAKEKGEVWRQNKFGKGNKEKLLVVNPWLTQV
RIFHQLRYNQSVSNPCKQVCSHLCLLRPGGYSCACPQGSDFVTGSTVECDAASELPITMPSPCRCMHGGSCYFDENDLPK
CKCSSGYSGEYCEIGLSRGIPPGTTMALLLTFAMVIIVGALVLVGFFHYRKTGSLLPSLPKLPSLSSLAKPSENGNGVTF
RSGADVNMDIGVSPFGPETIIDRSMAMNEQFVMEVGKQPVIFENPMYAAKDSTSKVGLAVQGPSVSSQVTVPENVENQNY
GRSIDPSEIVPEPKPASPGADETQGTKWNIFKRKPKQTTNFENPIYAEMDTEQKEAVAVAPPPSPSLPAKASKRSSTPGY
TATEDTFKDTANLVKEDSDV
;
_entity_poly.pdbx_strand_id   A,B
#
loop_
_chem_comp.id
_chem_comp.type
_chem_comp.name
_chem_comp.formula
CA non-polymer 'CALCIUM ION' 'Ca 2'
NAG D-saccharide, beta linking 2-acetamido-2-deoxy-beta-D-glucopyranose 'C8 H15 N O6'
NGA D-saccharide, beta linking 2-acetamido-2-deoxy-beta-D-galactopyranose 'C8 H15 N O6'
#
# COMPACT_ATOMS: atom_id res chain seq x y z
N CYS A 28 101.81 -13.84 -54.96
CA CYS A 28 102.31 -12.47 -55.29
C CYS A 28 103.80 -12.35 -55.03
N GLY A 29 104.49 -11.59 -55.88
CA GLY A 29 105.92 -11.41 -55.75
C GLY A 29 106.51 -10.93 -57.07
N SER A 30 107.79 -11.27 -57.25
CA SER A 30 108.51 -10.97 -58.49
C SER A 30 108.53 -9.47 -58.79
N GLY A 31 108.71 -8.66 -57.75
CA GLY A 31 108.85 -7.23 -57.91
C GLY A 31 107.56 -6.45 -58.08
N ASN A 32 106.42 -7.10 -57.90
CA ASN A 32 105.14 -6.39 -57.97
C ASN A 32 104.91 -5.61 -56.67
N PHE A 33 103.76 -4.96 -56.59
CA PHE A 33 103.33 -4.23 -55.40
C PHE A 33 102.03 -4.85 -54.94
N ARG A 34 101.80 -4.84 -53.64
CA ARG A 34 100.74 -5.59 -53.00
C ARG A 34 99.77 -4.68 -52.26
N CYS A 35 98.51 -5.11 -52.23
CA CYS A 35 97.42 -4.39 -51.59
C CYS A 35 96.96 -5.18 -50.37
N ASP A 36 96.39 -4.46 -49.39
CA ASP A 36 95.94 -5.11 -48.17
C ASP A 36 94.79 -6.09 -48.42
N ASN A 37 94.12 -6.00 -49.57
CA ASN A 37 93.06 -6.95 -49.91
C ASN A 37 93.57 -8.35 -50.20
N GLY A 38 94.87 -8.56 -50.30
CA GLY A 38 95.40 -9.84 -50.72
C GLY A 38 95.52 -9.89 -52.23
N TYR A 39 95.95 -8.77 -52.81
CA TYR A 39 95.95 -8.55 -54.25
C TYR A 39 97.20 -7.76 -54.61
N CYS A 40 97.82 -8.10 -55.74
CA CYS A 40 99.08 -7.48 -56.16
C CYS A 40 98.95 -6.90 -57.56
N ILE A 41 99.66 -5.79 -57.76
CA ILE A 41 99.57 -5.01 -59.00
C ILE A 41 100.98 -4.65 -59.46
N PRO A 42 101.15 -4.36 -60.75
CA PRO A 42 102.46 -3.89 -61.23
C PRO A 42 102.94 -2.65 -60.49
N ALA A 43 104.27 -2.58 -60.32
CA ALA A 43 104.86 -1.45 -59.59
C ALA A 43 104.59 -0.11 -60.27
N SER A 44 104.45 -0.09 -61.59
CA SER A 44 104.18 1.16 -62.29
C SER A 44 102.87 1.78 -61.82
N TRP A 45 101.91 0.97 -61.41
CA TRP A 45 100.60 1.43 -60.95
C TRP A 45 100.64 2.04 -59.56
N ARG A 46 101.72 1.85 -58.80
CA ARG A 46 101.72 2.10 -57.37
C ARG A 46 101.34 3.54 -57.04
N CYS A 47 102.06 4.52 -57.59
CA CYS A 47 101.76 5.94 -57.38
C CYS A 47 101.59 6.58 -58.76
N ASP A 48 100.36 6.57 -59.28
CA ASP A 48 100.10 7.14 -60.60
C ASP A 48 98.80 7.94 -60.65
N GLY A 49 98.29 8.40 -59.52
CA GLY A 49 97.10 9.23 -59.53
C GLY A 49 95.81 8.49 -59.76
N THR A 50 95.80 7.17 -59.63
CA THR A 50 94.58 6.36 -59.80
C THR A 50 94.60 5.25 -58.77
N ARG A 51 93.62 5.27 -57.87
CA ARG A 51 93.53 4.27 -56.82
C ARG A 51 93.18 2.91 -57.41
N ASP A 52 94.15 2.00 -57.43
CA ASP A 52 93.93 0.67 -57.99
C ASP A 52 93.44 -0.33 -56.95
N CYS A 53 94.03 -0.31 -55.76
CA CYS A 53 93.55 -1.18 -54.69
C CYS A 53 92.21 -0.68 -54.20
N LEU A 54 91.30 -1.61 -53.91
CA LEU A 54 90.03 -1.21 -53.30
C LEU A 54 90.23 -0.69 -51.89
N ASP A 55 91.34 -1.05 -51.23
CA ASP A 55 91.73 -0.46 -49.97
C ASP A 55 92.50 0.84 -50.13
N ASP A 56 92.79 1.25 -51.36
CA ASP A 56 93.47 2.51 -51.70
C ASP A 56 94.91 2.58 -51.19
N THR A 57 95.50 1.48 -50.75
CA THR A 57 96.83 1.56 -50.17
C THR A 57 97.93 1.74 -51.20
N ASP A 58 97.62 1.63 -52.50
CA ASP A 58 98.63 1.93 -53.50
C ASP A 58 99.01 3.39 -53.47
N GLU A 59 98.05 4.27 -53.19
CA GLU A 59 98.27 5.71 -53.17
C GLU A 59 97.90 6.34 -51.83
N ILE A 60 97.81 5.53 -50.77
CA ILE A 60 97.57 6.09 -49.45
C ILE A 60 98.74 6.96 -49.02
N GLY A 61 99.92 6.73 -49.60
CA GLY A 61 101.06 7.59 -49.39
C GLY A 61 102.01 7.63 -50.56
N CYS A 62 102.32 8.82 -51.05
CA CYS A 62 103.28 9.05 -52.11
C CYS A 62 103.96 10.38 -51.82
N PRO A 63 105.23 10.56 -52.19
CA PRO A 63 105.95 11.77 -51.79
C PRO A 63 105.46 12.99 -52.55
N PRO A 64 105.60 14.19 -51.99
CA PRO A 64 105.27 15.41 -52.74
C PRO A 64 106.25 15.69 -53.87
N ARG A 65 105.76 16.39 -54.89
CA ARG A 65 106.57 16.94 -55.96
C ARG A 65 106.53 18.45 -55.78
N SER A 66 107.70 19.07 -55.59
CA SER A 66 107.84 20.40 -55.05
C SER A 66 108.22 21.45 -56.09
N CYS A 67 108.10 22.70 -55.65
CA CYS A 67 108.41 23.91 -56.39
C CYS A 67 109.79 24.44 -55.95
N GLY A 68 110.18 25.58 -56.51
CA GLY A 68 111.48 26.15 -56.21
C GLY A 68 111.64 26.49 -54.74
N SER A 69 112.89 26.66 -54.33
CA SER A 69 113.22 26.90 -52.93
C SER A 69 112.60 28.18 -52.40
N GLY A 70 112.36 29.15 -53.27
CA GLY A 70 111.74 30.40 -52.88
C GLY A 70 110.23 30.34 -52.72
N PHE A 71 109.65 29.16 -52.85
CA PHE A 71 108.20 28.97 -52.90
C PHE A 71 107.76 27.90 -51.92
N PHE A 72 106.45 27.89 -51.69
CA PHE A 72 105.77 26.98 -50.79
C PHE A 72 104.60 26.38 -51.55
N LEU A 73 104.23 25.14 -51.21
CA LEU A 73 103.26 24.37 -51.96
C LEU A 73 102.09 23.96 -51.08
N CYS A 74 100.89 23.98 -51.67
CA CYS A 74 99.65 23.58 -51.03
C CYS A 74 99.00 22.48 -51.87
N PRO A 75 98.66 21.32 -51.28
CA PRO A 75 98.06 20.25 -52.07
C PRO A 75 96.55 20.35 -52.25
N ALA A 76 95.86 21.06 -51.36
CA ALA A 76 94.40 21.15 -51.47
C ALA A 76 93.96 21.80 -52.76
N GLU A 77 94.85 22.57 -53.41
CA GLU A 77 94.55 23.24 -54.66
C GLU A 77 95.63 23.01 -55.70
N GLY A 78 96.65 22.21 -55.41
CA GLY A 78 97.71 21.95 -56.36
C GLY A 78 98.42 23.23 -56.75
N THR A 79 98.77 24.07 -55.77
CA THR A 79 99.24 25.42 -56.05
C THR A 79 100.54 25.72 -55.32
N CYS A 80 101.30 26.66 -55.89
CA CYS A 80 102.55 27.13 -55.32
C CYS A 80 102.52 28.65 -55.21
N ILE A 81 103.01 29.15 -54.08
CA ILE A 81 103.00 30.58 -53.77
C ILE A 81 104.37 31.01 -53.28
N PRO A 82 104.77 32.27 -53.40
CA PRO A 82 106.03 32.70 -52.78
C PRO A 82 106.01 32.44 -51.29
N SER A 83 107.18 32.09 -50.75
CA SER A 83 107.26 31.71 -49.34
C SER A 83 106.80 32.84 -48.41
N SER A 84 107.02 34.10 -48.80
CA SER A 84 106.60 35.19 -47.94
C SER A 84 105.09 35.20 -47.74
N TRP A 85 104.33 34.71 -48.72
CA TRP A 85 102.87 34.65 -48.61
C TRP A 85 102.41 33.77 -47.46
N VAL A 86 103.24 32.83 -47.00
CA VAL A 86 102.81 31.81 -46.05
C VAL A 86 102.31 32.41 -44.75
N CYS A 87 102.78 33.62 -44.40
CA CYS A 87 102.27 34.30 -43.21
C CYS A 87 102.26 35.81 -43.52
N ASP A 88 101.21 36.25 -44.20
CA ASP A 88 101.07 37.67 -44.54
C ASP A 88 99.62 38.14 -44.41
N GLN A 89 98.89 37.58 -43.45
CA GLN A 89 97.52 37.95 -43.08
C GLN A 89 96.50 37.77 -44.21
N ASP A 90 96.79 36.90 -45.20
CA ASP A 90 95.84 36.55 -46.25
C ASP A 90 95.75 35.04 -46.39
N LYS A 91 94.52 34.53 -46.49
CA LYS A 91 94.28 33.09 -46.64
C LYS A 91 94.43 32.72 -48.11
N ASP A 92 95.69 32.58 -48.54
CA ASP A 92 95.96 32.26 -49.95
C ASP A 92 95.64 30.80 -50.24
N CYS A 93 95.87 29.92 -49.28
CA CYS A 93 95.51 28.51 -49.37
C CYS A 93 94.30 28.32 -48.48
N SER A 94 93.20 27.85 -49.07
CA SER A 94 91.89 27.90 -48.42
C SER A 94 91.78 26.90 -47.27
N ASP A 95 92.23 25.66 -47.48
CA ASP A 95 92.05 24.66 -46.44
C ASP A 95 93.11 24.69 -45.35
N GLY A 96 94.23 25.38 -45.56
CA GLY A 96 95.25 25.44 -44.54
C GLY A 96 96.60 25.73 -45.15
N ALA A 97 97.65 25.43 -44.36
CA ALA A 97 99.04 25.64 -44.77
C ALA A 97 99.32 27.10 -45.06
N ASP A 98 98.58 28.01 -44.40
CA ASP A 98 98.80 29.43 -44.57
C ASP A 98 98.34 30.15 -43.31
N GLU A 99 98.95 31.32 -43.07
CA GLU A 99 98.62 32.19 -41.93
C GLU A 99 98.79 31.45 -40.62
N GLN A 100 97.80 31.45 -39.71
CA GLN A 100 97.98 31.15 -38.30
C GLN A 100 98.61 29.79 -38.07
N GLN A 101 98.35 28.80 -38.93
CA GLN A 101 98.99 27.51 -38.74
C GLN A 101 100.51 27.63 -38.87
N ASN A 102 100.97 28.27 -39.93
CA ASN A 102 102.41 28.41 -40.15
C ASN A 102 103.03 29.56 -39.37
N CYS A 103 102.28 30.63 -39.10
CA CYS A 103 102.83 31.79 -38.39
C CYS A 103 103.39 31.39 -37.04
N ASP A 220 112.69 -34.50 -9.22
CA ASP A 220 112.67 -35.24 -7.96
C ASP A 220 112.17 -36.66 -8.20
N THR A 221 112.37 -37.53 -7.21
CA THR A 221 111.93 -38.91 -7.32
C THR A 221 110.41 -39.00 -7.30
N CYS A 222 109.90 -40.17 -7.66
CA CYS A 222 108.47 -40.43 -7.60
C CYS A 222 107.99 -40.61 -6.17
N GLY A 223 106.73 -40.24 -5.93
CA GLY A 223 106.09 -40.54 -4.68
C GLY A 223 105.54 -41.96 -4.67
N GLY A 224 105.05 -42.37 -3.50
CA GLY A 224 104.50 -43.71 -3.38
C GLY A 224 103.27 -43.94 -4.24
N HIS A 225 102.58 -42.86 -4.62
CA HIS A 225 101.41 -42.92 -5.48
C HIS A 225 101.75 -42.79 -6.95
N GLN A 226 103.01 -43.04 -7.32
CA GLN A 226 103.48 -42.86 -8.69
C GLN A 226 104.38 -44.02 -9.08
N PHE A 227 104.73 -44.04 -10.37
CA PHE A 227 105.56 -45.07 -10.96
C PHE A 227 106.70 -44.40 -11.71
N THR A 228 107.85 -45.05 -11.73
CA THR A 228 109.09 -44.50 -12.26
C THR A 228 109.51 -45.29 -13.50
N CYS A 229 110.18 -44.60 -14.40
CA CYS A 229 110.59 -45.13 -15.69
C CYS A 229 112.10 -45.02 -15.84
N SER A 230 112.65 -45.90 -16.69
CA SER A 230 114.09 -45.98 -16.88
C SER A 230 114.71 -44.66 -17.30
N ASN A 231 113.95 -43.79 -17.96
CA ASN A 231 114.49 -42.52 -18.42
C ASN A 231 114.48 -41.45 -17.33
N GLY A 232 114.00 -41.75 -16.12
CA GLY A 232 113.94 -40.76 -15.08
C GLY A 232 112.68 -39.93 -15.23
N GLN A 233 111.56 -40.62 -15.41
CA GLN A 233 110.26 -40.01 -15.66
C GLN A 233 109.26 -40.62 -14.70
N CYS A 234 108.28 -39.82 -14.29
CA CYS A 234 107.35 -40.20 -13.25
C CYS A 234 105.93 -40.17 -13.81
N ILE A 235 105.15 -41.20 -13.45
CA ILE A 235 103.85 -41.49 -14.04
C ILE A 235 102.87 -41.85 -12.94
N ASN A 236 101.62 -41.42 -13.11
CA ASN A 236 100.56 -41.76 -12.16
C ASN A 236 100.38 -43.26 -12.08
N GLN A 237 100.10 -43.76 -10.88
CA GLN A 237 100.03 -45.19 -10.64
C GLN A 237 98.90 -45.86 -11.41
N ASN A 238 97.79 -45.15 -11.66
CA ASN A 238 96.69 -45.79 -12.38
C ASN A 238 97.05 -46.07 -13.83
N TRP A 239 97.92 -45.26 -14.43
CA TRP A 239 98.33 -45.46 -15.82
C TRP A 239 99.21 -46.69 -15.99
N VAL A 240 99.75 -47.25 -14.91
CA VAL A 240 100.81 -48.24 -14.97
C VAL A 240 100.41 -49.51 -15.70
N CYS A 241 99.16 -49.94 -15.61
CA CYS A 241 98.72 -51.16 -16.28
C CYS A 241 97.37 -50.94 -16.95
N ASP A 242 97.16 -49.72 -17.47
CA ASP A 242 95.89 -49.36 -18.09
C ASP A 242 95.76 -49.84 -19.53
N GLY A 243 96.82 -50.36 -20.13
CA GLY A 243 96.80 -50.75 -21.52
C GLY A 243 97.32 -49.72 -22.47
N ASP A 244 98.27 -48.89 -22.06
CA ASP A 244 98.80 -47.81 -22.90
C ASP A 244 100.26 -47.60 -22.58
N ASP A 245 101.01 -47.10 -23.56
CA ASP A 245 102.45 -46.86 -23.43
C ASP A 245 102.74 -45.47 -22.91
N ASP A 246 102.19 -45.18 -21.72
CA ASP A 246 102.44 -43.89 -21.10
C ASP A 246 103.90 -43.69 -20.75
N CYS A 247 104.66 -44.78 -20.64
CA CYS A 247 106.08 -44.75 -20.32
C CYS A 247 106.87 -44.97 -21.60
N GLN A 248 107.84 -44.08 -21.86
CA GLN A 248 108.58 -44.14 -23.12
C GLN A 248 109.27 -45.47 -23.31
N ASP A 249 109.72 -46.10 -22.23
CA ASP A 249 110.35 -47.41 -22.30
C ASP A 249 109.33 -48.56 -22.33
N SER A 250 108.04 -48.25 -22.39
CA SER A 250 106.97 -49.24 -22.32
C SER A 250 106.99 -50.01 -21.01
N GLY A 251 107.56 -49.43 -19.96
CA GLY A 251 107.65 -50.12 -18.68
C GLY A 251 106.30 -50.30 -17.99
N ASP A 252 105.31 -49.53 -18.39
CA ASP A 252 103.96 -49.67 -17.84
C ASP A 252 103.45 -51.09 -18.04
N GLU A 253 103.34 -51.51 -19.30
CA GLU A 253 102.71 -52.75 -19.69
C GLU A 253 103.70 -53.90 -19.84
N ASP A 254 104.77 -53.90 -19.03
CA ASP A 254 105.88 -54.81 -19.25
C ASP A 254 105.45 -56.28 -19.18
N GLY A 255 104.63 -56.63 -18.19
CA GLY A 255 104.18 -58.00 -18.03
C GLY A 255 102.76 -58.19 -17.56
N CYS A 256 101.87 -57.26 -17.89
CA CYS A 256 100.51 -57.32 -17.34
C CYS A 256 99.76 -58.56 -17.80
N GLU A 257 100.13 -59.15 -18.94
CA GLU A 257 99.57 -60.43 -19.35
C GLU A 257 100.24 -61.55 -18.58
N SER A 258 99.44 -62.51 -18.11
CA SER A 258 99.98 -63.59 -17.31
C SER A 258 100.98 -64.42 -18.09
N ASN A 259 102.19 -64.53 -17.55
CA ASN A 259 103.28 -65.39 -18.04
C ASN A 259 103.86 -64.94 -19.38
N GLN A 260 103.47 -63.78 -19.91
CA GLN A 260 104.04 -63.26 -21.14
C GLN A 260 105.17 -62.27 -20.87
N ARG A 261 105.95 -62.00 -21.91
CA ARG A 261 107.02 -61.02 -21.89
C ARG A 261 106.90 -60.11 -23.11
N HIS A 262 107.12 -58.82 -22.89
CA HIS A 262 106.92 -57.78 -23.90
C HIS A 262 108.24 -57.08 -24.23
N HIS A 263 108.49 -56.88 -25.52
CA HIS A 263 109.62 -56.12 -26.05
C HIS A 263 110.98 -56.72 -25.70
N THR A 264 111.03 -58.00 -25.35
CA THR A 264 112.30 -58.66 -25.09
C THR A 264 112.04 -60.15 -25.25
N CYS A 265 113.08 -60.94 -25.50
CA CYS A 265 112.96 -62.34 -25.93
C CYS A 265 114.01 -63.24 -25.26
N TYR A 266 113.61 -64.48 -24.92
CA TYR A 266 114.58 -65.54 -24.56
C TYR A 266 115.29 -66.05 -25.85
N PRO A 267 116.40 -66.80 -25.77
CA PRO A 267 117.45 -66.83 -26.80
C PRO A 267 117.05 -67.01 -28.28
N ARG A 268 115.97 -67.76 -28.59
CA ARG A 268 115.51 -67.95 -29.96
C ARG A 268 114.01 -67.72 -30.11
N GLU A 269 113.46 -66.78 -29.35
CA GLU A 269 112.10 -66.30 -29.52
C GLU A 269 112.08 -65.10 -30.46
N TRP A 270 110.91 -64.85 -31.04
CA TRP A 270 110.72 -63.83 -32.05
C TRP A 270 109.46 -63.03 -31.76
N ALA A 271 109.57 -61.72 -31.96
CA ALA A 271 108.56 -60.72 -31.63
C ALA A 271 108.08 -60.02 -32.89
N CYS A 272 106.79 -59.69 -32.89
CA CYS A 272 106.04 -59.18 -34.02
C CYS A 272 105.43 -57.81 -33.73
N PRO A 273 105.29 -56.96 -34.77
CA PRO A 273 104.86 -55.56 -34.56
C PRO A 273 103.52 -55.34 -33.87
N GLY A 274 102.61 -56.32 -33.88
CA GLY A 274 101.24 -56.04 -33.50
C GLY A 274 101.08 -55.49 -32.09
N SER A 275 101.68 -56.16 -31.09
CA SER A 275 101.59 -55.67 -29.73
C SER A 275 102.90 -55.86 -28.96
N GLY A 276 103.99 -56.22 -29.63
CA GLY A 276 105.27 -56.42 -28.99
C GLY A 276 105.31 -57.57 -28.01
N ARG A 277 104.97 -58.76 -28.49
CA ARG A 277 104.95 -59.99 -27.69
C ARG A 277 105.83 -61.01 -28.40
N CYS A 278 106.60 -61.77 -27.63
CA CYS A 278 107.65 -62.63 -28.16
C CYS A 278 107.31 -64.11 -27.97
N ILE A 279 107.59 -64.88 -29.01
CA ILE A 279 107.22 -66.29 -29.13
C ILE A 279 108.35 -67.07 -29.77
N SER A 280 108.48 -68.34 -29.40
CA SER A 280 109.47 -69.23 -29.97
C SER A 280 109.31 -69.36 -31.48
N MET A 281 110.45 -69.36 -32.18
CA MET A 281 110.47 -69.38 -33.65
C MET A 281 109.80 -70.63 -34.23
N ASP A 282 110.01 -71.79 -33.62
CA ASP A 282 109.42 -73.03 -34.16
C ASP A 282 107.91 -72.91 -34.38
N LYS A 283 107.20 -72.27 -33.46
CA LYS A 283 105.75 -72.13 -33.56
C LYS A 283 105.33 -71.03 -34.54
N VAL A 284 106.22 -70.12 -34.91
CA VAL A 284 105.87 -68.95 -35.72
C VAL A 284 105.11 -69.35 -36.98
N CYS A 285 105.74 -70.16 -37.83
CA CYS A 285 105.11 -70.60 -39.08
C CYS A 285 104.49 -71.99 -38.97
N ASP A 286 103.99 -72.34 -37.78
CA ASP A 286 103.43 -73.68 -37.55
C ASP A 286 102.03 -73.85 -38.12
N GLY A 287 101.37 -72.75 -38.48
CA GLY A 287 100.02 -72.79 -39.03
C GLY A 287 98.92 -72.31 -38.10
N VAL A 288 99.27 -71.81 -36.91
CA VAL A 288 98.28 -71.29 -35.97
C VAL A 288 98.74 -69.89 -35.58
N PRO A 289 97.86 -68.87 -35.57
CA PRO A 289 98.33 -67.52 -35.21
C PRO A 289 98.73 -67.40 -33.75
N ASP A 290 100.04 -67.30 -33.50
CA ASP A 290 100.57 -67.13 -32.15
C ASP A 290 100.78 -65.67 -31.79
N CYS A 291 101.01 -64.81 -32.77
CA CYS A 291 101.21 -63.40 -32.48
C CYS A 291 99.90 -62.74 -32.05
N PRO A 292 99.98 -61.60 -31.35
CA PRO A 292 98.74 -60.92 -30.94
C PRO A 292 97.84 -60.58 -32.12
N GLU A 293 98.43 -60.18 -33.25
CA GLU A 293 97.68 -59.86 -34.46
C GLU A 293 97.74 -60.98 -35.50
N GLY A 294 98.26 -62.15 -35.13
CA GLY A 294 98.36 -63.23 -36.09
C GLY A 294 99.41 -63.02 -37.16
N GLU A 295 100.32 -62.06 -36.96
CA GLU A 295 101.30 -61.73 -37.99
C GLU A 295 102.27 -62.85 -38.28
N ASP A 296 102.42 -63.82 -37.37
CA ASP A 296 103.30 -64.95 -37.63
C ASP A 296 102.77 -65.85 -38.75
N GLU A 297 101.47 -65.79 -39.02
CA GLU A 297 100.86 -66.61 -40.08
C GLU A 297 100.40 -65.73 -41.23
N TYR A 305 103.66 -64.53 -46.35
CA TYR A 305 104.11 -65.02 -45.06
C TYR A 305 105.10 -66.19 -45.20
N CYS A 306 105.99 -66.31 -44.21
CA CYS A 306 106.95 -67.42 -44.15
C CYS A 306 107.87 -67.44 -45.37
N GLY A 307 108.47 -66.27 -45.68
CA GLY A 307 109.48 -66.18 -46.72
C GLY A 307 110.91 -66.34 -46.22
N THR A 308 111.85 -66.21 -47.18
CA THR A 308 113.27 -66.50 -46.96
C THR A 308 114.24 -65.47 -47.52
N GLY A 309 113.76 -64.48 -48.27
CA GLY A 309 114.63 -63.64 -49.08
C GLY A 309 115.78 -62.97 -48.35
N LEU A 310 115.54 -62.48 -47.13
CA LEU A 310 116.56 -61.71 -46.42
C LEU A 310 117.79 -62.53 -46.05
N CYS A 311 117.71 -63.85 -45.94
CA CYS A 311 118.93 -64.62 -45.68
C CYS A 311 119.96 -64.45 -46.80
N SER A 312 119.50 -64.23 -48.03
CA SER A 312 120.40 -63.89 -49.12
C SER A 312 121.06 -62.53 -48.92
N ILE A 313 120.28 -61.56 -48.47
CA ILE A 313 120.78 -60.19 -48.29
C ILE A 313 121.77 -60.13 -47.15
N LEU A 314 121.42 -60.75 -46.03
CA LEU A 314 122.21 -60.67 -44.81
C LEU A 314 123.51 -61.45 -44.88
N ASN A 315 124.58 -60.82 -44.39
CA ASN A 315 125.85 -61.43 -44.06
C ASN A 315 125.90 -61.82 -42.58
N CYS A 316 124.77 -62.20 -42.00
CA CYS A 316 124.75 -62.54 -40.58
C CYS A 316 125.56 -63.80 -40.34
N GLU A 317 126.06 -63.88 -39.10
CA GLU A 317 127.18 -64.72 -38.71
C GLU A 317 126.85 -66.20 -38.47
N TYR A 318 125.57 -66.59 -38.30
CA TYR A 318 125.26 -67.98 -37.93
C TYR A 318 124.22 -68.70 -38.76
N GLN A 319 122.93 -68.36 -38.69
CA GLN A 319 121.87 -69.25 -39.16
C GLN A 319 120.58 -68.51 -39.44
N CYS A 320 119.81 -69.05 -40.39
CA CYS A 320 118.59 -68.45 -40.94
C CYS A 320 117.38 -69.35 -40.73
N HIS A 321 116.21 -68.71 -40.66
CA HIS A 321 114.90 -69.33 -40.46
C HIS A 321 113.88 -68.68 -41.39
N GLN A 322 113.04 -69.52 -41.99
CA GLN A 322 111.97 -69.08 -42.89
C GLN A 322 110.84 -68.45 -42.10
N THR A 323 110.61 -67.16 -42.30
CA THR A 323 109.68 -66.38 -41.50
C THR A 323 109.02 -65.35 -42.39
N PRO A 324 107.82 -64.85 -42.03
CA PRO A 324 107.28 -63.66 -42.67
C PRO A 324 108.26 -62.49 -42.65
N TYR A 325 108.01 -61.47 -43.45
CA TYR A 325 108.92 -60.34 -43.60
C TYR A 325 110.25 -60.75 -44.22
N GLY A 326 110.28 -61.89 -44.91
CA GLY A 326 111.45 -62.36 -45.62
C GLY A 326 112.55 -63.08 -44.86
N GLY A 327 112.20 -63.90 -43.88
CA GLY A 327 113.19 -64.63 -43.12
C GLY A 327 113.85 -63.84 -41.99
N GLU A 328 114.54 -64.60 -41.13
CA GLU A 328 115.11 -64.09 -39.89
C GLU A 328 116.40 -64.85 -39.61
N CYS A 329 117.34 -64.20 -38.91
CA CYS A 329 118.66 -64.79 -38.64
C CYS A 329 118.96 -64.71 -37.14
N PHE A 330 119.43 -65.84 -36.59
CA PHE A 330 119.62 -66.01 -35.15
C PHE A 330 120.96 -66.67 -34.80
N CYS A 331 121.62 -66.14 -33.78
CA CYS A 331 122.89 -66.61 -33.23
C CYS A 331 122.74 -67.98 -32.52
N PRO A 332 123.81 -68.74 -32.22
CA PRO A 332 123.67 -70.08 -31.64
C PRO A 332 122.87 -70.09 -30.33
N PRO A 333 122.04 -71.13 -30.07
CA PRO A 333 121.06 -71.13 -28.98
C PRO A 333 121.66 -70.96 -27.59
N GLY A 334 122.90 -71.40 -27.37
CA GLY A 334 123.48 -71.44 -26.05
C GLY A 334 123.90 -70.13 -25.41
N HIS A 335 122.94 -69.39 -24.86
CA HIS A 335 123.17 -68.12 -24.17
C HIS A 335 123.82 -67.04 -25.05
N ILE A 336 123.33 -66.89 -26.28
CA ILE A 336 123.65 -65.81 -27.19
C ILE A 336 122.41 -65.37 -27.99
N ILE A 337 122.40 -64.14 -28.52
CA ILE A 337 121.26 -63.58 -29.26
C ILE A 337 121.67 -62.44 -30.21
N ASN A 338 120.80 -62.07 -31.16
CA ASN A 338 121.07 -61.01 -32.14
C ASN A 338 121.21 -59.62 -31.51
N SER A 339 122.06 -58.77 -32.11
CA SER A 339 122.36 -57.40 -31.67
C SER A 339 121.38 -56.37 -32.27
N ASN A 340 121.85 -55.12 -32.48
CA ASN A 340 121.09 -54.00 -33.08
C ASN A 340 120.49 -54.32 -34.48
N ASP A 341 121.08 -55.28 -35.19
CA ASP A 341 120.52 -55.91 -36.38
C ASP A 341 120.90 -57.39 -36.41
N SER A 342 120.15 -58.20 -37.17
CA SER A 342 120.40 -59.65 -37.26
C SER A 342 121.81 -59.99 -37.80
N ARG A 343 122.48 -59.04 -38.46
CA ARG A 343 123.86 -59.14 -38.92
C ARG A 343 124.93 -59.20 -37.80
N THR A 344 124.55 -59.03 -36.53
CA THR A 344 125.44 -59.03 -35.38
C THR A 344 124.85 -59.78 -34.18
N CYS A 345 125.68 -60.13 -33.19
CA CYS A 345 125.31 -60.94 -32.03
C CYS A 345 126.05 -60.54 -30.74
N ILE A 346 125.43 -60.83 -29.59
CA ILE A 346 126.00 -60.69 -28.24
C ILE A 346 125.56 -61.82 -27.31
N ASP A 347 126.26 -62.02 -26.19
CA ASP A 347 125.86 -63.00 -25.17
C ASP A 347 124.51 -62.66 -24.54
N PHE A 348 123.74 -63.68 -24.15
CA PHE A 348 122.36 -63.55 -23.67
C PHE A 348 122.25 -62.85 -22.31
N ASP A 349 121.13 -62.17 -22.09
CA ASP A 349 120.73 -61.57 -20.82
C ASP A 349 120.30 -62.63 -19.79
N ASP A 350 121.26 -63.44 -19.30
CA ASP A 350 121.11 -64.09 -18.00
C ASP A 350 120.80 -63.05 -16.91
N CYS A 351 120.22 -63.48 -15.80
CA CYS A 351 119.47 -62.66 -14.84
C CYS A 351 118.08 -62.18 -15.31
N GLN A 352 117.72 -62.32 -16.59
CA GLN A 352 116.35 -62.15 -17.07
C GLN A 352 115.49 -63.43 -16.95
N ILE A 353 116.10 -64.59 -16.67
CA ILE A 353 115.38 -65.84 -16.45
C ILE A 353 114.67 -65.85 -15.10
N TRP A 354 113.36 -66.09 -15.10
CA TRP A 354 112.59 -66.27 -13.88
C TRP A 354 113.05 -67.53 -13.12
N GLY A 355 113.46 -67.37 -11.87
CA GLY A 355 113.95 -68.47 -11.03
C GLY A 355 115.43 -68.81 -11.17
N ILE A 356 116.21 -68.03 -11.93
CA ILE A 356 117.65 -68.21 -12.06
C ILE A 356 118.44 -67.96 -10.76
N CYS A 357 117.90 -67.17 -9.84
CA CYS A 357 118.45 -66.96 -8.49
C CYS A 357 117.33 -66.64 -7.48
N ASP A 358 117.52 -66.97 -6.19
CA ASP A 358 116.52 -66.69 -5.16
C ASP A 358 116.27 -65.19 -4.87
N GLN A 359 117.29 -64.32 -4.89
CA GLN A 359 117.12 -62.92 -4.53
C GLN A 359 117.64 -61.92 -5.57
N LYS A 360 118.92 -61.94 -5.93
CA LYS A 360 119.43 -60.94 -6.88
C LYS A 360 120.47 -61.55 -7.79
N CYS A 361 120.61 -61.05 -9.01
CA CYS A 361 121.51 -61.60 -10.00
C CYS A 361 122.38 -60.53 -10.67
N GLU A 362 123.64 -60.83 -10.88
CA GLU A 362 124.63 -59.98 -11.56
C GLU A 362 125.26 -60.69 -12.77
N SER A 363 125.63 -59.94 -13.80
CA SER A 363 126.39 -60.45 -14.93
C SER A 363 127.87 -60.71 -14.60
N ARG A 364 128.48 -61.67 -15.30
CA ARG A 364 129.92 -61.98 -15.29
C ARG A 364 130.38 -62.31 -16.72
N GLN A 365 131.69 -62.31 -16.97
CA GLN A 365 132.25 -62.65 -18.28
C GLN A 365 131.86 -64.08 -18.71
N GLY A 366 130.93 -64.19 -19.67
CA GLY A 366 130.34 -65.46 -20.11
C GLY A 366 129.50 -66.19 -19.04
N ARG A 367 129.00 -65.49 -18.03
CA ARG A 367 128.40 -66.09 -16.82
C ARG A 367 127.42 -65.17 -16.07
N HIS A 368 126.89 -65.67 -14.95
CA HIS A 368 126.04 -64.92 -14.01
C HIS A 368 126.38 -65.30 -12.56
N GLN A 369 126.02 -64.43 -11.61
CA GLN A 369 126.33 -64.59 -10.19
C GLN A 369 125.12 -64.24 -9.31
N CYS A 370 124.82 -65.07 -8.31
CA CYS A 370 123.81 -64.80 -7.30
C CYS A 370 124.29 -63.82 -6.21
N LEU A 371 123.33 -63.13 -5.59
CA LEU A 371 123.50 -62.26 -4.45
C LEU A 371 122.29 -62.37 -3.53
N CYS A 372 122.57 -62.43 -2.24
CA CYS A 372 121.58 -62.52 -1.17
C CYS A 372 121.77 -61.34 -0.23
N GLU A 373 120.67 -60.90 0.38
CA GLU A 373 120.69 -59.76 1.27
C GLU A 373 121.44 -60.09 2.55
N GLU A 374 121.54 -59.10 3.45
CA GLU A 374 122.43 -59.16 4.59
C GLU A 374 122.10 -60.28 5.55
N GLY A 375 120.83 -60.64 5.68
CA GLY A 375 120.44 -61.69 6.60
C GLY A 375 120.60 -63.10 6.09
N TYR A 376 121.08 -63.26 4.86
CA TYR A 376 121.10 -64.53 4.15
C TYR A 376 122.51 -64.91 3.72
N ILE A 377 122.70 -66.22 3.51
CA ILE A 377 123.95 -66.79 3.05
C ILE A 377 123.62 -67.66 1.84
N LEU A 378 124.57 -67.74 0.92
CA LEU A 378 124.40 -68.23 -0.43
C LEU A 378 124.84 -69.69 -0.56
N GLU A 379 123.93 -70.54 -1.05
CA GLU A 379 124.17 -71.97 -1.14
C GLU A 379 123.85 -72.44 -2.56
N ARG A 380 124.53 -73.51 -2.96
CA ARG A 380 124.28 -74.26 -4.18
C ARG A 380 124.37 -73.39 -5.43
N GLY A 381 125.04 -72.24 -5.35
CA GLY A 381 125.13 -71.30 -6.44
C GLY A 381 123.84 -70.67 -6.91
N GLN A 382 122.68 -70.97 -6.31
CA GLN A 382 121.38 -70.52 -6.79
C GLN A 382 120.47 -70.03 -5.67
N HIS A 383 120.69 -70.53 -4.45
CA HIS A 383 119.74 -70.39 -3.37
C HIS A 383 120.34 -69.62 -2.19
N CYS A 384 119.44 -68.99 -1.45
CA CYS A 384 119.78 -68.16 -0.30
C CYS A 384 119.12 -68.77 0.92
N LYS A 385 119.92 -68.98 1.96
CA LYS A 385 119.46 -69.58 3.21
C LYS A 385 119.87 -68.64 4.33
N SER A 386 119.18 -68.75 5.46
CA SER A 386 119.23 -67.76 6.52
C SER A 386 120.33 -68.05 7.53
N ASN A 387 121.11 -67.01 7.83
CA ASN A 387 122.19 -67.04 8.79
C ASN A 387 121.74 -67.71 10.09
N ASP A 388 122.54 -68.67 10.55
CA ASP A 388 122.19 -69.44 11.75
C ASP A 388 122.10 -68.59 13.01
N SER A 389 122.58 -67.34 12.98
CA SER A 389 122.42 -66.45 14.13
C SER A 389 120.96 -66.37 14.56
N PHE A 390 120.04 -66.37 13.58
CA PHE A 390 118.62 -66.30 13.87
C PHE A 390 118.08 -67.68 14.22
N SER A 391 117.15 -67.71 15.17
CA SER A 391 116.58 -68.97 15.63
C SER A 391 115.90 -69.70 14.47
N ALA A 392 115.83 -71.01 14.60
CA ALA A 392 115.34 -71.85 13.52
C ALA A 392 113.91 -71.48 13.15
N ALA A 393 113.65 -71.42 11.85
CA ALA A 393 112.36 -70.98 11.36
C ALA A 393 111.27 -71.95 11.80
N SER A 394 110.08 -71.39 12.02
CA SER A 394 108.92 -72.17 12.42
C SER A 394 107.75 -71.86 11.50
N ILE A 395 106.78 -72.77 11.49
CA ILE A 395 105.55 -72.62 10.75
C ILE A 395 104.41 -72.62 11.77
N ILE A 396 103.43 -71.75 11.56
CA ILE A 396 102.27 -71.68 12.43
C ILE A 396 101.05 -71.74 11.51
N PHE A 397 100.20 -72.73 11.74
CA PHE A 397 99.07 -72.96 10.87
C PHE A 397 97.89 -73.44 11.69
N SER A 398 96.70 -73.27 11.14
CA SER A 398 95.48 -73.69 11.79
C SER A 398 94.78 -74.75 10.95
N ASN A 399 94.17 -75.69 11.65
CA ASN A 399 93.57 -76.89 11.09
C ASN A 399 92.11 -76.97 11.48
N GLY A 400 91.42 -75.84 11.46
CA GLY A 400 90.08 -75.77 11.97
C GLY A 400 90.02 -75.41 13.43
N ARG A 401 89.90 -76.41 14.28
CA ARG A 401 89.65 -76.19 15.70
C ARG A 401 90.88 -75.69 16.45
N ASP A 402 92.09 -76.03 16.00
CA ASP A 402 93.31 -75.81 16.76
C ASP A 402 94.36 -75.04 15.98
N LEU A 403 95.26 -74.43 16.75
CA LEU A 403 96.40 -73.67 16.25
C LEU A 403 97.64 -74.50 16.54
N LEU A 404 98.43 -74.75 15.50
CA LEU A 404 99.56 -75.68 15.56
C LEU A 404 100.84 -75.00 15.12
N VAL A 405 101.93 -75.44 15.74
CA VAL A 405 103.27 -74.96 15.48
C VAL A 405 104.10 -76.15 15.00
N GLY A 406 104.97 -75.90 14.02
CA GLY A 406 105.73 -76.93 13.38
C GLY A 406 107.07 -76.39 12.92
N ASP A 407 107.93 -77.32 12.48
CA ASP A 407 109.29 -77.01 12.07
C ASP A 407 109.37 -77.11 10.57
N LEU A 408 110.27 -76.31 9.99
CA LEU A 408 110.34 -76.17 8.54
C LEU A 408 110.55 -77.49 7.83
N HIS A 409 111.15 -78.47 8.50
CA HIS A 409 111.33 -79.78 7.90
C HIS A 409 110.05 -80.63 7.91
N GLY A 410 109.04 -80.24 8.68
CA GLY A 410 107.78 -80.95 8.68
C GLY A 410 107.77 -82.23 9.47
N ARG A 411 108.71 -82.42 10.40
CA ARG A 411 108.81 -83.66 11.15
C ARG A 411 108.03 -83.63 12.46
N ASN A 412 107.95 -82.48 13.12
CA ASN A 412 107.36 -82.37 14.44
C ASN A 412 106.30 -81.28 14.47
N PHE A 413 105.22 -81.55 15.22
CA PHE A 413 104.11 -80.62 15.37
C PHE A 413 103.63 -80.62 16.81
N ARG A 414 103.27 -79.43 17.29
CA ARG A 414 102.71 -79.27 18.63
C ARG A 414 101.54 -78.30 18.54
N ILE A 415 100.72 -78.27 19.58
CA ILE A 415 99.51 -77.47 19.61
C ILE A 415 99.77 -76.28 20.53
N LEU A 416 99.63 -75.07 19.98
CA LEU A 416 99.89 -73.85 20.71
C LEU A 416 98.64 -73.32 21.41
N ALA A 417 97.46 -73.57 20.84
CA ALA A 417 96.21 -73.18 21.47
C ALA A 417 95.09 -74.02 20.93
N GLU A 418 94.18 -74.43 21.81
CA GLU A 418 92.95 -75.09 21.44
C GLU A 418 91.80 -74.10 21.60
N SER A 419 90.91 -74.07 20.62
CA SER A 419 89.77 -73.16 20.69
C SER A 419 88.81 -73.58 21.80
N LYS A 420 88.65 -72.70 22.79
CA LYS A 420 87.68 -72.93 23.85
C LYS A 420 86.25 -72.69 23.33
N ASN A 421 85.30 -73.29 24.04
CA ASN A 421 83.88 -73.03 23.85
C ASN A 421 83.45 -73.26 22.40
N ARG A 422 83.90 -74.37 21.81
CA ARG A 422 83.47 -74.80 20.49
C ARG A 422 83.85 -73.81 19.39
N GLY A 423 84.97 -73.11 19.55
CA GLY A 423 85.41 -72.16 18.54
C GLY A 423 86.33 -72.80 17.51
N ILE A 424 86.81 -71.95 16.59
CA ILE A 424 87.79 -72.34 15.58
C ILE A 424 88.80 -71.21 15.44
N VAL A 425 89.93 -71.54 14.83
CA VAL A 425 90.98 -70.57 14.55
C VAL A 425 90.96 -70.30 13.05
N MET A 426 90.79 -69.04 12.68
CA MET A 426 90.60 -68.63 11.29
C MET A 426 91.85 -68.04 10.68
N GLY A 427 92.39 -66.97 11.28
CA GLY A 427 93.53 -66.28 10.73
C GLY A 427 94.57 -66.05 11.81
N VAL A 428 95.83 -66.11 11.40
CA VAL A 428 97.00 -66.15 12.28
C VAL A 428 98.05 -65.16 11.81
N ASP A 429 98.65 -64.43 12.75
CA ASP A 429 99.80 -63.58 12.46
C ASP A 429 100.61 -63.39 13.73
N PHE A 430 101.90 -63.07 13.56
CA PHE A 430 102.84 -63.03 14.66
C PHE A 430 103.60 -61.72 14.74
N HIS A 431 104.14 -61.47 15.93
CA HIS A 431 105.09 -60.40 16.20
C HIS A 431 106.29 -61.09 16.84
N TYR A 432 107.47 -60.85 16.27
CA TYR A 432 108.66 -61.61 16.62
C TYR A 432 109.37 -61.05 17.86
N GLN A 433 109.61 -59.74 17.90
CA GLN A 433 110.37 -59.16 19.00
C GLN A 433 109.58 -59.08 20.30
N LYS A 434 108.30 -59.43 20.30
CA LYS A 434 107.51 -59.55 21.51
C LYS A 434 107.10 -60.98 21.81
N HIS A 435 107.46 -61.92 20.93
CA HIS A 435 107.19 -63.35 21.13
C HIS A 435 105.69 -63.63 21.14
N ARG A 436 104.93 -62.93 20.30
CA ARG A 436 103.49 -63.04 20.33
C ARG A 436 102.92 -63.61 19.05
N VAL A 437 101.83 -64.37 19.21
CA VAL A 437 101.05 -64.93 18.12
C VAL A 437 99.61 -64.51 18.36
N PHE A 438 98.95 -64.04 17.31
CA PHE A 438 97.60 -63.52 17.35
C PHE A 438 96.73 -64.35 16.42
N TRP A 439 95.49 -64.60 16.84
CA TRP A 439 94.59 -65.34 15.97
C TRP A 439 93.15 -64.90 16.17
N THR A 440 92.35 -65.16 15.15
CA THR A 440 90.95 -64.79 15.10
C THR A 440 90.04 -66.00 15.22
N ASP A 441 88.86 -65.79 15.82
CA ASP A 441 87.84 -66.82 15.96
C ASP A 441 86.52 -66.19 15.57
N PRO A 442 85.88 -66.62 14.48
CA PRO A 442 84.56 -66.08 14.13
C PRO A 442 83.38 -66.81 14.77
N MET A 443 83.61 -67.98 15.37
CA MET A 443 82.52 -68.65 16.05
C MET A 443 82.32 -68.07 17.45
N GLN A 444 83.41 -67.68 18.09
CA GLN A 444 83.37 -66.95 19.34
C GLN A 444 83.31 -65.44 19.15
N ALA A 445 83.56 -64.96 17.94
CA ALA A 445 83.59 -63.52 17.67
C ALA A 445 84.64 -62.84 18.56
N LYS A 446 85.87 -63.33 18.47
CA LYS A 446 86.92 -62.88 19.36
C LYS A 446 88.28 -62.91 18.68
N VAL A 447 89.22 -62.15 19.25
CA VAL A 447 90.60 -62.10 18.82
C VAL A 447 91.47 -62.35 20.04
N PHE A 448 92.46 -63.22 19.88
CA PHE A 448 93.29 -63.68 20.98
C PHE A 448 94.77 -63.47 20.68
N SER A 449 95.54 -63.33 21.74
CA SER A 449 97.00 -63.22 21.68
C SER A 449 97.60 -64.19 22.67
N THR A 450 98.79 -64.69 22.36
CA THR A 450 99.47 -65.65 23.21
C THR A 450 100.96 -65.54 22.98
N ASP A 451 101.72 -66.12 23.91
CA ASP A 451 103.16 -66.26 23.75
C ASP A 451 103.42 -67.56 23.01
N ILE A 452 104.48 -67.56 22.19
CA ILE A 452 104.73 -68.72 21.36
C ILE A 452 105.07 -69.96 22.17
N ASN A 453 105.42 -69.81 23.44
CA ASN A 453 105.60 -70.95 24.33
C ASN A 453 104.27 -71.54 24.78
N GLY A 454 103.14 -70.93 24.41
CA GLY A 454 101.83 -71.39 24.78
C GLY A 454 101.26 -70.81 26.05
N LEU A 455 102.03 -69.95 26.74
CA LEU A 455 101.60 -69.34 27.99
C LEU A 455 101.08 -67.93 27.71
N ASN A 456 100.56 -67.30 28.75
CA ASN A 456 100.21 -65.88 28.75
C ASN A 456 99.25 -65.55 27.62
N THR A 457 98.04 -66.10 27.73
CA THR A 457 97.04 -66.05 26.67
C THR A 457 95.93 -65.11 27.10
N GLN A 458 95.52 -64.26 26.16
CA GLN A 458 94.65 -63.12 26.43
C GLN A 458 93.70 -62.91 25.27
N GLU A 459 92.61 -62.20 25.57
CA GLU A 459 91.57 -61.85 24.64
C GLU A 459 91.59 -60.34 24.51
N ILE A 460 91.59 -59.82 23.29
CA ILE A 460 91.86 -58.40 23.06
C ILE A 460 90.77 -57.67 22.28
N LEU A 461 89.88 -58.35 21.55
CA LEU A 461 88.77 -57.66 20.91
C LEU A 461 87.53 -58.54 20.94
N ASN A 462 86.43 -58.00 21.45
CA ASN A 462 85.16 -58.72 21.44
C ASN A 462 83.92 -57.88 21.15
N VAL A 463 84.06 -56.58 20.89
CA VAL A 463 82.87 -55.71 20.86
C VAL A 463 82.15 -55.74 19.52
N SER A 464 82.86 -55.66 18.39
CA SER A 464 82.17 -55.66 17.10
C SER A 464 82.87 -56.49 16.03
N ILE A 465 83.77 -57.39 16.40
CA ILE A 465 84.39 -58.31 15.44
C ILE A 465 83.56 -59.58 15.49
N ASP A 466 82.53 -59.63 14.66
CA ASP A 466 81.59 -60.74 14.63
C ASP A 466 81.87 -61.76 13.53
N ALA A 467 82.69 -61.41 12.54
CA ALA A 467 83.03 -62.33 11.45
C ALA A 467 84.39 -61.95 10.89
N PRO A 468 85.45 -62.08 11.69
CA PRO A 468 86.79 -61.82 11.17
C PRO A 468 87.28 -62.95 10.30
N GLU A 469 88.15 -62.61 9.34
CA GLU A 469 88.81 -63.60 8.50
C GLU A 469 90.33 -63.57 8.65
N ASN A 470 90.99 -62.44 8.39
CA ASN A 470 92.43 -62.40 8.31
C ASN A 470 93.02 -61.21 9.04
N LEU A 471 94.24 -61.42 9.53
CA LEU A 471 95.00 -60.46 10.31
C LEU A 471 96.33 -60.16 9.62
N ALA A 472 96.81 -58.94 9.86
CA ALA A 472 98.15 -58.52 9.49
C ALA A 472 98.73 -57.78 10.69
N VAL A 473 100.05 -57.75 10.80
CA VAL A 473 100.71 -57.10 11.92
C VAL A 473 101.79 -56.15 11.41
N ASP A 474 101.88 -54.98 12.04
CA ASP A 474 102.87 -53.97 11.76
C ASP A 474 103.79 -53.93 12.97
N TRP A 475 105.04 -54.33 12.76
CA TRP A 475 106.03 -54.45 13.82
C TRP A 475 106.85 -53.18 14.01
N ILE A 476 106.70 -52.18 13.14
CA ILE A 476 107.42 -50.93 13.27
C ILE A 476 106.67 -49.97 14.18
N ASN A 477 105.34 -49.90 14.03
CA ASN A 477 104.49 -49.03 14.82
C ASN A 477 103.63 -49.80 15.81
N ASN A 478 103.81 -51.12 15.92
CA ASN A 478 103.08 -51.94 16.88
C ASN A 478 101.57 -51.82 16.68
N LYS A 479 101.13 -52.18 15.48
CA LYS A 479 99.72 -52.12 15.11
C LYS A 479 99.27 -53.47 14.58
N LEU A 480 97.97 -53.70 14.69
CA LEU A 480 97.34 -54.93 14.21
C LEU A 480 96.20 -54.54 13.29
N TYR A 481 96.14 -55.19 12.13
CA TYR A 481 95.17 -54.89 11.09
C TYR A 481 94.25 -56.09 10.95
N LEU A 482 92.95 -55.83 10.91
CA LEU A 482 91.92 -56.86 10.88
C LEU A 482 91.01 -56.67 9.68
N VAL A 483 90.55 -57.80 9.14
CA VAL A 483 89.57 -57.84 8.07
C VAL A 483 88.27 -58.38 8.66
N GLU A 484 87.18 -57.63 8.49
CA GLU A 484 85.89 -57.94 9.07
C GLU A 484 84.85 -57.94 7.98
N THR A 485 83.89 -58.88 8.08
CA THR A 485 82.92 -59.15 7.03
C THR A 485 81.47 -59.01 7.44
N ARG A 486 81.15 -58.86 8.73
CA ARG A 486 79.77 -58.58 9.10
C ARG A 486 79.39 -57.23 8.54
N VAL A 487 80.21 -56.23 8.80
CA VAL A 487 80.20 -54.94 8.13
C VAL A 487 81.57 -54.87 7.49
N ASN A 488 81.59 -54.77 6.16
CA ASN A 488 82.85 -54.91 5.43
C ASN A 488 83.81 -53.82 5.85
N ARG A 489 84.85 -54.20 6.58
CA ARG A 489 85.76 -53.26 7.20
C ARG A 489 87.18 -53.77 7.21
N ILE A 490 88.12 -52.83 7.13
CA ILE A 490 89.51 -53.04 7.46
C ILE A 490 89.78 -52.10 8.63
N ASP A 491 90.27 -52.65 9.72
CA ASP A 491 90.41 -51.92 10.97
C ASP A 491 91.83 -52.04 11.50
N VAL A 492 92.21 -51.05 12.30
CA VAL A 492 93.55 -50.97 12.87
C VAL A 492 93.41 -50.78 14.37
N VAL A 493 94.21 -51.52 15.12
CA VAL A 493 94.18 -51.52 16.59
C VAL A 493 95.60 -51.58 17.10
N ASN A 494 95.72 -51.42 18.42
CA ASN A 494 96.95 -51.67 19.14
C ASN A 494 97.01 -53.14 19.51
N LEU A 495 98.21 -53.64 19.74
CA LEU A 495 98.35 -55.04 20.11
C LEU A 495 97.58 -55.39 21.38
N GLU A 496 97.30 -54.40 22.23
CA GLU A 496 96.47 -54.61 23.40
C GLU A 496 94.98 -54.45 23.12
N GLY A 497 94.61 -53.85 21.99
CA GLY A 497 93.21 -53.70 21.64
C GLY A 497 92.55 -52.41 22.07
N ASN A 498 93.28 -51.48 22.68
CA ASN A 498 92.70 -50.34 23.38
C ASN A 498 92.64 -49.06 22.56
N GLN A 499 93.04 -49.09 21.29
CA GLN A 499 92.85 -47.97 20.37
C GLN A 499 92.34 -48.56 19.08
N ARG A 500 91.44 -47.85 18.39
CA ARG A 500 90.81 -48.43 17.21
C ARG A 500 90.50 -47.38 16.16
N VAL A 501 90.66 -47.77 14.90
CA VAL A 501 90.36 -46.93 13.74
C VAL A 501 89.84 -47.85 12.63
N THR A 502 89.04 -47.28 11.75
CA THR A 502 88.57 -47.95 10.54
C THR A 502 89.17 -47.23 9.36
N LEU A 503 89.85 -47.98 8.49
CA LEU A 503 90.63 -47.39 7.40
C LEU A 503 89.98 -47.49 6.03
N ILE A 504 89.42 -48.64 5.66
CA ILE A 504 88.86 -48.85 4.34
C ILE A 504 87.46 -49.43 4.48
N THR A 505 86.47 -48.75 3.89
CA THR A 505 85.08 -49.17 3.95
C THR A 505 84.34 -49.07 2.62
N GLU A 506 84.80 -48.26 1.67
CA GLU A 506 84.06 -47.76 0.52
C GLU A 506 83.42 -48.83 -0.36
N ASN A 507 84.23 -49.64 -1.04
CA ASN A 507 83.72 -50.58 -2.04
C ASN A 507 83.93 -52.04 -1.65
N LEU A 508 84.28 -52.31 -0.40
CA LEU A 508 84.51 -53.69 0.02
C LEU A 508 83.21 -54.47 0.02
N GLY A 509 83.17 -55.56 -0.72
CA GLY A 509 82.04 -56.46 -0.73
C GLY A 509 82.31 -57.77 -0.01
N HIS A 510 83.48 -58.35 -0.29
CA HIS A 510 83.90 -59.62 0.32
C HIS A 510 85.40 -59.61 0.57
N PRO A 511 85.87 -58.76 1.48
CA PRO A 511 87.31 -58.73 1.76
C PRO A 511 87.75 -59.99 2.50
N ARG A 512 88.87 -60.57 2.04
CA ARG A 512 89.32 -61.86 2.54
C ARG A 512 90.79 -61.92 2.93
N GLY A 513 91.66 -61.17 2.26
CA GLY A 513 93.08 -61.27 2.47
C GLY A 513 93.73 -59.91 2.65
N ILE A 514 94.77 -59.89 3.48
CA ILE A 514 95.45 -58.66 3.89
C ILE A 514 96.93 -58.95 4.11
N ALA A 515 97.78 -58.01 3.70
CA ALA A 515 99.22 -58.11 3.87
C ALA A 515 99.80 -56.70 3.98
N LEU A 516 100.93 -56.59 4.68
CA LEU A 516 101.55 -55.30 4.97
C LEU A 516 103.05 -55.31 4.69
N ASP A 517 103.56 -54.16 4.30
CA ASP A 517 104.99 -53.87 4.25
C ASP A 517 105.19 -52.55 4.98
N PRO A 518 105.68 -52.56 6.23
CA PRO A 518 105.94 -51.29 6.93
C PRO A 518 107.19 -50.56 6.48
N THR A 519 108.13 -51.24 5.83
CA THR A 519 109.37 -50.58 5.44
C THR A 519 109.14 -49.52 4.38
N VAL A 520 108.26 -49.81 3.42
CA VAL A 520 107.90 -48.86 2.37
C VAL A 520 106.61 -48.15 2.77
N GLY A 521 105.72 -48.88 3.43
CA GLY A 521 104.46 -48.33 3.88
C GLY A 521 103.33 -48.65 2.94
N TYR A 522 103.20 -49.93 2.58
CA TYR A 522 102.18 -50.39 1.65
C TYR A 522 101.28 -51.43 2.28
N LEU A 523 100.02 -51.41 1.88
CA LEU A 523 98.99 -52.34 2.33
C LEU A 523 98.36 -52.97 1.10
N PHE A 524 98.22 -54.29 1.13
CA PHE A 524 97.67 -55.07 0.03
C PHE A 524 96.49 -55.87 0.55
N PHE A 525 95.38 -55.88 -0.19
CA PHE A 525 94.23 -56.66 0.26
C PHE A 525 93.40 -57.13 -0.92
N SER A 526 92.64 -58.20 -0.68
CA SER A 526 91.86 -58.87 -1.72
C SER A 526 90.39 -58.91 -1.36
N ASP A 527 89.57 -58.90 -2.42
CA ASP A 527 88.12 -58.96 -2.34
C ASP A 527 87.63 -59.84 -3.47
N TRP A 528 86.85 -60.87 -3.15
CA TRP A 528 86.35 -61.77 -4.18
C TRP A 528 84.99 -61.36 -4.72
N GLY A 529 84.43 -60.24 -4.27
CA GLY A 529 83.23 -59.71 -4.87
C GLY A 529 82.91 -58.29 -4.44
N SER A 530 83.58 -57.32 -5.06
CA SER A 530 83.34 -55.92 -4.71
C SER A 530 81.93 -55.51 -5.07
N LEU A 531 81.44 -54.45 -4.39
CA LEU A 531 80.07 -54.00 -4.64
C LEU A 531 79.92 -53.55 -6.09
N SER A 532 81.00 -53.10 -6.72
CA SER A 532 80.95 -52.76 -8.13
C SER A 532 80.86 -53.99 -9.03
N GLY A 533 80.97 -55.19 -8.46
CA GLY A 533 80.87 -56.43 -9.19
C GLY A 533 82.19 -57.09 -9.51
N GLN A 534 83.26 -56.30 -9.64
CA GLN A 534 84.55 -56.87 -10.01
C GLN A 534 85.22 -57.55 -8.81
N PRO A 535 85.81 -58.73 -8.99
CA PRO A 535 86.79 -59.21 -8.02
C PRO A 535 88.02 -58.34 -8.12
N LYS A 536 88.72 -58.18 -7.00
CA LYS A 536 89.85 -57.26 -6.99
C LYS A 536 90.95 -57.70 -6.05
N VAL A 537 92.16 -57.33 -6.42
CA VAL A 537 93.33 -57.31 -5.57
C VAL A 537 93.81 -55.88 -5.65
N GLU A 538 94.08 -55.29 -4.49
CA GLU A 538 94.19 -53.85 -4.35
C GLU A 538 95.37 -53.48 -3.47
N ARG A 539 95.92 -52.31 -3.77
CA ARG A 539 97.07 -51.76 -3.07
C ARG A 539 96.65 -50.44 -2.45
N ALA A 540 97.23 -50.15 -1.30
CA ALA A 540 96.90 -48.94 -0.58
C ALA A 540 98.11 -48.49 0.22
N PHE A 541 97.99 -47.32 0.81
CA PHE A 541 98.91 -46.82 1.80
C PHE A 541 98.44 -47.36 3.14
N MET A 542 99.36 -47.54 4.06
CA MET A 542 98.99 -48.14 5.34
C MET A 542 97.97 -47.32 6.11
N ASP A 543 97.75 -46.06 5.74
CA ASP A 543 96.67 -45.26 6.31
C ASP A 543 95.38 -45.31 5.49
N GLY A 544 95.40 -45.95 4.31
CA GLY A 544 94.20 -46.02 3.49
C GLY A 544 94.03 -44.86 2.53
N SER A 545 95.03 -43.99 2.40
CA SER A 545 94.87 -42.71 1.73
C SER A 545 94.72 -42.87 0.22
N ASN A 546 95.66 -43.56 -0.41
CA ASN A 546 95.72 -43.67 -1.86
C ASN A 546 95.59 -45.13 -2.24
N ARG A 547 94.66 -45.42 -3.13
CA ARG A 547 94.23 -46.77 -3.46
C ARG A 547 94.37 -47.01 -4.94
N LYS A 548 94.68 -48.25 -5.29
CA LYS A 548 95.13 -48.68 -6.59
C LYS A 548 94.72 -50.13 -6.79
N ASP A 549 94.29 -50.46 -8.01
CA ASP A 549 93.88 -51.80 -8.36
C ASP A 549 95.09 -52.49 -8.97
N LEU A 550 95.60 -53.51 -8.27
CA LEU A 550 96.82 -54.19 -8.68
C LEU A 550 96.56 -55.31 -9.67
N VAL A 551 95.44 -56.03 -9.52
CA VAL A 551 95.08 -57.09 -10.45
C VAL A 551 93.57 -57.04 -10.66
N THR A 552 93.15 -57.03 -11.92
CA THR A 552 91.76 -57.20 -12.30
C THR A 552 91.56 -58.18 -13.44
N THR A 553 92.57 -58.47 -14.25
CA THR A 553 92.44 -59.39 -15.36
C THR A 553 92.65 -60.82 -14.90
N LYS A 554 91.84 -61.74 -15.42
CA LYS A 554 91.97 -63.17 -15.15
C LYS A 554 91.98 -63.44 -13.65
N LEU A 555 90.93 -62.97 -12.98
CA LEU A 555 90.83 -63.02 -11.53
C LEU A 555 89.45 -63.52 -11.13
N GLY A 556 89.43 -64.50 -10.24
CA GLY A 556 88.22 -65.11 -9.74
C GLY A 556 87.97 -64.81 -8.28
N TRP A 557 88.31 -65.77 -7.42
CA TRP A 557 88.11 -65.67 -5.99
C TRP A 557 89.46 -65.57 -5.26
N PRO A 558 90.08 -64.39 -5.23
CA PRO A 558 91.36 -64.25 -4.53
C PRO A 558 91.16 -64.32 -3.03
N ALA A 559 91.75 -65.35 -2.41
CA ALA A 559 91.55 -65.67 -1.01
C ALA A 559 92.71 -65.32 -0.09
N GLY A 560 93.92 -65.21 -0.60
CA GLY A 560 95.05 -64.92 0.26
C GLY A 560 96.19 -64.24 -0.43
N ILE A 561 96.85 -63.33 0.29
CA ILE A 561 97.99 -62.56 -0.17
C ILE A 561 99.15 -62.74 0.79
N THR A 562 100.36 -62.81 0.26
CA THR A 562 101.58 -62.75 1.03
C THR A 562 102.59 -61.94 0.23
N LEU A 563 103.64 -61.50 0.91
CA LEU A 563 104.66 -60.65 0.31
C LEU A 563 106.05 -61.23 0.45
N ASP A 564 106.86 -60.99 -0.57
CA ASP A 564 108.29 -61.27 -0.57
C ASP A 564 108.96 -59.90 -0.48
N LEU A 565 109.70 -59.67 0.60
CA LEU A 565 110.19 -58.34 0.91
C LEU A 565 111.60 -58.05 0.42
N VAL A 566 112.36 -59.07 0.04
CA VAL A 566 113.70 -58.81 -0.50
C VAL A 566 113.62 -58.46 -1.98
N SER A 567 112.70 -59.10 -2.71
CA SER A 567 112.46 -58.81 -4.11
C SER A 567 111.28 -57.88 -4.33
N LYS A 568 110.52 -57.56 -3.28
CA LYS A 568 109.36 -56.68 -3.36
C LYS A 568 108.36 -57.21 -4.39
N ARG A 569 107.84 -58.39 -4.12
CA ARG A 569 106.82 -59.11 -4.90
C ARG A 569 105.63 -59.50 -4.05
N VAL A 570 104.49 -59.62 -4.70
CA VAL A 570 103.22 -59.94 -4.08
C VAL A 570 102.75 -61.27 -4.67
N TYR A 571 102.33 -62.20 -3.83
CA TYR A 571 101.83 -63.51 -4.24
C TYR A 571 100.39 -63.62 -3.76
N TRP A 572 99.50 -64.14 -4.59
CA TRP A 572 98.12 -64.33 -4.21
C TRP A 572 97.58 -65.64 -4.80
N VAL A 573 96.56 -66.15 -4.13
CA VAL A 573 95.95 -67.44 -4.48
C VAL A 573 94.49 -67.21 -4.85
N ASP A 574 94.04 -67.92 -5.88
CA ASP A 574 92.68 -67.85 -6.39
C ASP A 574 92.10 -69.26 -6.39
N SER A 575 90.88 -69.38 -5.89
CA SER A 575 90.22 -70.67 -5.68
C SER A 575 89.09 -70.95 -6.66
N ARG A 576 88.69 -69.98 -7.47
CA ARG A 576 87.72 -70.23 -8.52
C ARG A 576 88.44 -70.68 -9.78
N TYR A 577 89.51 -69.98 -10.13
CA TYR A 577 90.35 -70.30 -11.26
C TYR A 577 91.54 -71.15 -10.86
N ASP A 578 91.67 -71.50 -9.58
CA ASP A 578 92.57 -72.52 -9.08
C ASP A 578 94.02 -72.26 -9.48
N TYR A 579 94.56 -71.15 -8.99
CA TYR A 579 95.95 -70.83 -9.31
C TYR A 579 96.62 -70.08 -8.16
N ILE A 580 97.94 -70.01 -8.27
CA ILE A 580 98.79 -69.27 -7.34
C ILE A 580 99.73 -68.46 -8.23
N GLU A 581 99.76 -67.15 -8.02
CA GLU A 581 100.34 -66.24 -8.99
C GLU A 581 101.00 -65.07 -8.28
N THR A 582 101.88 -64.40 -9.00
CA THR A 582 102.81 -63.43 -8.46
C THR A 582 102.87 -62.21 -9.35
N VAL A 583 102.96 -61.04 -8.74
CA VAL A 583 103.18 -59.77 -9.39
C VAL A 583 104.20 -59.01 -8.55
N THR A 584 104.53 -57.79 -8.97
CA THR A 584 105.38 -56.91 -8.21
C THR A 584 104.51 -55.90 -7.47
N TYR A 585 105.15 -55.07 -6.64
CA TYR A 585 104.40 -54.09 -5.85
C TYR A 585 103.59 -53.17 -6.75
N ASP A 586 104.01 -52.96 -7.99
CA ASP A 586 103.29 -52.11 -8.93
C ASP A 586 102.44 -52.88 -9.93
N GLY A 587 102.43 -54.21 -9.88
CA GLY A 587 101.55 -54.95 -10.76
C GLY A 587 102.02 -55.13 -12.18
N ILE A 588 103.33 -54.99 -12.44
CA ILE A 588 103.86 -54.80 -13.78
C ILE A 588 104.32 -56.08 -14.45
N GLN A 589 104.87 -57.02 -13.68
CA GLN A 589 105.36 -58.29 -14.21
C GLN A 589 104.63 -59.43 -13.49
N ARG A 590 103.97 -60.29 -14.26
CA ARG A 590 103.05 -61.28 -13.72
C ARG A 590 103.48 -62.69 -14.13
N LYS A 591 103.58 -63.58 -13.13
CA LYS A 591 104.10 -64.95 -13.24
C LYS A 591 103.23 -65.95 -12.48
N THR A 592 102.91 -67.10 -13.07
CA THR A 592 102.15 -68.18 -12.47
C THR A 592 103.08 -69.20 -11.86
N VAL A 593 102.89 -69.50 -10.59
CA VAL A 593 103.69 -70.46 -9.85
C VAL A 593 103.16 -71.87 -10.02
N ALA A 594 101.84 -72.05 -10.01
CA ALA A 594 101.20 -73.33 -10.26
C ALA A 594 99.75 -73.08 -10.60
N ARG A 595 99.19 -73.96 -11.42
CA ARG A 595 97.78 -73.87 -11.81
C ARG A 595 97.26 -75.26 -12.08
N GLY A 596 95.93 -75.37 -12.04
CA GLY A 596 95.24 -76.60 -12.35
C GLY A 596 94.36 -77.09 -11.22
N GLY A 597 93.24 -77.71 -11.57
CA GLY A 597 92.33 -78.20 -10.56
C GLY A 597 92.92 -79.31 -9.72
N SER A 598 93.76 -80.15 -10.33
CA SER A 598 94.37 -81.25 -9.61
C SER A 598 95.49 -80.81 -8.69
N LEU A 599 96.24 -79.77 -9.07
CA LEU A 599 97.38 -79.32 -8.30
C LEU A 599 97.01 -78.33 -7.20
N VAL A 600 96.13 -77.38 -7.50
CA VAL A 600 95.75 -76.30 -6.58
C VAL A 600 94.24 -76.16 -6.63
N PRO A 601 93.49 -77.12 -6.09
CA PRO A 601 92.02 -77.09 -6.24
C PRO A 601 91.30 -75.96 -5.52
N HIS A 602 91.62 -75.66 -4.26
CA HIS A 602 90.89 -74.64 -3.50
C HIS A 602 91.76 -74.01 -2.43
N PRO A 603 92.74 -73.20 -2.83
CA PRO A 603 93.60 -72.55 -1.84
C PRO A 603 92.89 -71.41 -1.14
N PHE A 604 93.26 -71.20 0.13
CA PHE A 604 92.72 -70.12 0.95
C PHE A 604 93.79 -69.17 1.46
N GLY A 605 94.83 -69.71 2.09
CA GLY A 605 95.85 -68.90 2.74
C GLY A 605 97.22 -69.24 2.22
N ILE A 606 98.11 -68.25 2.25
CA ILE A 606 99.44 -68.37 1.67
C ILE A 606 100.45 -67.61 2.52
N SER A 607 101.67 -68.16 2.59
CA SER A 607 102.79 -67.60 3.33
C SER A 607 104.05 -67.98 2.57
N LEU A 608 105.13 -67.25 2.83
CA LEU A 608 106.32 -67.34 2.01
C LEU A 608 107.60 -67.27 2.84
N PHE A 609 108.57 -68.11 2.49
CA PHE A 609 109.88 -68.06 3.14
C PHE A 609 110.91 -68.70 2.22
N GLU A 610 112.02 -67.99 2.02
CA GLU A 610 113.15 -68.44 1.22
C GLU A 610 112.68 -69.02 -0.13
N GLU A 611 112.98 -70.28 -0.41
CA GLU A 611 112.69 -70.92 -1.68
C GLU A 611 111.24 -71.34 -1.83
N HIS A 612 110.44 -71.32 -0.77
CA HIS A 612 109.18 -72.02 -0.72
C HIS A 612 108.02 -71.12 -0.30
N VAL A 613 106.85 -71.53 -0.75
CA VAL A 613 105.58 -70.95 -0.35
C VAL A 613 104.75 -72.05 0.28
N PHE A 614 104.05 -71.70 1.35
CA PHE A 614 103.21 -72.62 2.10
C PHE A 614 101.78 -72.14 1.94
N PHE A 615 100.90 -73.01 1.46
CA PHE A 615 99.52 -72.63 1.23
C PHE A 615 98.57 -73.71 1.71
N THR A 616 97.38 -73.27 2.10
CA THR A 616 96.36 -74.13 2.67
C THR A 616 95.26 -74.36 1.65
N ASP A 617 94.80 -75.60 1.53
CA ASP A 617 93.81 -75.98 0.54
C ASP A 617 92.70 -76.76 1.21
N TRP A 618 91.46 -76.32 0.96
CA TRP A 618 90.27 -76.91 1.52
C TRP A 618 89.87 -78.21 0.82
N THR A 619 90.20 -78.34 -0.46
CA THR A 619 89.86 -79.57 -1.17
C THR A 619 90.85 -80.68 -0.82
N LYS A 620 92.13 -80.34 -0.76
CA LYS A 620 93.12 -81.26 -0.25
C LYS A 620 92.95 -81.49 1.25
N MET A 621 92.31 -80.56 1.95
CA MET A 621 92.22 -80.57 3.41
C MET A 621 93.63 -80.65 3.98
N ALA A 622 94.49 -79.78 3.48
CA ALA A 622 95.92 -79.91 3.73
C ALA A 622 96.63 -78.57 3.74
N VAL A 623 97.81 -78.60 4.33
CA VAL A 623 98.80 -77.54 4.26
C VAL A 623 99.88 -78.07 3.35
N MET A 624 100.28 -77.27 2.37
CA MET A 624 101.09 -77.72 1.25
C MET A 624 102.28 -76.80 1.06
N LYS A 625 103.34 -77.37 0.51
CA LYS A 625 104.61 -76.72 0.28
C LYS A 625 104.91 -76.75 -1.22
N ALA A 626 105.36 -75.61 -1.72
CA ALA A 626 105.62 -75.45 -3.14
C ALA A 626 106.81 -74.52 -3.33
N ASN A 627 107.31 -74.49 -4.55
CA ASN A 627 108.49 -73.71 -4.91
C ASN A 627 108.04 -72.33 -5.38
N LYS A 628 108.71 -71.29 -4.90
CA LYS A 628 108.35 -69.90 -5.12
C LYS A 628 108.27 -69.50 -6.59
N PHE A 629 109.06 -70.12 -7.46
CA PHE A 629 109.22 -69.70 -8.85
C PHE A 629 108.36 -70.51 -9.82
N THR A 630 108.35 -71.84 -9.68
CA THR A 630 107.49 -72.77 -10.42
C THR A 630 107.47 -74.11 -9.72
N ASP A 631 106.30 -74.73 -9.61
CA ASP A 631 106.13 -76.06 -9.04
C ASP A 631 104.99 -76.75 -9.76
N THR A 632 105.35 -77.75 -10.58
CA THR A 632 104.37 -78.52 -11.32
C THR A 632 103.77 -79.66 -10.50
N ASN A 633 104.20 -79.83 -9.25
CA ASN A 633 103.68 -80.86 -8.37
C ASN A 633 103.91 -80.49 -6.91
N PRO A 634 103.01 -79.72 -6.30
CA PRO A 634 103.18 -79.37 -4.89
C PRO A 634 103.18 -80.60 -3.99
N GLN A 635 103.63 -80.40 -2.75
CA GLN A 635 103.77 -81.48 -1.79
C GLN A 635 103.00 -81.10 -0.52
N VAL A 636 102.84 -82.08 0.37
CA VAL A 636 102.03 -81.92 1.57
C VAL A 636 102.94 -81.83 2.79
N TYR A 637 102.72 -80.80 3.59
CA TYR A 637 103.45 -80.53 4.82
C TYR A 637 102.69 -81.03 6.04
N HIS A 638 101.36 -80.91 6.01
CA HIS A 638 100.49 -81.42 7.06
C HIS A 638 99.15 -81.78 6.46
N GLN A 639 98.58 -82.90 6.89
CA GLN A 639 97.29 -83.37 6.43
C GLN A 639 96.31 -83.24 7.58
N SER A 640 95.12 -82.70 7.31
CA SER A 640 94.13 -82.40 8.33
C SER A 640 92.80 -83.07 8.00
N SER A 641 92.06 -83.41 9.05
CA SER A 641 90.72 -83.93 8.92
C SER A 641 89.70 -82.82 8.72
N LEU A 642 90.07 -81.57 8.99
CA LEU A 642 89.24 -80.41 8.79
C LEU A 642 89.97 -79.43 7.88
N THR A 643 89.22 -78.54 7.27
CA THR A 643 89.78 -77.58 6.33
C THR A 643 90.72 -76.61 7.03
N PRO A 644 92.00 -76.53 6.65
CA PRO A 644 92.89 -75.56 7.29
C PRO A 644 92.73 -74.18 6.66
N PHE A 645 92.71 -73.16 7.52
CA PHE A 645 92.43 -71.80 7.11
C PHE A 645 93.66 -70.93 6.93
N GLY A 646 94.46 -70.75 7.98
CA GLY A 646 95.51 -69.75 7.99
C GLY A 646 96.88 -70.32 8.28
N VAL A 647 97.90 -69.75 7.64
CA VAL A 647 99.27 -70.20 7.74
C VAL A 647 100.20 -69.00 7.70
N THR A 648 101.28 -69.08 8.46
CA THR A 648 102.30 -68.05 8.50
C THR A 648 103.63 -68.70 8.85
N VAL A 649 104.72 -68.00 8.54
CA VAL A 649 106.06 -68.45 8.84
C VAL A 649 106.63 -67.49 9.88
N TYR A 650 107.23 -68.05 10.92
CA TYR A 650 107.73 -67.33 12.08
C TYR A 650 109.24 -67.37 12.03
N HIS A 651 109.85 -66.20 11.87
CA HIS A 651 111.28 -66.04 11.68
C HIS A 651 111.58 -64.55 11.72
N ALA A 652 112.82 -64.22 12.07
CA ALA A 652 113.21 -62.83 12.20
C ALA A 652 113.19 -62.09 10.87
N LEU A 653 113.67 -62.73 9.80
CA LEU A 653 113.80 -62.05 8.53
C LEU A 653 112.48 -61.77 7.83
N ARG A 654 111.37 -62.32 8.33
CA ARG A 654 110.06 -61.97 7.84
C ARG A 654 109.57 -60.64 8.40
N GLN A 655 110.24 -60.09 9.40
CA GLN A 655 109.88 -58.82 10.01
C GLN A 655 111.13 -57.98 10.20
N PRO A 656 111.70 -57.48 9.10
CA PRO A 656 112.92 -56.68 9.22
C PRO A 656 112.69 -55.35 9.92
N ASN A 657 113.77 -54.82 10.47
CA ASN A 657 113.76 -53.60 11.24
C ASN A 657 113.68 -52.37 10.34
N ALA A 658 113.14 -51.28 10.89
CA ALA A 658 113.11 -49.99 10.23
C ALA A 658 112.76 -48.93 11.26
N THR A 659 112.96 -47.67 10.89
CA THR A 659 112.65 -46.55 11.75
C THR A 659 111.15 -46.28 11.79
N ASN A 660 110.67 -45.83 12.94
CA ASN A 660 109.26 -45.52 13.13
C ASN A 660 109.08 -44.01 13.20
N PRO A 661 108.44 -43.36 12.21
CA PRO A 661 108.22 -41.91 12.32
C PRO A 661 107.40 -41.48 13.52
N CYS A 662 106.46 -42.31 13.97
CA CYS A 662 105.61 -41.96 15.10
C CYS A 662 106.36 -41.91 16.42
N GLY A 663 107.65 -42.28 16.46
CA GLY A 663 108.42 -42.20 17.68
C GLY A 663 108.60 -40.79 18.22
N ASN A 664 108.43 -39.78 17.36
CA ASN A 664 108.61 -38.38 17.76
C ASN A 664 107.38 -37.92 18.54
N ASN A 665 107.30 -38.41 19.79
CA ASN A 665 106.23 -38.06 20.70
C ASN A 665 104.87 -38.39 20.07
N ASN A 666 104.74 -39.67 19.68
CA ASN A 666 103.53 -40.15 19.02
C ASN A 666 103.32 -39.45 17.68
N GLY A 667 104.43 -39.08 17.02
CA GLY A 667 104.30 -38.35 15.78
C GLY A 667 103.70 -36.99 15.98
N GLY A 668 103.76 -36.49 17.21
CA GLY A 668 103.07 -35.29 17.62
C GLY A 668 101.54 -35.38 17.59
N CYS A 669 100.99 -36.52 17.17
CA CYS A 669 99.55 -36.67 17.08
C CYS A 669 98.93 -36.71 18.48
N ALA A 670 97.70 -36.22 18.57
CA ALA A 670 97.00 -36.22 19.85
C ALA A 670 96.58 -37.62 20.28
N GLN A 671 95.96 -38.39 19.38
CA GLN A 671 95.36 -39.67 19.73
C GLN A 671 95.99 -40.88 19.06
N ILE A 672 96.05 -40.96 17.73
CA ILE A 672 96.59 -42.12 17.05
C ILE A 672 97.50 -41.68 15.91
N CYS A 673 98.59 -42.40 15.71
CA CYS A 673 99.55 -42.14 14.66
C CYS A 673 99.68 -43.42 13.84
N VAL A 674 99.48 -43.31 12.53
CA VAL A 674 99.46 -44.46 11.64
C VAL A 674 100.45 -44.22 10.50
N LEU A 675 101.20 -45.27 10.17
CA LEU A 675 102.17 -45.18 9.09
C LEU A 675 101.48 -45.01 7.75
N SER A 676 102.12 -44.26 6.87
CA SER A 676 101.75 -44.09 5.47
C SER A 676 102.98 -44.45 4.65
N HIS A 677 102.92 -44.18 3.35
CA HIS A 677 104.11 -44.37 2.54
C HIS A 677 105.19 -43.40 2.98
N ARG A 678 106.44 -43.82 2.84
CA ARG A 678 107.55 -43.03 3.36
C ARG A 678 107.63 -41.64 2.73
N THR A 679 107.09 -41.47 1.53
CA THR A 679 107.06 -40.18 0.85
C THR A 679 105.88 -39.32 1.25
N ASP A 680 104.89 -39.86 1.94
CA ASP A 680 103.67 -39.14 2.24
C ASP A 680 103.90 -38.09 3.33
N ASN A 681 103.04 -37.07 3.31
CA ASN A 681 103.06 -35.99 4.30
C ASN A 681 104.40 -35.25 4.29
N GLY A 682 104.84 -34.88 3.09
CA GLY A 682 106.10 -34.17 2.98
C GLY A 682 107.30 -35.00 3.34
N GLY A 683 107.20 -36.33 3.24
CA GLY A 683 108.28 -37.21 3.60
C GLY A 683 108.30 -37.64 5.06
N LEU A 684 107.33 -37.20 5.86
CA LEU A 684 107.30 -37.61 7.25
C LEU A 684 106.85 -39.06 7.41
N GLY A 685 106.04 -39.55 6.48
CA GLY A 685 105.64 -40.94 6.44
C GLY A 685 104.59 -41.36 7.43
N TYR A 686 103.90 -40.43 8.08
CA TYR A 686 102.85 -40.78 9.01
C TYR A 686 101.67 -39.82 8.88
N ARG A 687 100.55 -40.24 9.44
CA ARG A 687 99.33 -39.44 9.51
C ARG A 687 98.73 -39.63 10.89
N CYS A 688 97.82 -38.73 11.24
CA CYS A 688 97.16 -38.74 12.54
C CYS A 688 95.70 -39.12 12.38
N LYS A 689 95.20 -39.87 13.35
CA LYS A 689 93.81 -40.31 13.38
C LYS A 689 93.25 -40.12 14.79
N CYS A 690 91.94 -39.93 14.86
CA CYS A 690 91.22 -39.73 16.10
C CYS A 690 90.31 -40.93 16.37
N GLU A 691 90.17 -41.26 17.64
CA GLU A 691 89.36 -42.39 18.05
C GLU A 691 87.88 -42.14 17.75
N PHE A 692 87.08 -43.19 17.88
CA PHE A 692 85.65 -43.09 17.62
C PHE A 692 85.02 -42.08 18.56
N GLY A 693 84.05 -41.33 18.04
CA GLY A 693 83.46 -40.21 18.73
C GLY A 693 84.22 -38.92 18.56
N PHE A 694 85.42 -38.98 18.00
CA PHE A 694 86.26 -37.82 17.76
C PHE A 694 86.44 -37.62 16.26
N GLU A 695 87.09 -36.51 15.93
CA GLU A 695 87.22 -35.98 14.60
C GLU A 695 88.49 -35.14 14.60
N LEU A 696 89.01 -34.88 13.41
CA LEU A 696 90.28 -34.19 13.24
C LEU A 696 90.06 -32.71 13.01
N ASP A 697 91.00 -31.89 13.47
CA ASP A 697 90.91 -30.45 13.37
C ASP A 697 91.85 -29.94 12.27
N ALA A 698 91.86 -28.62 12.08
CA ALA A 698 92.50 -28.01 10.93
C ALA A 698 93.99 -28.32 10.86
N ASP A 699 94.65 -28.43 12.01
CA ASP A 699 96.08 -28.75 11.98
C ASP A 699 96.35 -30.21 11.62
N GLU A 700 95.32 -31.04 11.55
CA GLU A 700 95.44 -32.46 11.23
C GLU A 700 96.26 -33.22 12.25
N HIS A 701 96.41 -32.66 13.45
CA HIS A 701 97.08 -33.29 14.58
C HIS A 701 96.17 -33.46 15.78
N HIS A 702 95.32 -32.47 16.05
CA HIS A 702 94.46 -32.45 17.23
C HIS A 702 93.05 -32.96 16.90
N CYS A 703 92.36 -33.34 17.97
CA CYS A 703 91.06 -33.99 17.91
C CYS A 703 90.00 -33.17 18.63
N VAL A 704 88.78 -33.29 18.13
CA VAL A 704 87.61 -32.55 18.60
C VAL A 704 86.43 -33.52 18.52
N ALA A 705 85.44 -33.34 19.38
CA ALA A 705 84.40 -34.33 19.55
C ALA A 705 83.29 -34.12 18.53
N VAL A 706 82.82 -35.22 17.94
CA VAL A 706 81.93 -35.15 16.80
C VAL A 706 80.62 -34.47 17.17
N LYS A 707 80.17 -33.58 16.30
CA LYS A 707 78.89 -32.91 16.42
C LYS A 707 77.82 -33.51 15.51
N ASN A 708 78.16 -33.72 14.24
CA ASN A 708 77.21 -34.12 13.21
C ASN A 708 77.64 -35.41 12.53
N PHE A 709 76.79 -36.43 12.59
CA PHE A 709 76.95 -37.62 11.76
C PHE A 709 75.58 -38.27 11.61
N LEU A 710 75.45 -39.08 10.57
CA LEU A 710 74.20 -39.73 10.20
C LEU A 710 74.20 -41.14 10.75
N LEU A 711 73.04 -41.61 11.18
CA LEU A 711 72.86 -42.96 11.71
C LEU A 711 71.91 -43.72 10.81
N PHE A 712 72.18 -45.01 10.58
CA PHE A 712 71.19 -45.83 9.89
C PHE A 712 71.24 -47.26 10.40
N SER A 713 70.09 -47.92 10.31
CA SER A 713 69.87 -49.26 10.81
C SER A 713 69.50 -50.22 9.68
N SER A 714 69.89 -51.48 9.88
CA SER A 714 69.70 -52.52 8.89
C SER A 714 69.75 -53.86 9.62
N GLN A 715 69.19 -54.86 8.95
CA GLN A 715 69.13 -56.24 9.45
C GLN A 715 70.40 -56.64 10.18
N THR A 716 71.56 -56.35 9.59
CA THR A 716 72.82 -56.78 10.16
C THR A 716 73.45 -55.78 11.10
N ALA A 717 73.21 -54.48 10.92
CA ALA A 717 74.01 -53.52 11.67
C ALA A 717 73.31 -52.18 11.79
N VAL A 718 73.69 -51.46 12.85
CA VAL A 718 73.39 -50.05 13.05
C VAL A 718 74.74 -49.36 13.05
N ARG A 719 74.91 -48.40 12.14
CA ARG A 719 76.19 -47.70 12.09
C ARG A 719 75.98 -46.29 11.59
N GLY A 720 77.00 -45.46 11.85
CA GLY A 720 76.95 -44.06 11.55
C GLY A 720 78.09 -43.62 10.66
N ILE A 721 77.80 -42.66 9.79
CA ILE A 721 78.72 -42.20 8.75
C ILE A 721 78.71 -40.69 8.70
N PRO A 722 79.81 -40.09 8.22
CA PRO A 722 79.84 -38.62 8.12
C PRO A 722 78.97 -38.13 6.98
N PHE A 723 78.59 -36.85 7.09
CA PHE A 723 77.76 -36.23 6.07
C PHE A 723 78.57 -35.82 4.84
N THR A 724 79.86 -35.57 5.00
CA THR A 724 80.73 -35.28 3.87
C THR A 724 80.96 -36.57 3.10
N LEU A 725 80.37 -36.66 1.91
CA LEU A 725 80.51 -37.87 1.10
C LEU A 725 81.94 -38.13 0.65
N SER A 726 82.82 -37.14 0.74
CA SER A 726 84.22 -37.37 0.39
C SER A 726 84.86 -38.39 1.32
N THR A 727 84.40 -38.45 2.56
CA THR A 727 84.85 -39.41 3.56
C THR A 727 83.74 -40.43 3.77
N GLN A 728 84.11 -41.71 3.80
CA GLN A 728 83.15 -42.81 3.84
C GLN A 728 83.54 -43.86 4.87
N GLU A 729 84.19 -43.45 5.96
CA GLU A 729 84.58 -44.34 7.04
C GLU A 729 83.68 -44.05 8.24
N ASP A 730 83.31 -45.12 8.96
CA ASP A 730 82.35 -44.99 10.04
C ASP A 730 82.84 -44.05 11.13
N VAL A 731 81.91 -43.30 11.72
CA VAL A 731 82.21 -42.40 12.81
C VAL A 731 82.07 -43.07 14.18
N MET A 732 81.29 -44.13 14.28
CA MET A 732 81.05 -44.85 15.52
C MET A 732 81.34 -46.33 15.33
N VAL A 733 81.59 -47.00 16.46
CA VAL A 733 81.77 -48.44 16.45
C VAL A 733 80.45 -49.06 16.01
N PRO A 734 80.41 -49.85 14.93
CA PRO A 734 79.13 -50.45 14.52
C PRO A 734 78.56 -51.37 15.58
N VAL A 735 77.23 -51.45 15.58
CA VAL A 735 76.50 -52.34 16.47
C VAL A 735 76.04 -53.53 15.65
N THR A 736 76.44 -54.73 16.06
CA THR A 736 76.04 -55.93 15.37
C THR A 736 76.13 -57.11 16.33
N GLY A 737 75.24 -58.07 16.15
CA GLY A 737 75.22 -59.27 16.96
C GLY A 737 74.70 -60.44 16.15
N SER A 738 74.74 -61.62 16.76
CA SER A 738 74.25 -62.84 16.14
C SER A 738 73.16 -63.47 17.00
N PRO A 739 71.88 -63.49 16.58
CA PRO A 739 71.27 -62.88 15.38
C PRO A 739 71.05 -61.38 15.50
N SER A 740 70.60 -60.72 14.42
CA SER A 740 70.31 -59.30 14.47
C SER A 740 69.20 -58.94 13.49
N PHE A 741 68.29 -58.08 13.92
CA PHE A 741 67.38 -57.33 13.05
C PHE A 741 67.09 -56.00 13.75
N PHE A 742 67.89 -54.99 13.44
CA PHE A 742 67.69 -53.66 13.99
C PHE A 742 66.67 -52.90 13.15
N VAL A 743 65.82 -52.12 13.83
CA VAL A 743 64.77 -51.36 13.16
C VAL A 743 64.74 -49.91 13.63
N GLY A 744 64.66 -49.69 14.94
CA GLY A 744 64.41 -48.37 15.50
C GLY A 744 65.60 -47.87 16.29
N ILE A 745 65.92 -46.59 16.10
CA ILE A 745 67.11 -45.97 16.66
C ILE A 745 66.83 -44.51 17.01
N ASP A 746 67.47 -44.04 18.08
CA ASP A 746 67.53 -42.63 18.41
C ASP A 746 68.85 -42.38 19.14
N PHE A 747 69.11 -41.13 19.51
CA PHE A 747 70.38 -40.76 20.13
C PHE A 747 70.22 -39.81 21.30
N ASP A 748 71.22 -39.85 22.18
CA ASP A 748 71.38 -38.96 23.31
C ASP A 748 72.78 -38.39 23.21
N ALA A 749 72.88 -37.07 23.08
CA ALA A 749 74.16 -36.42 22.83
C ALA A 749 74.94 -36.09 24.09
N GLN A 750 74.26 -35.79 25.20
CA GLN A 750 74.99 -35.40 26.40
C GLN A 750 75.77 -36.55 27.03
N HIS A 751 75.57 -37.79 26.58
CA HIS A 751 76.35 -38.92 27.05
C HIS A 751 76.93 -39.75 25.91
N SER A 752 76.94 -39.22 24.68
CA SER A 752 77.50 -39.90 23.52
C SER A 752 76.95 -41.32 23.40
N THR A 753 75.62 -41.41 23.38
CA THR A 753 74.91 -42.68 23.48
C THR A 753 73.87 -42.76 22.38
N ILE A 754 73.60 -43.98 21.94
CA ILE A 754 72.52 -44.26 21.00
C ILE A 754 71.65 -45.35 21.58
N PHE A 755 70.36 -45.28 21.29
CA PHE A 755 69.38 -46.27 21.66
C PHE A 755 68.97 -47.01 20.41
N TYR A 756 68.89 -48.33 20.50
CA TYR A 756 68.51 -49.15 19.37
C TYR A 756 67.67 -50.32 19.83
N SER A 757 66.78 -50.78 18.95
CA SER A 757 65.87 -51.87 19.24
C SER A 757 66.14 -53.04 18.31
N ASP A 758 66.12 -54.25 18.86
CA ASP A 758 66.41 -55.46 18.11
C ASP A 758 65.20 -56.38 18.20
N LEU A 759 64.67 -56.75 17.03
CA LEU A 759 63.50 -57.61 16.91
C LEU A 759 63.83 -59.09 17.03
N SER A 760 65.07 -59.47 16.68
CA SER A 760 65.47 -60.87 16.83
C SER A 760 65.63 -61.25 18.29
N LYS A 761 65.68 -60.25 19.18
CA LYS A 761 65.77 -60.44 20.62
C LYS A 761 64.64 -59.72 21.35
N ASN A 762 63.96 -58.79 20.69
CA ASN A 762 62.89 -57.99 21.30
C ASN A 762 63.44 -57.29 22.54
N ILE A 763 64.56 -56.61 22.35
CA ILE A 763 65.18 -55.84 23.42
C ILE A 763 65.60 -54.47 22.92
N ILE A 764 65.54 -53.51 23.83
CA ILE A 764 65.99 -52.14 23.57
C ILE A 764 67.25 -51.94 24.38
N TYR A 765 68.28 -51.44 23.72
CA TYR A 765 69.62 -51.28 24.27
C TYR A 765 70.06 -49.84 24.12
N GLN A 766 70.93 -49.42 25.02
CA GLN A 766 71.64 -48.16 24.89
C GLN A 766 73.12 -48.52 24.85
N GLN A 767 73.86 -47.82 24.01
CA GLN A 767 75.25 -48.15 23.73
C GLN A 767 75.98 -46.85 23.47
N LYS A 768 77.30 -46.89 23.61
CA LYS A 768 78.09 -45.68 23.41
C LYS A 768 78.84 -45.77 22.09
N ILE A 769 79.01 -44.62 21.44
CA ILE A 769 79.57 -44.57 20.09
C ILE A 769 81.01 -45.01 20.02
N ASP A 770 81.69 -45.14 21.15
CA ASP A 770 83.02 -45.74 21.19
C ASP A 770 82.96 -47.23 21.51
N GLY A 771 81.76 -47.79 21.68
CA GLY A 771 81.58 -49.20 21.92
C GLY A 771 81.82 -49.63 23.35
N THR A 772 82.23 -48.71 24.23
CA THR A 772 82.68 -49.11 25.56
C THR A 772 81.54 -49.47 26.49
N GLY A 773 80.32 -49.05 26.20
CA GLY A 773 79.20 -49.32 27.08
C GLY A 773 78.03 -49.88 26.31
N LYS A 774 77.31 -50.80 26.97
CA LYS A 774 76.11 -51.44 26.49
C LYS A 774 75.22 -51.77 27.69
N GLU A 775 73.95 -51.38 27.62
CA GLU A 775 73.02 -51.56 28.72
C GLU A 775 71.65 -51.80 28.11
N VAL A 776 70.76 -52.39 28.90
CA VAL A 776 69.42 -52.76 28.45
C VAL A 776 68.43 -51.81 29.10
N ILE A 777 67.63 -51.13 28.27
CA ILE A 777 66.61 -50.24 28.80
C ILE A 777 65.42 -51.05 29.29
N THR A 778 64.92 -51.94 28.44
CA THR A 778 63.88 -52.88 28.84
C THR A 778 63.91 -54.07 27.90
N ALA A 779 63.45 -55.21 28.43
CA ALA A 779 63.28 -56.43 27.66
C ALA A 779 61.88 -57.01 27.84
N ASN A 780 60.97 -56.27 28.48
CA ASN A 780 59.68 -56.77 28.92
C ASN A 780 58.55 -56.27 28.04
N ARG A 781 57.73 -57.20 27.57
CA ARG A 781 56.51 -56.93 26.80
C ARG A 781 56.75 -56.03 25.60
N LEU A 782 57.77 -56.38 24.82
CA LEU A 782 58.03 -55.80 23.51
C LEU A 782 57.73 -56.89 22.49
N GLN A 783 56.91 -56.55 21.49
CA GLN A 783 56.52 -57.51 20.46
C GLN A 783 57.00 -57.13 19.07
N ASN A 784 56.65 -55.94 18.57
CA ASN A 784 57.00 -55.51 17.23
C ASN A 784 57.43 -54.05 17.23
N VAL A 785 58.32 -53.70 18.18
CA VAL A 785 58.75 -52.32 18.31
C VAL A 785 59.50 -51.91 17.05
N GLU A 786 58.97 -50.92 16.33
CA GLU A 786 59.66 -50.43 15.14
C GLU A 786 59.66 -48.92 15.05
N CYS A 787 59.86 -48.24 16.18
CA CYS A 787 60.24 -46.83 16.23
C CYS A 787 60.57 -46.44 17.66
N LEU A 788 61.59 -45.60 17.79
CA LEU A 788 62.07 -45.00 19.02
C LEU A 788 62.18 -43.49 18.83
N SER A 789 61.76 -42.73 19.82
CA SER A 789 61.93 -41.29 19.86
C SER A 789 62.43 -40.92 21.26
N PHE A 790 63.28 -39.91 21.33
CA PHE A 790 63.89 -39.52 22.60
C PHE A 790 63.66 -38.04 22.86
N ASP A 791 63.24 -37.73 24.07
CA ASP A 791 63.01 -36.37 24.54
C ASP A 791 64.12 -36.10 25.54
N TRP A 792 64.93 -35.10 25.24
CA TRP A 792 66.18 -34.87 25.94
C TRP A 792 66.09 -33.84 27.05
N ILE A 793 65.06 -33.01 27.08
CA ILE A 793 64.91 -32.06 28.17
C ILE A 793 64.47 -32.78 29.44
N SER A 794 63.46 -33.64 29.31
CA SER A 794 62.97 -34.46 30.40
C SER A 794 63.65 -35.81 30.48
N ARG A 795 64.40 -36.20 29.44
CA ARG A 795 65.07 -37.49 29.37
C ARG A 795 64.06 -38.63 29.48
N ASN A 796 63.17 -38.66 28.50
CA ASN A 796 62.15 -39.67 28.33
C ASN A 796 62.38 -40.37 27.00
N LEU A 797 61.96 -41.63 26.93
CA LEU A 797 62.09 -42.42 25.71
C LEU A 797 60.73 -42.99 25.36
N TYR A 798 60.36 -42.86 24.09
CA TYR A 798 59.07 -43.26 23.57
C TYR A 798 59.29 -44.32 22.53
N TRP A 799 58.40 -45.31 22.47
CA TRP A 799 58.49 -46.28 21.42
C TRP A 799 57.11 -46.76 21.02
N THR A 800 57.02 -47.18 19.76
CA THR A 800 55.78 -47.68 19.17
C THR A 800 55.86 -49.18 19.00
N ASP A 801 54.75 -49.87 19.29
CA ASP A 801 54.67 -51.31 19.11
C ASP A 801 53.42 -51.64 18.32
N GLY A 802 53.60 -52.38 17.22
CA GLY A 802 52.54 -52.81 16.35
C GLY A 802 51.88 -54.12 16.71
N GLY A 803 52.40 -54.81 17.73
CA GLY A 803 51.78 -56.04 18.18
C GLY A 803 50.83 -55.73 19.32
N SER A 804 51.32 -54.98 20.30
CA SER A 804 50.46 -54.47 21.35
C SER A 804 49.66 -53.26 20.88
N LYS A 805 49.98 -52.71 19.72
CA LYS A 805 49.22 -51.62 19.12
C LYS A 805 49.13 -50.44 20.08
N SER A 806 50.31 -49.98 20.50
CA SER A 806 50.41 -49.04 21.59
C SER A 806 51.66 -48.18 21.47
N VAL A 807 51.64 -47.07 22.23
CA VAL A 807 52.76 -46.18 22.39
C VAL A 807 53.11 -46.16 23.88
N THR A 808 54.39 -46.35 24.17
CA THR A 808 54.86 -46.48 25.54
C THR A 808 55.96 -45.47 25.79
N VAL A 809 56.00 -44.94 27.01
CA VAL A 809 57.00 -43.97 27.44
C VAL A 809 57.68 -44.50 28.68
N MET A 810 58.98 -44.26 28.76
CA MET A 810 59.81 -44.69 29.88
C MET A 810 60.73 -43.55 30.29
N LYS A 811 60.98 -43.47 31.59
CA LYS A 811 61.91 -42.51 32.18
C LYS A 811 63.11 -43.32 32.61
N LEU A 812 64.29 -42.90 32.13
CA LEU A 812 65.51 -43.68 32.23
C LEU A 812 66.20 -43.56 33.58
N ALA A 813 66.03 -42.45 34.30
CA ALA A 813 66.67 -42.33 35.60
C ALA A 813 66.10 -43.34 36.59
N ASP A 814 64.78 -43.46 36.64
CA ASP A 814 64.09 -44.39 37.50
C ASP A 814 63.66 -45.67 36.79
N LYS A 815 63.73 -45.71 35.46
CA LYS A 815 63.21 -46.82 34.67
C LYS A 815 61.76 -47.05 35.05
N SER A 816 60.98 -46.00 34.83
CA SER A 816 59.57 -45.93 35.15
C SER A 816 58.78 -45.91 33.86
N ARG A 817 57.76 -46.74 33.76
CA ARG A 817 57.10 -47.09 32.53
C ARG A 817 55.60 -46.84 32.58
N ARG A 818 55.07 -46.26 31.50
CA ARG A 818 53.66 -46.02 31.36
C ARG A 818 53.31 -46.13 29.89
N GLN A 819 52.10 -46.57 29.61
CA GLN A 819 51.59 -46.76 28.26
C GLN A 819 50.52 -45.70 28.07
N ILE A 820 50.69 -44.86 27.04
CA ILE A 820 49.94 -43.61 26.94
C ILE A 820 48.98 -43.56 25.77
N ILE A 821 49.16 -44.37 24.73
CA ILE A 821 48.20 -44.49 23.65
C ILE A 821 47.98 -45.97 23.38
N SER A 822 46.74 -46.35 23.13
CA SER A 822 46.39 -47.73 22.89
C SER A 822 45.27 -47.82 21.85
N ASN A 823 45.09 -49.03 21.33
CA ASN A 823 44.07 -49.35 20.33
C ASN A 823 44.34 -48.70 18.99
N LEU A 824 45.60 -48.49 18.64
CA LEU A 824 45.96 -48.05 17.30
C LEU A 824 45.89 -49.25 16.36
N ASN A 825 45.74 -48.97 15.06
CA ASN A 825 45.59 -50.06 14.10
C ASN A 825 46.95 -50.62 13.67
N ASN A 826 47.73 -49.81 12.96
CA ASN A 826 49.07 -50.18 12.52
C ASN A 826 49.99 -48.97 12.70
N PRO A 827 50.38 -48.69 13.94
CA PRO A 827 51.29 -47.57 14.19
C PRO A 827 52.71 -47.92 13.76
N ARG A 828 53.37 -46.98 13.09
CA ARG A 828 54.71 -47.20 12.58
C ARG A 828 55.75 -46.26 13.18
N SER A 829 55.58 -44.95 13.06
CA SER A 829 56.62 -43.97 13.35
C SER A 829 56.15 -42.92 14.34
N ILE A 830 57.06 -42.54 15.24
CA ILE A 830 56.79 -41.54 16.27
C ILE A 830 57.95 -40.56 16.33
N VAL A 831 57.63 -39.28 16.41
CA VAL A 831 58.59 -38.20 16.60
C VAL A 831 58.03 -37.29 17.68
N VAL A 832 58.93 -36.74 18.49
CA VAL A 832 58.57 -35.94 19.65
C VAL A 832 59.28 -34.59 19.58
N HIS A 833 58.56 -33.54 19.98
CA HIS A 833 59.03 -32.17 19.93
C HIS A 833 58.94 -31.60 21.34
N PRO A 834 60.05 -31.52 22.09
CA PRO A 834 59.94 -31.04 23.48
C PRO A 834 59.62 -29.57 23.61
N ALA A 835 60.20 -28.72 22.76
CA ALA A 835 59.94 -27.29 22.86
C ALA A 835 58.46 -26.99 22.61
N ALA A 836 57.88 -27.61 21.58
CA ALA A 836 56.48 -27.37 21.27
C ALA A 836 55.53 -28.15 22.15
N GLY A 837 56.02 -29.17 22.85
CA GLY A 837 55.15 -29.97 23.70
C GLY A 837 54.23 -30.88 22.93
N TYR A 838 54.66 -31.33 21.76
CA TYR A 838 53.84 -32.13 20.88
C TYR A 838 54.54 -33.45 20.54
N MET A 839 53.71 -34.44 20.25
CA MET A 839 54.11 -35.77 19.83
C MET A 839 53.36 -36.05 18.54
N PHE A 840 54.03 -36.70 17.60
CA PHE A 840 53.46 -37.00 16.30
C PHE A 840 53.62 -38.48 16.03
N LEU A 841 52.61 -39.06 15.39
CA LEU A 841 52.49 -40.49 15.22
C LEU A 841 51.85 -40.78 13.87
N SER A 842 52.13 -41.96 13.33
CA SER A 842 51.62 -42.36 12.03
C SER A 842 51.06 -43.77 12.11
N ASP A 843 49.91 -43.96 11.46
CA ASP A 843 49.21 -45.24 11.42
C ASP A 843 48.87 -45.49 9.96
N TRP A 844 49.22 -46.67 9.43
CA TRP A 844 49.07 -46.94 8.01
C TRP A 844 47.97 -47.94 7.69
N PHE A 845 47.20 -48.40 8.65
CA PHE A 845 46.05 -49.24 8.36
C PHE A 845 44.99 -48.38 7.70
N ARG A 846 44.46 -48.81 6.57
CA ARG A 846 43.49 -47.97 5.88
C ARG A 846 42.24 -47.82 6.74
N PRO A 847 41.73 -46.60 6.95
CA PRO A 847 42.22 -45.30 6.44
C PRO A 847 43.46 -44.84 7.18
N ALA A 848 44.52 -44.51 6.44
CA ALA A 848 45.77 -44.12 7.06
C ALA A 848 45.67 -42.72 7.62
N LYS A 849 46.45 -42.45 8.65
CA LYS A 849 46.39 -41.16 9.33
C LYS A 849 47.70 -40.80 9.97
N ILE A 850 47.91 -39.50 10.13
CA ILE A 850 48.98 -38.93 10.92
C ILE A 850 48.29 -38.19 12.05
N MET A 851 48.76 -38.38 13.27
CA MET A 851 48.09 -37.91 14.46
C MET A 851 49.04 -37.08 15.32
N ARG A 852 48.47 -36.09 16.00
CA ARG A 852 49.19 -35.24 16.92
C ARG A 852 48.61 -35.43 18.30
N ALA A 853 49.48 -35.36 19.29
CA ALA A 853 49.13 -35.52 20.69
C ALA A 853 50.02 -34.60 21.51
N TRP A 854 49.70 -34.49 22.78
CA TRP A 854 50.59 -33.86 23.73
C TRP A 854 51.62 -34.90 24.19
N SER A 855 52.62 -34.45 24.93
CA SER A 855 53.69 -35.36 25.30
C SER A 855 53.17 -36.46 26.21
N ASP A 856 52.27 -36.12 27.13
CA ASP A 856 51.67 -37.13 28.00
C ASP A 856 50.59 -37.96 27.31
N GLY A 857 50.29 -37.68 26.04
CA GLY A 857 49.24 -38.41 25.36
C GLY A 857 47.84 -38.02 25.79
N SER A 858 47.69 -36.86 26.44
CA SER A 858 46.39 -36.49 27.00
C SER A 858 45.40 -36.08 25.93
N HIS A 859 45.89 -35.61 24.78
CA HIS A 859 45.05 -35.24 23.65
C HIS A 859 45.53 -35.99 22.43
N LEU A 860 44.62 -36.22 21.49
CA LEU A 860 44.96 -36.98 20.30
C LEU A 860 44.00 -36.59 19.19
N MET A 861 44.56 -36.18 18.04
CA MET A 861 43.73 -35.78 16.92
C MET A 861 44.44 -36.07 15.61
N PRO A 862 43.73 -36.50 14.56
CA PRO A 862 44.38 -36.68 13.26
C PRO A 862 44.61 -35.33 12.60
N ILE A 863 45.88 -34.99 12.38
CA ILE A 863 46.20 -33.75 11.70
C ILE A 863 46.31 -33.92 10.19
N VAL A 864 46.46 -35.15 9.69
CA VAL A 864 46.45 -35.44 8.26
C VAL A 864 45.75 -36.77 8.07
N ASN A 865 44.65 -36.77 7.31
CA ASN A 865 43.98 -38.00 6.96
C ASN A 865 43.47 -38.00 5.52
N THR A 866 43.89 -37.04 4.70
CA THR A 866 43.49 -36.96 3.30
C THR A 866 44.68 -37.28 2.40
N SER A 867 44.48 -38.23 1.50
CA SER A 867 45.49 -38.62 0.51
C SER A 867 46.75 -39.18 1.18
N LEU A 868 46.57 -40.15 2.08
CA LEU A 868 47.66 -40.88 2.70
C LEU A 868 47.43 -42.36 2.49
N GLY A 869 48.39 -43.03 1.86
CA GLY A 869 48.33 -44.47 1.71
C GLY A 869 49.13 -45.25 2.72
N TRP A 870 50.45 -45.02 2.72
CA TRP A 870 51.40 -45.73 3.58
C TRP A 870 52.41 -44.75 4.18
N PRO A 871 51.96 -43.91 5.11
CA PRO A 871 52.89 -42.95 5.72
C PRO A 871 53.90 -43.65 6.62
N ASN A 872 54.97 -44.17 6.02
CA ASN A 872 55.92 -45.01 6.72
C ASN A 872 56.83 -44.21 7.65
N GLY A 873 57.13 -42.95 7.30
CA GLY A 873 58.11 -42.20 8.07
C GLY A 873 57.84 -40.73 8.23
N LEU A 874 58.18 -40.23 9.42
CA LEU A 874 58.01 -38.84 9.82
C LEU A 874 59.35 -38.25 10.25
N ALA A 875 59.49 -36.94 10.05
CA ALA A 875 60.67 -36.19 10.47
C ALA A 875 60.23 -34.80 10.85
N ILE A 876 61.04 -34.14 11.68
CA ILE A 876 60.80 -32.77 12.11
C ILE A 876 61.95 -31.90 11.63
N ASP A 877 61.61 -30.71 11.16
CA ASP A 877 62.55 -29.71 10.69
C ASP A 877 62.53 -28.59 11.71
N TRP A 878 63.71 -28.30 12.27
CA TRP A 878 63.87 -27.39 13.39
C TRP A 878 64.25 -25.98 12.96
N SER A 879 64.77 -25.82 11.74
CA SER A 879 65.03 -24.48 11.23
C SER A 879 63.74 -23.74 10.90
N THR A 880 62.64 -24.47 10.74
CA THR A 880 61.35 -23.91 10.38
C THR A 880 60.22 -24.35 11.27
N SER A 881 60.43 -25.32 12.17
CA SER A 881 59.36 -25.89 12.99
C SER A 881 58.26 -26.46 12.10
N ARG A 882 58.66 -27.41 11.27
CA ARG A 882 57.75 -28.06 10.33
C ARG A 882 57.88 -29.57 10.42
N LEU A 883 56.90 -30.27 9.84
CA LEU A 883 56.80 -31.71 9.88
C LEU A 883 56.81 -32.27 8.47
N TYR A 884 57.61 -33.31 8.25
CA TYR A 884 57.74 -33.96 6.96
C TYR A 884 57.30 -35.40 7.10
N TRP A 885 56.68 -35.93 6.05
CA TRP A 885 56.34 -37.34 6.00
C TRP A 885 56.55 -37.85 4.59
N VAL A 886 56.84 -39.15 4.51
CA VAL A 886 57.03 -39.82 3.22
C VAL A 886 56.03 -40.97 3.13
N ASP A 887 55.42 -41.10 1.96
CA ASP A 887 54.33 -42.03 1.70
C ASP A 887 54.76 -42.96 0.56
N ALA A 888 54.61 -44.27 0.79
CA ALA A 888 55.08 -45.30 -0.12
C ALA A 888 54.02 -45.82 -1.06
N PHE A 889 52.74 -45.50 -0.83
CA PHE A 889 51.70 -45.90 -1.76
C PHE A 889 51.69 -44.96 -2.97
N PHE A 890 51.65 -43.66 -2.69
CA PHE A 890 51.71 -42.65 -3.73
C PHE A 890 53.14 -42.21 -4.05
N ASP A 891 54.12 -42.70 -3.30
CA ASP A 891 55.53 -42.43 -3.54
C ASP A 891 55.80 -40.93 -3.57
N LYS A 892 55.52 -40.27 -2.43
CA LYS A 892 55.65 -38.83 -2.35
C LYS A 892 56.22 -38.40 -1.01
N ILE A 893 56.82 -37.21 -1.02
CA ILE A 893 57.30 -36.54 0.18
C ILE A 893 56.48 -35.28 0.33
N GLU A 894 55.92 -35.10 1.52
CA GLU A 894 55.08 -33.96 1.83
C GLU A 894 55.56 -33.33 3.11
N HIS A 895 55.38 -32.01 3.22
CA HIS A 895 55.71 -31.33 4.46
C HIS A 895 54.64 -30.29 4.75
N SER A 896 54.38 -30.14 6.04
CA SER A 896 53.30 -29.34 6.56
C SER A 896 53.78 -28.60 7.80
N ASN A 897 52.90 -27.75 8.30
CA ASN A 897 53.12 -27.10 9.58
C ASN A 897 52.44 -27.93 10.65
N LEU A 898 52.88 -27.76 11.90
CA LEU A 898 52.55 -28.71 12.95
C LEU A 898 51.06 -28.83 13.23
N ASP A 899 50.24 -27.92 12.72
CA ASP A 899 48.79 -28.06 12.81
C ASP A 899 48.19 -28.83 11.65
N GLY A 900 48.98 -29.12 10.62
CA GLY A 900 48.48 -29.78 9.44
C GLY A 900 47.73 -28.88 8.49
N LEU A 901 47.65 -27.58 8.77
CA LEU A 901 46.81 -26.66 8.02
C LEU A 901 47.52 -25.99 6.85
N ASP A 902 48.84 -26.13 6.74
CA ASP A 902 49.60 -25.71 5.57
C ASP A 902 50.36 -26.93 5.14
N ARG A 903 50.26 -27.25 3.85
CA ARG A 903 50.69 -28.52 3.28
C ARG A 903 51.26 -28.30 1.88
N LYS A 904 52.41 -28.92 1.63
CA LYS A 904 53.12 -28.80 0.36
C LYS A 904 53.75 -30.14 0.03
N ARG A 905 53.99 -30.36 -1.27
CA ARG A 905 54.50 -31.61 -1.81
C ARG A 905 55.78 -31.36 -2.60
N LEU A 906 56.81 -32.16 -2.32
CA LEU A 906 58.07 -32.01 -3.03
C LEU A 906 58.01 -32.71 -4.38
N GLY A 907 58.95 -32.36 -5.24
CA GLY A 907 58.97 -32.90 -6.59
C GLY A 907 59.31 -34.38 -6.63
N HIS A 908 59.05 -34.94 -7.81
CA HIS A 908 59.26 -36.36 -8.06
C HIS A 908 60.71 -36.78 -7.86
N VAL A 909 60.94 -37.68 -6.90
CA VAL A 909 62.25 -38.29 -6.71
C VAL A 909 62.42 -39.35 -7.78
N ASP A 910 63.64 -39.52 -8.27
CA ASP A 910 63.89 -40.21 -9.53
C ASP A 910 63.48 -41.67 -9.48
N GLN A 911 63.95 -42.42 -8.47
CA GLN A 911 63.66 -43.86 -8.39
C GLN A 911 63.06 -44.27 -7.06
N MET A 912 62.64 -43.32 -6.23
CA MET A 912 61.96 -43.65 -4.98
C MET A 912 60.66 -44.37 -5.27
N THR A 913 60.55 -45.63 -4.81
CA THR A 913 59.35 -46.42 -5.06
C THR A 913 58.80 -47.12 -3.83
N HIS A 914 59.54 -47.20 -2.72
CA HIS A 914 59.00 -47.68 -1.45
C HIS A 914 59.80 -47.10 -0.31
N PRO A 915 59.63 -45.81 -0.05
CA PRO A 915 60.34 -45.18 1.07
C PRO A 915 59.83 -45.67 2.41
N PHE A 916 60.73 -45.73 3.39
CA PHE A 916 60.39 -46.15 4.75
C PHE A 916 60.83 -45.17 5.82
N GLY A 917 62.00 -44.58 5.70
CA GLY A 917 62.59 -43.78 6.76
C GLY A 917 63.02 -42.42 6.26
N LEU A 918 62.87 -41.42 7.13
CA LEU A 918 63.07 -40.02 6.80
C LEU A 918 63.74 -39.27 7.93
N THR A 919 64.65 -38.37 7.58
CA THR A 919 65.23 -37.43 8.52
C THR A 919 65.60 -36.16 7.75
N VAL A 920 65.80 -35.08 8.49
CA VAL A 920 66.04 -33.77 7.90
C VAL A 920 67.23 -33.12 8.59
N PHE A 921 68.19 -32.64 7.81
CA PHE A 921 69.40 -32.02 8.33
C PHE A 921 69.77 -30.86 7.42
N LYS A 922 69.88 -29.68 8.00
CA LYS A 922 70.21 -28.42 7.31
C LYS A 922 69.31 -28.29 6.07
N ASP A 923 69.85 -28.00 4.89
CA ASP A 923 69.07 -27.80 3.68
C ASP A 923 68.68 -29.08 2.99
N ASN A 924 68.91 -30.24 3.61
CA ASN A 924 68.76 -31.53 2.95
C ASN A 924 67.85 -32.45 3.74
N VAL A 925 67.22 -33.36 3.01
CA VAL A 925 66.35 -34.40 3.54
C VAL A 925 66.94 -35.73 3.10
N PHE A 926 67.03 -36.65 4.05
CA PHE A 926 67.62 -37.96 3.85
C PHE A 926 66.51 -38.99 4.00
N LEU A 927 66.58 -40.03 3.20
CA LEU A 927 65.49 -40.94 2.92
C LEU A 927 66.04 -42.33 2.69
N THR A 928 65.26 -43.34 3.04
CA THR A 928 65.65 -44.73 2.83
C THR A 928 64.57 -45.43 2.02
N ASP A 929 65.01 -46.27 1.08
CA ASP A 929 64.12 -47.00 0.19
C ASP A 929 64.40 -48.49 0.28
N TRP A 930 63.33 -49.26 0.54
CA TRP A 930 63.39 -50.71 0.59
C TRP A 930 63.68 -51.31 -0.77
N ARG A 931 62.96 -50.85 -1.80
CA ARG A 931 63.06 -51.47 -3.12
C ARG A 931 64.45 -51.33 -3.69
N LEU A 932 65.12 -50.23 -3.39
CA LEU A 932 66.51 -50.05 -3.80
C LEU A 932 67.48 -50.56 -2.76
N GLY A 933 67.06 -50.65 -1.50
CA GLY A 933 67.96 -50.98 -0.42
C GLY A 933 68.98 -49.88 -0.33
N ALA A 934 68.52 -48.64 -0.36
CA ALA A 934 69.41 -47.50 -0.56
C ALA A 934 69.04 -46.32 0.31
N ILE A 935 70.03 -45.44 0.48
CA ILE A 935 69.88 -44.16 1.17
C ILE A 935 70.01 -43.07 0.12
N ILE A 936 69.06 -42.14 0.12
CA ILE A 936 68.95 -41.08 -0.87
C ILE A 936 68.90 -39.74 -0.15
N ARG A 937 69.49 -38.73 -0.78
CA ARG A 937 69.53 -37.37 -0.26
C ARG A 937 69.00 -36.44 -1.34
N VAL A 938 68.05 -35.59 -0.95
CA VAL A 938 67.49 -34.58 -1.83
C VAL A 938 67.29 -33.33 -1.00
N ARG A 939 66.88 -32.24 -1.64
CA ARG A 939 66.73 -30.97 -0.96
C ARG A 939 65.30 -30.82 -0.46
N LYS A 940 65.18 -30.29 0.75
CA LYS A 940 63.89 -30.25 1.44
C LYS A 940 62.96 -29.17 0.90
N SER A 941 63.49 -28.16 0.23
CA SER A 941 62.62 -27.12 -0.32
C SER A 941 61.91 -27.58 -1.58
N ASP A 942 62.61 -28.35 -2.43
CA ASP A 942 62.18 -28.64 -3.78
C ASP A 942 62.26 -30.10 -4.17
N GLY A 943 63.02 -30.91 -3.45
CA GLY A 943 63.43 -32.19 -3.94
C GLY A 943 64.55 -31.97 -4.92
N GLY A 944 64.85 -33.00 -5.70
CA GLY A 944 65.84 -32.87 -6.74
C GLY A 944 67.25 -32.93 -6.17
N ASP A 945 68.22 -32.98 -7.08
CA ASP A 945 69.62 -33.14 -6.72
C ASP A 945 69.80 -34.45 -5.95
N MET A 946 69.23 -35.51 -6.51
CA MET A 946 69.33 -36.83 -5.93
C MET A 946 70.78 -37.26 -5.81
N THR A 947 71.20 -37.59 -4.60
CA THR A 947 72.48 -38.20 -4.32
C THR A 947 72.20 -39.51 -3.60
N VAL A 948 72.97 -40.55 -3.88
CA VAL A 948 72.79 -41.85 -3.25
C VAL A 948 73.97 -42.06 -2.33
N VAL A 949 73.70 -42.13 -1.02
CA VAL A 949 74.77 -42.20 -0.05
C VAL A 949 75.28 -43.62 0.10
N ARG A 950 74.38 -44.60 0.08
CA ARG A 950 74.77 -46.00 0.12
C ARG A 950 73.76 -46.80 -0.71
N ARG A 951 74.22 -47.94 -1.22
CA ARG A 951 73.36 -48.86 -1.95
C ARG A 951 73.64 -50.28 -1.49
N GLY A 952 72.72 -51.18 -1.80
CA GLY A 952 72.88 -52.58 -1.50
C GLY A 952 72.72 -52.94 -0.04
N ILE A 953 72.20 -52.05 0.79
CA ILE A 953 72.02 -52.36 2.20
C ILE A 953 70.90 -53.40 2.33
N SER A 954 71.22 -54.51 2.99
CA SER A 954 70.25 -55.58 3.18
C SER A 954 69.21 -55.16 4.20
N SER A 955 67.97 -54.99 3.74
CA SER A 955 66.83 -54.63 4.59
C SER A 955 67.12 -53.39 5.42
N ILE A 956 67.34 -52.28 4.72
CA ILE A 956 67.57 -51.01 5.39
C ILE A 956 66.26 -50.54 6.01
N MET A 957 66.33 -50.02 7.24
CA MET A 957 65.11 -49.66 7.96
C MET A 957 64.98 -48.17 8.26
N HIS A 958 65.88 -47.59 9.04
CA HIS A 958 65.72 -46.23 9.56
C HIS A 958 66.98 -45.41 9.37
N VAL A 959 66.78 -44.10 9.26
CA VAL A 959 67.84 -43.12 9.14
C VAL A 959 67.57 -42.02 10.15
N LYS A 960 68.62 -41.60 10.86
CA LYS A 960 68.50 -40.63 11.94
C LYS A 960 69.78 -39.80 11.95
N ALA A 961 69.66 -38.55 12.38
CA ALA A 961 70.75 -37.58 12.31
C ALA A 961 71.20 -37.19 13.70
N TYR A 962 72.44 -37.52 14.03
CA TYR A 962 73.05 -37.16 15.30
C TYR A 962 73.49 -35.70 15.25
N ASP A 963 73.03 -34.91 16.20
CA ASP A 963 73.35 -33.48 16.23
C ASP A 963 73.36 -33.03 17.68
N ALA A 964 74.55 -32.67 18.17
CA ALA A 964 74.67 -32.20 19.55
C ALA A 964 73.98 -30.87 19.76
N ASP A 965 73.97 -30.00 18.74
CA ASP A 965 73.38 -28.69 18.91
C ASP A 965 71.86 -28.77 19.00
N LEU A 966 71.26 -29.73 18.32
CA LEU A 966 69.81 -29.91 18.38
C LEU A 966 69.36 -30.18 19.81
N GLN A 967 70.11 -30.98 20.55
CA GLN A 967 69.69 -31.38 21.88
C GLN A 967 69.96 -30.33 22.94
N THR A 968 70.52 -29.18 22.59
CA THR A 968 70.56 -28.06 23.53
C THR A 968 69.13 -27.60 23.80
N GLY A 969 68.90 -27.08 24.99
CA GLY A 969 67.61 -26.48 25.29
C GLY A 969 67.30 -26.51 26.76
N THR A 970 66.21 -25.82 27.10
CA THR A 970 65.69 -25.79 28.46
C THR A 970 64.16 -25.75 28.40
N ASN A 971 63.55 -26.22 29.48
CA ASN A 971 62.10 -26.18 29.65
C ASN A 971 61.81 -26.21 31.15
N TYR A 972 60.54 -26.07 31.51
CA TYR A 972 60.18 -26.05 32.92
C TYR A 972 60.53 -27.35 33.63
N CYS A 973 60.70 -28.46 32.90
CA CYS A 973 61.10 -29.72 33.51
C CYS A 973 62.59 -29.77 33.83
N SER A 974 63.38 -28.86 33.27
CA SER A 974 64.84 -28.89 33.37
C SER A 974 65.44 -27.75 34.19
N GLN A 975 64.62 -26.86 34.75
CA GLN A 975 65.17 -25.70 35.43
C GLN A 975 65.82 -26.09 36.74
N THR A 976 67.01 -25.53 36.98
CA THR A 976 67.87 -25.94 38.07
C THR A 976 67.34 -25.57 39.45
N THR A 977 66.56 -24.50 39.57
CA THR A 977 66.10 -24.07 40.89
C THR A 977 64.87 -24.82 41.36
N HIS A 978 64.24 -25.62 40.50
CA HIS A 978 63.12 -26.48 40.89
C HIS A 978 63.10 -27.64 39.89
N PRO A 979 63.81 -28.72 40.19
CA PRO A 979 64.02 -29.76 39.17
C PRO A 979 62.78 -30.60 38.89
N ASN A 980 62.79 -31.19 37.70
CA ASN A 980 61.77 -32.10 37.21
C ASN A 980 60.36 -31.52 37.32
N GLY A 981 60.24 -30.19 37.26
CA GLY A 981 58.92 -29.59 37.36
C GLY A 981 58.22 -29.84 38.67
N ASP A 982 58.96 -30.27 39.70
CA ASP A 982 58.46 -30.71 40.99
C ASP A 982 57.62 -31.99 40.87
N CYS A 983 57.54 -32.58 39.68
CA CYS A 983 56.85 -33.85 39.53
C CYS A 983 57.71 -34.94 40.16
N SER A 984 57.05 -35.91 40.80
CA SER A 984 57.78 -36.97 41.46
C SER A 984 58.40 -37.93 40.45
N HIS A 985 57.58 -38.47 39.55
CA HIS A 985 58.04 -39.49 38.60
C HIS A 985 58.23 -38.96 37.19
N PHE A 986 57.17 -38.48 36.55
CA PHE A 986 57.22 -38.01 35.17
C PHE A 986 56.98 -36.51 35.08
N CYS A 987 57.68 -35.87 34.15
CA CYS A 987 57.46 -34.48 33.80
C CYS A 987 57.30 -34.43 32.29
N PHE A 988 56.21 -33.83 31.82
CA PHE A 988 55.89 -33.79 30.41
C PHE A 988 55.73 -32.35 29.94
N PRO A 989 56.41 -31.93 28.87
CA PRO A 989 56.14 -30.61 28.31
C PRO A 989 54.88 -30.66 27.46
N VAL A 990 54.09 -29.60 27.55
CA VAL A 990 52.85 -29.48 26.78
C VAL A 990 52.81 -28.07 26.18
N PRO A 991 51.97 -27.86 25.17
CA PRO A 991 52.02 -26.60 24.42
C PRO A 991 51.86 -25.37 25.28
N ASN A 992 52.29 -24.25 24.70
CA ASN A 992 52.27 -22.94 25.34
C ASN A 992 53.13 -22.92 26.61
N PHE A 993 54.28 -23.59 26.55
CA PHE A 993 55.36 -23.50 27.51
C PHE A 993 54.88 -23.73 28.95
N GLN A 994 54.44 -24.97 29.19
CA GLN A 994 53.99 -25.39 30.51
C GLN A 994 54.15 -26.90 30.59
N ARG A 995 54.07 -27.42 31.82
CA ARG A 995 54.41 -28.79 32.13
C ARG A 995 53.26 -29.53 32.81
N VAL A 996 53.30 -30.85 32.69
CA VAL A 996 52.33 -31.75 33.29
C VAL A 996 53.11 -32.89 33.94
N CYS A 997 52.51 -33.49 34.96
CA CYS A 997 53.13 -34.56 35.74
C CYS A 997 52.38 -35.87 35.51
N GLY A 998 53.11 -36.98 35.59
CA GLY A 998 52.52 -38.30 35.44
C GLY A 998 53.15 -39.29 36.40
N CYS A 999 52.45 -40.40 36.58
CA CYS A 999 52.87 -41.49 37.44
C CYS A 999 52.94 -42.81 36.66
N PRO A 1000 53.75 -43.77 37.10
CA PRO A 1000 53.87 -45.04 36.36
C PRO A 1000 52.60 -45.88 36.42
N TYR A 1001 52.68 -47.11 35.91
CA TYR A 1001 51.50 -47.96 35.75
C TYR A 1001 50.77 -48.19 37.07
N GLY A 1002 51.48 -48.63 38.09
CA GLY A 1002 50.85 -49.01 39.34
C GLY A 1002 50.50 -47.88 40.27
N MET A 1003 50.38 -46.67 39.73
CA MET A 1003 50.29 -45.46 40.52
C MET A 1003 49.25 -44.50 39.96
N LYS A 1004 48.86 -43.57 40.82
CA LYS A 1004 47.84 -42.57 40.57
C LYS A 1004 48.39 -41.23 41.01
N LEU A 1005 47.68 -40.18 40.64
CA LEU A 1005 48.08 -38.81 40.92
C LEU A 1005 47.33 -38.28 42.13
N GLN A 1006 47.97 -37.34 42.83
CA GLN A 1006 47.50 -36.83 44.10
C GLN A 1006 47.09 -35.38 43.91
N ARG A 1007 46.25 -34.88 44.84
CA ARG A 1007 45.65 -33.54 44.71
C ARG A 1007 46.69 -32.51 44.30
N ASP A 1008 47.87 -32.57 44.89
CA ASP A 1008 49.01 -31.83 44.40
C ASP A 1008 49.57 -32.74 43.33
N GLN A 1009 49.28 -32.41 42.06
CA GLN A 1009 49.63 -33.30 40.96
C GLN A 1009 51.13 -33.52 40.84
N MET A 1010 51.93 -32.75 41.56
CA MET A 1010 53.36 -33.01 41.63
C MET A 1010 53.64 -34.43 42.11
N THR A 1011 52.79 -34.97 42.98
CA THR A 1011 53.05 -36.20 43.72
C THR A 1011 52.12 -37.34 43.29
N CYS A 1012 52.61 -38.55 43.57
CA CYS A 1012 52.04 -39.81 43.14
C CYS A 1012 51.76 -40.71 44.34
N GLU A 1013 50.79 -41.61 44.16
CA GLU A 1013 50.39 -42.59 45.16
C GLU A 1013 50.17 -43.91 44.43
N GLY A 1014 49.81 -44.95 45.18
CA GLY A 1014 49.65 -46.28 44.63
C GLY A 1014 48.16 -46.59 44.46
N ASP A 1015 47.85 -47.26 43.35
CA ASP A 1015 46.47 -47.51 42.92
C ASP A 1015 46.24 -49.01 42.74
N PRO A 1016 46.10 -49.76 43.84
CA PRO A 1016 45.78 -51.18 43.71
C PRO A 1016 44.38 -51.46 43.22
N ALA A 1017 43.51 -50.44 43.19
CA ALA A 1017 42.13 -50.63 42.76
C ALA A 1017 42.04 -50.79 41.25
N ARG A 1018 42.54 -49.81 40.51
CA ARG A 1018 42.42 -49.79 39.06
C ARG A 1018 43.58 -50.45 38.34
N GLU A 1019 44.79 -50.38 38.90
CA GLU A 1019 46.00 -50.88 38.25
C GLU A 1019 46.78 -51.72 39.24
N PRO A 1020 46.36 -52.96 39.49
CA PRO A 1020 47.06 -53.82 40.44
C PRO A 1020 48.42 -54.25 39.92
N PRO A 1021 49.27 -54.80 40.77
CA PRO A 1021 50.53 -55.36 40.29
C PRO A 1021 50.29 -56.57 39.41
N THR A 1022 51.24 -56.83 38.52
CA THR A 1022 51.17 -57.94 37.58
C THR A 1022 52.49 -58.71 37.59
N GLN A 1023 52.38 -60.02 37.35
CA GLN A 1023 53.57 -60.85 37.31
C GLN A 1023 54.27 -60.71 35.96
N GLN A 1024 55.54 -61.09 35.95
CA GLN A 1024 56.43 -60.81 34.83
C GLN A 1024 56.04 -61.55 33.56
N CYS A 1025 55.72 -62.84 33.66
CA CYS A 1025 55.66 -63.70 32.49
C CYS A 1025 54.47 -64.65 32.40
N GLY A 1026 53.52 -64.60 33.32
CA GLY A 1026 52.44 -65.56 33.21
C GLY A 1026 52.90 -66.97 33.58
N SER A 1027 52.06 -67.93 33.21
CA SER A 1027 52.24 -69.32 33.65
C SER A 1027 53.20 -70.11 32.76
N SER A 1028 52.92 -70.20 31.46
CA SER A 1028 53.72 -71.04 30.58
C SER A 1028 54.99 -70.36 30.08
N SER A 1029 55.83 -69.88 30.99
CA SER A 1029 57.09 -69.25 30.60
C SER A 1029 57.99 -69.16 31.81
N PHE A 1030 59.27 -68.93 31.55
CA PHE A 1030 60.29 -68.76 32.58
C PHE A 1030 60.68 -67.29 32.70
N PRO A 1031 60.69 -66.71 33.90
CA PRO A 1031 61.09 -65.30 34.01
C PRO A 1031 62.62 -65.17 34.05
N CYS A 1032 63.16 -64.40 33.13
CA CYS A 1032 64.59 -64.17 33.04
C CYS A 1032 64.96 -62.87 33.75
N ASN A 1033 66.16 -62.87 34.34
CA ASN A 1033 66.57 -61.78 35.21
C ASN A 1033 66.59 -60.43 34.52
N ASN A 1034 66.72 -60.38 33.21
CA ASN A 1034 66.76 -59.11 32.51
C ASN A 1034 65.38 -58.52 32.25
N GLY A 1035 64.30 -59.20 32.64
CA GLY A 1035 62.97 -58.67 32.40
C GLY A 1035 62.40 -59.20 31.10
N LYS A 1036 62.65 -60.48 30.83
CA LYS A 1036 62.24 -61.14 29.61
C LYS A 1036 61.53 -62.45 29.94
N CYS A 1037 60.72 -62.90 28.99
CA CYS A 1037 59.91 -64.09 29.13
C CYS A 1037 60.20 -65.05 27.99
N VAL A 1038 60.36 -66.33 28.34
CA VAL A 1038 60.71 -67.38 27.38
C VAL A 1038 59.95 -68.64 27.74
N PRO A 1039 59.61 -69.47 26.75
CA PRO A 1039 58.84 -70.68 27.07
C PRO A 1039 59.58 -71.61 28.03
N SER A 1040 58.80 -72.34 28.82
CA SER A 1040 59.37 -73.25 29.81
C SER A 1040 60.20 -74.35 29.16
N ILE A 1041 59.84 -74.77 27.95
CA ILE A 1041 60.61 -75.79 27.26
C ILE A 1041 62.05 -75.34 27.05
N PHE A 1042 62.25 -74.04 26.88
CA PHE A 1042 63.56 -73.46 26.61
C PHE A 1042 64.44 -73.35 27.85
N ARG A 1043 63.90 -73.63 29.03
CA ARG A 1043 64.59 -73.33 30.29
C ARG A 1043 65.98 -73.96 30.33
N CYS A 1044 66.11 -75.23 29.93
CA CYS A 1044 67.42 -75.90 29.91
C CYS A 1044 67.60 -76.71 28.64
N ASP A 1045 67.23 -76.14 27.50
CA ASP A 1045 67.45 -76.84 26.24
C ASP A 1045 68.91 -76.83 25.81
N GLY A 1046 69.77 -76.06 26.50
CA GLY A 1046 71.19 -76.04 26.23
C GLY A 1046 71.71 -74.75 25.63
N VAL A 1047 70.84 -73.79 25.30
CA VAL A 1047 71.22 -72.54 24.66
C VAL A 1047 70.57 -71.37 25.37
N ASP A 1048 71.19 -70.19 25.21
CA ASP A 1048 70.84 -68.97 25.94
C ASP A 1048 69.69 -68.24 25.24
N ASP A 1049 68.49 -68.82 25.37
CA ASP A 1049 67.32 -68.22 24.75
C ASP A 1049 67.02 -66.86 25.36
N CYS A 1050 67.44 -66.64 26.60
CA CYS A 1050 67.49 -65.34 27.23
C CYS A 1050 68.95 -64.92 27.17
N HIS A 1051 69.20 -63.75 26.60
CA HIS A 1051 70.55 -63.34 26.26
C HIS A 1051 71.36 -62.86 27.44
N ASP A 1052 70.81 -62.89 28.65
CA ASP A 1052 71.56 -62.75 29.88
C ASP A 1052 72.07 -64.10 30.37
N ASN A 1053 71.79 -65.19 29.64
CA ASN A 1053 72.11 -66.56 30.02
C ASN A 1053 71.41 -66.95 31.32
N SER A 1054 70.25 -66.36 31.56
CA SER A 1054 69.50 -66.63 32.79
C SER A 1054 68.94 -68.04 32.81
N ASP A 1055 68.45 -68.52 31.67
CA ASP A 1055 67.72 -69.78 31.66
C ASP A 1055 68.63 -70.98 31.88
N GLU A 1056 69.82 -70.97 31.28
CA GLU A 1056 70.76 -72.08 31.44
C GLU A 1056 71.55 -72.00 32.75
N HIS A 1057 71.12 -71.17 33.70
CA HIS A 1057 71.83 -70.98 34.95
C HIS A 1057 71.50 -72.08 35.95
N GLN A 1058 72.54 -72.65 36.54
CA GLN A 1058 72.42 -73.68 37.58
C GLN A 1058 71.42 -74.76 37.21
N CYS A 1059 71.65 -75.36 36.05
CA CYS A 1059 70.81 -76.44 35.53
C CYS A 1059 71.64 -77.70 35.38
N GLY A 1060 70.95 -78.84 35.49
CA GLY A 1060 71.57 -80.13 35.62
C GLY A 1060 71.85 -80.53 37.05
N ALA A 1061 71.83 -79.56 37.97
CA ALA A 1061 71.95 -79.84 39.38
C ALA A 1061 70.71 -80.57 39.88
N LEU A 1062 70.79 -81.11 41.09
CA LEU A 1062 69.67 -81.87 41.65
C LEU A 1062 68.41 -81.03 41.74
N ASN A 1063 68.54 -79.71 41.92
CA ASN A 1063 67.37 -78.84 42.03
C ASN A 1063 66.71 -78.57 40.69
N ASN A 1064 67.41 -78.75 39.58
CA ASN A 1064 66.89 -78.39 38.26
C ASN A 1064 67.36 -79.41 37.23
N THR A 1065 66.49 -80.37 36.90
CA THR A 1065 66.78 -81.32 35.85
C THR A 1065 66.52 -80.66 34.50
N CYS A 1066 67.04 -81.28 33.44
CA CYS A 1066 67.13 -80.66 32.13
C CYS A 1066 66.01 -81.08 31.19
N SER A 1067 65.93 -80.37 30.07
CA SER A 1067 64.89 -80.56 29.08
C SER A 1067 65.01 -81.89 28.37
N SER A 1068 63.86 -82.42 27.95
CA SER A 1068 63.84 -83.60 27.09
C SER A 1068 64.48 -83.34 25.74
N SER A 1069 64.50 -82.09 25.29
CA SER A 1069 65.15 -81.77 24.02
C SER A 1069 66.67 -81.79 24.13
N ALA A 1070 67.20 -81.55 25.32
CA ALA A 1070 68.64 -81.45 25.52
C ALA A 1070 69.24 -82.84 25.70
N PHE A 1071 70.55 -82.86 25.92
CA PHE A 1071 71.30 -84.05 26.27
C PHE A 1071 72.09 -83.74 27.53
N THR A 1072 72.24 -84.73 28.39
CA THR A 1072 72.86 -84.57 29.69
C THR A 1072 74.13 -85.43 29.77
N CYS A 1073 75.14 -84.88 30.43
CA CYS A 1073 76.46 -85.50 30.50
C CYS A 1073 76.48 -86.25 31.82
N VAL A 1074 76.75 -87.55 31.75
CA VAL A 1074 76.45 -88.48 32.84
C VAL A 1074 77.22 -88.11 34.10
N HIS A 1075 78.55 -87.97 34.00
CA HIS A 1075 79.33 -87.70 35.20
C HIS A 1075 79.19 -86.24 35.64
N GLY A 1076 79.15 -85.31 34.67
CA GLY A 1076 79.19 -83.90 35.00
C GLY A 1076 77.90 -83.32 35.53
N GLY A 1077 76.77 -83.83 35.07
CA GLY A 1077 75.49 -83.22 35.42
C GLY A 1077 75.36 -81.85 34.81
N GLN A 1078 75.75 -81.72 33.54
CA GLN A 1078 75.62 -80.50 32.75
C GLN A 1078 74.99 -80.88 31.42
N CYS A 1079 74.23 -79.95 30.85
CA CYS A 1079 73.34 -80.22 29.74
C CYS A 1079 73.68 -79.37 28.53
N ILE A 1080 73.67 -80.01 27.37
CA ILE A 1080 74.06 -79.43 26.08
C ILE A 1080 72.96 -79.72 25.07
N PRO A 1081 72.82 -78.91 24.02
CA PRO A 1081 71.77 -79.16 23.03
C PRO A 1081 71.97 -80.50 22.33
N GLY A 1082 70.85 -81.08 21.91
CA GLY A 1082 70.86 -82.43 21.37
C GLY A 1082 71.71 -82.60 20.13
N GLN A 1083 71.80 -81.57 19.28
CA GLN A 1083 72.61 -81.71 18.07
C GLN A 1083 74.06 -82.04 18.40
N TRP A 1084 74.53 -81.59 19.56
CA TRP A 1084 75.89 -81.85 20.00
C TRP A 1084 76.09 -83.27 20.52
N ARG A 1085 75.01 -84.06 20.59
CA ARG A 1085 75.06 -85.38 21.21
C ARG A 1085 76.13 -86.27 20.60
N CYS A 1086 76.33 -86.20 19.28
CA CYS A 1086 77.33 -87.06 18.64
C CYS A 1086 77.88 -86.31 17.43
N ASP A 1087 79.07 -85.73 17.59
CA ASP A 1087 79.74 -85.04 16.51
C ASP A 1087 81.24 -85.02 16.83
N LYS A 1088 82.00 -84.35 15.96
CA LYS A 1088 83.45 -84.32 16.11
C LYS A 1088 83.89 -83.71 17.45
N GLN A 1089 83.09 -82.82 18.03
CA GLN A 1089 83.48 -82.10 19.23
C GLN A 1089 83.14 -82.86 20.50
N ASN A 1090 84.03 -82.68 21.49
CA ASN A 1090 83.86 -83.18 22.85
C ASN A 1090 83.29 -82.01 23.65
N ASP A 1091 81.97 -82.01 23.83
CA ASP A 1091 81.25 -80.87 24.35
C ASP A 1091 81.10 -80.83 25.86
N CYS A 1092 81.43 -81.91 26.58
CA CYS A 1092 81.38 -81.88 28.04
C CYS A 1092 82.65 -82.50 28.59
N LEU A 1093 82.95 -82.15 29.84
CA LEU A 1093 84.22 -82.55 30.44
C LEU A 1093 84.38 -84.06 30.53
N ASP A 1094 83.28 -84.80 30.67
CA ASP A 1094 83.35 -86.25 30.71
C ASP A 1094 83.40 -86.88 29.31
N GLY A 1095 83.22 -86.10 28.26
CA GLY A 1095 83.16 -86.69 26.93
C GLY A 1095 82.02 -87.65 26.75
N SER A 1096 80.96 -87.53 27.54
CA SER A 1096 79.87 -88.48 27.51
C SER A 1096 79.02 -88.34 26.25
N ASP A 1097 79.12 -87.20 25.57
CA ASP A 1097 78.46 -87.08 24.28
C ASP A 1097 79.05 -88.08 23.28
N GLU A 1098 80.38 -88.16 23.24
CA GLU A 1098 81.09 -89.02 22.30
C GLU A 1098 81.55 -90.34 22.90
N GLN A 1099 81.11 -90.68 24.12
CA GLN A 1099 81.46 -91.98 24.67
C GLN A 1099 80.90 -93.11 23.81
N ASN A 1100 79.66 -92.96 23.36
CA ASN A 1100 79.03 -93.97 22.51
C ASN A 1100 78.13 -93.26 21.52
N CYS A 1101 77.93 -93.89 20.35
CA CYS A 1101 77.20 -93.26 19.26
C CYS A 1101 76.58 -94.35 18.40
N PRO A 1102 75.57 -94.01 17.60
CA PRO A 1102 75.09 -94.95 16.58
C PRO A 1102 76.07 -95.06 15.43
N THR A 1103 75.77 -95.97 14.51
CA THR A 1103 76.57 -96.14 13.30
C THR A 1103 75.65 -96.45 12.13
N ARG A 1104 76.20 -96.29 10.93
CA ARG A 1104 75.42 -96.45 9.71
C ARG A 1104 74.99 -97.89 9.49
N SER A 1105 73.76 -98.06 9.04
CA SER A 1105 73.26 -99.37 8.69
C SER A 1105 73.92 -99.81 7.38
N PRO A 1106 74.56 -100.97 7.32
CA PRO A 1106 75.25 -101.36 6.09
C PRO A 1106 74.27 -101.63 4.95
N SER A 1107 74.83 -101.68 3.75
CA SER A 1107 74.06 -101.92 2.52
C SER A 1107 73.06 -100.80 2.23
N SER A 1108 73.28 -99.61 2.78
CA SER A 1108 72.44 -98.49 2.41
C SER A 1108 72.76 -98.06 0.98
N THR A 1109 71.80 -97.38 0.36
CA THR A 1109 71.79 -97.10 -1.06
C THR A 1109 72.01 -95.63 -1.38
N CYS A 1110 72.94 -95.38 -2.30
CA CYS A 1110 73.11 -94.22 -3.12
C CYS A 1110 72.67 -94.61 -4.51
N PRO A 1111 71.77 -93.88 -5.17
CA PRO A 1111 71.27 -94.34 -6.47
C PRO A 1111 72.35 -94.36 -7.52
N PRO A 1112 72.16 -95.10 -8.62
CA PRO A 1112 73.21 -95.16 -9.65
C PRO A 1112 73.46 -93.83 -10.34
N THR A 1113 72.54 -92.88 -10.21
CA THR A 1113 72.71 -91.55 -10.75
C THR A 1113 73.80 -90.74 -10.08
N SER A 1114 74.30 -91.19 -8.93
CA SER A 1114 75.11 -90.42 -8.01
C SER A 1114 76.41 -91.16 -7.70
N PHE A 1115 77.23 -90.50 -6.87
CA PHE A 1115 78.57 -90.90 -6.52
C PHE A 1115 78.66 -91.04 -5.01
N THR A 1116 79.52 -91.94 -4.56
CA THR A 1116 79.65 -92.29 -3.15
C THR A 1116 81.01 -91.83 -2.64
N CYS A 1117 81.02 -91.34 -1.40
CA CYS A 1117 82.18 -90.78 -0.75
C CYS A 1117 82.61 -91.73 0.36
N ASP A 1118 83.89 -91.68 0.70
CA ASP A 1118 84.42 -92.62 1.69
C ASP A 1118 83.79 -92.45 3.06
N ASN A 1119 83.16 -91.31 3.34
CA ASN A 1119 82.44 -91.12 4.60
C ASN A 1119 80.99 -91.55 4.51
N HIS A 1120 80.63 -92.37 3.51
CA HIS A 1120 79.29 -92.91 3.36
C HIS A 1120 78.24 -91.80 3.22
N MET A 1121 78.42 -91.02 2.15
CA MET A 1121 77.50 -89.97 1.75
C MET A 1121 77.37 -90.04 0.24
N CYS A 1122 76.26 -89.50 -0.28
CA CYS A 1122 75.94 -89.59 -1.70
C CYS A 1122 76.00 -88.20 -2.32
N ILE A 1123 76.64 -88.09 -3.48
CA ILE A 1123 76.82 -86.82 -4.19
C ILE A 1123 76.51 -87.05 -5.66
N PRO A 1124 75.93 -86.04 -6.34
CA PRO A 1124 75.74 -86.19 -7.79
C PRO A 1124 77.05 -86.39 -8.53
N LYS A 1125 77.00 -87.25 -9.55
CA LYS A 1125 78.18 -87.52 -10.36
C LYS A 1125 78.70 -86.27 -11.07
N GLU A 1126 77.81 -85.33 -11.39
CA GLU A 1126 78.21 -84.13 -12.12
C GLU A 1126 79.09 -83.22 -11.28
N TRP A 1127 79.01 -83.33 -9.96
CA TRP A 1127 79.73 -82.46 -9.04
C TRP A 1127 81.16 -82.89 -8.76
N VAL A 1128 81.55 -84.12 -9.11
CA VAL A 1128 82.67 -84.83 -8.53
C VAL A 1128 84.01 -84.10 -8.70
N CYS A 1129 84.50 -83.99 -9.93
CA CYS A 1129 85.79 -83.32 -10.17
C CYS A 1129 85.59 -81.84 -10.53
N ASP A 1130 84.95 -81.09 -9.64
CA ASP A 1130 84.77 -79.66 -9.82
C ASP A 1130 85.74 -78.82 -8.99
N THR A 1131 86.81 -79.43 -8.48
CA THR A 1131 87.85 -78.81 -7.66
C THR A 1131 87.34 -78.34 -6.31
N ASP A 1132 86.08 -78.57 -5.97
CA ASP A 1132 85.48 -78.09 -4.73
C ASP A 1132 84.93 -79.27 -3.94
N ASN A 1133 85.06 -79.17 -2.62
CA ASN A 1133 84.86 -80.24 -1.66
C ASN A 1133 83.37 -80.36 -1.38
N ASP A 1134 82.67 -81.19 -2.17
CA ASP A 1134 81.22 -81.31 -2.05
C ASP A 1134 80.82 -82.20 -0.88
N CYS A 1135 81.55 -83.29 -0.65
CA CYS A 1135 81.39 -84.14 0.52
C CYS A 1135 82.70 -84.01 1.27
N SER A 1136 82.62 -83.72 2.55
CA SER A 1136 83.63 -83.15 3.40
C SER A 1136 84.75 -84.06 3.70
N ASP A 1137 84.88 -85.27 3.16
CA ASP A 1137 86.09 -86.05 3.31
C ASP A 1137 87.05 -85.85 2.14
N GLY A 1138 86.67 -85.05 1.14
CA GLY A 1138 87.52 -84.78 0.01
C GLY A 1138 87.59 -85.89 -1.01
N SER A 1139 86.78 -86.93 -0.86
CA SER A 1139 86.90 -88.09 -1.73
C SER A 1139 86.44 -87.84 -3.16
N ASP A 1140 85.61 -86.82 -3.39
CA ASP A 1140 85.15 -86.56 -4.75
C ASP A 1140 86.28 -85.99 -5.61
N GLU A 1141 87.17 -85.21 -5.02
CA GLU A 1141 88.28 -84.60 -5.72
C GLU A 1141 89.56 -85.43 -5.62
N LYS A 1142 89.42 -86.72 -5.28
CA LYS A 1142 90.55 -87.56 -4.90
C LYS A 1142 91.42 -88.03 -6.06
N ASN A 1143 90.88 -88.14 -7.28
CA ASN A 1143 91.57 -88.84 -8.36
C ASN A 1143 91.43 -88.15 -9.71
N CYS A 1144 91.25 -86.83 -9.73
CA CYS A 1144 91.00 -86.15 -11.00
C CYS A 1144 92.26 -86.07 -11.85
N GLN A 1145 92.07 -86.26 -13.16
CA GLN A 1145 93.13 -86.23 -14.17
C GLN A 1145 94.18 -87.32 -13.95
N ALA A 1146 93.74 -88.50 -13.53
CA ALA A 1146 94.57 -89.71 -13.56
C ALA A 1146 94.47 -90.32 -14.97
N SER A 1147 94.81 -89.50 -15.96
CA SER A 1147 94.67 -89.84 -17.38
C SER A 1147 93.21 -90.04 -17.77
N GLY A 1148 92.29 -89.55 -16.94
CA GLY A 1148 90.87 -89.71 -17.16
C GLY A 1148 90.24 -88.57 -17.94
N THR A 1149 88.91 -88.59 -18.00
CA THR A 1149 88.13 -87.57 -18.68
C THR A 1149 86.89 -87.24 -17.84
N CYS A 1150 86.25 -86.13 -18.19
CA CYS A 1150 85.04 -85.71 -17.50
C CYS A 1150 83.89 -86.66 -17.79
N HIS A 1151 82.99 -86.78 -16.82
CA HIS A 1151 81.81 -87.62 -16.99
C HIS A 1151 81.00 -87.08 -18.18
N PRO A 1152 80.32 -87.95 -18.94
CA PRO A 1152 79.74 -87.49 -20.22
C PRO A 1152 78.80 -86.30 -20.12
N THR A 1153 78.04 -86.15 -19.04
CA THR A 1153 77.14 -85.01 -18.93
C THR A 1153 77.87 -83.72 -18.57
N GLN A 1154 79.09 -83.83 -18.02
CA GLN A 1154 79.84 -82.67 -17.59
C GLN A 1154 80.33 -81.85 -18.78
N PHE A 1155 80.94 -80.72 -18.47
CA PHE A 1155 81.60 -79.83 -19.43
C PHE A 1155 83.02 -79.62 -18.94
N ARG A 1156 83.93 -79.39 -19.88
CA ARG A 1156 85.36 -79.35 -19.61
C ARG A 1156 85.97 -78.01 -19.98
N CYS A 1157 86.96 -77.59 -19.20
CA CYS A 1157 87.70 -76.35 -19.42
C CYS A 1157 89.14 -76.76 -19.69
N PRO A 1158 89.73 -76.35 -20.82
CA PRO A 1158 90.94 -76.99 -21.36
C PRO A 1158 92.06 -77.27 -20.37
N ASP A 1159 92.32 -76.36 -19.45
CA ASP A 1159 93.41 -76.52 -18.50
C ASP A 1159 92.97 -76.58 -17.05
N HIS A 1160 91.67 -76.45 -16.77
CA HIS A 1160 91.24 -76.16 -15.40
C HIS A 1160 90.40 -77.23 -14.73
N ARG A 1161 89.19 -77.52 -15.20
CA ARG A 1161 88.32 -78.41 -14.42
C ARG A 1161 87.09 -78.79 -15.21
N CYS A 1162 86.41 -79.82 -14.70
CA CYS A 1162 85.12 -80.24 -15.22
C CYS A 1162 84.04 -79.55 -14.40
N ILE A 1163 82.96 -79.13 -15.07
CA ILE A 1163 81.90 -78.36 -14.43
C ILE A 1163 80.54 -78.96 -14.78
N SER A 1164 79.56 -78.66 -13.93
CA SER A 1164 78.22 -79.17 -14.11
C SER A 1164 77.55 -78.52 -15.32
N PRO A 1165 76.50 -79.16 -15.87
CA PRO A 1165 75.78 -78.54 -16.99
C PRO A 1165 75.20 -77.17 -16.68
N LEU A 1166 74.72 -76.95 -15.45
CA LEU A 1166 74.08 -75.68 -15.11
C LEU A 1166 75.05 -74.51 -15.24
N TYR A 1167 76.34 -74.76 -15.03
CA TYR A 1167 77.35 -73.72 -15.14
C TYR A 1167 77.73 -73.40 -16.57
N VAL A 1168 77.35 -74.26 -17.53
CA VAL A 1168 77.86 -74.15 -18.89
C VAL A 1168 77.45 -72.84 -19.52
N CYS A 1169 76.26 -72.34 -19.23
CA CYS A 1169 75.89 -70.99 -19.66
C CYS A 1169 74.87 -70.42 -18.68
N ASP A 1170 75.35 -69.59 -17.78
CA ASP A 1170 74.52 -68.89 -16.80
C ASP A 1170 74.77 -67.39 -16.81
N GLY A 1171 76.01 -66.97 -17.04
CA GLY A 1171 76.37 -65.56 -17.00
C GLY A 1171 77.74 -65.33 -16.39
N ASP A 1172 78.20 -66.29 -15.60
CA ASP A 1172 79.48 -66.21 -14.90
C ASP A 1172 80.53 -67.06 -15.59
N LYS A 1173 81.72 -66.49 -15.77
CA LYS A 1173 82.88 -67.21 -16.28
C LYS A 1173 83.39 -68.14 -15.20
N ASP A 1174 82.96 -69.39 -15.22
CA ASP A 1174 83.31 -70.34 -14.18
C ASP A 1174 84.68 -70.97 -14.37
N CYS A 1175 85.37 -70.69 -15.48
CA CYS A 1175 86.74 -71.14 -15.67
C CYS A 1175 87.51 -70.08 -16.44
N VAL A 1176 88.83 -70.27 -16.44
CA VAL A 1176 89.79 -69.22 -16.76
C VAL A 1176 89.54 -68.59 -18.14
N ASP A 1177 89.32 -69.42 -19.15
CA ASP A 1177 89.25 -68.91 -20.52
C ASP A 1177 87.83 -68.68 -21.00
N GLY A 1178 86.84 -68.82 -20.13
CA GLY A 1178 85.48 -68.59 -20.55
C GLY A 1178 84.99 -69.58 -21.59
N SER A 1179 85.36 -70.85 -21.48
CA SER A 1179 84.80 -71.86 -22.36
C SER A 1179 83.30 -71.90 -22.18
N ASP A 1180 82.85 -71.79 -20.93
CA ASP A 1180 81.44 -71.63 -20.64
C ASP A 1180 81.02 -70.22 -21.04
N GLU A 1181 79.73 -70.06 -21.30
CA GLU A 1181 79.10 -68.83 -21.78
C GLU A 1181 79.55 -68.45 -23.19
N ALA A 1182 80.34 -69.29 -23.86
CA ALA A 1182 80.74 -69.01 -25.23
C ALA A 1182 79.59 -69.25 -26.21
N GLY A 1183 79.28 -68.25 -27.01
CA GLY A 1183 78.34 -68.41 -28.10
C GLY A 1183 76.89 -68.59 -27.71
N CYS A 1184 76.51 -68.17 -26.50
CA CYS A 1184 75.14 -68.39 -26.06
C CYS A 1184 74.20 -67.35 -26.63
N VAL A 1185 72.92 -67.73 -26.67
CA VAL A 1185 71.81 -66.84 -26.97
C VAL A 1185 70.83 -66.98 -25.80
N LEU A 1186 70.49 -65.86 -25.19
CA LEU A 1186 69.58 -65.90 -24.04
C LEU A 1186 68.19 -66.33 -24.49
N ASN A 1187 67.61 -67.25 -23.75
CA ASN A 1187 66.34 -67.89 -24.10
C ASN A 1187 65.44 -68.04 -22.88
N CYS A 1188 65.35 -67.00 -22.06
CA CYS A 1188 64.64 -67.10 -20.80
C CYS A 1188 63.14 -67.23 -21.04
N THR A 1189 62.45 -67.84 -20.08
CA THR A 1189 61.05 -68.21 -20.20
C THR A 1189 60.13 -66.98 -20.23
N SER A 1190 58.86 -67.25 -20.53
CA SER A 1190 57.86 -66.20 -20.71
C SER A 1190 57.60 -65.41 -19.43
N SER A 1191 57.97 -65.94 -18.27
CA SER A 1191 57.79 -65.24 -17.01
C SER A 1191 58.79 -64.11 -16.78
N GLN A 1192 59.63 -63.80 -17.78
CA GLN A 1192 60.73 -62.87 -17.64
C GLN A 1192 60.76 -61.94 -18.84
N PHE A 1193 61.61 -60.92 -18.73
CA PHE A 1193 61.75 -59.87 -19.73
C PHE A 1193 63.22 -59.74 -20.10
N LYS A 1194 63.46 -59.35 -21.35
CA LYS A 1194 64.79 -59.23 -21.92
C LYS A 1194 65.03 -57.77 -22.27
N CYS A 1195 66.28 -57.34 -22.14
CA CYS A 1195 66.67 -55.95 -22.24
C CYS A 1195 67.31 -55.68 -23.59
N ALA A 1196 67.25 -54.41 -24.00
CA ALA A 1196 67.49 -54.02 -25.39
C ALA A 1196 68.89 -54.34 -25.85
N ASP A 1197 69.91 -54.12 -25.01
CA ASP A 1197 71.26 -54.43 -25.48
C ASP A 1197 71.62 -55.90 -25.35
N GLY A 1198 70.71 -56.75 -24.88
CA GLY A 1198 70.89 -58.18 -24.88
C GLY A 1198 71.64 -58.76 -23.69
N SER A 1199 72.08 -57.92 -22.76
CA SER A 1199 72.95 -58.38 -21.69
C SER A 1199 72.25 -59.18 -20.61
N SER A 1200 70.99 -58.90 -20.32
CA SER A 1200 70.34 -59.40 -19.12
C SER A 1200 68.86 -59.71 -19.35
N CYS A 1201 68.37 -60.69 -18.60
CA CYS A 1201 66.97 -61.06 -18.56
C CYS A 1201 66.55 -61.03 -17.10
N ILE A 1202 65.37 -60.48 -16.83
CA ILE A 1202 64.89 -60.21 -15.48
C ILE A 1202 63.38 -60.46 -15.45
N ASN A 1203 62.90 -60.88 -14.27
CA ASN A 1203 61.53 -61.30 -14.11
C ASN A 1203 60.56 -60.18 -14.47
N SER A 1204 59.33 -60.58 -14.80
CA SER A 1204 58.33 -59.67 -15.34
C SER A 1204 57.90 -58.61 -14.34
N ARG A 1205 57.88 -58.93 -13.05
CA ARG A 1205 57.43 -57.96 -12.06
C ARG A 1205 58.29 -56.70 -12.07
N TYR A 1206 59.55 -56.83 -12.47
CA TYR A 1206 60.48 -55.71 -12.44
C TYR A 1206 60.32 -54.79 -13.65
N ARG A 1207 59.69 -55.26 -14.72
CA ARG A 1207 59.38 -54.41 -15.84
C ARG A 1207 58.31 -53.41 -15.43
N CYS A 1208 58.54 -52.13 -15.74
CA CYS A 1208 57.61 -51.05 -15.39
C CYS A 1208 57.33 -51.03 -13.88
N ASP A 1209 58.38 -50.75 -13.11
CA ASP A 1209 58.24 -50.60 -11.67
C ASP A 1209 58.91 -49.33 -11.13
N GLY A 1210 59.38 -48.45 -12.01
CA GLY A 1210 59.98 -47.20 -11.58
C GLY A 1210 61.46 -47.27 -11.25
N VAL A 1211 62.07 -48.45 -11.33
CA VAL A 1211 63.48 -48.63 -11.03
C VAL A 1211 64.18 -49.25 -12.23
N TYR A 1212 65.35 -48.70 -12.57
CA TYR A 1212 66.13 -49.16 -13.71
C TYR A 1212 66.88 -50.42 -13.28
N ASP A 1213 66.34 -51.58 -13.66
CA ASP A 1213 66.88 -52.87 -13.26
C ASP A 1213 67.87 -53.46 -14.25
N CYS A 1214 68.05 -52.86 -15.42
CA CYS A 1214 69.07 -53.29 -16.36
C CYS A 1214 69.61 -52.06 -17.07
N LYS A 1215 70.86 -52.15 -17.50
CA LYS A 1215 71.51 -51.02 -18.14
C LYS A 1215 70.79 -50.65 -19.43
N ASP A 1216 70.90 -49.37 -19.78
CA ASP A 1216 70.19 -48.69 -20.87
C ASP A 1216 68.70 -48.54 -20.58
N ASN A 1217 68.25 -48.81 -19.36
CA ASN A 1217 66.92 -48.48 -18.87
C ASN A 1217 65.80 -49.06 -19.74
N SER A 1218 66.07 -50.14 -20.48
CA SER A 1218 65.05 -50.69 -21.37
C SER A 1218 63.91 -51.34 -20.60
N ASP A 1219 64.11 -51.71 -19.35
CA ASP A 1219 63.02 -52.30 -18.58
C ASP A 1219 61.97 -51.28 -18.20
N GLU A 1220 62.31 -49.99 -18.22
CA GLU A 1220 61.38 -48.91 -17.93
C GLU A 1220 61.13 -47.98 -19.11
N ALA A 1221 61.84 -48.16 -20.23
CA ALA A 1221 61.69 -47.23 -21.35
C ALA A 1221 60.34 -47.34 -22.02
N GLY A 1222 59.90 -48.57 -22.29
CA GLY A 1222 58.70 -48.81 -23.05
C GLY A 1222 57.45 -48.99 -22.21
N CYS A 1223 57.14 -48.00 -21.36
CA CYS A 1223 56.17 -48.14 -20.29
C CYS A 1223 54.99 -47.18 -20.46
N PRO A 1224 53.79 -47.58 -20.01
CA PRO A 1224 52.65 -46.64 -20.03
C PRO A 1224 52.91 -45.40 -19.19
N THR A 1225 52.32 -44.28 -19.63
CA THR A 1225 52.46 -43.02 -18.92
C THR A 1225 51.09 -42.42 -18.65
N ARG A 1226 51.08 -41.56 -17.63
CA ARG A 1226 49.86 -40.89 -17.19
C ARG A 1226 49.46 -39.81 -18.18
N PRO A 1227 48.23 -39.80 -18.70
CA PRO A 1227 47.84 -38.75 -19.64
C PRO A 1227 47.86 -37.39 -18.97
N PRO A 1228 48.02 -36.31 -19.73
CA PRO A 1228 48.26 -34.99 -19.13
C PRO A 1228 47.10 -34.52 -18.27
N GLY A 1229 47.39 -34.31 -16.98
CA GLY A 1229 46.41 -33.79 -16.06
C GLY A 1229 45.28 -34.73 -15.71
N MET A 1230 45.41 -36.01 -16.03
CA MET A 1230 44.33 -36.98 -15.84
C MET A 1230 44.88 -38.23 -15.17
N CYS A 1231 44.02 -39.22 -15.01
CA CYS A 1231 44.33 -40.45 -14.28
C CYS A 1231 43.93 -41.65 -15.12
N HIS A 1232 44.49 -42.81 -14.74
CA HIS A 1232 44.25 -44.05 -15.44
C HIS A 1232 42.80 -44.50 -15.25
N PRO A 1233 42.29 -45.37 -16.14
CA PRO A 1233 40.90 -45.82 -15.99
C PRO A 1233 40.63 -46.58 -14.71
N ASP A 1234 41.66 -47.17 -14.09
CA ASP A 1234 41.51 -47.85 -12.81
C ASP A 1234 41.83 -46.93 -11.64
N GLU A 1235 41.64 -45.62 -11.81
CA GLU A 1235 41.88 -44.62 -10.79
C GLU A 1235 40.71 -43.66 -10.73
N PHE A 1236 40.73 -42.81 -9.71
CA PHE A 1236 39.73 -41.78 -9.48
C PHE A 1236 40.51 -40.49 -9.26
N GLN A 1237 39.87 -39.37 -9.61
CA GLN A 1237 40.51 -38.05 -9.54
C GLN A 1237 39.73 -37.16 -8.58
N CYS A 1238 40.47 -36.29 -7.90
CA CYS A 1238 39.89 -35.41 -6.89
C CYS A 1238 39.64 -34.04 -7.49
N GLN A 1239 38.43 -33.52 -7.27
CA GLN A 1239 38.03 -32.24 -7.85
C GLN A 1239 38.89 -31.09 -7.35
N GLY A 1240 39.21 -31.08 -6.05
CA GLY A 1240 39.86 -29.94 -5.43
C GLY A 1240 41.36 -29.84 -5.63
N ASP A 1241 42.03 -30.92 -6.02
CA ASP A 1241 43.48 -30.91 -6.10
C ASP A 1241 44.04 -31.56 -7.37
N GLY A 1242 43.21 -32.12 -8.23
CA GLY A 1242 43.73 -32.73 -9.44
C GLY A 1242 44.71 -33.86 -9.18
N THR A 1243 44.40 -34.72 -8.22
CA THR A 1243 45.27 -35.80 -7.79
C THR A 1243 44.51 -37.11 -7.89
N CYS A 1244 45.27 -38.19 -8.12
CA CYS A 1244 44.71 -39.50 -8.44
C CYS A 1244 44.84 -40.44 -7.24
N ILE A 1245 43.77 -41.18 -6.98
CA ILE A 1245 43.72 -42.16 -5.90
C ILE A 1245 43.11 -43.44 -6.46
N PRO A 1246 43.26 -44.57 -5.76
CA PRO A 1246 42.70 -45.81 -6.28
C PRO A 1246 41.19 -45.75 -6.47
N ASN A 1247 40.71 -46.56 -7.42
CA ASN A 1247 39.29 -46.62 -7.73
C ASN A 1247 38.47 -47.08 -6.52
N THR A 1248 39.01 -48.02 -5.75
CA THR A 1248 38.29 -48.54 -4.59
C THR A 1248 38.04 -47.45 -3.56
N TRP A 1249 38.94 -46.49 -3.46
CA TRP A 1249 38.82 -45.49 -2.41
C TRP A 1249 37.61 -44.59 -2.61
N GLU A 1250 37.16 -44.43 -3.85
CA GLU A 1250 35.96 -43.65 -4.11
C GLU A 1250 34.76 -44.28 -3.41
N CYS A 1251 34.11 -43.52 -2.55
CA CYS A 1251 32.89 -43.93 -1.86
C CYS A 1251 33.10 -45.18 -1.03
N ASP A 1252 33.95 -45.06 -0.02
CA ASP A 1252 34.12 -46.07 1.01
C ASP A 1252 34.06 -45.46 2.40
N GLY A 1253 33.19 -44.46 2.55
CA GLY A 1253 32.93 -43.84 3.83
C GLY A 1253 33.98 -42.86 4.31
N HIS A 1254 35.23 -42.96 3.85
CA HIS A 1254 36.30 -42.11 4.34
C HIS A 1254 36.67 -41.04 3.33
N PRO A 1255 36.82 -39.76 3.72
CA PRO A 1255 37.25 -38.73 2.76
C PRO A 1255 38.75 -38.83 2.50
N ASP A 1256 39.11 -39.34 1.32
CA ASP A 1256 40.49 -39.41 0.90
C ASP A 1256 40.99 -38.13 0.25
N CYS A 1257 40.13 -37.44 -0.50
CA CYS A 1257 40.54 -36.23 -1.18
C CYS A 1257 40.71 -35.08 -0.19
N ILE A 1258 41.31 -34.00 -0.67
CA ILE A 1258 41.50 -32.81 0.15
C ILE A 1258 40.14 -32.24 0.56
N GLN A 1259 39.23 -32.11 -0.40
CA GLN A 1259 37.89 -31.64 -0.16
C GLN A 1259 36.90 -32.76 0.12
N GLY A 1260 37.39 -34.00 0.24
CA GLY A 1260 36.50 -35.11 0.54
C GLY A 1260 35.54 -35.44 -0.58
N SER A 1261 35.85 -35.01 -1.81
CA SER A 1261 34.94 -35.21 -2.93
C SER A 1261 34.82 -36.66 -3.35
N ASP A 1262 35.68 -37.55 -2.86
CA ASP A 1262 35.56 -38.97 -3.19
C ASP A 1262 34.37 -39.63 -2.51
N GLU A 1263 33.71 -38.94 -1.58
CA GLU A 1263 32.59 -39.46 -0.81
C GLU A 1263 31.31 -38.69 -1.15
N HIS A 1264 31.10 -38.45 -2.44
CA HIS A 1264 29.99 -37.65 -2.90
C HIS A 1264 28.65 -38.32 -2.61
N ASN A 1265 27.59 -37.53 -2.80
CA ASN A 1265 26.22 -37.89 -2.47
C ASN A 1265 25.62 -38.92 -3.42
N GLY A 1266 26.28 -39.23 -4.53
CA GLY A 1266 25.74 -40.11 -5.54
C GLY A 1266 25.80 -41.59 -5.23
N CYS A 1267 26.50 -41.98 -4.17
CA CYS A 1267 26.75 -43.37 -3.85
C CYS A 1267 25.67 -43.93 -2.92
N VAL A 1268 25.64 -45.26 -2.79
CA VAL A 1268 24.56 -45.99 -2.13
C VAL A 1268 25.15 -46.87 -1.04
N PRO A 1269 24.34 -47.25 -0.05
CA PRO A 1269 24.86 -47.92 1.15
C PRO A 1269 25.25 -49.38 0.93
N LYS A 1270 25.90 -49.92 1.95
CA LYS A 1270 26.19 -51.33 2.12
C LYS A 1270 25.38 -51.81 3.31
N THR A 1271 24.59 -52.87 3.11
CA THR A 1271 23.69 -53.34 4.17
C THR A 1271 24.45 -54.23 5.16
N ASN A 1350 18.84 -78.40 58.49
CA ASN A 1350 17.97 -79.48 58.92
C ASN A 1350 18.49 -80.80 58.32
N GLN A 1351 17.62 -81.80 58.18
CA GLN A 1351 18.03 -83.17 57.89
C GLN A 1351 18.41 -83.32 56.43
N ASP A 1352 19.67 -83.71 56.19
CA ASP A 1352 20.07 -84.22 54.90
C ASP A 1352 19.32 -85.50 54.58
N SER A 1353 18.94 -86.26 55.62
CA SER A 1353 18.21 -87.52 55.50
C SER A 1353 16.79 -87.33 55.00
N CYS A 1354 16.38 -86.11 54.66
CA CYS A 1354 15.19 -85.84 53.88
C CYS A 1354 15.09 -86.84 52.74
N LEU A 1355 16.21 -87.04 52.04
CA LEU A 1355 16.29 -87.98 50.93
C LEU A 1355 16.04 -89.41 51.37
N HIS A 1356 16.42 -89.77 52.59
CA HIS A 1356 16.38 -91.15 53.04
C HIS A 1356 15.06 -91.56 53.68
N PHE A 1357 14.45 -90.68 54.47
CA PHE A 1357 13.23 -90.98 55.21
C PHE A 1357 12.17 -89.90 55.02
N ASN A 1358 12.21 -89.14 53.93
CA ASN A 1358 11.29 -88.04 53.68
C ASN A 1358 11.34 -86.98 54.80
N GLY A 1359 12.43 -86.96 55.58
CA GLY A 1359 12.55 -85.99 56.65
C GLY A 1359 11.52 -86.15 57.75
N GLY A 1360 10.85 -87.29 57.82
CA GLY A 1360 9.75 -87.45 58.76
C GLY A 1360 8.52 -86.67 58.40
N CYS A 1361 8.51 -86.04 57.23
CA CYS A 1361 7.40 -85.20 56.81
C CYS A 1361 6.26 -86.05 56.25
N THR A 1362 5.04 -85.57 56.46
CA THR A 1362 3.85 -86.33 56.11
C THR A 1362 3.70 -86.53 54.60
N HIS A 1363 3.75 -85.44 53.83
CA HIS A 1363 3.47 -85.52 52.40
C HIS A 1363 4.73 -85.61 51.52
N ARG A 1364 5.60 -84.60 51.57
CA ARG A 1364 6.72 -84.56 50.64
C ARG A 1364 7.84 -83.70 51.18
N CYS A 1365 9.07 -84.18 50.96
CA CYS A 1365 10.29 -83.50 51.35
C CYS A 1365 11.18 -83.36 50.12
N ILE A 1366 11.87 -82.22 50.04
CA ILE A 1366 12.70 -81.84 48.92
C ILE A 1366 14.03 -81.33 49.45
N GLN A 1367 15.12 -81.70 48.77
CA GLN A 1367 16.45 -81.30 49.19
C GLN A 1367 16.64 -79.81 49.00
N GLY A 1368 17.50 -79.22 49.84
CA GLY A 1368 17.82 -77.83 49.74
C GLY A 1368 19.10 -77.49 50.48
N PRO A 1369 19.50 -76.22 50.45
CA PRO A 1369 20.76 -75.82 51.11
C PRO A 1369 20.76 -76.08 52.61
N PHE A 1370 19.59 -76.17 53.23
CA PHE A 1370 19.48 -76.47 54.65
C PHE A 1370 19.03 -77.90 54.89
N GLY A 1371 19.38 -78.80 53.96
CA GLY A 1371 19.10 -80.21 54.10
C GLY A 1371 17.69 -80.62 53.69
N ALA A 1372 16.70 -80.18 54.46
CA ALA A 1372 15.32 -80.57 54.28
C ALA A 1372 14.44 -79.34 54.06
N THR A 1373 13.50 -79.47 53.12
CA THR A 1373 12.37 -78.58 52.93
C THR A 1373 11.17 -79.49 52.79
N CYS A 1374 10.02 -79.10 53.34
CA CYS A 1374 8.84 -79.95 53.29
C CYS A 1374 7.63 -79.14 52.84
N VAL A 1375 6.75 -79.81 52.10
CA VAL A 1375 5.63 -79.15 51.45
C VAL A 1375 4.39 -80.06 51.50
N CYS A 1376 3.24 -79.41 51.61
CA CYS A 1376 1.93 -80.05 51.58
C CYS A 1376 1.14 -79.48 50.40
N PRO A 1377 0.23 -80.26 49.80
CA PRO A 1377 -0.42 -79.81 48.57
C PRO A 1377 -1.52 -78.78 48.79
N ILE A 1378 -2.21 -78.45 47.70
CA ILE A 1378 -3.29 -77.45 47.75
C ILE A 1378 -4.34 -77.86 48.76
N GLY A 1379 -4.82 -76.89 49.52
CA GLY A 1379 -5.83 -77.10 50.53
C GLY A 1379 -5.29 -77.58 51.86
N TYR A 1380 -4.02 -77.99 51.92
CA TYR A 1380 -3.39 -78.42 53.16
C TYR A 1380 -2.62 -77.26 53.79
N GLN A 1381 -2.12 -77.50 54.99
CA GLN A 1381 -1.37 -76.50 55.73
C GLN A 1381 -0.28 -77.21 56.53
N LEU A 1382 0.81 -76.49 56.77
CA LEU A 1382 2.00 -77.00 57.44
C LEU A 1382 2.18 -76.16 58.69
N ALA A 1383 2.66 -76.78 59.77
CA ALA A 1383 2.55 -76.29 61.12
C ALA A 1383 3.91 -76.14 61.81
N ASN A 1384 3.83 -75.89 63.13
CA ASN A 1384 4.97 -75.48 63.93
C ASN A 1384 6.14 -76.46 63.87
N ASP A 1385 5.88 -77.75 63.66
CA ASP A 1385 7.00 -78.68 63.55
C ASP A 1385 7.69 -78.60 62.19
N THR A 1386 7.12 -77.88 61.24
CA THR A 1386 7.66 -77.73 59.89
C THR A 1386 7.77 -79.06 59.16
N LYS A 1387 7.11 -80.11 59.65
CA LYS A 1387 7.19 -81.43 59.03
C LYS A 1387 5.84 -82.04 58.68
N THR A 1388 4.84 -81.89 59.53
CA THR A 1388 3.55 -82.52 59.28
C THR A 1388 2.67 -81.65 58.40
N CYS A 1389 1.54 -82.21 57.99
CA CYS A 1389 0.57 -81.56 57.13
C CYS A 1389 -0.78 -81.55 57.82
N GLU A 1390 -1.54 -80.47 57.61
CA GLU A 1390 -2.85 -80.30 58.23
C GLU A 1390 -3.82 -79.75 57.19
N ASP A 1391 -5.11 -79.97 57.45
CA ASP A 1391 -6.16 -79.62 56.50
C ASP A 1391 -6.86 -78.33 56.91
N VAL A 1392 -6.92 -77.38 55.97
CA VAL A 1392 -7.67 -76.16 56.17
C VAL A 1392 -9.15 -76.52 56.31
N ASN A 1393 -9.73 -76.21 57.46
CA ASN A 1393 -11.17 -76.37 57.65
C ASN A 1393 -11.82 -75.13 57.06
N GLU A 1394 -12.08 -75.20 55.76
CA GLU A 1394 -12.58 -74.04 55.03
C GLU A 1394 -13.89 -73.53 55.64
N CYS A 1395 -14.73 -74.45 56.11
CA CYS A 1395 -16.02 -74.04 56.66
C CYS A 1395 -15.88 -73.20 57.92
N ASP A 1396 -14.69 -73.18 58.54
CA ASP A 1396 -14.50 -72.31 59.69
C ASP A 1396 -14.40 -70.85 59.30
N ILE A 1397 -14.10 -70.54 58.05
CA ILE A 1397 -14.03 -69.16 57.61
C ILE A 1397 -15.47 -68.66 57.41
N PRO A 1398 -15.90 -67.60 58.07
CA PRO A 1398 -17.29 -67.15 57.89
C PRO A 1398 -17.52 -66.67 56.46
N GLY A 1399 -18.53 -67.24 55.81
CA GLY A 1399 -18.88 -66.83 54.48
C GLY A 1399 -18.01 -67.37 53.38
N PHE A 1400 -17.28 -68.47 53.62
CA PHE A 1400 -16.44 -69.03 52.57
C PHE A 1400 -17.32 -69.45 51.40
N CYS A 1401 -18.37 -70.21 51.67
CA CYS A 1401 -19.45 -70.46 50.74
C CYS A 1401 -20.74 -70.13 51.46
N SER A 1402 -21.75 -69.76 50.68
CA SER A 1402 -22.89 -69.01 51.16
C SER A 1402 -23.82 -69.77 52.10
N GLN A 1403 -24.12 -71.04 51.84
CA GLN A 1403 -25.19 -71.70 52.58
C GLN A 1403 -24.79 -72.94 53.37
N HIS A 1404 -24.25 -73.98 52.74
CA HIS A 1404 -23.87 -75.20 53.45
C HIS A 1404 -22.46 -75.60 53.05
N CYS A 1405 -21.68 -76.01 54.04
CA CYS A 1405 -20.27 -76.36 53.85
C CYS A 1405 -19.93 -77.61 54.64
N VAL A 1406 -19.18 -78.50 54.00
CA VAL A 1406 -18.68 -79.72 54.60
C VAL A 1406 -17.18 -79.79 54.33
N ASN A 1407 -16.40 -79.95 55.39
CA ASN A 1407 -14.96 -80.07 55.26
C ASN A 1407 -14.55 -81.45 54.78
N MET A 1408 -13.50 -81.48 53.97
CA MET A 1408 -12.90 -82.72 53.51
C MET A 1408 -11.39 -82.56 53.52
N ARG A 1409 -10.68 -83.68 53.50
CA ARG A 1409 -9.23 -83.67 53.47
C ARG A 1409 -8.73 -82.85 52.29
N GLY A 1410 -8.12 -81.70 52.57
CA GLY A 1410 -7.60 -80.85 51.51
C GLY A 1410 -8.64 -80.37 50.54
N SER A 1411 -9.91 -80.33 50.93
CA SER A 1411 -10.97 -79.97 50.01
C SER A 1411 -12.20 -79.55 50.80
N PHE A 1412 -13.23 -79.10 50.08
CA PHE A 1412 -14.48 -78.68 50.67
C PHE A 1412 -15.62 -79.06 49.73
N ARG A 1413 -16.83 -79.10 50.28
CA ARG A 1413 -18.04 -79.34 49.51
C ARG A 1413 -19.07 -78.34 49.98
N CYS A 1414 -19.81 -77.75 49.05
CA CYS A 1414 -20.79 -76.72 49.38
C CYS A 1414 -22.12 -76.99 48.69
N ALA A 1415 -23.20 -76.56 49.35
CA ALA A 1415 -24.56 -76.80 48.87
C ALA A 1415 -25.47 -75.61 49.17
N CYS A 1416 -26.50 -75.47 48.33
CA CYS A 1416 -27.51 -74.44 48.44
C CYS A 1416 -28.88 -75.08 48.64
N ASP A 1417 -29.80 -74.30 49.22
CA ASP A 1417 -31.16 -74.76 49.48
C ASP A 1417 -31.97 -74.84 48.18
N PRO A 1418 -33.14 -75.48 48.22
CA PRO A 1418 -33.91 -75.67 46.97
C PRO A 1418 -34.28 -74.38 46.26
N GLU A 1419 -34.47 -73.28 46.98
CA GLU A 1419 -34.77 -72.02 46.31
C GLU A 1419 -33.59 -71.47 45.52
N TYR A 1420 -32.40 -72.04 45.71
CA TYR A 1420 -31.16 -71.52 45.14
C TYR A 1420 -30.50 -72.56 44.25
N THR A 1421 -29.74 -72.05 43.28
CA THR A 1421 -28.88 -72.85 42.41
C THR A 1421 -27.44 -72.48 42.71
N LEU A 1422 -26.59 -73.50 42.85
CA LEU A 1422 -25.16 -73.26 43.00
C LEU A 1422 -24.59 -72.76 41.68
N GLU A 1423 -23.58 -71.88 41.75
CA GLU A 1423 -22.89 -71.36 40.53
C GLU A 1423 -21.74 -72.31 40.15
N SER A 1424 -21.01 -72.07 39.05
CA SER A 1424 -19.98 -73.01 38.54
C SER A 1424 -18.71 -73.02 39.39
N ASP A 1425 -18.41 -71.95 40.14
CA ASP A 1425 -17.14 -71.83 40.93
C ASP A 1425 -17.06 -72.89 42.03
N GLY A 1426 -18.15 -73.16 42.78
CA GLY A 1426 -18.21 -74.18 43.86
C GLY A 1426 -18.54 -73.60 45.23
N ARG A 1427 -18.62 -72.28 45.40
CA ARG A 1427 -18.97 -71.56 46.62
C ARG A 1427 -20.22 -70.69 46.55
N THR A 1428 -20.48 -70.03 45.43
CA THR A 1428 -21.57 -69.07 45.35
C THR A 1428 -22.91 -69.74 45.07
N CYS A 1429 -23.96 -69.15 45.63
CA CYS A 1429 -25.34 -69.55 45.43
C CYS A 1429 -26.12 -68.36 44.88
N LYS A 1430 -27.07 -68.64 43.99
CA LYS A 1430 -27.86 -67.61 43.34
C LYS A 1430 -29.31 -68.09 43.38
N VAL A 1431 -30.25 -67.18 43.13
CA VAL A 1431 -31.67 -67.46 43.33
C VAL A 1431 -32.29 -67.86 42.00
N THR A 1432 -33.08 -68.94 42.02
CA THR A 1432 -33.68 -69.49 40.83
C THR A 1432 -34.85 -68.66 40.32
N ALA A 1433 -35.56 -67.98 41.20
CA ALA A 1433 -36.73 -67.23 40.78
C ALA A 1433 -36.33 -66.09 39.86
N SER A 1434 -37.13 -65.91 38.80
CA SER A 1434 -36.86 -64.89 37.81
C SER A 1434 -37.15 -63.48 38.28
N GLU A 1435 -37.87 -63.31 39.38
CA GLU A 1435 -38.28 -61.97 39.80
C GLU A 1435 -37.10 -61.17 40.34
N ASN A 1436 -37.11 -59.87 40.05
CA ASN A 1436 -36.11 -58.96 40.57
C ASN A 1436 -36.25 -58.82 42.08
N LEU A 1437 -35.15 -58.43 42.72
CA LEU A 1437 -35.21 -58.02 44.11
C LEU A 1437 -36.04 -56.74 44.21
N LEU A 1438 -36.91 -56.69 45.21
CA LEU A 1438 -37.73 -55.51 45.47
C LEU A 1438 -37.46 -55.11 46.90
N LEU A 1439 -37.10 -53.85 47.12
CA LEU A 1439 -36.66 -53.36 48.42
C LEU A 1439 -37.56 -52.19 48.81
N VAL A 1440 -38.20 -52.29 49.97
CA VAL A 1440 -39.20 -51.33 50.38
C VAL A 1440 -38.73 -50.68 51.68
N VAL A 1441 -38.74 -49.35 51.69
CA VAL A 1441 -38.27 -48.54 52.80
C VAL A 1441 -39.42 -47.63 53.20
N ALA A 1442 -39.47 -47.30 54.49
CA ALA A 1442 -40.54 -46.54 55.08
C ALA A 1442 -40.07 -45.16 55.47
N SER A 1443 -40.67 -44.14 54.87
CA SER A 1443 -40.53 -42.75 55.23
C SER A 1443 -41.92 -42.27 55.59
N ARG A 1444 -41.99 -41.26 56.45
CA ARG A 1444 -43.25 -40.90 57.07
C ARG A 1444 -44.35 -40.62 56.05
N ASP A 1445 -44.02 -39.92 54.96
CA ASP A 1445 -45.00 -39.60 53.94
C ASP A 1445 -44.98 -40.54 52.74
N LYS A 1446 -44.04 -41.48 52.66
CA LYS A 1446 -43.87 -42.27 51.46
C LYS A 1446 -43.34 -43.66 51.77
N ILE A 1447 -44.00 -44.67 51.21
CA ILE A 1447 -43.47 -46.03 51.18
C ILE A 1447 -42.66 -46.11 49.89
N ILE A 1448 -41.34 -45.96 50.02
CA ILE A 1448 -40.46 -46.00 48.86
C ILE A 1448 -40.23 -47.45 48.49
N MET A 1449 -40.20 -47.71 47.18
CA MET A 1449 -39.91 -49.03 46.64
C MET A 1449 -38.84 -48.90 45.58
N ASP A 1450 -37.88 -49.81 45.64
CA ASP A 1450 -36.75 -49.89 44.73
C ASP A 1450 -36.73 -51.26 44.08
N ASN A 1451 -36.41 -51.25 42.80
CA ASN A 1451 -36.43 -52.43 41.95
C ASN A 1451 -35.02 -52.59 41.42
N ILE A 1452 -34.45 -53.79 41.57
CA ILE A 1452 -33.04 -54.04 41.31
C ILE A 1452 -32.92 -54.95 40.09
N THR A 1453 -32.08 -54.54 39.14
CA THR A 1453 -31.84 -55.29 37.90
C THR A 1453 -30.35 -55.25 37.59
N ALA A 1454 -29.66 -56.36 37.84
CA ALA A 1454 -28.23 -56.49 37.53
C ALA A 1454 -27.42 -55.30 38.07
N HIS A 1455 -27.68 -54.98 39.34
CA HIS A 1455 -27.00 -53.88 40.04
C HIS A 1455 -27.34 -52.51 39.46
N THR A 1456 -28.55 -52.35 38.93
CA THR A 1456 -29.10 -51.06 38.55
C THR A 1456 -30.40 -50.88 39.31
N HIS A 1457 -30.72 -49.62 39.63
CA HIS A 1457 -31.79 -49.28 40.54
C HIS A 1457 -32.90 -48.50 39.85
N ASN A 1458 -34.12 -48.66 40.38
CA ASN A 1458 -35.26 -47.86 39.95
C ASN A 1458 -36.11 -47.61 41.19
N ILE A 1459 -36.32 -46.33 41.54
CA ILE A 1459 -36.93 -45.92 42.79
C ILE A 1459 -38.20 -45.14 42.52
N TYR A 1460 -39.29 -45.52 43.20
CA TYR A 1460 -40.57 -44.83 43.10
C TYR A 1460 -41.32 -44.97 44.42
N SER A 1461 -42.47 -44.30 44.51
CA SER A 1461 -43.27 -44.26 45.73
C SER A 1461 -44.60 -44.93 45.44
N LEU A 1462 -44.94 -45.95 46.23
CA LEU A 1462 -46.08 -46.82 45.96
C LEU A 1462 -47.45 -46.23 46.28
N VAL A 1463 -47.73 -46.02 47.57
CA VAL A 1463 -49.07 -45.79 48.06
C VAL A 1463 -49.29 -44.32 48.41
N GLN A 1464 -50.42 -43.80 47.96
CA GLN A 1464 -50.83 -42.43 48.24
C GLN A 1464 -51.55 -42.35 49.58
N ASP A 1465 -51.42 -41.20 50.23
CA ASP A 1465 -52.11 -40.90 51.49
C ASP A 1465 -51.71 -41.85 52.61
N VAL A 1466 -50.41 -41.89 52.89
CA VAL A 1466 -49.85 -42.52 54.07
C VAL A 1466 -49.32 -41.40 54.95
N SER A 1467 -49.63 -41.46 56.24
CA SER A 1467 -49.31 -40.36 57.15
C SER A 1467 -47.94 -40.49 57.82
N PHE A 1468 -47.71 -41.58 58.56
CA PHE A 1468 -46.42 -41.79 59.22
C PHE A 1468 -46.16 -43.29 59.29
N VAL A 1469 -45.46 -43.83 58.30
CA VAL A 1469 -45.20 -45.26 58.23
C VAL A 1469 -44.00 -45.57 59.11
N VAL A 1470 -44.11 -46.66 59.88
CA VAL A 1470 -43.06 -47.08 60.81
C VAL A 1470 -42.58 -48.49 60.52
N ALA A 1471 -43.50 -49.43 60.32
CA ALA A 1471 -43.18 -50.85 60.20
C ALA A 1471 -43.75 -51.43 58.91
N LEU A 1472 -43.00 -52.37 58.34
CA LEU A 1472 -43.26 -52.99 57.05
C LEU A 1472 -43.05 -54.50 57.12
N ASP A 1473 -43.85 -55.22 56.35
CA ASP A 1473 -43.65 -56.65 56.08
C ASP A 1473 -44.35 -56.98 54.77
N PHE A 1474 -44.18 -58.22 54.29
CA PHE A 1474 -44.84 -58.65 53.07
C PHE A 1474 -45.30 -60.11 53.17
N ASP A 1475 -46.32 -60.42 52.38
CA ASP A 1475 -46.87 -61.76 52.24
C ASP A 1475 -46.69 -62.18 50.80
N SER A 1476 -46.05 -63.34 50.59
CA SER A 1476 -45.78 -63.85 49.26
C SER A 1476 -46.96 -64.59 48.65
N VAL A 1477 -47.83 -65.16 49.48
CA VAL A 1477 -48.96 -65.92 48.94
C VAL A 1477 -49.92 -64.99 48.23
N THR A 1478 -50.28 -63.88 48.85
CA THR A 1478 -51.18 -62.91 48.25
C THR A 1478 -50.44 -61.85 47.44
N GLY A 1479 -49.11 -61.78 47.53
CA GLY A 1479 -48.38 -60.76 46.82
C GLY A 1479 -48.68 -59.38 47.35
N ARG A 1480 -48.68 -59.23 48.66
CA ARG A 1480 -49.12 -58.00 49.31
C ARG A 1480 -48.08 -57.50 50.29
N VAL A 1481 -48.13 -56.20 50.53
CA VAL A 1481 -47.25 -55.51 51.48
C VAL A 1481 -48.12 -54.95 52.59
N PHE A 1482 -47.63 -55.07 53.82
CA PHE A 1482 -48.32 -54.66 55.03
C PHE A 1482 -47.48 -53.57 55.68
N TRP A 1483 -48.15 -52.53 56.18
CA TRP A 1483 -47.44 -51.48 56.89
C TRP A 1483 -48.31 -50.93 57.99
N SER A 1484 -47.68 -50.24 58.95
CA SER A 1484 -48.41 -49.61 60.04
C SER A 1484 -48.14 -48.12 60.10
N ASP A 1485 -49.18 -47.38 60.50
CA ASP A 1485 -49.17 -45.93 60.53
C ASP A 1485 -49.39 -45.47 61.97
N LEU A 1486 -48.49 -44.58 62.41
CA LEU A 1486 -48.42 -44.08 63.77
C LEU A 1486 -49.38 -42.94 64.04
N LEU A 1487 -49.66 -42.11 63.05
CA LEU A 1487 -50.60 -41.01 63.25
C LEU A 1487 -52.03 -41.52 63.16
N GLU A 1488 -52.26 -42.48 62.29
CA GLU A 1488 -53.58 -43.05 62.11
C GLU A 1488 -53.86 -44.11 63.15
N GLY A 1489 -52.82 -44.71 63.73
CA GLY A 1489 -53.02 -45.78 64.68
C GLY A 1489 -53.61 -46.99 63.98
N LYS A 1490 -53.08 -47.34 62.82
CA LYS A 1490 -53.70 -48.38 62.01
C LYS A 1490 -52.67 -49.21 61.27
N THR A 1491 -53.12 -50.37 60.80
CA THR A 1491 -52.32 -51.26 59.96
C THR A 1491 -53.06 -51.45 58.65
N TRP A 1492 -52.32 -51.40 57.55
CA TRP A 1492 -52.85 -51.43 56.20
C TRP A 1492 -52.15 -52.49 55.38
N SER A 1493 -52.86 -52.97 54.37
CA SER A 1493 -52.34 -53.95 53.42
C SER A 1493 -52.70 -53.48 52.02
N ALA A 1494 -51.77 -53.71 51.09
CA ALA A 1494 -51.98 -53.34 49.71
C ALA A 1494 -51.23 -54.33 48.81
N PHE A 1495 -51.44 -54.20 47.51
CA PHE A 1495 -50.68 -54.97 46.55
C PHE A 1495 -49.35 -54.29 46.30
N GLN A 1496 -48.42 -55.04 45.70
CA GLN A 1496 -47.09 -54.51 45.45
C GLN A 1496 -47.09 -53.45 44.36
N ASN A 1497 -48.21 -53.24 43.67
CA ASN A 1497 -48.37 -52.16 42.70
C ASN A 1497 -49.15 -50.98 43.26
N GLY A 1498 -49.40 -50.95 44.57
CA GLY A 1498 -50.05 -49.84 45.21
C GLY A 1498 -51.56 -49.88 45.24
N THR A 1499 -52.18 -50.93 44.72
CA THR A 1499 -53.63 -51.02 44.63
C THR A 1499 -54.22 -51.82 45.79
N ASP A 1500 -55.54 -51.69 45.94
CA ASP A 1500 -56.35 -52.44 46.90
C ASP A 1500 -55.91 -52.16 48.34
N LYS A 1501 -55.78 -50.87 48.65
CA LYS A 1501 -55.48 -50.45 50.00
C LYS A 1501 -56.66 -50.77 50.91
N ARG A 1502 -56.44 -51.65 51.90
CA ARG A 1502 -57.48 -52.01 52.85
C ARG A 1502 -56.85 -52.25 54.21
N VAL A 1503 -57.65 -52.07 55.26
CA VAL A 1503 -57.16 -51.95 56.63
C VAL A 1503 -57.28 -53.29 57.34
N VAL A 1504 -56.19 -53.72 57.97
CA VAL A 1504 -56.14 -54.97 58.72
C VAL A 1504 -56.59 -54.77 60.16
N HIS A 1505 -55.96 -53.83 60.86
CA HIS A 1505 -56.28 -53.49 62.23
C HIS A 1505 -56.79 -52.06 62.27
N ASP A 1506 -58.02 -51.88 62.74
CA ASP A 1506 -58.64 -50.57 62.79
C ASP A 1506 -58.51 -49.88 64.15
N SER A 1507 -58.13 -50.62 65.20
CA SER A 1507 -58.05 -50.04 66.53
C SER A 1507 -57.13 -50.91 67.38
N GLY A 1508 -56.72 -50.34 68.52
CA GLY A 1508 -55.92 -51.04 69.49
C GLY A 1508 -54.43 -50.95 69.30
N LEU A 1509 -53.96 -50.15 68.35
CA LEU A 1509 -52.54 -49.96 68.09
C LEU A 1509 -52.13 -48.57 68.54
N SER A 1510 -51.03 -48.48 69.28
CA SER A 1510 -50.56 -47.23 69.87
C SER A 1510 -49.23 -46.80 69.30
N LEU A 1511 -48.23 -47.67 69.32
CA LEU A 1511 -46.94 -47.41 68.66
C LEU A 1511 -46.38 -48.77 68.25
N THR A 1512 -46.68 -49.17 67.02
CA THR A 1512 -46.25 -50.46 66.49
C THR A 1512 -44.80 -50.33 66.02
N GLU A 1513 -43.89 -51.00 66.71
CA GLU A 1513 -42.48 -50.93 66.36
C GLU A 1513 -42.11 -51.85 65.21
N MET A 1514 -42.66 -53.06 65.19
CA MET A 1514 -42.27 -54.05 64.20
C MET A 1514 -43.40 -55.03 63.93
N ILE A 1515 -43.50 -55.44 62.66
CA ILE A 1515 -44.49 -56.40 62.19
C ILE A 1515 -43.76 -57.59 61.59
N ALA A 1516 -44.31 -58.76 61.82
CA ALA A 1516 -43.87 -60.00 61.20
C ALA A 1516 -45.11 -60.69 60.65
N VAL A 1517 -44.94 -61.42 59.54
CA VAL A 1517 -46.04 -62.12 58.91
C VAL A 1517 -45.66 -63.59 58.76
N ASP A 1518 -46.55 -64.47 59.20
CA ASP A 1518 -46.36 -65.91 59.12
C ASP A 1518 -47.17 -66.37 57.92
N TRP A 1519 -46.46 -66.75 56.86
CA TRP A 1519 -47.05 -67.14 55.58
C TRP A 1519 -47.52 -68.59 55.56
N ILE A 1520 -47.10 -69.39 56.53
CA ILE A 1520 -47.54 -70.78 56.61
C ILE A 1520 -48.83 -70.88 57.40
N GLY A 1521 -48.85 -70.28 58.58
CA GLY A 1521 -50.01 -70.29 59.44
C GLY A 1521 -51.05 -69.24 59.12
N ARG A 1522 -50.82 -68.39 58.11
CA ARG A 1522 -51.75 -67.32 57.77
C ARG A 1522 -52.01 -66.43 58.98
N ASN A 1523 -50.91 -65.88 59.50
CA ASN A 1523 -50.93 -65.19 60.78
C ASN A 1523 -50.05 -63.95 60.72
N ILE A 1524 -50.27 -63.03 61.66
CA ILE A 1524 -49.51 -61.79 61.73
C ILE A 1524 -49.18 -61.47 63.18
N TYR A 1525 -47.94 -61.02 63.41
CA TYR A 1525 -47.42 -60.73 64.73
C TYR A 1525 -46.92 -59.29 64.73
N TRP A 1526 -47.01 -58.62 65.88
CA TRP A 1526 -46.48 -57.28 65.96
C TRP A 1526 -46.13 -56.94 67.40
N THR A 1527 -45.23 -55.97 67.56
CA THR A 1527 -44.81 -55.50 68.88
C THR A 1527 -45.26 -54.07 69.09
N ASP A 1528 -45.56 -53.73 70.35
CA ASP A 1528 -45.98 -52.39 70.72
C ASP A 1528 -45.16 -51.92 71.92
N TYR A 1529 -44.62 -50.71 71.77
CA TYR A 1529 -43.77 -50.07 72.78
C TYR A 1529 -44.57 -49.58 73.98
N THR A 1530 -45.67 -48.87 73.74
CA THR A 1530 -46.42 -48.27 74.84
C THR A 1530 -47.22 -49.31 75.60
N LEU A 1531 -47.85 -50.23 74.88
CA LEU A 1531 -48.56 -51.30 75.55
C LEU A 1531 -47.60 -52.33 76.13
N GLU A 1532 -46.34 -52.31 75.69
CA GLU A 1532 -45.31 -53.21 76.20
C GLU A 1532 -45.74 -54.66 75.94
N THR A 1533 -46.03 -54.94 74.66
CA THR A 1533 -46.62 -56.23 74.33
C THR A 1533 -46.18 -56.75 72.97
N ILE A 1534 -46.25 -58.07 72.86
CA ILE A 1534 -46.12 -58.79 71.61
C ILE A 1534 -47.47 -59.48 71.40
N GLU A 1535 -48.06 -59.26 70.23
CA GLU A 1535 -49.43 -59.62 69.95
C GLU A 1535 -49.51 -60.33 68.62
N VAL A 1536 -50.48 -61.22 68.52
CA VAL A 1536 -50.64 -62.12 67.38
C VAL A 1536 -52.09 -62.07 66.96
N SER A 1537 -52.33 -62.23 65.67
CA SER A 1537 -53.69 -62.25 65.17
C SER A 1537 -53.72 -62.98 63.84
N LYS A 1538 -54.93 -63.26 63.39
CA LYS A 1538 -55.09 -63.80 62.04
C LYS A 1538 -54.61 -62.76 61.05
N ILE A 1539 -54.15 -63.22 59.89
CA ILE A 1539 -53.56 -62.29 58.94
C ILE A 1539 -54.57 -61.27 58.42
N ASP A 1540 -55.87 -61.54 58.59
CA ASP A 1540 -56.90 -60.57 58.26
C ASP A 1540 -57.26 -59.67 59.44
N GLY A 1541 -56.67 -59.89 60.62
CA GLY A 1541 -56.97 -59.08 61.77
C GLY A 1541 -58.22 -59.44 62.52
N SER A 1542 -58.86 -60.56 62.18
CA SER A 1542 -60.17 -60.88 62.75
C SER A 1542 -60.07 -61.22 64.23
N HIS A 1543 -59.15 -62.10 64.59
CA HIS A 1543 -58.98 -62.58 65.97
C HIS A 1543 -57.57 -62.27 66.43
N ARG A 1544 -57.46 -61.61 67.59
CA ARG A 1544 -56.18 -61.16 68.13
C ARG A 1544 -56.03 -61.60 69.57
N THR A 1545 -54.77 -61.76 69.97
CA THR A 1545 -54.37 -62.27 71.28
C THR A 1545 -53.06 -61.59 71.66
N VAL A 1546 -52.81 -61.52 72.96
CA VAL A 1546 -51.56 -61.01 73.50
C VAL A 1546 -50.77 -62.25 73.92
N LEU A 1547 -49.58 -62.41 73.34
CA LEU A 1547 -48.82 -63.64 73.46
C LEU A 1547 -47.71 -63.59 74.50
N ILE A 1548 -46.95 -62.49 74.55
CA ILE A 1548 -45.95 -62.30 75.58
C ILE A 1548 -46.16 -60.93 76.20
N SER A 1549 -46.35 -60.89 77.51
CA SER A 1549 -46.42 -59.65 78.27
C SER A 1549 -45.54 -59.64 79.50
N LYS A 1550 -45.18 -60.80 80.05
CA LYS A 1550 -44.30 -60.83 81.20
C LYS A 1550 -42.88 -60.46 80.80
N ASN A 1551 -42.23 -59.66 81.64
CA ASN A 1551 -40.86 -59.23 81.43
C ASN A 1551 -40.65 -58.65 80.04
N VAL A 1552 -41.54 -57.73 79.66
CA VAL A 1552 -41.45 -56.99 78.41
C VAL A 1552 -41.55 -55.52 78.75
N THR A 1553 -40.56 -54.74 78.35
CA THR A 1553 -40.48 -53.33 78.67
C THR A 1553 -40.46 -52.44 77.43
N LYS A 1554 -39.57 -52.72 76.47
CA LYS A 1554 -39.42 -51.91 75.27
C LYS A 1554 -39.12 -52.82 74.08
N PRO A 1555 -40.13 -53.55 73.60
CA PRO A 1555 -39.91 -54.47 72.47
C PRO A 1555 -39.91 -53.72 71.14
N ARG A 1556 -38.78 -53.78 70.44
CA ARG A 1556 -38.59 -53.05 69.18
C ARG A 1556 -38.43 -53.95 67.96
N GLY A 1557 -37.88 -55.15 68.11
CA GLY A 1557 -37.57 -55.98 66.97
C GLY A 1557 -38.20 -57.35 67.09
N LEU A 1558 -38.55 -57.91 65.93
CA LEU A 1558 -39.34 -59.13 65.81
C LEU A 1558 -38.98 -59.86 64.53
N ALA A 1559 -38.81 -61.19 64.64
CA ALA A 1559 -38.50 -62.03 63.49
C ALA A 1559 -39.08 -63.42 63.71
N LEU A 1560 -39.35 -64.12 62.61
CA LEU A 1560 -39.98 -65.43 62.64
C LEU A 1560 -39.29 -66.42 61.72
N ASP A 1561 -39.32 -67.68 62.13
CA ASP A 1561 -39.00 -68.83 61.28
C ASP A 1561 -40.18 -69.78 61.47
N PRO A 1562 -41.09 -69.87 60.50
CA PRO A 1562 -42.24 -70.77 60.63
C PRO A 1562 -42.08 -72.14 60.02
N ARG A 1563 -40.90 -72.47 59.48
CA ARG A 1563 -40.71 -73.74 58.81
C ARG A 1563 -40.95 -74.90 59.76
N MET A 1564 -41.44 -76.00 59.19
CA MET A 1564 -41.76 -77.20 59.97
C MET A 1564 -40.54 -77.68 60.73
N GLY A 1565 -40.67 -77.76 62.05
CA GLY A 1565 -39.62 -78.18 62.94
C GLY A 1565 -38.85 -77.04 63.58
N ASP A 1566 -38.89 -75.85 62.99
CA ASP A 1566 -38.30 -74.68 63.62
C ASP A 1566 -39.33 -73.97 64.49
N ASN A 1567 -40.40 -73.47 63.86
CA ASN A 1567 -41.57 -72.89 64.52
C ASN A 1567 -41.18 -71.99 65.68
N VAL A 1568 -40.31 -71.03 65.39
CA VAL A 1568 -39.66 -70.22 66.41
C VAL A 1568 -39.75 -68.75 66.06
N MET A 1569 -39.78 -67.92 67.09
CA MET A 1569 -39.86 -66.47 66.97
C MET A 1569 -38.78 -65.85 67.84
N PHE A 1570 -38.33 -64.67 67.44
CA PHE A 1570 -37.27 -63.94 68.14
C PHE A 1570 -37.71 -62.50 68.29
N TRP A 1571 -37.39 -61.88 69.42
CA TRP A 1571 -37.67 -60.47 69.61
C TRP A 1571 -36.58 -59.83 70.46
N SER A 1572 -36.49 -58.51 70.35
CA SER A 1572 -35.48 -57.74 71.07
C SER A 1572 -36.14 -56.72 71.99
N ASP A 1573 -35.52 -56.52 73.15
CA ASP A 1573 -35.99 -55.56 74.15
C ASP A 1573 -34.80 -54.69 74.56
N TRP A 1574 -34.99 -53.37 74.49
CA TRP A 1574 -33.96 -52.40 74.83
C TRP A 1574 -34.21 -51.68 76.15
N GLY A 1575 -35.09 -52.21 76.98
CA GLY A 1575 -35.26 -51.73 78.33
C GLY A 1575 -34.09 -52.19 79.18
N HIS A 1576 -34.23 -52.00 80.49
CA HIS A 1576 -33.12 -52.32 81.38
C HIS A 1576 -32.88 -53.82 81.30
N HIS A 1577 -31.61 -54.21 81.37
CA HIS A 1577 -31.15 -55.55 81.05
C HIS A 1577 -31.56 -55.85 79.61
N PRO A 1578 -31.04 -55.10 78.64
CA PRO A 1578 -31.43 -55.31 77.24
C PRO A 1578 -31.06 -56.72 76.80
N ARG A 1579 -31.90 -57.27 75.93
CA ARG A 1579 -31.75 -58.68 75.59
C ARG A 1579 -32.43 -59.00 74.27
N ILE A 1580 -32.05 -60.15 73.73
CA ILE A 1580 -32.72 -60.78 72.61
C ILE A 1580 -33.21 -62.12 73.12
N GLU A 1581 -34.48 -62.41 72.86
CA GLU A 1581 -35.16 -63.56 73.39
C GLU A 1581 -35.76 -64.37 72.26
N ARG A 1582 -35.81 -65.68 72.48
CA ARG A 1582 -36.35 -66.65 71.54
C ARG A 1582 -37.52 -67.32 72.22
N ALA A 1583 -38.55 -67.63 71.45
CA ALA A 1583 -39.70 -68.34 71.98
C ALA A 1583 -40.30 -69.21 70.91
N SER A 1584 -41.24 -70.04 71.33
CA SER A 1584 -42.03 -70.80 70.39
C SER A 1584 -43.12 -69.89 69.85
N MET A 1585 -43.55 -70.14 68.61
CA MET A 1585 -44.49 -69.23 67.99
C MET A 1585 -45.85 -69.21 68.68
N ASP A 1586 -46.07 -70.07 69.68
CA ASP A 1586 -47.25 -70.01 70.54
C ASP A 1586 -46.93 -69.53 71.94
N GLY A 1587 -45.69 -69.09 72.19
CA GLY A 1587 -45.31 -68.60 73.49
C GLY A 1587 -45.08 -69.65 74.55
N THR A 1588 -45.14 -70.94 74.20
CA THR A 1588 -45.06 -72.00 75.20
C THR A 1588 -43.64 -72.25 75.71
N MET A 1589 -42.63 -71.81 74.98
CA MET A 1589 -41.24 -71.94 75.40
C MET A 1589 -40.59 -70.58 75.23
N ARG A 1590 -39.73 -70.21 76.19
CA ARG A 1590 -39.09 -68.91 76.21
C ARG A 1590 -37.66 -69.04 76.73
N THR A 1591 -36.74 -68.32 76.09
CA THR A 1591 -35.34 -68.34 76.40
C THR A 1591 -34.72 -67.00 76.02
N VAL A 1592 -33.55 -66.74 76.60
CA VAL A 1592 -32.78 -65.52 76.33
C VAL A 1592 -31.48 -65.99 75.69
N ILE A 1593 -31.17 -65.47 74.50
CA ILE A 1593 -30.08 -65.98 73.69
C ILE A 1593 -28.93 -65.00 73.54
N VAL A 1594 -29.18 -63.70 73.59
CA VAL A 1594 -28.13 -62.69 73.63
C VAL A 1594 -28.42 -61.84 74.85
N GLN A 1595 -27.46 -61.78 75.77
CA GLN A 1595 -27.62 -61.11 77.05
C GLN A 1595 -26.47 -60.22 77.44
N GLU A 1596 -25.36 -60.23 76.71
CA GLU A 1596 -24.16 -59.47 77.06
C GLU A 1596 -23.64 -58.76 75.84
N LYS A 1597 -22.93 -57.66 76.08
CA LYS A 1597 -22.43 -56.78 75.03
C LYS A 1597 -23.59 -56.36 74.13
N ILE A 1598 -24.57 -55.71 74.76
CA ILE A 1598 -25.82 -55.35 74.13
C ILE A 1598 -26.40 -54.15 74.85
N TYR A 1599 -26.72 -53.11 74.07
CA TYR A 1599 -27.20 -51.84 74.61
C TYR A 1599 -27.91 -51.15 73.45
N TRP A 1600 -29.24 -51.05 73.54
CA TRP A 1600 -30.10 -50.57 72.47
C TRP A 1600 -30.08 -51.50 71.25
N PRO A 1601 -30.53 -52.77 71.39
CA PRO A 1601 -30.70 -53.67 70.25
C PRO A 1601 -31.97 -53.32 69.49
N CYS A 1602 -31.79 -52.87 68.25
CA CYS A 1602 -32.88 -52.33 67.45
C CYS A 1602 -33.67 -53.35 66.62
N GLY A 1603 -33.03 -54.01 65.68
CA GLY A 1603 -33.74 -54.78 64.66
C GLY A 1603 -33.15 -56.15 64.44
N LEU A 1604 -34.01 -57.06 63.99
CA LEU A 1604 -33.70 -58.46 63.80
C LEU A 1604 -34.07 -58.92 62.41
N SER A 1605 -33.26 -59.84 61.87
CA SER A 1605 -33.52 -60.48 60.60
C SER A 1605 -32.95 -61.89 60.67
N ILE A 1606 -33.49 -62.78 59.82
CA ILE A 1606 -33.15 -64.19 59.85
C ILE A 1606 -32.67 -64.64 58.48
N ASP A 1607 -31.66 -65.50 58.49
CA ASP A 1607 -31.11 -66.14 57.30
C ASP A 1607 -31.51 -67.60 57.41
N TYR A 1608 -32.35 -68.05 56.50
CA TYR A 1608 -33.01 -69.34 56.59
C TYR A 1608 -32.11 -70.51 56.16
N PRO A 1609 -31.32 -70.40 55.08
CA PRO A 1609 -30.41 -71.51 54.76
C PRO A 1609 -29.44 -71.83 55.87
N ASN A 1610 -28.81 -70.81 56.46
CA ASN A 1610 -27.85 -70.99 57.53
C ASN A 1610 -28.48 -71.07 58.90
N ARG A 1611 -29.75 -70.69 59.04
CA ARG A 1611 -30.43 -70.64 60.33
C ARG A 1611 -29.65 -69.77 61.30
N LEU A 1612 -29.50 -68.51 60.91
CA LEU A 1612 -28.79 -67.50 61.67
C LEU A 1612 -29.70 -66.31 61.93
N ILE A 1613 -29.44 -65.65 63.05
CA ILE A 1613 -30.16 -64.46 63.49
C ILE A 1613 -29.22 -63.29 63.33
N TYR A 1614 -29.69 -62.23 62.70
CA TYR A 1614 -28.91 -61.03 62.46
C TYR A 1614 -29.51 -59.94 63.31
N PHE A 1615 -28.67 -59.30 64.14
CA PHE A 1615 -29.12 -58.31 65.10
C PHE A 1615 -28.16 -57.14 65.10
N MET A 1616 -28.71 -55.99 65.43
CA MET A 1616 -28.08 -54.70 65.24
C MET A 1616 -28.28 -53.87 66.49
N ASP A 1617 -27.24 -53.13 66.86
CA ASP A 1617 -27.19 -52.37 68.10
C ASP A 1617 -26.77 -50.94 67.78
N ALA A 1618 -27.49 -49.97 68.37
CA ALA A 1618 -27.33 -48.56 68.05
C ALA A 1618 -26.50 -47.78 69.06
N TYR A 1619 -26.18 -48.34 70.21
CA TYR A 1619 -25.32 -47.69 71.19
C TYR A 1619 -23.89 -48.15 71.05
N LEU A 1620 -23.69 -49.46 70.96
CA LEU A 1620 -22.39 -50.02 70.64
C LEU A 1620 -22.13 -50.02 69.13
N ASP A 1621 -23.13 -49.66 68.33
CA ASP A 1621 -23.00 -49.40 66.90
C ASP A 1621 -22.40 -50.60 66.15
N TYR A 1622 -23.16 -51.70 66.14
CA TYR A 1622 -22.68 -52.89 65.46
C TYR A 1622 -23.79 -53.65 64.75
N ILE A 1623 -23.37 -54.47 63.80
CA ILE A 1623 -24.17 -55.51 63.18
C ILE A 1623 -23.48 -56.84 63.47
N GLU A 1624 -24.23 -57.80 64.01
CA GLU A 1624 -23.70 -59.10 64.37
C GLU A 1624 -24.67 -60.17 63.92
N PHE A 1625 -24.16 -61.38 63.77
CA PHE A 1625 -25.01 -62.52 63.52
C PHE A 1625 -24.62 -63.63 64.49
N CYS A 1626 -25.63 -64.37 64.92
CA CYS A 1626 -25.46 -65.49 65.84
C CYS A 1626 -26.33 -66.64 65.39
N ASP A 1627 -26.25 -67.75 66.10
CA ASP A 1627 -27.09 -68.90 65.80
C ASP A 1627 -28.32 -68.89 66.71
N TYR A 1628 -29.29 -69.75 66.38
CA TYR A 1628 -30.58 -69.72 67.06
C TYR A 1628 -30.46 -69.87 68.56
N ASP A 1629 -29.40 -70.52 69.04
CA ASP A 1629 -29.16 -70.64 70.47
C ASP A 1629 -28.24 -69.56 71.02
N GLY A 1630 -27.66 -68.73 70.17
CA GLY A 1630 -26.78 -67.69 70.65
C GLY A 1630 -25.42 -68.18 71.08
N GLN A 1631 -25.00 -69.37 70.63
CA GLN A 1631 -23.75 -69.97 71.09
C GLN A 1631 -22.63 -69.84 70.08
N ASN A 1632 -22.93 -69.37 68.87
CA ASN A 1632 -21.96 -68.92 67.90
C ASN A 1632 -22.36 -67.49 67.55
N ARG A 1633 -21.37 -66.59 67.56
CA ARG A 1633 -21.57 -65.16 67.43
C ARG A 1633 -20.42 -64.56 66.65
N ARG A 1634 -20.75 -63.63 65.74
CA ARG A 1634 -19.77 -63.05 64.84
C ARG A 1634 -20.21 -61.63 64.53
N GLN A 1635 -19.24 -60.81 64.12
CA GLN A 1635 -19.44 -59.40 63.81
C GLN A 1635 -19.27 -59.16 62.32
N VAL A 1636 -20.24 -58.46 61.72
CA VAL A 1636 -20.16 -58.10 60.31
C VAL A 1636 -19.52 -56.73 60.23
N ILE A 1637 -20.19 -55.73 60.82
CA ILE A 1637 -19.67 -54.38 60.92
C ILE A 1637 -19.53 -54.06 62.40
N ALA A 1638 -18.32 -53.70 62.82
CA ALA A 1638 -18.06 -53.33 64.19
C ALA A 1638 -16.85 -52.41 64.22
N SER A 1639 -16.83 -51.50 65.18
CA SER A 1639 -15.75 -50.52 65.31
C SER A 1639 -15.59 -49.74 64.02
N ASP A 1640 -16.71 -49.36 63.41
CA ASP A 1640 -16.75 -48.65 62.15
C ASP A 1640 -17.69 -47.46 62.30
N LEU A 1641 -17.21 -46.28 61.90
CA LEU A 1641 -17.98 -45.05 62.01
C LEU A 1641 -19.09 -44.93 60.98
N VAL A 1642 -19.28 -45.94 60.12
CA VAL A 1642 -20.39 -45.89 59.16
C VAL A 1642 -21.72 -45.94 59.89
N LEU A 1643 -21.79 -46.68 60.99
CA LEU A 1643 -23.02 -46.83 61.75
C LEU A 1643 -23.13 -45.69 62.77
N HIS A 1644 -24.23 -44.95 62.70
CA HIS A 1644 -24.52 -43.88 63.63
C HIS A 1644 -25.73 -44.21 64.49
N HIS A 1645 -26.88 -44.46 63.87
CA HIS A 1645 -28.08 -44.90 64.57
C HIS A 1645 -28.86 -45.85 63.67
N PRO A 1646 -28.41 -47.10 63.55
CA PRO A 1646 -29.17 -48.06 62.75
C PRO A 1646 -30.52 -48.34 63.38
N HIS A 1647 -31.51 -48.64 62.52
CA HIS A 1647 -32.84 -49.02 62.99
C HIS A 1647 -33.28 -50.40 62.51
N ALA A 1648 -33.28 -50.66 61.21
CA ALA A 1648 -33.86 -51.86 60.64
C ALA A 1648 -32.91 -52.51 59.64
N LEU A 1649 -33.08 -53.82 59.51
CA LEU A 1649 -32.19 -54.77 58.87
C LEU A 1649 -32.95 -55.75 57.98
N THR A 1650 -32.38 -56.04 56.82
CA THR A 1650 -32.89 -57.04 55.88
C THR A 1650 -31.72 -57.75 55.23
N LEU A 1651 -31.98 -58.93 54.68
CA LEU A 1651 -30.97 -59.76 54.05
C LEU A 1651 -31.42 -60.25 52.69
N PHE A 1652 -30.46 -60.36 51.77
CA PHE A 1652 -30.71 -60.95 50.46
C PHE A 1652 -29.39 -61.47 49.91
N GLU A 1653 -29.35 -62.76 49.57
CA GLU A 1653 -28.15 -63.46 49.08
C GLU A 1653 -27.02 -63.17 50.07
N ASP A 1654 -25.84 -62.75 49.62
CA ASP A 1654 -24.72 -62.40 50.49
C ASP A 1654 -24.68 -60.92 50.81
N SER A 1655 -25.83 -60.25 50.79
CA SER A 1655 -25.93 -58.82 51.04
C SER A 1655 -26.84 -58.56 52.22
N VAL A 1656 -26.50 -57.51 52.97
CA VAL A 1656 -27.25 -57.06 54.14
C VAL A 1656 -27.58 -55.60 53.90
N PHE A 1657 -28.85 -55.25 54.09
CA PHE A 1657 -29.33 -53.89 53.90
C PHE A 1657 -29.82 -53.38 55.23
N TRP A 1658 -29.57 -52.09 55.50
CA TRP A 1658 -30.06 -51.52 56.75
C TRP A 1658 -30.35 -50.05 56.55
N THR A 1659 -31.05 -49.48 57.52
CA THR A 1659 -31.42 -48.08 57.52
C THR A 1659 -30.87 -47.39 58.74
N ASP A 1660 -30.44 -46.14 58.56
CA ASP A 1660 -29.83 -45.35 59.62
C ASP A 1660 -30.59 -44.04 59.74
N ARG A 1661 -30.96 -43.71 60.98
CA ARG A 1661 -31.73 -42.52 61.32
C ARG A 1661 -30.87 -41.29 61.59
N GLY A 1662 -29.58 -41.48 61.85
CA GLY A 1662 -28.70 -40.37 62.12
C GLY A 1662 -28.21 -39.78 60.82
N THR A 1663 -27.85 -40.66 59.89
CA THR A 1663 -27.37 -40.24 58.60
C THR A 1663 -28.51 -40.08 57.59
N HIS A 1664 -29.73 -40.47 57.96
CA HIS A 1664 -30.88 -40.37 57.07
C HIS A 1664 -30.57 -41.11 55.77
N GLN A 1665 -30.14 -42.36 55.93
CA GLN A 1665 -29.51 -43.09 54.85
C GLN A 1665 -29.87 -44.57 54.85
N VAL A 1666 -29.82 -45.17 53.66
CA VAL A 1666 -30.07 -46.58 53.45
C VAL A 1666 -28.81 -47.17 52.85
N MET A 1667 -28.33 -48.25 53.44
CA MET A 1667 -27.01 -48.80 53.20
C MET A 1667 -27.10 -50.28 52.82
N GLN A 1668 -26.15 -50.68 51.98
CA GLN A 1668 -25.96 -52.07 51.57
C GLN A 1668 -24.53 -52.47 51.89
N ALA A 1669 -24.36 -53.70 52.36
CA ALA A 1669 -23.04 -54.24 52.63
C ALA A 1669 -23.06 -55.75 52.40
N ASN A 1670 -21.92 -56.38 52.63
CA ASN A 1670 -21.77 -57.82 52.51
C ASN A 1670 -22.02 -58.43 53.88
N LYS A 1671 -22.92 -59.41 53.94
CA LYS A 1671 -23.45 -59.91 55.20
C LYS A 1671 -22.46 -60.73 56.01
N TRP A 1672 -21.24 -60.97 55.52
CA TRP A 1672 -20.25 -61.76 56.25
C TRP A 1672 -19.09 -60.93 56.77
N HIS A 1673 -18.61 -59.94 56.03
CA HIS A 1673 -17.49 -59.12 56.46
C HIS A 1673 -17.60 -57.63 56.21
N GLY A 1674 -18.62 -57.15 55.51
CA GLY A 1674 -18.78 -55.71 55.33
C GLY A 1674 -17.73 -55.03 54.47
N ARG A 1675 -16.99 -55.77 53.66
CA ARG A 1675 -15.88 -55.18 52.91
C ARG A 1675 -16.32 -54.42 51.67
N ASN A 1676 -17.60 -54.49 51.31
CA ASN A 1676 -18.16 -53.75 50.19
C ASN A 1676 -19.38 -53.01 50.72
N GLN A 1677 -19.41 -51.69 50.54
CA GLN A 1677 -20.42 -50.84 51.13
C GLN A 1677 -20.94 -49.84 50.10
N SER A 1678 -22.24 -49.61 50.12
CA SER A 1678 -22.91 -48.78 49.13
C SER A 1678 -24.10 -48.09 49.75
N VAL A 1679 -24.53 -47.00 49.11
CA VAL A 1679 -25.66 -46.19 49.55
C VAL A 1679 -26.76 -46.33 48.52
N VAL A 1680 -27.94 -46.73 48.97
CA VAL A 1680 -29.10 -46.88 48.09
C VAL A 1680 -29.88 -45.58 47.99
N MET A 1681 -30.00 -44.86 49.10
CA MET A 1681 -30.75 -43.61 49.19
C MET A 1681 -29.96 -42.68 50.09
N TYR A 1682 -30.06 -41.38 49.82
CA TYR A 1682 -29.18 -40.38 50.37
C TYR A 1682 -29.84 -39.30 51.21
N SER A 1683 -31.10 -38.96 50.96
CA SER A 1683 -31.73 -37.83 51.65
C SER A 1683 -33.14 -38.19 52.11
N VAL A 1684 -33.31 -39.38 52.67
CA VAL A 1684 -34.63 -39.83 53.12
C VAL A 1684 -35.03 -39.00 54.33
N PRO A 1685 -36.30 -38.55 54.46
CA PRO A 1685 -36.68 -37.77 55.65
C PRO A 1685 -36.24 -38.42 56.95
N GLN A 1686 -36.72 -39.61 57.27
CA GLN A 1686 -36.13 -40.49 58.26
C GLN A 1686 -36.48 -41.94 57.95
N PRO A 1687 -35.51 -42.79 57.56
CA PRO A 1687 -35.84 -44.18 57.23
C PRO A 1687 -35.93 -45.05 58.47
N LEU A 1688 -37.14 -45.50 58.78
CA LEU A 1688 -37.38 -46.31 59.97
C LEU A 1688 -37.41 -47.81 59.69
N GLY A 1689 -38.18 -48.24 58.70
CA GLY A 1689 -38.40 -49.64 58.45
C GLY A 1689 -37.99 -50.06 57.05
N ILE A 1690 -37.48 -51.27 56.92
CA ILE A 1690 -37.02 -51.82 55.65
C ILE A 1690 -37.44 -53.28 55.56
N ILE A 1691 -37.92 -53.66 54.38
CA ILE A 1691 -38.27 -55.04 54.08
C ILE A 1691 -37.76 -55.37 52.69
N ALA A 1692 -37.41 -56.64 52.48
CA ALA A 1692 -36.94 -57.13 51.20
C ALA A 1692 -37.93 -58.17 50.71
N ILE A 1693 -38.31 -58.06 49.44
CA ILE A 1693 -39.38 -58.83 48.84
C ILE A 1693 -38.79 -59.62 47.67
N HIS A 1694 -38.93 -60.94 47.77
CA HIS A 1694 -38.53 -61.96 46.83
C HIS A 1694 -39.10 -63.28 47.34
N PRO A 1695 -39.40 -64.26 46.48
CA PRO A 1695 -39.87 -65.55 47.00
C PRO A 1695 -38.91 -66.22 47.96
N SER A 1696 -37.60 -66.06 47.77
CA SER A 1696 -36.63 -66.75 48.60
C SER A 1696 -36.67 -66.30 50.06
N ARG A 1697 -37.28 -65.16 50.35
CA ARG A 1697 -37.37 -64.68 51.73
C ARG A 1697 -38.50 -65.32 52.51
N GLN A 1698 -39.36 -66.10 51.87
CA GLN A 1698 -40.45 -66.80 52.53
C GLN A 1698 -40.50 -68.22 52.00
N PRO A 1699 -39.56 -69.08 52.43
CA PRO A 1699 -39.53 -70.45 51.90
C PRO A 1699 -40.78 -71.23 52.26
N SER A 1700 -41.13 -72.16 51.39
CA SER A 1700 -42.29 -73.01 51.58
C SER A 1700 -42.00 -74.10 52.61
N SER A 1701 -43.06 -74.60 53.23
CA SER A 1701 -42.96 -75.68 54.20
C SER A 1701 -44.36 -76.20 54.48
N PRO A 1702 -44.48 -77.41 55.05
CA PRO A 1702 -45.80 -77.90 55.43
C PRO A 1702 -46.48 -77.03 56.49
N ASN A 1703 -47.80 -77.06 56.48
CA ASN A 1703 -48.60 -76.31 57.45
C ASN A 1703 -49.30 -77.28 58.40
N PRO A 1704 -48.88 -77.39 59.67
CA PRO A 1704 -49.60 -78.27 60.59
C PRO A 1704 -51.06 -77.92 60.79
N CYS A 1705 -51.40 -76.63 60.71
CA CYS A 1705 -52.76 -76.17 60.98
C CYS A 1705 -53.73 -76.45 59.83
N ALA A 1706 -53.26 -77.01 58.70
CA ALA A 1706 -54.14 -77.21 57.56
C ALA A 1706 -55.28 -78.16 57.87
N SER A 1707 -55.04 -79.15 58.73
CA SER A 1707 -56.05 -80.12 59.13
C SER A 1707 -56.55 -79.91 60.55
N ALA A 1708 -56.11 -78.86 61.23
CA ALA A 1708 -56.52 -78.62 62.60
C ALA A 1708 -57.95 -78.10 62.66
N THR A 1709 -58.55 -78.21 63.84
CA THR A 1709 -59.92 -77.78 64.08
C THR A 1709 -60.02 -76.73 65.18
N CYS A 1710 -58.96 -75.95 65.38
CA CYS A 1710 -59.03 -74.85 66.34
C CYS A 1710 -60.14 -73.89 65.89
N SER A 1711 -60.89 -73.38 66.86
CA SER A 1711 -62.05 -72.56 66.52
C SER A 1711 -61.69 -71.11 66.24
N HIS A 1712 -60.70 -70.55 66.93
CA HIS A 1712 -60.32 -69.15 66.72
C HIS A 1712 -58.90 -68.97 66.22
N LEU A 1713 -57.87 -69.47 66.92
CA LEU A 1713 -56.51 -69.34 66.43
C LEU A 1713 -55.76 -70.66 66.51
N CYS A 1714 -54.99 -70.93 65.46
CA CYS A 1714 -54.05 -72.04 65.43
C CYS A 1714 -52.68 -71.41 65.24
N LEU A 1715 -51.76 -71.73 66.15
CA LEU A 1715 -50.43 -71.12 66.18
C LEU A 1715 -49.38 -72.21 66.05
N LEU A 1716 -48.39 -71.97 65.19
CA LEU A 1716 -47.30 -72.91 65.03
C LEU A 1716 -46.54 -73.02 66.34
N SER A 1717 -46.00 -74.21 66.59
CA SER A 1717 -45.34 -74.52 67.84
C SER A 1717 -44.12 -75.39 67.57
N ALA A 1718 -43.09 -75.19 68.37
CA ALA A 1718 -41.88 -76.01 68.32
C ALA A 1718 -42.07 -77.35 69.03
N GLN A 1719 -43.25 -77.63 69.55
CA GLN A 1719 -43.49 -78.81 70.37
C GLN A 1719 -43.85 -80.02 69.52
N GLU A 1720 -43.00 -81.03 69.56
CA GLU A 1720 -43.28 -82.33 68.98
C GLU A 1720 -44.48 -82.93 69.72
N PRO A 1721 -45.36 -83.70 69.03
CA PRO A 1721 -45.38 -84.17 67.64
C PRO A 1721 -46.22 -83.40 66.63
N ARG A 1722 -47.25 -82.64 67.04
CA ARG A 1722 -48.16 -82.02 66.09
C ARG A 1722 -47.74 -80.61 65.68
N HIS A 1723 -46.85 -79.97 66.43
CA HIS A 1723 -46.25 -78.70 66.06
C HIS A 1723 -47.25 -77.56 65.93
N TYR A 1724 -48.44 -77.67 66.54
CA TYR A 1724 -49.35 -76.55 66.60
C TYR A 1724 -50.07 -76.56 67.95
N SER A 1725 -50.68 -75.42 68.27
CA SER A 1725 -51.50 -75.29 69.46
C SER A 1725 -52.63 -74.32 69.18
N CYS A 1726 -53.74 -74.49 69.87
CA CYS A 1726 -54.91 -73.65 69.67
C CYS A 1726 -54.93 -72.55 70.72
N ALA A 1727 -55.23 -71.33 70.28
CA ALA A 1727 -55.28 -70.15 71.13
C ALA A 1727 -56.60 -69.42 70.95
N CYS A 1728 -57.04 -68.78 72.02
CA CYS A 1728 -58.29 -68.04 72.11
C CYS A 1728 -58.03 -66.54 72.12
N PRO A 1729 -58.93 -65.72 71.57
CA PRO A 1729 -58.72 -64.26 71.60
C PRO A 1729 -58.83 -63.65 72.98
N SER A 1730 -58.55 -62.35 73.06
CA SER A 1730 -58.70 -61.61 74.30
C SER A 1730 -60.15 -61.64 74.77
N GLY A 1731 -60.33 -61.90 76.07
CA GLY A 1731 -61.64 -62.01 76.65
C GLY A 1731 -62.28 -63.38 76.54
N TRP A 1732 -61.62 -64.32 75.87
CA TRP A 1732 -62.10 -65.68 75.75
C TRP A 1732 -61.28 -66.61 76.64
N ASN A 1733 -61.80 -67.82 76.77
CA ASN A 1733 -61.23 -68.91 77.56
C ASN A 1733 -61.01 -70.09 76.64
N LEU A 1734 -60.14 -71.00 77.06
CA LEU A 1734 -59.83 -72.21 76.32
C LEU A 1734 -60.44 -73.40 77.04
N SER A 1735 -60.88 -74.39 76.27
CA SER A 1735 -61.60 -75.53 76.80
C SER A 1735 -60.70 -76.75 76.93
N ASP A 1736 -61.09 -77.65 77.83
CA ASP A 1736 -60.31 -78.85 78.08
C ASP A 1736 -60.16 -79.73 76.84
N ASP A 1737 -61.07 -79.60 75.87
CA ASP A 1737 -60.87 -80.28 74.60
C ASP A 1737 -59.65 -79.73 73.85
N SER A 1738 -59.14 -78.57 74.24
CA SER A 1738 -57.95 -77.94 73.69
C SER A 1738 -58.09 -77.57 72.22
N VAL A 1739 -59.33 -77.48 71.72
CA VAL A 1739 -59.58 -77.00 70.36
C VAL A 1739 -60.62 -75.89 70.36
N ASN A 1740 -61.50 -75.88 71.35
CA ASN A 1740 -62.59 -74.94 71.43
C ASN A 1740 -62.32 -73.84 72.46
N CYS A 1741 -62.99 -72.71 72.25
CA CYS A 1741 -62.94 -71.58 73.15
C CYS A 1741 -64.35 -71.22 73.61
N VAL A 1742 -64.40 -70.57 74.77
CA VAL A 1742 -65.64 -70.17 75.43
C VAL A 1742 -65.48 -68.69 75.70
N ARG A 1743 -66.58 -68.00 75.95
CA ARG A 1743 -66.56 -66.56 76.16
C ARG A 1743 -66.83 -66.26 77.62
N GLY A 1744 -65.93 -65.51 78.23
CA GLY A 1744 -66.01 -65.22 79.65
C GLY A 1744 -67.10 -64.22 79.95
N ASP A 1745 -68.11 -64.63 80.72
CA ASP A 1745 -69.14 -63.75 81.23
C ASP A 1745 -68.71 -63.02 82.50
N GLN A 1746 -67.51 -63.31 83.01
CA GLN A 1746 -67.10 -62.75 84.28
C GLN A 1746 -66.87 -61.24 84.17
N PRO A 1747 -67.13 -60.49 85.24
CA PRO A 1747 -66.90 -59.04 85.19
C PRO A 1747 -65.42 -58.72 85.05
N PHE A 1748 -65.15 -57.53 84.51
CA PHE A 1748 -63.79 -57.03 84.46
C PHE A 1748 -63.81 -55.54 84.74
N LEU A 1749 -62.64 -54.94 84.89
CA LEU A 1749 -62.47 -53.57 85.32
C LEU A 1749 -61.92 -52.73 84.17
N ILE A 1750 -62.44 -51.53 84.01
CA ILE A 1750 -62.06 -50.62 82.93
C ILE A 1750 -61.36 -49.44 83.58
N SER A 1751 -60.16 -49.15 83.11
CA SER A 1751 -59.33 -48.07 83.62
C SER A 1751 -59.14 -47.05 82.52
N VAL A 1752 -59.14 -45.76 82.89
CA VAL A 1752 -59.03 -44.68 81.94
C VAL A 1752 -57.78 -43.87 82.27
N ARG A 1753 -57.06 -43.49 81.22
CA ARG A 1753 -55.80 -42.80 81.32
C ARG A 1753 -55.79 -41.74 80.23
N GLU A 1754 -54.92 -40.73 80.40
CA GLU A 1754 -54.96 -39.53 79.57
C GLU A 1754 -55.00 -39.81 78.08
N ASN A 1755 -54.43 -40.94 77.63
CA ASN A 1755 -54.42 -41.27 76.22
C ASN A 1755 -54.77 -42.71 75.92
N VAL A 1756 -55.13 -43.51 76.92
CA VAL A 1756 -55.41 -44.93 76.74
C VAL A 1756 -56.53 -45.33 77.67
N ILE A 1757 -57.26 -46.38 77.27
CA ILE A 1757 -58.25 -47.05 78.10
C ILE A 1757 -57.85 -48.52 78.11
N PHE A 1758 -57.89 -49.13 79.30
CA PHE A 1758 -57.42 -50.49 79.50
C PHE A 1758 -58.48 -51.35 80.16
N GLY A 1759 -58.34 -52.65 79.94
CA GLY A 1759 -59.15 -53.67 80.56
C GLY A 1759 -58.28 -54.51 81.48
N ILE A 1760 -58.75 -54.69 82.71
CA ILE A 1760 -58.02 -55.34 83.78
C ILE A 1760 -58.92 -56.40 84.37
N SER A 1761 -58.33 -57.42 84.97
CA SER A 1761 -59.05 -58.55 85.53
C SER A 1761 -59.08 -58.43 87.04
N LEU A 1762 -60.23 -58.74 87.63
CA LEU A 1762 -60.43 -58.55 89.05
C LEU A 1762 -59.69 -59.55 89.91
N ASP A 1763 -58.88 -60.43 89.32
CA ASP A 1763 -57.91 -61.21 90.06
C ASP A 1763 -56.64 -60.34 90.11
N PRO A 1764 -56.25 -59.82 91.28
CA PRO A 1764 -55.09 -58.92 91.29
C PRO A 1764 -53.79 -59.58 90.88
N GLU A 1765 -53.70 -60.90 90.93
CA GLU A 1765 -52.47 -61.57 90.55
C GLU A 1765 -52.28 -61.67 89.04
N VAL A 1766 -53.33 -61.43 88.26
CA VAL A 1766 -53.25 -61.43 86.80
C VAL A 1766 -52.85 -60.02 86.40
N LYS A 1767 -51.59 -59.85 86.03
CA LYS A 1767 -51.03 -58.54 85.71
C LYS A 1767 -51.18 -58.16 84.24
N SER A 1768 -51.67 -59.05 83.38
CA SER A 1768 -51.84 -58.71 81.99
C SER A 1768 -53.07 -57.83 81.79
N ASN A 1769 -52.91 -56.80 80.96
CA ASN A 1769 -53.97 -55.85 80.64
C ASN A 1769 -54.63 -56.25 79.32
N ASP A 1770 -55.31 -57.39 79.34
CA ASP A 1770 -55.89 -57.95 78.12
C ASP A 1770 -57.32 -58.45 78.30
N ALA A 1771 -58.07 -57.88 79.24
CA ALA A 1771 -59.47 -58.27 79.36
C ALA A 1771 -60.28 -57.82 78.15
N MET A 1772 -59.80 -56.84 77.41
CA MET A 1772 -60.42 -56.39 76.17
C MET A 1772 -59.33 -55.83 75.28
N VAL A 1773 -59.65 -55.63 74.01
CA VAL A 1773 -58.73 -54.96 73.11
C VAL A 1773 -58.66 -53.51 73.57
N PRO A 1774 -57.49 -52.95 73.89
CA PRO A 1774 -57.44 -51.60 74.42
C PRO A 1774 -57.81 -50.54 73.40
N ILE A 1775 -58.23 -49.39 73.92
CA ILE A 1775 -58.57 -48.21 73.13
C ILE A 1775 -57.35 -47.31 73.27
N SER A 1776 -56.67 -47.07 72.15
CA SER A 1776 -55.29 -46.61 72.10
C SER A 1776 -55.08 -45.24 71.49
N GLY A 1777 -56.13 -44.47 71.24
CA GLY A 1777 -55.97 -43.19 70.58
C GLY A 1777 -56.79 -42.04 71.12
N ILE A 1778 -57.20 -42.10 72.38
CA ILE A 1778 -58.05 -41.07 72.95
C ILE A 1778 -57.20 -39.88 73.37
N GLN A 1779 -57.86 -38.74 73.61
CA GLN A 1779 -57.23 -37.55 74.15
C GLN A 1779 -58.08 -37.02 75.30
N HIS A 1780 -57.42 -36.63 76.38
CA HIS A 1780 -58.09 -36.02 77.54
C HIS A 1780 -59.14 -36.96 78.13
N GLY A 1781 -58.75 -38.21 78.38
CA GLY A 1781 -59.68 -39.17 78.95
C GLY A 1781 -60.00 -38.85 80.40
N TYR A 1782 -61.28 -38.87 80.74
CA TYR A 1782 -61.74 -38.69 82.10
C TYR A 1782 -62.73 -39.76 82.55
N ASP A 1783 -63.63 -40.18 81.66
CA ASP A 1783 -64.75 -41.04 82.02
C ASP A 1783 -65.06 -41.98 80.87
N VAL A 1784 -65.79 -43.04 81.19
CA VAL A 1784 -66.14 -44.09 80.24
C VAL A 1784 -67.45 -44.72 80.67
N GLU A 1785 -68.20 -45.23 79.70
CA GLU A 1785 -69.42 -45.98 79.97
C GLU A 1785 -69.44 -47.22 79.08
N PHE A 1786 -70.30 -48.16 79.42
CA PHE A 1786 -70.40 -49.40 78.66
C PHE A 1786 -71.84 -49.85 78.52
N ASP A 1787 -72.09 -50.63 77.46
CA ASP A 1787 -73.36 -51.30 77.24
C ASP A 1787 -73.02 -52.76 76.92
N ASP A 1788 -73.54 -53.68 77.71
CA ASP A 1788 -73.24 -55.10 77.51
C ASP A 1788 -74.16 -55.78 76.52
N SER A 1789 -75.37 -55.26 76.34
CA SER A 1789 -76.30 -55.86 75.38
C SER A 1789 -75.75 -55.82 73.95
N GLU A 1790 -74.85 -54.89 73.66
CA GLU A 1790 -74.17 -54.83 72.37
C GLU A 1790 -72.65 -54.87 72.47
N GLN A 1791 -72.10 -55.00 73.69
CA GLN A 1791 -70.66 -55.08 73.90
C GLN A 1791 -69.96 -53.86 73.32
N PHE A 1792 -70.30 -52.71 73.88
CA PHE A 1792 -69.78 -51.42 73.44
C PHE A 1792 -69.25 -50.61 74.62
N ILE A 1793 -68.20 -49.85 74.33
CA ILE A 1793 -67.57 -48.93 75.27
C ILE A 1793 -67.69 -47.55 74.66
N TYR A 1794 -68.04 -46.56 75.48
CA TYR A 1794 -68.34 -45.21 75.06
C TYR A 1794 -67.44 -44.23 75.79
N TRP A 1795 -66.90 -43.27 75.04
CA TRP A 1795 -66.07 -42.22 75.60
C TRP A 1795 -66.32 -40.96 74.80
N VAL A 1796 -65.78 -39.85 75.30
CA VAL A 1796 -66.03 -38.52 74.76
C VAL A 1796 -64.77 -37.97 74.11
N GLU A 1797 -64.95 -37.25 73.01
CA GLU A 1797 -63.87 -36.66 72.23
C GLU A 1797 -64.20 -35.21 71.96
N ASN A 1798 -63.19 -34.37 72.08
CA ASN A 1798 -63.31 -32.93 71.89
C ASN A 1798 -63.28 -32.57 70.40
N PRO A 1799 -64.05 -31.56 69.97
CA PRO A 1799 -65.09 -30.81 70.67
C PRO A 1799 -66.47 -31.42 70.51
N GLY A 1800 -67.17 -31.71 71.60
CA GLY A 1800 -68.56 -32.10 71.54
C GLY A 1800 -68.89 -33.33 70.72
N GLU A 1801 -68.15 -34.41 70.86
CA GLU A 1801 -68.44 -35.63 70.12
C GLU A 1801 -68.35 -36.84 71.05
N ILE A 1802 -69.09 -37.89 70.71
CA ILE A 1802 -69.05 -39.12 71.48
C ILE A 1802 -68.69 -40.27 70.55
N HIS A 1803 -67.81 -41.15 71.01
CA HIS A 1803 -67.28 -42.24 70.23
C HIS A 1803 -67.57 -43.56 70.94
N ARG A 1804 -67.77 -44.61 70.15
CA ARG A 1804 -68.00 -45.94 70.68
C ARG A 1804 -67.16 -46.95 69.93
N VAL A 1805 -66.73 -47.98 70.67
CA VAL A 1805 -65.93 -49.06 70.13
C VAL A 1805 -66.40 -50.36 70.76
N LYS A 1806 -66.20 -51.46 70.05
CA LYS A 1806 -66.52 -52.78 70.59
C LYS A 1806 -65.27 -53.37 71.25
N THR A 1807 -65.51 -54.19 72.28
CA THR A 1807 -64.42 -54.71 73.08
C THR A 1807 -63.49 -55.62 72.28
N ASP A 1808 -63.91 -56.11 71.12
CA ASP A 1808 -63.04 -56.86 70.24
C ASP A 1808 -62.38 -55.98 69.17
N GLY A 1809 -62.65 -54.68 69.16
CA GLY A 1809 -62.06 -53.80 68.18
C GLY A 1809 -62.74 -53.82 66.82
N SER A 1810 -63.84 -54.56 66.67
CA SER A 1810 -64.40 -54.80 65.34
C SER A 1810 -65.09 -53.56 64.78
N ASN A 1811 -65.77 -52.80 65.63
CA ASN A 1811 -66.44 -51.57 65.24
C ASN A 1811 -65.90 -50.42 66.07
N ARG A 1812 -65.59 -49.31 65.42
CA ARG A 1812 -65.17 -48.09 66.08
C ARG A 1812 -65.72 -46.93 65.28
N THR A 1813 -66.45 -46.03 65.95
CA THR A 1813 -67.11 -44.96 65.24
C THR A 1813 -67.32 -43.75 66.13
N ALA A 1814 -67.54 -42.62 65.48
CA ALA A 1814 -68.00 -41.40 66.11
C ALA A 1814 -69.51 -41.45 65.97
N PHE A 1815 -70.21 -41.46 67.09
CA PHE A 1815 -71.61 -41.85 67.14
C PHE A 1815 -72.60 -40.71 67.24
N ALA A 1816 -72.28 -39.61 67.94
CA ALA A 1816 -73.23 -38.52 67.99
C ALA A 1816 -72.52 -37.24 68.40
N PRO A 1817 -73.00 -36.08 67.93
CA PRO A 1817 -72.54 -34.81 68.48
C PRO A 1817 -73.22 -34.58 69.82
N LEU A 1818 -72.45 -34.13 70.80
CA LEU A 1818 -72.95 -33.93 72.15
C LEU A 1818 -73.40 -32.50 72.41
N SER A 1819 -72.55 -31.52 72.10
CA SER A 1819 -72.88 -30.13 72.40
C SER A 1819 -72.07 -29.22 71.49
N LEU A 1820 -72.75 -28.22 70.93
CA LEU A 1820 -72.12 -27.23 70.07
C LEU A 1820 -71.40 -26.14 70.86
N LEU A 1821 -71.59 -26.09 72.18
CA LEU A 1821 -71.08 -25.01 73.01
C LEU A 1821 -69.80 -25.34 73.76
N GLY A 1822 -69.46 -26.62 73.91
CA GLY A 1822 -68.24 -26.95 74.62
C GLY A 1822 -68.07 -28.44 74.80
N SER A 1823 -66.97 -28.79 75.44
CA SER A 1823 -66.60 -30.18 75.68
C SER A 1823 -67.34 -30.75 76.88
N SER A 1824 -67.79 -31.99 76.75
CA SER A 1824 -68.44 -32.72 77.83
C SER A 1824 -67.38 -33.44 78.65
N LEU A 1825 -67.73 -33.69 79.92
CA LEU A 1825 -66.80 -34.22 80.90
C LEU A 1825 -67.21 -35.56 81.51
N GLY A 1826 -68.48 -35.72 81.86
CA GLY A 1826 -68.91 -36.90 82.59
C GLY A 1826 -70.04 -37.61 81.88
N LEU A 1827 -70.06 -38.93 82.04
CA LEU A 1827 -71.02 -39.82 81.38
C LEU A 1827 -71.68 -40.75 82.37
N ALA A 1828 -72.95 -41.03 82.11
CA ALA A 1828 -73.73 -42.07 82.76
C ALA A 1828 -74.62 -42.68 81.70
N LEU A 1829 -74.98 -43.95 81.87
CA LEU A 1829 -75.79 -44.65 80.90
C LEU A 1829 -76.98 -45.32 81.56
N ASP A 1830 -78.13 -45.21 80.92
CA ASP A 1830 -79.35 -45.89 81.31
C ASP A 1830 -79.56 -46.98 80.26
N TRP A 1831 -79.50 -48.23 80.72
CA TRP A 1831 -79.56 -49.42 79.90
C TRP A 1831 -80.98 -49.96 79.75
N VAL A 1832 -81.92 -49.43 80.52
CA VAL A 1832 -83.31 -49.85 80.44
C VAL A 1832 -84.06 -49.03 79.41
N SER A 1833 -83.91 -47.70 79.46
CA SER A 1833 -84.48 -46.79 78.49
C SER A 1833 -83.54 -46.51 77.34
N ARG A 1834 -82.28 -46.96 77.42
CA ARG A 1834 -81.29 -46.80 76.35
C ARG A 1834 -81.02 -45.34 76.06
N ASN A 1835 -80.67 -44.62 77.12
CA ASN A 1835 -80.29 -43.22 77.05
C ASN A 1835 -78.90 -43.04 77.62
N ILE A 1836 -78.20 -42.00 77.17
CA ILE A 1836 -76.90 -41.65 77.73
C ILE A 1836 -77.00 -40.23 78.25
N TYR A 1837 -76.71 -40.06 79.53
CA TYR A 1837 -76.69 -38.77 80.20
C TYR A 1837 -75.25 -38.30 80.23
N TYR A 1838 -75.04 -37.01 79.95
CA TYR A 1838 -73.70 -36.45 79.95
C TYR A 1838 -73.72 -35.07 80.57
N THR A 1839 -72.50 -34.60 80.86
CA THR A 1839 -72.24 -33.40 81.63
C THR A 1839 -71.38 -32.44 80.82
N THR A 1840 -71.87 -31.22 80.62
CA THR A 1840 -71.17 -30.19 79.86
C THR A 1840 -70.85 -29.02 80.79
N PRO A 1841 -69.62 -28.92 81.31
CA PRO A 1841 -69.34 -27.83 82.27
C PRO A 1841 -69.29 -26.46 81.64
N ALA A 1842 -68.74 -26.31 80.43
CA ALA A 1842 -68.62 -24.99 79.84
C ALA A 1842 -69.98 -24.34 79.61
N SER A 1843 -70.96 -25.13 79.17
CA SER A 1843 -72.33 -24.66 79.07
C SER A 1843 -73.07 -24.73 80.40
N ARG A 1844 -72.48 -25.35 81.41
CA ARG A 1844 -73.09 -25.51 82.73
C ARG A 1844 -74.44 -26.19 82.58
N SER A 1845 -74.39 -27.41 82.06
CA SER A 1845 -75.60 -28.15 81.74
C SER A 1845 -75.41 -29.64 81.94
N ILE A 1846 -76.54 -30.30 82.20
CA ILE A 1846 -76.66 -31.75 82.21
C ILE A 1846 -77.64 -32.08 81.10
N GLU A 1847 -77.29 -33.06 80.29
CA GLU A 1847 -77.97 -33.31 79.03
C GLU A 1847 -78.16 -34.81 78.84
N VAL A 1848 -79.13 -35.14 77.99
CA VAL A 1848 -79.48 -36.52 77.71
C VAL A 1848 -79.54 -36.70 76.20
N LEU A 1849 -79.18 -37.90 75.76
CA LEU A 1849 -79.15 -38.29 74.36
C LEU A 1849 -79.72 -39.70 74.26
N THR A 1850 -80.30 -40.02 73.10
CA THR A 1850 -80.97 -41.30 72.90
C THR A 1850 -80.10 -42.24 72.08
N LEU A 1851 -79.90 -43.47 72.57
CA LEU A 1851 -79.15 -44.46 71.83
C LEU A 1851 -80.04 -45.24 70.87
N ARG A 1852 -81.34 -45.32 71.16
CA ARG A 1852 -82.27 -46.08 70.35
C ARG A 1852 -82.58 -45.38 69.04
N GLY A 1853 -82.76 -46.16 67.99
CA GLY A 1853 -83.20 -45.66 66.70
C GLY A 1853 -82.06 -45.14 65.83
N ASP A 1854 -82.44 -44.79 64.60
CA ASP A 1854 -81.49 -44.31 63.60
C ASP A 1854 -81.26 -42.80 63.68
N THR A 1855 -82.13 -42.07 64.37
CA THR A 1855 -82.07 -40.62 64.46
C THR A 1855 -81.76 -40.23 65.90
N ARG A 1856 -80.71 -39.45 66.08
CA ARG A 1856 -80.29 -39.03 67.41
C ARG A 1856 -81.14 -37.86 67.90
N TYR A 1857 -81.54 -37.93 69.16
CA TYR A 1857 -82.27 -36.86 69.81
C TYR A 1857 -81.61 -36.57 71.15
N GLY A 1858 -81.50 -35.30 71.48
CA GLY A 1858 -80.88 -34.88 72.73
C GLY A 1858 -81.47 -33.60 73.26
N LYS A 1859 -81.43 -33.45 74.57
CA LYS A 1859 -81.95 -32.24 75.20
C LYS A 1859 -81.16 -31.93 76.46
N THR A 1860 -81.42 -30.73 76.99
CA THR A 1860 -80.82 -30.24 78.23
C THR A 1860 -81.86 -30.36 79.34
N LEU A 1861 -81.50 -31.02 80.43
CA LEU A 1861 -82.40 -31.23 81.55
C LEU A 1861 -82.24 -30.21 82.66
N ILE A 1862 -81.00 -29.85 83.00
CA ILE A 1862 -80.71 -28.94 84.10
C ILE A 1862 -79.64 -27.96 83.64
N THR A 1863 -79.84 -26.68 83.97
CA THR A 1863 -78.86 -25.65 83.69
C THR A 1863 -78.88 -24.63 84.81
N ASN A 1864 -77.91 -23.73 84.78
CA ASN A 1864 -77.76 -22.73 85.83
C ASN A 1864 -78.83 -21.66 85.67
N ASP A 1865 -79.70 -21.52 86.67
CA ASP A 1865 -80.81 -20.58 86.64
C ASP A 1865 -80.74 -19.55 87.77
N GLY A 1866 -79.61 -19.48 88.48
CA GLY A 1866 -79.45 -18.57 89.58
C GLY A 1866 -79.89 -19.11 90.93
N THR A 1867 -80.63 -20.20 90.96
CA THR A 1867 -80.98 -20.84 92.22
C THR A 1867 -79.83 -21.73 92.69
N PRO A 1868 -79.73 -21.98 94.00
CA PRO A 1868 -78.69 -22.91 94.47
C PRO A 1868 -78.94 -24.34 94.05
N LEU A 1869 -80.16 -24.67 93.62
CA LEU A 1869 -80.51 -26.03 93.28
C LEU A 1869 -80.01 -26.46 91.89
N GLY A 1870 -79.77 -25.51 90.99
CA GLY A 1870 -79.30 -25.84 89.66
C GLY A 1870 -77.82 -26.18 89.61
N VAL A 1871 -77.39 -26.58 88.41
CA VAL A 1871 -76.00 -26.95 88.19
C VAL A 1871 -75.14 -25.70 88.17
N GLY A 1872 -74.02 -25.74 88.90
CA GLY A 1872 -73.03 -24.68 88.83
C GLY A 1872 -71.84 -25.05 87.97
N PHE A 1873 -71.21 -26.17 88.32
CA PHE A 1873 -70.08 -26.72 87.55
C PHE A 1873 -70.07 -28.22 87.83
N PRO A 1874 -70.80 -29.00 87.06
CA PRO A 1874 -70.91 -30.44 87.32
C PRO A 1874 -69.72 -31.23 86.81
N VAL A 1875 -69.32 -32.24 87.59
CA VAL A 1875 -68.15 -33.05 87.26
C VAL A 1875 -68.42 -34.55 87.23
N GLY A 1876 -69.48 -35.04 87.86
CA GLY A 1876 -69.75 -36.47 87.86
C GLY A 1876 -71.23 -36.73 87.95
N ILE A 1877 -71.67 -37.81 87.30
CA ILE A 1877 -73.09 -38.12 87.16
C ILE A 1877 -73.31 -39.63 87.27
N ALA A 1878 -74.42 -40.01 87.90
CA ALA A 1878 -74.84 -41.39 88.08
C ALA A 1878 -76.36 -41.45 87.95
N VAL A 1879 -76.87 -42.59 87.53
CA VAL A 1879 -78.31 -42.76 87.33
C VAL A 1879 -78.79 -44.10 87.90
N ASP A 1880 -80.04 -44.09 88.37
CA ASP A 1880 -80.76 -45.28 88.79
C ASP A 1880 -82.00 -45.37 87.88
N PRO A 1881 -82.04 -46.32 86.94
CA PRO A 1881 -83.22 -46.37 86.05
C PRO A 1881 -84.49 -46.91 86.68
N ALA A 1882 -84.37 -47.89 87.58
CA ALA A 1882 -85.57 -48.50 88.15
C ALA A 1882 -86.36 -47.49 88.98
N ARG A 1883 -85.66 -46.70 89.80
CA ARG A 1883 -86.31 -45.70 90.61
C ARG A 1883 -86.36 -44.33 89.94
N GLY A 1884 -85.84 -44.21 88.72
CA GLY A 1884 -85.97 -42.96 87.99
C GLY A 1884 -85.26 -41.79 88.62
N LYS A 1885 -84.02 -41.98 89.06
CA LYS A 1885 -83.30 -40.95 89.78
C LYS A 1885 -81.94 -40.67 89.16
N LEU A 1886 -81.49 -39.43 89.31
CA LEU A 1886 -80.23 -38.94 88.78
C LEU A 1886 -79.49 -38.26 89.92
N TYR A 1887 -78.19 -38.50 90.00
CA TYR A 1887 -77.34 -37.95 91.05
C TYR A 1887 -76.12 -37.34 90.39
N TRP A 1888 -75.65 -36.21 90.91
CA TRP A 1888 -74.51 -35.55 90.31
C TRP A 1888 -73.74 -34.75 91.35
N SER A 1889 -72.46 -34.55 91.06
CA SER A 1889 -71.54 -33.81 91.92
C SER A 1889 -71.15 -32.51 91.23
N ASP A 1890 -71.11 -31.44 92.03
CA ASP A 1890 -70.97 -30.08 91.52
C ASP A 1890 -69.99 -29.29 92.36
N HIS A 1891 -69.10 -28.57 91.68
CA HIS A 1891 -68.16 -27.70 92.35
C HIS A 1891 -68.76 -26.35 92.72
N GLY A 1892 -69.95 -26.03 92.22
CA GLY A 1892 -70.60 -24.77 92.51
C GLY A 1892 -70.04 -23.63 91.70
N THR A 1893 -70.57 -22.44 91.97
CA THR A 1893 -70.17 -21.21 91.30
C THR A 1893 -70.20 -20.06 92.30
N ASP A 1894 -69.44 -19.02 91.98
CA ASP A 1894 -69.43 -17.83 92.81
C ASP A 1894 -70.75 -17.08 92.76
N SER A 1895 -71.62 -17.39 91.78
CA SER A 1895 -72.91 -16.72 91.70
C SER A 1895 -73.88 -17.19 92.77
N GLY A 1896 -73.66 -18.38 93.34
CA GLY A 1896 -74.51 -18.85 94.42
C GLY A 1896 -74.71 -20.36 94.52
N VAL A 1897 -74.28 -21.13 93.53
CA VAL A 1897 -74.45 -22.58 93.62
C VAL A 1897 -73.38 -23.14 94.54
N PRO A 1898 -73.74 -23.84 95.62
CA PRO A 1898 -72.71 -24.41 96.50
C PRO A 1898 -72.09 -25.67 95.95
N ALA A 1899 -70.93 -26.02 96.48
CA ALA A 1899 -70.32 -27.31 96.17
C ALA A 1899 -71.18 -28.37 96.82
N LYS A 1900 -71.69 -29.31 96.03
CA LYS A 1900 -72.74 -30.18 96.50
C LYS A 1900 -72.79 -31.52 95.79
N ILE A 1901 -73.51 -32.43 96.42
CA ILE A 1901 -74.04 -33.65 95.85
C ILE A 1901 -75.54 -33.39 95.72
N ALA A 1902 -76.07 -33.58 94.51
CA ALA A 1902 -77.41 -33.18 94.18
C ALA A 1902 -78.16 -34.32 93.50
N SER A 1903 -79.47 -34.32 93.68
CA SER A 1903 -80.35 -35.35 93.17
C SER A 1903 -81.46 -34.71 92.37
N ALA A 1904 -81.96 -35.47 91.41
CA ALA A 1904 -83.01 -35.02 90.52
C ALA A 1904 -83.76 -36.22 89.98
N ASN A 1905 -84.87 -35.95 89.32
CA ASN A 1905 -85.61 -36.97 88.61
C ASN A 1905 -85.05 -37.01 87.18
N MET A 1906 -85.06 -38.18 86.58
CA MET A 1906 -84.38 -38.38 85.32
C MET A 1906 -85.00 -37.63 84.16
N ASP A 1907 -86.08 -36.86 84.37
CA ASP A 1907 -86.59 -35.92 83.39
C ASP A 1907 -86.36 -34.47 83.80
N GLY A 1908 -85.63 -34.23 84.88
CA GLY A 1908 -85.26 -32.89 85.29
C GLY A 1908 -86.29 -32.15 86.11
N THR A 1909 -87.43 -32.77 86.44
CA THR A 1909 -88.55 -32.05 87.04
C THR A 1909 -88.43 -31.88 88.55
N SER A 1910 -87.39 -32.43 89.19
CA SER A 1910 -87.19 -32.24 90.61
C SER A 1910 -85.71 -32.00 90.87
N LEU A 1911 -85.43 -31.22 91.91
CA LEU A 1911 -84.05 -30.87 92.26
C LEU A 1911 -83.92 -30.83 93.77
N LYS A 1912 -82.86 -31.45 94.27
CA LYS A 1912 -82.59 -31.53 95.70
C LYS A 1912 -81.08 -31.47 95.94
N ILE A 1913 -80.71 -30.95 97.10
CA ILE A 1913 -79.33 -30.93 97.57
C ILE A 1913 -79.27 -31.93 98.71
N LEU A 1914 -78.45 -32.97 98.55
CA LEU A 1914 -78.35 -34.02 99.54
C LEU A 1914 -77.25 -33.76 100.56
N PHE A 1915 -76.06 -33.43 100.09
CA PHE A 1915 -74.91 -33.19 100.94
C PHE A 1915 -74.15 -31.97 100.46
N THR A 1916 -73.74 -31.13 101.41
CA THR A 1916 -72.89 -29.99 101.12
C THR A 1916 -72.07 -29.68 102.36
N GLY A 1917 -70.98 -28.96 102.15
CA GLY A 1917 -70.06 -28.62 103.21
C GLY A 1917 -68.87 -29.55 103.21
N ASN A 1918 -67.66 -28.99 103.37
CA ASN A 1918 -66.43 -29.77 103.36
C ASN A 1918 -66.29 -30.55 102.06
N MET A 1919 -66.45 -29.84 100.95
CA MET A 1919 -66.37 -30.41 99.60
C MET A 1919 -65.65 -29.43 98.66
N GLU A 1920 -64.45 -29.00 99.08
CA GLU A 1920 -63.75 -27.96 98.33
C GLU A 1920 -63.30 -28.46 96.96
N HIS A 1921 -62.79 -29.68 96.89
CA HIS A 1921 -62.32 -30.29 95.65
C HIS A 1921 -63.01 -31.65 95.62
N LEU A 1922 -64.03 -31.76 94.79
CA LEU A 1922 -64.96 -32.88 94.77
C LEU A 1922 -64.88 -33.60 93.43
N GLU A 1923 -64.53 -34.88 93.48
CA GLU A 1923 -64.40 -35.72 92.30
C GLU A 1923 -65.71 -36.48 92.08
N VAL A 1924 -65.68 -37.48 91.20
CA VAL A 1924 -66.89 -38.16 90.74
C VAL A 1924 -67.71 -38.75 91.89
N VAL A 1925 -68.99 -38.96 91.60
CA VAL A 1925 -69.94 -39.64 92.47
C VAL A 1925 -70.39 -40.93 91.80
N THR A 1926 -70.51 -42.00 92.59
CA THR A 1926 -70.99 -43.28 92.09
C THR A 1926 -72.06 -43.79 93.03
N LEU A 1927 -72.92 -44.67 92.50
CA LEU A 1927 -74.07 -45.19 93.23
C LEU A 1927 -74.03 -46.70 93.33
N ASP A 1928 -74.21 -47.23 94.54
CA ASP A 1928 -74.50 -48.62 94.77
C ASP A 1928 -76.03 -48.73 94.71
N ILE A 1929 -76.52 -49.42 93.69
CA ILE A 1929 -77.96 -49.51 93.44
C ILE A 1929 -78.62 -50.55 94.33
N GLN A 1930 -77.90 -51.61 94.69
CA GLN A 1930 -78.51 -52.65 95.51
C GLN A 1930 -78.75 -52.17 96.93
N GLU A 1931 -77.78 -51.48 97.52
CA GLU A 1931 -77.90 -50.92 98.86
C GLU A 1931 -78.27 -49.44 98.84
N GLN A 1932 -78.39 -48.83 97.67
CA GLN A 1932 -78.84 -47.45 97.53
C GLN A 1932 -77.97 -46.48 98.33
N LYS A 1933 -76.68 -46.46 98.02
CA LYS A 1933 -75.76 -45.58 98.73
C LYS A 1933 -74.81 -44.89 97.76
N LEU A 1934 -74.59 -43.60 97.99
CA LEU A 1934 -73.73 -42.77 97.16
C LEU A 1934 -72.34 -42.69 97.76
N TYR A 1935 -71.33 -42.82 96.90
CA TYR A 1935 -69.93 -42.70 97.27
C TYR A 1935 -69.32 -41.57 96.47
N TRP A 1936 -68.51 -40.74 97.13
CA TRP A 1936 -67.81 -39.66 96.45
C TRP A 1936 -66.44 -39.51 97.09
N ALA A 1937 -65.62 -38.65 96.49
CA ALA A 1937 -64.26 -38.42 96.98
C ALA A 1937 -63.99 -36.92 97.09
N VAL A 1938 -63.43 -36.53 98.22
CA VAL A 1938 -63.00 -35.16 98.47
C VAL A 1938 -61.48 -35.18 98.49
N THR A 1939 -60.89 -34.55 97.48
CA THR A 1939 -59.44 -34.48 97.32
C THR A 1939 -58.82 -33.48 98.29
N SER A 1940 -59.55 -32.42 98.64
CA SER A 1940 -59.01 -31.42 99.56
C SER A 1940 -58.80 -31.98 100.96
N ARG A 1941 -59.33 -33.16 101.26
CA ARG A 1941 -59.11 -33.83 102.53
C ARG A 1941 -58.59 -35.24 102.37
N GLY A 1942 -58.52 -35.77 101.15
CA GLY A 1942 -57.99 -37.09 100.93
C GLY A 1942 -58.91 -38.20 101.41
N VAL A 1943 -60.23 -38.01 101.27
CA VAL A 1943 -61.19 -38.96 101.81
C VAL A 1943 -62.15 -39.43 100.75
N ILE A 1944 -62.61 -40.67 100.92
CA ILE A 1944 -63.77 -41.20 100.24
C ILE A 1944 -64.90 -41.18 101.26
N GLU A 1945 -66.03 -40.63 100.87
CA GLU A 1945 -67.18 -40.49 101.75
C GLU A 1945 -68.38 -41.22 101.18
N ARG A 1946 -69.27 -41.62 102.08
CA ARG A 1946 -70.45 -42.38 101.74
C ARG A 1946 -71.67 -41.76 102.42
N GLY A 1947 -72.81 -41.89 101.76
CA GLY A 1947 -74.06 -41.37 102.30
C GLY A 1947 -75.23 -42.10 101.70
N ASN A 1948 -76.40 -41.87 102.29
CA ASN A 1948 -77.63 -42.41 101.76
C ASN A 1948 -78.17 -41.52 100.66
N VAL A 1949 -78.96 -42.14 99.76
CA VAL A 1949 -79.56 -41.39 98.67
C VAL A 1949 -80.60 -40.38 99.13
N ASP A 1950 -81.06 -40.47 100.38
CA ASP A 1950 -82.02 -39.54 100.93
C ASP A 1950 -81.35 -38.39 101.68
N GLY A 1951 -80.03 -38.29 101.63
CA GLY A 1951 -79.33 -37.20 102.30
C GLY A 1951 -79.07 -37.43 103.77
N THR A 1952 -78.75 -38.66 104.15
CA THR A 1952 -78.52 -38.99 105.55
C THR A 1952 -77.34 -39.94 105.70
N GLU A 1953 -76.80 -39.98 106.92
CA GLU A 1953 -75.75 -40.90 107.33
C GLU A 1953 -74.45 -40.70 106.54
N ARG A 1954 -73.98 -39.46 106.52
CA ARG A 1954 -72.70 -39.16 105.89
C ARG A 1954 -71.56 -39.70 106.77
N MET A 1955 -70.58 -40.33 106.13
CA MET A 1955 -69.42 -40.84 106.85
C MET A 1955 -68.22 -40.92 105.93
N ILE A 1956 -67.05 -41.07 106.55
CA ILE A 1956 -65.79 -41.27 105.85
C ILE A 1956 -65.49 -42.76 105.86
N LEU A 1957 -65.18 -43.32 104.69
CA LEU A 1957 -64.89 -44.74 104.54
C LEU A 1957 -63.42 -45.04 104.32
N VAL A 1958 -62.68 -44.15 103.66
CA VAL A 1958 -61.25 -44.35 103.41
C VAL A 1958 -60.53 -43.03 103.71
N HIS A 1959 -59.39 -43.14 104.37
CA HIS A 1959 -58.57 -42.00 104.76
C HIS A 1959 -57.25 -41.97 103.99
N HIS A 1960 -56.56 -40.84 104.12
CA HIS A 1960 -55.16 -40.66 103.77
C HIS A 1960 -54.88 -40.83 102.28
N LEU A 1961 -55.83 -40.52 101.41
CA LEU A 1961 -55.57 -40.50 99.98
C LEU A 1961 -54.99 -39.15 99.58
N ALA A 1962 -54.49 -39.07 98.35
CA ALA A 1962 -53.80 -37.88 97.86
C ALA A 1962 -54.62 -37.16 96.78
N HIS A 1963 -55.00 -37.86 95.72
CA HIS A 1963 -55.88 -37.30 94.69
C HIS A 1963 -56.72 -38.43 94.14
N PRO A 1964 -57.78 -38.83 94.85
CA PRO A 1964 -58.62 -39.91 94.35
C PRO A 1964 -59.44 -39.46 93.15
N TRP A 1965 -59.06 -39.95 91.97
CA TRP A 1965 -59.64 -39.52 90.71
C TRP A 1965 -60.80 -40.40 90.25
N GLY A 1966 -60.79 -41.67 90.61
CA GLY A 1966 -61.79 -42.61 90.12
C GLY A 1966 -62.33 -43.51 91.20
N LEU A 1967 -63.63 -43.80 91.13
CA LEU A 1967 -64.36 -44.62 92.08
C LEU A 1967 -65.28 -45.58 91.33
N VAL A 1968 -65.43 -46.79 91.86
CA VAL A 1968 -66.45 -47.72 91.39
C VAL A 1968 -66.71 -48.73 92.50
N VAL A 1969 -67.96 -49.14 92.63
CA VAL A 1969 -68.38 -50.08 93.66
C VAL A 1969 -69.04 -51.28 92.98
N HIS A 1970 -68.60 -52.48 93.36
CA HIS A 1970 -69.07 -53.70 92.74
C HIS A 1970 -69.01 -54.81 93.79
N GLY A 1971 -70.11 -55.53 93.94
CA GLY A 1971 -70.15 -56.58 94.93
C GLY A 1971 -69.90 -56.00 96.31
N SER A 1972 -69.02 -56.65 97.06
CA SER A 1972 -68.62 -56.21 98.39
C SER A 1972 -67.44 -55.25 98.37
N PHE A 1973 -66.94 -54.86 97.19
CA PHE A 1973 -65.69 -54.16 97.06
C PHE A 1973 -65.86 -52.78 96.44
N LEU A 1974 -64.97 -51.90 96.84
CA LEU A 1974 -64.87 -50.54 96.33
C LEU A 1974 -63.48 -50.41 95.73
N TYR A 1975 -63.40 -49.90 94.52
CA TYR A 1975 -62.16 -49.75 93.79
C TYR A 1975 -61.95 -48.27 93.56
N TYR A 1976 -60.72 -47.81 93.75
CA TYR A 1976 -60.42 -46.41 93.54
C TYR A 1976 -59.03 -46.26 92.93
N SER A 1977 -58.84 -45.15 92.23
CA SER A 1977 -57.58 -44.82 91.60
C SER A 1977 -57.07 -43.48 92.12
N ASP A 1978 -55.77 -43.41 92.34
CA ASP A 1978 -55.10 -42.23 92.86
C ASP A 1978 -54.00 -41.83 91.90
N GLU A 1979 -54.00 -40.54 91.54
CA GLU A 1979 -53.11 -39.97 90.54
C GLU A 1979 -51.76 -39.55 91.09
N GLN A 1980 -51.66 -39.32 92.40
CA GLN A 1980 -50.37 -38.97 92.99
C GLN A 1980 -49.66 -40.21 93.50
N TYR A 1981 -50.40 -41.14 94.11
CA TYR A 1981 -49.83 -42.43 94.45
C TYR A 1981 -49.65 -43.31 93.23
N GLU A 1982 -50.26 -42.96 92.09
CA GLU A 1982 -50.12 -43.70 90.84
C GLU A 1982 -50.56 -45.15 91.06
N VAL A 1983 -51.74 -45.32 91.64
CA VAL A 1983 -52.17 -46.63 92.10
C VAL A 1983 -53.65 -46.88 91.88
N ILE A 1984 -53.99 -48.15 91.68
CA ILE A 1984 -55.35 -48.66 91.67
C ILE A 1984 -55.45 -49.63 92.84
N GLU A 1985 -56.44 -49.42 93.70
CA GLU A 1985 -56.58 -50.19 94.92
C GLU A 1985 -58.03 -50.61 95.14
N ARG A 1986 -58.19 -51.71 95.86
CA ARG A 1986 -59.46 -52.30 96.20
C ARG A 1986 -59.56 -52.42 97.71
N VAL A 1987 -60.75 -52.11 98.24
CA VAL A 1987 -61.06 -52.19 99.65
C VAL A 1987 -62.45 -52.77 99.79
N ASP A 1988 -62.82 -53.08 101.02
CA ASP A 1988 -64.13 -53.67 101.31
C ASP A 1988 -65.08 -52.54 101.69
N LYS A 1989 -66.21 -52.47 100.99
CA LYS A 1989 -67.08 -51.30 101.10
C LYS A 1989 -67.76 -51.19 102.45
N SER A 1990 -67.82 -52.25 103.24
CA SER A 1990 -68.48 -52.16 104.53
C SER A 1990 -67.66 -51.33 105.52
N SER A 1991 -66.33 -51.52 105.53
CA SER A 1991 -65.46 -50.84 106.48
C SER A 1991 -64.19 -50.26 105.87
N GLY A 1992 -63.83 -50.61 104.64
CA GLY A 1992 -62.56 -50.15 104.12
C GLY A 1992 -61.36 -50.71 104.86
N SER A 1993 -61.52 -51.85 105.53
CA SER A 1993 -60.56 -52.36 106.48
C SER A 1993 -59.60 -53.38 105.89
N ASN A 1994 -59.72 -53.69 104.61
CA ASN A 1994 -58.77 -54.55 103.91
C ASN A 1994 -58.36 -53.82 102.65
N LYS A 1995 -57.11 -54.02 102.23
CA LYS A 1995 -56.56 -53.34 101.07
C LYS A 1995 -55.82 -54.31 100.17
N VAL A 1996 -56.08 -54.22 98.88
CA VAL A 1996 -55.38 -54.96 97.84
C VAL A 1996 -55.00 -53.96 96.77
N VAL A 1997 -53.84 -54.18 96.15
CA VAL A 1997 -53.31 -53.26 95.14
C VAL A 1997 -53.29 -53.99 93.81
N PHE A 1998 -53.93 -53.41 92.81
CA PHE A 1998 -54.06 -54.05 91.51
C PHE A 1998 -52.95 -53.64 90.55
N ARG A 1999 -52.68 -52.34 90.47
CA ARG A 1999 -51.61 -51.82 89.62
C ARG A 1999 -50.95 -50.66 90.34
N ASP A 2000 -49.67 -50.47 90.06
CA ASP A 2000 -48.92 -49.36 90.63
C ASP A 2000 -47.96 -48.80 89.57
N ASN A 2001 -47.43 -47.63 89.87
CA ASN A 2001 -46.54 -46.90 88.97
C ASN A 2001 -47.21 -46.63 87.63
N ILE A 2002 -48.52 -46.38 87.66
CA ILE A 2002 -49.29 -46.06 86.46
C ILE A 2002 -49.39 -44.54 86.37
N PRO A 2003 -48.75 -43.89 85.40
CA PRO A 2003 -48.90 -42.43 85.27
C PRO A 2003 -50.22 -42.04 84.63
N TYR A 2004 -50.64 -40.81 84.95
CA TYR A 2004 -51.80 -40.19 84.32
C TYR A 2004 -53.07 -41.01 84.52
N LEU A 2005 -53.29 -41.45 85.76
CA LEU A 2005 -54.48 -42.23 86.04
C LEU A 2005 -55.72 -41.36 85.97
N ARG A 2006 -56.82 -41.99 85.58
CA ARG A 2006 -58.13 -41.35 85.52
C ARG A 2006 -59.14 -42.36 86.03
N GLY A 2007 -60.41 -42.16 85.71
CA GLY A 2007 -61.48 -42.87 86.35
C GLY A 2007 -61.69 -44.29 85.85
N LEU A 2008 -62.37 -45.04 86.70
CA LEU A 2008 -62.59 -46.47 86.55
C LEU A 2008 -64.08 -46.78 86.43
N ARG A 2009 -64.37 -47.87 85.73
CA ARG A 2009 -65.68 -48.47 85.62
C ARG A 2009 -65.52 -49.97 85.82
N VAL A 2010 -66.63 -50.67 86.02
CA VAL A 2010 -66.64 -52.13 86.04
C VAL A 2010 -67.65 -52.60 85.02
N TYR A 2011 -67.25 -53.58 84.22
CA TYR A 2011 -68.05 -54.12 83.14
C TYR A 2011 -68.61 -55.45 83.61
N HIS A 2012 -69.94 -55.58 83.53
CA HIS A 2012 -70.66 -56.74 84.02
C HIS A 2012 -72.01 -56.80 83.30
N HIS A 2013 -72.67 -57.96 83.42
CA HIS A 2013 -73.94 -58.19 82.74
C HIS A 2013 -75.11 -57.62 83.55
N ARG A 2014 -75.29 -56.32 83.42
CA ARG A 2014 -76.45 -55.64 84.00
C ARG A 2014 -77.61 -55.81 83.02
N ASN A 2015 -78.70 -56.42 83.48
CA ASN A 2015 -79.82 -56.80 82.64
C ASN A 2015 -81.02 -55.89 82.86
N ALA A 2016 -81.71 -55.59 81.76
CA ALA A 2016 -82.87 -54.70 81.79
C ALA A 2016 -84.10 -55.35 82.39
N ALA A 2017 -84.23 -56.67 82.30
CA ALA A 2017 -85.45 -57.33 82.75
C ALA A 2017 -85.69 -57.09 84.24
N ASP A 2018 -84.64 -57.20 85.05
CA ASP A 2018 -84.80 -56.95 86.49
C ASP A 2018 -85.03 -55.47 86.76
N SER A 2019 -84.24 -54.60 86.14
CA SER A 2019 -84.27 -53.15 86.33
C SER A 2019 -85.34 -52.44 85.50
N SER A 2020 -86.33 -53.16 84.96
CA SER A 2020 -87.31 -52.55 84.06
C SER A 2020 -88.00 -51.36 84.71
N ASN A 2021 -88.40 -50.41 83.87
CA ASN A 2021 -89.07 -49.19 84.30
C ASN A 2021 -90.19 -48.86 83.31
N GLY A 2022 -90.75 -47.66 83.47
CA GLY A 2022 -91.88 -47.25 82.64
C GLY A 2022 -91.54 -47.15 81.17
N CYS A 2023 -90.37 -46.61 80.83
CA CYS A 2023 -90.02 -46.47 79.42
C CYS A 2023 -89.79 -47.83 78.77
N SER A 2024 -89.28 -48.81 79.51
CA SER A 2024 -89.13 -50.15 78.96
C SER A 2024 -90.48 -50.84 78.84
N ASN A 2025 -91.39 -50.59 79.78
CA ASN A 2025 -92.71 -51.22 79.73
C ASN A 2025 -93.59 -50.60 78.66
N ASN A 2026 -93.36 -49.33 78.31
CA ASN A 2026 -94.16 -48.62 77.31
C ASN A 2026 -93.27 -48.17 76.16
N PRO A 2027 -92.72 -49.11 75.39
CA PRO A 2027 -91.90 -48.72 74.25
C PRO A 2027 -92.74 -48.05 73.17
N ASN A 2028 -92.09 -47.20 72.39
CA ASN A 2028 -92.72 -46.48 71.29
C ASN A 2028 -93.82 -45.54 71.77
N ALA A 2029 -93.80 -45.16 73.04
CA ALA A 2029 -94.81 -44.25 73.56
C ALA A 2029 -94.53 -42.82 73.14
N CYS A 2030 -93.36 -42.30 73.49
CA CYS A 2030 -93.02 -40.93 73.15
C CYS A 2030 -92.48 -40.85 71.73
N GLN A 2031 -92.66 -39.68 71.12
CA GLN A 2031 -92.21 -39.47 69.75
C GLN A 2031 -90.70 -39.42 69.66
N GLN A 2032 -90.04 -38.64 70.53
CA GLN A 2032 -88.62 -38.39 70.45
C GLN A 2032 -87.82 -38.98 71.61
N ILE A 2033 -88.14 -38.66 72.87
CA ILE A 2033 -87.36 -39.15 74.00
C ILE A 2033 -88.30 -39.60 75.10
N CYS A 2034 -87.92 -40.68 75.79
CA CYS A 2034 -88.64 -41.19 76.95
C CYS A 2034 -87.67 -41.17 78.12
N LEU A 2035 -88.12 -40.63 79.25
CA LEU A 2035 -87.30 -40.51 80.44
C LEU A 2035 -88.08 -41.05 81.64
N PRO A 2036 -87.50 -41.97 82.42
CA PRO A 2036 -88.26 -42.51 83.56
C PRO A 2036 -88.40 -41.48 84.67
N VAL A 2037 -89.41 -41.70 85.51
CA VAL A 2037 -89.63 -40.91 86.72
C VAL A 2037 -90.06 -41.85 87.84
N PRO A 2038 -89.95 -41.41 89.09
CA PRO A 2038 -90.26 -42.31 90.21
C PRO A 2038 -91.68 -42.84 90.16
N GLY A 2039 -91.87 -43.99 90.81
CA GLY A 2039 -93.17 -44.63 90.87
C GLY A 2039 -93.51 -45.49 89.67
N GLY A 2040 -92.52 -45.85 88.87
CA GLY A 2040 -92.76 -46.66 87.68
C GLY A 2040 -93.31 -45.90 86.51
N MET A 2041 -93.53 -44.59 86.65
CA MET A 2041 -94.09 -43.79 85.58
C MET A 2041 -92.98 -43.30 84.64
N PHE A 2042 -93.41 -42.82 83.48
CA PHE A 2042 -92.51 -42.31 82.46
C PHE A 2042 -92.98 -40.93 82.04
N SER A 2043 -92.05 -40.19 81.46
CA SER A 2043 -92.26 -38.82 81.00
C SER A 2043 -91.70 -38.73 79.60
N CYS A 2044 -92.31 -37.88 78.79
CA CYS A 2044 -91.93 -37.73 77.39
C CYS A 2044 -91.17 -36.41 77.24
N ALA A 2045 -90.14 -36.45 76.41
CA ALA A 2045 -89.19 -35.36 76.26
C ALA A 2045 -88.92 -35.14 74.79
N CYS A 2046 -88.62 -33.90 74.47
CA CYS A 2046 -88.49 -33.43 73.10
C CYS A 2046 -87.16 -32.72 72.94
N ALA A 2047 -86.53 -32.95 71.79
CA ALA A 2047 -85.18 -32.50 71.50
C ALA A 2047 -85.10 -30.98 71.45
N SER A 2048 -83.86 -30.50 71.42
CA SER A 2048 -83.57 -29.07 71.39
C SER A 2048 -84.23 -28.41 70.19
N GLY A 2049 -84.86 -27.27 70.43
CA GLY A 2049 -85.58 -26.53 69.42
C GLY A 2049 -87.04 -26.91 69.30
N PHE A 2050 -87.44 -28.03 69.89
CA PHE A 2050 -88.81 -28.50 69.88
C PHE A 2050 -89.38 -28.49 71.30
N LYS A 2051 -90.71 -28.47 71.36
CA LYS A 2051 -91.48 -28.44 72.60
C LYS A 2051 -92.48 -29.59 72.53
N LEU A 2052 -93.01 -29.95 73.69
CA LEU A 2052 -93.91 -31.09 73.82
C LEU A 2052 -95.34 -30.56 73.84
N SER A 2053 -96.25 -31.34 73.23
CA SER A 2053 -97.61 -30.91 72.97
C SER A 2053 -98.59 -31.51 73.96
N PRO A 2054 -99.75 -30.86 74.16
CA PRO A 2054 -100.65 -31.27 75.25
C PRO A 2054 -101.08 -32.73 75.23
N ASP A 2055 -100.92 -33.45 74.12
CA ASP A 2055 -101.20 -34.88 74.18
C ASP A 2055 -100.19 -35.62 75.03
N GLY A 2056 -99.05 -35.00 75.33
CA GLY A 2056 -98.02 -35.58 76.16
C GLY A 2056 -97.07 -36.49 75.44
N ARG A 2057 -97.28 -36.71 74.15
CA ARG A 2057 -96.45 -37.60 73.34
C ARG A 2057 -95.85 -36.93 72.11
N SER A 2058 -96.53 -35.94 71.55
CA SER A 2058 -96.10 -35.32 70.30
C SER A 2058 -95.19 -34.11 70.55
N CYS A 2059 -94.51 -33.72 69.48
CA CYS A 2059 -93.52 -32.66 69.47
C CYS A 2059 -93.85 -31.63 68.39
N SER A 2060 -93.59 -30.36 68.70
CA SER A 2060 -93.88 -29.25 67.79
C SER A 2060 -92.89 -28.14 68.09
N PRO A 2061 -92.47 -27.37 67.09
CA PRO A 2061 -91.49 -26.30 67.37
C PRO A 2061 -91.99 -25.27 68.36
N TYR A 2062 -91.04 -24.71 69.11
CA TYR A 2062 -91.32 -23.58 69.98
C TYR A 2062 -91.82 -22.40 69.17
N ASN A 2063 -92.69 -21.59 69.77
CA ASN A 2063 -93.15 -20.36 69.15
C ASN A 2063 -93.22 -19.19 70.12
N SER A 2064 -92.66 -19.32 71.32
CA SER A 2064 -92.61 -18.22 72.28
C SER A 2064 -91.35 -18.41 73.12
N PHE A 2065 -90.28 -17.72 72.74
CA PHE A 2065 -89.03 -17.82 73.50
C PHE A 2065 -88.22 -16.56 73.28
N ILE A 2066 -87.21 -16.35 74.13
CA ILE A 2066 -86.33 -15.21 74.03
C ILE A 2066 -84.98 -15.68 73.52
N VAL A 2067 -84.36 -14.87 72.66
CA VAL A 2067 -83.11 -15.20 72.01
C VAL A 2067 -82.07 -14.20 72.46
N VAL A 2068 -80.93 -14.70 72.90
CA VAL A 2068 -79.89 -13.93 73.55
C VAL A 2068 -78.62 -14.08 72.74
N SER A 2069 -77.88 -12.99 72.64
CA SER A 2069 -76.66 -12.95 71.86
C SER A 2069 -75.46 -12.74 72.77
N MET A 2070 -74.40 -13.49 72.49
CA MET A 2070 -73.12 -13.33 73.13
C MET A 2070 -72.10 -13.52 72.03
N LEU A 2071 -70.93 -12.93 72.19
CA LEU A 2071 -69.90 -12.98 71.15
C LEU A 2071 -69.68 -14.38 70.60
N PRO A 2072 -69.59 -15.44 71.40
CA PRO A 2072 -69.42 -16.77 70.81
C PRO A 2072 -70.68 -17.44 70.28
N ALA A 2073 -71.88 -17.03 70.67
CA ALA A 2073 -73.06 -17.81 70.28
C ALA A 2073 -74.35 -17.00 70.35
N VAL A 2074 -75.41 -17.62 69.84
CA VAL A 2074 -76.78 -17.16 69.95
C VAL A 2074 -77.56 -18.33 70.55
N ARG A 2075 -78.32 -18.05 71.61
CA ARG A 2075 -79.03 -19.10 72.34
C ARG A 2075 -80.47 -18.68 72.61
N GLY A 2076 -81.34 -19.68 72.74
CA GLY A 2076 -82.76 -19.44 72.97
C GLY A 2076 -83.21 -20.09 74.26
N PHE A 2077 -84.00 -19.35 75.03
CA PHE A 2077 -84.48 -19.77 76.34
C PHE A 2077 -85.97 -19.58 76.43
N SER A 2078 -86.62 -20.49 77.14
CA SER A 2078 -88.05 -20.41 77.38
C SER A 2078 -88.34 -19.45 78.52
N LEU A 2079 -89.48 -18.76 78.42
CA LEU A 2079 -89.88 -17.85 79.48
C LEU A 2079 -90.48 -18.58 80.68
N GLU A 2080 -90.74 -19.87 80.57
CA GLU A 2080 -91.11 -20.69 81.71
C GLU A 2080 -89.81 -20.98 82.46
N LEU A 2081 -89.68 -20.41 83.67
CA LEU A 2081 -88.41 -20.48 84.38
C LEU A 2081 -88.00 -21.90 84.73
N SER A 2082 -88.96 -22.83 84.83
CA SER A 2082 -88.61 -24.22 85.11
C SER A 2082 -88.18 -25.00 83.88
N ASP A 2083 -88.34 -24.43 82.68
CA ASP A 2083 -88.00 -25.12 81.43
C ASP A 2083 -86.54 -24.85 81.11
N HIS A 2084 -85.68 -25.81 81.44
CA HIS A 2084 -84.25 -25.68 81.22
C HIS A 2084 -83.82 -26.05 79.80
N SER A 2085 -84.75 -26.33 78.90
CA SER A 2085 -84.40 -26.77 77.57
C SER A 2085 -83.91 -25.62 76.70
N GLU A 2086 -83.24 -25.97 75.61
CA GLU A 2086 -82.84 -25.02 74.59
C GLU A 2086 -84.00 -24.80 73.64
N ALA A 2087 -84.50 -23.56 73.57
CA ALA A 2087 -85.64 -23.28 72.70
C ALA A 2087 -85.27 -23.27 71.23
N MET A 2088 -83.99 -23.19 70.89
CA MET A 2088 -83.54 -23.28 69.51
C MET A 2088 -82.22 -24.04 69.48
N VAL A 2089 -81.94 -24.67 68.34
CA VAL A 2089 -80.61 -25.25 68.18
C VAL A 2089 -79.60 -24.11 68.25
N PRO A 2090 -78.59 -24.14 69.11
CA PRO A 2090 -77.68 -23.01 69.21
C PRO A 2090 -76.97 -22.70 67.91
N VAL A 2091 -76.37 -21.52 67.88
CA VAL A 2091 -75.51 -21.07 66.79
C VAL A 2091 -74.14 -20.90 67.41
N ALA A 2092 -73.18 -21.70 66.96
CA ALA A 2092 -71.84 -21.66 67.52
C ALA A 2092 -70.87 -22.29 66.54
N GLY A 2093 -69.64 -21.81 66.56
CA GLY A 2093 -68.57 -22.39 65.79
C GLY A 2093 -67.65 -21.33 65.24
N GLN A 2094 -66.86 -21.75 64.27
CA GLN A 2094 -65.85 -20.88 63.66
C GLN A 2094 -66.50 -19.69 62.97
N GLY A 2095 -65.91 -18.51 63.17
CA GLY A 2095 -66.38 -17.30 62.55
C GLY A 2095 -67.48 -16.56 63.28
N ARG A 2096 -67.98 -17.08 64.40
CA ARG A 2096 -69.07 -16.43 65.13
C ARG A 2096 -68.51 -15.44 66.14
N ASN A 2097 -68.78 -14.16 65.90
CA ASN A 2097 -68.45 -13.03 66.76
C ASN A 2097 -69.66 -12.13 66.86
N VAL A 2098 -70.80 -12.75 67.19
CA VAL A 2098 -72.10 -12.10 67.10
C VAL A 2098 -72.17 -10.86 67.96
N LEU A 2099 -72.85 -9.83 67.45
CA LEU A 2099 -73.08 -8.59 68.17
C LEU A 2099 -74.55 -8.22 68.30
N HIS A 2100 -75.39 -8.58 67.34
CA HIS A 2100 -76.82 -8.30 67.43
C HIS A 2100 -77.59 -9.38 66.69
N ALA A 2101 -78.79 -9.65 67.19
CA ALA A 2101 -79.73 -10.61 66.61
C ALA A 2101 -81.14 -10.04 66.59
N ASP A 2102 -81.86 -10.35 65.52
CA ASP A 2102 -83.28 -10.00 65.37
C ASP A 2102 -83.99 -11.22 64.78
N VAL A 2103 -85.33 -11.19 64.79
CA VAL A 2103 -86.11 -12.36 64.43
C VAL A 2103 -87.26 -12.01 63.49
N ASP A 2104 -87.57 -12.94 62.59
CA ASP A 2104 -88.75 -12.93 61.75
C ASP A 2104 -89.57 -14.13 62.22
N VAL A 2105 -90.67 -13.87 62.93
CA VAL A 2105 -91.45 -14.94 63.53
C VAL A 2105 -92.31 -15.67 62.50
N ALA A 2106 -92.93 -14.93 61.58
CA ALA A 2106 -93.84 -15.55 60.63
C ALA A 2106 -93.11 -16.54 59.73
N ASN A 2107 -91.97 -16.14 59.18
CA ASN A 2107 -91.22 -17.03 58.31
C ASN A 2107 -90.29 -17.96 59.07
N GLY A 2108 -90.12 -17.78 60.37
CA GLY A 2108 -89.34 -18.70 61.18
C GLY A 2108 -87.85 -18.57 60.99
N PHE A 2109 -87.32 -17.34 61.08
CA PHE A 2109 -85.91 -17.09 60.85
C PHE A 2109 -85.34 -16.20 61.95
N ILE A 2110 -84.05 -16.38 62.20
CA ILE A 2110 -83.28 -15.55 63.11
C ILE A 2110 -82.13 -14.98 62.29
N TYR A 2111 -81.93 -13.68 62.41
CA TYR A 2111 -80.89 -12.94 61.69
C TYR A 2111 -79.89 -12.42 62.71
N TRP A 2112 -78.62 -12.46 62.37
CA TRP A 2112 -77.60 -11.94 63.27
C TRP A 2112 -76.45 -11.36 62.45
N CYS A 2113 -75.66 -10.52 63.10
CA CYS A 2113 -74.52 -9.89 62.47
C CYS A 2113 -73.23 -10.32 63.14
N ASP A 2114 -72.18 -10.46 62.32
CA ASP A 2114 -70.87 -10.91 62.76
C ASP A 2114 -69.84 -9.86 62.37
N PHE A 2115 -68.85 -9.69 63.24
CA PHE A 2115 -67.82 -8.67 63.14
C PHE A 2115 -66.43 -9.27 63.32
N SER A 2116 -65.47 -8.77 62.54
CA SER A 2116 -64.06 -9.09 62.73
C SER A 2116 -63.20 -7.96 62.21
N SER A 2117 -62.26 -7.50 63.03
CA SER A 2117 -61.34 -6.44 62.66
C SER A 2117 -60.17 -6.94 61.83
N SER A 2118 -59.98 -8.25 61.71
CA SER A 2118 -58.82 -8.83 61.04
C SER A 2118 -59.14 -9.73 59.87
N VAL A 2119 -60.41 -10.08 59.65
CA VAL A 2119 -60.81 -11.01 58.60
C VAL A 2119 -62.07 -10.47 57.94
N ARG A 2120 -61.94 -10.03 56.69
CA ARG A 2120 -63.05 -9.41 55.97
C ARG A 2120 -64.23 -10.36 55.85
N SER A 2121 -63.99 -11.60 55.41
CA SER A 2121 -65.09 -12.52 55.16
C SER A 2121 -65.86 -12.88 56.41
N SER A 2122 -65.29 -12.67 57.60
CA SER A 2122 -66.00 -12.97 58.83
C SER A 2122 -66.99 -11.88 59.24
N ASN A 2123 -67.16 -10.84 58.42
CA ASN A 2123 -68.12 -9.77 58.68
C ASN A 2123 -69.35 -9.98 57.81
N GLY A 2124 -70.53 -9.81 58.40
CA GLY A 2124 -71.72 -9.86 57.59
C GLY A 2124 -72.99 -10.01 58.40
N ILE A 2125 -74.08 -10.28 57.66
CA ILE A 2125 -75.38 -10.61 58.21
C ILE A 2125 -75.75 -11.99 57.70
N ARG A 2126 -76.23 -12.84 58.60
CA ARG A 2126 -76.53 -14.22 58.28
C ARG A 2126 -77.83 -14.62 58.97
N ARG A 2127 -78.58 -15.50 58.33
CA ARG A 2127 -79.83 -15.98 58.89
C ARG A 2127 -79.84 -17.50 58.94
N ILE A 2128 -80.51 -18.00 59.98
CA ILE A 2128 -80.68 -19.42 60.23
C ILE A 2128 -82.11 -19.62 60.72
N LYS A 2129 -82.52 -20.89 60.81
CA LYS A 2129 -83.81 -21.24 61.38
C LYS A 2129 -83.62 -21.83 62.78
N PRO A 2130 -84.60 -21.69 63.67
CA PRO A 2130 -84.40 -22.20 65.04
C PRO A 2130 -84.06 -23.68 65.11
N ASN A 2131 -84.40 -24.45 64.09
CA ASN A 2131 -84.05 -25.86 64.03
C ASN A 2131 -82.73 -26.13 63.32
N GLY A 2132 -81.98 -25.09 62.95
CA GLY A 2132 -80.68 -25.30 62.36
C GLY A 2132 -80.69 -25.79 60.94
N SER A 2133 -81.83 -25.73 60.25
CA SER A 2133 -81.97 -26.40 58.97
C SER A 2133 -81.31 -25.64 57.83
N ASN A 2134 -81.59 -24.35 57.69
CA ASN A 2134 -81.11 -23.58 56.53
C ASN A 2134 -80.37 -22.33 56.98
N PHE A 2135 -79.14 -22.19 56.49
CA PHE A 2135 -78.20 -21.16 56.86
C PHE A 2135 -77.77 -20.41 55.60
N THR A 2136 -77.89 -19.09 55.62
CA THR A 2136 -77.54 -18.32 54.43
C THR A 2136 -77.01 -16.94 54.82
N ASN A 2137 -76.24 -16.36 53.91
CA ASN A 2137 -75.57 -15.08 54.07
C ASN A 2137 -76.32 -14.04 53.25
N ILE A 2138 -76.68 -12.93 53.87
CA ILE A 2138 -77.56 -11.94 53.26
C ILE A 2138 -76.82 -10.65 52.93
N VAL A 2139 -75.89 -10.21 53.76
CA VAL A 2139 -75.05 -9.06 53.45
C VAL A 2139 -73.60 -9.48 53.68
N THR A 2140 -72.78 -9.40 52.63
CA THR A 2140 -71.36 -9.64 52.74
C THR A 2140 -70.51 -8.58 52.05
N TYR A 2141 -71.07 -7.91 51.05
CA TYR A 2141 -70.34 -6.92 50.28
C TYR A 2141 -70.50 -5.53 50.88
N GLY A 2142 -69.43 -4.75 50.82
CA GLY A 2142 -69.45 -3.35 51.21
C GLY A 2142 -69.69 -3.08 52.67
N ILE A 2143 -68.93 -3.72 53.54
CA ILE A 2143 -69.01 -3.53 54.99
C ILE A 2143 -67.80 -2.73 55.43
N GLY A 2144 -68.04 -1.76 56.31
CA GLY A 2144 -66.98 -0.89 56.78
C GLY A 2144 -66.03 -1.58 57.74
N ALA A 2145 -64.95 -0.85 58.05
CA ALA A 2145 -63.92 -1.39 58.93
C ALA A 2145 -64.45 -1.67 60.32
N ASN A 2146 -65.38 -0.86 60.80
CA ASN A 2146 -65.96 -1.07 62.13
C ASN A 2146 -67.15 -2.01 62.09
N GLY A 2147 -67.52 -2.51 60.92
CA GLY A 2147 -68.51 -3.56 60.82
C GLY A 2147 -69.94 -3.07 60.90
N ILE A 2148 -70.84 -4.04 60.80
CA ILE A 2148 -72.27 -3.79 60.95
C ILE A 2148 -72.58 -3.80 62.44
N ARG A 2149 -73.29 -2.79 62.90
CA ARG A 2149 -73.60 -2.62 64.31
C ARG A 2149 -75.09 -2.49 64.55
N GLY A 2150 -75.89 -3.24 63.79
CA GLY A 2150 -77.32 -3.12 63.93
C GLY A 2150 -78.09 -3.96 62.94
N VAL A 2151 -79.15 -4.62 63.40
CA VAL A 2151 -80.06 -5.36 62.54
C VAL A 2151 -81.47 -5.14 63.06
N ALA A 2152 -82.33 -4.63 62.20
CA ALA A 2152 -83.75 -4.50 62.45
C ALA A 2152 -84.48 -5.16 61.29
N VAL A 2153 -85.59 -5.83 61.58
CA VAL A 2153 -86.34 -6.56 60.57
C VAL A 2153 -87.78 -6.05 60.58
N ASP A 2154 -88.28 -5.75 59.39
CA ASP A 2154 -89.65 -5.29 59.17
C ASP A 2154 -90.35 -6.47 58.50
N TRP A 2155 -91.20 -7.13 59.28
CA TRP A 2155 -91.92 -8.32 58.87
C TRP A 2155 -93.12 -8.03 57.99
N VAL A 2156 -93.58 -6.77 57.98
CA VAL A 2156 -94.69 -6.40 57.12
C VAL A 2156 -94.21 -6.23 55.68
N ALA A 2157 -93.20 -5.38 55.50
CA ALA A 2157 -92.68 -5.10 54.16
C ALA A 2157 -91.67 -6.12 53.67
N GLY A 2158 -91.13 -6.96 54.55
CA GLY A 2158 -90.08 -7.87 54.14
C GLY A 2158 -88.75 -7.18 53.96
N ASN A 2159 -88.42 -6.26 54.86
CA ASN A 2159 -87.23 -5.41 54.74
C ASN A 2159 -86.32 -5.60 55.94
N LEU A 2160 -85.04 -5.37 55.72
CA LEU A 2160 -84.04 -5.43 56.79
C LEU A 2160 -83.24 -4.13 56.77
N TYR A 2161 -83.09 -3.53 57.94
CA TYR A 2161 -82.37 -2.27 58.11
C TYR A 2161 -81.12 -2.56 58.91
N PHE A 2162 -80.01 -1.93 58.51
CA PHE A 2162 -78.77 -2.12 59.24
C PHE A 2162 -77.88 -0.89 59.15
N THR A 2163 -77.03 -0.74 60.15
CA THR A 2163 -76.11 0.36 60.28
C THR A 2163 -74.71 -0.12 59.96
N ASN A 2164 -74.07 0.53 59.01
CA ASN A 2164 -72.76 0.14 58.48
C ASN A 2164 -71.78 1.22 58.88
N ALA A 2165 -70.81 0.87 59.71
CA ALA A 2165 -69.91 1.81 60.34
C ALA A 2165 -68.53 1.77 59.69
N PHE A 2166 -68.11 2.88 59.12
CA PHE A 2166 -66.77 3.08 58.62
C PHE A 2166 -65.97 3.83 59.68
N VAL A 2167 -64.71 4.16 59.35
CA VAL A 2167 -63.85 4.78 60.34
C VAL A 2167 -64.32 6.19 60.67
N TYR A 2168 -64.69 6.98 59.65
CA TYR A 2168 -65.06 8.38 59.85
C TYR A 2168 -66.47 8.70 59.39
N GLU A 2169 -67.32 7.71 59.17
CA GLU A 2169 -68.70 7.96 58.80
C GLU A 2169 -69.52 6.71 59.04
N THR A 2170 -70.84 6.86 58.92
CA THR A 2170 -71.76 5.76 59.14
C THR A 2170 -72.90 5.88 58.15
N LEU A 2171 -73.43 4.72 57.75
CA LEU A 2171 -74.54 4.61 56.83
C LEU A 2171 -75.68 3.84 57.48
N ILE A 2172 -76.90 4.22 57.13
CA ILE A 2172 -78.09 3.45 57.42
C ILE A 2172 -78.58 2.96 56.07
N GLU A 2173 -78.76 1.64 55.96
CA GLU A 2173 -79.05 0.95 54.72
C GLU A 2173 -80.23 0.01 54.92
N VAL A 2174 -80.91 -0.27 53.81
CA VAL A 2174 -82.04 -1.17 53.77
C VAL A 2174 -81.85 -2.16 52.64
N ILE A 2175 -82.19 -3.42 52.90
CA ILE A 2175 -82.12 -4.50 51.93
C ILE A 2175 -83.44 -5.23 51.95
N ARG A 2176 -83.98 -5.53 50.77
CA ARG A 2176 -85.24 -6.26 50.67
C ARG A 2176 -84.92 -7.74 50.72
N ILE A 2177 -85.59 -8.47 51.62
CA ILE A 2177 -85.24 -9.85 51.86
C ILE A 2177 -85.57 -10.71 50.64
N ASN A 2178 -84.70 -11.69 50.38
CA ASN A 2178 -84.81 -12.61 49.25
C ASN A 2178 -84.67 -11.90 47.91
N THR A 2179 -83.98 -10.76 47.89
CA THR A 2179 -83.76 -10.03 46.65
C THR A 2179 -82.39 -9.36 46.71
N THR A 2180 -81.89 -9.02 45.53
CA THR A 2180 -80.66 -8.24 45.40
C THR A 2180 -80.97 -6.76 45.28
N TYR A 2181 -81.78 -6.25 46.22
CA TYR A 2181 -82.15 -4.85 46.28
C TYR A 2181 -81.64 -4.28 47.58
N ARG A 2182 -80.79 -3.26 47.47
CA ARG A 2182 -80.12 -2.62 48.58
C ARG A 2182 -80.03 -1.13 48.30
N ARG A 2183 -80.29 -0.33 49.32
CA ARG A 2183 -80.31 1.12 49.20
C ARG A 2183 -79.73 1.74 50.45
N VAL A 2184 -79.18 2.94 50.29
CA VAL A 2184 -78.65 3.73 51.39
C VAL A 2184 -79.66 4.81 51.67
N LEU A 2185 -80.16 4.85 52.91
CA LEU A 2185 -81.14 5.83 53.33
C LEU A 2185 -80.52 6.98 54.10
N LEU A 2186 -79.40 6.76 54.78
CA LEU A 2186 -78.75 7.87 55.46
C LEU A 2186 -77.25 7.70 55.45
N LYS A 2187 -76.55 8.82 55.37
CA LYS A 2187 -75.09 8.88 55.40
C LYS A 2187 -74.71 10.07 56.26
N VAL A 2188 -73.96 9.84 57.33
CA VAL A 2188 -73.66 10.90 58.28
C VAL A 2188 -72.29 10.67 58.90
N SER A 2189 -71.59 11.78 59.17
CA SER A 2189 -70.23 11.77 59.67
C SER A 2189 -70.11 12.19 61.13
N VAL A 2190 -70.75 13.29 61.52
CA VAL A 2190 -70.60 13.75 62.90
C VAL A 2190 -71.53 13.01 63.86
N ASP A 2191 -72.63 12.47 63.37
CA ASP A 2191 -73.49 11.60 64.16
C ASP A 2191 -73.00 10.17 63.99
N MET A 2192 -73.34 9.32 64.95
CA MET A 2192 -72.89 7.93 64.98
C MET A 2192 -74.06 7.01 65.28
N PRO A 2193 -74.98 6.83 64.34
CA PRO A 2193 -76.05 5.85 64.53
C PRO A 2193 -75.48 4.46 64.70
N ARG A 2194 -75.81 3.81 65.82
CA ARG A 2194 -75.37 2.45 66.05
C ARG A 2194 -76.52 1.44 66.19
N HIS A 2195 -77.42 1.59 67.16
CA HIS A 2195 -78.41 0.54 67.43
C HIS A 2195 -79.77 0.96 66.92
N ILE A 2196 -80.38 0.13 66.08
CA ILE A 2196 -81.57 0.49 65.31
C ILE A 2196 -82.69 -0.52 65.54
N VAL A 2197 -83.91 0.00 65.68
CA VAL A 2197 -85.11 -0.79 65.87
C VAL A 2197 -86.21 -0.15 65.04
N VAL A 2198 -87.17 -0.95 64.60
CA VAL A 2198 -88.20 -0.53 63.66
C VAL A 2198 -89.58 -0.88 64.18
N ASP A 2199 -90.55 -0.02 63.88
CA ASP A 2199 -91.95 -0.17 64.27
C ASP A 2199 -92.79 0.01 63.00
N PRO A 2200 -93.29 -1.08 62.41
CA PRO A 2200 -94.18 -0.93 61.25
C PRO A 2200 -95.60 -0.57 61.62
N LYS A 2201 -96.01 -0.75 62.87
CA LYS A 2201 -97.38 -0.44 63.26
C LYS A 2201 -97.61 1.06 63.29
N HIS A 2202 -96.64 1.82 63.80
CA HIS A 2202 -96.70 3.27 63.80
C HIS A 2202 -95.78 3.90 62.78
N ARG A 2203 -95.10 3.09 61.96
CA ARG A 2203 -94.34 3.57 60.81
C ARG A 2203 -93.18 4.47 61.23
N TYR A 2204 -92.39 4.00 62.20
CA TYR A 2204 -91.26 4.75 62.72
C TYR A 2204 -90.03 3.86 62.77
N LEU A 2205 -88.86 4.51 62.72
CA LEU A 2205 -87.57 3.85 62.78
C LEU A 2205 -86.75 4.61 63.81
N PHE A 2206 -86.31 3.92 64.87
CA PHE A 2206 -85.61 4.54 65.97
C PHE A 2206 -84.17 4.06 65.99
N TRP A 2207 -83.27 4.94 66.44
CA TRP A 2207 -81.89 4.50 66.62
C TRP A 2207 -81.24 5.24 67.78
N ALA A 2208 -80.18 4.62 68.29
CA ALA A 2208 -79.39 5.10 69.40
C ALA A 2208 -77.96 5.32 68.94
N ASP A 2209 -77.41 6.44 69.40
CA ASP A 2209 -76.09 6.96 69.03
C ASP A 2209 -75.35 7.24 70.32
N TYR A 2210 -74.19 6.60 70.50
CA TYR A 2210 -73.34 6.79 71.66
C TYR A 2210 -72.01 7.42 71.29
N GLY A 2211 -71.98 8.19 70.21
CA GLY A 2211 -70.81 8.95 69.83
C GLY A 2211 -70.80 10.27 70.56
N GLN A 2212 -70.04 11.22 70.03
CA GLN A 2212 -70.00 12.53 70.61
C GLN A 2212 -71.31 13.24 70.27
N LYS A 2213 -71.89 13.88 71.27
CA LYS A 2213 -73.27 14.36 71.30
C LYS A 2213 -74.17 13.14 71.17
N PRO A 2214 -74.18 12.25 72.17
CA PRO A 2214 -75.03 11.06 72.11
C PRO A 2214 -76.51 11.42 72.15
N LYS A 2215 -77.32 10.55 71.53
CA LYS A 2215 -78.74 10.85 71.45
C LYS A 2215 -79.51 9.60 71.04
N ILE A 2216 -80.83 9.72 71.13
CA ILE A 2216 -81.78 8.75 70.60
C ILE A 2216 -82.65 9.52 69.61
N GLU A 2217 -82.86 8.93 68.44
CA GLU A 2217 -83.55 9.59 67.34
C GLU A 2217 -84.66 8.74 66.78
N ARG A 2218 -85.67 9.44 66.25
CA ARG A 2218 -86.81 8.86 65.57
C ARG A 2218 -86.83 9.38 64.15
N SER A 2219 -87.28 8.53 63.23
CA SER A 2219 -87.32 8.86 61.82
C SER A 2219 -88.43 8.05 61.17
N PHE A 2220 -88.57 8.23 59.87
CA PHE A 2220 -89.51 7.49 59.05
C PHE A 2220 -88.80 6.28 58.46
N LEU A 2221 -89.58 5.40 57.82
CA LEU A 2221 -89.02 4.18 57.27
C LEU A 2221 -88.12 4.42 56.06
N ASP A 2222 -88.00 5.67 55.60
CA ASP A 2222 -87.03 6.05 54.59
C ASP A 2222 -86.10 7.15 55.08
N CYS A 2223 -86.08 7.43 56.38
CA CYS A 2223 -85.17 8.39 57.00
C CYS A 2223 -85.38 9.82 56.50
N THR A 2224 -86.52 10.12 55.88
CA THR A 2224 -86.73 11.46 55.34
C THR A 2224 -87.13 12.47 56.41
N ASN A 2225 -87.41 12.04 57.63
CA ASN A 2225 -87.63 12.91 58.76
C ASN A 2225 -86.75 12.46 59.91
N ARG A 2226 -86.25 13.42 60.68
CA ARG A 2226 -85.38 13.13 61.81
C ARG A 2226 -85.77 14.00 63.00
N THR A 2227 -85.93 13.38 64.15
CA THR A 2227 -86.23 14.08 65.40
C THR A 2227 -85.43 13.42 66.51
N VAL A 2228 -85.13 14.20 67.54
CA VAL A 2228 -84.33 13.73 68.67
C VAL A 2228 -85.23 13.66 69.89
N LEU A 2229 -85.31 12.48 70.50
CA LEU A 2229 -86.17 12.29 71.66
C LEU A 2229 -85.42 12.56 72.96
N VAL A 2230 -84.20 12.03 73.07
CA VAL A 2230 -83.36 12.22 74.24
C VAL A 2230 -82.07 12.90 73.77
N SER A 2231 -81.77 14.07 74.35
CA SER A 2231 -80.57 14.81 74.06
C SER A 2231 -79.74 15.12 75.30
N GLU A 2232 -80.27 14.88 76.49
CA GLU A 2232 -79.61 15.20 77.75
C GLU A 2232 -79.77 14.03 78.70
N GLY A 2233 -78.83 13.89 79.63
CA GLY A 2233 -78.85 12.77 80.54
C GLY A 2233 -78.62 11.44 79.84
N ILE A 2234 -77.78 11.45 78.80
CA ILE A 2234 -77.53 10.29 77.97
C ILE A 2234 -76.09 10.36 77.51
N VAL A 2235 -75.33 9.29 77.77
CA VAL A 2235 -73.89 9.28 77.52
C VAL A 2235 -73.49 8.12 76.62
N THR A 2236 -73.95 6.91 76.94
CA THR A 2236 -73.62 5.71 76.18
C THR A 2236 -74.85 4.82 76.05
N PRO A 2237 -75.84 5.27 75.27
CA PRO A 2237 -77.03 4.44 75.06
C PRO A 2237 -76.76 3.27 74.13
N ARG A 2238 -76.74 2.06 74.70
CA ARG A 2238 -76.45 0.83 73.95
C ARG A 2238 -77.53 -0.18 74.29
N GLY A 2239 -78.66 -0.04 73.60
CA GLY A 2239 -79.81 -0.90 73.80
C GLY A 2239 -81.07 -0.11 73.51
N LEU A 2240 -81.95 -0.67 72.68
CA LEU A 2240 -83.17 0.04 72.30
C LEU A 2240 -84.27 -0.98 72.05
N ALA A 2241 -85.38 -0.81 72.75
CA ALA A 2241 -86.53 -1.69 72.67
C ALA A 2241 -87.78 -0.85 72.50
N VAL A 2242 -88.82 -1.43 71.92
CA VAL A 2242 -90.07 -0.74 71.64
C VAL A 2242 -91.23 -1.59 72.16
N ASP A 2243 -92.25 -0.93 72.68
CA ASP A 2243 -93.44 -1.59 73.19
C ASP A 2243 -94.63 -1.13 72.35
N HIS A 2244 -95.33 -2.10 71.76
CA HIS A 2244 -96.48 -1.79 70.92
C HIS A 2244 -97.72 -1.46 71.75
N ASP A 2245 -97.82 -1.98 72.97
CA ASP A 2245 -99.02 -1.82 73.77
C ASP A 2245 -99.12 -0.46 74.46
N THR A 2246 -97.98 0.20 74.71
CA THR A 2246 -97.96 1.46 75.44
C THR A 2246 -97.37 2.62 74.66
N GLY A 2247 -96.71 2.37 73.53
CA GLY A 2247 -96.11 3.44 72.77
C GLY A 2247 -94.88 4.03 73.42
N TYR A 2248 -94.08 3.18 74.06
CA TYR A 2248 -92.86 3.60 74.76
C TYR A 2248 -91.65 2.92 74.14
N ILE A 2249 -90.51 3.59 74.24
CA ILE A 2249 -89.23 3.04 73.81
C ILE A 2249 -88.32 3.07 75.03
N TYR A 2250 -87.56 1.99 75.19
CA TYR A 2250 -86.76 1.71 76.36
C TYR A 2250 -85.29 1.65 75.96
N TRP A 2251 -84.43 2.27 76.76
CA TRP A 2251 -83.01 2.25 76.50
C TRP A 2251 -82.25 2.04 77.79
N VAL A 2252 -81.06 1.46 77.66
CA VAL A 2252 -80.16 1.18 78.77
C VAL A 2252 -78.84 1.86 78.51
N ASP A 2253 -78.30 2.51 79.53
CA ASP A 2253 -77.00 3.18 79.46
C ASP A 2253 -76.14 2.64 80.57
N ASP A 2254 -74.98 2.07 80.19
CA ASP A 2254 -74.04 1.49 81.13
C ASP A 2254 -73.04 2.48 81.68
N SER A 2255 -72.94 3.68 81.09
CA SER A 2255 -72.07 4.71 81.64
C SER A 2255 -72.77 5.58 82.66
N LEU A 2256 -74.09 5.47 82.75
CA LEU A 2256 -74.87 6.09 83.82
C LEU A 2256 -75.54 5.05 84.70
N ASP A 2257 -75.44 3.76 84.36
CA ASP A 2257 -76.04 2.69 85.16
C ASP A 2257 -77.54 2.92 85.30
N ILE A 2258 -78.22 2.96 84.15
CA ILE A 2258 -79.63 3.37 84.13
C ILE A 2258 -80.40 2.65 83.05
N ILE A 2259 -81.66 2.37 83.36
CA ILE A 2259 -82.65 1.86 82.41
C ILE A 2259 -83.77 2.89 82.42
N ALA A 2260 -84.21 3.30 81.24
CA ALA A 2260 -85.16 4.40 81.14
C ALA A 2260 -86.09 4.20 79.95
N ARG A 2261 -87.21 4.88 79.99
CA ARG A 2261 -88.20 4.86 78.93
C ARG A 2261 -88.65 6.27 78.58
N ILE A 2262 -88.96 6.46 77.31
CA ILE A 2262 -89.49 7.71 76.79
C ILE A 2262 -90.57 7.38 75.78
N HIS A 2263 -91.51 8.31 75.62
CA HIS A 2263 -92.65 8.10 74.74
C HIS A 2263 -92.30 8.65 73.36
N ARG A 2264 -92.69 7.90 72.32
CA ARG A 2264 -92.22 8.15 70.96
C ARG A 2264 -92.55 9.55 70.47
N ASP A 2265 -93.60 10.17 71.00
CA ASP A 2265 -93.91 11.55 70.63
C ASP A 2265 -93.04 12.54 71.36
N GLY A 2266 -92.15 12.08 72.23
CA GLY A 2266 -91.28 12.96 72.99
C GLY A 2266 -91.80 13.17 74.40
N GLY A 2267 -91.47 14.32 74.97
CA GLY A 2267 -91.90 14.64 76.32
C GLY A 2267 -90.86 14.27 77.35
N GLU A 2268 -91.33 14.09 78.58
CA GLU A 2268 -90.44 13.79 79.68
C GLU A 2268 -89.87 12.38 79.53
N SER A 2269 -88.88 12.10 80.36
CA SER A 2269 -88.17 10.83 80.39
C SER A 2269 -88.37 10.21 81.77
N GLN A 2270 -88.52 8.89 81.80
CA GLN A 2270 -88.79 8.18 83.03
C GLN A 2270 -87.72 7.12 83.25
N VAL A 2271 -87.45 6.85 84.52
CA VAL A 2271 -86.37 5.96 84.94
C VAL A 2271 -87.00 4.76 85.62
N VAL A 2272 -86.48 3.57 85.29
CA VAL A 2272 -87.10 2.30 85.65
C VAL A 2272 -86.19 1.52 86.59
N ARG A 2273 -84.89 1.48 86.32
CA ARG A 2273 -83.93 0.88 87.22
C ARG A 2273 -82.70 1.77 87.24
N TYR A 2274 -82.15 1.95 88.44
CA TYR A 2274 -81.00 2.82 88.64
C TYR A 2274 -80.31 2.43 89.93
N GLY A 2275 -79.00 2.57 89.96
CA GLY A 2275 -78.24 2.41 91.18
C GLY A 2275 -76.84 1.93 90.88
N SER A 2276 -76.11 1.63 91.95
CA SER A 2276 -74.78 1.04 91.81
C SER A 2276 -74.88 -0.32 91.16
N ARG A 2277 -75.95 -1.06 91.47
CA ARG A 2277 -76.32 -2.26 90.75
C ARG A 2277 -76.69 -1.87 89.31
N TYR A 2278 -76.99 -2.87 88.49
CA TYR A 2278 -77.22 -2.61 87.07
C TYR A 2278 -75.98 -1.93 86.50
N PRO A 2279 -74.78 -2.48 86.72
CA PRO A 2279 -73.57 -1.77 86.28
C PRO A 2279 -73.38 -1.70 84.78
N THR A 2280 -73.69 -2.76 84.03
CA THR A 2280 -73.41 -2.79 82.60
C THR A 2280 -74.54 -3.45 81.82
N PRO A 2281 -75.73 -2.85 81.82
CA PRO A 2281 -76.81 -3.36 80.97
C PRO A 2281 -76.47 -3.11 79.52
N TYR A 2282 -76.43 -4.17 78.72
CA TYR A 2282 -76.04 -4.08 77.32
C TYR A 2282 -77.18 -4.29 76.34
N GLY A 2283 -78.28 -4.89 76.75
CA GLY A 2283 -79.40 -5.10 75.86
C GLY A 2283 -80.67 -5.31 76.63
N ILE A 2284 -81.78 -4.88 76.02
CA ILE A 2284 -83.10 -4.84 76.64
C ILE A 2284 -84.17 -5.18 75.61
N THR A 2285 -85.21 -5.85 76.09
CA THR A 2285 -86.41 -6.14 75.32
C THR A 2285 -87.61 -6.05 76.24
N VAL A 2286 -88.79 -5.86 75.66
CA VAL A 2286 -90.03 -5.65 76.40
C VAL A 2286 -91.03 -6.71 75.98
N PHE A 2287 -91.64 -7.38 76.96
CA PHE A 2287 -92.65 -8.39 76.70
C PHE A 2287 -93.66 -8.35 77.84
N GLY A 2288 -94.94 -8.18 77.48
CA GLY A 2288 -95.99 -8.12 78.48
C GLY A 2288 -95.75 -6.99 79.45
N GLU A 2289 -95.89 -7.31 80.74
CA GLU A 2289 -95.63 -6.37 81.82
C GLU A 2289 -94.19 -6.44 82.30
N SER A 2290 -93.28 -6.95 81.48
CA SER A 2290 -91.91 -7.22 81.89
C SER A 2290 -90.91 -6.66 80.90
N ILE A 2291 -89.75 -6.29 81.43
CA ILE A 2291 -88.56 -5.99 80.64
C ILE A 2291 -87.53 -7.06 80.96
N ILE A 2292 -86.83 -7.51 79.94
CA ILE A 2292 -85.79 -8.52 80.05
C ILE A 2292 -84.52 -7.88 79.53
N TRP A 2293 -83.46 -7.94 80.33
CA TRP A 2293 -82.20 -7.31 79.94
C TRP A 2293 -81.04 -8.20 80.34
N VAL A 2294 -79.87 -7.88 79.79
CA VAL A 2294 -78.66 -8.66 80.00
C VAL A 2294 -77.58 -7.77 80.58
N ASP A 2295 -76.78 -8.33 81.50
CA ASP A 2295 -75.68 -7.60 82.12
C ASP A 2295 -74.39 -8.35 81.90
N ARG A 2296 -73.40 -7.63 81.39
CA ARG A 2296 -72.08 -8.17 81.05
C ARG A 2296 -71.25 -8.46 82.29
N ASN A 2297 -71.20 -7.53 83.24
CA ASN A 2297 -70.37 -7.72 84.41
C ASN A 2297 -70.95 -8.80 85.30
N LEU A 2298 -72.26 -8.73 85.52
CA LEU A 2298 -72.91 -9.71 86.37
C LEU A 2298 -73.12 -11.03 85.62
N ARG A 2299 -72.92 -11.04 84.31
CA ARG A 2299 -73.01 -12.27 83.51
C ARG A 2299 -74.39 -12.89 83.71
N LYS A 2300 -75.41 -12.05 83.67
CA LYS A 2300 -76.76 -12.50 84.00
C LYS A 2300 -77.83 -11.94 83.08
N VAL A 2301 -78.90 -12.73 82.93
CA VAL A 2301 -80.08 -12.35 82.19
C VAL A 2301 -81.19 -12.15 83.22
N PHE A 2302 -81.76 -10.96 83.23
CA PHE A 2302 -82.68 -10.49 84.25
C PHE A 2302 -84.04 -10.19 83.65
N GLN A 2303 -85.07 -10.36 84.47
CA GLN A 2303 -86.43 -9.97 84.17
C GLN A 2303 -86.95 -9.12 85.32
N ALA A 2304 -87.66 -8.05 84.99
CA ALA A 2304 -88.28 -7.19 85.99
C ALA A 2304 -89.55 -6.60 85.38
N SER A 2305 -90.25 -5.81 86.18
CA SER A 2305 -91.52 -5.22 85.76
C SER A 2305 -91.23 -3.83 85.18
N LYS A 2306 -91.77 -3.57 84.01
CA LYS A 2306 -91.45 -2.43 83.17
C LYS A 2306 -91.99 -1.13 83.66
N GLN A 2307 -92.58 -1.01 84.86
CA GLN A 2307 -93.13 0.27 85.24
C GLN A 2307 -92.17 1.02 86.16
N PRO A 2308 -92.00 2.34 86.00
CA PRO A 2308 -91.15 3.07 86.93
C PRO A 2308 -91.71 3.05 88.34
N GLY A 2309 -90.80 3.09 89.31
CA GLY A 2309 -91.16 3.10 90.71
C GLY A 2309 -91.23 1.75 91.37
N ASN A 2310 -91.18 0.66 90.60
CA ASN A 2310 -91.12 -0.66 91.17
C ASN A 2310 -89.73 -0.91 91.71
N THR A 2311 -89.66 -1.50 92.92
CA THR A 2311 -88.38 -1.76 93.57
C THR A 2311 -88.26 -3.21 94.01
N ASP A 2312 -89.05 -4.10 93.45
CA ASP A 2312 -88.90 -5.52 93.76
C ASP A 2312 -87.56 -6.00 93.22
N PRO A 2313 -86.92 -6.95 93.90
CA PRO A 2313 -85.66 -7.46 93.37
C PRO A 2313 -85.87 -8.12 92.02
N PRO A 2314 -84.92 -7.99 91.09
CA PRO A 2314 -85.09 -8.65 89.79
C PRO A 2314 -85.19 -10.15 89.91
N THR A 2315 -85.48 -10.78 88.78
CA THR A 2315 -85.59 -12.22 88.64
C THR A 2315 -84.55 -12.63 87.61
N VAL A 2316 -84.03 -13.85 87.75
CA VAL A 2316 -82.92 -14.32 86.91
C VAL A 2316 -83.42 -15.48 86.08
N ILE A 2317 -82.97 -15.53 84.83
CA ILE A 2317 -83.38 -16.54 83.87
C ILE A 2317 -82.25 -17.50 83.57
N ARG A 2318 -81.05 -16.98 83.36
CA ARG A 2318 -79.84 -17.78 83.24
C ARG A 2318 -78.72 -17.01 83.91
N ASP A 2319 -77.73 -17.75 84.40
CA ASP A 2319 -76.61 -17.18 85.13
C ASP A 2319 -75.30 -17.76 84.63
N SER A 2320 -74.24 -16.96 84.76
CA SER A 2320 -72.88 -17.33 84.37
C SER A 2320 -72.75 -17.52 82.85
N ILE A 2321 -73.26 -16.56 82.10
CA ILE A 2321 -73.08 -16.50 80.65
C ILE A 2321 -72.07 -15.40 80.37
N ASN A 2322 -71.02 -15.74 79.63
CA ASN A 2322 -69.93 -14.81 79.35
C ASN A 2322 -70.18 -14.03 78.06
N LEU A 2323 -69.55 -12.87 77.99
CA LEU A 2323 -69.48 -12.05 76.78
C LEU A 2323 -70.87 -11.75 76.23
N LEU A 2324 -71.75 -11.29 77.10
CA LEU A 2324 -73.14 -11.09 76.72
C LEU A 2324 -73.28 -9.92 75.75
N ARG A 2325 -74.26 -10.06 74.86
CA ARG A 2325 -74.75 -9.01 73.99
C ARG A 2325 -76.27 -9.05 74.10
N ASP A 2326 -76.97 -8.26 73.30
CA ASP A 2326 -78.36 -7.96 73.55
C ASP A 2326 -79.27 -9.17 73.36
N VAL A 2327 -80.52 -8.95 73.76
CA VAL A 2327 -81.56 -9.96 73.80
C VAL A 2327 -82.78 -9.44 73.06
N THR A 2328 -83.48 -10.34 72.37
CA THR A 2328 -84.71 -10.03 71.67
C THR A 2328 -85.67 -11.18 71.92
N ILE A 2329 -86.90 -11.05 71.43
CA ILE A 2329 -87.95 -12.04 71.71
C ILE A 2329 -88.60 -12.50 70.42
N PHE A 2330 -89.00 -13.77 70.43
CA PHE A 2330 -89.59 -14.49 69.30
C PHE A 2330 -90.97 -14.94 69.75
N ASP A 2331 -92.00 -14.29 69.21
CA ASP A 2331 -93.40 -14.55 69.57
C ASP A 2331 -94.30 -13.85 68.57
N GLU A 2332 -95.43 -14.47 68.25
CA GLU A 2332 -96.36 -13.89 67.30
C GLU A 2332 -96.95 -12.58 67.81
N HIS A 2333 -97.07 -12.44 69.14
CA HIS A 2333 -97.67 -11.24 69.70
C HIS A 2333 -96.86 -9.99 69.38
N VAL A 2334 -95.53 -10.09 69.43
CA VAL A 2334 -94.68 -8.93 69.16
C VAL A 2334 -94.57 -8.61 67.68
N GLN A 2335 -95.09 -9.45 66.80
CA GLN A 2335 -95.05 -9.23 65.35
C GLN A 2335 -96.42 -9.50 64.74
N PRO A 2336 -97.39 -8.63 64.97
CA PRO A 2336 -98.71 -8.81 64.37
C PRO A 2336 -98.66 -8.66 62.87
N LEU A 2337 -99.57 -9.37 62.19
CA LEU A 2337 -99.68 -9.30 60.74
C LEU A 2337 -101.12 -9.04 60.28
N SER A 2338 -102.03 -8.74 61.19
CA SER A 2338 -103.39 -8.40 60.79
C SER A 2338 -103.45 -6.93 60.38
N PRO A 2339 -104.21 -6.58 59.32
CA PRO A 2339 -104.31 -5.16 58.97
C PRO A 2339 -104.87 -4.29 60.09
N ALA A 2340 -105.89 -4.79 60.80
CA ALA A 2340 -106.50 -4.01 61.86
C ALA A 2340 -105.51 -3.77 62.99
N GLU A 2341 -104.56 -4.68 63.20
CA GLU A 2341 -103.54 -4.51 64.22
C GLU A 2341 -102.35 -3.71 63.73
N LEU A 2342 -102.14 -3.64 62.42
CA LEU A 2342 -101.07 -2.86 61.82
C LEU A 2342 -101.54 -1.52 61.29
N ASN A 2343 -102.77 -1.12 61.61
CA ASN A 2343 -103.32 0.17 61.18
C ASN A 2343 -103.37 0.29 59.66
N ASN A 2344 -103.68 -0.83 58.99
CA ASN A 2344 -103.86 -0.87 57.54
C ASN A 2344 -102.61 -0.40 56.80
N ASN A 2345 -101.47 -0.99 57.16
CA ASN A 2345 -100.22 -0.66 56.50
C ASN A 2345 -100.31 -0.98 55.02
N PRO A 2346 -99.96 -0.05 54.11
CA PRO A 2346 -100.11 -0.34 52.67
C PRO A 2346 -99.14 -1.38 52.13
N CYS A 2347 -97.98 -1.57 52.74
CA CYS A 2347 -96.99 -2.52 52.22
C CYS A 2347 -97.30 -3.95 52.62
N LEU A 2348 -98.35 -4.19 53.40
CA LEU A 2348 -98.65 -5.52 53.92
C LEU A 2348 -99.00 -6.51 52.82
N GLN A 2349 -99.56 -6.04 51.69
CA GLN A 2349 -100.02 -6.92 50.63
C GLN A 2349 -99.28 -6.63 49.33
N SER A 2350 -98.61 -7.65 48.80
CA SER A 2350 -97.93 -7.60 47.50
C SER A 2350 -96.98 -6.40 47.40
N ASN A 2351 -96.32 -6.09 48.51
CA ASN A 2351 -95.33 -5.02 48.57
C ASN A 2351 -95.90 -3.68 48.13
N GLY A 2352 -97.22 -3.50 48.24
CA GLY A 2352 -97.84 -2.26 47.81
C GLY A 2352 -97.78 -2.00 46.33
N GLY A 2353 -97.34 -2.98 45.54
CA GLY A 2353 -97.15 -2.81 44.12
C GLY A 2353 -95.84 -2.15 43.74
N CYS A 2354 -95.05 -1.69 44.71
CA CYS A 2354 -93.76 -1.10 44.41
C CYS A 2354 -92.84 -2.19 43.86
N SER A 2355 -92.09 -1.84 42.82
CA SER A 2355 -91.19 -2.82 42.21
C SER A 2355 -90.03 -3.17 43.14
N HIS A 2356 -89.31 -2.18 43.63
CA HIS A 2356 -88.11 -2.40 44.43
C HIS A 2356 -88.34 -2.32 45.94
N PHE A 2357 -88.75 -1.16 46.45
CA PHE A 2357 -88.91 -0.96 47.89
C PHE A 2357 -90.24 -0.28 48.18
N CYS A 2358 -90.88 -0.69 49.27
CA CYS A 2358 -92.13 -0.11 49.75
C CYS A 2358 -91.89 0.49 51.12
N PHE A 2359 -92.28 1.75 51.29
CA PHE A 2359 -92.19 2.46 52.56
C PHE A 2359 -93.56 3.02 52.91
N ALA A 2360 -93.98 2.80 54.15
CA ALA A 2360 -95.24 3.32 54.67
C ALA A 2360 -94.92 4.52 55.55
N LEU A 2361 -95.35 5.72 55.12
CA LEU A 2361 -95.08 6.91 55.90
C LEU A 2361 -96.25 7.20 56.84
N PRO A 2362 -96.01 7.87 57.98
CA PRO A 2362 -97.12 8.15 58.90
C PRO A 2362 -98.21 9.01 58.28
N GLU A 2363 -99.46 8.67 58.61
CA GLU A 2363 -100.64 9.42 58.21
C GLU A 2363 -100.76 9.55 56.70
N LEU A 2364 -100.22 8.58 55.95
CA LEU A 2364 -100.34 8.54 54.50
C LEU A 2364 -101.10 7.28 54.12
N PRO A 2365 -102.23 7.36 53.41
CA PRO A 2365 -102.98 6.13 53.11
C PRO A 2365 -102.42 5.32 51.96
N THR A 2366 -101.46 5.85 51.20
CA THR A 2366 -100.90 5.15 50.07
C THR A 2366 -99.42 4.87 50.30
N PRO A 2367 -98.88 3.81 49.69
CA PRO A 2367 -97.45 3.52 49.86
C PRO A 2367 -96.59 4.56 49.16
N LYS A 2368 -95.31 4.54 49.51
CA LYS A 2368 -94.27 5.28 48.82
C LYS A 2368 -93.29 4.24 48.31
N CYS A 2369 -92.74 4.47 47.13
CA CYS A 2369 -91.89 3.48 46.48
C CYS A 2369 -90.48 4.03 46.31
N GLY A 2370 -89.51 3.15 46.45
CA GLY A 2370 -88.11 3.51 46.30
C GLY A 2370 -87.40 2.52 45.40
N CYS A 2371 -86.43 3.04 44.66
CA CYS A 2371 -85.68 2.25 43.68
C CYS A 2371 -84.29 1.96 44.20
N ALA A 2372 -83.92 0.68 44.21
CA ALA A 2372 -82.55 0.29 44.53
C ALA A 2372 -81.58 0.80 43.49
N PHE A 2373 -82.03 0.86 42.23
CA PHE A 2373 -81.27 1.40 41.13
C PHE A 2373 -82.24 2.10 40.20
N GLY A 2374 -81.76 3.15 39.55
CA GLY A 2374 -82.59 3.90 38.65
C GLY A 2374 -83.37 4.99 39.36
N THR A 2375 -84.42 5.45 38.68
CA THR A 2375 -85.30 6.50 39.14
C THR A 2375 -86.74 6.04 38.95
N LEU A 2376 -87.65 6.70 39.65
CA LEU A 2376 -89.04 6.30 39.75
C LEU A 2376 -89.85 7.16 38.80
N GLU A 2377 -90.90 6.56 38.24
CA GLU A 2377 -91.63 7.05 37.09
C GLU A 2377 -92.98 7.63 37.48
N ASP A 2378 -93.70 8.12 36.47
CA ASP A 2378 -94.97 8.79 36.67
C ASP A 2378 -96.06 7.85 37.19
N ASP A 2379 -95.93 6.54 36.98
CA ASP A 2379 -96.90 5.62 37.54
C ASP A 2379 -96.73 5.48 39.05
N GLY A 2380 -95.59 5.90 39.60
CA GLY A 2380 -95.37 5.90 41.02
C GLY A 2380 -94.95 4.58 41.63
N LYS A 2381 -94.74 3.55 40.82
CA LYS A 2381 -94.46 2.22 41.35
C LYS A 2381 -93.36 1.44 40.64
N ASN A 2382 -92.99 1.78 39.41
CA ASN A 2382 -91.92 1.11 38.69
C ASN A 2382 -90.70 2.01 38.63
N CYS A 2383 -89.57 1.40 38.25
CA CYS A 2383 -88.28 2.06 38.23
C CYS A 2383 -87.66 1.94 36.84
N ALA A 2384 -86.96 3.01 36.44
CA ALA A 2384 -86.26 3.09 35.17
C ALA A 2384 -84.97 3.85 35.39
N THR A 2385 -84.04 3.74 34.44
CA THR A 2385 -82.72 4.30 34.60
C THR A 2385 -82.72 5.75 34.14
N SER A 2386 -81.97 6.58 34.86
CA SER A 2386 -82.10 8.02 34.78
C SER A 2386 -81.76 8.54 33.40
N ARG A 2387 -82.52 9.56 32.97
CA ARG A 2387 -82.29 10.29 31.74
C ARG A 2387 -81.61 11.63 31.98
N GLU A 2388 -81.23 11.92 33.22
CA GLU A 2388 -80.50 13.14 33.57
C GLU A 2388 -78.99 12.86 33.43
N ASP A 2389 -78.18 13.78 33.94
CA ASP A 2389 -76.73 13.74 33.79
C ASP A 2389 -76.12 13.16 35.06
N PHE A 2390 -75.17 12.25 34.90
CA PHE A 2390 -74.60 11.55 36.05
C PHE A 2390 -73.18 11.08 35.74
N LEU A 2391 -72.55 10.50 36.75
CA LEU A 2391 -71.17 10.00 36.68
C LEU A 2391 -71.15 8.50 36.51
N ILE A 2392 -70.12 8.02 35.81
CA ILE A 2392 -69.87 6.59 35.65
C ILE A 2392 -68.40 6.34 35.95
N TYR A 2393 -68.13 5.25 36.66
CA TYR A 2393 -66.75 4.92 37.03
C TYR A 2393 -66.59 3.41 37.11
N SER A 2394 -65.36 2.96 36.89
CA SER A 2394 -65.03 1.55 36.92
C SER A 2394 -64.52 1.14 38.29
N LEU A 2395 -64.89 -0.07 38.70
CA LEU A 2395 -64.48 -0.63 39.99
C LEU A 2395 -64.22 -2.12 39.74
N ASN A 2396 -62.93 -2.46 39.65
CA ASN A 2396 -62.49 -3.83 39.36
C ASN A 2396 -63.26 -4.42 38.17
N ASN A 2397 -64.08 -5.45 38.41
CA ASN A 2397 -64.79 -6.14 37.35
C ASN A 2397 -66.15 -5.54 37.03
N SER A 2398 -66.38 -4.27 37.36
CA SER A 2398 -67.71 -3.71 37.14
C SER A 2398 -67.63 -2.24 36.77
N LEU A 2399 -68.76 -1.76 36.26
CA LEU A 2399 -69.00 -0.36 35.93
C LEU A 2399 -70.18 0.08 36.76
N ARG A 2400 -70.07 1.26 37.37
CA ARG A 2400 -71.01 1.73 38.36
C ARG A 2400 -71.32 3.20 38.10
N SER A 2401 -72.45 3.65 38.63
CA SER A 2401 -72.97 4.97 38.39
C SER A 2401 -73.15 5.72 39.71
N LEU A 2402 -73.12 7.04 39.60
CA LEU A 2402 -73.13 7.93 40.75
C LEU A 2402 -73.79 9.24 40.34
N HIS A 2403 -74.32 9.95 41.32
CA HIS A 2403 -75.03 11.21 41.09
C HIS A 2403 -74.21 12.39 41.57
N PHE A 2404 -74.34 13.51 40.87
CA PHE A 2404 -73.61 14.72 41.23
C PHE A 2404 -74.02 15.25 42.59
N ASP A 2405 -75.28 15.08 42.97
CA ASP A 2405 -75.76 15.59 44.25
C ASP A 2405 -75.32 14.64 45.36
N PRO A 2406 -74.51 15.08 46.33
CA PRO A 2406 -74.10 14.16 47.41
C PRO A 2406 -75.25 13.65 48.25
N GLN A 2407 -76.34 14.40 48.34
CA GLN A 2407 -77.48 13.99 49.16
C GLN A 2407 -78.48 13.11 48.41
N ASP A 2408 -78.14 12.69 47.20
CA ASP A 2408 -78.99 11.80 46.41
C ASP A 2408 -78.34 10.41 46.45
N HIS A 2409 -79.06 9.44 46.98
CA HIS A 2409 -78.54 8.09 47.13
C HIS A 2409 -79.11 7.12 46.11
N ASN A 2410 -79.89 7.60 45.16
CA ASN A 2410 -80.29 6.79 44.03
C ASN A 2410 -79.07 6.50 43.16
N LEU A 2411 -79.08 5.35 42.52
CA LEU A 2411 -78.05 5.00 41.56
C LEU A 2411 -78.62 5.18 40.16
N PRO A 2412 -77.97 5.91 39.24
CA PRO A 2412 -78.55 6.09 37.91
C PRO A 2412 -78.88 4.79 37.20
N PHE A 2413 -78.01 3.78 37.29
CA PHE A 2413 -78.33 2.47 36.75
C PHE A 2413 -77.68 1.41 37.63
N GLN A 2414 -78.24 0.20 37.56
CA GLN A 2414 -77.69 -0.94 38.27
C GLN A 2414 -76.27 -1.20 37.79
N ALA A 2415 -75.47 -1.85 38.63
CA ALA A 2415 -74.06 -2.02 38.35
C ALA A 2415 -73.88 -3.16 37.37
N ILE A 2416 -72.94 -2.99 36.46
CA ILE A 2416 -72.74 -3.85 35.31
C ILE A 2416 -71.44 -4.60 35.51
N SER A 2417 -71.43 -5.88 35.15
CA SER A 2417 -70.31 -6.78 35.39
C SER A 2417 -69.67 -7.16 34.07
N VAL A 2418 -68.33 -7.09 34.03
CA VAL A 2418 -67.57 -7.25 32.80
C VAL A 2418 -66.41 -8.21 33.04
N GLU A 2419 -65.90 -8.74 31.94
CA GLU A 2419 -64.75 -9.64 31.99
C GLU A 2419 -63.47 -8.86 32.32
N GLY A 2420 -62.68 -9.39 33.24
CA GLY A 2420 -61.41 -8.78 33.57
C GLY A 2420 -61.57 -7.56 34.45
N MET A 2421 -60.60 -6.65 34.35
CA MET A 2421 -60.58 -5.42 35.15
C MET A 2421 -60.61 -4.25 34.19
N ALA A 2422 -61.59 -3.37 34.35
CA ALA A 2422 -61.82 -2.29 33.41
C ALA A 2422 -61.12 -1.01 33.84
N ILE A 2423 -60.27 -0.47 32.97
CA ILE A 2423 -59.70 0.87 33.16
C ILE A 2423 -59.83 1.63 31.83
N ALA A 2424 -60.99 2.25 31.62
CA ALA A 2424 -61.27 3.28 30.64
C ALA A 2424 -62.76 3.59 30.66
N LEU A 2425 -63.14 4.83 30.38
CA LEU A 2425 -64.55 5.15 30.21
C LEU A 2425 -64.71 6.34 29.27
N ASP A 2426 -65.57 6.17 28.28
CA ASP A 2426 -66.07 7.24 27.43
C ASP A 2426 -67.46 6.82 27.02
N TYR A 2427 -68.29 7.82 26.70
CA TYR A 2427 -69.71 7.61 26.48
C TYR A 2427 -70.11 8.22 25.15
N ASP A 2428 -71.00 7.52 24.43
CA ASP A 2428 -71.46 7.91 23.11
C ASP A 2428 -72.90 8.37 23.26
N ARG A 2429 -73.14 9.62 22.89
CA ARG A 2429 -74.43 10.26 23.12
C ARG A 2429 -75.44 9.99 22.01
N ARG A 2430 -74.99 9.52 20.85
CA ARG A 2430 -75.92 9.19 19.77
C ARG A 2430 -76.61 7.87 20.04
N ASN A 2431 -75.84 6.83 20.35
CA ASN A 2431 -76.37 5.48 20.58
C ASN A 2431 -76.61 5.15 22.05
N ASN A 2432 -76.26 6.04 22.97
CA ASN A 2432 -76.46 5.84 24.41
C ASN A 2432 -75.79 4.54 24.88
N ARG A 2433 -74.49 4.50 24.65
CA ARG A 2433 -73.65 3.37 25.02
C ARG A 2433 -72.36 3.90 25.64
N ILE A 2434 -71.72 3.02 26.40
CA ILE A 2434 -70.47 3.31 27.08
C ILE A 2434 -69.40 2.43 26.45
N PHE A 2435 -68.22 3.01 26.25
CA PHE A 2435 -67.04 2.33 25.72
C PHE A 2435 -66.03 2.18 26.85
N PHE A 2436 -65.50 0.98 27.02
CA PHE A 2436 -64.55 0.74 28.09
C PHE A 2436 -63.50 -0.26 27.65
N THR A 2437 -62.39 -0.27 28.38
CA THR A 2437 -61.20 -1.04 28.08
C THR A 2437 -60.94 -1.97 29.25
N GLN A 2438 -60.57 -3.21 28.93
CA GLN A 2438 -60.39 -4.26 29.93
C GLN A 2438 -59.01 -4.87 29.85
N LYS A 2439 -58.47 -5.16 31.02
CA LYS A 2439 -57.25 -5.92 31.23
C LYS A 2439 -57.67 -7.34 31.57
N LEU A 2440 -57.20 -8.30 30.79
CA LEU A 2440 -57.55 -9.70 31.00
C LEU A 2440 -56.43 -10.48 31.68
N ASN A 2441 -55.19 -10.08 31.43
CA ASN A 2441 -54.01 -10.58 32.11
C ASN A 2441 -52.93 -9.51 31.98
N PRO A 2442 -51.76 -9.67 32.59
CA PRO A 2442 -50.74 -8.60 32.51
C PRO A 2442 -50.26 -8.27 31.10
N ILE A 2443 -50.60 -9.03 30.06
CA ILE A 2443 -50.19 -8.78 28.66
C ILE A 2443 -51.38 -8.41 27.77
N ARG A 2444 -52.57 -8.99 28.00
CA ARG A 2444 -53.69 -8.91 27.06
C ARG A 2444 -54.79 -7.94 27.50
N GLY A 2445 -55.28 -7.17 26.52
CA GLY A 2445 -56.36 -6.24 26.74
C GLY A 2445 -57.48 -6.43 25.72
N GLN A 2446 -58.56 -5.68 25.93
CA GLN A 2446 -59.76 -5.81 25.13
C GLN A 2446 -60.51 -4.49 25.17
N ILE A 2447 -61.40 -4.26 24.20
CA ILE A 2447 -62.28 -3.10 24.19
C ILE A 2447 -63.70 -3.64 24.14
N SER A 2448 -64.64 -2.88 24.71
CA SER A 2448 -66.02 -3.35 24.75
C SER A 2448 -66.94 -2.15 24.83
N TYR A 2449 -68.20 -2.39 24.44
CA TYR A 2449 -69.24 -1.40 24.57
C TYR A 2449 -70.49 -2.05 25.14
N VAL A 2450 -71.26 -1.24 25.88
CA VAL A 2450 -72.48 -1.69 26.53
C VAL A 2450 -73.51 -0.58 26.40
N ASN A 2451 -74.77 -0.96 26.28
CA ASN A 2451 -75.85 -0.05 25.96
C ASN A 2451 -76.68 0.21 27.21
N LEU A 2452 -77.10 1.46 27.40
CA LEU A 2452 -77.80 1.86 28.62
C LEU A 2452 -79.32 1.71 28.54
N TYR A 2453 -79.95 2.36 27.56
CA TYR A 2453 -81.39 2.48 27.50
C TYR A 2453 -82.08 1.49 26.58
N SER A 2454 -81.34 0.66 25.84
CA SER A 2454 -81.95 -0.30 24.93
C SER A 2454 -82.36 -1.57 25.68
N GLY A 2455 -83.17 -1.38 26.73
CA GLY A 2455 -83.53 -2.51 27.55
C GLY A 2455 -82.30 -3.04 28.26
N ALA A 2456 -82.41 -4.29 28.71
CA ALA A 2456 -81.25 -4.94 29.32
C ALA A 2456 -80.25 -5.27 28.23
N SER A 2457 -78.96 -5.18 28.58
CA SER A 2457 -77.90 -5.46 27.63
C SER A 2457 -76.69 -5.98 28.37
N SER A 2458 -75.76 -6.54 27.61
CA SER A 2458 -74.52 -7.09 28.12
C SER A 2458 -73.35 -6.60 27.27
N PRO A 2459 -72.12 -6.72 27.78
CA PRO A 2459 -70.97 -6.25 27.01
C PRO A 2459 -70.85 -6.92 25.64
N THR A 2460 -70.40 -6.13 24.67
CA THR A 2460 -70.11 -6.60 23.33
C THR A 2460 -68.70 -6.14 23.04
N ILE A 2461 -67.93 -6.95 22.32
CA ILE A 2461 -66.48 -6.90 22.31
C ILE A 2461 -65.95 -6.39 20.98
N LEU A 2462 -64.91 -5.55 21.07
CA LEU A 2462 -64.12 -5.06 19.97
C LEU A 2462 -62.65 -5.25 20.31
N LEU A 2463 -61.85 -5.47 19.26
CA LEU A 2463 -60.41 -5.69 19.37
C LEU A 2463 -60.11 -6.71 20.48
N SER A 2464 -60.54 -7.95 20.20
CA SER A 2464 -60.41 -9.03 21.17
C SER A 2464 -58.96 -9.33 21.56
N ASN A 2465 -57.97 -8.72 20.92
CA ASN A 2465 -56.58 -8.93 21.31
C ASN A 2465 -55.80 -7.64 21.10
N ILE A 2466 -55.48 -6.95 22.20
CA ILE A 2466 -54.61 -5.80 22.20
C ILE A 2466 -53.74 -5.85 23.45
N GLY A 2467 -52.77 -4.95 23.51
CA GLY A 2467 -51.92 -4.87 24.68
C GLY A 2467 -52.68 -4.33 25.86
N VAL A 2468 -52.02 -4.33 27.02
CA VAL A 2468 -52.61 -3.72 28.20
C VAL A 2468 -52.87 -2.28 27.85
N THR A 2469 -54.15 -1.90 27.81
CA THR A 2469 -54.59 -0.62 27.32
C THR A 2469 -55.33 0.09 28.43
N ASP A 2470 -54.99 1.36 28.67
CA ASP A 2470 -55.78 2.16 29.61
C ASP A 2470 -55.76 3.61 29.14
N GLY A 2471 -56.72 3.93 28.30
CA GLY A 2471 -57.00 5.27 27.84
C GLY A 2471 -58.00 5.16 26.72
N ILE A 2472 -59.08 5.93 26.74
CA ILE A 2472 -60.04 5.87 25.65
C ILE A 2472 -60.67 7.24 25.46
N ALA A 2473 -60.88 7.60 24.20
CA ALA A 2473 -61.50 8.85 23.84
C ALA A 2473 -62.30 8.61 22.57
N PHE A 2474 -63.45 9.27 22.47
CA PHE A 2474 -64.38 9.09 21.37
C PHE A 2474 -64.63 10.42 20.68
N ASP A 2475 -64.83 10.36 19.38
CA ASP A 2475 -64.99 11.53 18.52
C ASP A 2475 -66.39 11.50 17.94
N TRP A 2476 -67.15 12.56 18.19
CA TRP A 2476 -68.55 12.63 17.80
C TRP A 2476 -68.75 13.33 16.47
N ILE A 2477 -67.69 13.92 15.90
CA ILE A 2477 -67.77 14.55 14.59
C ILE A 2477 -67.33 13.57 13.51
N ASN A 2478 -66.35 12.71 13.81
CA ASN A 2478 -65.83 11.72 12.89
C ASN A 2478 -66.26 10.30 13.23
N ARG A 2479 -66.81 10.07 14.41
CA ARG A 2479 -67.23 8.73 14.85
C ARG A 2479 -66.04 7.76 14.84
N ARG A 2480 -64.98 8.15 15.55
CA ARG A 2480 -63.78 7.35 15.71
C ARG A 2480 -63.42 7.22 17.18
N ILE A 2481 -62.71 6.15 17.50
CA ILE A 2481 -62.29 5.81 18.85
C ILE A 2481 -60.78 5.89 18.90
N TYR A 2482 -60.19 6.33 20.02
CA TYR A 2482 -58.75 6.48 20.20
C TYR A 2482 -58.35 5.80 21.50
N TYR A 2483 -57.23 5.08 21.54
CA TYR A 2483 -56.82 4.31 22.71
C TYR A 2483 -55.31 4.25 22.95
N SER A 2484 -54.94 4.05 24.21
CA SER A 2484 -53.58 4.13 24.76
C SER A 2484 -53.05 2.75 25.09
N ASP A 2485 -52.29 2.13 24.17
CA ASP A 2485 -51.80 0.75 24.36
C ASP A 2485 -50.44 0.81 25.07
N PHE A 2486 -50.38 0.48 26.36
CA PHE A 2486 -49.14 0.56 27.19
C PHE A 2486 -48.14 -0.52 26.79
N SER A 2487 -48.63 -1.73 26.53
CA SER A 2487 -47.84 -2.96 26.42
C SER A 2487 -47.05 -2.93 25.13
N ASN A 2488 -47.56 -2.18 24.15
CA ASN A 2488 -47.04 -2.01 22.77
C ASN A 2488 -46.62 -0.56 22.53
N GLN A 2489 -46.52 0.26 23.57
CA GLN A 2489 -46.04 1.67 23.57
C GLN A 2489 -46.50 2.37 22.31
N THR A 2490 -47.81 2.61 22.16
CA THR A 2490 -48.44 3.24 20.97
C THR A 2490 -49.84 3.80 21.24
N ILE A 2491 -50.18 4.95 20.64
CA ILE A 2491 -51.51 5.54 20.65
C ILE A 2491 -52.14 5.25 19.31
N ASN A 2492 -53.31 4.62 19.35
CA ASN A 2492 -53.98 4.00 18.23
C ASN A 2492 -55.36 4.60 18.03
N SER A 2493 -55.87 4.50 16.83
CA SER A 2493 -57.22 4.92 16.48
C SER A 2493 -57.95 3.78 15.79
N MET A 2494 -59.26 3.84 15.84
CA MET A 2494 -60.15 2.77 15.41
C MET A 2494 -61.45 3.43 14.96
N ALA A 2495 -62.26 2.67 14.23
CA ALA A 2495 -63.55 3.15 13.79
C ALA A 2495 -64.65 2.52 14.62
N GLU A 2496 -65.74 3.25 14.77
CA GLU A 2496 -66.88 2.88 15.61
C GLU A 2496 -67.29 1.42 15.49
N ASP A 2497 -67.26 0.88 14.28
CA ASP A 2497 -67.64 -0.50 14.05
C ASP A 2497 -66.48 -1.48 14.26
N GLY A 2498 -65.30 -1.02 14.64
CA GLY A 2498 -64.17 -1.90 14.76
C GLY A 2498 -63.52 -2.25 13.43
N SER A 2499 -63.85 -1.51 12.37
CA SER A 2499 -63.48 -1.86 11.01
C SER A 2499 -62.06 -1.44 10.67
N ASN A 2500 -61.74 -0.17 10.84
CA ASN A 2500 -60.52 0.44 10.35
C ASN A 2500 -59.67 0.93 11.51
N ARG A 2501 -58.37 0.61 11.46
CA ARG A 2501 -57.41 0.83 12.52
C ARG A 2501 -56.20 1.59 12.00
N ALA A 2502 -55.65 2.46 12.84
CA ALA A 2502 -54.53 3.32 12.49
C ALA A 2502 -53.69 3.53 13.74
N VAL A 2503 -52.46 3.98 13.54
CA VAL A 2503 -51.53 4.28 14.62
C VAL A 2503 -51.15 5.75 14.50
N ILE A 2504 -51.32 6.51 15.58
CA ILE A 2504 -51.11 7.94 15.55
C ILE A 2504 -49.74 8.34 16.07
N ALA A 2505 -49.23 7.64 17.08
CA ALA A 2505 -47.93 7.98 17.62
C ALA A 2505 -47.40 6.83 18.45
N ARG A 2506 -46.09 6.85 18.66
CA ARG A 2506 -45.39 5.96 19.58
C ARG A 2506 -45.00 6.77 20.80
N VAL A 2507 -45.33 6.25 21.98
CA VAL A 2507 -45.17 6.97 23.24
C VAL A 2507 -44.57 6.02 24.26
N SER A 2508 -43.70 6.57 25.12
CA SER A 2508 -42.97 5.74 26.07
C SER A 2508 -43.93 5.06 27.03
N LYS A 2509 -44.77 5.82 27.71
CA LYS A 2509 -45.79 5.29 28.62
C LYS A 2509 -47.03 6.14 28.51
N PRO A 2510 -47.85 5.95 27.47
CA PRO A 2510 -49.04 6.79 27.30
C PRO A 2510 -50.16 6.33 28.23
N ARG A 2511 -50.90 7.29 28.77
CA ARG A 2511 -52.05 6.98 29.62
C ARG A 2511 -53.37 7.57 29.15
N ALA A 2512 -53.47 8.89 29.00
CA ALA A 2512 -54.74 9.57 28.84
C ALA A 2512 -54.80 10.33 27.52
N ILE A 2513 -56.03 10.47 27.01
CA ILE A 2513 -56.30 11.10 25.72
C ILE A 2513 -57.46 12.08 25.90
N VAL A 2514 -57.34 13.23 25.25
CA VAL A 2514 -58.38 14.25 25.20
C VAL A 2514 -58.50 14.70 23.75
N LEU A 2515 -59.72 14.99 23.30
CA LEU A 2515 -59.98 15.34 21.91
C LEU A 2515 -60.85 16.59 21.79
N ASP A 2516 -60.55 17.39 20.78
CA ASP A 2516 -61.40 18.48 20.33
C ASP A 2516 -61.53 18.30 18.82
N PRO A 2517 -62.68 17.82 18.31
CA PRO A 2517 -62.80 17.63 16.86
C PRO A 2517 -63.07 18.91 16.07
N CYS A 2518 -63.78 19.87 16.68
CA CYS A 2518 -64.09 21.11 15.98
C CYS A 2518 -62.90 22.05 15.87
N ARG A 2519 -61.77 21.72 16.49
CA ARG A 2519 -60.51 22.41 16.26
C ARG A 2519 -59.40 21.46 15.85
N GLY A 2520 -59.72 20.21 15.55
CA GLY A 2520 -58.79 19.29 14.93
C GLY A 2520 -57.59 18.91 15.76
N TYR A 2521 -57.69 18.98 17.09
CA TYR A 2521 -56.54 18.74 17.95
C TYR A 2521 -56.80 17.61 18.94
N MET A 2522 -55.74 16.92 19.28
CA MET A 2522 -55.68 15.79 20.18
C MET A 2522 -54.65 16.08 21.26
N TYR A 2523 -54.88 15.60 22.47
CA TYR A 2523 -53.94 15.78 23.58
C TYR A 2523 -53.78 14.46 24.31
N TRP A 2524 -52.55 14.14 24.70
CA TRP A 2524 -52.27 12.94 25.45
C TRP A 2524 -51.16 13.14 26.47
N THR A 2525 -51.08 12.21 27.40
CA THR A 2525 -50.12 12.26 28.50
C THR A 2525 -49.23 11.04 28.50
N ASP A 2526 -47.96 11.25 28.85
CA ASP A 2526 -46.94 10.21 28.88
C ASP A 2526 -46.20 10.32 30.20
N TRP A 2527 -46.12 9.23 30.95
CA TRP A 2527 -45.43 9.15 32.24
C TRP A 2527 -44.11 8.39 32.18
N GLY A 2528 -43.52 8.22 30.98
CA GLY A 2528 -42.20 7.65 30.83
C GLY A 2528 -41.17 8.66 31.30
N THR A 2529 -39.90 8.27 31.18
CA THR A 2529 -38.83 9.20 31.57
C THR A 2529 -38.99 10.46 30.74
N ASN A 2530 -38.77 11.60 31.39
CA ASN A 2530 -39.12 12.90 30.82
C ASN A 2530 -40.63 12.93 30.55
N ALA A 2531 -41.40 12.81 31.62
CA ALA A 2531 -42.85 12.80 31.51
C ALA A 2531 -43.33 14.09 30.87
N LYS A 2532 -44.36 13.98 30.04
CA LYS A 2532 -44.82 15.12 29.27
C LYS A 2532 -46.29 15.01 28.93
N ILE A 2533 -46.84 16.14 28.50
CA ILE A 2533 -48.16 16.23 27.92
C ILE A 2533 -47.95 16.76 26.51
N GLU A 2534 -48.56 16.11 25.52
CA GLU A 2534 -48.31 16.41 24.12
C GLU A 2534 -49.60 16.71 23.39
N ARG A 2535 -49.46 17.53 22.36
CA ARG A 2535 -50.55 17.90 21.46
C ARG A 2535 -50.21 17.41 20.07
N ALA A 2536 -51.26 17.02 19.36
CA ALA A 2536 -51.14 16.51 18.00
C ALA A 2536 -52.42 16.88 17.27
N THR A 2537 -52.51 16.43 16.02
CA THR A 2537 -53.70 16.57 15.20
C THR A 2537 -54.31 15.19 15.08
N LEU A 2538 -55.63 15.16 14.86
CA LEU A 2538 -56.34 13.89 14.91
C LEU A 2538 -55.84 12.89 13.88
N GLY A 2539 -55.08 13.33 12.87
CA GLY A 2539 -54.37 12.43 11.99
C GLY A 2539 -52.94 12.15 12.42
N GLY A 2540 -52.39 12.95 13.31
CA GLY A 2540 -51.06 12.73 13.85
C GLY A 2540 -49.94 13.44 13.12
N ASN A 2541 -50.25 14.42 12.27
CA ASN A 2541 -49.26 14.99 11.37
C ASN A 2541 -48.41 16.08 12.00
N PHE A 2542 -48.78 16.60 13.17
CA PHE A 2542 -47.93 17.47 13.95
C PHE A 2542 -47.89 16.97 15.38
N ARG A 2543 -46.79 17.25 16.06
CA ARG A 2543 -46.59 16.79 17.43
C ARG A 2543 -45.78 17.82 18.19
N VAL A 2544 -46.26 18.26 19.35
CA VAL A 2544 -45.52 19.25 20.13
C VAL A 2544 -45.78 19.08 21.62
N PRO A 2545 -44.80 19.25 22.50
CA PRO A 2545 -45.08 19.22 23.94
C PRO A 2545 -45.75 20.50 24.41
N ILE A 2546 -46.86 20.36 25.12
CA ILE A 2546 -47.51 21.51 25.74
C ILE A 2546 -46.95 21.75 27.14
N VAL A 2547 -46.67 20.68 27.87
CA VAL A 2547 -46.08 20.76 29.20
C VAL A 2547 -44.98 19.71 29.29
N ASN A 2548 -43.78 20.14 29.71
CA ASN A 2548 -42.67 19.21 29.90
C ASN A 2548 -41.88 19.53 31.18
N THR A 2549 -42.47 20.26 32.11
CA THR A 2549 -41.78 20.66 33.34
C THR A 2549 -42.65 20.35 34.55
N SER A 2550 -42.01 19.83 35.59
CA SER A 2550 -42.66 19.50 36.86
C SER A 2550 -43.80 18.50 36.67
N LEU A 2551 -43.55 17.48 35.85
CA LEU A 2551 -44.45 16.36 35.64
C LEU A 2551 -43.72 15.07 35.92
N VAL A 2552 -44.36 14.14 36.63
CA VAL A 2552 -43.77 12.85 36.94
C VAL A 2552 -44.71 11.72 36.52
N TRP A 2553 -45.95 11.75 37.03
CA TRP A 2553 -46.96 10.72 36.76
C TRP A 2553 -48.27 11.38 36.36
N PRO A 2554 -48.33 12.01 35.19
CA PRO A 2554 -49.58 12.63 34.75
C PRO A 2554 -50.60 11.60 34.30
N ASN A 2555 -51.38 11.08 35.25
CA ASN A 2555 -52.30 9.98 34.98
C ASN A 2555 -53.61 10.43 34.36
N GLY A 2556 -54.06 11.65 34.62
CA GLY A 2556 -55.35 12.11 34.17
C GLY A 2556 -55.30 13.44 33.46
N LEU A 2557 -56.16 13.58 32.45
CA LEU A 2557 -56.23 14.75 31.58
C LEU A 2557 -57.69 15.00 31.21
N THR A 2558 -58.09 16.26 31.23
CA THR A 2558 -59.46 16.65 30.90
C THR A 2558 -59.44 18.02 30.25
N LEU A 2559 -60.47 18.29 29.44
CA LEU A 2559 -60.62 19.58 28.79
C LEU A 2559 -62.04 20.08 29.02
N ASP A 2560 -62.15 21.38 29.31
CA ASP A 2560 -63.43 22.03 29.55
C ASP A 2560 -63.65 23.01 28.41
N LEU A 2561 -64.67 22.73 27.60
CA LEU A 2561 -65.00 23.51 26.42
C LEU A 2561 -65.86 24.74 26.71
N GLU A 2562 -66.33 24.89 27.95
CA GLU A 2562 -67.01 26.11 28.37
C GLU A 2562 -66.01 27.21 28.67
N THR A 2563 -64.76 26.84 28.95
CA THR A 2563 -63.71 27.75 29.34
C THR A 2563 -62.44 27.57 28.53
N ASP A 2564 -62.37 26.53 27.69
CA ASP A 2564 -61.18 26.25 26.89
C ASP A 2564 -59.98 26.09 27.82
N LEU A 2565 -60.16 25.26 28.84
CA LEU A 2565 -59.11 24.99 29.81
C LEU A 2565 -58.78 23.52 29.90
N LEU A 2566 -57.51 23.21 30.12
CA LEU A 2566 -56.99 21.86 30.17
C LEU A 2566 -56.47 21.59 31.56
N TYR A 2567 -56.98 20.55 32.19
CA TYR A 2567 -56.63 20.16 33.55
C TYR A 2567 -55.93 18.82 33.51
N TRP A 2568 -54.95 18.64 34.38
CA TRP A 2568 -54.27 17.37 34.48
C TRP A 2568 -53.92 17.10 35.94
N ALA A 2569 -53.79 15.81 36.25
CA ALA A 2569 -53.52 15.34 37.60
C ALA A 2569 -52.26 14.50 37.63
N ASP A 2570 -51.44 14.71 38.66
CA ASP A 2570 -50.18 14.03 38.84
C ASP A 2570 -50.22 13.31 40.18
N ALA A 2571 -49.90 12.01 40.15
CA ALA A 2571 -50.00 11.13 41.31
C ALA A 2571 -48.72 11.07 42.14
N SER A 2572 -47.57 11.44 41.56
CA SER A 2572 -46.33 11.43 42.32
C SER A 2572 -46.14 12.76 43.03
N LEU A 2573 -46.34 13.86 42.30
CA LEU A 2573 -46.38 15.18 42.92
C LEU A 2573 -47.68 15.40 43.67
N GLN A 2574 -48.68 14.56 43.45
CA GLN A 2574 -49.93 14.58 44.20
C GLN A 2574 -50.64 15.93 44.09
N LYS A 2575 -50.84 16.38 42.85
CA LYS A 2575 -51.50 17.67 42.66
C LYS A 2575 -52.21 17.73 41.31
N ILE A 2576 -53.18 18.63 41.25
CA ILE A 2576 -54.01 18.84 40.07
C ILE A 2576 -53.80 20.29 39.62
N GLU A 2577 -53.51 20.45 38.33
CA GLU A 2577 -53.15 21.74 37.76
C GLU A 2577 -53.99 22.02 36.53
N ARG A 2578 -54.17 23.30 36.23
CA ARG A 2578 -54.91 23.75 35.08
C ARG A 2578 -54.07 24.72 34.27
N SER A 2579 -54.30 24.72 32.97
CA SER A 2579 -53.64 25.62 32.05
C SER A 2579 -54.58 25.88 30.89
N THR A 2580 -54.14 26.72 29.96
CA THR A 2580 -54.85 26.96 28.72
C THR A 2580 -54.22 26.09 27.64
N LEU A 2581 -54.91 25.99 26.50
CA LEU A 2581 -54.55 25.00 25.50
C LEU A 2581 -53.13 25.17 24.97
N THR A 2582 -52.56 26.37 25.05
CA THR A 2582 -51.19 26.61 24.63
C THR A 2582 -50.19 26.61 25.79
N GLY A 2583 -50.63 26.42 27.03
CA GLY A 2583 -49.73 26.48 28.15
C GLY A 2583 -49.50 27.87 28.68
N SER A 2584 -50.25 28.87 28.21
CA SER A 2584 -49.91 30.26 28.45
C SER A 2584 -50.00 30.61 29.94
N ASN A 2585 -50.96 30.02 30.65
CA ASN A 2585 -51.10 30.21 32.09
C ASN A 2585 -51.11 28.85 32.76
N ARG A 2586 -50.61 28.80 33.99
CA ARG A 2586 -50.52 27.56 34.74
C ARG A 2586 -50.84 27.83 36.20
N GLU A 2587 -51.72 27.02 36.76
CA GLU A 2587 -52.16 27.20 38.14
C GLU A 2587 -52.39 25.84 38.77
N VAL A 2588 -52.37 25.80 40.09
CA VAL A 2588 -52.65 24.59 40.86
C VAL A 2588 -54.00 24.77 41.52
N VAL A 2589 -54.91 23.83 41.27
CA VAL A 2589 -56.26 23.93 41.80
C VAL A 2589 -56.38 23.18 43.11
N ILE A 2590 -55.84 21.96 43.15
CA ILE A 2590 -55.83 21.13 44.34
C ILE A 2590 -54.38 20.80 44.63
N SER A 2591 -53.93 21.11 45.85
CA SER A 2591 -52.53 20.99 46.23
C SER A 2591 -52.18 19.62 46.81
N THR A 2592 -53.17 18.76 47.04
CA THR A 2592 -52.93 17.42 47.56
C THR A 2592 -54.02 16.52 47.03
N ALA A 2593 -53.65 15.41 46.35
CA ALA A 2593 -54.65 14.58 45.69
C ALA A 2593 -54.37 13.09 45.78
N PHE A 2594 -53.56 12.65 46.75
CA PHE A 2594 -53.42 11.26 47.19
C PHE A 2594 -53.39 10.25 46.04
N HIS A 2595 -52.55 10.52 45.04
CA HIS A 2595 -52.34 9.56 43.94
C HIS A 2595 -53.55 9.43 43.04
N SER A 2596 -54.02 10.55 42.48
CA SER A 2596 -55.16 10.53 41.58
C SER A 2596 -54.84 9.78 40.30
N PHE A 2597 -55.82 8.98 39.84
CA PHE A 2597 -55.74 8.28 38.55
C PHE A 2597 -56.59 8.95 37.47
N GLY A 2598 -57.89 9.07 37.70
CA GLY A 2598 -58.82 9.55 36.71
C GLY A 2598 -59.45 10.86 37.11
N LEU A 2599 -59.84 11.63 36.09
CA LEU A 2599 -60.28 13.01 36.20
C LEU A 2599 -61.39 13.30 35.20
N THR A 2600 -62.36 14.10 35.63
CA THR A 2600 -63.44 14.59 34.77
C THR A 2600 -63.92 15.92 35.31
N VAL A 2601 -64.62 16.67 34.48
CA VAL A 2601 -65.12 17.99 34.84
C VAL A 2601 -66.58 18.13 34.43
N TYR A 2602 -67.38 18.73 35.32
CA TYR A 2602 -68.78 19.01 35.01
C TYR A 2602 -69.20 20.21 35.85
N GLY A 2603 -69.90 21.14 35.22
CA GLY A 2603 -70.38 22.31 35.91
C GLY A 2603 -69.24 23.10 36.52
N GLN A 2604 -69.47 23.55 37.75
CA GLN A 2604 -68.49 24.27 38.53
C GLN A 2604 -67.49 23.35 39.22
N TYR A 2605 -67.53 22.04 38.95
CA TYR A 2605 -66.82 21.05 39.74
C TYR A 2605 -65.93 20.16 38.89
N ILE A 2606 -64.87 19.69 39.53
CA ILE A 2606 -63.91 18.75 38.97
C ILE A 2606 -63.89 17.53 39.88
N TYR A 2607 -63.94 16.35 39.29
CA TYR A 2607 -64.04 15.10 40.02
C TYR A 2607 -62.84 14.23 39.68
N TRP A 2608 -62.32 13.52 40.69
CA TRP A 2608 -61.19 12.64 40.43
C TRP A 2608 -61.21 11.47 41.40
N THR A 2609 -60.58 10.37 40.98
CA THR A 2609 -60.54 9.13 41.74
C THR A 2609 -59.11 8.78 42.09
N ASP A 2610 -58.90 8.21 43.28
CA ASP A 2610 -57.53 7.85 43.68
C ASP A 2610 -57.45 6.46 44.30
N PHE A 2611 -56.25 5.89 44.19
CA PHE A 2611 -55.93 4.56 44.70
C PHE A 2611 -55.71 4.53 46.20
N TYR A 2612 -55.07 5.56 46.76
CA TYR A 2612 -54.59 5.49 48.13
C TYR A 2612 -55.74 5.43 49.14
N THR A 2613 -56.75 6.27 48.97
CA THR A 2613 -57.90 6.27 49.86
C THR A 2613 -59.08 5.51 49.31
N LYS A 2614 -58.98 4.99 48.09
CA LYS A 2614 -60.05 4.23 47.46
C LYS A 2614 -61.33 5.04 47.46
N LYS A 2615 -61.25 6.24 46.91
CA LYS A 2615 -62.35 7.18 46.96
C LYS A 2615 -62.40 8.05 45.70
N ILE A 2616 -63.59 8.64 45.53
CA ILE A 2616 -63.87 9.60 44.48
C ILE A 2616 -64.10 10.92 45.19
N TYR A 2617 -63.55 11.99 44.64
CA TYR A 2617 -63.51 13.29 45.26
C TYR A 2617 -64.05 14.35 44.31
N ARG A 2618 -64.66 15.37 44.89
CA ARG A 2618 -65.19 16.52 44.19
C ARG A 2618 -64.53 17.76 44.74
N ALA A 2619 -64.17 18.67 43.84
CA ALA A 2619 -63.61 19.97 44.17
C ALA A 2619 -64.18 21.01 43.23
N ASN A 2620 -63.93 22.27 43.54
CA ASN A 2620 -64.38 23.38 42.71
C ASN A 2620 -63.24 23.74 41.78
N LYS A 2621 -63.50 23.74 40.48
CA LYS A 2621 -62.45 23.77 39.47
C LYS A 2621 -61.69 25.09 39.42
N TYR A 2622 -62.18 26.15 40.06
CA TYR A 2622 -61.46 27.41 40.02
C TYR A 2622 -60.54 27.61 41.22
N ASP A 2623 -60.92 27.10 42.39
CA ASP A 2623 -60.21 27.37 43.63
C ASP A 2623 -59.97 26.17 44.52
N GLY A 2624 -60.62 25.03 44.32
CA GLY A 2624 -60.61 23.99 45.31
C GLY A 2624 -61.41 24.40 46.53
N SER A 2625 -62.39 25.27 46.32
CA SER A 2625 -63.08 25.94 47.41
C SER A 2625 -63.83 24.95 48.30
N ASP A 2626 -64.55 24.02 47.70
CA ASP A 2626 -65.34 23.03 48.43
C ASP A 2626 -64.90 21.65 48.00
N LEU A 2627 -64.37 20.88 48.95
CA LEU A 2627 -63.82 19.56 48.71
C LEU A 2627 -64.60 18.54 49.52
N ILE A 2628 -65.13 17.53 48.83
CA ILE A 2628 -65.87 16.46 49.48
C ILE A 2628 -65.52 15.12 48.83
N ALA A 2629 -65.89 14.06 49.52
CA ALA A 2629 -65.74 12.69 49.02
C ALA A 2629 -67.12 12.19 48.64
N MET A 2630 -67.28 11.82 47.38
CA MET A 2630 -68.59 11.38 46.89
C MET A 2630 -68.91 9.95 47.27
N THR A 2631 -67.92 9.17 47.70
CA THR A 2631 -68.12 7.77 48.04
C THR A 2631 -67.44 7.45 49.35
N THR A 2632 -67.91 6.38 49.99
CA THR A 2632 -67.22 5.78 51.10
C THR A 2632 -65.97 5.06 50.59
N ARG A 2633 -65.19 4.52 51.51
CA ARG A 2633 -64.00 3.76 51.11
C ARG A 2633 -64.46 2.55 50.31
N LEU A 2634 -64.13 2.51 49.03
CA LEU A 2634 -64.60 1.43 48.19
C LEU A 2634 -63.79 0.16 48.44
N PRO A 2635 -64.39 -1.03 48.24
CA PRO A 2635 -63.67 -2.27 48.58
C PRO A 2635 -62.42 -2.52 47.77
N THR A 2636 -62.29 -1.91 46.59
CA THR A 2636 -61.13 -2.12 45.73
C THR A 2636 -60.68 -0.79 45.17
N GLN A 2637 -59.45 -0.77 44.66
CA GLN A 2637 -58.87 0.43 44.08
C GLN A 2637 -59.76 0.92 42.94
N PRO A 2638 -60.30 2.15 42.99
CA PRO A 2638 -61.15 2.61 41.89
C PRO A 2638 -60.37 2.79 40.61
N SER A 2639 -61.04 3.28 39.58
CA SER A 2639 -60.47 3.40 38.25
C SER A 2639 -61.05 4.64 37.59
N GLY A 2640 -60.85 4.73 36.28
CA GLY A 2640 -61.17 5.95 35.56
C GLY A 2640 -62.65 6.26 35.57
N ILE A 2641 -62.93 7.54 35.41
CA ILE A 2641 -64.24 8.13 35.61
C ILE A 2641 -64.62 8.96 34.39
N SER A 2642 -65.92 9.02 34.12
CA SER A 2642 -66.46 9.72 32.97
C SER A 2642 -67.86 10.20 33.32
N THR A 2643 -68.43 10.99 32.42
CA THR A 2643 -69.73 11.61 32.62
C THR A 2643 -70.70 11.23 31.51
N VAL A 2644 -71.97 11.18 31.87
CA VAL A 2644 -73.08 10.90 30.96
C VAL A 2644 -73.97 12.14 30.98
N VAL A 2645 -74.26 12.68 29.80
CA VAL A 2645 -74.94 13.94 29.63
C VAL A 2645 -76.00 13.81 28.55
N LYS A 2646 -77.17 14.40 28.79
CA LYS A 2646 -78.28 14.35 27.85
C LYS A 2646 -78.23 15.40 26.77
N THR A 2647 -77.57 16.54 27.03
CA THR A 2647 -77.55 17.63 26.07
C THR A 2647 -76.61 17.30 24.90
N GLN A 2648 -77.00 17.72 23.71
CA GLN A 2648 -76.20 17.46 22.52
C GLN A 2648 -74.89 18.25 22.57
N GLN A 2649 -73.83 17.62 22.09
CA GLN A 2649 -72.50 18.20 22.14
C GLN A 2649 -72.35 19.33 21.11
N GLN A 2650 -71.24 20.04 21.22
CA GLN A 2650 -70.89 21.06 20.23
C GLN A 2650 -70.73 20.38 18.88
N GLN A 2651 -71.30 21.00 17.85
CA GLN A 2651 -71.36 20.42 16.52
C GLN A 2651 -70.65 21.32 15.51
N CYS A 2652 -70.05 20.68 14.51
CA CYS A 2652 -69.35 21.37 13.44
C CYS A 2652 -69.31 20.45 12.23
N SER A 2653 -69.12 21.05 11.06
CA SER A 2653 -69.05 20.27 9.83
C SER A 2653 -67.75 19.48 9.77
N ASN A 2654 -67.82 18.30 9.16
CA ASN A 2654 -66.68 17.41 9.03
C ASN A 2654 -66.17 17.42 7.60
N PRO A 2655 -64.91 17.79 7.32
CA PRO A 2655 -64.44 17.70 5.92
C PRO A 2655 -64.41 16.28 5.39
N CYS A 2656 -64.36 15.29 6.28
CA CYS A 2656 -64.31 13.89 5.85
C CYS A 2656 -65.63 13.36 5.32
N ASP A 2657 -66.75 14.05 5.56
CA ASP A 2657 -68.05 13.51 5.19
C ASP A 2657 -68.41 13.68 3.72
N GLN A 2658 -67.60 14.41 2.94
CA GLN A 2658 -67.82 14.54 1.51
C GLN A 2658 -66.76 13.72 0.77
N PHE A 2659 -67.19 12.61 0.19
CA PHE A 2659 -66.32 11.75 -0.61
C PHE A 2659 -65.07 11.35 0.16
N ASN A 2660 -65.26 11.05 1.45
CA ASN A 2660 -64.18 10.65 2.35
C ASN A 2660 -63.07 11.69 2.42
N GLY A 2661 -63.39 12.95 2.14
CA GLY A 2661 -62.39 14.00 2.18
C GLY A 2661 -61.26 13.82 1.20
N GLY A 2662 -61.46 13.00 0.17
CA GLY A 2662 -60.41 12.68 -0.77
C GLY A 2662 -59.45 11.62 -0.30
N CYS A 2663 -59.54 11.20 0.96
CA CYS A 2663 -58.59 10.23 1.50
C CYS A 2663 -58.84 8.86 0.87
N SER A 2664 -57.75 8.10 0.70
CA SER A 2664 -57.86 6.77 0.13
C SER A 2664 -58.42 5.75 1.13
N HIS A 2665 -57.90 5.73 2.36
CA HIS A 2665 -58.35 4.77 3.36
C HIS A 2665 -59.01 5.40 4.59
N ILE A 2666 -58.30 6.20 5.37
CA ILE A 2666 -58.83 6.73 6.64
C ILE A 2666 -58.69 8.25 6.65
N CYS A 2667 -59.72 8.93 7.16
CA CYS A 2667 -59.80 10.39 7.19
C CYS A 2667 -60.04 10.88 8.60
N ALA A 2668 -59.42 12.02 8.93
CA ALA A 2668 -59.58 12.67 10.23
C ALA A 2668 -59.74 14.17 10.01
N PRO A 2669 -60.55 14.88 10.82
CA PRO A 2669 -60.73 16.33 10.58
C PRO A 2669 -59.69 17.21 11.29
N GLY A 2670 -58.49 17.28 10.72
CA GLY A 2670 -57.43 18.06 11.31
C GLY A 2670 -57.63 19.56 11.14
N PRO A 2671 -56.69 20.31 11.69
CA PRO A 2671 -56.76 21.77 11.52
C PRO A 2671 -56.44 22.11 10.09
N ASN A 2672 -57.18 23.09 9.57
CA ASN A 2672 -57.12 23.57 8.20
C ASN A 2672 -57.82 22.60 7.24
N GLY A 2673 -58.26 21.43 7.68
CA GLY A 2673 -58.93 20.54 6.74
C GLY A 2673 -58.76 19.09 7.13
N ALA A 2674 -58.98 18.22 6.16
CA ALA A 2674 -58.85 16.79 6.38
C ALA A 2674 -57.39 16.36 6.44
N GLU A 2675 -57.19 15.22 7.08
CA GLU A 2675 -55.92 14.51 7.12
C GLU A 2675 -56.23 13.09 6.72
N CYS A 2676 -55.25 12.41 6.13
CA CYS A 2676 -55.42 11.03 5.70
C CYS A 2676 -54.39 10.13 6.35
N GLN A 2677 -54.85 8.94 6.74
CA GLN A 2677 -54.00 7.89 7.29
C GLN A 2677 -54.26 6.59 6.54
N CYS A 2678 -53.20 5.79 6.41
CA CYS A 2678 -53.22 4.49 5.78
C CYS A 2678 -53.36 3.40 6.84
N PRO A 2679 -53.78 2.19 6.46
CA PRO A 2679 -53.95 1.13 7.45
C PRO A 2679 -52.65 0.75 8.15
N HIS A 2680 -52.80 0.28 9.39
CA HIS A 2680 -51.71 -0.21 10.21
C HIS A 2680 -51.17 -1.56 9.77
N GLU A 2681 -51.79 -2.21 8.80
CA GLU A 2681 -51.50 -3.59 8.45
C GLU A 2681 -50.17 -3.80 7.74
N GLY A 2682 -49.51 -2.76 7.25
CA GLY A 2682 -48.28 -2.95 6.51
C GLY A 2682 -47.42 -1.71 6.42
N SER A 2683 -46.60 -1.65 5.37
CA SER A 2683 -45.65 -0.57 5.14
C SER A 2683 -46.20 0.29 4.03
N TRP A 2684 -46.41 1.57 4.31
CA TRP A 2684 -47.17 2.45 3.46
C TRP A 2684 -46.42 3.76 3.24
N TYR A 2685 -46.95 4.51 2.28
CA TYR A 2685 -46.37 5.74 1.76
C TYR A 2685 -47.53 6.60 1.29
N LEU A 2686 -47.35 7.92 1.35
CA LEU A 2686 -48.40 8.87 1.06
C LEU A 2686 -48.06 9.64 -0.21
N ALA A 2687 -49.07 9.89 -1.04
CA ALA A 2687 -48.87 10.46 -2.36
C ALA A 2687 -50.09 11.30 -2.74
N ASN A 2688 -49.92 12.08 -3.82
CA ASN A 2688 -51.00 12.88 -4.39
C ASN A 2688 -51.57 13.83 -3.34
N ASP A 2689 -50.71 14.76 -2.92
CA ASP A 2689 -51.01 15.71 -1.84
C ASP A 2689 -51.29 14.96 -0.53
N ASN A 2690 -50.69 13.77 -0.40
CA ASN A 2690 -50.85 12.90 0.75
C ASN A 2690 -52.29 12.45 0.94
N LYS A 2691 -53.14 12.62 -0.08
CA LYS A 2691 -54.51 12.16 -0.04
C LYS A 2691 -54.66 10.71 -0.46
N TYR A 2692 -53.60 10.11 -1.03
CA TYR A 2692 -53.61 8.74 -1.47
C TYR A 2692 -52.56 7.93 -0.71
N CYS A 2693 -52.85 6.64 -0.58
CA CYS A 2693 -52.03 5.69 0.14
C CYS A 2693 -51.50 4.65 -0.83
N VAL A 2694 -50.20 4.33 -0.69
CA VAL A 2694 -49.48 3.42 -1.56
C VAL A 2694 -48.67 2.50 -0.64
N VAL A 2695 -48.31 1.34 -1.17
CA VAL A 2695 -47.62 0.32 -0.40
C VAL A 2695 -46.15 0.41 -0.75
N ASP A 2696 -45.31 0.53 0.28
CA ASP A 2696 -43.95 1.02 0.14
C ASP A 2696 -42.99 -0.05 -0.38
N THR A 2697 -42.40 0.22 -1.55
CA THR A 2697 -41.29 -0.54 -2.11
C THR A 2697 -40.28 0.39 -2.77
N GLY A 2698 -40.30 1.69 -2.45
CA GLY A 2698 -39.49 2.63 -3.19
C GLY A 2698 -40.19 2.98 -4.50
N ALA A 2699 -39.39 3.24 -5.53
CA ALA A 2699 -39.91 3.53 -6.86
C ALA A 2699 -40.82 4.76 -6.88
N ARG A 2700 -40.56 5.73 -6.02
CA ARG A 2700 -41.39 6.92 -5.95
C ARG A 2700 -41.11 7.78 -7.16
N CYS A 2701 -42.15 8.44 -7.67
CA CYS A 2701 -42.22 9.00 -9.01
C CYS A 2701 -41.84 10.47 -9.08
N ASN A 2702 -41.80 10.97 -10.31
CA ASN A 2702 -41.35 12.30 -10.66
C ASN A 2702 -42.45 13.34 -10.47
N GLN A 2703 -42.03 14.60 -10.59
CA GLN A 2703 -42.94 15.73 -10.47
C GLN A 2703 -43.93 15.76 -11.62
N PHE A 2704 -45.08 16.37 -11.35
CA PHE A 2704 -46.16 16.60 -12.31
C PHE A 2704 -46.84 15.32 -12.77
N GLN A 2705 -46.60 14.20 -12.11
CA GLN A 2705 -47.26 12.95 -12.41
C GLN A 2705 -48.44 12.72 -11.47
N PHE A 2706 -49.21 11.68 -11.76
CA PHE A 2706 -50.31 11.23 -10.94
C PHE A 2706 -50.11 9.73 -10.73
N THR A 2707 -50.55 9.22 -9.59
CA THR A 2707 -50.28 7.84 -9.23
C THR A 2707 -51.56 7.07 -8.88
N CYS A 2708 -51.48 5.77 -9.10
CA CYS A 2708 -52.54 4.81 -8.88
C CYS A 2708 -52.08 3.82 -7.81
N LEU A 2709 -53.07 3.40 -7.02
CA LEU A 2709 -52.87 2.63 -5.79
C LEU A 2709 -52.18 1.30 -6.04
N ASN A 2710 -52.17 0.81 -7.28
CA ASN A 2710 -51.38 -0.36 -7.57
C ASN A 2710 -49.89 -0.04 -7.60
N GLY A 2711 -49.50 1.21 -7.40
CA GLY A 2711 -48.12 1.60 -7.34
C GLY A 2711 -47.62 1.98 -8.71
N ARG A 2712 -48.44 2.69 -9.49
CA ARG A 2712 -48.09 3.01 -10.87
C ARG A 2712 -48.31 4.49 -11.14
N CYS A 2713 -47.53 5.06 -12.06
CA CYS A 2713 -47.55 6.50 -12.29
C CYS A 2713 -47.76 6.81 -13.77
N ILE A 2714 -48.46 7.93 -14.01
CA ILE A 2714 -48.92 8.35 -15.31
C ILE A 2714 -48.86 9.87 -15.42
N SER A 2715 -48.93 10.36 -16.66
CA SER A 2715 -49.05 11.79 -16.90
C SER A 2715 -50.36 12.29 -16.30
N GLN A 2716 -50.29 13.44 -15.64
CA GLN A 2716 -51.42 13.94 -14.86
C GLN A 2716 -52.65 14.22 -15.72
N ASP A 2717 -52.46 14.54 -17.00
CA ASP A 2717 -53.60 14.90 -17.84
C ASP A 2717 -54.62 13.75 -17.92
N TRP A 2718 -54.17 12.51 -17.82
CA TRP A 2718 -55.06 11.36 -17.91
C TRP A 2718 -56.00 11.27 -16.72
N LYS A 2719 -55.74 12.04 -15.66
CA LYS A 2719 -56.59 12.06 -14.48
C LYS A 2719 -58.01 12.50 -14.81
N CYS A 2720 -58.98 11.71 -14.34
CA CYS A 2720 -60.41 12.01 -14.52
C CYS A 2720 -60.78 12.28 -15.98
N ASP A 2721 -60.13 11.56 -16.89
CA ASP A 2721 -60.39 11.70 -18.32
C ASP A 2721 -61.46 10.73 -18.82
N ASN A 2722 -62.15 10.04 -17.91
CA ASN A 2722 -63.17 9.06 -18.25
C ASN A 2722 -62.61 7.85 -18.99
N ASP A 2723 -61.30 7.62 -18.91
CA ASP A 2723 -60.66 6.43 -19.42
C ASP A 2723 -59.88 5.76 -18.29
N ASN A 2724 -59.87 4.43 -18.27
CA ASN A 2724 -59.25 3.68 -17.19
C ASN A 2724 -57.77 3.54 -17.48
N ASP A 2725 -56.96 4.38 -16.84
CA ASP A 2725 -55.52 4.44 -17.05
C ASP A 2725 -54.73 3.37 -16.34
N CYS A 2726 -55.33 2.64 -15.40
CA CYS A 2726 -54.63 1.81 -14.45
C CYS A 2726 -55.35 0.48 -14.26
N GLY A 2727 -54.65 -0.45 -13.62
CA GLY A 2727 -55.21 -1.77 -13.35
C GLY A 2727 -56.50 -1.71 -12.56
N ASP A 2728 -56.69 -0.64 -11.79
CA ASP A 2728 -57.95 -0.31 -11.16
C ASP A 2728 -58.20 1.18 -11.39
N GLY A 2729 -59.47 1.57 -11.30
CA GLY A 2729 -59.89 2.89 -11.72
C GLY A 2729 -59.57 4.03 -10.77
N SER A 2730 -58.43 3.96 -10.07
CA SER A 2730 -58.06 5.01 -9.13
C SER A 2730 -58.03 6.39 -9.79
N ASP A 2731 -57.63 6.45 -11.05
CA ASP A 2731 -57.57 7.72 -11.78
C ASP A 2731 -58.95 8.33 -11.98
N GLU A 2732 -60.01 7.53 -11.97
CA GLU A 2732 -61.37 7.97 -12.30
C GLU A 2732 -62.31 7.93 -11.10
N LEU A 2733 -61.81 7.71 -9.90
CA LEU A 2733 -62.71 7.62 -8.76
C LEU A 2733 -63.35 8.96 -8.43
N PRO A 2734 -64.58 8.94 -7.90
CA PRO A 2734 -65.19 10.20 -7.46
C PRO A 2734 -64.40 10.89 -6.38
N THR A 2735 -63.62 10.14 -5.59
CA THR A 2735 -62.82 10.76 -4.54
C THR A 2735 -61.82 11.73 -5.13
N VAL A 2736 -61.42 11.52 -6.38
CA VAL A 2736 -60.58 12.45 -7.11
C VAL A 2736 -61.42 13.47 -7.85
N CYS A 2737 -62.36 13.00 -8.68
CA CYS A 2737 -63.03 13.87 -9.62
C CYS A 2737 -64.05 14.79 -8.96
N ALA A 2738 -64.35 14.62 -7.67
CA ALA A 2738 -65.21 15.56 -6.98
C ALA A 2738 -64.50 16.86 -6.66
N PHE A 2739 -63.17 16.83 -6.62
CA PHE A 2739 -62.35 17.97 -6.26
C PHE A 2739 -61.43 18.42 -7.39
N HIS A 2740 -61.09 17.54 -8.32
CA HIS A 2740 -60.25 17.90 -9.44
C HIS A 2740 -60.96 18.92 -10.34
N THR A 2741 -60.16 19.79 -10.96
CA THR A 2741 -60.65 20.80 -11.87
C THR A 2741 -59.95 20.64 -13.22
N CYS A 2742 -60.70 20.90 -14.29
CA CYS A 2742 -60.19 20.73 -15.64
C CYS A 2742 -59.31 21.90 -16.04
N ARG A 2743 -58.20 21.57 -16.71
CA ARG A 2743 -57.28 22.59 -17.17
C ARG A 2743 -57.97 23.53 -18.16
N SER A 2744 -57.39 24.72 -18.32
CA SER A 2744 -58.02 25.77 -19.11
C SER A 2744 -58.18 25.39 -20.57
N THR A 2745 -57.22 24.64 -21.12
CA THR A 2745 -57.24 24.28 -22.54
C THR A 2745 -58.06 23.04 -22.84
N ALA A 2746 -58.84 22.54 -21.88
CA ALA A 2746 -59.59 21.31 -22.03
C ALA A 2746 -61.06 21.63 -22.28
N PHE A 2747 -61.89 20.60 -22.30
CA PHE A 2747 -63.34 20.71 -22.40
C PHE A 2747 -63.90 19.91 -21.25
N THR A 2748 -64.99 20.40 -20.66
CA THR A 2748 -65.57 19.81 -19.47
C THR A 2748 -67.01 19.38 -19.75
N CYS A 2749 -67.42 18.28 -19.12
CA CYS A 2749 -68.76 17.76 -19.27
C CYS A 2749 -69.48 17.80 -17.93
N ALA A 2750 -70.81 17.62 -17.98
CA ALA A 2750 -71.60 17.62 -16.76
C ALA A 2750 -71.18 16.51 -15.80
N ASN A 2751 -70.51 15.48 -16.31
CA ASN A 2751 -70.01 14.39 -15.48
C ASN A 2751 -68.91 14.83 -14.51
N GLY A 2752 -68.41 16.06 -14.64
CA GLY A 2752 -67.25 16.46 -13.88
C GLY A 2752 -66.00 15.83 -14.44
N ARG A 2753 -65.94 15.68 -15.77
CA ARG A 2753 -64.84 15.01 -16.44
C ARG A 2753 -64.32 15.90 -17.56
N CYS A 2754 -63.02 15.75 -17.84
CA CYS A 2754 -62.27 16.60 -18.75
C CYS A 2754 -61.80 15.78 -19.94
N VAL A 2755 -61.97 16.35 -21.13
CA VAL A 2755 -61.57 15.72 -22.39
C VAL A 2755 -60.81 16.74 -23.22
N PRO A 2756 -59.83 16.36 -24.03
CA PRO A 2756 -59.19 17.35 -24.90
C PRO A 2756 -60.21 17.94 -25.87
N TYR A 2757 -60.01 19.21 -26.20
CA TYR A 2757 -61.02 19.94 -26.95
C TYR A 2757 -61.24 19.36 -28.35
N HIS A 2758 -60.20 18.81 -28.98
CA HIS A 2758 -60.39 18.33 -30.34
C HIS A 2758 -61.39 17.19 -30.42
N TYR A 2759 -61.59 16.45 -29.33
CA TYR A 2759 -62.63 15.43 -29.29
C TYR A 2759 -64.02 16.04 -29.37
N ARG A 2760 -64.16 17.32 -29.05
CA ARG A 2760 -65.46 17.96 -29.03
C ARG A 2760 -66.06 17.96 -30.43
N CYS A 2761 -67.26 17.37 -30.55
CA CYS A 2761 -67.96 17.21 -31.84
C CYS A 2761 -67.13 16.38 -32.82
N ASP A 2762 -66.55 15.27 -32.34
CA ASP A 2762 -65.80 14.34 -33.18
C ASP A 2762 -66.63 13.12 -33.58
N PHE A 2763 -67.93 13.11 -33.28
CA PHE A 2763 -68.82 11.98 -33.53
C PHE A 2763 -68.54 10.79 -32.61
N TYR A 2764 -67.79 10.99 -31.52
CA TYR A 2764 -67.54 9.98 -30.51
C TYR A 2764 -67.85 10.59 -29.15
N ASN A 2765 -68.25 9.74 -28.20
CA ASN A 2765 -68.77 10.25 -26.94
C ASN A 2765 -67.66 10.86 -26.08
N ASP A 2766 -66.80 10.02 -25.52
CA ASP A 2766 -65.61 10.41 -24.76
C ASP A 2766 -65.89 11.02 -23.40
N CYS A 2767 -67.14 11.38 -23.11
CA CYS A 2767 -67.62 11.76 -21.79
C CYS A 2767 -68.62 10.72 -21.30
N GLY A 2768 -69.00 10.84 -20.03
CA GLY A 2768 -70.04 9.97 -19.52
C GLY A 2768 -71.36 10.20 -20.23
N ASP A 2769 -71.76 11.46 -20.35
CA ASP A 2769 -72.94 11.85 -21.09
C ASP A 2769 -72.60 12.07 -22.57
N ASN A 2770 -73.61 12.48 -23.34
CA ASN A 2770 -73.45 12.87 -24.74
C ASN A 2770 -72.89 14.28 -24.89
N SER A 2771 -72.53 14.94 -23.78
CA SER A 2771 -72.22 16.36 -23.78
C SER A 2771 -71.07 16.73 -24.73
N ASP A 2772 -70.09 15.84 -24.89
CA ASP A 2772 -68.99 16.15 -25.80
C ASP A 2772 -69.48 16.41 -27.21
N GLU A 2773 -70.55 15.73 -27.62
CA GLU A 2773 -71.14 15.88 -28.94
C GLU A 2773 -72.45 16.65 -28.91
N ALA A 2774 -72.81 17.25 -27.77
CA ALA A 2774 -74.07 17.96 -27.66
C ALA A 2774 -73.97 19.34 -28.31
N GLY A 2775 -75.08 19.76 -28.90
CA GLY A 2775 -75.17 21.08 -29.48
C GLY A 2775 -74.37 21.31 -30.73
N CYS A 2776 -73.75 20.27 -31.28
CA CYS A 2776 -72.91 20.46 -32.46
C CYS A 2776 -73.73 20.91 -33.66
N LEU A 2777 -73.20 21.87 -34.39
CA LEU A 2777 -73.87 22.43 -35.57
C LEU A 2777 -73.53 21.65 -36.83
N PHE A 2778 -74.03 20.43 -36.90
CA PHE A 2778 -73.98 19.64 -38.12
C PHE A 2778 -75.30 18.90 -38.34
N CYS A 3034 -5.48 -0.10 -49.00
CA CYS A 3034 -6.81 -0.27 -48.42
C CYS A 3034 -7.38 1.09 -48.02
N ARG A 3035 -8.68 1.13 -47.75
CA ARG A 3035 -9.30 2.37 -47.32
C ARG A 3035 -8.88 2.70 -45.89
N ASP A 3036 -9.03 3.98 -45.52
CA ASP A 3036 -8.74 4.38 -44.15
C ASP A 3036 -9.65 3.66 -43.16
N ASP A 3037 -10.87 3.35 -43.58
CA ASP A 3037 -11.83 2.63 -42.75
C ASP A 3037 -11.49 1.15 -42.58
N GLN A 3038 -10.57 0.63 -43.36
CA GLN A 3038 -10.32 -0.79 -43.51
C GLN A 3038 -9.11 -1.28 -42.73
N PHE A 3039 -9.08 -2.60 -42.56
CA PHE A 3039 -8.01 -3.35 -41.92
C PHE A 3039 -7.44 -4.34 -42.91
N THR A 3040 -6.12 -4.47 -42.90
CA THR A 3040 -5.38 -5.24 -43.88
C THR A 3040 -4.88 -6.55 -43.27
N CYS A 3041 -5.01 -7.62 -44.05
CA CYS A 3041 -4.73 -8.99 -43.64
C CYS A 3041 -3.56 -9.52 -44.45
N GLN A 3042 -2.77 -10.40 -43.82
CA GLN A 3042 -1.60 -11.00 -44.41
C GLN A 3042 -1.94 -11.76 -45.70
N ASN A 3043 -3.16 -12.25 -45.86
CA ASN A 3043 -3.56 -12.89 -47.11
C ASN A 3043 -3.77 -11.89 -48.24
N GLY A 3044 -3.79 -10.60 -47.94
CA GLY A 3044 -4.01 -9.55 -48.93
C GLY A 3044 -5.45 -9.21 -49.21
N GLN A 3045 -6.20 -9.00 -48.12
CA GLN A 3045 -7.60 -8.63 -48.16
C GLN A 3045 -7.80 -7.41 -47.28
N CYS A 3046 -8.66 -6.49 -47.69
CA CYS A 3046 -9.00 -5.34 -46.87
C CYS A 3046 -10.43 -5.54 -46.38
N ILE A 3047 -10.62 -5.37 -45.07
CA ILE A 3047 -11.92 -5.52 -44.41
C ILE A 3047 -12.19 -4.31 -43.52
N THR A 3048 -13.47 -3.99 -43.38
CA THR A 3048 -13.90 -2.95 -42.45
C THR A 3048 -13.33 -3.20 -41.06
N LYS A 3049 -12.65 -2.19 -40.51
CA LYS A 3049 -11.86 -2.32 -39.30
C LYS A 3049 -12.66 -2.88 -38.12
N LEU A 3050 -13.96 -2.56 -38.03
CA LEU A 3050 -14.77 -3.07 -36.92
C LEU A 3050 -14.72 -4.59 -36.81
N TYR A 3051 -14.55 -5.28 -37.93
CA TYR A 3051 -14.47 -6.74 -37.93
C TYR A 3051 -13.37 -7.26 -37.00
N VAL A 3052 -12.31 -6.49 -36.77
CA VAL A 3052 -11.17 -6.99 -35.99
C VAL A 3052 -11.62 -7.43 -34.61
N CYS A 3053 -11.18 -8.63 -34.23
CA CYS A 3053 -11.43 -9.26 -32.93
C CYS A 3053 -12.91 -9.49 -32.65
N ASP A 3054 -13.74 -9.56 -33.70
CA ASP A 3054 -15.14 -9.93 -33.54
C ASP A 3054 -15.32 -11.44 -33.41
N GLU A 3055 -14.23 -12.20 -33.45
CA GLU A 3055 -14.14 -13.65 -33.39
C GLU A 3055 -14.67 -14.35 -34.63
N ASP A 3056 -15.24 -13.62 -35.60
CA ASP A 3056 -15.51 -14.19 -36.90
C ASP A 3056 -14.19 -14.24 -37.67
N ASN A 3057 -13.97 -15.32 -38.43
CA ASN A 3057 -12.76 -15.47 -39.23
C ASN A 3057 -12.89 -14.72 -40.56
N ASP A 3058 -13.05 -13.40 -40.43
CA ASP A 3058 -13.29 -12.56 -41.61
C ASP A 3058 -12.16 -12.67 -42.62
N CYS A 3059 -10.94 -12.92 -42.15
CA CYS A 3059 -9.79 -13.21 -43.00
C CYS A 3059 -9.36 -14.64 -42.72
N GLY A 3060 -9.30 -15.44 -43.78
CA GLY A 3060 -8.93 -16.84 -43.65
C GLY A 3060 -7.54 -17.06 -43.08
N ASP A 3061 -6.63 -16.10 -43.20
CA ASP A 3061 -5.32 -16.18 -42.57
C ASP A 3061 -5.39 -16.13 -41.04
N GLY A 3062 -6.51 -15.69 -40.48
CA GLY A 3062 -6.64 -15.48 -39.06
C GLY A 3062 -5.90 -14.29 -38.51
N SER A 3063 -5.30 -13.47 -39.38
CA SER A 3063 -4.71 -12.22 -38.96
C SER A 3063 -5.73 -11.36 -38.23
N ASP A 3064 -6.99 -11.43 -38.68
CA ASP A 3064 -8.11 -10.69 -38.13
C ASP A 3064 -8.45 -11.08 -36.69
N GLU A 3065 -7.91 -12.18 -36.19
CA GLU A 3065 -8.27 -12.70 -34.87
C GLU A 3065 -7.05 -13.15 -34.09
N GLN A 3066 -5.89 -12.57 -34.40
CA GLN A 3066 -4.67 -12.92 -33.69
C GLN A 3066 -4.77 -12.59 -32.20
N GLU A 3067 -4.23 -13.52 -31.40
CA GLU A 3067 -4.28 -13.42 -29.95
C GLU A 3067 -3.59 -12.15 -29.46
N HIS A 3068 -2.38 -11.89 -29.93
CA HIS A 3068 -1.66 -10.68 -29.55
C HIS A 3068 -2.31 -9.41 -30.10
N LEU A 3069 -3.23 -9.54 -31.06
CA LEU A 3069 -3.99 -8.40 -31.55
C LEU A 3069 -5.19 -8.08 -30.65
N CYS A 3070 -5.82 -9.12 -30.09
CA CYS A 3070 -7.04 -8.94 -29.30
C CYS A 3070 -6.83 -8.93 -27.79
N HIS A 3071 -5.74 -9.48 -27.27
CA HIS A 3071 -5.46 -9.48 -25.85
C HIS A 3071 -5.19 -8.07 -25.30
N THR A 3072 -5.58 -7.86 -24.04
CA THR A 3072 -5.50 -6.56 -23.39
C THR A 3072 -5.20 -6.73 -21.90
N PRO A 3073 -4.55 -5.72 -21.26
CA PRO A 3073 -4.22 -5.77 -19.82
C PRO A 3073 -5.39 -5.37 -18.93
N GLU A 3074 -6.59 -5.89 -19.22
CA GLU A 3074 -7.82 -5.40 -18.60
C GLU A 3074 -7.92 -5.52 -17.07
N PRO A 3075 -7.46 -6.61 -16.40
CA PRO A 3075 -7.63 -6.65 -14.92
C PRO A 3075 -6.62 -5.81 -14.14
N THR A 3076 -6.92 -4.52 -14.00
CA THR A 3076 -6.06 -3.60 -13.25
C THR A 3076 -6.89 -2.55 -12.53
N CYS A 3077 -6.41 -2.12 -11.36
CA CYS A 3077 -6.94 -0.99 -10.61
C CYS A 3077 -5.79 -0.34 -9.83
N PRO A 3078 -5.92 0.95 -9.49
CA PRO A 3078 -4.78 1.71 -8.96
C PRO A 3078 -4.25 1.18 -7.63
N PRO A 3079 -3.02 1.55 -7.26
CA PRO A 3079 -2.48 1.14 -5.95
C PRO A 3079 -3.28 1.64 -4.76
N HIS A 3080 -4.02 2.73 -4.94
CA HIS A 3080 -4.94 3.27 -3.93
C HIS A 3080 -6.17 2.41 -3.73
N GLN A 3081 -6.37 1.37 -4.53
CA GLN A 3081 -7.63 0.64 -4.60
C GLN A 3081 -7.43 -0.86 -4.47
N PHE A 3082 -8.59 -1.48 -4.29
CA PHE A 3082 -8.80 -2.89 -4.01
C PHE A 3082 -9.81 -3.37 -5.04
N ARG A 3083 -9.69 -4.64 -5.44
CA ARG A 3083 -10.44 -5.21 -6.55
C ARG A 3083 -11.21 -6.44 -6.07
N CYS A 3084 -12.46 -6.52 -6.54
CA CYS A 3084 -13.47 -7.44 -6.04
C CYS A 3084 -14.08 -8.27 -7.16
N ASP A 3085 -14.45 -9.49 -6.78
CA ASP A 3085 -14.83 -10.54 -7.72
C ASP A 3085 -15.93 -10.10 -8.70
N ASN A 3086 -16.75 -9.13 -8.34
CA ASN A 3086 -17.81 -8.68 -9.22
C ASN A 3086 -17.30 -7.81 -10.37
N GLY A 3087 -16.03 -7.41 -10.37
CA GLY A 3087 -15.53 -6.49 -11.36
C GLY A 3087 -15.57 -5.04 -10.92
N HIS A 3088 -15.47 -4.79 -9.62
CA HIS A 3088 -15.61 -3.46 -9.03
C HIS A 3088 -14.41 -3.24 -8.13
N CYS A 3089 -13.99 -1.98 -8.00
CA CYS A 3089 -12.80 -1.62 -7.26
C CYS A 3089 -13.14 -0.56 -6.23
N ILE A 3090 -12.49 -0.68 -5.07
CA ILE A 3090 -12.83 -0.03 -3.81
C ILE A 3090 -11.60 0.67 -3.24
N GLU A 3091 -11.79 1.89 -2.75
CA GLU A 3091 -10.72 2.58 -2.05
C GLU A 3091 -10.38 1.89 -0.73
N MET A 3092 -9.08 1.80 -0.47
CA MET A 3092 -8.58 1.02 0.67
C MET A 3092 -9.18 1.47 1.99
N GLY A 3093 -9.54 2.75 2.12
CA GLY A 3093 -10.21 3.18 3.34
C GLY A 3093 -11.60 2.58 3.44
N THR A 3094 -12.30 2.49 2.32
CA THR A 3094 -13.65 1.94 2.30
C THR A 3094 -13.64 0.43 2.55
N VAL A 3095 -12.60 -0.25 2.07
CA VAL A 3095 -12.48 -1.69 2.34
C VAL A 3095 -12.50 -1.95 3.83
N CYS A 3096 -13.24 -3.00 4.21
CA CYS A 3096 -13.36 -3.48 5.59
C CYS A 3096 -14.02 -2.46 6.50
N ASN A 3097 -14.92 -1.64 5.94
CA ASN A 3097 -15.80 -0.76 6.70
C ASN A 3097 -16.91 -1.51 7.41
N HIS A 3098 -16.99 -2.83 7.23
CA HIS A 3098 -18.10 -3.68 7.67
C HIS A 3098 -19.38 -3.41 6.90
N VAL A 3099 -19.28 -2.84 5.69
CA VAL A 3099 -20.43 -2.51 4.87
C VAL A 3099 -20.14 -2.96 3.45
N ASP A 3100 -21.11 -3.62 2.81
CA ASP A 3100 -21.07 -3.96 1.40
C ASP A 3100 -20.69 -2.77 0.53
N ASP A 3101 -19.51 -2.82 -0.07
CA ASP A 3101 -19.09 -2.00 -1.20
C ASP A 3101 -19.24 -2.74 -2.52
N CYS A 3102 -19.12 -4.07 -2.48
CA CYS A 3102 -19.09 -4.92 -3.67
C CYS A 3102 -20.10 -6.05 -3.53
N SER A 3103 -20.71 -6.39 -4.67
CA SER A 3103 -21.75 -7.42 -4.73
C SER A 3103 -21.36 -8.70 -4.02
N ASP A 3104 -20.11 -9.16 -4.21
CA ASP A 3104 -19.65 -10.38 -3.56
C ASP A 3104 -19.21 -10.17 -2.13
N ASN A 3105 -19.08 -8.93 -1.67
CA ASN A 3105 -18.80 -8.57 -0.28
C ASN A 3105 -17.41 -9.02 0.16
N SER A 3106 -16.50 -9.36 -0.76
CA SER A 3106 -15.19 -9.84 -0.32
C SER A 3106 -14.32 -8.72 0.23
N ASP A 3107 -14.74 -7.47 0.12
CA ASP A 3107 -14.15 -6.37 0.87
C ASP A 3107 -14.40 -6.53 2.38
N GLU A 3108 -15.47 -7.24 2.75
CA GLU A 3108 -15.91 -7.43 4.12
C GLU A 3108 -15.99 -8.88 4.55
N LYS A 3109 -16.11 -9.83 3.60
CA LYS A 3109 -16.50 -11.21 3.87
C LYS A 3109 -15.73 -11.82 5.03
N GLY A 3110 -14.42 -11.65 5.06
CA GLY A 3110 -13.60 -12.10 6.18
C GLY A 3110 -12.52 -11.10 6.55
N CYS A 3111 -12.80 -9.83 6.32
CA CYS A 3111 -11.79 -8.79 6.48
C CYS A 3111 -11.31 -8.68 7.92
N GLY A 3112 -9.98 -8.57 8.06
CA GLY A 3112 -9.29 -8.54 9.34
C GLY A 3112 -9.07 -9.88 10.02
N ILE A 3113 -9.70 -10.96 9.55
CA ILE A 3113 -9.41 -12.28 10.08
C ILE A 3113 -8.01 -12.71 9.64
N ASN A 3114 -7.26 -13.33 10.55
CA ASN A 3114 -5.93 -13.85 10.25
C ASN A 3114 -6.03 -15.35 10.00
N GLU A 3115 -6.34 -15.70 8.74
CA GLU A 3115 -6.58 -17.09 8.35
C GLU A 3115 -5.36 -17.97 8.62
N CYS A 3116 -4.15 -17.45 8.44
CA CYS A 3116 -2.99 -18.32 8.69
C CYS A 3116 -2.78 -18.58 10.17
N GLN A 3117 -3.58 -17.99 11.06
CA GLN A 3117 -3.68 -18.43 12.43
C GLN A 3117 -4.59 -19.64 12.53
N ASP A 3118 -5.48 -19.81 11.57
CA ASP A 3118 -6.34 -20.97 11.45
C ASP A 3118 -5.57 -22.11 10.81
N SER A 3119 -6.06 -23.33 11.00
CA SER A 3119 -5.36 -24.54 10.58
C SER A 3119 -6.10 -25.33 9.52
N SER A 3120 -7.41 -25.54 9.67
CA SER A 3120 -8.14 -26.33 8.68
C SER A 3120 -8.13 -25.64 7.32
N ILE A 3121 -8.34 -24.32 7.30
CA ILE A 3121 -8.21 -23.57 6.06
C ILE A 3121 -6.75 -23.24 5.83
N SER A 3122 -6.42 -22.92 4.57
CA SER A 3122 -5.03 -22.68 4.18
C SER A 3122 -4.18 -23.92 4.47
N HIS A 3123 -4.73 -25.08 4.15
CA HIS A 3123 -4.04 -26.36 4.32
C HIS A 3123 -2.96 -26.43 3.26
N CYS A 3124 -1.77 -25.98 3.64
CA CYS A 3124 -0.69 -25.60 2.76
C CYS A 3124 0.61 -26.26 3.20
N ASP A 3125 1.46 -26.52 2.22
CA ASP A 3125 2.64 -27.36 2.40
C ASP A 3125 3.66 -26.78 3.36
N HIS A 3126 4.25 -25.63 3.01
CA HIS A 3126 5.45 -25.16 3.70
C HIS A 3126 5.30 -23.85 4.47
N ASN A 3127 4.83 -22.76 3.87
CA ASN A 3127 4.70 -21.51 4.61
C ASN A 3127 3.41 -20.79 4.24
N CYS A 3128 2.74 -20.22 5.24
CA CYS A 3128 1.46 -19.53 5.09
C CYS A 3128 1.65 -18.10 5.56
N THR A 3129 1.23 -17.14 4.73
CA THR A 3129 1.27 -15.72 5.06
C THR A 3129 -0.13 -15.14 4.90
N ASP A 3130 -0.71 -14.72 6.01
CA ASP A 3130 -1.99 -14.04 5.98
C ASP A 3130 -1.87 -12.69 5.29
N THR A 3131 -2.97 -12.26 4.69
CA THR A 3131 -3.10 -10.95 4.06
C THR A 3131 -4.39 -10.35 4.60
N ILE A 3132 -4.58 -9.04 4.40
CA ILE A 3132 -5.62 -8.28 5.09
C ILE A 3132 -6.98 -8.96 5.00
N THR A 3133 -7.29 -9.58 3.88
CA THR A 3133 -8.37 -10.54 3.78
C THR A 3133 -7.84 -11.80 3.12
N SER A 3134 -8.19 -12.95 3.68
CA SER A 3134 -7.77 -14.24 3.17
C SER A 3134 -6.27 -14.46 3.38
N PHE A 3135 -5.67 -15.39 2.64
CA PHE A 3135 -4.31 -15.85 2.84
C PHE A 3135 -3.60 -16.08 1.52
N TYR A 3136 -2.28 -16.23 1.60
CA TYR A 3136 -1.45 -16.64 0.46
C TYR A 3136 -0.34 -17.53 1.00
N CYS A 3137 0.25 -18.34 0.13
CA CYS A 3137 1.20 -19.37 0.50
C CYS A 3137 2.51 -19.25 -0.26
N SER A 3138 3.58 -19.68 0.42
CA SER A 3138 4.93 -19.60 -0.10
C SER A 3138 5.70 -20.89 0.21
N CYS A 3139 6.64 -21.20 -0.68
CA CYS A 3139 7.51 -22.35 -0.55
C CYS A 3139 8.88 -21.92 -0.03
N LEU A 3140 9.64 -22.89 0.43
CA LEU A 3140 10.97 -22.66 0.97
C LEU A 3140 11.91 -22.18 -0.14
N PRO A 3141 13.01 -21.51 0.21
CA PRO A 3141 13.93 -21.04 -0.84
C PRO A 3141 14.47 -22.21 -1.64
N GLY A 3142 14.58 -22.00 -2.95
CA GLY A 3142 15.03 -23.02 -3.88
C GLY A 3142 13.93 -23.93 -4.35
N TYR A 3143 12.85 -24.06 -3.59
CA TYR A 3143 11.66 -24.79 -4.01
C TYR A 3143 10.81 -23.92 -4.94
N LYS A 3144 9.80 -24.54 -5.51
CA LYS A 3144 8.89 -23.93 -6.47
C LYS A 3144 7.47 -24.14 -5.96
N LEU A 3145 6.57 -23.24 -6.36
CA LEU A 3145 5.20 -23.23 -5.92
C LEU A 3145 4.32 -23.62 -7.10
N MET A 3146 3.25 -24.37 -6.81
CA MET A 3146 2.48 -25.10 -7.82
C MET A 3146 1.11 -24.45 -8.01
N SER A 3147 0.47 -24.80 -9.14
CA SER A 3147 -0.74 -24.14 -9.58
C SER A 3147 -1.90 -24.26 -8.60
N ASP A 3148 -1.91 -25.28 -7.75
CA ASP A 3148 -2.92 -25.30 -6.69
C ASP A 3148 -2.66 -24.23 -5.65
N LYS A 3149 -1.49 -23.58 -5.70
CA LYS A 3149 -1.08 -22.51 -4.81
C LYS A 3149 -1.06 -22.97 -3.36
N ARG A 3150 -0.83 -24.26 -3.15
CA ARG A 3150 -0.53 -24.84 -1.84
C ARG A 3150 0.61 -25.85 -1.89
N THR A 3151 0.94 -26.42 -3.04
CA THR A 3151 1.95 -27.46 -3.17
C THR A 3151 3.32 -26.89 -3.54
N CYS A 3152 4.36 -27.57 -3.06
CA CYS A 3152 5.74 -27.20 -3.30
C CYS A 3152 6.46 -28.32 -4.05
N VAL A 3153 7.46 -27.92 -4.83
CA VAL A 3153 8.17 -28.80 -5.77
C VAL A 3153 9.64 -28.42 -5.72
N ASP A 3154 10.50 -29.30 -6.24
CA ASP A 3154 11.93 -29.04 -6.31
C ASP A 3154 12.39 -28.84 -7.74
N ILE A 3155 13.05 -27.72 -7.98
CA ILE A 3155 13.65 -27.45 -9.28
C ILE A 3155 14.75 -28.45 -9.59
N ASP A 3156 14.82 -28.87 -10.84
CA ASP A 3156 15.97 -29.55 -11.41
C ASP A 3156 16.86 -28.44 -11.96
N GLU A 3157 17.72 -27.90 -11.11
CA GLU A 3157 18.51 -26.73 -11.47
C GLU A 3157 19.46 -27.02 -12.63
N CYS A 3158 19.95 -28.25 -12.74
CA CYS A 3158 20.92 -28.61 -13.76
C CYS A 3158 20.30 -28.83 -15.14
N LYS A 3159 19.02 -28.57 -15.28
CA LYS A 3159 18.34 -28.45 -16.55
C LYS A 3159 17.66 -27.10 -16.68
N GLU A 3160 17.14 -26.56 -15.58
CA GLU A 3160 16.46 -25.27 -15.62
C GLU A 3160 17.44 -24.14 -15.94
N THR A 3161 18.61 -24.15 -15.31
CA THR A 3161 19.58 -23.07 -15.49
C THR A 3161 20.99 -23.63 -15.41
N PRO A 3162 21.56 -24.07 -16.54
CA PRO A 3162 22.94 -24.55 -16.53
C PRO A 3162 23.97 -23.50 -16.16
N GLN A 3163 23.60 -22.22 -16.14
CA GLN A 3163 24.54 -21.15 -15.89
C GLN A 3163 25.10 -21.15 -14.48
N LEU A 3164 24.51 -21.92 -13.56
CA LEU A 3164 24.91 -21.86 -12.16
C LEU A 3164 26.24 -22.54 -11.87
N CYS A 3165 26.69 -23.44 -12.75
CA CYS A 3165 27.94 -24.14 -12.55
C CYS A 3165 28.73 -24.20 -13.84
N SER A 3166 30.04 -24.04 -13.72
CA SER A 3166 30.94 -24.38 -14.80
C SER A 3166 30.94 -25.89 -14.98
N GLN A 3167 30.94 -26.32 -16.23
CA GLN A 3167 30.95 -27.75 -16.58
C GLN A 3167 29.64 -28.35 -16.08
N LYS A 3168 29.64 -29.41 -15.27
CA LYS A 3168 28.46 -30.21 -15.02
C LYS A 3168 28.02 -30.10 -13.57
N CYS A 3169 26.73 -30.39 -13.36
CA CYS A 3169 26.17 -30.32 -12.03
C CYS A 3169 25.11 -31.41 -11.88
N GLU A 3170 24.85 -31.75 -10.62
CA GLU A 3170 23.97 -32.86 -10.26
C GLU A 3170 22.92 -32.36 -9.29
N ASN A 3171 21.69 -32.85 -9.47
CA ASN A 3171 20.54 -32.38 -8.72
C ASN A 3171 20.45 -33.03 -7.35
N VAL A 3172 19.97 -32.25 -6.39
CA VAL A 3172 19.67 -32.70 -5.04
C VAL A 3172 18.22 -32.30 -4.77
N ILE A 3173 17.56 -33.02 -3.87
CA ILE A 3173 16.14 -32.86 -3.66
C ILE A 3173 15.75 -31.45 -3.22
N GLY A 3174 16.72 -30.63 -2.81
CA GLY A 3174 16.47 -29.24 -2.50
C GLY A 3174 17.56 -28.31 -2.97
N SER A 3175 18.52 -28.83 -3.73
CA SER A 3175 19.70 -28.05 -4.12
C SER A 3175 20.39 -28.74 -5.29
N TYR A 3176 21.58 -28.25 -5.62
CA TYR A 3176 22.42 -28.79 -6.68
C TYR A 3176 23.86 -28.74 -6.20
N ILE A 3177 24.71 -29.53 -6.85
CA ILE A 3177 26.14 -29.50 -6.60
C ILE A 3177 26.85 -29.45 -7.94
N CYS A 3178 28.03 -28.83 -7.96
CA CYS A 3178 28.78 -28.61 -9.18
C CYS A 3178 30.01 -29.50 -9.20
N LYS A 3179 30.33 -30.02 -10.39
CA LYS A 3179 31.47 -30.88 -10.62
C LYS A 3179 32.12 -30.52 -11.95
N CYS A 3180 33.45 -30.69 -11.97
CA CYS A 3180 34.27 -30.51 -13.15
C CYS A 3180 34.57 -31.87 -13.77
N ALA A 3181 34.78 -31.86 -15.09
CA ALA A 3181 35.11 -33.08 -15.82
C ALA A 3181 36.54 -33.50 -15.52
N PRO A 3182 36.95 -34.70 -15.93
CA PRO A 3182 38.35 -35.10 -15.75
C PRO A 3182 39.29 -34.15 -16.45
N GLY A 3183 40.47 -33.97 -15.87
CA GLY A 3183 41.43 -33.03 -16.38
C GLY A 3183 41.25 -31.62 -15.87
N TYR A 3184 40.31 -31.40 -14.96
CA TYR A 3184 39.99 -30.09 -14.43
C TYR A 3184 39.98 -30.13 -12.91
N ILE A 3185 40.19 -28.96 -12.34
CA ILE A 3185 40.22 -28.72 -10.90
C ILE A 3185 39.13 -27.72 -10.59
N ARG A 3186 38.55 -27.85 -9.40
CA ARG A 3186 37.43 -27.03 -8.96
C ARG A 3186 37.93 -26.07 -7.89
N GLU A 3187 37.77 -24.78 -8.14
CA GLU A 3187 38.33 -23.77 -7.24
C GLU A 3187 37.44 -23.60 -6.01
N PRO A 3188 37.95 -22.95 -4.96
CA PRO A 3188 37.14 -22.76 -3.74
C PRO A 3188 35.84 -22.02 -3.95
N ASP A 3189 35.59 -21.44 -5.12
CA ASP A 3189 34.28 -20.88 -5.42
C ASP A 3189 33.19 -21.92 -5.28
N GLY A 3190 33.52 -23.19 -5.50
CA GLY A 3190 32.55 -24.25 -5.51
C GLY A 3190 31.74 -24.34 -6.77
N LYS A 3191 31.99 -23.45 -7.73
CA LYS A 3191 31.20 -23.36 -8.95
C LYS A 3191 32.04 -23.10 -10.19
N SER A 3192 33.37 -23.02 -10.09
CA SER A 3192 34.23 -22.71 -11.22
C SER A 3192 35.33 -23.75 -11.36
N CYS A 3193 35.70 -24.00 -12.62
CA CYS A 3193 36.64 -25.02 -13.01
C CYS A 3193 37.81 -24.40 -13.78
N ARG A 3194 38.98 -25.00 -13.60
CA ARG A 3194 40.23 -24.61 -14.21
C ARG A 3194 40.88 -25.88 -14.75
N GLN A 3195 41.78 -25.73 -15.72
CA GLN A 3195 42.33 -26.88 -16.43
C GLN A 3195 43.74 -27.17 -15.94
N ASN A 3196 44.01 -28.47 -15.79
CA ASN A 3196 45.16 -28.98 -15.07
C ASN A 3196 46.33 -29.40 -15.96
N SER A 3197 46.18 -29.38 -17.28
CA SER A 3197 47.28 -29.77 -18.13
C SER A 3197 48.31 -28.64 -18.18
N ASN A 3198 49.58 -29.02 -18.30
CA ASN A 3198 50.65 -28.06 -18.52
C ASN A 3198 50.61 -27.47 -19.93
N ILE A 3199 49.83 -28.05 -20.84
CA ILE A 3199 49.77 -27.58 -22.22
C ILE A 3199 48.88 -26.35 -22.29
N GLU A 3200 49.40 -25.28 -22.89
CA GLU A 3200 48.59 -24.09 -23.08
C GLU A 3200 47.74 -24.22 -24.34
N PRO A 3201 46.46 -23.87 -24.30
CA PRO A 3201 45.64 -23.97 -25.50
C PRO A 3201 46.02 -22.90 -26.51
N TYR A 3202 45.63 -23.10 -27.77
CA TYR A 3202 45.78 -22.04 -28.75
C TYR A 3202 44.69 -22.14 -29.80
N LEU A 3203 44.50 -21.05 -30.54
CA LEU A 3203 43.46 -20.93 -31.54
C LEU A 3203 44.07 -21.03 -32.93
N VAL A 3204 43.39 -21.75 -33.82
CA VAL A 3204 43.81 -21.88 -35.21
C VAL A 3204 42.61 -21.57 -36.07
N PHE A 3205 42.74 -20.66 -37.01
CA PHE A 3205 41.67 -20.25 -37.88
C PHE A 3205 42.20 -20.04 -39.29
N SER A 3206 41.35 -20.17 -40.29
CA SER A 3206 41.78 -20.16 -41.67
C SER A 3206 41.20 -18.99 -42.47
N ASN A 3207 42.06 -18.15 -43.01
CA ASN A 3207 41.69 -17.11 -43.96
C ASN A 3207 41.75 -17.65 -45.39
N ARG A 3208 41.39 -16.82 -46.35
CA ARG A 3208 41.38 -17.12 -47.78
C ARG A 3208 42.68 -17.79 -48.23
N TYR A 3209 43.81 -17.10 -48.05
CA TYR A 3209 45.14 -17.59 -48.46
C TYR A 3209 45.98 -18.22 -47.34
N TYR A 3210 45.49 -18.29 -46.11
CA TYR A 3210 46.31 -18.51 -44.94
C TYR A 3210 45.63 -19.35 -43.86
N ILE A 3211 46.45 -19.89 -42.99
CA ILE A 3211 46.05 -20.53 -41.75
C ILE A 3211 46.83 -19.78 -40.67
N ARG A 3212 46.12 -19.39 -39.62
CA ARG A 3212 46.60 -18.47 -38.61
C ARG A 3212 46.54 -19.12 -37.24
N ASN A 3213 47.45 -18.66 -36.39
CA ASN A 3213 47.76 -19.19 -35.08
C ASN A 3213 47.67 -18.03 -34.12
N LEU A 3214 46.89 -18.14 -33.06
CA LEU A 3214 46.53 -17.06 -32.17
C LEU A 3214 46.47 -17.59 -30.75
N THR A 3215 46.80 -16.78 -29.77
CA THR A 3215 46.75 -17.17 -28.37
C THR A 3215 45.48 -16.62 -27.74
N ILE A 3216 44.89 -17.39 -26.83
CA ILE A 3216 43.61 -17.05 -26.23
C ILE A 3216 43.69 -15.75 -25.45
N ASP A 3217 44.87 -15.34 -25.01
CA ASP A 3217 45.04 -14.05 -24.38
C ASP A 3217 45.26 -12.92 -25.39
N GLY A 3218 45.29 -13.20 -26.69
CA GLY A 3218 45.49 -12.24 -27.77
C GLY A 3218 46.92 -11.75 -27.90
N THR A 3219 47.87 -12.27 -27.10
CA THR A 3219 49.22 -11.71 -27.09
C THR A 3219 50.06 -12.11 -28.30
N SER A 3220 49.85 -13.32 -28.84
CA SER A 3220 50.68 -13.85 -29.91
C SER A 3220 49.85 -14.27 -31.11
N TYR A 3221 50.34 -13.83 -32.29
CA TYR A 3221 49.73 -14.06 -33.63
C TYR A 3221 50.84 -14.66 -34.47
N SER A 3222 50.55 -15.63 -35.34
CA SER A 3222 51.52 -16.36 -36.14
C SER A 3222 50.81 -17.01 -37.32
N LEU A 3223 51.63 -17.52 -38.25
CA LEU A 3223 51.15 -18.15 -39.47
C LEU A 3223 51.55 -19.62 -39.50
N ILE A 3224 50.58 -20.50 -39.74
CA ILE A 3224 50.86 -21.92 -39.91
C ILE A 3224 51.19 -22.23 -41.37
N LEU A 3225 50.46 -21.62 -42.31
CA LEU A 3225 50.63 -21.90 -43.72
C LEU A 3225 50.14 -20.70 -44.51
N GLN A 3226 50.71 -20.52 -45.71
CA GLN A 3226 50.41 -19.39 -46.55
C GLN A 3226 50.43 -19.79 -48.03
N GLY A 3227 49.82 -18.94 -48.84
CA GLY A 3227 49.71 -19.10 -50.27
C GLY A 3227 48.64 -20.05 -50.77
N LEU A 3228 47.73 -20.47 -49.90
CA LEU A 3228 46.68 -21.40 -50.28
C LEU A 3228 45.63 -20.64 -51.09
N GLY A 3229 44.67 -21.36 -51.66
CA GLY A 3229 43.70 -20.74 -52.53
C GLY A 3229 42.47 -20.19 -51.83
N ASN A 3230 41.68 -21.05 -51.20
CA ASN A 3230 40.53 -20.58 -50.41
C ASN A 3230 40.22 -21.64 -49.35
N VAL A 3231 40.77 -21.43 -48.16
CA VAL A 3231 40.66 -22.39 -47.06
C VAL A 3231 39.39 -22.09 -46.29
N VAL A 3232 38.36 -22.90 -46.51
CA VAL A 3232 37.04 -22.66 -45.93
C VAL A 3232 36.78 -23.47 -44.65
N ALA A 3233 37.54 -24.53 -44.38
CA ALA A 3233 37.25 -25.39 -43.25
C ALA A 3233 38.52 -26.03 -42.71
N LEU A 3234 38.60 -26.13 -41.38
CA LEU A 3234 39.71 -26.70 -40.64
C LEU A 3234 39.22 -27.75 -39.65
N ASP A 3235 40.10 -28.71 -39.34
CA ASP A 3235 39.97 -29.59 -38.19
C ASP A 3235 41.35 -30.13 -37.85
N PHE A 3236 41.47 -30.74 -36.68
CA PHE A 3236 42.74 -31.27 -36.22
C PHE A 3236 42.57 -32.67 -35.64
N ASP A 3237 43.68 -33.40 -35.59
CA ASP A 3237 43.74 -34.75 -35.03
C ASP A 3237 44.84 -34.76 -33.98
N ARG A 3238 44.46 -35.11 -32.74
CA ARG A 3238 45.38 -35.19 -31.62
C ARG A 3238 46.28 -36.43 -31.69
N VAL A 3239 45.75 -37.54 -32.21
CA VAL A 3239 46.45 -38.81 -32.15
C VAL A 3239 47.75 -38.76 -32.95
N GLU A 3240 47.71 -38.20 -34.16
CA GLU A 3240 48.89 -38.09 -35.01
C GLU A 3240 49.41 -36.67 -35.12
N GLU A 3241 48.83 -35.72 -34.37
CA GLU A 3241 49.25 -34.33 -34.42
C GLU A 3241 49.21 -33.81 -35.86
N ARG A 3242 48.00 -33.85 -36.42
CA ARG A 3242 47.78 -33.46 -37.80
C ARG A 3242 46.67 -32.42 -37.90
N LEU A 3243 46.69 -31.70 -39.02
CA LEU A 3243 45.73 -30.65 -39.31
C LEU A 3243 45.18 -30.92 -40.71
N TYR A 3244 43.86 -30.82 -40.85
CA TYR A 3244 43.16 -31.13 -42.09
C TYR A 3244 42.38 -29.89 -42.51
N TRP A 3245 42.33 -29.63 -43.81
CA TRP A 3245 41.57 -28.48 -44.28
C TRP A 3245 41.03 -28.73 -45.68
N ILE A 3246 39.99 -27.96 -46.00
CA ILE A 3246 39.36 -27.95 -47.32
C ILE A 3246 39.83 -26.72 -48.06
N ASP A 3247 40.01 -26.86 -49.38
CA ASP A 3247 40.29 -25.75 -50.26
C ASP A 3247 39.21 -25.75 -51.33
N ALA A 3248 38.47 -24.65 -51.44
CA ALA A 3248 37.36 -24.52 -52.37
C ALA A 3248 37.75 -23.99 -53.74
N GLU A 3249 38.91 -23.35 -53.86
CA GLU A 3249 39.36 -22.91 -55.18
C GLU A 3249 39.91 -24.10 -55.95
N LYS A 3250 40.75 -24.89 -55.30
CA LYS A 3250 41.26 -26.13 -55.86
C LYS A 3250 40.26 -27.27 -55.74
N GLN A 3251 39.30 -27.17 -54.82
CA GLN A 3251 38.34 -28.23 -54.55
C GLN A 3251 39.05 -29.53 -54.16
N ILE A 3252 39.81 -29.44 -53.07
CA ILE A 3252 40.60 -30.55 -52.55
C ILE A 3252 40.58 -30.54 -51.03
N ILE A 3253 41.03 -31.65 -50.45
CA ILE A 3253 41.21 -31.79 -49.01
C ILE A 3253 42.67 -32.16 -48.78
N GLU A 3254 43.30 -31.46 -47.84
CA GLU A 3254 44.72 -31.58 -47.56
C GLU A 3254 44.95 -31.83 -46.09
N ARG A 3255 46.01 -32.57 -45.79
CA ARG A 3255 46.44 -32.82 -44.42
C ARG A 3255 47.92 -32.51 -44.29
N MET A 3256 48.28 -32.02 -43.11
CA MET A 3256 49.65 -31.63 -42.80
C MET A 3256 49.93 -31.96 -41.34
N PHE A 3257 51.21 -31.96 -40.99
CA PHE A 3257 51.62 -32.11 -39.61
C PHE A 3257 51.73 -30.73 -38.98
N LEU A 3258 51.55 -30.69 -37.66
CA LEU A 3258 51.56 -29.41 -36.96
C LEU A 3258 52.94 -28.79 -36.88
N ASN A 3259 53.99 -29.51 -37.29
CA ASN A 3259 55.33 -28.98 -37.42
C ASN A 3259 55.66 -28.56 -38.85
N LYS A 3260 54.68 -28.56 -39.75
CA LYS A 3260 54.81 -28.10 -41.12
C LYS A 3260 55.72 -28.99 -41.96
N THR A 3261 56.03 -30.21 -41.50
CA THR A 3261 57.04 -31.03 -42.15
C THR A 3261 56.52 -31.74 -43.39
N ASN A 3262 55.29 -32.24 -43.38
CA ASN A 3262 54.75 -33.02 -44.49
C ASN A 3262 53.36 -32.53 -44.84
N GLN A 3263 53.09 -32.44 -46.14
CA GLN A 3263 51.86 -31.92 -46.70
C GLN A 3263 51.38 -32.90 -47.76
N GLU A 3264 50.09 -33.22 -47.73
CA GLU A 3264 49.54 -34.28 -48.58
C GLU A 3264 48.11 -33.94 -48.94
N THR A 3265 47.70 -34.43 -50.11
CA THR A 3265 46.35 -34.25 -50.62
C THR A 3265 45.66 -35.60 -50.52
N ILE A 3266 44.48 -35.61 -49.89
CA ILE A 3266 43.81 -36.84 -49.49
C ILE A 3266 42.59 -37.12 -50.35
N ILE A 3267 41.79 -36.10 -50.64
CA ILE A 3267 40.66 -36.22 -51.56
C ILE A 3267 40.78 -35.11 -52.58
N SER A 3268 40.75 -35.48 -53.86
CA SER A 3268 40.91 -34.56 -54.96
C SER A 3268 39.84 -34.73 -56.03
N HIS A 3269 38.87 -35.62 -55.82
CA HIS A 3269 37.89 -35.98 -56.83
C HIS A 3269 36.49 -35.97 -56.23
N ARG A 3270 35.55 -35.41 -56.99
CA ARG A 3270 34.14 -35.39 -56.64
C ARG A 3270 33.89 -34.57 -55.37
N LEU A 3271 34.46 -33.37 -55.34
CA LEU A 3271 34.22 -32.38 -54.30
C LEU A 3271 33.66 -31.17 -55.03
N ARG A 3272 32.35 -31.13 -55.19
CA ARG A 3272 31.72 -30.05 -55.96
C ARG A 3272 31.72 -28.75 -55.17
N ARG A 3273 31.12 -28.77 -53.99
CA ARG A 3273 31.11 -27.61 -53.11
C ARG A 3273 31.14 -28.13 -51.67
N ALA A 3274 32.35 -28.30 -51.14
CA ALA A 3274 32.54 -28.81 -49.79
C ALA A 3274 32.57 -27.64 -48.82
N GLU A 3275 31.60 -27.62 -47.90
CA GLU A 3275 31.42 -26.48 -47.01
C GLU A 3275 32.14 -26.64 -45.68
N SER A 3276 32.07 -27.81 -45.05
CA SER A 3276 32.75 -28.00 -43.77
C SER A 3276 33.21 -29.43 -43.60
N LEU A 3277 34.19 -29.56 -42.71
CA LEU A 3277 34.96 -30.76 -42.43
C LEU A 3277 35.00 -31.01 -40.94
N ALA A 3278 34.86 -32.28 -40.57
CA ALA A 3278 35.01 -32.76 -39.20
C ALA A 3278 35.94 -33.95 -39.23
N VAL A 3279 36.67 -34.14 -38.14
CA VAL A 3279 37.63 -35.23 -38.01
C VAL A 3279 37.32 -35.97 -36.72
N ASP A 3280 37.38 -37.29 -36.79
CA ASP A 3280 37.06 -38.18 -35.69
C ASP A 3280 38.34 -38.88 -35.28
N TRP A 3281 38.68 -38.74 -34.00
CA TRP A 3281 39.90 -39.22 -33.38
C TRP A 3281 39.72 -40.60 -32.75
N VAL A 3282 38.49 -41.04 -32.56
CA VAL A 3282 38.20 -42.31 -31.91
C VAL A 3282 38.26 -43.41 -32.94
N SER A 3283 37.42 -43.32 -33.97
CA SER A 3283 37.42 -44.31 -35.04
C SER A 3283 38.28 -43.91 -36.22
N ARG A 3284 39.00 -42.79 -36.15
CA ARG A 3284 39.95 -42.38 -37.17
C ARG A 3284 39.23 -42.18 -38.51
N LYS A 3285 38.36 -41.19 -38.53
CA LYS A 3285 37.51 -40.93 -39.69
C LYS A 3285 37.47 -39.45 -40.05
N LEU A 3286 36.99 -39.17 -41.26
CA LEU A 3286 36.83 -37.82 -41.75
C LEU A 3286 35.42 -37.68 -42.32
N TYR A 3287 34.71 -36.64 -41.88
CA TYR A 3287 33.34 -36.38 -42.30
C TYR A 3287 33.29 -35.02 -42.96
N TRP A 3288 32.45 -34.87 -43.99
CA TRP A 3288 32.34 -33.55 -44.59
C TRP A 3288 31.00 -33.40 -45.30
N LEU A 3289 30.65 -32.15 -45.54
CA LEU A 3289 29.38 -31.79 -46.17
C LEU A 3289 29.60 -31.21 -47.56
N ASP A 3290 28.70 -31.57 -48.49
CA ASP A 3290 28.72 -31.05 -49.84
C ASP A 3290 27.37 -30.46 -50.14
N ALA A 3291 27.36 -29.23 -50.67
CA ALA A 3291 26.15 -28.47 -50.90
C ALA A 3291 25.71 -28.40 -52.36
N ILE A 3292 26.37 -29.12 -53.26
CA ILE A 3292 25.92 -29.25 -54.63
C ILE A 3292 25.35 -30.63 -54.90
N LEU A 3293 25.96 -31.66 -54.32
CA LEU A 3293 25.38 -32.98 -54.25
C LEU A 3293 24.35 -33.07 -53.13
N ASP A 3294 24.36 -32.10 -52.20
CA ASP A 3294 23.40 -32.04 -51.10
C ASP A 3294 23.48 -33.31 -50.26
N CYS A 3295 24.67 -33.54 -49.70
CA CYS A 3295 24.93 -34.81 -49.03
C CYS A 3295 26.04 -34.69 -48.00
N LEU A 3296 26.17 -35.75 -47.21
CA LEU A 3296 27.17 -35.88 -46.15
C LEU A 3296 27.99 -37.13 -46.43
N PHE A 3297 29.31 -36.99 -46.34
CA PHE A 3297 30.26 -38.03 -46.70
C PHE A 3297 31.11 -38.43 -45.50
N VAL A 3298 31.50 -39.69 -45.48
CA VAL A 3298 32.46 -40.23 -44.52
C VAL A 3298 33.56 -40.94 -45.30
N SER A 3299 34.78 -40.83 -44.80
CA SER A 3299 35.94 -41.46 -45.40
C SER A 3299 36.95 -41.75 -44.31
N ASP A 3300 38.02 -42.43 -44.70
CA ASP A 3300 39.14 -42.69 -43.82
C ASP A 3300 40.14 -41.56 -43.97
N LEU A 3301 40.98 -41.38 -42.95
CA LEU A 3301 41.88 -40.25 -42.92
C LEU A 3301 42.89 -40.21 -44.07
N GLU A 3302 43.03 -41.30 -44.82
CA GLU A 3302 43.89 -41.33 -46.00
C GLU A 3302 43.11 -41.37 -47.31
N GLY A 3303 41.80 -41.20 -47.27
CA GLY A 3303 41.02 -41.09 -48.48
C GLY A 3303 40.91 -42.37 -49.28
N ARG A 3304 41.11 -43.52 -48.65
CA ARG A 3304 41.14 -44.79 -49.38
C ARG A 3304 39.74 -45.35 -49.64
N GLN A 3305 38.74 -44.95 -48.85
CA GLN A 3305 37.37 -45.38 -49.07
C GLN A 3305 36.43 -44.25 -48.72
N ARG A 3306 35.26 -44.25 -49.35
CA ARG A 3306 34.27 -43.21 -49.17
C ARG A 3306 32.86 -43.79 -49.16
N LYS A 3307 32.00 -43.22 -48.34
CA LYS A 3307 30.59 -43.57 -48.30
C LYS A 3307 29.77 -42.32 -48.08
N MET A 3308 28.52 -42.35 -48.53
CA MET A 3308 27.59 -41.24 -48.38
C MET A 3308 26.56 -41.67 -47.35
N LEU A 3309 26.44 -40.90 -46.26
CA LEU A 3309 25.60 -41.31 -45.14
C LEU A 3309 24.23 -40.66 -45.10
N ALA A 3310 24.04 -39.51 -45.75
CA ALA A 3310 22.74 -38.86 -45.69
C ALA A 3310 22.46 -38.14 -47.00
N GLN A 3311 21.18 -38.16 -47.37
CA GLN A 3311 20.66 -37.42 -48.52
C GLN A 3311 19.25 -36.99 -48.20
N HIS A 3312 18.63 -36.23 -49.09
CA HIS A 3312 17.20 -35.96 -49.09
C HIS A 3312 16.74 -35.21 -47.83
N CYS A 3313 15.78 -35.74 -47.06
CA CYS A 3313 15.10 -35.00 -46.01
C CYS A 3313 15.28 -35.64 -44.63
N VAL A 3314 15.41 -34.79 -43.61
CA VAL A 3314 15.76 -35.20 -42.24
C VAL A 3314 14.56 -35.50 -41.34
N ASP A 3315 13.33 -35.14 -41.71
CA ASP A 3315 12.20 -35.29 -40.75
C ASP A 3315 11.13 -36.27 -41.23
N ALA A 3316 11.37 -37.01 -42.32
CA ALA A 3316 10.42 -37.98 -42.93
C ALA A 3316 9.16 -37.27 -43.45
N ASN A 3317 8.87 -36.05 -42.98
CA ASN A 3317 7.71 -35.23 -43.42
C ASN A 3317 8.12 -34.38 -44.62
N ASN A 3318 9.42 -34.29 -44.90
CA ASN A 3318 9.92 -33.53 -46.08
C ASN A 3318 9.92 -32.03 -45.78
N THR A 3319 9.62 -31.64 -44.53
CA THR A 3319 9.56 -30.21 -44.15
C THR A 3319 10.95 -29.58 -44.31
N PHE A 3320 11.99 -30.29 -43.88
CA PHE A 3320 13.39 -29.78 -44.05
C PHE A 3320 14.16 -30.76 -44.93
N CYS A 3321 15.22 -30.35 -45.62
CA CYS A 3321 15.99 -31.18 -46.53
C CYS A 3321 17.31 -30.51 -46.86
N PHE A 3322 18.28 -31.37 -47.18
CA PHE A 3322 19.63 -30.88 -47.51
C PHE A 3322 19.54 -29.96 -48.69
N GLU A 3323 19.92 -28.70 -48.55
CA GLU A 3323 19.90 -27.67 -49.62
C GLU A 3323 21.13 -26.77 -49.51
N ASN A 3324 21.51 -26.33 -48.32
CA ASN A 3324 22.71 -25.54 -48.07
C ASN A 3324 23.33 -25.97 -46.74
N PRO A 3325 23.90 -27.17 -46.68
CA PRO A 3325 24.52 -27.67 -45.45
C PRO A 3325 25.89 -27.05 -45.25
N ARG A 3326 26.04 -26.25 -44.19
CA ARG A 3326 27.27 -25.50 -43.96
C ARG A 3326 28.18 -26.10 -42.90
N GLY A 3327 27.69 -26.26 -41.67
CA GLY A 3327 28.53 -26.57 -40.52
C GLY A 3327 28.29 -27.95 -39.94
N ILE A 3328 29.33 -28.49 -39.32
CA ILE A 3328 29.35 -29.86 -38.83
C ILE A 3328 30.13 -29.94 -37.53
N VAL A 3329 29.68 -30.82 -36.62
CA VAL A 3329 30.37 -31.10 -35.37
C VAL A 3329 30.09 -32.55 -34.99
N LEU A 3330 31.02 -33.15 -34.27
CA LEU A 3330 30.98 -34.57 -33.91
C LEU A 3330 30.96 -34.77 -32.40
N HIS A 3331 30.26 -35.82 -31.98
CA HIS A 3331 30.25 -36.27 -30.58
C HIS A 3331 30.38 -37.79 -30.62
N PRO A 3332 31.58 -38.34 -30.32
CA PRO A 3332 31.73 -39.80 -30.38
C PRO A 3332 31.13 -40.59 -29.22
N GLN A 3333 31.15 -40.04 -28.00
CA GLN A 3333 30.63 -40.80 -26.87
C GLN A 3333 29.14 -41.08 -27.02
N ARG A 3334 28.40 -40.17 -27.66
CA ARG A 3334 27.00 -40.40 -27.97
C ARG A 3334 26.79 -40.96 -29.36
N GLY A 3335 27.85 -41.05 -30.17
CA GLY A 3335 27.74 -41.61 -31.50
C GLY A 3335 26.89 -40.81 -32.44
N TYR A 3336 27.05 -39.48 -32.43
CA TYR A 3336 26.20 -38.59 -33.21
C TYR A 3336 27.04 -37.62 -34.03
N VAL A 3337 26.47 -37.22 -35.16
CA VAL A 3337 27.03 -36.20 -36.04
C VAL A 3337 25.97 -35.12 -36.15
N TYR A 3338 26.36 -33.87 -35.94
CA TYR A 3338 25.45 -32.73 -35.95
C TYR A 3338 25.82 -31.82 -37.10
N TRP A 3339 24.84 -31.30 -37.81
CA TRP A 3339 25.06 -30.34 -38.87
C TRP A 3339 23.94 -29.34 -38.97
N ALA A 3340 24.21 -28.27 -39.69
CA ALA A 3340 23.27 -27.17 -39.89
C ALA A 3340 23.13 -26.84 -41.36
N ASP A 3341 21.94 -26.37 -41.73
CA ASP A 3341 21.59 -26.03 -43.11
C ASP A 3341 20.92 -24.67 -43.11
N TRP A 3342 21.29 -23.83 -44.08
CA TRP A 3342 20.72 -22.49 -44.20
C TRP A 3342 19.90 -22.30 -45.47
N GLY A 3343 19.18 -23.35 -45.89
CA GLY A 3343 18.27 -23.23 -46.99
C GLY A 3343 17.02 -22.48 -46.57
N ASP A 3344 16.00 -22.53 -47.49
CA ASP A 3344 14.76 -21.82 -47.21
C ASP A 3344 14.22 -22.20 -45.84
N HIS A 3345 14.25 -23.49 -45.52
CA HIS A 3345 13.86 -23.99 -44.20
C HIS A 3345 15.13 -24.35 -43.46
N ALA A 3346 15.63 -23.42 -42.64
CA ALA A 3346 16.85 -23.67 -41.92
C ALA A 3346 16.62 -24.65 -40.78
N TYR A 3347 17.60 -25.50 -40.52
CA TYR A 3347 17.48 -26.48 -39.46
C TYR A 3347 18.86 -26.88 -38.95
N ILE A 3348 18.85 -27.48 -37.77
CA ILE A 3348 19.98 -28.19 -37.21
C ILE A 3348 19.50 -29.62 -37.01
N ALA A 3349 20.30 -30.58 -37.46
CA ALA A 3349 19.91 -31.98 -37.43
C ALA A 3349 21.07 -32.82 -36.95
N ARG A 3350 20.75 -33.99 -36.41
CA ARG A 3350 21.75 -34.94 -35.98
C ARG A 3350 21.47 -36.31 -36.61
N ILE A 3351 22.56 -36.99 -36.97
CA ILE A 3351 22.52 -38.33 -37.51
C ILE A 3351 23.56 -39.15 -36.77
N GLY A 3352 23.37 -40.47 -36.79
CA GLY A 3352 24.30 -41.35 -36.14
C GLY A 3352 25.49 -41.62 -37.03
N MET A 3353 26.65 -41.83 -36.41
CA MET A 3353 27.89 -41.94 -37.15
C MET A 3353 27.91 -43.10 -38.13
N ASP A 3354 26.95 -44.02 -38.05
CA ASP A 3354 26.79 -45.09 -39.02
C ASP A 3354 25.63 -44.84 -39.96
N GLY A 3355 25.01 -43.66 -39.91
CA GLY A 3355 23.93 -43.28 -40.78
C GLY A 3355 22.54 -43.47 -40.21
N THR A 3356 22.42 -44.00 -39.01
CA THR A 3356 21.12 -44.30 -38.42
C THR A 3356 20.60 -43.12 -37.57
N ASN A 3357 19.30 -43.21 -37.27
CA ASN A 3357 18.59 -42.27 -36.40
C ASN A 3357 18.79 -40.82 -36.86
N LYS A 3358 18.27 -40.51 -38.04
CA LYS A 3358 18.24 -39.17 -38.63
C LYS A 3358 17.15 -38.36 -37.91
N THR A 3359 17.49 -37.22 -37.32
CA THR A 3359 16.62 -36.46 -36.44
C THR A 3359 16.90 -34.97 -36.59
N VAL A 3360 15.88 -34.14 -36.37
CA VAL A 3360 15.92 -32.66 -36.34
C VAL A 3360 15.90 -32.18 -34.89
N ILE A 3361 16.81 -31.28 -34.54
CA ILE A 3361 17.00 -30.81 -33.18
C ILE A 3361 16.51 -29.38 -32.99
N ILE A 3362 16.78 -28.50 -33.94
CA ILE A 3362 16.31 -27.12 -33.91
C ILE A 3362 15.61 -26.85 -35.24
N SER A 3363 14.43 -26.27 -35.18
CA SER A 3363 13.63 -25.97 -36.37
C SER A 3363 12.95 -24.61 -36.31
N THR A 3364 13.17 -23.80 -35.26
CA THR A 3364 12.46 -22.55 -35.09
C THR A 3364 13.42 -21.46 -34.64
N LYS A 3365 13.11 -20.22 -35.02
CA LYS A 3365 13.94 -19.06 -34.74
C LYS A 3365 15.37 -19.29 -35.24
N ILE A 3366 15.45 -19.60 -36.53
CA ILE A 3366 16.70 -20.00 -37.16
C ILE A 3366 16.61 -19.74 -38.67
N GLU A 3367 17.52 -18.95 -39.22
CA GLU A 3367 17.52 -18.57 -40.62
C GLU A 3367 18.85 -18.87 -41.29
N TRP A 3368 19.98 -18.49 -40.70
CA TRP A 3368 21.31 -18.63 -41.28
C TRP A 3368 22.27 -19.23 -40.26
N PRO A 3369 22.08 -20.49 -39.89
CA PRO A 3369 22.97 -21.11 -38.90
C PRO A 3369 24.31 -21.53 -39.48
N ASN A 3370 25.25 -20.58 -39.54
CA ASN A 3370 26.57 -20.87 -40.09
C ASN A 3370 27.45 -21.71 -39.17
N ALA A 3371 27.27 -21.62 -37.85
CA ALA A 3371 28.20 -22.17 -36.88
C ALA A 3371 27.51 -23.10 -35.90
N ILE A 3372 28.17 -24.22 -35.62
CA ILE A 3372 27.70 -25.27 -34.73
C ILE A 3372 28.91 -25.88 -34.02
N THR A 3373 28.81 -26.04 -32.70
CA THR A 3373 29.86 -26.63 -31.90
C THR A 3373 29.24 -27.31 -30.69
N ILE A 3374 30.03 -28.14 -30.02
CA ILE A 3374 29.58 -28.86 -28.83
C ILE A 3374 30.60 -28.69 -27.71
N ASP A 3375 30.09 -28.62 -26.49
CA ASP A 3375 30.89 -28.55 -25.27
C ASP A 3375 30.75 -29.90 -24.60
N TYR A 3376 31.89 -30.61 -24.49
CA TYR A 3376 31.97 -31.97 -23.98
C TYR A 3376 32.10 -32.03 -22.46
N THR A 3377 32.33 -30.90 -21.80
CA THR A 3377 32.43 -30.90 -20.34
C THR A 3377 31.06 -31.07 -19.70
N ASN A 3378 30.01 -30.60 -20.38
CA ASN A 3378 28.66 -30.68 -19.84
C ASN A 3378 27.61 -31.09 -20.87
N ASP A 3379 28.01 -31.59 -22.03
CA ASP A 3379 27.08 -32.06 -23.05
C ASP A 3379 26.10 -30.96 -23.44
N LEU A 3380 26.64 -29.90 -24.03
CA LEU A 3380 25.83 -28.80 -24.54
C LEU A 3380 26.16 -28.51 -25.99
N LEU A 3381 25.16 -28.02 -26.72
CA LEU A 3381 25.27 -27.75 -28.15
C LEU A 3381 25.05 -26.26 -28.37
N TYR A 3382 26.02 -25.61 -29.01
CA TYR A 3382 26.00 -24.19 -29.28
C TYR A 3382 25.90 -23.96 -30.77
N TRP A 3383 25.16 -22.93 -31.18
CA TRP A 3383 25.11 -22.57 -32.58
C TRP A 3383 24.91 -21.07 -32.70
N ALA A 3384 25.31 -20.55 -33.86
CA ALA A 3384 25.24 -19.13 -34.15
C ALA A 3384 24.45 -18.89 -35.42
N ASP A 3385 23.68 -17.80 -35.41
CA ASP A 3385 22.84 -17.39 -36.53
C ASP A 3385 23.28 -16.00 -36.96
N ALA A 3386 23.52 -15.85 -38.26
CA ALA A 3386 24.05 -14.65 -38.88
C ALA A 3386 22.98 -13.63 -39.25
N HIS A 3387 21.75 -14.06 -39.49
CA HIS A 3387 20.65 -13.16 -39.82
C HIS A 3387 20.01 -12.62 -38.56
N LEU A 3388 19.67 -13.50 -37.63
CA LEU A 3388 19.11 -13.13 -36.33
C LEU A 3388 20.20 -12.62 -35.38
N GLY A 3389 21.48 -12.80 -35.71
CA GLY A 3389 22.59 -12.23 -34.98
C GLY A 3389 22.74 -12.75 -33.57
N TYR A 3390 22.65 -14.07 -33.37
CA TYR A 3390 22.69 -14.61 -32.01
C TYR A 3390 23.62 -15.80 -31.91
N ILE A 3391 23.99 -16.09 -30.66
CA ILE A 3391 24.61 -17.33 -30.24
C ILE A 3391 23.68 -17.94 -29.19
N GLU A 3392 23.31 -19.19 -29.39
CA GLU A 3392 22.40 -19.88 -28.48
C GLU A 3392 23.00 -21.23 -28.11
N PHE A 3393 22.62 -21.72 -26.93
CA PHE A 3393 22.99 -23.06 -26.52
C PHE A 3393 21.77 -23.81 -26.01
N SER A 3394 21.78 -25.10 -26.29
CA SER A 3394 20.75 -26.04 -25.89
C SER A 3394 21.40 -27.30 -25.36
N ASP A 3395 20.56 -28.22 -24.92
CA ASP A 3395 20.99 -29.55 -24.54
C ASP A 3395 20.81 -30.43 -25.77
N LEU A 3396 21.59 -31.50 -25.84
CA LEU A 3396 21.80 -32.21 -27.09
C LEU A 3396 20.51 -32.66 -27.76
N GLU A 3397 19.41 -32.79 -27.02
CA GLU A 3397 18.14 -33.13 -27.66
C GLU A 3397 17.39 -31.92 -28.19
N GLY A 3398 17.76 -30.71 -27.78
CA GLY A 3398 17.13 -29.50 -28.27
C GLY A 3398 16.00 -28.98 -27.43
N HIS A 3399 15.84 -29.46 -26.21
CA HIS A 3399 14.63 -29.23 -25.42
C HIS A 3399 14.66 -27.96 -24.59
N HIS A 3400 15.85 -27.44 -24.26
CA HIS A 3400 16.00 -26.19 -23.53
C HIS A 3400 16.89 -25.28 -24.33
N ARG A 3401 16.54 -24.00 -24.40
CA ARG A 3401 17.24 -23.03 -25.21
C ARG A 3401 17.58 -21.79 -24.40
N HIS A 3402 18.80 -21.30 -24.57
CA HIS A 3402 19.26 -20.11 -23.88
C HIS A 3402 20.14 -19.32 -24.83
N THR A 3403 20.23 -18.02 -24.58
CA THR A 3403 20.93 -17.08 -25.46
C THR A 3403 22.14 -16.49 -24.75
N VAL A 3404 23.32 -16.65 -25.36
CA VAL A 3404 24.51 -15.96 -24.88
C VAL A 3404 24.45 -14.51 -25.33
N TYR A 3405 24.05 -14.31 -26.59
CA TYR A 3405 23.85 -13.01 -27.21
C TYR A 3405 22.50 -13.06 -27.89
N ASP A 3406 21.78 -11.94 -27.87
CA ASP A 3406 20.37 -11.91 -28.21
C ASP A 3406 20.07 -10.91 -29.33
N GLY A 3407 20.84 -10.97 -30.41
CA GLY A 3407 20.60 -10.14 -31.58
C GLY A 3407 21.52 -8.95 -31.64
N THR A 3408 22.82 -9.19 -31.48
CA THR A 3408 23.80 -8.12 -31.45
C THR A 3408 25.09 -8.46 -32.20
N LEU A 3409 25.16 -9.61 -32.88
CA LEU A 3409 26.38 -10.05 -33.55
C LEU A 3409 26.21 -9.97 -35.06
N PRO A 3410 26.94 -9.11 -35.78
CA PRO A 3410 26.78 -9.05 -37.25
C PRO A 3410 27.51 -10.17 -37.97
N HIS A 3411 26.75 -11.12 -38.49
CA HIS A 3411 27.19 -12.22 -39.33
C HIS A 3411 28.36 -13.05 -38.81
N PRO A 3412 28.19 -13.79 -37.71
CA PRO A 3412 29.19 -14.78 -37.33
C PRO A 3412 29.24 -15.93 -38.33
N PHE A 3413 30.37 -16.64 -38.34
CA PHE A 3413 30.56 -17.79 -39.23
C PHE A 3413 30.93 -19.07 -38.51
N ALA A 3414 31.80 -19.01 -37.50
CA ALA A 3414 32.31 -20.20 -36.85
C ALA A 3414 32.51 -19.90 -35.37
N LEU A 3415 32.42 -20.96 -34.57
CA LEU A 3415 32.30 -20.92 -33.13
C LEU A 3415 33.05 -22.09 -32.49
N THR A 3416 33.70 -21.82 -31.36
CA THR A 3416 34.43 -22.84 -30.61
C THR A 3416 34.41 -22.44 -29.15
N ILE A 3417 34.64 -23.41 -28.26
CA ILE A 3417 34.49 -23.22 -26.83
C ILE A 3417 35.66 -23.82 -26.08
N PHE A 3418 36.07 -23.16 -25.00
CA PHE A 3418 37.04 -23.70 -24.06
C PHE A 3418 36.84 -23.00 -22.72
N GLU A 3419 36.89 -23.79 -21.65
CA GLU A 3419 36.66 -23.34 -20.26
C GLU A 3419 35.38 -22.51 -20.24
N ASP A 3420 35.36 -21.36 -19.56
CA ASP A 3420 34.18 -20.49 -19.47
C ASP A 3420 34.08 -19.51 -20.62
N THR A 3421 34.77 -19.78 -21.73
CA THR A 3421 34.94 -18.83 -22.81
C THR A 3421 34.53 -19.46 -24.14
N VAL A 3422 33.97 -18.62 -25.00
CA VAL A 3422 33.56 -18.99 -26.35
C VAL A 3422 34.21 -18.00 -27.30
N PHE A 3423 34.76 -18.52 -28.40
CA PHE A 3423 35.45 -17.74 -29.43
C PHE A 3423 34.68 -17.87 -30.73
N TRP A 3424 34.55 -16.79 -31.49
CA TRP A 3424 33.84 -16.84 -32.75
C TRP A 3424 34.45 -15.88 -33.77
N THR A 3425 34.19 -16.20 -35.04
CA THR A 3425 34.67 -15.45 -36.18
C THR A 3425 33.52 -14.68 -36.80
N ASP A 3426 33.81 -13.45 -37.23
CA ASP A 3426 32.81 -12.53 -37.73
C ASP A 3426 33.26 -12.00 -39.08
N TRP A 3427 32.41 -12.20 -40.08
CA TRP A 3427 32.64 -11.79 -41.45
C TRP A 3427 32.51 -10.29 -41.66
N ASN A 3428 31.48 -9.65 -41.14
CA ASN A 3428 31.16 -8.28 -41.52
C ASN A 3428 32.10 -7.28 -40.90
N THR A 3429 32.63 -7.54 -39.71
CA THR A 3429 33.68 -6.74 -39.14
C THR A 3429 35.05 -7.40 -39.27
N ARG A 3430 35.12 -8.57 -39.91
CA ARG A 3430 36.36 -9.27 -40.19
C ARG A 3430 37.24 -9.38 -38.94
N THR A 3431 36.72 -10.13 -37.97
CA THR A 3431 37.37 -10.18 -36.66
C THR A 3431 37.13 -11.51 -35.97
N VAL A 3432 37.94 -11.72 -34.92
CA VAL A 3432 37.84 -12.88 -34.04
C VAL A 3432 37.62 -12.32 -32.65
N GLU A 3433 36.60 -12.83 -31.96
CA GLU A 3433 36.18 -12.30 -30.68
C GLU A 3433 36.02 -13.41 -29.66
N LYS A 3434 36.22 -13.06 -28.39
CA LYS A 3434 36.00 -13.99 -27.29
C LYS A 3434 35.06 -13.36 -26.28
N GLY A 3435 34.21 -14.19 -25.70
CA GLY A 3435 33.26 -13.79 -24.69
C GLY A 3435 33.00 -14.95 -23.74
N ASN A 3436 32.10 -14.72 -22.79
CA ASN A 3436 31.78 -15.70 -21.77
C ASN A 3436 30.57 -16.50 -22.25
N LYS A 3437 30.66 -17.83 -22.15
CA LYS A 3437 29.76 -18.72 -22.84
C LYS A 3437 28.36 -18.78 -22.25
N TYR A 3438 28.17 -18.32 -21.01
CA TYR A 3438 26.84 -18.38 -20.40
C TYR A 3438 26.08 -17.07 -20.50
N ASP A 3439 26.77 -15.93 -20.53
CA ASP A 3439 26.09 -14.64 -20.58
C ASP A 3439 26.75 -13.63 -21.53
N GLY A 3440 27.78 -14.02 -22.26
CA GLY A 3440 28.42 -13.09 -23.17
C GLY A 3440 29.22 -12.00 -22.50
N SER A 3441 29.41 -12.07 -21.19
CA SER A 3441 30.18 -11.06 -20.49
C SER A 3441 31.65 -11.19 -20.82
N GLY A 3442 32.41 -10.15 -20.51
CA GLY A 3442 33.84 -10.16 -20.72
C GLY A 3442 34.17 -10.40 -22.18
N ARG A 3443 33.78 -9.46 -23.05
CA ARG A 3443 33.88 -9.56 -24.50
C ARG A 3443 35.02 -8.69 -25.04
N VAL A 3444 35.89 -9.26 -25.86
CA VAL A 3444 36.98 -8.52 -26.53
C VAL A 3444 37.25 -9.04 -27.94
N VAL A 3445 37.80 -8.15 -28.77
CA VAL A 3445 38.26 -8.47 -30.14
C VAL A 3445 39.73 -8.90 -29.99
N LEU A 3446 40.06 -10.14 -30.34
CA LEU A 3446 41.42 -10.64 -30.26
C LEU A 3446 42.26 -10.13 -31.42
N VAL A 3447 41.79 -10.28 -32.67
CA VAL A 3447 42.50 -9.73 -33.86
C VAL A 3447 41.50 -9.40 -34.97
N ASN A 3448 41.90 -8.57 -35.93
CA ASN A 3448 41.10 -8.24 -37.14
C ASN A 3448 41.96 -8.53 -38.36
N THR A 3449 41.37 -8.92 -39.50
CA THR A 3449 42.07 -9.37 -40.72
C THR A 3449 41.56 -8.63 -41.97
N THR A 3450 42.34 -8.60 -43.07
CA THR A 3450 41.91 -7.97 -44.34
C THR A 3450 40.95 -8.87 -45.11
N HIS A 3451 41.11 -10.20 -45.06
CA HIS A 3451 40.26 -11.18 -45.84
C HIS A 3451 39.06 -11.64 -44.99
N LYS A 3452 38.32 -12.69 -45.35
CA LYS A 3452 37.22 -13.21 -44.48
C LYS A 3452 37.79 -14.24 -43.50
N PRO A 3453 37.59 -14.15 -42.17
CA PRO A 3453 38.22 -15.07 -41.21
C PRO A 3453 37.92 -16.57 -41.37
N PHE A 3454 36.74 -17.03 -41.79
CA PHE A 3454 36.39 -18.47 -42.04
C PHE A 3454 36.52 -19.34 -40.77
N ASP A 3455 36.71 -20.66 -40.82
CA ASP A 3455 36.37 -21.58 -39.69
C ASP A 3455 37.48 -21.71 -38.63
N ILE A 3456 37.12 -21.47 -37.36
CA ILE A 3456 38.00 -21.33 -36.16
C ILE A 3456 37.99 -22.63 -35.34
N HIS A 3457 39.10 -22.98 -34.70
CA HIS A 3457 39.17 -24.12 -33.80
C HIS A 3457 40.06 -23.76 -32.62
N VAL A 3458 39.87 -24.47 -31.52
CA VAL A 3458 40.72 -24.41 -30.35
C VAL A 3458 41.47 -25.73 -30.30
N LEU A 3459 42.78 -25.64 -30.12
CA LEU A 3459 43.70 -26.75 -30.19
C LEU A 3459 44.31 -26.94 -28.82
N HIS A 3460 43.97 -28.07 -28.20
CA HIS A 3460 44.33 -28.49 -26.86
C HIS A 3460 43.82 -29.93 -26.74
N PRO A 3461 44.50 -30.81 -26.00
CA PRO A 3461 44.04 -32.20 -25.92
C PRO A 3461 42.61 -32.40 -25.44
N TYR A 3462 42.15 -31.62 -24.46
CA TYR A 3462 40.85 -31.85 -23.85
C TYR A 3462 39.68 -31.59 -24.79
N ARG A 3463 39.89 -30.94 -25.93
CA ARG A 3463 38.81 -30.76 -26.89
C ARG A 3463 38.56 -32.00 -27.72
N GLN A 3464 39.38 -33.04 -27.57
CA GLN A 3464 39.19 -34.33 -28.23
C GLN A 3464 39.30 -35.38 -27.14
N PRO A 3465 38.25 -35.56 -26.33
CA PRO A 3465 38.37 -36.40 -25.14
C PRO A 3465 38.65 -37.86 -25.45
N ILE A 3466 39.24 -38.51 -24.45
CA ILE A 3466 39.66 -39.90 -24.56
C ILE A 3466 38.46 -40.83 -24.40
N MET A 3467 38.37 -41.82 -25.28
CA MET A 3467 37.43 -42.93 -25.14
C MET A 3467 37.96 -44.09 -25.96
N SER A 3468 37.49 -45.28 -25.64
CA SER A 3468 37.95 -46.49 -26.32
C SER A 3468 37.29 -46.62 -27.68
N ASN A 3469 38.07 -47.06 -28.67
CA ASN A 3469 37.59 -47.20 -30.03
C ASN A 3469 36.92 -48.56 -30.19
N PRO A 3470 35.62 -48.65 -30.49
CA PRO A 3470 35.01 -49.97 -30.66
C PRO A 3470 35.52 -50.74 -31.87
N CYS A 3471 36.07 -50.05 -32.87
CA CYS A 3471 36.58 -50.66 -34.09
C CYS A 3471 38.04 -51.07 -33.99
N ALA A 3472 38.62 -51.04 -32.79
CA ALA A 3472 40.07 -51.14 -32.64
C ALA A 3472 40.62 -52.45 -33.15
N THR A 3473 40.05 -53.58 -32.73
CA THR A 3473 40.61 -54.89 -33.08
C THR A 3473 40.22 -55.28 -34.50
N ASN A 3474 41.17 -55.12 -35.43
CA ASN A 3474 41.01 -55.56 -36.82
C ASN A 3474 39.75 -54.96 -37.46
N ASN A 3475 39.53 -53.67 -37.23
CA ASN A 3475 38.35 -52.97 -37.73
C ASN A 3475 37.06 -53.65 -37.29
N GLY A 3476 37.09 -54.31 -36.13
CA GLY A 3476 35.91 -55.00 -35.64
C GLY A 3476 35.45 -56.13 -36.53
N GLY A 3477 36.33 -56.66 -37.38
CA GLY A 3477 35.97 -57.67 -38.34
C GLY A 3477 35.31 -57.15 -39.58
N CYS A 3478 35.09 -55.84 -39.68
CA CYS A 3478 34.46 -55.27 -40.86
C CYS A 3478 35.41 -55.39 -42.05
N SER A 3479 34.83 -55.65 -43.22
CA SER A 3479 35.64 -55.78 -44.43
C SER A 3479 36.11 -54.43 -44.98
N HIS A 3480 35.23 -53.42 -45.02
CA HIS A 3480 35.58 -52.13 -45.61
C HIS A 3480 35.53 -50.97 -44.62
N LEU A 3481 34.37 -50.63 -44.06
CA LEU A 3481 34.23 -49.51 -43.15
C LEU A 3481 33.63 -49.94 -41.83
N CYS A 3482 34.14 -49.37 -40.74
CA CYS A 3482 33.64 -49.60 -39.40
C CYS A 3482 33.28 -48.25 -38.81
N LEU A 3483 32.02 -48.09 -38.38
CA LEU A 3483 31.49 -46.82 -37.92
C LEU A 3483 30.79 -46.98 -36.58
N ILE A 3484 30.92 -45.98 -35.71
CA ILE A 3484 30.32 -46.06 -34.40
C ILE A 3484 28.80 -46.00 -34.53
N LYS A 3485 28.13 -46.85 -33.76
CA LYS A 3485 26.66 -46.88 -33.76
C LYS A 3485 26.10 -45.65 -33.06
N ALA A 3486 24.86 -45.32 -33.40
CA ALA A 3486 24.14 -44.29 -32.69
C ALA A 3486 24.06 -44.65 -31.23
N GLY A 3487 24.20 -43.65 -30.36
CA GLY A 3487 24.27 -43.85 -28.94
C GLY A 3487 25.67 -44.08 -28.43
N GLY A 3488 26.62 -44.40 -29.31
CA GLY A 3488 28.02 -44.44 -28.99
C GLY A 3488 28.56 -45.77 -28.51
N ARG A 3489 27.72 -46.79 -28.37
CA ARG A 3489 28.17 -48.12 -27.97
C ARG A 3489 28.03 -49.08 -29.14
N GLY A 3490 29.14 -49.71 -29.51
CA GLY A 3490 29.16 -50.68 -30.58
C GLY A 3490 29.42 -50.05 -31.93
N PHE A 3491 29.57 -50.94 -32.93
CA PHE A 3491 29.99 -50.55 -34.27
C PHE A 3491 29.13 -51.23 -35.31
N THR A 3492 29.21 -50.68 -36.52
CA THR A 3492 28.46 -51.13 -37.67
C THR A 3492 29.43 -51.23 -38.85
N CYS A 3493 29.37 -52.34 -39.56
CA CYS A 3493 30.17 -52.53 -40.76
C CYS A 3493 29.40 -52.03 -41.97
N GLU A 3494 30.12 -51.40 -42.89
CA GLU A 3494 29.49 -50.86 -44.09
C GLU A 3494 30.47 -50.90 -45.25
N CYS A 3495 29.92 -50.65 -46.44
CA CYS A 3495 30.53 -50.78 -47.74
C CYS A 3495 30.63 -49.42 -48.44
N PRO A 3496 31.64 -49.20 -49.27
CA PRO A 3496 31.72 -47.96 -50.05
C PRO A 3496 30.51 -47.78 -50.95
N ASP A 3497 30.44 -46.63 -51.59
CA ASP A 3497 29.23 -46.12 -52.22
C ASP A 3497 28.89 -46.80 -53.53
N ASP A 3498 29.80 -47.54 -54.15
CA ASP A 3498 29.49 -48.32 -55.33
C ASP A 3498 29.49 -49.82 -55.02
N PHE A 3499 29.17 -50.16 -53.78
CA PHE A 3499 29.07 -51.53 -53.32
C PHE A 3499 27.68 -51.76 -52.72
N GLN A 3500 27.25 -53.00 -52.72
CA GLN A 3500 25.98 -53.40 -52.12
C GLN A 3500 26.28 -54.12 -50.81
N THR A 3501 25.60 -53.71 -49.75
CA THR A 3501 25.77 -54.31 -48.44
C THR A 3501 24.73 -55.40 -48.25
N VAL A 3502 25.15 -56.52 -47.68
CA VAL A 3502 24.24 -57.62 -47.38
C VAL A 3502 24.72 -58.29 -46.11
N GLN A 3503 23.79 -58.90 -45.38
CA GLN A 3503 24.05 -59.52 -44.09
C GLN A 3503 23.89 -61.02 -44.17
N LEU A 3504 24.75 -61.73 -43.43
CA LEU A 3504 24.77 -63.18 -43.37
C LEU A 3504 24.97 -63.58 -41.92
N ARG A 3505 24.92 -64.87 -41.64
CA ARG A 3505 25.03 -65.36 -40.27
C ARG A 3505 26.34 -64.89 -39.63
N ASP A 3506 26.22 -63.99 -38.64
CA ASP A 3506 27.37 -63.44 -37.94
C ASP A 3506 28.39 -62.83 -38.91
N ARG A 3507 27.91 -62.27 -40.02
CA ARG A 3507 28.82 -61.78 -41.05
C ARG A 3507 28.13 -60.71 -41.87
N THR A 3508 28.94 -59.88 -42.52
CA THR A 3508 28.48 -58.90 -43.48
C THR A 3508 29.33 -59.02 -44.73
N LEU A 3509 28.74 -58.68 -45.88
CA LEU A 3509 29.40 -58.81 -47.16
C LEU A 3509 29.16 -57.57 -48.01
N CYS A 3510 30.21 -57.16 -48.71
CA CYS A 3510 30.15 -56.06 -49.67
C CYS A 3510 30.37 -56.64 -51.06
N MET A 3511 29.40 -56.44 -51.94
CA MET A 3511 29.47 -56.92 -53.31
C MET A 3511 29.69 -55.72 -54.23
N PRO A 3512 30.77 -55.65 -55.01
CA PRO A 3512 30.95 -54.47 -55.86
C PRO A 3512 29.89 -54.45 -56.95
N MET A 3513 29.23 -53.30 -57.11
CA MET A 3513 28.20 -53.11 -58.11
C MET A 3513 28.50 -51.90 -58.97
N CYS A 3514 29.78 -51.62 -59.19
CA CYS A 3514 30.13 -50.37 -59.85
C CYS A 3514 30.05 -50.53 -61.35
N SER A 3515 29.80 -49.40 -62.00
CA SER A 3515 29.31 -49.24 -63.34
C SER A 3515 30.41 -49.31 -64.38
N SER A 3516 29.97 -49.36 -65.63
CA SER A 3516 30.79 -49.06 -66.78
C SER A 3516 31.30 -47.63 -66.63
N THR A 3517 32.45 -47.36 -67.23
CA THR A 3517 33.21 -46.13 -67.04
C THR A 3517 33.84 -46.05 -65.65
N GLN A 3518 33.84 -47.16 -64.91
CA GLN A 3518 34.52 -47.28 -63.64
C GLN A 3518 35.31 -48.58 -63.66
N PHE A 3519 36.25 -48.72 -62.73
CA PHE A 3519 37.16 -49.85 -62.70
C PHE A 3519 37.35 -50.29 -61.25
N LEU A 3520 37.47 -51.60 -61.07
CA LEU A 3520 37.47 -52.25 -59.77
C LEU A 3520 38.85 -52.83 -59.49
N CYS A 3521 39.22 -52.82 -58.21
CA CYS A 3521 40.54 -53.24 -57.76
C CYS A 3521 40.46 -54.65 -57.20
N GLY A 3522 41.57 -55.38 -57.29
CA GLY A 3522 41.56 -56.79 -56.95
C GLY A 3522 41.23 -57.07 -55.50
N ASN A 3523 41.60 -56.17 -54.59
CA ASN A 3523 41.27 -56.35 -53.18
C ASN A 3523 39.82 -56.04 -52.87
N ASN A 3524 39.01 -55.69 -53.88
CA ASN A 3524 37.63 -55.23 -53.68
C ASN A 3524 37.60 -54.05 -52.71
N GLU A 3525 38.66 -53.26 -52.71
CA GLU A 3525 38.77 -52.11 -51.83
C GLU A 3525 37.89 -50.97 -52.33
N LYS A 3526 38.07 -50.58 -53.59
CA LYS A 3526 37.44 -49.41 -54.17
C LYS A 3526 37.16 -49.67 -55.63
N CYS A 3527 36.36 -48.79 -56.21
CA CYS A 3527 36.11 -48.76 -57.65
C CYS A 3527 36.36 -47.33 -58.09
N ILE A 3528 37.09 -47.17 -59.20
CA ILE A 3528 37.59 -45.87 -59.63
C ILE A 3528 37.16 -45.59 -61.07
N PRO A 3529 37.12 -44.31 -61.45
CA PRO A 3529 36.82 -43.97 -62.85
C PRO A 3529 37.74 -44.67 -63.84
N ILE A 3530 37.19 -44.97 -65.01
CA ILE A 3530 37.96 -45.67 -66.05
C ILE A 3530 39.18 -44.88 -66.50
N TRP A 3531 39.07 -43.56 -66.65
CA TRP A 3531 40.23 -42.79 -67.08
C TRP A 3531 41.40 -42.88 -66.10
N TRP A 3532 41.13 -43.13 -64.82
CA TRP A 3532 42.21 -43.37 -63.86
C TRP A 3532 42.97 -44.65 -64.16
N LYS A 3533 42.34 -45.62 -64.82
CA LYS A 3533 42.83 -46.99 -64.91
C LYS A 3533 44.31 -47.06 -65.28
N CYS A 3534 44.73 -46.28 -66.28
CA CYS A 3534 46.14 -46.25 -66.70
C CYS A 3534 46.54 -44.80 -67.00
N ASP A 3535 47.07 -44.14 -65.97
CA ASP A 3535 47.43 -42.72 -66.03
C ASP A 3535 48.81 -42.42 -65.47
N GLY A 3536 49.58 -43.44 -65.09
CA GLY A 3536 50.85 -43.28 -64.41
C GLY A 3536 50.79 -43.15 -62.90
N GLN A 3537 49.61 -43.06 -62.31
CA GLN A 3537 49.43 -42.93 -60.87
C GLN A 3537 48.74 -44.17 -60.32
N LYS A 3538 49.36 -44.80 -59.33
CA LYS A 3538 48.75 -45.94 -58.67
C LYS A 3538 47.59 -45.44 -57.81
N ASP A 3539 46.38 -45.90 -58.13
CA ASP A 3539 45.17 -45.48 -57.43
C ASP A 3539 44.60 -46.56 -56.54
N CYS A 3540 44.68 -47.82 -56.93
CA CYS A 3540 44.35 -48.91 -56.02
C CYS A 3540 45.52 -49.08 -55.06
N SER A 3541 45.19 -49.45 -53.82
CA SER A 3541 46.25 -49.66 -52.84
C SER A 3541 47.17 -50.80 -53.26
N ASP A 3542 46.63 -51.80 -53.94
CA ASP A 3542 47.42 -52.93 -54.42
C ASP A 3542 48.13 -52.65 -55.73
N GLY A 3543 47.99 -51.45 -56.30
CA GLY A 3543 48.56 -51.18 -57.60
C GLY A 3543 47.88 -51.91 -58.75
N SER A 3544 46.66 -52.41 -58.53
CA SER A 3544 46.00 -53.26 -59.50
C SER A 3544 45.60 -52.52 -60.77
N ASP A 3545 45.45 -51.20 -60.72
CA ASP A 3545 45.03 -50.44 -61.89
C ASP A 3545 46.21 -50.14 -62.82
N GLU A 3546 47.32 -49.67 -62.26
CA GLU A 3546 48.46 -49.19 -63.03
C GLU A 3546 49.40 -50.31 -63.46
N SER A 3547 48.84 -51.30 -64.15
CA SER A 3547 49.63 -52.45 -64.53
C SER A 3547 50.53 -52.12 -65.73
N ASP A 3548 51.53 -52.97 -65.93
CA ASP A 3548 52.46 -52.79 -67.05
C ASP A 3548 51.83 -53.11 -68.39
N LEU A 3549 50.79 -53.95 -68.42
CA LEU A 3549 50.16 -54.37 -69.66
C LEU A 3549 49.14 -53.33 -70.16
N CYS A 3550 49.62 -52.10 -70.35
CA CYS A 3550 48.78 -50.97 -70.70
C CYS A 3550 49.30 -50.24 -71.93
N PRO A 3551 48.42 -49.66 -72.75
CA PRO A 3551 48.88 -48.80 -73.85
C PRO A 3551 49.71 -47.62 -73.37
N HIS A 3552 50.25 -46.87 -74.34
CA HIS A 3552 50.95 -45.63 -74.05
C HIS A 3552 49.96 -44.52 -73.67
N ARG A 3553 50.25 -43.83 -72.57
CA ARG A 3553 49.43 -42.73 -72.07
C ARG A 3553 49.84 -41.41 -72.71
N PHE A 3554 49.15 -41.07 -73.80
CA PHE A 3554 49.42 -39.81 -74.50
C PHE A 3554 48.84 -38.61 -73.73
N CYS A 3555 47.62 -38.75 -73.25
CA CYS A 3555 46.87 -37.65 -72.67
C CYS A 3555 47.36 -37.27 -71.27
N ARG A 3556 47.06 -36.02 -70.90
CA ARG A 3556 47.36 -35.50 -69.59
C ARG A 3556 46.62 -36.27 -68.50
N LEU A 3557 47.15 -36.16 -67.28
CA LEU A 3557 46.52 -36.72 -66.11
C LEU A 3557 45.10 -36.20 -65.90
N GLY A 3558 44.14 -37.11 -65.77
CA GLY A 3558 42.74 -36.78 -65.62
C GLY A 3558 41.94 -36.62 -66.89
N GLN A 3559 42.58 -36.52 -68.05
CA GLN A 3559 41.86 -36.57 -69.31
C GLN A 3559 41.50 -38.01 -69.64
N PHE A 3560 40.60 -38.17 -70.61
CA PHE A 3560 40.13 -39.47 -71.05
C PHE A 3560 40.69 -39.72 -72.44
N GLN A 3561 41.17 -40.93 -72.66
CA GLN A 3561 41.95 -41.29 -73.84
C GLN A 3561 41.20 -42.29 -74.71
N CYS A 3562 41.24 -42.05 -76.01
CA CYS A 3562 40.59 -42.86 -77.01
C CYS A 3562 41.63 -43.75 -77.70
N ARG A 3563 41.16 -44.90 -78.19
CA ARG A 3563 41.99 -45.87 -78.90
C ARG A 3563 42.94 -45.22 -79.92
N ASP A 3564 42.50 -44.19 -80.62
CA ASP A 3564 43.38 -43.47 -81.55
C ASP A 3564 44.58 -42.85 -80.87
N GLY A 3565 44.54 -42.68 -79.55
CA GLY A 3565 45.49 -41.88 -78.82
C GLY A 3565 45.21 -40.40 -78.81
N ASN A 3566 43.94 -40.05 -78.64
CA ASN A 3566 43.42 -38.69 -78.63
C ASN A 3566 42.78 -38.49 -77.26
N CYS A 3567 42.63 -37.21 -76.88
CA CYS A 3567 42.25 -36.82 -75.55
C CYS A 3567 40.98 -35.97 -75.55
N THR A 3568 40.08 -36.29 -74.63
CA THR A 3568 38.86 -35.52 -74.40
C THR A 3568 38.58 -35.44 -72.91
N SER A 3569 37.91 -34.37 -72.49
CA SER A 3569 37.50 -34.25 -71.11
C SER A 3569 36.53 -35.38 -70.75
N PRO A 3570 36.60 -35.95 -69.53
CA PRO A 3570 35.68 -37.06 -69.18
C PRO A 3570 34.20 -36.72 -69.29
N GLN A 3571 33.82 -35.45 -69.17
CA GLN A 3571 32.41 -35.09 -69.32
C GLN A 3571 31.89 -35.43 -70.71
N ALA A 3572 32.79 -35.52 -71.69
CA ALA A 3572 32.42 -35.93 -73.04
C ALA A 3572 31.84 -37.33 -73.06
N LEU A 3573 32.38 -38.23 -72.24
CA LEU A 3573 32.04 -39.63 -72.30
C LEU A 3573 30.56 -39.88 -72.04
N CYS A 3574 29.93 -40.60 -72.96
CA CYS A 3574 28.51 -40.98 -72.92
C CYS A 3574 27.60 -39.78 -72.68
N ASN A 3575 27.62 -38.85 -73.65
CA ASN A 3575 26.73 -37.70 -73.67
C ASN A 3575 25.87 -37.67 -74.93
N ALA A 3576 25.80 -38.77 -75.69
CA ALA A 3576 24.98 -38.95 -76.87
C ALA A 3576 25.40 -38.11 -78.06
N ARG A 3577 26.60 -37.53 -78.05
CA ARG A 3577 27.19 -36.90 -79.22
C ARG A 3577 28.64 -37.33 -79.33
N GLN A 3578 29.08 -37.61 -80.55
CA GLN A 3578 30.44 -38.09 -80.77
C GLN A 3578 31.44 -36.95 -80.65
N ASP A 3579 32.35 -37.08 -79.68
CA ASP A 3579 33.37 -36.09 -79.38
C ASP A 3579 34.78 -36.54 -79.72
N CYS A 3580 35.00 -37.84 -79.90
CA CYS A 3580 36.30 -38.42 -80.23
C CYS A 3580 36.16 -39.20 -81.53
N ALA A 3581 37.21 -39.14 -82.35
CA ALA A 3581 37.18 -39.74 -83.69
C ALA A 3581 36.80 -41.21 -83.63
N ASP A 3582 37.44 -41.98 -82.75
CA ASP A 3582 37.11 -43.41 -82.63
C ASP A 3582 35.64 -43.64 -82.38
N GLY A 3583 34.98 -42.73 -81.68
CA GLY A 3583 33.66 -42.97 -81.16
C GLY A 3583 33.67 -43.81 -79.91
N SER A 3584 34.85 -44.12 -79.36
CA SER A 3584 34.94 -44.78 -78.08
C SER A 3584 34.27 -43.92 -77.01
N ASP A 3585 34.28 -42.60 -77.24
CA ASP A 3585 33.57 -41.63 -76.42
C ASP A 3585 32.12 -42.03 -76.17
N GLU A 3586 31.51 -42.77 -77.11
CA GLU A 3586 30.12 -43.20 -77.02
C GLU A 3586 29.98 -44.70 -77.26
N ASP A 3587 31.02 -45.47 -76.92
CA ASP A 3587 30.98 -46.91 -77.13
C ASP A 3587 29.84 -47.54 -76.34
N ARG A 3588 29.18 -48.51 -76.97
CA ARG A 3588 28.09 -49.23 -76.32
C ARG A 3588 28.58 -49.92 -75.05
N VAL A 3589 29.77 -50.52 -75.11
CA VAL A 3589 30.30 -51.26 -73.97
C VAL A 3589 30.50 -50.33 -72.78
N LEU A 3590 30.90 -49.09 -73.04
CA LEU A 3590 31.13 -48.14 -71.95
C LEU A 3590 29.85 -47.48 -71.45
N CYS A 3591 28.90 -47.21 -72.35
CA CYS A 3591 27.70 -46.49 -71.94
C CYS A 3591 26.61 -47.39 -71.38
N GLU A 3592 26.57 -48.66 -71.76
CA GLU A 3592 25.62 -49.57 -71.14
C GLU A 3592 26.03 -49.80 -69.69
N HIS A 3593 25.03 -49.80 -68.80
CA HIS A 3593 25.28 -49.94 -67.37
C HIS A 3593 26.08 -48.76 -66.84
N HIS A 3594 25.82 -47.58 -67.39
CA HIS A 3594 26.41 -46.33 -66.92
C HIS A 3594 25.49 -45.66 -65.92
N ARG A 3595 26.08 -44.91 -64.98
CA ARG A 3595 25.34 -44.27 -63.91
C ARG A 3595 25.77 -42.81 -63.76
N CYS A 3596 24.78 -41.94 -63.56
CA CYS A 3596 24.99 -40.50 -63.47
C CYS A 3596 25.28 -40.08 -62.03
N GLU A 3597 25.46 -38.78 -61.85
CA GLU A 3597 25.72 -38.20 -60.54
C GLU A 3597 24.42 -38.11 -59.74
N ALA A 3598 24.56 -37.93 -58.42
CA ALA A 3598 23.41 -37.92 -57.52
C ALA A 3598 22.44 -36.78 -57.79
N ASN A 3599 22.89 -35.70 -58.43
CA ASN A 3599 22.04 -34.55 -58.73
C ASN A 3599 21.66 -34.48 -60.20
N GLU A 3600 21.56 -35.63 -60.85
CA GLU A 3600 21.28 -35.72 -62.27
C GLU A 3600 20.20 -36.77 -62.52
N TRP A 3601 19.68 -36.74 -63.73
CA TRP A 3601 18.72 -37.71 -64.22
C TRP A 3601 19.26 -38.24 -65.55
N GLN A 3602 18.94 -39.49 -65.85
CA GLN A 3602 19.49 -40.17 -67.01
C GLN A 3602 18.43 -40.34 -68.08
N CYS A 3603 18.89 -40.34 -69.33
CA CYS A 3603 18.07 -40.43 -70.52
C CYS A 3603 18.33 -41.76 -71.23
N ALA A 3604 17.35 -42.17 -72.03
CA ALA A 3604 17.43 -43.47 -72.71
C ALA A 3604 18.70 -43.60 -73.54
N ASN A 3605 19.20 -42.50 -74.10
CA ASN A 3605 20.47 -42.53 -74.83
C ASN A 3605 21.69 -42.55 -73.91
N LYS A 3606 21.50 -42.75 -72.60
CA LYS A 3606 22.58 -42.76 -71.63
C LYS A 3606 23.31 -41.42 -71.62
N ARG A 3607 22.52 -40.38 -71.35
CA ARG A 3607 23.00 -39.02 -71.15
C ARG A 3607 22.46 -38.54 -69.83
N CYS A 3608 23.20 -37.66 -69.16
CA CYS A 3608 22.83 -37.16 -67.85
C CYS A 3608 22.51 -35.67 -67.95
N ILE A 3609 21.39 -35.28 -67.35
CA ILE A 3609 20.98 -33.88 -67.30
C ILE A 3609 20.59 -33.53 -65.86
N PRO A 3610 20.70 -32.27 -65.44
CA PRO A 3610 20.19 -31.90 -64.12
C PRO A 3610 18.70 -32.18 -64.01
N GLU A 3611 18.27 -32.58 -62.80
CA GLU A 3611 16.89 -32.98 -62.61
C GLU A 3611 15.91 -31.85 -62.90
N TYR A 3612 16.31 -30.60 -62.70
CA TYR A 3612 15.37 -29.51 -62.97
C TYR A 3612 15.09 -29.36 -64.46
N TRP A 3613 15.99 -29.83 -65.33
CA TRP A 3613 15.77 -29.85 -66.77
C TRP A 3613 14.75 -30.90 -67.21
N GLN A 3614 14.36 -31.81 -66.32
CA GLN A 3614 13.73 -33.07 -66.69
C GLN A 3614 12.42 -32.89 -67.46
N CYS A 3615 11.59 -31.91 -67.11
CA CYS A 3615 10.39 -31.60 -67.88
C CYS A 3615 10.23 -30.09 -68.01
N ASP A 3616 11.33 -29.39 -68.28
CA ASP A 3616 11.32 -27.94 -68.41
C ASP A 3616 10.83 -27.45 -69.77
N SER A 3617 10.26 -28.33 -70.60
CA SER A 3617 9.75 -27.99 -71.93
C SER A 3617 10.89 -27.62 -72.89
N VAL A 3618 12.05 -28.23 -72.72
CA VAL A 3618 13.17 -28.07 -73.65
C VAL A 3618 13.78 -29.45 -73.91
N ASP A 3619 14.25 -29.65 -75.14
CA ASP A 3619 14.76 -30.93 -75.60
C ASP A 3619 16.22 -31.11 -75.17
N ASP A 3620 16.42 -31.13 -73.85
CA ASP A 3620 17.78 -31.18 -73.31
C ASP A 3620 18.49 -32.48 -73.68
N CYS A 3621 17.74 -33.56 -73.86
CA CYS A 3621 18.28 -34.84 -74.30
C CYS A 3621 17.88 -35.03 -75.76
N LEU A 3622 18.87 -35.36 -76.61
CA LEU A 3622 18.62 -35.46 -78.03
C LEU A 3622 17.61 -36.54 -78.40
N ASP A 3623 17.38 -37.52 -77.53
CA ASP A 3623 16.38 -38.54 -77.78
C ASP A 3623 14.99 -38.13 -77.30
N ASN A 3624 14.86 -36.94 -76.73
CA ASN A 3624 13.59 -36.41 -76.22
C ASN A 3624 12.99 -37.31 -75.13
N SER A 3625 13.81 -38.12 -74.47
CA SER A 3625 13.31 -39.03 -73.46
C SER A 3625 12.92 -38.32 -72.18
N ASP A 3626 13.46 -37.12 -71.95
CA ASP A 3626 13.15 -36.40 -70.71
C ASP A 3626 11.72 -35.87 -70.72
N GLU A 3627 11.27 -35.33 -71.85
CA GLU A 3627 9.93 -34.76 -71.95
C GLU A 3627 8.97 -35.65 -72.72
N ASP A 3628 9.14 -36.96 -72.62
CA ASP A 3628 8.16 -37.92 -73.05
C ASP A 3628 6.90 -37.65 -72.23
N PRO A 3629 5.73 -37.42 -72.84
CA PRO A 3629 4.56 -37.13 -72.01
C PRO A 3629 4.21 -38.24 -71.04
N SER A 3630 4.40 -39.50 -71.43
CA SER A 3630 4.16 -40.60 -70.50
C SER A 3630 5.08 -40.50 -69.29
N HIS A 3631 6.34 -40.13 -69.52
CA HIS A 3631 7.28 -39.99 -68.42
C HIS A 3631 6.92 -38.83 -67.51
N CYS A 3632 6.66 -37.66 -68.09
CA CYS A 3632 6.33 -36.51 -67.26
C CYS A 3632 4.99 -36.70 -66.55
N ALA A 3633 4.14 -37.61 -67.04
CA ALA A 3633 2.87 -37.89 -66.38
C ALA A 3633 3.04 -38.90 -65.25
N SER A 3634 3.92 -39.89 -65.44
CA SER A 3634 4.14 -40.91 -64.42
C SER A 3634 5.21 -40.53 -63.41
N ARG A 3635 5.89 -39.41 -63.62
CA ARG A 3635 6.99 -39.00 -62.76
C ARG A 3635 6.58 -38.82 -61.32
N THR A 3636 7.46 -39.27 -60.42
CA THR A 3636 7.38 -39.02 -58.99
C THR A 3636 8.67 -38.32 -58.60
N CYS A 3637 8.53 -37.17 -57.94
CA CYS A 3637 9.67 -36.31 -57.68
C CYS A 3637 10.28 -36.56 -56.31
N ARG A 3638 11.55 -36.19 -56.18
CA ARG A 3638 12.33 -36.53 -55.02
C ARG A 3638 11.89 -35.76 -53.78
N PRO A 3639 12.28 -36.20 -52.58
CA PRO A 3639 11.85 -35.58 -51.34
C PRO A 3639 12.13 -34.09 -51.25
N GLY A 3640 11.15 -33.34 -50.76
CA GLY A 3640 11.31 -31.93 -50.43
C GLY A 3640 10.99 -30.97 -51.57
N GLN A 3641 10.40 -31.46 -52.66
CA GLN A 3641 9.91 -30.60 -53.73
C GLN A 3641 8.52 -31.08 -54.14
N PHE A 3642 7.87 -30.27 -54.97
CA PHE A 3642 6.45 -30.28 -55.26
C PHE A 3642 6.25 -30.42 -56.75
N LYS A 3643 5.21 -31.17 -57.13
CA LYS A 3643 4.93 -31.56 -58.50
C LYS A 3643 3.72 -30.82 -59.03
N CYS A 3644 3.71 -30.60 -60.34
CA CYS A 3644 2.65 -29.88 -61.03
C CYS A 3644 2.04 -30.75 -62.12
N ASN A 3645 0.85 -30.33 -62.56
CA ASN A 3645 0.08 -31.10 -63.53
C ASN A 3645 0.88 -31.37 -64.81
N ASN A 3646 1.68 -30.41 -65.24
CA ASN A 3646 2.47 -30.57 -66.46
C ASN A 3646 3.74 -31.39 -66.25
N GLY A 3647 3.83 -32.13 -65.15
CA GLY A 3647 4.97 -33.01 -64.95
C GLY A 3647 6.26 -32.31 -64.64
N ARG A 3648 6.19 -31.13 -64.04
CA ARG A 3648 7.36 -30.34 -63.69
C ARG A 3648 7.36 -30.15 -62.18
N CYS A 3649 8.56 -30.08 -61.61
CA CYS A 3649 8.74 -30.06 -60.17
C CYS A 3649 9.59 -28.87 -59.75
N ILE A 3650 9.20 -28.27 -58.63
CA ILE A 3650 9.81 -27.05 -58.12
C ILE A 3650 9.97 -27.17 -56.61
N PRO A 3651 10.88 -26.39 -56.02
CA PRO A 3651 11.03 -26.41 -54.56
C PRO A 3651 9.71 -26.19 -53.83
N GLN A 3652 9.55 -26.91 -52.71
CA GLN A 3652 8.34 -26.80 -51.90
C GLN A 3652 8.08 -25.36 -51.49
N SER A 3653 9.14 -24.57 -51.30
CA SER A 3653 8.97 -23.17 -50.91
C SER A 3653 8.30 -22.36 -52.00
N TRP A 3654 8.52 -22.71 -53.27
CA TRP A 3654 7.96 -21.94 -54.37
C TRP A 3654 6.44 -22.07 -54.43
N LYS A 3655 5.84 -23.09 -53.83
CA LYS A 3655 4.39 -23.25 -53.74
C LYS A 3655 3.79 -22.09 -52.93
N CYS A 3656 2.64 -21.58 -53.35
CA CYS A 3656 1.93 -20.50 -52.68
C CYS A 3656 2.77 -19.26 -52.47
N ASP A 3657 3.04 -18.57 -53.56
CA ASP A 3657 3.59 -17.22 -53.59
C ASP A 3657 3.04 -16.56 -54.84
N VAL A 3658 3.74 -15.57 -55.41
CA VAL A 3658 3.15 -14.73 -56.45
C VAL A 3658 3.58 -15.11 -57.87
N ASP A 3659 4.58 -15.97 -58.04
CA ASP A 3659 5.13 -16.29 -59.37
C ASP A 3659 4.69 -17.67 -59.82
N ASN A 3660 4.15 -17.74 -61.04
CA ASN A 3660 3.69 -18.99 -61.65
C ASN A 3660 4.91 -19.81 -62.07
N ASP A 3661 5.51 -20.47 -61.09
CA ASP A 3661 6.77 -21.18 -61.31
C ASP A 3661 6.62 -22.39 -62.22
N CYS A 3662 5.43 -23.00 -62.25
CA CYS A 3662 5.17 -24.14 -63.11
C CYS A 3662 4.56 -23.75 -64.45
N GLY A 3663 4.53 -22.46 -64.77
CA GLY A 3663 3.94 -22.00 -66.00
C GLY A 3663 2.44 -21.99 -65.83
N ASP A 3664 1.85 -23.18 -65.72
CA ASP A 3664 0.50 -23.31 -65.23
C ASP A 3664 0.45 -22.85 -63.79
N TYR A 3665 -0.70 -22.34 -63.37
CA TYR A 3665 -0.83 -21.75 -62.05
C TYR A 3665 -1.06 -22.81 -60.96
N SER A 3666 -0.71 -24.07 -61.21
CA SER A 3666 -0.97 -25.14 -60.26
C SER A 3666 -0.11 -25.04 -59.01
N ASP A 3667 1.00 -24.31 -59.06
CA ASP A 3667 1.81 -24.12 -57.88
C ASP A 3667 1.20 -23.14 -56.90
N GLU A 3668 0.13 -22.45 -57.29
CA GLU A 3668 -0.53 -21.45 -56.46
C GLU A 3668 -2.04 -21.65 -56.47
N PRO A 3669 -2.52 -22.71 -55.83
CA PRO A 3669 -3.97 -22.83 -55.67
C PRO A 3669 -4.43 -21.80 -54.65
N ILE A 3670 -5.12 -20.77 -55.14
CA ILE A 3670 -5.45 -19.60 -54.33
C ILE A 3670 -6.27 -19.99 -53.09
N HIS A 3671 -7.24 -20.90 -53.27
CA HIS A 3671 -8.12 -21.27 -52.17
C HIS A 3671 -7.37 -21.96 -51.04
N GLU A 3672 -6.22 -22.58 -51.32
CA GLU A 3672 -5.32 -23.14 -50.30
C GLU A 3672 -4.33 -22.10 -49.79
N CYS A 3673 -3.69 -21.34 -50.68
CA CYS A 3673 -2.67 -20.38 -50.32
C CYS A 3673 -3.19 -19.28 -49.39
N MET A 3674 -4.46 -18.87 -49.50
CA MET A 3674 -4.95 -17.81 -48.63
C MET A 3674 -5.32 -18.30 -47.24
N THR A 3675 -5.08 -19.57 -46.88
CA THR A 3675 -5.35 -20.10 -45.54
C THR A 3675 -4.25 -19.77 -44.52
N ALA A 3676 -4.54 -19.92 -43.23
CA ALA A 3676 -3.60 -19.63 -42.14
C ALA A 3676 -2.32 -20.49 -42.15
N ALA A 3677 -2.28 -21.58 -42.91
CA ALA A 3677 -1.10 -22.44 -43.03
C ALA A 3677 0.11 -21.76 -43.66
N TYR A 3678 -0.10 -20.69 -44.42
CA TYR A 3678 0.94 -19.96 -45.16
C TYR A 3678 1.26 -18.58 -44.56
N ASN A 3679 0.92 -18.33 -43.29
CA ASN A 3679 1.28 -17.09 -42.61
C ASN A 3679 2.80 -16.94 -42.45
N CYS A 3680 3.35 -15.76 -42.60
CA CYS A 3680 4.74 -15.49 -42.59
C CYS A 3680 5.36 -15.74 -41.25
N ASP A 3681 6.57 -16.31 -41.23
CA ASP A 3681 7.30 -16.56 -39.97
C ASP A 3681 7.58 -15.20 -39.33
N ASN A 3682 7.10 -14.97 -38.11
CA ASN A 3682 7.18 -13.65 -37.43
C ASN A 3682 8.59 -13.30 -36.93
N HIS A 3683 9.58 -14.18 -37.07
CA HIS A 3683 10.98 -13.84 -36.70
C HIS A 3683 11.81 -13.58 -37.96
N THR A 3684 11.59 -14.37 -39.00
CA THR A 3684 12.52 -14.29 -40.14
C THR A 3684 11.90 -13.85 -41.45
N GLU A 3685 10.64 -13.43 -41.47
CA GLU A 3685 10.03 -13.13 -42.78
C GLU A 3685 9.25 -11.81 -42.78
N PHE A 3686 9.03 -11.25 -43.95
CA PHE A 3686 8.32 -10.00 -44.17
C PHE A 3686 7.16 -10.25 -45.11
N SER A 3687 6.06 -9.54 -44.87
CA SER A 3687 4.81 -9.71 -45.59
C SER A 3687 4.48 -8.48 -46.39
N CYS A 3688 3.95 -8.69 -47.59
CA CYS A 3688 3.69 -7.63 -48.56
C CYS A 3688 2.18 -7.48 -48.66
N LYS A 3689 1.81 -6.20 -48.43
CA LYS A 3689 0.39 -5.85 -48.23
C LYS A 3689 -0.57 -6.20 -49.38
N THR A 3690 -0.09 -6.28 -50.63
CA THR A 3690 -0.99 -6.51 -51.78
C THR A 3690 -1.25 -8.00 -52.04
N ASN A 3691 -0.43 -8.91 -51.51
CA ASN A 3691 -0.54 -10.33 -51.88
C ASN A 3691 -0.05 -11.24 -50.77
N TYR A 3692 -0.29 -12.53 -50.98
CA TYR A 3692 0.02 -13.61 -50.05
C TYR A 3692 1.43 -14.16 -50.26
N ARG A 3693 2.42 -13.28 -50.25
CA ARG A 3693 3.81 -13.69 -50.45
C ARG A 3693 4.64 -13.20 -49.28
N CYS A 3694 5.53 -14.06 -48.81
CA CYS A 3694 6.50 -13.77 -47.77
C CYS A 3694 7.89 -13.67 -48.39
N ILE A 3695 8.67 -12.67 -48.01
CA ILE A 3695 10.08 -12.56 -48.38
C ILE A 3695 10.93 -12.57 -47.10
N PRO A 3696 12.16 -13.07 -47.10
CA PRO A 3696 13.00 -13.03 -45.91
C PRO A 3696 13.28 -11.60 -45.46
N GLN A 3697 13.51 -11.35 -44.18
CA GLN A 3697 13.68 -9.98 -43.69
C GLN A 3697 14.89 -9.27 -44.31
N TRP A 3698 15.94 -10.00 -44.69
CA TRP A 3698 17.11 -9.43 -45.36
C TRP A 3698 16.76 -8.95 -46.76
N ALA A 3699 15.69 -9.48 -47.35
CA ALA A 3699 15.28 -9.02 -48.67
C ALA A 3699 14.74 -7.59 -48.63
N VAL A 3700 14.22 -7.13 -47.50
CA VAL A 3700 13.64 -5.79 -47.38
C VAL A 3700 14.75 -4.77 -47.52
N CYS A 3701 14.53 -3.75 -48.34
CA CYS A 3701 15.44 -2.62 -48.56
C CYS A 3701 16.81 -3.09 -49.03
N ASN A 3702 16.80 -3.97 -50.02
CA ASN A 3702 18.02 -4.46 -50.66
C ASN A 3702 18.22 -3.90 -52.06
N GLY A 3703 17.31 -3.05 -52.54
CA GLY A 3703 17.40 -2.50 -53.86
C GLY A 3703 16.67 -3.27 -54.93
N PHE A 3704 15.85 -4.26 -54.55
CA PHE A 3704 15.18 -5.12 -55.51
C PHE A 3704 13.72 -5.30 -55.11
N ASP A 3705 12.89 -5.48 -56.14
CA ASP A 3705 11.44 -5.63 -56.01
C ASP A 3705 11.12 -7.11 -55.78
N ASP A 3706 11.43 -7.56 -54.56
CA ASP A 3706 11.37 -8.98 -54.24
C ASP A 3706 9.93 -9.50 -54.12
N CYS A 3707 8.98 -8.63 -53.80
CA CYS A 3707 7.56 -8.94 -53.89
C CYS A 3707 6.96 -7.85 -54.75
N ARG A 3708 6.08 -8.24 -55.67
CA ARG A 3708 5.70 -7.51 -56.86
C ARG A 3708 4.91 -6.24 -56.57
N ASP A 3709 4.62 -5.90 -55.32
CA ASP A 3709 3.98 -4.63 -55.00
C ASP A 3709 4.98 -3.57 -54.54
N ASN A 3710 6.28 -3.90 -54.55
CA ASN A 3710 7.36 -3.00 -54.17
C ASN A 3710 7.24 -2.50 -52.74
N SER A 3711 6.42 -3.14 -51.91
CA SER A 3711 6.28 -2.70 -50.52
C SER A 3711 7.55 -2.92 -49.71
N ASP A 3712 8.45 -3.78 -50.16
CA ASP A 3712 9.69 -4.12 -49.47
C ASP A 3712 10.80 -3.08 -49.68
N GLU A 3713 10.59 -2.04 -50.48
CA GLU A 3713 11.60 -1.03 -50.76
C GLU A 3713 11.10 0.40 -50.55
N GLN A 3714 9.92 0.58 -49.94
CA GLN A 3714 9.29 1.89 -49.87
C GLN A 3714 9.81 2.73 -48.70
N GLY A 3715 9.81 2.16 -47.50
CA GLY A 3715 10.11 2.89 -46.27
C GLY A 3715 11.53 2.84 -45.76
N CYS A 3716 12.51 2.70 -46.65
CA CYS A 3716 13.88 2.38 -46.25
C CYS A 3716 14.59 3.49 -45.51
N GLU A 3717 14.10 4.73 -45.54
CA GLU A 3717 14.75 5.78 -44.75
C GLU A 3717 14.63 5.48 -43.26
N SER A 3718 13.61 4.74 -42.85
CA SER A 3718 13.35 4.42 -41.46
C SER A 3718 14.09 3.18 -40.97
N VAL A 3719 14.70 2.39 -41.85
CA VAL A 3719 15.32 1.14 -41.47
C VAL A 3719 16.75 1.45 -41.01
N PRO A 3720 17.09 1.24 -39.75
CA PRO A 3720 18.48 1.48 -39.32
C PRO A 3720 19.39 0.34 -39.73
N CYS A 3721 20.66 0.70 -39.95
CA CYS A 3721 21.70 -0.29 -40.15
C CYS A 3721 22.15 -0.83 -38.80
N HIS A 3722 22.74 -2.02 -38.82
CA HIS A 3722 23.25 -2.61 -37.59
C HIS A 3722 24.31 -1.67 -37.01
N PRO A 3723 24.33 -1.46 -35.68
CA PRO A 3723 25.24 -0.44 -35.14
C PRO A 3723 26.70 -0.62 -35.51
N SER A 3724 27.20 -1.84 -35.50
CA SER A 3724 28.54 -2.15 -35.98
C SER A 3724 28.47 -3.32 -36.95
N GLY A 3725 29.28 -3.26 -37.99
CA GLY A 3725 29.33 -4.27 -39.02
C GLY A 3725 28.66 -3.89 -40.31
N ASP A 3726 27.81 -2.87 -40.29
CA ASP A 3726 27.12 -2.37 -41.47
C ASP A 3726 27.66 -1.00 -41.87
N PHE A 3727 27.46 -0.67 -43.13
CA PHE A 3727 27.78 0.62 -43.71
C PHE A 3727 26.54 1.09 -44.45
N ARG A 3728 26.33 2.40 -44.50
CA ARG A 3728 25.11 2.99 -45.01
C ARG A 3728 25.40 3.76 -46.28
N CYS A 3729 24.46 3.68 -47.23
CA CYS A 3729 24.56 4.31 -48.53
C CYS A 3729 23.48 5.39 -48.65
N GLY A 3730 23.77 6.41 -49.45
CA GLY A 3730 22.82 7.49 -49.64
C GLY A 3730 21.50 7.05 -50.22
N ASN A 3731 21.44 5.87 -50.82
CA ASN A 3731 20.19 5.26 -51.26
C ASN A 3731 19.35 4.75 -50.09
N HIS A 3732 19.79 4.96 -48.85
CA HIS A 3732 19.13 4.42 -47.66
C HIS A 3732 19.12 2.91 -47.72
N HIS A 3733 20.30 2.36 -47.99
CA HIS A 3733 20.58 0.93 -48.01
C HIS A 3733 21.69 0.65 -47.02
N CYS A 3734 21.74 -0.58 -46.51
CA CYS A 3734 22.78 -1.01 -45.60
C CYS A 3734 23.49 -2.21 -46.21
N ILE A 3735 24.81 -2.20 -46.17
CA ILE A 3735 25.62 -3.29 -46.72
C ILE A 3735 26.61 -3.74 -45.66
N PRO A 3736 27.14 -4.96 -45.78
CA PRO A 3736 28.22 -5.38 -44.90
C PRO A 3736 29.41 -4.43 -45.03
N LEU A 3737 30.11 -4.17 -43.92
CA LEU A 3737 31.27 -3.24 -43.87
C LEU A 3737 32.49 -3.93 -44.48
N ARG A 3738 32.42 -5.23 -44.75
CA ARG A 3738 33.49 -5.98 -45.46
C ARG A 3738 33.50 -5.53 -46.92
N TRP A 3739 32.35 -5.15 -47.48
CA TRP A 3739 32.18 -4.74 -48.90
C TRP A 3739 32.56 -3.28 -49.14
N LYS A 3740 32.69 -2.42 -48.13
CA LYS A 3740 33.23 -1.08 -48.29
C LYS A 3740 34.67 -1.17 -48.76
N CYS A 3741 35.01 -0.43 -49.81
CA CYS A 3741 36.36 -0.39 -50.34
C CYS A 3741 36.84 -1.79 -50.77
N ASP A 3742 36.05 -2.41 -51.65
CA ASP A 3742 36.39 -3.70 -52.22
C ASP A 3742 36.45 -3.69 -53.73
N GLY A 3743 36.29 -2.53 -54.37
CA GLY A 3743 36.40 -2.44 -55.81
C GLY A 3743 35.16 -2.80 -56.59
N ILE A 3744 34.03 -3.06 -55.94
CA ILE A 3744 32.80 -3.42 -56.62
C ILE A 3744 31.66 -2.54 -56.10
N ASP A 3745 30.74 -2.21 -57.01
CA ASP A 3745 29.60 -1.33 -56.73
C ASP A 3745 28.51 -2.16 -56.08
N ASP A 3746 28.50 -2.18 -54.75
CA ASP A 3746 27.57 -2.99 -53.98
C ASP A 3746 26.25 -2.29 -53.71
N CYS A 3747 26.25 -0.96 -53.65
CA CYS A 3747 25.04 -0.16 -53.55
C CYS A 3747 25.15 0.90 -54.63
N GLY A 3748 24.06 1.10 -55.38
CA GLY A 3748 24.06 1.80 -56.64
C GLY A 3748 24.36 3.27 -56.61
N ASP A 3749 24.70 3.86 -55.46
CA ASP A 3749 25.13 5.24 -55.40
C ASP A 3749 26.65 5.37 -55.30
N ASN A 3750 27.38 4.25 -55.31
CA ASN A 3750 28.84 4.20 -55.23
C ASN A 3750 29.37 4.77 -53.92
N SER A 3751 28.52 4.98 -52.92
CA SER A 3751 28.98 5.51 -51.64
C SER A 3751 29.94 4.58 -50.93
N ASP A 3752 29.97 3.29 -51.31
CA ASP A 3752 30.86 2.33 -50.69
C ASP A 3752 32.27 2.36 -51.27
N GLU A 3753 32.50 3.09 -52.36
CA GLU A 3753 33.78 3.07 -53.07
C GLU A 3753 34.37 4.43 -53.35
N GLU A 3754 33.55 5.49 -53.39
CA GLU A 3754 34.03 6.79 -53.85
C GLU A 3754 35.11 7.40 -52.96
N SER A 3755 35.12 7.07 -51.67
CA SER A 3755 36.04 7.66 -50.71
C SER A 3755 37.23 6.77 -50.36
N CYS A 3756 37.37 5.66 -51.08
CA CYS A 3756 38.31 4.58 -50.66
C CYS A 3756 39.75 4.76 -51.07
N VAL A 3757 40.65 4.23 -50.24
CA VAL A 3757 42.11 4.30 -50.45
C VAL A 3757 42.60 2.86 -50.68
N PRO A 3758 43.49 2.51 -51.65
CA PRO A 3758 43.99 1.11 -51.76
C PRO A 3758 44.44 0.46 -50.44
N ARG A 3759 44.03 -0.79 -50.18
CA ARG A 3759 44.38 -1.55 -48.93
C ARG A 3759 45.80 -2.11 -49.02
N GLU A 3760 46.45 -2.40 -47.88
CA GLU A 3760 47.84 -2.95 -47.82
C GLU A 3760 47.81 -4.44 -48.13
N CYS A 3761 48.80 -4.96 -48.88
CA CYS A 3761 48.82 -6.30 -49.30
C CYS A 3761 49.32 -7.19 -48.15
N THR A 3762 48.83 -8.41 -48.10
CA THR A 3762 49.13 -9.37 -47.04
C THR A 3762 50.39 -10.20 -47.39
N GLU A 3763 50.78 -11.10 -46.51
CA GLU A 3763 52.07 -11.78 -46.54
C GLU A 3763 52.33 -12.51 -47.85
N SER A 3764 51.31 -13.10 -48.45
CA SER A 3764 51.46 -13.88 -49.67
C SER A 3764 50.88 -13.17 -50.88
N GLU A 3765 50.81 -11.84 -50.84
CA GLU A 3765 50.31 -11.03 -51.94
C GLU A 3765 51.44 -10.21 -52.55
N PHE A 3766 51.19 -9.75 -53.76
CA PHE A 3766 52.11 -8.95 -54.57
C PHE A 3766 51.35 -7.71 -54.99
N ARG A 3767 52.06 -6.59 -55.07
CA ARG A 3767 51.46 -5.30 -55.29
C ARG A 3767 51.83 -4.77 -56.66
N CYS A 3768 50.85 -4.09 -57.29
CA CYS A 3768 50.95 -3.60 -58.65
C CYS A 3768 50.74 -2.09 -58.63
N ALA A 3769 51.47 -1.41 -59.53
CA ALA A 3769 51.61 0.04 -59.57
C ALA A 3769 50.28 0.76 -59.64
N ASP A 3770 49.22 0.08 -60.01
CA ASP A 3770 47.87 0.59 -59.88
C ASP A 3770 47.39 0.53 -58.40
N GLN A 3771 48.30 0.18 -57.49
CA GLN A 3771 48.02 -0.04 -56.08
C GLN A 3771 46.92 -1.09 -55.97
N GLN A 3772 47.22 -2.26 -56.54
CA GLN A 3772 46.35 -3.42 -56.46
C GLN A 3772 47.13 -4.58 -55.87
N CYS A 3773 46.43 -5.49 -55.20
CA CYS A 3773 47.05 -6.67 -54.60
C CYS A 3773 46.53 -7.92 -55.31
N ILE A 3774 47.45 -8.79 -55.71
CA ILE A 3774 47.13 -10.05 -56.37
C ILE A 3774 47.93 -11.17 -55.70
N PRO A 3775 47.50 -12.42 -55.84
CA PRO A 3775 48.30 -13.50 -55.26
C PRO A 3775 49.71 -13.54 -55.84
N SER A 3776 50.68 -13.86 -54.97
CA SER A 3776 52.06 -13.99 -55.39
C SER A 3776 52.26 -15.05 -56.48
N ARG A 3777 51.48 -16.13 -56.44
CA ARG A 3777 51.58 -17.17 -57.45
C ARG A 3777 51.41 -16.64 -58.87
N TRP A 3778 50.57 -15.63 -59.05
CA TRP A 3778 50.36 -15.06 -60.38
C TRP A 3778 51.62 -14.41 -60.94
N VAL A 3779 52.51 -13.92 -60.07
CA VAL A 3779 53.72 -13.24 -60.52
C VAL A 3779 54.53 -14.14 -61.45
N CYS A 3780 54.84 -13.61 -62.64
CA CYS A 3780 55.71 -14.27 -63.62
C CYS A 3780 55.12 -15.60 -64.12
N ASP A 3781 53.79 -15.67 -64.19
CA ASP A 3781 53.09 -16.88 -64.61
C ASP A 3781 52.75 -16.87 -66.11
N GLN A 3782 53.32 -15.94 -66.87
CA GLN A 3782 53.10 -15.71 -68.30
C GLN A 3782 51.77 -15.05 -68.62
N GLU A 3783 50.94 -14.69 -67.64
CA GLU A 3783 49.70 -13.99 -67.87
C GLU A 3783 49.81 -12.61 -67.23
N ASN A 3784 49.33 -11.59 -67.95
CA ASN A 3784 49.26 -10.22 -67.44
C ASN A 3784 48.03 -10.07 -66.54
N ASP A 3785 48.20 -10.51 -65.30
CA ASP A 3785 47.13 -10.43 -64.31
C ASP A 3785 46.84 -8.99 -63.94
N CYS A 3786 47.88 -8.18 -63.78
CA CYS A 3786 47.74 -6.75 -63.61
C CYS A 3786 47.87 -6.14 -65.00
N GLY A 3787 46.97 -5.21 -65.32
CA GLY A 3787 46.84 -4.74 -66.69
C GLY A 3787 48.10 -4.14 -67.28
N ASP A 3788 48.97 -3.59 -66.44
CA ASP A 3788 50.22 -3.01 -66.95
C ASP A 3788 51.29 -4.06 -67.18
N ASN A 3789 50.97 -5.34 -67.04
CA ASN A 3789 51.93 -6.43 -67.16
C ASN A 3789 53.04 -6.35 -66.11
N SER A 3790 52.80 -5.60 -65.03
CA SER A 3790 53.81 -5.39 -64.00
C SER A 3790 54.05 -6.63 -63.16
N ASP A 3791 53.12 -7.59 -63.19
CA ASP A 3791 53.32 -8.85 -62.48
C ASP A 3791 54.34 -9.74 -63.17
N GLU A 3792 54.63 -9.51 -64.44
CA GLU A 3792 55.60 -10.28 -65.20
C GLU A 3792 56.94 -9.56 -65.33
N ARG A 3793 57.16 -8.54 -64.51
CA ARG A 3793 58.37 -7.71 -64.57
C ARG A 3793 59.54 -8.38 -63.88
N ASP A 3794 60.75 -8.14 -64.40
CA ASP A 3794 62.04 -8.50 -63.79
C ASP A 3794 62.21 -10.01 -63.53
N CYS A 3795 61.42 -10.85 -64.21
CA CYS A 3795 61.31 -12.26 -63.85
C CYS A 3795 62.64 -13.02 -63.92
N GLU A 3796 63.51 -12.68 -64.88
CA GLU A 3796 64.74 -13.46 -65.05
C GLU A 3796 65.66 -13.43 -63.84
N MET A 3797 65.68 -12.34 -63.08
CA MET A 3797 66.56 -12.29 -61.92
C MET A 3797 65.97 -12.96 -60.68
N LYS A 3798 64.66 -13.21 -60.68
CA LYS A 3798 64.01 -13.83 -59.54
C LYS A 3798 64.12 -15.35 -59.60
N THR A 3799 64.15 -15.96 -58.43
CA THR A 3799 64.03 -17.40 -58.24
C THR A 3799 62.56 -17.79 -58.29
N CYS A 3800 62.31 -19.09 -58.23
CA CYS A 3800 60.98 -19.66 -58.41
C CYS A 3800 60.50 -20.45 -57.19
N HIS A 3801 59.18 -20.57 -57.14
CA HIS A 3801 58.49 -21.28 -56.07
C HIS A 3801 58.97 -22.73 -56.01
N PRO A 3802 59.09 -23.33 -54.83
CA PRO A 3802 59.59 -24.73 -54.76
C PRO A 3802 58.80 -25.75 -55.55
N GLU A 3803 57.52 -25.52 -55.81
CA GLU A 3803 56.71 -26.43 -56.62
C GLU A 3803 56.87 -26.21 -58.11
N HIS A 3804 57.51 -25.13 -58.54
CA HIS A 3804 57.51 -24.69 -59.92
C HIS A 3804 58.90 -24.73 -60.54
N PHE A 3805 58.94 -25.20 -61.78
CA PHE A 3805 60.10 -25.12 -62.66
C PHE A 3805 60.22 -23.72 -63.27
N GLN A 3806 61.46 -23.30 -63.50
CA GLN A 3806 61.77 -22.01 -64.13
C GLN A 3806 62.20 -22.19 -65.57
N CYS A 3807 61.67 -21.36 -66.46
CA CYS A 3807 62.03 -21.37 -67.86
C CYS A 3807 63.19 -20.40 -68.08
N THR A 3808 63.90 -20.60 -69.19
CA THR A 3808 65.00 -19.70 -69.57
C THR A 3808 64.57 -18.24 -69.58
N SER A 3809 63.35 -17.97 -70.03
CA SER A 3809 62.80 -16.61 -70.04
C SER A 3809 62.51 -16.05 -68.65
N GLY A 3810 62.85 -16.76 -67.58
CA GLY A 3810 62.58 -16.34 -66.23
C GLY A 3810 61.21 -16.62 -65.69
N HIS A 3811 60.40 -17.40 -66.40
CA HIS A 3811 59.01 -17.63 -66.07
C HIS A 3811 58.88 -18.99 -65.42
N CYS A 3812 57.91 -19.12 -64.54
CA CYS A 3812 57.69 -20.30 -63.74
C CYS A 3812 56.54 -21.14 -64.29
N VAL A 3813 56.73 -22.45 -64.28
CA VAL A 3813 55.73 -23.41 -64.72
C VAL A 3813 55.72 -24.57 -63.73
N PRO A 3814 54.57 -25.18 -63.42
CA PRO A 3814 54.58 -26.31 -62.48
C PRO A 3814 55.53 -27.41 -62.93
N LYS A 3815 56.30 -27.93 -61.99
CA LYS A 3815 57.38 -28.85 -62.33
C LYS A 3815 56.87 -30.14 -62.93
N ALA A 3816 55.65 -30.56 -62.60
CA ALA A 3816 55.06 -31.74 -63.23
C ALA A 3816 54.89 -31.61 -64.73
N LEU A 3817 54.86 -30.38 -65.26
CA LEU A 3817 54.73 -30.13 -66.68
C LEU A 3817 56.06 -30.00 -67.41
N ALA A 3818 57.18 -30.10 -66.69
CA ALA A 3818 58.48 -30.26 -67.32
C ALA A 3818 58.63 -31.62 -67.97
N CYS A 3819 59.21 -31.63 -69.17
CA CYS A 3819 59.48 -32.86 -69.91
C CYS A 3819 58.24 -33.71 -70.18
N ASP A 3820 57.08 -33.08 -70.34
CA ASP A 3820 55.84 -33.83 -70.59
C ASP A 3820 55.57 -34.03 -72.07
N GLY A 3821 56.35 -33.39 -72.94
CA GLY A 3821 56.16 -33.41 -74.38
C GLY A 3821 55.47 -32.18 -74.93
N ARG A 3822 54.82 -31.39 -74.09
CA ARG A 3822 54.08 -30.20 -74.51
C ARG A 3822 54.84 -28.95 -74.11
N ALA A 3823 54.83 -27.96 -75.00
CA ALA A 3823 55.49 -26.70 -74.71
C ALA A 3823 54.66 -25.86 -73.74
N ASP A 3824 54.93 -25.98 -72.44
CA ASP A 3824 54.25 -25.16 -71.46
C ASP A 3824 54.96 -23.82 -71.25
N CYS A 3825 56.28 -23.80 -71.37
CA CYS A 3825 57.00 -22.54 -71.44
C CYS A 3825 56.81 -21.97 -72.83
N LEU A 3826 56.64 -20.66 -72.91
CA LEU A 3826 56.54 -20.03 -74.22
C LEU A 3826 57.83 -20.20 -75.02
N ASP A 3827 58.96 -20.47 -74.35
CA ASP A 3827 60.24 -20.69 -74.98
C ASP A 3827 60.57 -22.19 -75.16
N ALA A 3828 59.63 -23.07 -74.85
CA ALA A 3828 59.84 -24.52 -74.87
C ALA A 3828 61.02 -25.05 -74.06
N SER A 3829 61.58 -24.23 -73.16
CA SER A 3829 62.72 -24.69 -72.38
C SER A 3829 62.36 -25.80 -71.39
N ASP A 3830 61.07 -25.99 -71.11
CA ASP A 3830 60.63 -27.11 -70.29
C ASP A 3830 60.82 -28.46 -70.97
N GLU A 3831 60.89 -28.48 -72.31
CA GLU A 3831 60.99 -29.69 -73.09
C GLU A 3831 62.33 -29.84 -73.79
N SER A 3832 62.99 -28.73 -74.06
CA SER A 3832 64.25 -28.71 -74.82
C SER A 3832 65.35 -29.57 -74.24
N ALA A 3833 65.35 -29.84 -72.94
CA ALA A 3833 66.51 -30.25 -72.18
C ALA A 3833 66.53 -31.66 -71.60
N CYS A 3834 65.40 -32.32 -71.38
CA CYS A 3834 65.39 -33.50 -70.53
C CYS A 3834 65.88 -34.77 -71.26
N PRO A 3835 66.15 -35.85 -70.50
CA PRO A 3835 66.67 -37.09 -71.10
C PRO A 3835 65.80 -37.79 -72.14
N THR A 3836 66.48 -38.68 -72.87
CA THR A 3836 65.87 -39.56 -73.86
C THR A 3836 64.74 -40.36 -73.23
N ARG A 3837 63.68 -40.56 -74.00
CA ARG A 3837 62.42 -41.13 -73.53
C ARG A 3837 62.18 -42.57 -73.95
N PHE A 3838 62.73 -43.03 -75.07
CA PHE A 3838 62.49 -44.36 -75.62
C PHE A 3838 63.78 -44.99 -76.11
N PRO A 3839 63.89 -46.33 -76.09
CA PRO A 3839 65.04 -46.99 -76.74
C PRO A 3839 65.18 -46.64 -78.21
N ASN A 3840 64.08 -46.33 -78.90
CA ASN A 3840 64.14 -45.80 -80.26
C ASN A 3840 65.17 -44.69 -80.37
N GLY A 3841 65.36 -43.92 -79.31
CA GLY A 3841 66.08 -42.68 -79.23
C GLY A 3841 65.25 -41.47 -79.57
N THR A 3842 63.98 -41.65 -79.92
CA THR A 3842 63.08 -40.55 -80.17
C THR A 3842 62.66 -39.92 -78.84
N TYR A 3843 62.10 -38.72 -78.94
CA TYR A 3843 61.44 -38.03 -77.84
C TYR A 3843 59.92 -38.03 -77.95
N CYS A 3844 59.36 -38.67 -78.97
CA CYS A 3844 57.96 -38.61 -79.32
C CYS A 3844 57.59 -39.91 -80.02
N PRO A 3845 56.41 -40.48 -79.74
CA PRO A 3845 55.97 -41.67 -80.47
C PRO A 3845 55.65 -41.37 -81.93
N ALA A 3846 55.82 -42.40 -82.76
CA ALA A 3846 55.55 -42.27 -84.19
C ALA A 3846 54.10 -41.95 -84.49
N ALA A 3847 53.18 -42.22 -83.58
CA ALA A 3847 51.80 -41.78 -83.74
C ALA A 3847 51.71 -40.26 -83.85
N MET A 3848 52.69 -39.55 -83.33
CA MET A 3848 52.76 -38.10 -83.27
C MET A 3848 53.97 -37.63 -84.08
N PHE A 3849 54.20 -36.31 -84.05
CA PHE A 3849 55.27 -35.62 -84.74
C PHE A 3849 56.23 -35.01 -83.74
N GLU A 3850 57.50 -34.96 -84.11
CA GLU A 3850 58.60 -34.53 -83.25
C GLU A 3850 59.32 -33.34 -83.88
N CYS A 3851 59.60 -32.33 -83.07
CA CYS A 3851 60.30 -31.14 -83.53
C CYS A 3851 61.51 -30.85 -82.64
N LYS A 3852 62.55 -30.31 -83.29
CA LYS A 3852 63.88 -30.07 -82.71
C LYS A 3852 63.85 -29.40 -81.35
N ASN A 3853 62.78 -28.70 -81.00
CA ASN A 3853 62.56 -28.28 -79.63
C ASN A 3853 62.35 -29.49 -78.71
N HIS A 3854 62.47 -30.72 -79.23
CA HIS A 3854 62.16 -31.96 -78.53
C HIS A 3854 60.71 -31.98 -78.09
N VAL A 3855 59.87 -31.24 -78.79
CA VAL A 3855 58.45 -31.16 -78.48
C VAL A 3855 57.72 -32.16 -79.34
N CYS A 3856 56.67 -32.74 -78.75
CA CYS A 3856 55.85 -33.78 -79.37
C CYS A 3856 54.47 -33.21 -79.63
N ILE A 3857 54.01 -33.32 -80.87
CA ILE A 3857 52.85 -32.61 -81.40
C ILE A 3857 51.94 -33.54 -82.20
N GLN A 3858 50.64 -33.31 -82.11
CA GLN A 3858 49.66 -33.98 -82.95
C GLN A 3858 50.06 -33.93 -84.42
N SER A 3859 50.10 -35.10 -85.06
CA SER A 3859 50.57 -35.21 -86.44
C SER A 3859 49.83 -34.27 -87.40
N PHE A 3860 48.50 -34.19 -87.28
CA PHE A 3860 47.74 -33.35 -88.21
C PHE A 3860 48.16 -31.88 -88.15
N TRP A 3861 48.72 -31.42 -87.03
CA TRP A 3861 49.15 -30.03 -86.92
C TRP A 3861 50.26 -29.67 -87.90
N ILE A 3862 51.00 -30.65 -88.43
CA ILE A 3862 52.09 -30.34 -89.34
C ILE A 3862 51.55 -29.58 -90.55
N CYS A 3863 52.04 -28.35 -90.71
CA CYS A 3863 51.69 -27.45 -91.81
C CYS A 3863 50.23 -27.03 -91.82
N ASP A 3864 49.84 -26.32 -90.76
CA ASP A 3864 48.58 -25.62 -90.72
C ASP A 3864 48.77 -24.33 -89.92
N GLY A 3865 48.57 -23.20 -90.59
CA GLY A 3865 48.62 -21.89 -89.96
C GLY A 3865 49.81 -21.63 -89.06
N GLU A 3866 49.52 -21.40 -87.78
CA GLU A 3866 50.55 -21.12 -86.80
C GLU A 3866 51.51 -22.30 -86.64
N ASN A 3867 52.76 -21.98 -86.35
CA ASN A 3867 53.77 -22.95 -85.98
C ASN A 3867 53.48 -23.49 -84.58
N ASP A 3868 52.79 -24.62 -84.51
CA ASP A 3868 52.44 -25.23 -83.23
C ASP A 3868 53.66 -25.62 -82.41
N CYS A 3869 54.82 -25.73 -83.05
CA CYS A 3869 56.08 -25.96 -82.35
C CYS A 3869 56.69 -24.58 -82.23
N VAL A 3870 57.15 -24.24 -81.02
CA VAL A 3870 57.47 -22.86 -80.66
C VAL A 3870 58.33 -22.20 -81.73
N ASP A 3871 59.37 -22.89 -82.17
CA ASP A 3871 60.12 -22.53 -83.36
C ASP A 3871 60.56 -23.72 -84.21
N GLY A 3872 60.34 -24.95 -83.77
CA GLY A 3872 60.88 -26.11 -84.46
C GLY A 3872 60.28 -26.59 -85.75
N SER A 3873 60.32 -25.72 -86.75
CA SER A 3873 60.12 -26.05 -88.15
C SER A 3873 58.74 -26.61 -88.46
N ASP A 3874 57.71 -26.17 -87.76
CA ASP A 3874 56.37 -26.36 -88.25
C ASP A 3874 56.16 -25.47 -89.48
N GLU A 3875 55.22 -25.85 -90.34
CA GLU A 3875 54.84 -25.12 -91.54
C GLU A 3875 55.92 -25.13 -92.62
N GLU A 3876 57.02 -25.84 -92.42
CA GLU A 3876 58.04 -25.96 -93.44
C GLU A 3876 57.51 -26.71 -94.64
N ILE A 3877 57.91 -26.26 -95.83
CA ILE A 3877 57.39 -26.83 -97.06
C ILE A 3877 57.76 -28.30 -97.19
N HIS A 3878 58.91 -28.72 -96.64
CA HIS A 3878 59.25 -30.14 -96.75
C HIS A 3878 58.36 -31.04 -95.90
N LEU A 3879 57.56 -30.47 -94.99
CA LEU A 3879 56.47 -31.16 -94.31
C LEU A 3879 55.19 -31.05 -95.10
N CYS A 3880 54.94 -29.86 -95.65
CA CYS A 3880 53.70 -29.55 -96.34
C CYS A 3880 53.54 -30.42 -97.59
N CYS A 3993 10.19 -12.17 -112.47
CA CYS A 3993 10.74 -10.95 -113.05
C CYS A 3993 12.23 -11.11 -113.28
N ARG A 3994 12.76 -10.33 -114.22
CA ARG A 3994 14.19 -10.33 -114.46
C ARG A 3994 14.90 -9.50 -113.39
N PRO A 3995 16.21 -9.64 -113.24
CA PRO A 3995 16.93 -8.84 -112.24
C PRO A 3995 16.78 -7.35 -112.51
N GLY A 3996 16.83 -6.57 -111.42
CA GLY A 3996 16.57 -5.16 -111.48
C GLY A 3996 15.11 -4.78 -111.33
N PHE A 3997 14.23 -5.75 -111.09
CA PHE A 3997 12.81 -5.53 -110.92
C PHE A 3997 12.32 -6.30 -109.71
N LYS A 3998 11.29 -5.76 -109.06
CA LYS A 3998 10.69 -6.32 -107.86
C LYS A 3998 9.17 -6.41 -108.03
N PRO A 3999 8.51 -7.40 -107.40
CA PRO A 3999 7.06 -7.50 -107.57
C PRO A 3999 6.32 -6.28 -107.04
N SER A 4000 5.22 -5.95 -107.72
CA SER A 4000 4.37 -4.83 -107.33
C SER A 4000 3.47 -5.20 -106.16
N THR A 4001 3.22 -4.21 -105.29
CA THR A 4001 2.22 -4.38 -104.25
C THR A 4001 0.80 -4.27 -104.81
N LEU A 4002 0.62 -3.47 -105.87
CA LEU A 4002 -0.69 -3.31 -106.47
C LEU A 4002 -1.14 -4.59 -107.17
N ASP A 4003 -0.20 -5.34 -107.73
CA ASP A 4003 -0.49 -6.62 -108.37
C ASP A 4003 0.77 -7.45 -108.26
N LYS A 4004 0.76 -8.44 -107.37
CA LYS A 4004 1.93 -9.27 -107.14
C LYS A 4004 2.32 -10.11 -108.35
N ASN A 4005 1.50 -10.13 -109.40
CA ASN A 4005 1.80 -10.80 -110.65
C ASN A 4005 2.59 -9.93 -111.61
N SER A 4006 3.01 -8.73 -111.19
CA SER A 4006 3.65 -7.75 -112.07
C SER A 4006 4.92 -7.23 -111.43
N CYS A 4007 5.76 -6.59 -112.25
CA CYS A 4007 7.13 -6.24 -111.92
C CYS A 4007 7.36 -4.73 -112.10
N GLN A 4008 8.06 -4.13 -111.14
CA GLN A 4008 8.34 -2.71 -111.09
C GLN A 4008 9.84 -2.50 -110.94
N ASP A 4009 10.29 -1.27 -111.16
CA ASP A 4009 11.70 -0.94 -111.15
C ASP A 4009 12.13 -0.34 -109.81
N ILE A 4010 13.16 -0.93 -109.21
CA ILE A 4010 13.74 -0.40 -107.98
C ILE A 4010 14.54 0.85 -108.31
N ASN A 4011 14.36 1.89 -107.51
CA ASN A 4011 15.19 3.09 -107.59
C ASN A 4011 16.47 2.79 -106.83
N GLU A 4012 17.48 2.30 -107.55
CA GLU A 4012 18.75 1.97 -106.92
C GLU A 4012 19.44 3.18 -106.34
N CYS A 4013 19.12 4.38 -106.82
CA CYS A 4013 19.73 5.59 -106.28
C CYS A 4013 19.29 5.89 -104.86
N GLU A 4014 18.25 5.23 -104.36
CA GLU A 4014 17.80 5.44 -102.99
C GLU A 4014 18.60 4.65 -101.97
N GLU A 4015 19.50 3.77 -102.42
CA GLU A 4015 20.37 3.04 -101.51
C GLU A 4015 21.54 3.93 -101.09
N PHE A 4016 21.95 3.80 -99.83
CA PHE A 4016 23.03 4.62 -99.30
C PHE A 4016 24.37 4.07 -99.75
N GLY A 4017 25.24 4.97 -100.22
CA GLY A 4017 26.57 4.58 -100.65
C GLY A 4017 26.62 3.84 -101.96
N ILE A 4018 25.57 3.93 -102.78
CA ILE A 4018 25.56 3.21 -104.05
C ILE A 4018 26.65 3.76 -104.97
N CYS A 4019 26.89 5.06 -104.93
CA CYS A 4019 27.84 5.70 -105.84
C CYS A 4019 28.47 6.89 -105.13
N PRO A 4020 29.62 7.38 -105.64
CA PRO A 4020 30.28 8.50 -104.98
C PRO A 4020 29.53 9.83 -104.99
N GLN A 4021 29.14 10.35 -106.16
CA GLN A 4021 28.54 11.67 -106.26
C GLN A 4021 27.08 11.69 -106.71
N SER A 4022 26.75 11.19 -107.90
CA SER A 4022 25.37 11.30 -108.39
C SER A 4022 24.93 10.03 -109.09
N CYS A 4023 23.64 9.74 -108.95
CA CYS A 4023 23.03 8.53 -109.46
C CYS A 4023 21.80 8.91 -110.29
N ARG A 4024 21.55 8.10 -111.32
CA ARG A 4024 20.49 8.32 -112.29
C ARG A 4024 19.74 7.01 -112.46
N ASN A 4025 18.44 7.03 -112.19
CA ASN A 4025 17.64 5.82 -112.27
C ASN A 4025 17.30 5.50 -113.72
N SER A 4026 17.24 4.21 -114.01
CA SER A 4026 16.79 3.69 -115.29
C SER A 4026 15.86 2.52 -115.02
N LYS A 4027 14.93 2.29 -115.94
CA LYS A 4027 13.97 1.22 -115.76
C LYS A 4027 14.70 -0.12 -115.93
N GLY A 4028 15.07 -0.73 -114.80
CA GLY A 4028 15.82 -1.97 -114.79
C GLY A 4028 17.30 -1.83 -114.55
N SER A 4029 17.80 -0.61 -114.35
CA SER A 4029 19.23 -0.38 -114.19
C SER A 4029 19.43 0.97 -113.52
N TYR A 4030 20.70 1.29 -113.24
CA TYR A 4030 21.09 2.61 -112.79
C TYR A 4030 22.39 3.01 -113.47
N GLU A 4031 22.64 4.32 -113.50
CA GLU A 4031 23.86 4.89 -114.01
C GLU A 4031 24.38 5.85 -112.95
N CYS A 4032 25.68 6.11 -112.96
CA CYS A 4032 26.26 7.00 -111.97
C CYS A 4032 27.27 7.94 -112.61
N PHE A 4033 27.31 9.18 -112.12
CA PHE A 4033 28.19 10.18 -112.68
C PHE A 4033 28.68 11.16 -111.62
N CYS A 4034 29.84 11.74 -111.91
CA CYS A 4034 30.42 12.83 -111.14
C CYS A 4034 29.97 14.15 -111.77
N VAL A 4035 29.72 15.14 -110.93
CA VAL A 4035 29.23 16.45 -111.38
C VAL A 4035 30.36 17.29 -111.96
N ASP A 4036 29.99 18.43 -112.55
CA ASP A 4036 30.96 19.33 -113.16
C ASP A 4036 32.09 19.67 -112.19
N GLY A 4037 33.29 19.73 -112.74
CA GLY A 4037 34.49 19.93 -111.96
C GLY A 4037 35.14 18.65 -111.50
N PHE A 4038 34.48 17.51 -111.72
CA PHE A 4038 34.97 16.21 -111.29
C PHE A 4038 35.05 15.27 -112.49
N LYS A 4039 35.92 14.27 -112.35
CA LYS A 4039 36.19 13.26 -113.36
C LYS A 4039 36.12 11.89 -112.70
N SER A 4040 35.94 10.86 -113.51
CA SER A 4040 35.78 9.50 -113.02
C SER A 4040 37.00 8.67 -113.41
N MET A 4041 37.48 7.87 -112.46
CA MET A 4041 38.69 7.08 -112.62
C MET A 4041 38.49 5.69 -112.04
N SER A 4042 39.08 4.69 -112.68
CA SER A 4042 39.00 3.33 -112.20
C SER A 4042 39.86 3.13 -110.95
N THR A 4043 39.43 2.23 -110.08
CA THR A 4043 40.15 1.94 -108.84
C THR A 4043 39.66 0.58 -108.37
N HIS A 4044 40.42 -0.04 -107.47
CA HIS A 4044 40.09 -1.39 -107.00
C HIS A 4044 38.67 -1.49 -106.46
N TYR A 4045 38.16 -0.43 -105.85
CA TYR A 4045 36.82 -0.42 -105.26
C TYR A 4045 35.77 0.14 -106.21
N GLY A 4046 36.08 0.28 -107.50
CA GLY A 4046 35.17 0.82 -108.49
C GLY A 4046 35.53 2.20 -108.99
N GLU A 4047 34.53 2.98 -109.39
CA GLU A 4047 34.76 4.31 -109.91
C GLU A 4047 34.95 5.32 -108.78
N ARG A 4048 36.00 6.12 -108.89
CA ARG A 4048 36.24 7.29 -108.08
C ARG A 4048 35.57 8.50 -108.69
N CYS A 4049 35.54 9.59 -107.94
CA CYS A 4049 35.30 10.94 -108.42
C CYS A 4049 36.47 11.77 -107.91
N ALA A 4050 37.21 12.37 -108.82
CA ALA A 4050 38.42 13.12 -108.52
C ALA A 4050 38.28 14.51 -109.10
N ALA A 4051 38.84 15.49 -108.40
CA ALA A 4051 38.50 16.88 -108.60
C ALA A 4051 39.60 17.63 -109.33
N ASP A 4052 39.17 18.54 -110.20
CA ASP A 4052 40.05 19.41 -110.95
C ASP A 4052 40.69 20.43 -110.02
N GLY A 4053 41.72 21.10 -110.54
CA GLY A 4053 42.37 22.15 -109.77
C GLY A 4053 43.52 21.64 -108.96
N SER A 4054 44.19 22.58 -108.30
CA SER A 4054 45.33 22.23 -107.48
C SER A 4054 44.87 21.29 -106.37
N PRO A 4055 45.69 20.33 -105.96
CA PRO A 4055 45.21 19.29 -105.07
C PRO A 4055 44.78 19.86 -103.72
N PRO A 4056 43.91 19.15 -103.00
CA PRO A 4056 43.40 19.68 -101.74
C PRO A 4056 44.50 19.84 -100.70
N LEU A 4057 44.23 20.71 -99.73
CA LEU A 4057 45.09 20.89 -98.58
C LEU A 4057 44.25 20.77 -97.31
N LEU A 4058 44.94 20.51 -96.20
CA LEU A 4058 44.32 20.48 -94.89
C LEU A 4058 44.82 21.66 -94.07
N LEU A 4059 43.92 22.30 -93.36
CA LEU A 4059 44.21 23.41 -92.47
C LEU A 4059 44.01 22.90 -91.06
N LEU A 4060 45.01 23.11 -90.21
CA LEU A 4060 45.04 22.57 -88.86
C LEU A 4060 45.35 23.72 -87.90
N PRO A 4061 44.39 24.15 -87.06
CA PRO A 4061 44.71 25.15 -86.04
C PRO A 4061 45.21 24.53 -84.75
N GLU A 4062 46.45 24.82 -84.38
CA GLU A 4062 46.95 24.53 -83.06
C GLU A 4062 46.62 25.71 -82.17
N ASN A 4063 47.06 25.65 -80.91
CA ASN A 4063 46.70 26.71 -79.98
C ASN A 4063 47.40 28.02 -80.35
N VAL A 4064 48.62 27.93 -80.87
CA VAL A 4064 49.43 29.10 -81.16
C VAL A 4064 49.72 29.26 -82.65
N ARG A 4065 49.33 28.31 -83.49
CA ARG A 4065 49.66 28.39 -84.90
C ARG A 4065 48.59 27.70 -85.71
N ILE A 4066 48.49 28.12 -86.97
CA ILE A 4066 47.71 27.46 -88.00
C ILE A 4066 48.72 26.93 -88.99
N ARG A 4067 48.56 25.67 -89.39
CA ARG A 4067 49.54 24.98 -90.20
C ARG A 4067 48.81 24.26 -91.32
N LYS A 4068 49.50 24.13 -92.46
CA LYS A 4068 48.91 23.54 -93.64
C LYS A 4068 49.59 22.22 -93.96
N TYR A 4069 48.82 21.27 -94.45
CA TYR A 4069 49.32 19.97 -94.87
C TYR A 4069 48.84 19.72 -96.28
N ASN A 4070 49.71 19.11 -97.08
CA ASN A 4070 49.46 18.87 -98.48
C ASN A 4070 49.45 17.36 -98.68
N ILE A 4071 48.25 16.84 -98.98
CA ILE A 4071 47.98 15.42 -99.15
C ILE A 4071 48.72 14.87 -100.36
N SER A 4072 48.89 15.69 -101.39
CA SER A 4072 49.59 15.24 -102.59
C SER A 4072 51.06 15.05 -102.31
N SER A 4073 51.69 16.06 -101.75
CA SER A 4073 53.12 16.01 -101.44
C SER A 4073 53.38 15.41 -100.07
N GLU A 4074 52.34 15.19 -99.26
CA GLU A 4074 52.49 14.60 -97.94
C GLU A 4074 53.45 15.44 -97.11
N LYS A 4075 53.27 16.76 -97.16
CA LYS A 4075 54.20 17.66 -96.50
C LYS A 4075 53.50 18.83 -95.81
N PHE A 4076 54.24 19.48 -94.93
CA PHE A 4076 53.75 20.56 -94.08
C PHE A 4076 54.30 21.91 -94.54
N SER A 4077 53.49 22.95 -94.31
CA SER A 4077 53.88 24.32 -94.61
C SER A 4077 53.34 25.24 -93.52
N GLU A 4078 54.02 26.38 -93.38
CA GLU A 4078 53.88 27.31 -92.28
C GLU A 4078 53.10 28.54 -92.76
N TYR A 4079 52.01 28.85 -92.07
CA TYR A 4079 51.08 29.91 -92.47
C TYR A 4079 50.98 31.03 -91.45
N LEU A 4080 50.64 30.75 -90.20
CA LEU A 4080 50.35 31.77 -89.20
C LEU A 4080 50.91 31.34 -87.85
N GLU A 4081 51.59 32.25 -87.16
CA GLU A 4081 52.23 31.94 -85.91
C GLU A 4081 52.21 33.14 -84.98
N GLU A 4082 52.61 32.88 -83.72
CA GLU A 4082 52.68 33.86 -82.63
C GLU A 4082 51.31 34.31 -82.16
N GLU A 4083 50.29 33.47 -82.31
CA GLU A 4083 48.97 33.69 -81.75
C GLU A 4083 48.84 32.82 -80.50
N GLU A 4084 47.71 32.96 -79.80
CA GLU A 4084 47.35 32.05 -78.72
C GLU A 4084 45.86 31.79 -78.74
N HIS A 4085 45.49 30.61 -78.28
CA HIS A 4085 44.10 30.23 -78.00
C HIS A 4085 43.21 30.22 -79.24
N ILE A 4086 43.76 29.81 -80.38
CA ILE A 4086 42.94 29.64 -81.57
C ILE A 4086 42.04 28.42 -81.36
N GLN A 4087 40.78 28.53 -81.82
CA GLN A 4087 39.82 27.45 -81.67
C GLN A 4087 39.23 26.95 -82.99
N ALA A 4088 38.72 27.83 -83.85
CA ALA A 4088 37.98 27.45 -85.04
C ALA A 4088 38.45 28.21 -86.26
N ILE A 4089 38.29 27.59 -87.43
CA ILE A 4089 38.72 28.08 -88.74
C ILE A 4089 37.59 27.91 -89.75
N ASP A 4090 37.52 28.85 -90.70
CA ASP A 4090 36.72 28.75 -91.92
C ASP A 4090 37.33 29.67 -92.95
N TYR A 4091 37.13 29.33 -94.24
CA TYR A 4091 37.77 30.05 -95.34
C TYR A 4091 36.79 30.47 -96.42
N ASP A 4092 37.22 31.49 -97.17
CA ASP A 4092 36.52 32.02 -98.33
C ASP A 4092 37.54 31.97 -99.46
N TRP A 4093 37.16 31.40 -100.60
CA TRP A 4093 38.13 30.98 -101.61
C TRP A 4093 38.68 32.15 -102.44
N ASP A 4094 37.82 32.94 -103.06
CA ASP A 4094 38.26 34.04 -103.93
C ASP A 4094 37.38 35.26 -103.71
N PRO A 4095 37.48 35.90 -102.55
CA PRO A 4095 36.65 37.08 -102.29
C PRO A 4095 37.01 38.30 -103.12
N GLU A 4096 38.21 38.37 -103.71
CA GLU A 4096 38.65 39.56 -104.42
C GLU A 4096 39.29 39.24 -105.77
N GLY A 4097 39.16 38.02 -106.28
CA GLY A 4097 39.65 37.70 -107.61
C GLY A 4097 41.13 37.41 -107.71
N ILE A 4098 41.95 38.03 -106.86
CA ILE A 4098 43.38 37.73 -106.83
C ILE A 4098 43.56 36.31 -106.31
N GLY A 4099 44.78 35.79 -106.43
CA GLY A 4099 45.05 34.40 -106.12
C GLY A 4099 45.23 34.08 -104.64
N LEU A 4100 44.67 34.89 -103.75
CA LEU A 4100 44.76 34.66 -102.32
C LEU A 4100 43.36 34.44 -101.77
N SER A 4101 43.17 33.32 -101.08
CA SER A 4101 41.98 33.08 -100.29
C SER A 4101 42.03 33.93 -99.04
N VAL A 4102 40.95 33.90 -98.26
CA VAL A 4102 40.87 34.61 -96.99
C VAL A 4102 40.46 33.60 -95.94
N VAL A 4103 40.99 33.76 -94.73
CA VAL A 4103 40.80 32.82 -93.65
C VAL A 4103 40.29 33.56 -92.42
N TYR A 4104 39.33 32.96 -91.72
CA TYR A 4104 38.70 33.50 -90.54
C TYR A 4104 38.92 32.51 -89.43
N TYR A 4105 39.36 33.00 -88.27
CA TYR A 4105 39.61 32.12 -87.14
C TYR A 4105 39.26 32.83 -85.85
N THR A 4106 38.89 32.03 -84.86
CA THR A 4106 38.40 32.52 -83.58
C THR A 4106 39.42 32.29 -82.47
N VAL A 4107 39.42 33.20 -81.49
CA VAL A 4107 40.37 33.20 -80.39
C VAL A 4107 39.58 33.27 -79.09
N LEU A 4108 39.89 32.37 -78.16
CA LEU A 4108 39.20 32.29 -76.89
C LEU A 4108 39.69 33.38 -75.93
N SER A 4109 38.84 33.70 -74.96
CA SER A 4109 39.20 34.65 -73.92
C SER A 4109 40.28 34.05 -73.03
N GLN A 4110 41.33 34.83 -72.77
CA GLN A 4110 42.46 34.36 -71.98
C GLN A 4110 42.29 34.60 -70.49
N GLY A 4111 41.37 35.49 -70.10
CA GLY A 4111 41.26 35.98 -68.75
C GLY A 4111 40.32 37.16 -68.75
N SER A 4112 40.76 38.27 -68.15
CA SER A 4112 40.00 39.50 -68.24
C SER A 4112 39.87 39.99 -69.68
N GLN A 4113 40.80 39.60 -70.54
CA GLN A 4113 40.78 40.00 -71.94
C GLN A 4113 39.79 39.13 -72.70
N PHE A 4114 39.00 39.77 -73.57
CA PHE A 4114 37.97 39.07 -74.33
C PHE A 4114 38.56 38.41 -75.57
N GLY A 4115 37.79 37.51 -76.15
CA GLY A 4115 38.19 36.81 -77.36
C GLY A 4115 38.03 37.68 -78.58
N ALA A 4116 38.27 37.06 -79.74
CA ALA A 4116 38.28 37.79 -81.00
C ALA A 4116 37.93 36.88 -82.15
N ILE A 4117 37.55 37.50 -83.26
CA ILE A 4117 37.45 36.87 -84.57
C ILE A 4117 38.39 37.66 -85.47
N LYS A 4118 39.24 36.93 -86.19
CA LYS A 4118 40.34 37.48 -86.94
C LYS A 4118 40.28 37.01 -88.38
N ARG A 4119 40.99 37.73 -89.22
CA ARG A 4119 40.88 37.72 -90.66
C ARG A 4119 42.28 37.80 -91.24
N ALA A 4120 42.57 36.91 -92.19
CA ALA A 4120 43.91 36.78 -92.75
C ALA A 4120 43.81 36.29 -94.19
N TYR A 4121 44.88 36.53 -94.93
CA TYR A 4121 45.00 36.12 -96.33
C TYR A 4121 45.76 34.81 -96.42
N LEU A 4122 45.23 33.86 -97.20
CA LEU A 4122 45.86 32.56 -97.40
C LEU A 4122 46.18 32.39 -98.87
N PRO A 4123 47.46 32.34 -99.27
CA PRO A 4123 47.78 32.09 -100.68
C PRO A 4123 47.21 30.77 -101.19
N ASP A 4124 46.60 30.83 -102.37
CA ASP A 4124 46.19 29.61 -103.06
C ASP A 4124 47.40 28.83 -103.55
N PHE A 4125 48.50 29.52 -103.84
CA PHE A 4125 49.71 28.93 -104.40
C PHE A 4125 50.67 28.50 -103.30
N GLU A 4126 51.69 27.74 -103.70
CA GLU A 4126 52.69 27.25 -102.77
C GLU A 4126 53.40 28.42 -102.10
N SER A 4127 53.51 28.36 -100.78
CA SER A 4127 54.13 29.44 -100.01
C SER A 4127 54.42 28.92 -98.61
N GLY A 4128 55.21 29.68 -97.88
CA GLY A 4128 55.55 29.35 -96.50
C GLY A 4128 55.85 30.61 -95.73
N SER A 4129 56.90 30.56 -94.91
CA SER A 4129 57.29 31.73 -94.12
C SER A 4129 57.91 32.84 -94.97
N ASN A 4130 58.07 32.63 -96.27
CA ASN A 4130 58.55 33.69 -97.15
C ASN A 4130 57.50 34.78 -97.37
N ASN A 4131 56.23 34.47 -97.16
CA ASN A 4131 55.13 35.42 -97.29
C ASN A 4131 54.48 35.60 -95.92
N PRO A 4132 55.09 36.41 -95.04
CA PRO A 4132 54.49 36.60 -93.71
C PRO A 4132 53.09 37.14 -93.80
N VAL A 4133 52.26 36.73 -92.85
CA VAL A 4133 50.84 37.06 -92.82
C VAL A 4133 50.57 38.11 -91.76
N ARG A 4134 49.84 39.15 -92.14
CA ARG A 4134 49.30 40.12 -91.21
C ARG A 4134 47.89 39.68 -90.80
N GLU A 4135 47.45 40.20 -89.66
CA GLU A 4135 46.14 39.88 -89.12
C GLU A 4135 45.28 41.14 -89.04
N VAL A 4136 43.98 40.93 -89.19
CA VAL A 4136 42.97 41.97 -89.01
C VAL A 4136 41.95 41.40 -88.04
N ASP A 4137 41.36 42.27 -87.23
CA ASP A 4137 40.44 41.87 -86.18
C ASP A 4137 39.09 42.50 -86.49
N LEU A 4138 38.03 41.69 -86.51
CA LEU A 4138 36.74 42.21 -86.92
C LEU A 4138 36.15 43.20 -85.94
N GLY A 4139 36.72 43.33 -84.75
CA GLY A 4139 36.19 44.29 -83.78
C GLY A 4139 34.95 43.83 -83.06
N LEU A 4140 34.61 42.54 -83.12
CA LEU A 4140 33.43 42.03 -82.45
C LEU A 4140 33.75 41.87 -80.97
N LYS A 4141 33.17 42.73 -80.15
CA LYS A 4141 33.47 42.79 -78.73
C LYS A 4141 32.70 41.72 -77.95
N TYR A 4142 33.19 41.45 -76.75
CA TYR A 4142 32.53 40.67 -75.71
C TYR A 4142 32.52 39.17 -75.97
N LEU A 4143 33.38 38.66 -76.85
CA LEU A 4143 33.40 37.23 -77.10
C LEU A 4143 34.10 36.51 -75.96
N MET A 4144 33.55 35.36 -75.57
CA MET A 4144 34.07 34.56 -74.46
C MET A 4144 34.66 33.24 -74.92
N GLN A 4145 33.87 32.41 -75.59
CA GLN A 4145 34.30 31.08 -76.06
C GLN A 4145 33.69 30.85 -77.43
N PRO A 4146 34.15 31.59 -78.43
CA PRO A 4146 33.60 31.43 -79.79
C PRO A 4146 34.13 30.18 -80.47
N ASP A 4147 33.61 29.04 -80.03
CA ASP A 4147 34.08 27.73 -80.46
C ASP A 4147 33.31 27.20 -81.65
N GLY A 4148 32.49 28.03 -82.29
CA GLY A 4148 31.85 27.59 -83.52
C GLY A 4148 31.83 28.70 -84.54
N LEU A 4149 32.37 28.44 -85.74
CA LEU A 4149 32.48 29.45 -86.77
C LEU A 4149 32.08 28.85 -88.11
N ALA A 4150 31.34 29.63 -88.89
CA ALA A 4150 30.94 29.27 -90.24
C ALA A 4150 30.95 30.53 -91.09
N VAL A 4151 31.16 30.36 -92.39
CA VAL A 4151 31.22 31.46 -93.33
C VAL A 4151 30.25 31.20 -94.46
N ASP A 4152 29.52 32.24 -94.85
CA ASP A 4152 28.54 32.18 -95.91
C ASP A 4152 29.08 33.03 -97.04
N TRP A 4153 29.33 32.38 -98.17
CA TRP A 4153 29.99 32.95 -99.33
C TRP A 4153 29.01 33.51 -100.36
N VAL A 4154 27.73 33.17 -100.24
CA VAL A 4154 26.72 33.71 -101.13
C VAL A 4154 26.18 35.03 -100.59
N GLY A 4155 25.80 35.03 -99.32
CA GLY A 4155 25.33 36.24 -98.67
C GLY A 4155 26.42 37.14 -98.14
N ARG A 4156 27.66 36.67 -98.12
CA ARG A 4156 28.80 37.45 -97.63
C ARG A 4156 28.63 37.75 -96.14
N HIS A 4157 28.48 36.69 -95.36
CA HIS A 4157 28.24 36.80 -93.93
C HIS A 4157 29.12 35.82 -93.16
N ILE A 4158 29.27 36.07 -91.86
CA ILE A 4158 29.98 35.17 -90.96
C ILE A 4158 29.04 34.86 -89.80
N TYR A 4159 28.98 33.58 -89.44
CA TYR A 4159 28.09 33.07 -88.40
C TYR A 4159 28.96 32.47 -87.31
N TRP A 4160 28.62 32.72 -86.05
CA TRP A 4160 29.39 32.10 -84.99
C TRP A 4160 28.56 31.81 -83.77
N SER A 4161 29.02 30.80 -83.04
CA SER A 4161 28.41 30.31 -81.81
C SER A 4161 29.44 30.41 -80.69
N ASP A 4162 28.95 30.88 -79.53
CA ASP A 4162 29.73 31.07 -78.32
C ASP A 4162 29.04 30.31 -77.19
N ALA A 4163 29.79 29.43 -76.53
CA ALA A 4163 29.22 28.57 -75.51
C ALA A 4163 28.84 29.31 -74.23
N LYS A 4164 29.47 30.45 -73.95
CA LYS A 4164 29.23 31.15 -72.68
C LYS A 4164 28.34 32.37 -72.81
N SER A 4165 28.11 32.87 -74.01
CA SER A 4165 27.05 33.85 -74.25
C SER A 4165 25.73 33.15 -74.52
N GLN A 4166 25.79 31.92 -75.02
CA GLN A 4166 24.62 31.10 -75.33
C GLN A 4166 23.77 31.80 -76.39
N ARG A 4167 24.43 32.12 -77.49
CA ARG A 4167 23.80 32.80 -78.61
C ARG A 4167 24.42 32.32 -79.90
N ILE A 4168 23.69 32.52 -80.99
CA ILE A 4168 24.18 32.34 -82.35
C ILE A 4168 24.03 33.69 -83.01
N GLU A 4169 25.12 34.19 -83.59
CA GLU A 4169 25.14 35.53 -84.14
C GLU A 4169 25.67 35.52 -85.55
N VAL A 4170 25.18 36.47 -86.33
CA VAL A 4170 25.58 36.67 -87.71
C VAL A 4170 26.07 38.10 -87.84
N ALA A 4171 27.10 38.29 -88.65
CA ALA A 4171 27.59 39.62 -88.93
C ALA A 4171 28.05 39.70 -90.36
N THR A 4172 28.18 40.93 -90.84
CA THR A 4172 28.77 41.13 -92.16
C THR A 4172 30.16 40.50 -92.15
N LEU A 4173 30.63 40.12 -93.33
CA LEU A 4173 31.90 39.41 -93.39
C LEU A 4173 33.10 40.29 -93.12
N ASP A 4174 32.92 41.55 -92.71
CA ASP A 4174 33.97 42.39 -92.18
C ASP A 4174 33.66 42.96 -90.80
N GLY A 4175 32.56 42.54 -90.17
CA GLY A 4175 32.28 42.90 -88.79
C GLY A 4175 31.47 44.16 -88.58
N ARG A 4176 30.82 44.70 -89.60
CA ARG A 4176 30.19 46.00 -89.48
C ARG A 4176 28.84 45.93 -88.77
N TYR A 4177 27.97 45.04 -89.23
CA TYR A 4177 26.64 44.87 -88.66
C TYR A 4177 26.57 43.51 -88.00
N ARG A 4178 25.95 43.49 -86.82
CA ARG A 4178 25.90 42.35 -85.91
C ARG A 4178 24.46 42.10 -85.51
N LYS A 4179 24.05 40.82 -85.53
CA LYS A 4179 22.68 40.43 -85.28
C LYS A 4179 22.68 39.13 -84.49
N TRP A 4180 21.74 39.02 -83.56
CA TRP A 4180 21.54 37.82 -82.77
C TRP A 4180 20.36 37.08 -83.36
N LEU A 4181 20.59 35.86 -83.84
CA LEU A 4181 19.54 35.10 -84.50
C LEU A 4181 18.83 34.13 -83.57
N ILE A 4182 19.56 33.46 -82.68
CA ILE A 4182 19.02 32.45 -81.80
C ILE A 4182 19.57 32.72 -80.41
N THR A 4183 18.69 33.12 -79.50
CA THR A 4183 19.06 33.57 -78.16
C THR A 4183 18.49 32.71 -77.04
N THR A 4184 17.48 31.89 -77.30
CA THR A 4184 16.77 31.13 -76.28
C THR A 4184 16.93 29.63 -76.47
N GLN A 4185 16.89 28.92 -75.35
CA GLN A 4185 16.94 27.46 -75.30
C GLN A 4185 18.22 26.93 -75.95
N LEU A 4186 19.35 27.51 -75.54
CA LEU A 4186 20.67 27.04 -75.93
C LEU A 4186 21.48 26.79 -74.68
N ASP A 4187 22.23 25.69 -74.68
CA ASP A 4187 23.09 25.31 -73.57
C ASP A 4187 24.36 24.73 -74.16
N GLN A 4188 25.44 25.48 -74.05
CA GLN A 4188 26.74 25.14 -74.65
C GLN A 4188 26.65 24.84 -76.14
N PRO A 4189 26.24 25.80 -76.97
CA PRO A 4189 26.33 25.62 -78.42
C PRO A 4189 27.78 25.46 -78.81
N ALA A 4190 28.05 24.50 -79.70
CA ALA A 4190 29.39 24.00 -79.98
C ALA A 4190 29.83 24.08 -81.43
N ALA A 4191 28.94 23.84 -82.38
CA ALA A 4191 29.33 23.81 -83.79
C ALA A 4191 28.20 24.32 -84.65
N ILE A 4192 28.57 24.93 -85.77
CA ILE A 4192 27.63 25.57 -86.69
C ILE A 4192 28.08 25.35 -88.13
N ALA A 4193 27.12 25.13 -89.01
CA ALA A 4193 27.34 24.95 -90.44
C ALA A 4193 26.21 25.64 -91.18
N VAL A 4194 26.48 26.01 -92.43
CA VAL A 4194 25.53 26.75 -93.24
C VAL A 4194 25.41 26.14 -94.64
N ASN A 4195 24.21 26.21 -95.19
CA ASN A 4195 23.92 25.81 -96.56
C ASN A 4195 23.21 26.98 -97.22
N PRO A 4196 23.88 27.74 -98.09
CA PRO A 4196 23.19 28.88 -98.74
C PRO A 4196 22.18 28.46 -99.79
N LYS A 4197 22.42 27.37 -100.51
CA LYS A 4197 21.48 26.94 -101.53
C LYS A 4197 20.11 26.66 -100.93
N LEU A 4198 20.08 25.95 -99.80
CA LEU A 4198 18.83 25.71 -99.10
C LEU A 4198 18.43 26.88 -98.22
N GLY A 4199 19.34 27.80 -97.93
CA GLY A 4199 19.04 28.89 -97.03
C GLY A 4199 18.84 28.43 -95.61
N LEU A 4200 19.65 27.49 -95.15
CA LEU A 4200 19.49 26.87 -93.84
C LEU A 4200 20.79 26.92 -93.07
N MET A 4201 20.67 26.95 -91.73
CA MET A 4201 21.82 26.86 -90.84
C MET A 4201 21.54 25.75 -89.84
N PHE A 4202 22.61 25.06 -89.46
CA PHE A 4202 22.56 23.89 -88.60
C PHE A 4202 23.56 24.09 -87.48
N TRP A 4203 23.22 23.63 -86.28
CA TRP A 4203 24.15 23.77 -85.16
C TRP A 4203 23.87 22.69 -84.14
N THR A 4204 24.82 22.54 -83.22
CA THR A 4204 24.79 21.50 -82.20
C THR A 4204 24.91 22.11 -80.81
N ASP A 4205 24.26 21.45 -79.84
CA ASP A 4205 24.33 21.80 -78.44
C ASP A 4205 24.93 20.63 -77.67
N GLN A 4206 25.81 20.96 -76.73
CA GLN A 4206 26.61 20.00 -75.99
C GLN A 4206 26.27 19.94 -74.50
N GLY A 4207 25.30 20.73 -74.04
CA GLY A 4207 25.00 20.82 -72.62
C GLY A 4207 24.16 19.69 -72.06
N LYS A 4208 23.36 20.08 -71.01
CA LYS A 4208 22.58 19.10 -70.24
C LYS A 4208 21.65 18.29 -71.13
N GLN A 4209 21.08 18.92 -72.17
CA GLN A 4209 20.18 18.26 -73.10
C GLN A 4209 20.82 18.33 -74.48
N PRO A 4210 21.63 17.35 -74.88
CA PRO A 4210 22.30 17.43 -76.17
C PRO A 4210 21.28 17.34 -77.31
N LYS A 4211 21.42 18.26 -78.26
CA LYS A 4211 20.51 18.30 -79.40
C LYS A 4211 21.24 18.85 -80.62
N ILE A 4212 20.71 18.50 -81.78
CA ILE A 4212 21.18 18.99 -83.08
C ILE A 4212 19.99 19.67 -83.72
N GLU A 4213 20.20 20.88 -84.19
CA GLU A 4213 19.11 21.75 -84.63
C GLU A 4213 19.43 22.37 -85.98
N SER A 4214 18.35 22.73 -86.67
CA SER A 4214 18.41 23.38 -87.96
C SER A 4214 17.47 24.58 -87.92
N ALA A 4215 17.83 25.62 -88.65
CA ALA A 4215 16.99 26.81 -88.72
C ALA A 4215 17.19 27.49 -90.06
N TRP A 4216 16.42 28.55 -90.27
CA TRP A 4216 16.61 29.39 -91.44
C TRP A 4216 17.76 30.33 -91.16
N MET A 4217 18.49 30.68 -92.21
CA MET A 4217 19.66 31.54 -92.02
C MET A 4217 19.28 32.92 -91.52
N ASN A 4218 18.01 33.32 -91.56
CA ASN A 4218 17.53 34.53 -90.93
C ASN A 4218 16.98 34.30 -89.53
N GLY A 4219 16.91 33.05 -89.07
CA GLY A 4219 16.45 32.75 -87.73
C GLY A 4219 14.96 32.56 -87.57
N GLU A 4220 14.17 32.71 -88.64
CA GLU A 4220 12.72 32.77 -88.51
C GLU A 4220 12.10 31.41 -88.17
N HIS A 4221 12.70 30.31 -88.63
CA HIS A 4221 12.20 28.98 -88.33
C HIS A 4221 13.29 28.15 -87.69
N ARG A 4222 12.89 27.28 -86.75
CA ARG A 4222 13.78 26.49 -85.93
C ARG A 4222 13.18 25.10 -85.73
N SER A 4223 14.05 24.10 -85.72
CA SER A 4223 13.64 22.71 -85.57
C SER A 4223 14.80 21.92 -84.97
N VAL A 4224 14.47 20.78 -84.38
CA VAL A 4224 15.45 19.87 -83.80
C VAL A 4224 15.42 18.59 -84.63
N LEU A 4225 16.56 18.26 -85.24
CA LEU A 4225 16.66 17.09 -86.10
C LEU A 4225 16.95 15.81 -85.32
N ALA A 4226 17.73 15.90 -84.25
CA ALA A 4226 18.07 14.73 -83.45
C ALA A 4226 18.20 15.13 -82.00
N SER A 4227 17.65 14.31 -81.11
CA SER A 4227 17.79 14.53 -79.67
C SER A 4227 18.22 13.25 -78.96
N ALA A 4228 17.90 12.10 -79.53
CA ALA A 4228 18.22 10.82 -78.91
C ALA A 4228 19.64 10.37 -79.23
N ASN A 4229 20.34 9.91 -78.19
CA ASN A 4229 21.67 9.30 -78.33
C ASN A 4229 22.64 10.26 -79.02
N LEU A 4230 22.92 11.38 -78.34
CA LEU A 4230 23.77 12.41 -78.91
C LEU A 4230 24.94 12.82 -78.05
N GLY A 4231 24.99 12.43 -76.78
CA GLY A 4231 26.17 12.63 -75.96
C GLY A 4231 26.71 14.04 -75.94
N TRP A 4232 27.88 14.21 -76.57
CA TRP A 4232 28.56 15.50 -76.72
C TRP A 4232 28.79 15.76 -78.21
N PRO A 4233 27.78 16.22 -78.95
CA PRO A 4233 27.97 16.49 -80.38
C PRO A 4233 28.75 17.78 -80.57
N ASN A 4234 30.00 17.64 -81.01
CA ASN A 4234 31.01 18.69 -80.98
C ASN A 4234 31.43 19.20 -82.34
N GLY A 4235 31.15 18.47 -83.41
CA GLY A 4235 31.55 18.90 -84.74
C GLY A 4235 30.51 18.52 -85.76
N LEU A 4236 30.35 19.38 -86.77
CA LEU A 4236 29.30 19.31 -87.75
C LEU A 4236 29.85 19.66 -89.12
N SER A 4237 29.51 18.86 -90.13
CA SER A 4237 29.97 19.07 -91.49
C SER A 4237 28.84 18.72 -92.44
N ILE A 4238 28.92 19.26 -93.65
CA ILE A 4238 27.88 19.07 -94.66
C ILE A 4238 28.50 18.59 -95.95
N ASP A 4239 27.81 17.68 -96.63
CA ASP A 4239 28.16 17.20 -97.96
C ASP A 4239 27.11 17.76 -98.89
N TYR A 4240 27.55 18.59 -99.84
CA TYR A 4240 26.65 19.26 -100.76
C TYR A 4240 26.42 18.48 -102.04
N LEU A 4241 27.24 17.47 -102.33
CA LEU A 4241 27.10 16.70 -103.55
C LEU A 4241 26.27 15.44 -103.34
N ASN A 4242 26.36 14.82 -102.17
CA ASN A 4242 25.48 13.70 -101.82
C ASN A 4242 24.18 14.20 -101.21
N GLY A 4243 23.50 15.08 -101.93
CA GLY A 4243 22.15 15.50 -101.60
C GLY A 4243 21.98 16.31 -100.33
N ASP A 4244 22.90 17.22 -100.03
CA ASP A 4244 22.75 18.16 -98.91
C ASP A 4244 22.54 17.41 -97.59
N ARG A 4245 23.56 16.64 -97.22
CA ARG A 4245 23.48 15.73 -96.09
C ARG A 4245 24.44 16.19 -94.99
N ILE A 4246 24.07 15.89 -93.75
CA ILE A 4246 24.69 16.43 -92.55
C ILE A 4246 25.38 15.31 -91.80
N TYR A 4247 26.59 15.58 -91.33
CA TYR A 4247 27.40 14.65 -90.55
C TYR A 4247 27.79 15.33 -89.25
N TRP A 4248 27.85 14.56 -88.17
CA TRP A 4248 28.29 15.10 -86.90
C TRP A 4248 29.09 14.07 -86.13
N SER A 4249 29.91 14.57 -85.21
CA SER A 4249 30.81 13.77 -84.40
C SER A 4249 30.47 13.94 -82.92
N ASP A 4250 30.52 12.83 -82.19
CA ASP A 4250 30.21 12.80 -80.76
C ASP A 4250 31.36 12.11 -80.05
N SER A 4251 31.91 12.80 -79.04
CA SER A 4251 33.05 12.31 -78.28
C SER A 4251 32.64 11.55 -77.02
N LYS A 4252 31.41 11.74 -76.55
CA LYS A 4252 30.96 10.98 -75.39
C LYS A 4252 30.58 9.55 -75.79
N GLU A 4253 30.19 9.35 -77.05
CA GLU A 4253 29.84 8.05 -77.56
C GLU A 4253 30.82 7.54 -78.59
N ASP A 4254 31.88 8.30 -78.89
CA ASP A 4254 32.95 7.87 -79.79
C ASP A 4254 32.39 7.46 -81.15
N VAL A 4255 31.52 8.30 -81.71
CA VAL A 4255 30.80 7.94 -82.93
C VAL A 4255 30.68 9.12 -83.89
N ILE A 4256 30.54 8.79 -85.17
CA ILE A 4256 30.26 9.73 -86.24
C ILE A 4256 28.99 9.26 -86.92
N GLU A 4257 28.03 10.17 -87.07
CA GLU A 4257 26.71 9.84 -87.56
C GLU A 4257 26.30 10.83 -88.64
N SER A 4258 25.37 10.39 -89.48
CA SER A 4258 24.88 11.19 -90.59
C SER A 4258 23.35 11.19 -90.62
N ILE A 4259 22.79 12.34 -90.99
CA ILE A 4259 21.36 12.51 -91.17
C ILE A 4259 21.12 13.36 -92.43
N LYS A 4260 19.88 13.38 -92.85
CA LYS A 4260 19.44 14.24 -93.94
C LYS A 4260 18.96 15.55 -93.32
N TYR A 4261 18.97 16.61 -94.13
CA TYR A 4261 18.66 17.93 -93.59
C TYR A 4261 17.25 18.04 -93.04
N ASP A 4262 16.38 17.06 -93.30
CA ASP A 4262 15.07 16.99 -92.67
C ASP A 4262 15.00 15.98 -91.52
N GLY A 4263 16.09 15.26 -91.23
CA GLY A 4263 16.10 14.34 -90.12
C GLY A 4263 15.53 12.97 -90.39
N THR A 4264 15.21 12.64 -91.63
CA THR A 4264 14.42 11.46 -91.98
C THR A 4264 15.22 10.18 -92.17
N ASP A 4265 16.54 10.21 -92.09
CA ASP A 4265 17.33 8.99 -92.23
C ASP A 4265 18.62 9.16 -91.46
N ARG A 4266 18.83 8.34 -90.43
CA ARG A 4266 19.95 8.45 -89.53
C ARG A 4266 20.81 7.21 -89.59
N ARG A 4267 22.13 7.40 -89.61
CA ARG A 4267 23.06 6.29 -89.80
C ARG A 4267 24.33 6.53 -89.00
N LEU A 4268 24.99 5.44 -88.65
CA LEU A 4268 26.30 5.46 -88.01
C LEU A 4268 27.33 5.12 -89.08
N ILE A 4269 28.29 6.01 -89.28
CA ILE A 4269 29.31 5.82 -90.30
C ILE A 4269 30.59 5.22 -89.71
N ILE A 4270 30.99 5.68 -88.53
CA ILE A 4270 32.25 5.28 -87.92
C ILE A 4270 32.03 5.15 -86.43
N ASN A 4271 32.18 3.94 -85.91
CA ASN A 4271 32.21 3.68 -84.48
C ASN A 4271 33.67 3.54 -84.05
N ASP A 4272 33.89 3.49 -82.74
CA ASP A 4272 35.22 3.55 -82.13
C ASP A 4272 36.06 4.61 -82.82
N ALA A 4273 35.49 5.81 -82.93
CA ALA A 4273 36.11 6.92 -83.62
C ALA A 4273 37.14 7.65 -82.77
N MET A 4274 37.39 7.20 -81.55
CA MET A 4274 38.47 7.70 -80.71
C MET A 4274 38.25 9.15 -80.32
N LYS A 4275 37.13 9.42 -79.67
CA LYS A 4275 36.77 10.76 -79.19
C LYS A 4275 36.89 11.81 -80.29
N PRO A 4276 36.11 11.69 -81.36
CA PRO A 4276 36.23 12.65 -82.46
C PRO A 4276 35.76 14.03 -82.06
N PHE A 4277 36.46 15.05 -82.57
CA PHE A 4277 36.21 16.44 -82.22
C PHE A 4277 35.96 17.36 -83.40
N SER A 4278 36.36 17.01 -84.61
CA SER A 4278 36.04 17.80 -85.78
C SER A 4278 36.00 16.90 -87.00
N LEU A 4279 35.19 17.33 -87.98
CA LEU A 4279 34.86 16.59 -89.19
C LEU A 4279 35.00 17.47 -90.43
N ASP A 4280 35.37 16.83 -91.53
CA ASP A 4280 35.31 17.44 -92.85
C ASP A 4280 35.24 16.34 -93.89
N ILE A 4281 34.61 16.62 -95.02
CA ILE A 4281 34.32 15.62 -96.04
C ILE A 4281 34.74 16.14 -97.41
N PHE A 4282 35.40 15.30 -98.19
CA PHE A 4282 35.84 15.65 -99.53
C PHE A 4282 35.92 14.39 -100.37
N GLU A 4283 35.32 14.44 -101.56
CA GLU A 4283 35.26 13.33 -102.51
C GLU A 4283 34.66 12.12 -101.78
N ASP A 4284 35.26 10.94 -101.89
CA ASP A 4284 34.77 9.73 -101.25
C ASP A 4284 35.16 9.64 -99.78
N GLN A 4285 35.89 10.61 -99.26
CA GLN A 4285 36.62 10.50 -98.01
C GLN A 4285 36.09 11.46 -96.95
N LEU A 4286 36.21 11.00 -95.70
CA LEU A 4286 35.78 11.70 -94.51
C LEU A 4286 36.99 11.76 -93.59
N TYR A 4287 37.30 12.95 -93.10
CA TYR A 4287 38.46 13.22 -92.27
C TYR A 4287 37.95 13.69 -90.92
N TRP A 4288 38.56 13.19 -89.85
CA TRP A 4288 38.17 13.62 -88.52
C TRP A 4288 39.38 13.64 -87.61
N VAL A 4289 39.26 14.43 -86.54
CA VAL A 4289 40.34 14.65 -85.59
C VAL A 4289 40.05 13.91 -84.29
N ALA A 4290 41.10 13.37 -83.68
CA ALA A 4290 41.04 12.65 -82.41
C ALA A 4290 41.71 13.52 -81.36
N LYS A 4291 40.96 13.83 -80.29
CA LYS A 4291 41.34 14.86 -79.34
C LYS A 4291 42.35 14.40 -78.30
N GLU A 4292 42.23 13.16 -77.82
CA GLU A 4292 43.08 12.72 -76.71
C GLU A 4292 44.55 12.62 -77.09
N LYS A 4293 44.86 12.33 -78.34
CA LYS A 4293 46.24 12.05 -78.72
C LYS A 4293 46.67 12.73 -80.02
N GLY A 4294 45.89 13.66 -80.54
CA GLY A 4294 46.36 14.47 -81.64
C GLY A 4294 46.61 13.71 -82.92
N GLU A 4295 45.55 13.20 -83.54
CA GLU A 4295 45.68 12.42 -84.76
C GLU A 4295 44.56 12.81 -85.72
N VAL A 4296 44.86 12.65 -87.01
CA VAL A 4296 43.90 12.87 -88.07
C VAL A 4296 43.68 11.53 -88.75
N TRP A 4297 42.42 11.13 -88.87
CA TRP A 4297 42.04 9.84 -89.40
C TRP A 4297 41.12 10.06 -90.59
N ARG A 4298 41.19 9.15 -91.57
CA ARG A 4298 40.31 9.22 -92.72
C ARG A 4298 39.70 7.86 -93.00
N GLN A 4299 38.46 7.90 -93.47
CA GLN A 4299 37.72 6.70 -93.83
C GLN A 4299 36.82 7.05 -95.00
N ASN A 4300 36.14 6.05 -95.54
CA ASN A 4300 35.18 6.27 -96.62
C ASN A 4300 33.90 6.80 -95.99
N LYS A 4301 33.35 7.86 -96.57
CA LYS A 4301 32.24 8.57 -95.93
C LYS A 4301 30.99 7.72 -95.80
N PHE A 4302 30.88 6.63 -96.56
CA PHE A 4302 29.77 5.71 -96.41
C PHE A 4302 30.05 4.59 -95.42
N GLY A 4303 31.15 4.69 -94.66
CA GLY A 4303 31.48 3.70 -93.66
C GLY A 4303 32.21 2.48 -94.20
N LYS A 4304 32.41 2.41 -95.51
CA LYS A 4304 32.96 1.20 -96.12
C LYS A 4304 34.44 1.02 -95.81
N GLY A 4305 34.82 -0.24 -95.60
CA GLY A 4305 36.20 -0.66 -95.53
C GLY A 4305 36.92 -0.52 -94.21
N ASN A 4306 37.93 0.36 -94.20
CA ASN A 4306 38.88 0.50 -93.12
C ASN A 4306 39.25 1.96 -92.95
N LYS A 4307 39.80 2.28 -91.78
CA LYS A 4307 40.20 3.64 -91.45
C LYS A 4307 41.72 3.72 -91.39
N GLU A 4308 42.25 4.87 -91.80
CA GLU A 4308 43.66 5.11 -91.93
C GLU A 4308 44.06 6.32 -91.09
N LYS A 4309 45.30 6.29 -90.60
CA LYS A 4309 45.87 7.40 -89.85
C LYS A 4309 46.73 8.20 -90.81
N LEU A 4310 46.41 9.47 -90.98
CA LEU A 4310 47.04 10.34 -91.94
C LEU A 4310 48.10 11.25 -91.34
N LEU A 4311 47.93 11.65 -90.08
CA LEU A 4311 48.86 12.56 -89.43
C LEU A 4311 48.86 12.33 -87.94
N VAL A 4312 49.96 12.73 -87.31
CA VAL A 4312 50.07 12.87 -85.87
C VAL A 4312 50.49 14.32 -85.63
N VAL A 4313 49.57 15.09 -85.08
CA VAL A 4313 49.76 16.51 -84.78
C VAL A 4313 49.26 16.72 -83.37
N ASN A 4314 50.03 17.42 -82.56
CA ASN A 4314 50.00 17.46 -81.12
C ASN A 4314 48.62 17.78 -80.54
N PRO A 4315 48.40 17.55 -79.25
CA PRO A 4315 47.04 17.68 -78.67
C PRO A 4315 46.41 19.04 -78.77
N TRP A 4316 47.15 20.10 -79.09
CA TRP A 4316 46.51 21.39 -79.23
C TRP A 4316 45.61 21.46 -80.45
N LEU A 4317 45.65 20.46 -81.33
CA LEU A 4317 44.85 20.46 -82.55
C LEU A 4317 43.36 20.45 -82.21
N THR A 4318 42.65 21.45 -82.72
CA THR A 4318 41.23 21.64 -82.45
C THR A 4318 40.33 21.30 -83.64
N GLN A 4319 40.82 21.47 -84.86
CA GLN A 4319 39.98 21.27 -86.04
C GLN A 4319 40.82 20.79 -87.21
N VAL A 4320 40.13 20.23 -88.20
CA VAL A 4320 40.68 19.94 -89.51
C VAL A 4320 39.72 20.53 -90.52
N ARG A 4321 40.25 21.29 -91.48
CA ARG A 4321 39.44 21.81 -92.57
C ARG A 4321 40.09 21.43 -93.89
N ILE A 4322 39.25 21.26 -94.91
CA ILE A 4322 39.71 20.86 -96.24
C ILE A 4322 39.60 22.10 -97.11
N PHE A 4323 40.68 22.40 -97.84
CA PHE A 4323 40.90 23.63 -98.55
C PHE A 4323 41.07 23.28 -100.02
N HIS A 4324 40.12 23.72 -100.83
CA HIS A 4324 40.02 23.37 -102.24
C HIS A 4324 38.93 24.23 -102.86
N GLN A 4325 39.02 24.41 -104.17
CA GLN A 4325 38.07 25.27 -104.88
C GLN A 4325 36.67 24.68 -104.88
N LEU A 4326 36.54 23.37 -105.02
CA LEU A 4326 35.27 22.71 -105.22
C LEU A 4326 34.63 22.19 -103.93
N ARG A 4327 35.15 22.58 -102.76
CA ARG A 4327 34.48 22.20 -101.51
C ARG A 4327 33.18 22.95 -101.36
N TYR A 4328 33.21 24.27 -101.60
CA TYR A 4328 32.04 25.12 -101.53
C TYR A 4328 31.77 25.66 -102.94
N ASN A 4329 30.54 25.50 -103.41
CA ASN A 4329 30.19 25.91 -104.77
C ASN A 4329 30.21 27.43 -104.87
N GLN A 4330 31.28 27.95 -105.46
CA GLN A 4330 31.45 29.39 -105.62
C GLN A 4330 30.43 29.98 -106.59
N SER A 4331 29.87 29.17 -107.49
CA SER A 4331 28.99 29.65 -108.55
C SER A 4331 27.63 30.12 -108.03
N VAL A 4332 27.21 29.67 -106.84
CA VAL A 4332 25.86 29.95 -106.36
C VAL A 4332 25.65 31.45 -106.27
N SER A 4333 24.47 31.91 -106.65
CA SER A 4333 24.14 33.31 -106.84
C SER A 4333 23.27 33.84 -105.70
N ASN A 4334 23.54 35.08 -105.31
CA ASN A 4334 22.84 35.71 -104.20
C ASN A 4334 21.45 36.18 -104.61
N PRO A 4335 20.38 35.75 -103.92
CA PRO A 4335 19.03 36.25 -104.27
C PRO A 4335 18.80 37.73 -104.00
N CYS A 4336 19.60 38.37 -103.14
CA CYS A 4336 19.29 39.73 -102.69
C CYS A 4336 19.29 40.70 -103.86
N LYS A 4337 18.47 41.75 -103.74
CA LYS A 4337 18.28 42.75 -104.79
C LYS A 4337 18.50 44.17 -104.28
N GLN A 4338 19.41 44.33 -103.33
CA GLN A 4338 19.91 45.63 -102.87
C GLN A 4338 18.81 46.54 -102.29
N VAL A 4339 17.75 45.95 -101.75
CA VAL A 4339 16.74 46.76 -101.07
C VAL A 4339 17.11 47.00 -99.61
N CYS A 4340 17.73 46.03 -98.95
CA CYS A 4340 17.99 46.12 -97.53
C CYS A 4340 19.03 47.21 -97.25
N SER A 4341 18.81 47.96 -96.18
CA SER A 4341 19.74 49.02 -95.81
C SER A 4341 20.96 48.49 -95.08
N HIS A 4342 20.80 47.53 -94.18
CA HIS A 4342 21.91 47.04 -93.36
C HIS A 4342 22.25 45.58 -93.59
N LEU A 4343 21.30 44.65 -93.45
CA LEU A 4343 21.59 43.23 -93.66
C LEU A 4343 20.56 42.58 -94.56
N CYS A 4344 21.04 41.68 -95.41
CA CYS A 4344 20.20 40.82 -96.24
C CYS A 4344 20.62 39.39 -95.93
N LEU A 4345 19.66 38.58 -95.49
CA LEU A 4345 19.92 37.23 -95.02
C LEU A 4345 19.06 36.24 -95.79
N LEU A 4346 19.63 35.07 -96.05
CA LEU A 4346 19.00 34.09 -96.90
C LEU A 4346 17.97 33.26 -96.14
N ARG A 4347 16.95 32.82 -96.87
CA ARG A 4347 15.93 31.91 -96.37
C ARG A 4347 15.55 31.01 -97.53
N PRO A 4348 14.87 29.88 -97.25
CA PRO A 4348 14.49 28.97 -98.34
C PRO A 4348 13.72 29.66 -99.46
N GLY A 4349 14.33 29.70 -100.64
CA GLY A 4349 13.71 30.31 -101.80
C GLY A 4349 13.84 31.81 -101.90
N GLY A 4350 14.62 32.45 -101.04
CA GLY A 4350 14.80 33.89 -101.19
C GLY A 4350 15.58 34.53 -100.07
N TYR A 4351 15.20 35.76 -99.75
CA TYR A 4351 15.94 36.60 -98.82
C TYR A 4351 14.98 37.40 -97.95
N SER A 4352 15.54 37.99 -96.91
CA SER A 4352 14.84 38.87 -96.00
C SER A 4352 15.81 39.94 -95.53
N CYS A 4353 15.27 41.06 -95.07
CA CYS A 4353 16.08 42.17 -94.61
C CYS A 4353 16.10 42.20 -93.09
N ALA A 4354 17.27 42.51 -92.53
CA ALA A 4354 17.49 42.51 -91.09
C ALA A 4354 18.27 43.75 -90.68
N CYS A 4355 17.98 44.20 -89.48
CA CYS A 4355 18.56 45.33 -88.78
C CYS A 4355 19.54 44.86 -87.72
N PRO A 4356 20.63 45.57 -87.45
CA PRO A 4356 21.54 45.14 -86.38
C PRO A 4356 20.85 45.20 -85.03
N GLN A 4357 21.49 44.58 -84.04
CA GLN A 4357 20.91 44.43 -82.73
C GLN A 4357 20.67 45.79 -82.08
N GLY A 4358 19.54 45.92 -81.39
CA GLY A 4358 19.12 47.16 -80.78
C GLY A 4358 18.38 48.09 -81.71
N SER A 4359 18.59 47.99 -83.02
CA SER A 4359 17.91 48.81 -84.00
C SER A 4359 16.56 48.19 -84.35
N ASP A 4360 15.75 48.95 -85.09
CA ASP A 4360 14.45 48.48 -85.52
C ASP A 4360 14.11 49.15 -86.83
N PHE A 4361 13.18 48.53 -87.57
CA PHE A 4361 12.76 49.07 -88.84
C PHE A 4361 12.12 50.44 -88.67
N VAL A 4362 12.42 51.35 -89.59
CA VAL A 4362 11.73 52.63 -89.63
C VAL A 4362 10.25 52.33 -89.80
N THR A 4363 9.41 53.14 -89.17
CA THR A 4363 7.99 52.81 -89.04
C THR A 4363 7.34 52.55 -90.39
N GLY A 4364 6.66 51.40 -90.49
CA GLY A 4364 5.96 50.98 -91.68
C GLY A 4364 6.83 50.34 -92.75
N SER A 4365 8.15 50.35 -92.58
CA SER A 4365 9.04 49.75 -93.56
C SER A 4365 9.41 48.31 -93.18
N THR A 4366 9.76 47.54 -94.21
CA THR A 4366 10.28 46.19 -94.05
C THR A 4366 11.69 46.02 -94.60
N VAL A 4367 12.34 47.10 -95.05
CA VAL A 4367 13.64 47.03 -95.69
C VAL A 4367 14.65 48.04 -95.16
N GLU A 4368 14.19 49.02 -94.39
CA GLU A 4368 15.05 50.10 -93.89
C GLU A 4368 15.00 50.14 -92.38
N CYS A 4369 16.13 50.50 -91.78
CA CYS A 4369 16.36 50.42 -90.35
C CYS A 4369 16.76 51.79 -89.79
N ASP A 4370 16.48 51.96 -88.50
CA ASP A 4370 16.89 53.15 -87.75
C ASP A 4370 18.30 52.93 -87.20
N ALA A 4371 19.27 52.92 -88.12
CA ALA A 4371 20.66 52.75 -87.74
C ALA A 4371 21.55 53.41 -88.79
N ALA A 4372 22.75 53.78 -88.36
CA ALA A 4372 23.69 54.47 -89.22
C ALA A 4372 24.41 53.49 -90.14
N SER A 4373 24.78 53.98 -91.31
CA SER A 4373 25.53 53.18 -92.28
C SER A 4373 27.01 53.16 -91.91
N GLU A 4374 27.60 51.97 -92.01
CA GLU A 4374 29.02 51.77 -91.71
C GLU A 4374 29.75 51.41 -93.00
N LEU A 4375 30.85 52.09 -93.26
CA LEU A 4375 31.60 51.87 -94.50
C LEU A 4375 32.43 50.58 -94.40
N PRO A 4376 32.59 49.86 -95.51
CA PRO A 4376 33.36 48.61 -95.47
C PRO A 4376 34.79 48.81 -94.97
N ILE A 4377 35.29 47.79 -94.29
CA ILE A 4377 36.64 47.77 -93.75
C ILE A 4377 37.47 46.87 -94.67
N THR A 4378 38.15 47.48 -95.63
CA THR A 4378 39.04 46.75 -96.51
C THR A 4378 40.39 46.56 -95.84
N MET A 4379 40.99 45.38 -96.03
CA MET A 4379 42.24 45.05 -95.35
C MET A 4379 43.44 45.26 -96.26
N PRO A 4380 44.63 45.44 -95.68
CA PRO A 4380 45.81 45.75 -96.50
C PRO A 4380 46.20 44.64 -97.46
N SER A 4381 46.96 45.03 -98.47
CA SER A 4381 47.40 44.09 -99.49
C SER A 4381 48.36 43.07 -98.90
N PRO A 4382 48.25 41.79 -99.25
CA PRO A 4382 49.13 40.77 -98.70
C PRO A 4382 50.40 40.56 -99.50
N CYS A 4383 51.35 39.87 -98.89
CA CYS A 4383 52.57 39.44 -99.57
C CYS A 4383 52.21 38.31 -100.52
N ARG A 4384 52.46 38.53 -101.81
CA ARG A 4384 51.99 37.67 -102.89
C ARG A 4384 53.09 36.95 -103.65
N CYS A 4385 54.33 36.98 -103.18
CA CYS A 4385 55.44 36.43 -103.96
C CYS A 4385 55.25 34.94 -104.14
N MET A 4386 55.14 34.52 -105.41
CA MET A 4386 54.70 33.18 -105.78
C MET A 4386 55.75 32.08 -105.65
N HIS A 4387 56.82 32.16 -106.44
CA HIS A 4387 57.76 31.05 -106.63
C HIS A 4387 58.94 31.10 -105.66
N GLY A 4388 58.61 31.00 -104.37
CA GLY A 4388 59.63 31.02 -103.35
C GLY A 4388 60.24 32.37 -103.07
N GLY A 4389 59.80 33.42 -103.75
CA GLY A 4389 60.30 34.74 -103.49
C GLY A 4389 59.99 35.18 -102.07
N SER A 4390 60.65 36.25 -101.66
CA SER A 4390 60.59 36.74 -100.29
C SER A 4390 60.12 38.18 -100.31
N CYS A 4391 59.33 38.57 -99.32
CA CYS A 4391 58.68 39.87 -99.29
C CYS A 4391 59.18 40.70 -98.12
N TYR A 4392 59.36 41.99 -98.40
CA TYR A 4392 59.76 42.99 -97.43
C TYR A 4392 58.85 44.18 -97.57
N PHE A 4393 58.62 44.88 -96.46
CA PHE A 4393 57.74 46.04 -96.44
C PHE A 4393 58.58 47.30 -96.63
N ASP A 4394 58.24 48.08 -97.66
CA ASP A 4394 59.01 49.27 -98.00
C ASP A 4394 58.65 50.41 -97.05
N GLU A 4395 59.30 51.56 -97.25
CA GLU A 4395 59.09 52.72 -96.37
C GLU A 4395 57.64 53.18 -96.39
N ASN A 4396 56.91 52.94 -97.47
CA ASN A 4396 55.48 53.22 -97.51
C ASN A 4396 54.66 52.06 -96.92
N ASP A 4397 55.32 51.07 -96.33
CA ASP A 4397 54.71 49.89 -95.72
C ASP A 4397 54.06 48.98 -96.76
N LEU A 4398 54.32 49.20 -98.05
CA LEU A 4398 53.80 48.33 -99.09
C LEU A 4398 54.66 47.07 -99.21
N PRO A 4399 54.05 45.89 -99.36
CA PRO A 4399 54.84 44.68 -99.55
C PRO A 4399 55.45 44.65 -100.95
N LYS A 4400 56.72 44.28 -101.04
CA LYS A 4400 57.42 44.18 -102.30
C LYS A 4400 58.31 42.95 -102.25
N CYS A 4401 58.53 42.34 -103.41
CA CYS A 4401 59.10 41.01 -103.53
C CYS A 4401 60.50 41.02 -104.14
N LYS A 4402 61.27 40.01 -103.75
CA LYS A 4402 62.58 39.71 -104.29
C LYS A 4402 62.53 38.26 -104.73
N CYS A 4403 62.92 38.02 -105.98
CA CYS A 4403 62.80 36.72 -106.62
C CYS A 4403 64.02 35.85 -106.37
N SER A 4404 63.81 34.56 -106.55
CA SER A 4404 64.86 33.59 -106.73
C SER A 4404 65.48 33.80 -108.10
N SER A 4405 66.70 33.28 -108.29
CA SER A 4405 67.41 33.56 -109.52
C SER A 4405 66.66 33.04 -110.76
N GLY A 4406 65.74 32.10 -110.59
CA GLY A 4406 65.01 31.52 -111.69
C GLY A 4406 63.75 32.22 -112.13
N TYR A 4407 63.34 33.31 -111.47
CA TYR A 4407 62.05 33.92 -111.72
C TYR A 4407 62.16 35.44 -111.67
N SER A 4408 61.16 36.11 -112.24
CA SER A 4408 61.11 37.56 -112.30
C SER A 4408 59.66 38.00 -112.33
N GLY A 4409 59.42 39.25 -111.92
CA GLY A 4409 58.11 39.85 -111.97
C GLY A 4409 57.78 40.67 -110.73
N GLU A 4410 56.71 41.47 -110.79
CA GLU A 4410 56.33 42.30 -109.66
C GLU A 4410 55.99 41.45 -108.44
N TYR A 4411 55.22 40.39 -108.63
CA TYR A 4411 54.90 39.41 -107.61
C TYR A 4411 55.66 38.10 -107.83
N CYS A 4412 56.78 38.16 -108.53
CA CYS A 4412 57.58 36.99 -108.89
C CYS A 4412 56.74 35.93 -109.57
N GLU A 4413 55.86 36.39 -110.46
CA GLU A 4413 55.00 35.49 -111.23
C GLU A 4413 55.82 34.64 -112.19
N CYS B 28 1.51 53.06 -103.73
CA CYS B 28 1.88 52.03 -104.73
C CYS B 28 1.04 52.15 -105.99
N GLY B 29 1.65 51.90 -107.14
CA GLY B 29 0.97 51.99 -108.42
C GLY B 29 1.97 52.12 -109.55
N SER B 30 1.51 52.77 -110.62
CA SER B 30 2.35 53.06 -111.79
C SER B 30 2.93 51.79 -112.40
N GLY B 31 2.12 50.74 -112.47
CA GLY B 31 2.51 49.50 -113.12
C GLY B 31 3.38 48.57 -112.31
N ASN B 32 3.57 48.85 -111.03
CA ASN B 32 4.33 47.96 -110.17
C ASN B 32 3.46 46.76 -109.78
N PHE B 33 4.02 45.88 -108.96
CA PHE B 33 3.32 44.73 -108.41
C PHE B 33 3.35 44.87 -106.90
N ARG B 34 2.30 44.36 -106.25
CA ARG B 34 2.03 44.62 -104.85
C ARG B 34 2.00 43.32 -104.05
N CYS B 35 2.42 43.43 -102.79
CA CYS B 35 2.49 42.32 -101.86
C CYS B 35 1.45 42.53 -100.77
N ASP B 36 0.99 41.43 -100.17
CA ASP B 36 -0.03 41.52 -99.13
C ASP B 36 0.47 42.26 -97.89
N ASN B 37 1.78 42.41 -97.73
CA ASN B 37 2.33 43.16 -96.60
C ASN B 37 2.06 44.66 -96.67
N GLY B 38 1.55 45.16 -97.78
CA GLY B 38 1.41 46.59 -97.97
C GLY B 38 2.67 47.17 -98.58
N TYR B 39 3.25 46.43 -99.52
CA TYR B 39 4.55 46.71 -100.11
C TYR B 39 4.49 46.37 -101.59
N CYS B 40 5.14 47.20 -102.41
CA CYS B 40 5.11 47.04 -103.86
C CYS B 40 6.52 46.94 -104.43
N ILE B 41 6.63 46.15 -105.49
CA ILE B 41 7.92 45.82 -106.11
C ILE B 41 7.81 45.95 -107.61
N PRO B 42 8.93 46.15 -108.31
CA PRO B 42 8.88 46.16 -109.79
C PRO B 42 8.29 44.89 -110.36
N ALA B 43 7.59 45.05 -111.49
CA ALA B 43 6.95 43.90 -112.12
C ALA B 43 7.95 42.84 -112.58
N SER B 44 9.18 43.24 -112.91
CA SER B 44 10.17 42.25 -113.34
C SER B 44 10.46 41.24 -112.23
N TRP B 45 10.33 41.65 -110.98
CA TRP B 45 10.59 40.79 -109.83
C TRP B 45 9.49 39.77 -109.58
N ARG B 46 8.32 39.92 -110.21
CA ARG B 46 7.11 39.22 -109.79
C ARG B 46 7.30 37.71 -109.82
N CYS B 47 7.69 37.15 -110.96
CA CYS B 47 7.94 35.72 -111.11
C CYS B 47 9.35 35.55 -111.65
N ASP B 48 10.35 35.46 -110.75
CA ASP B 48 11.73 35.32 -111.17
C ASP B 48 12.52 34.32 -110.31
N GLY B 49 11.84 33.41 -109.63
CA GLY B 49 12.54 32.39 -108.86
C GLY B 49 13.14 32.87 -107.55
N THR B 50 12.74 34.05 -107.06
CA THR B 50 13.24 34.57 -105.79
C THR B 50 12.08 35.25 -105.09
N ARG B 51 11.73 34.72 -103.91
CA ARG B 51 10.62 35.27 -103.14
C ARG B 51 10.99 36.64 -102.59
N ASP B 52 10.39 37.69 -103.13
CA ASP B 52 10.69 39.05 -102.70
C ASP B 52 9.77 39.51 -101.58
N CYS B 53 8.48 39.23 -101.68
CA CYS B 53 7.56 39.56 -100.61
C CYS B 53 7.81 38.66 -99.42
N LEU B 54 7.75 39.22 -98.22
CA LEU B 54 7.85 38.37 -97.03
C LEU B 54 6.63 37.46 -96.89
N ASP B 55 5.51 37.82 -97.50
CA ASP B 55 4.36 36.94 -97.61
C ASP B 55 4.45 35.97 -98.78
N ASP B 56 5.50 36.06 -99.60
CA ASP B 56 5.77 35.18 -100.72
C ASP B 56 4.73 35.24 -101.83
N THR B 57 3.85 36.24 -101.83
CA THR B 57 2.78 36.25 -102.83
C THR B 57 3.25 36.68 -104.20
N ASP B 58 4.50 37.14 -104.35
CA ASP B 58 5.02 37.43 -105.68
C ASP B 58 5.14 36.15 -106.50
N GLU B 59 5.50 35.04 -105.85
CA GLU B 59 5.69 33.76 -106.51
C GLU B 59 4.82 32.66 -105.93
N ILE B 60 3.75 33.03 -105.21
CA ILE B 60 2.81 32.02 -104.73
C ILE B 60 2.13 31.34 -105.89
N GLY B 61 2.08 31.99 -107.05
CA GLY B 61 1.59 31.38 -108.27
C GLY B 61 2.22 31.94 -109.52
N CYS B 62 2.77 31.07 -110.36
CA CYS B 62 3.34 31.43 -111.65
C CYS B 62 3.08 30.26 -112.58
N PRO B 63 2.90 30.50 -113.88
CA PRO B 63 2.50 29.41 -114.78
C PRO B 63 3.64 28.44 -115.02
N PRO B 64 3.35 27.17 -115.35
CA PRO B 64 4.42 26.23 -115.73
C PRO B 64 5.05 26.56 -117.08
N ARG B 65 6.30 26.15 -117.23
CA ARG B 65 7.02 26.18 -118.50
C ARG B 65 7.20 24.73 -118.90
N SER B 66 6.67 24.36 -120.06
CA SER B 66 6.43 22.98 -120.44
C SER B 66 7.40 22.44 -121.49
N CYS B 67 7.34 21.12 -121.65
CA CYS B 67 8.11 20.33 -122.58
C CYS B 67 7.25 20.00 -123.81
N GLY B 68 7.83 19.22 -124.72
CA GLY B 68 7.12 18.88 -125.95
C GLY B 68 5.84 18.11 -125.69
N SER B 69 4.98 18.09 -126.71
CA SER B 69 3.66 17.48 -126.59
C SER B 69 3.74 15.99 -126.29
N GLY B 70 4.82 15.33 -126.71
CA GLY B 70 5.02 13.93 -126.44
C GLY B 70 5.51 13.60 -125.04
N PHE B 71 5.62 14.60 -124.18
CA PHE B 71 6.24 14.48 -122.87
C PHE B 71 5.34 15.04 -121.78
N PHE B 72 5.70 14.70 -120.55
CA PHE B 72 5.00 15.07 -119.34
C PHE B 72 6.05 15.63 -118.38
N LEU B 73 5.63 16.57 -117.53
CA LEU B 73 6.54 17.31 -116.68
C LEU B 73 6.18 17.14 -115.21
N CYS B 74 7.22 17.06 -114.37
CA CYS B 74 7.10 16.95 -112.93
C CYS B 74 7.88 18.09 -112.28
N PRO B 75 7.26 18.89 -111.39
CA PRO B 75 7.98 20.01 -110.78
C PRO B 75 8.80 19.64 -109.56
N ALA B 76 8.48 18.54 -108.87
CA ALA B 76 9.21 18.19 -107.67
C ALA B 76 10.68 17.92 -107.95
N GLU B 77 11.03 17.62 -109.21
CA GLU B 77 12.40 17.36 -109.60
C GLU B 77 12.80 18.15 -110.83
N GLY B 78 11.93 19.02 -111.36
CA GLY B 78 12.26 19.80 -112.54
C GLY B 78 12.58 18.91 -113.72
N THR B 79 11.75 17.88 -113.96
CA THR B 79 12.08 16.84 -114.92
C THR B 79 10.94 16.61 -115.91
N CYS B 80 11.32 16.10 -117.08
CA CYS B 80 10.38 15.75 -118.14
C CYS B 80 10.64 14.31 -118.57
N ILE B 81 9.55 13.58 -118.78
CA ILE B 81 9.59 12.16 -119.15
C ILE B 81 8.66 11.91 -120.32
N PRO B 82 8.87 10.87 -121.13
CA PRO B 82 7.88 10.54 -122.17
C PRO B 82 6.52 10.29 -121.54
N SER B 83 5.47 10.69 -122.27
CA SER B 83 4.11 10.57 -121.73
C SER B 83 3.74 9.14 -121.37
N SER B 84 4.26 8.15 -122.12
CA SER B 84 3.92 6.77 -121.81
C SER B 84 4.40 6.37 -120.42
N TRP B 85 5.48 6.98 -119.93
CA TRP B 85 5.99 6.68 -118.60
C TRP B 85 4.99 7.01 -117.50
N VAL B 86 4.03 7.90 -117.76
CA VAL B 86 3.16 8.42 -116.71
C VAL B 86 2.37 7.33 -116.02
N CYS B 87 2.12 6.21 -116.72
CA CYS B 87 1.45 5.07 -116.08
C CYS B 87 2.04 3.79 -116.68
N ASP B 88 3.19 3.38 -116.15
CA ASP B 88 3.85 2.16 -116.61
C ASP B 88 4.46 1.37 -115.45
N GLN B 89 3.81 1.41 -114.29
CA GLN B 89 4.16 0.65 -113.08
C GLN B 89 5.55 0.97 -112.52
N ASP B 90 6.10 2.16 -112.84
CA ASP B 90 7.35 2.63 -112.25
C ASP B 90 7.19 4.04 -111.71
N LYS B 91 7.70 4.27 -110.51
CA LYS B 91 7.62 5.59 -109.87
C LYS B 91 8.76 6.46 -110.38
N ASP B 92 8.57 7.00 -111.59
CA ASP B 92 9.61 7.82 -112.21
C ASP B 92 9.70 9.19 -111.53
N CYS B 93 8.56 9.74 -111.12
CA CYS B 93 8.49 10.98 -110.36
C CYS B 93 8.18 10.59 -108.93
N SER B 94 9.08 10.98 -108.01
CA SER B 94 9.08 10.43 -106.66
C SER B 94 7.90 10.94 -105.83
N ASP B 95 7.62 12.24 -105.88
CA ASP B 95 6.58 12.80 -105.02
C ASP B 95 5.17 12.62 -105.59
N GLY B 96 5.02 12.31 -106.87
CA GLY B 96 3.70 12.12 -107.44
C GLY B 96 3.71 12.36 -108.93
N ALA B 97 2.52 12.60 -109.47
CA ALA B 97 2.32 12.84 -110.90
C ALA B 97 2.78 11.66 -111.73
N ASP B 98 2.70 10.46 -111.17
CA ASP B 98 3.07 9.25 -111.89
C ASP B 98 2.32 8.06 -111.29
N GLU B 99 2.11 7.04 -112.12
CA GLU B 99 1.43 5.79 -111.74
C GLU B 99 0.04 6.07 -111.18
N GLN B 100 -0.32 5.56 -110.00
CA GLN B 100 -1.69 5.40 -109.56
C GLN B 100 -2.47 6.71 -109.59
N GLN B 101 -1.82 7.85 -109.33
CA GLN B 101 -2.55 9.12 -109.40
C GLN B 101 -3.06 9.37 -110.81
N ASN B 102 -2.18 9.23 -111.80
CA ASN B 102 -2.58 9.50 -113.19
C ASN B 102 -3.28 8.31 -113.84
N CYS B 103 -2.96 7.07 -113.45
CA CYS B 103 -3.56 5.89 -114.06
C CYS B 103 -5.08 5.93 -113.96
N ASP B 220 -47.75 59.16 -90.53
CA ASP B 220 -49.00 59.41 -89.82
C ASP B 220 -48.89 60.69 -89.00
N THR B 221 -50.02 61.20 -88.54
CA THR B 221 -50.03 62.41 -87.73
C THR B 221 -49.42 62.15 -86.36
N CYS B 222 -49.15 63.23 -85.65
CA CYS B 222 -48.64 63.14 -84.29
C CYS B 222 -49.73 62.72 -83.31
N GLY B 223 -49.32 62.04 -82.25
CA GLY B 223 -50.19 61.76 -81.15
C GLY B 223 -50.28 62.93 -80.20
N GLY B 224 -51.19 62.82 -79.22
CA GLY B 224 -51.34 63.89 -78.25
C GLY B 224 -50.12 64.12 -77.40
N HIS B 225 -49.26 63.11 -77.28
CA HIS B 225 -48.01 63.19 -76.53
C HIS B 225 -46.84 63.64 -77.39
N GLN B 226 -47.11 64.26 -78.53
CA GLN B 226 -46.07 64.66 -79.48
C GLN B 226 -46.37 66.04 -80.02
N PHE B 227 -45.39 66.57 -80.77
CA PHE B 227 -45.45 67.89 -81.36
C PHE B 227 -45.14 67.77 -82.84
N THR B 228 -45.76 68.63 -83.64
CA THR B 228 -45.70 68.57 -85.09
C THR B 228 -44.97 69.79 -85.63
N CYS B 229 -44.31 69.61 -86.76
CA CYS B 229 -43.48 70.62 -87.39
C CYS B 229 -43.97 70.88 -88.81
N SER B 230 -43.65 72.09 -89.28
CA SER B 230 -44.12 72.56 -90.59
C SER B 230 -43.73 71.62 -91.72
N ASN B 231 -42.64 70.87 -91.57
CA ASN B 231 -42.19 69.97 -92.63
C ASN B 231 -42.91 68.62 -92.60
N GLY B 232 -43.83 68.39 -91.66
CA GLY B 232 -44.50 67.12 -91.57
C GLY B 232 -43.65 66.13 -90.80
N GLN B 233 -43.16 66.59 -89.64
CA GLN B 233 -42.26 65.83 -88.79
C GLN B 233 -42.80 65.86 -87.38
N CYS B 234 -42.56 64.77 -86.65
CA CYS B 234 -43.16 64.57 -85.34
C CYS B 234 -42.05 64.43 -84.30
N ILE B 235 -42.26 65.07 -83.16
CA ILE B 235 -41.24 65.26 -82.12
C ILE B 235 -41.86 65.01 -80.76
N ASN B 236 -41.08 64.40 -79.86
CA ASN B 236 -41.53 64.17 -78.50
C ASN B 236 -41.85 65.48 -77.81
N GLN B 237 -42.90 65.47 -76.98
CA GLN B 237 -43.39 66.70 -76.36
C GLN B 237 -42.36 67.32 -75.41
N ASN B 238 -41.52 66.53 -74.76
CA ASN B 238 -40.56 67.10 -73.84
C ASN B 238 -39.50 67.92 -74.56
N TRP B 239 -39.17 67.57 -75.80
CA TRP B 239 -38.18 68.30 -76.57
C TRP B 239 -38.67 69.68 -77.00
N VAL B 240 -39.96 69.94 -76.90
CA VAL B 240 -40.59 71.10 -77.53
C VAL B 240 -40.04 72.43 -77.01
N CYS B 241 -39.68 72.52 -75.74
CA CYS B 241 -39.17 73.77 -75.18
C CYS B 241 -37.96 73.50 -74.30
N ASP B 242 -37.15 72.51 -74.70
CA ASP B 242 -35.98 72.10 -73.92
C ASP B 242 -34.77 72.99 -74.15
N GLY B 243 -34.81 73.90 -75.11
CA GLY B 243 -33.67 74.72 -75.45
C GLY B 243 -32.83 74.20 -76.58
N ASP B 244 -33.42 73.51 -77.55
CA ASP B 244 -32.67 72.92 -78.66
C ASP B 244 -33.54 72.93 -79.90
N ASP B 245 -32.89 72.96 -81.06
CA ASP B 245 -33.57 73.02 -82.36
C ASP B 245 -33.85 71.62 -82.90
N ASP B 246 -34.59 70.84 -82.10
CA ASP B 246 -34.97 69.50 -82.53
C ASP B 246 -35.86 69.52 -83.76
N CYS B 247 -36.52 70.65 -84.02
CA CYS B 247 -37.40 70.83 -85.17
C CYS B 247 -36.66 71.62 -86.23
N GLN B 248 -36.66 71.11 -87.46
CA GLN B 248 -35.89 71.74 -88.54
C GLN B 248 -36.30 73.18 -88.77
N ASP B 249 -37.58 73.50 -88.57
CA ASP B 249 -38.07 74.85 -88.71
C ASP B 249 -37.86 75.70 -87.45
N SER B 250 -37.18 75.16 -86.44
CA SER B 250 -37.00 75.80 -85.15
C SER B 250 -38.32 76.08 -84.45
N GLY B 251 -39.37 75.33 -84.78
CA GLY B 251 -40.67 75.55 -84.18
C GLY B 251 -40.74 75.20 -82.71
N ASP B 252 -39.79 74.40 -82.23
CA ASP B 252 -39.73 74.05 -80.81
C ASP B 252 -39.65 75.31 -79.96
N GLU B 253 -38.59 76.09 -80.16
CA GLU B 253 -38.24 77.23 -79.33
C GLU B 253 -38.78 78.55 -79.87
N ASP B 254 -39.95 78.52 -80.52
CA ASP B 254 -40.42 79.66 -81.27
C ASP B 254 -40.63 80.89 -80.38
N GLY B 255 -41.22 80.70 -79.20
CA GLY B 255 -41.47 81.81 -78.30
C GLY B 255 -41.31 81.52 -76.82
N CYS B 256 -40.43 80.58 -76.47
CA CYS B 256 -40.35 80.16 -75.06
C CYS B 256 -39.89 81.29 -74.15
N GLU B 257 -39.17 82.29 -74.67
CA GLU B 257 -38.85 83.48 -73.90
C GLU B 257 -40.06 84.40 -73.85
N SER B 258 -40.34 84.94 -72.67
CA SER B 258 -41.51 85.79 -72.50
C SER B 258 -41.43 87.03 -73.38
N ASN B 259 -42.45 87.22 -74.21
CA ASN B 259 -42.67 88.40 -75.05
C ASN B 259 -41.65 88.56 -76.18
N GLN B 260 -40.77 87.59 -76.40
CA GLN B 260 -39.82 87.65 -77.50
C GLN B 260 -40.32 86.89 -78.72
N ARG B 261 -39.69 87.16 -79.86
CA ARG B 261 -39.95 86.48 -81.12
C ARG B 261 -38.63 86.03 -81.73
N HIS B 262 -38.63 84.82 -82.29
CA HIS B 262 -37.44 84.16 -82.81
C HIS B 262 -37.57 83.91 -84.32
N HIS B 263 -36.50 84.21 -85.05
CA HIS B 263 -36.36 83.93 -86.48
C HIS B 263 -37.37 84.67 -87.34
N THR B 264 -37.98 85.73 -86.84
CA THR B 264 -38.90 86.53 -87.65
C THR B 264 -38.97 87.89 -86.98
N CYS B 265 -39.37 88.92 -87.72
CA CYS B 265 -39.24 90.33 -87.29
C CYS B 265 -40.47 91.16 -87.67
N TYR B 266 -40.88 92.10 -86.80
CA TYR B 266 -41.83 93.16 -87.17
C TYR B 266 -41.12 94.20 -88.07
N PRO B 267 -41.83 95.12 -88.77
CA PRO B 267 -41.38 95.72 -90.03
C PRO B 267 -39.95 96.28 -90.14
N ARG B 268 -39.38 96.84 -89.05
CA ARG B 268 -38.02 97.37 -89.06
C ARG B 268 -37.19 96.88 -87.87
N GLU B 269 -37.42 95.65 -87.44
CA GLU B 269 -36.59 94.97 -86.47
C GLU B 269 -35.49 94.17 -87.17
N TRP B 270 -34.43 93.88 -86.43
CA TRP B 270 -33.24 93.24 -86.95
C TRP B 270 -32.78 92.14 -86.01
N ALA B 271 -32.37 91.03 -86.62
CA ALA B 271 -32.01 89.78 -85.95
C ALA B 271 -30.54 89.46 -86.20
N CYS B 272 -29.91 88.87 -85.18
CA CYS B 272 -28.50 88.62 -85.08
C CYS B 272 -28.19 87.13 -84.90
N PRO B 273 -27.03 86.66 -85.42
CA PRO B 273 -26.73 85.22 -85.43
C PRO B 273 -26.71 84.50 -84.10
N GLY B 274 -26.52 85.21 -82.97
CA GLY B 274 -26.20 84.52 -81.73
C GLY B 274 -27.26 83.52 -81.29
N SER B 275 -28.53 83.93 -81.24
CA SER B 275 -29.59 83.00 -80.86
C SER B 275 -30.87 83.20 -81.68
N GLY B 276 -30.82 83.99 -82.74
CA GLY B 276 -31.98 84.24 -83.58
C GLY B 276 -33.10 84.98 -82.89
N ARG B 277 -32.80 86.16 -82.36
CA ARG B 277 -33.76 87.02 -81.66
C ARG B 277 -33.73 88.38 -82.33
N CYS B 278 -34.90 88.99 -82.49
CA CYS B 278 -35.08 90.19 -83.31
C CYS B 278 -35.42 91.40 -82.45
N ILE B 279 -34.78 92.52 -82.80
CA ILE B 279 -34.83 93.77 -82.05
C ILE B 279 -34.92 94.94 -83.01
N SER B 280 -35.58 96.01 -82.57
CA SER B 280 -35.70 97.24 -83.34
C SER B 280 -34.33 97.83 -83.68
N MET B 281 -34.21 98.31 -84.92
CA MET B 281 -32.93 98.82 -85.44
C MET B 281 -32.40 100.01 -84.64
N ASP B 282 -33.29 100.93 -84.22
CA ASP B 282 -32.83 102.11 -83.48
C ASP B 282 -31.95 101.74 -82.27
N LYS B 283 -32.32 100.70 -81.54
CA LYS B 283 -31.58 100.28 -80.36
C LYS B 283 -30.30 99.52 -80.69
N VAL B 284 -30.16 99.01 -81.91
CA VAL B 284 -29.05 98.11 -82.27
C VAL B 284 -27.71 98.74 -81.91
N CYS B 285 -27.39 99.90 -82.48
CA CYS B 285 -26.13 100.58 -82.22
C CYS B 285 -26.27 101.69 -81.17
N ASP B 286 -27.18 101.52 -80.21
CA ASP B 286 -27.42 102.53 -79.19
C ASP B 286 -26.36 102.57 -78.10
N GLY B 287 -25.51 101.54 -78.01
CA GLY B 287 -24.47 101.47 -77.01
C GLY B 287 -24.71 100.48 -75.88
N VAL B 288 -25.78 99.70 -75.93
CA VAL B 288 -26.08 98.70 -74.92
C VAL B 288 -26.32 97.38 -75.65
N PRO B 289 -25.73 96.25 -75.22
CA PRO B 289 -25.95 95.01 -75.96
C PRO B 289 -27.38 94.49 -75.85
N ASP B 290 -28.13 94.60 -76.93
CA ASP B 290 -29.50 94.11 -76.98
C ASP B 290 -29.60 92.70 -77.53
N CYS B 291 -28.65 92.27 -78.36
CA CYS B 291 -28.68 90.93 -78.91
C CYS B 291 -28.36 89.90 -77.83
N PRO B 292 -28.76 88.64 -78.03
CA PRO B 292 -28.44 87.61 -77.03
C PRO B 292 -26.95 87.49 -76.76
N GLU B 293 -26.12 87.65 -77.81
CA GLU B 293 -24.67 87.58 -77.67
C GLU B 293 -24.03 88.97 -77.71
N GLY B 294 -24.82 90.03 -77.65
CA GLY B 294 -24.27 91.36 -77.72
C GLY B 294 -23.73 91.75 -79.07
N GLU B 295 -24.09 91.02 -80.12
CA GLU B 295 -23.53 91.25 -81.45
C GLU B 295 -23.94 92.59 -82.03
N ASP B 296 -25.01 93.21 -81.52
CA ASP B 296 -25.41 94.52 -82.00
C ASP B 296 -24.39 95.60 -81.64
N GLU B 297 -23.58 95.37 -80.60
CA GLU B 297 -22.57 96.33 -80.16
C GLU B 297 -21.17 95.81 -80.45
N TYR B 305 -17.82 97.12 -85.49
CA TYR B 305 -19.26 97.23 -85.27
C TYR B 305 -19.81 98.57 -85.80
N CYS B 306 -21.08 98.55 -86.20
CA CYS B 306 -21.79 99.75 -86.65
C CYS B 306 -21.12 100.38 -87.88
N GLY B 307 -20.84 99.54 -88.89
CA GLY B 307 -20.34 100.01 -90.16
C GLY B 307 -21.44 100.31 -91.20
N THR B 308 -20.97 100.71 -92.39
CA THR B 308 -21.84 101.21 -93.47
C THR B 308 -21.54 100.66 -94.86
N GLY B 309 -20.46 99.90 -95.03
CA GLY B 309 -19.95 99.59 -96.35
C GLY B 309 -20.93 98.98 -97.33
N LEU B 310 -21.79 98.07 -96.86
CA LEU B 310 -22.68 97.35 -97.76
C LEU B 310 -23.72 98.25 -98.44
N CYS B 311 -24.06 99.41 -97.89
CA CYS B 311 -24.98 100.30 -98.61
C CYS B 311 -24.40 100.72 -99.96
N SER B 312 -23.08 100.83 -100.06
CA SER B 312 -22.43 101.09 -101.34
C SER B 312 -22.59 99.91 -102.29
N ILE B 313 -22.45 98.70 -101.78
CA ILE B 313 -22.52 97.50 -102.61
C ILE B 313 -23.94 97.27 -103.11
N LEU B 314 -24.91 97.39 -102.21
CA LEU B 314 -26.30 97.08 -102.51
C LEU B 314 -26.97 98.11 -103.41
N ASN B 315 -27.71 97.59 -104.38
CA ASN B 315 -28.68 98.32 -105.18
C ASN B 315 -30.08 98.20 -104.59
N CYS B 316 -30.19 98.11 -103.27
CA CYS B 316 -31.50 97.95 -102.64
C CYS B 316 -32.33 99.21 -102.85
N GLU B 317 -33.64 98.97 -102.83
CA GLU B 317 -34.65 99.85 -103.40
C GLU B 317 -35.05 101.06 -102.53
N TYR B 318 -34.73 101.08 -101.22
CA TYR B 318 -35.22 102.16 -100.36
C TYR B 318 -34.20 102.88 -99.49
N GLN B 319 -33.64 102.26 -98.45
CA GLN B 319 -32.97 103.00 -97.39
C GLN B 319 -32.00 102.14 -96.60
N CYS B 320 -30.96 102.78 -96.08
CA CYS B 320 -29.82 102.16 -95.39
C CYS B 320 -29.67 102.66 -93.96
N HIS B 321 -29.10 101.78 -93.13
CA HIS B 321 -28.85 101.99 -91.71
C HIS B 321 -27.46 101.49 -91.35
N GLN B 322 -26.75 102.28 -90.54
CA GLN B 322 -25.41 101.95 -90.06
C GLN B 322 -25.48 100.86 -89.00
N THR B 323 -24.92 99.70 -89.30
CA THR B 323 -25.06 98.51 -88.47
C THR B 323 -23.77 97.72 -88.54
N PRO B 324 -23.47 96.88 -87.53
CA PRO B 324 -22.41 95.88 -87.68
C PRO B 324 -22.60 95.02 -88.91
N TYR B 325 -21.57 94.28 -89.31
CA TYR B 325 -21.58 93.50 -90.54
C TYR B 325 -21.70 94.37 -91.79
N GLY B 326 -21.35 95.65 -91.67
CA GLY B 326 -21.34 96.57 -92.79
C GLY B 326 -22.62 97.22 -93.24
N GLY B 327 -23.52 97.57 -92.33
CA GLY B 327 -24.77 98.20 -92.70
C GLY B 327 -25.87 97.24 -93.14
N GLU B 328 -27.07 97.80 -93.19
CA GLU B 328 -28.30 97.05 -93.44
C GLU B 328 -29.27 97.93 -94.22
N CYS B 329 -30.15 97.31 -95.01
CA CYS B 329 -31.08 98.04 -95.88
C CYS B 329 -32.51 97.55 -95.65
N PHE B 330 -33.44 98.49 -95.50
CA PHE B 330 -34.81 98.21 -95.11
C PHE B 330 -35.83 99.00 -95.93
N CYS B 331 -36.90 98.30 -96.34
CA CYS B 331 -38.03 98.82 -97.10
C CYS B 331 -38.88 99.82 -96.27
N PRO B 332 -39.77 100.65 -96.85
CA PRO B 332 -40.51 101.65 -96.08
C PRO B 332 -41.32 101.05 -94.93
N PRO B 333 -41.42 101.74 -93.76
CA PRO B 333 -41.95 101.17 -92.52
C PRO B 333 -43.39 100.68 -92.63
N GLY B 334 -44.21 101.28 -93.49
CA GLY B 334 -45.62 100.99 -93.53
C GLY B 334 -46.08 99.67 -94.12
N HIS B 335 -46.00 98.60 -93.33
CA HIS B 335 -46.42 97.26 -93.70
C HIS B 335 -45.70 96.70 -94.94
N ILE B 336 -44.38 96.88 -94.99
CA ILE B 336 -43.47 96.24 -95.95
C ILE B 336 -42.15 95.84 -95.28
N ILE B 337 -41.41 94.90 -95.86
CA ILE B 337 -40.15 94.38 -95.31
C ILE B 337 -39.25 93.73 -96.38
N ASN B 338 -37.97 93.52 -96.07
CA ASN B 338 -36.99 92.93 -97.00
C ASN B 338 -37.30 91.47 -97.36
N SER B 339 -36.96 91.08 -98.60
CA SER B 339 -37.17 89.75 -99.16
C SER B 339 -36.00 88.78 -98.86
N ASN B 340 -35.75 87.80 -99.76
CA ASN B 340 -34.65 86.82 -99.67
C ASN B 340 -33.24 87.45 -99.53
N ASP B 341 -33.08 88.69 -99.97
CA ASP B 341 -31.92 89.54 -99.68
C ASP B 341 -32.38 90.99 -99.53
N SER B 342 -31.58 91.84 -98.87
CA SER B 342 -31.92 93.25 -98.64
C SER B 342 -32.13 94.05 -99.95
N ARG B 343 -31.63 93.53 -101.08
CA ARG B 343 -31.83 94.07 -102.42
C ARG B 343 -33.29 93.99 -102.95
N THR B 344 -34.19 93.33 -102.23
CA THR B 344 -35.60 93.14 -102.61
C THR B 344 -36.56 93.30 -101.43
N CYS B 345 -37.86 93.47 -101.70
CA CYS B 345 -38.89 93.75 -100.70
C CYS B 345 -40.25 93.11 -101.03
N ILE B 346 -41.06 92.87 -100.00
CA ILE B 346 -42.45 92.41 -100.08
C ILE B 346 -43.33 93.04 -98.99
N ASP B 347 -44.65 93.01 -99.15
CA ASP B 347 -45.59 93.47 -98.12
C ASP B 347 -45.48 92.66 -96.82
N PHE B 348 -45.72 93.30 -95.68
CA PHE B 348 -45.52 92.72 -94.35
C PHE B 348 -46.51 91.60 -94.02
N ASP B 349 -46.08 90.66 -93.18
CA ASP B 349 -46.89 89.61 -92.58
C ASP B 349 -47.84 90.14 -91.50
N ASP B 350 -48.85 90.93 -91.90
CA ASP B 350 -50.07 91.06 -91.11
C ASP B 350 -50.67 89.68 -90.80
N CYS B 351 -51.49 89.58 -89.76
CA CYS B 351 -51.83 88.34 -89.05
C CYS B 351 -50.71 87.75 -88.15
N GLN B 352 -49.47 88.23 -88.23
CA GLN B 352 -48.42 87.93 -87.24
C GLN B 352 -48.44 88.88 -86.04
N ILE B 353 -49.19 89.99 -86.08
CA ILE B 353 -49.35 90.90 -84.96
C ILE B 353 -50.23 90.31 -83.87
N TRP B 354 -49.73 90.24 -82.64
CA TRP B 354 -50.50 89.84 -81.48
C TRP B 354 -51.63 90.84 -81.19
N GLY B 355 -52.88 90.37 -81.18
CA GLY B 355 -54.07 91.21 -80.95
C GLY B 355 -54.65 91.89 -82.18
N ILE B 356 -54.15 91.59 -83.39
CA ILE B 356 -54.69 92.12 -84.64
C ILE B 356 -56.11 91.62 -84.97
N CYS B 357 -56.53 90.48 -84.44
CA CYS B 357 -57.89 89.95 -84.52
C CYS B 357 -58.23 89.07 -83.30
N ASP B 358 -59.51 88.99 -82.91
CA ASP B 358 -59.93 88.17 -81.76
C ASP B 358 -59.75 86.66 -81.95
N GLN B 359 -59.99 86.08 -83.13
CA GLN B 359 -59.92 84.63 -83.32
C GLN B 359 -59.02 84.18 -84.47
N LYS B 360 -59.25 84.59 -85.72
CA LYS B 360 -58.42 84.10 -86.82
C LYS B 360 -58.20 85.19 -87.85
N CYS B 361 -57.08 85.16 -88.56
CA CYS B 361 -56.72 86.20 -89.51
C CYS B 361 -56.27 85.62 -90.85
N GLU B 362 -56.70 86.25 -91.94
CA GLU B 362 -56.34 85.91 -93.33
C GLU B 362 -55.70 87.10 -94.05
N SER B 363 -54.80 86.83 -95.00
CA SER B 363 -54.24 87.84 -95.88
C SER B 363 -55.23 88.29 -96.97
N ARG B 364 -55.08 89.53 -97.44
CA ARG B 364 -55.77 90.13 -98.59
C ARG B 364 -54.79 91.01 -99.38
N GLN B 365 -55.13 91.38 -100.62
CA GLN B 365 -54.30 92.25 -101.45
C GLN B 365 -54.06 93.62 -100.78
N GLY B 366 -52.84 93.84 -100.27
CA GLY B 366 -52.49 95.03 -99.47
C GLY B 366 -53.22 95.16 -98.12
N ARG B 367 -53.74 94.06 -97.57
CA ARG B 367 -54.67 94.09 -96.42
C ARG B 367 -54.71 92.78 -95.61
N HIS B 368 -55.57 92.74 -94.59
CA HIS B 368 -55.87 91.57 -93.77
C HIS B 368 -57.37 91.50 -93.43
N GLN B 369 -57.85 90.31 -93.08
CA GLN B 369 -59.27 90.05 -92.81
C GLN B 369 -59.45 89.17 -91.56
N CYS B 370 -60.37 89.54 -90.67
CA CYS B 370 -60.77 88.73 -89.52
C CYS B 370 -61.71 87.58 -89.89
N LEU B 371 -61.69 86.53 -89.07
CA LEU B 371 -62.58 85.39 -89.11
C LEU B 371 -62.90 84.91 -87.69
N CYS B 372 -64.17 84.61 -87.47
CA CYS B 372 -64.69 84.12 -86.20
C CYS B 372 -65.34 82.76 -86.44
N GLU B 373 -65.31 81.92 -85.41
CA GLU B 373 -65.86 80.58 -85.50
C GLU B 373 -67.37 80.62 -85.60
N GLU B 374 -67.98 79.43 -85.70
CA GLU B 374 -69.38 79.30 -86.07
C GLU B 374 -70.33 79.93 -85.07
N GLY B 375 -69.97 79.96 -83.80
CA GLY B 375 -70.84 80.52 -82.79
C GLY B 375 -70.77 82.02 -82.64
N TYR B 376 -69.93 82.69 -83.43
CA TYR B 376 -69.59 84.09 -83.27
C TYR B 376 -69.89 84.89 -84.53
N ILE B 377 -70.07 86.20 -84.32
CA ILE B 377 -70.34 87.15 -85.39
C ILE B 377 -69.32 88.28 -85.23
N LEU B 378 -68.94 88.86 -86.36
CA LEU B 378 -67.79 89.73 -86.52
C LEU B 378 -68.19 91.20 -86.46
N GLU B 379 -67.55 91.95 -85.56
CA GLU B 379 -67.87 93.34 -85.32
C GLU B 379 -66.60 94.17 -85.38
N ARG B 380 -66.77 95.43 -85.75
CA ARG B 380 -65.75 96.48 -85.71
C ARG B 380 -64.51 96.12 -86.51
N GLY B 381 -64.62 95.17 -87.45
CA GLY B 381 -63.50 94.70 -88.22
C GLY B 381 -62.39 94.00 -87.46
N GLN B 382 -62.49 93.82 -86.14
CA GLN B 382 -61.41 93.29 -85.31
C GLN B 382 -61.89 92.27 -84.28
N HIS B 383 -63.16 92.37 -83.89
CA HIS B 383 -63.68 91.67 -82.73
C HIS B 383 -64.80 90.71 -83.10
N CYS B 384 -64.93 89.68 -82.27
CA CYS B 384 -65.89 88.61 -82.44
C CYS B 384 -66.82 88.62 -81.24
N LYS B 385 -68.12 88.64 -81.51
CA LYS B 385 -69.15 88.68 -80.48
C LYS B 385 -70.11 87.53 -80.76
N SER B 386 -70.83 87.11 -79.73
CA SER B 386 -71.56 85.86 -79.73
C SER B 386 -72.99 86.03 -80.25
N ASN B 387 -73.35 85.14 -81.17
CA ASN B 387 -74.67 85.08 -81.78
C ASN B 387 -75.75 85.17 -80.71
N ASP B 388 -76.72 86.06 -80.93
CA ASP B 388 -77.78 86.30 -79.96
C ASP B 388 -78.67 85.09 -79.72
N SER B 389 -78.57 84.05 -80.56
CA SER B 389 -79.31 82.81 -80.32
C SER B 389 -79.04 82.28 -78.92
N PHE B 390 -77.80 82.41 -78.46
CA PHE B 390 -77.42 81.94 -77.13
C PHE B 390 -77.81 82.97 -76.08
N SER B 391 -78.24 82.48 -74.92
CA SER B 391 -78.67 83.35 -73.84
C SER B 391 -77.53 84.27 -73.41
N ALA B 392 -77.90 85.41 -72.87
CA ALA B 392 -76.92 86.44 -72.53
C ALA B 392 -75.90 85.91 -71.53
N ALA B 393 -74.64 86.23 -71.77
CA ALA B 393 -73.56 85.71 -70.95
C ALA B 393 -73.68 86.21 -69.52
N SER B 394 -73.23 85.38 -68.58
CA SER B 394 -73.27 85.70 -67.18
C SER B 394 -71.89 85.47 -66.57
N ILE B 395 -71.67 86.10 -65.43
CA ILE B 395 -70.45 85.95 -64.65
C ILE B 395 -70.86 85.36 -63.30
N ILE B 396 -70.06 84.42 -62.80
CA ILE B 396 -70.32 83.81 -61.50
C ILE B 396 -69.01 83.91 -60.73
N PHE B 397 -69.05 84.56 -59.58
CA PHE B 397 -67.85 84.81 -58.81
C PHE B 397 -68.17 84.73 -57.33
N SER B 398 -67.15 84.50 -56.54
CA SER B 398 -67.28 84.41 -55.10
C SER B 398 -66.48 85.50 -54.43
N ASN B 399 -67.02 86.00 -53.33
CA ASN B 399 -66.54 87.15 -52.61
C ASN B 399 -66.27 86.78 -51.16
N GLY B 400 -65.71 85.60 -50.95
CA GLY B 400 -65.57 85.08 -49.62
C GLY B 400 -66.75 84.24 -49.18
N ARG B 401 -67.66 84.85 -48.44
CA ARG B 401 -68.75 84.13 -47.81
C ARG B 401 -69.82 83.68 -48.79
N ASP B 402 -70.03 84.41 -49.89
CA ASP B 402 -71.17 84.22 -50.77
C ASP B 402 -70.76 83.99 -52.22
N LEU B 403 -71.70 83.38 -52.94
CA LEU B 403 -71.58 83.09 -54.36
C LEU B 403 -72.54 84.04 -55.07
N LEU B 404 -72.03 84.78 -56.05
CA LEU B 404 -72.76 85.85 -56.70
C LEU B 404 -72.78 85.65 -58.22
N VAL B 405 -73.89 86.09 -58.80
CA VAL B 405 -74.13 86.03 -60.23
C VAL B 405 -74.33 87.45 -60.73
N GLY B 406 -73.79 87.74 -61.91
CA GLY B 406 -73.77 89.07 -62.47
C GLY B 406 -73.82 89.02 -63.97
N ASP B 407 -74.01 90.19 -64.57
CA ASP B 407 -74.17 90.34 -66.01
C ASP B 407 -72.91 90.95 -66.57
N LEU B 408 -72.61 90.60 -67.82
CA LEU B 408 -71.34 90.97 -68.43
C LEU B 408 -71.10 92.47 -68.43
N HIS B 409 -72.15 93.28 -68.39
CA HIS B 409 -71.99 94.72 -68.33
C HIS B 409 -71.64 95.22 -66.91
N GLY B 410 -71.79 94.38 -65.89
CA GLY B 410 -71.40 94.76 -64.55
C GLY B 410 -72.37 95.67 -63.84
N ARG B 411 -73.62 95.74 -64.28
CA ARG B 411 -74.60 96.65 -63.69
C ARG B 411 -75.41 96.02 -62.57
N ASN B 412 -75.70 94.72 -62.65
CA ASN B 412 -76.59 94.05 -61.71
C ASN B 412 -75.91 92.82 -61.13
N PHE B 413 -76.17 92.58 -59.84
CA PHE B 413 -75.61 91.44 -59.12
C PHE B 413 -76.68 90.85 -58.20
N ARG B 414 -76.69 89.53 -58.11
CA ARG B 414 -77.59 88.81 -57.22
C ARG B 414 -76.80 87.70 -56.55
N ILE B 415 -77.35 87.15 -55.47
CA ILE B 415 -76.69 86.13 -54.67
C ILE B 415 -77.34 84.79 -54.98
N LEU B 416 -76.54 83.84 -55.44
CA LEU B 416 -77.02 82.53 -55.83
C LEU B 416 -76.99 81.55 -54.66
N ALA B 417 -76.04 81.70 -53.75
CA ALA B 417 -75.98 80.86 -52.56
C ALA B 417 -75.20 81.58 -51.47
N GLU B 418 -75.67 81.46 -50.24
CA GLU B 418 -74.95 81.92 -49.07
C GLU B 418 -74.40 80.72 -48.34
N SER B 419 -73.15 80.81 -47.90
CA SER B 419 -72.52 79.71 -47.18
C SER B 419 -73.17 79.52 -45.83
N LYS B 420 -73.77 78.34 -45.63
CA LYS B 420 -74.34 78.00 -44.33
C LYS B 420 -73.23 77.64 -43.34
N ASN B 421 -73.57 77.74 -42.06
CA ASN B 421 -72.73 77.26 -40.97
C ASN B 421 -71.32 77.86 -41.01
N ARG B 422 -71.25 79.17 -41.25
CA ARG B 422 -70.00 79.92 -41.19
C ARG B 422 -68.98 79.46 -42.23
N GLY B 423 -69.45 79.00 -43.39
CA GLY B 423 -68.55 78.57 -44.44
C GLY B 423 -68.17 79.70 -45.39
N ILE B 424 -67.39 79.33 -46.41
CA ILE B 424 -67.01 80.22 -47.49
C ILE B 424 -67.08 79.46 -48.81
N VAL B 425 -67.10 80.21 -49.90
CA VAL B 425 -67.09 79.64 -51.24
C VAL B 425 -65.71 79.89 -51.83
N MET B 426 -65.04 78.82 -52.23
CA MET B 426 -63.65 78.86 -52.68
C MET B 426 -63.53 78.79 -54.19
N GLY B 427 -64.05 77.74 -54.80
CA GLY B 427 -63.91 77.52 -56.23
C GLY B 427 -65.25 77.18 -56.84
N VAL B 428 -65.44 77.65 -58.07
CA VAL B 428 -66.73 77.64 -58.78
C VAL B 428 -66.55 77.12 -60.19
N ASP B 429 -67.48 76.27 -60.63
CA ASP B 429 -67.52 75.83 -62.02
C ASP B 429 -68.94 75.42 -62.36
N PHE B 430 -69.28 75.45 -63.65
CA PHE B 430 -70.65 75.26 -64.11
C PHE B 430 -70.75 74.19 -65.19
N HIS B 431 -71.98 73.68 -65.33
CA HIS B 431 -72.39 72.81 -66.42
C HIS B 431 -73.61 73.50 -67.02
N TYR B 432 -73.57 73.71 -68.33
CA TYR B 432 -74.56 74.56 -69.01
C TYR B 432 -75.82 73.79 -69.39
N GLN B 433 -75.67 72.63 -70.02
CA GLN B 433 -76.83 71.89 -70.50
C GLN B 433 -77.62 71.21 -69.39
N LYS B 434 -77.15 71.26 -68.14
CA LYS B 434 -77.90 70.79 -66.99
C LYS B 434 -78.30 71.91 -66.06
N HIS B 435 -77.88 73.15 -66.36
CA HIS B 435 -78.26 74.33 -65.58
C HIS B 435 -77.68 74.27 -64.17
N ARG B 436 -76.47 73.74 -64.02
CA ARG B 436 -75.89 73.51 -62.70
C ARG B 436 -74.65 74.34 -62.46
N VAL B 437 -74.49 74.75 -61.21
CA VAL B 437 -73.32 75.45 -60.71
C VAL B 437 -72.82 74.68 -59.50
N PHE B 438 -71.52 74.45 -59.44
CA PHE B 438 -70.86 73.67 -58.42
C PHE B 438 -69.86 74.55 -57.70
N TRP B 439 -69.74 74.38 -56.39
CA TRP B 439 -68.75 75.15 -55.65
C TRP B 439 -68.22 74.37 -54.46
N THR B 440 -67.03 74.77 -54.03
CA THR B 440 -66.30 74.14 -52.94
C THR B 440 -66.28 75.02 -51.70
N ASP B 441 -66.26 74.37 -50.53
CA ASP B 441 -66.17 75.05 -49.25
C ASP B 441 -65.12 74.31 -48.42
N PRO B 442 -63.98 74.94 -48.10
CA PRO B 442 -62.99 74.27 -47.25
C PRO B 442 -63.21 74.48 -45.75
N MET B 443 -64.09 75.39 -45.35
CA MET B 443 -64.36 75.54 -43.94
C MET B 443 -65.38 74.50 -43.48
N GLN B 444 -66.33 74.17 -44.34
CA GLN B 444 -67.25 73.07 -44.11
C GLN B 444 -66.73 71.74 -44.62
N ALA B 445 -65.67 71.75 -45.43
CA ALA B 445 -65.13 70.53 -46.03
C ALA B 445 -66.22 69.84 -46.86
N LYS B 446 -66.77 70.59 -47.81
CA LYS B 446 -67.90 70.10 -48.57
C LYS B 446 -67.89 70.65 -49.99
N VAL B 447 -68.64 69.97 -50.86
CA VAL B 447 -68.83 70.37 -52.24
C VAL B 447 -70.33 70.37 -52.50
N PHE B 448 -70.81 71.43 -53.14
CA PHE B 448 -72.23 71.68 -53.33
C PHE B 448 -72.55 71.91 -54.80
N SER B 449 -73.79 71.59 -55.16
CA SER B 449 -74.33 71.83 -56.49
C SER B 449 -75.67 72.51 -56.35
N THR B 450 -76.02 73.34 -57.33
CA THR B 450 -77.26 74.07 -57.32
C THR B 450 -77.68 74.39 -58.74
N ASP B 451 -78.94 74.76 -58.90
CA ASP B 451 -79.45 75.26 -60.17
C ASP B 451 -79.19 76.75 -60.21
N ILE B 452 -78.93 77.26 -61.43
CA ILE B 452 -78.56 78.66 -61.55
C ILE B 452 -79.69 79.61 -61.16
N ASN B 453 -80.92 79.11 -61.08
CA ASN B 453 -82.02 79.90 -60.54
C ASN B 453 -81.98 80.00 -59.02
N GLY B 454 -81.03 79.32 -58.37
CA GLY B 454 -80.89 79.34 -56.93
C GLY B 454 -81.64 78.26 -56.19
N LEU B 455 -82.39 77.42 -56.90
CA LEU B 455 -83.16 76.34 -56.30
C LEU B 455 -82.39 75.03 -56.41
N ASN B 456 -82.95 73.98 -55.80
CA ASN B 456 -82.49 72.61 -55.97
C ASN B 456 -81.00 72.47 -55.63
N THR B 457 -80.71 72.68 -54.35
CA THR B 457 -79.34 72.78 -53.85
C THR B 457 -79.04 71.52 -53.05
N GLN B 458 -77.85 70.97 -53.29
CA GLN B 458 -77.47 69.65 -52.82
C GLN B 458 -76.00 69.63 -52.46
N GLU B 459 -75.65 68.65 -51.64
CA GLU B 459 -74.30 68.40 -51.16
C GLU B 459 -73.87 67.06 -51.73
N ILE B 460 -72.69 66.99 -52.33
CA ILE B 460 -72.29 65.83 -53.11
C ILE B 460 -70.99 65.18 -52.66
N LEU B 461 -70.11 65.85 -51.92
CA LEU B 461 -68.92 65.19 -51.39
C LEU B 461 -68.61 65.73 -50.01
N ASN B 462 -68.46 64.82 -49.03
CA ASN B 462 -68.07 65.21 -47.69
C ASN B 462 -67.10 64.26 -46.99
N VAL B 463 -66.65 63.18 -47.63
CA VAL B 463 -65.93 62.15 -46.89
C VAL B 463 -64.44 62.46 -46.71
N SER B 464 -63.74 62.92 -47.75
CA SER B 464 -62.32 63.20 -47.59
C SER B 464 -61.86 64.47 -48.31
N ILE B 465 -62.76 65.37 -48.66
CA ILE B 465 -62.39 66.66 -49.24
C ILE B 465 -62.35 67.63 -48.07
N ASP B 466 -61.19 67.73 -47.43
CA ASP B 466 -61.01 68.55 -46.25
C ASP B 466 -60.38 69.92 -46.54
N ALA B 467 -59.79 70.10 -47.71
CA ALA B 467 -59.18 71.39 -48.09
C ALA B 467 -59.19 71.52 -49.60
N PRO B 468 -60.37 71.60 -50.21
CA PRO B 468 -60.44 71.82 -51.65
C PRO B 468 -60.12 73.26 -52.00
N GLU B 469 -59.59 73.46 -53.21
CA GLU B 469 -59.35 74.78 -53.75
C GLU B 469 -60.12 75.04 -55.04
N ASN B 470 -59.94 74.23 -56.09
CA ASN B 470 -60.47 74.54 -57.40
C ASN B 470 -61.11 73.33 -58.06
N LEU B 471 -62.11 73.62 -58.88
CA LEU B 471 -62.91 72.66 -59.59
C LEU B 471 -62.80 72.88 -61.10
N ALA B 472 -62.96 71.79 -61.85
CA ALA B 472 -63.13 71.82 -63.29
C ALA B 472 -64.26 70.87 -63.63
N VAL B 473 -64.92 71.09 -64.76
CA VAL B 473 -66.05 70.26 -65.17
C VAL B 473 -65.86 69.79 -66.61
N ASP B 474 -66.19 68.53 -66.85
CA ASP B 474 -66.15 67.91 -68.17
C ASP B 474 -67.60 67.67 -68.56
N TRP B 475 -68.03 68.39 -69.59
CA TRP B 475 -69.41 68.35 -70.06
C TRP B 475 -69.66 67.29 -71.13
N ILE B 476 -68.61 66.64 -71.63
CA ILE B 476 -68.77 65.60 -72.64
C ILE B 476 -69.03 64.25 -71.98
N ASN B 477 -68.31 63.96 -70.89
CA ASN B 477 -68.46 62.71 -70.16
C ASN B 477 -69.13 62.90 -68.81
N ASN B 478 -69.58 64.11 -68.49
CA ASN B 478 -70.29 64.39 -67.25
C ASN B 478 -69.44 64.02 -66.03
N LYS B 479 -68.27 64.65 -65.94
CA LYS B 479 -67.33 64.41 -64.85
C LYS B 479 -66.96 65.73 -64.19
N LEU B 480 -66.55 65.63 -62.94
CA LEU B 480 -66.13 66.77 -62.15
C LEU B 480 -64.75 66.49 -61.59
N TYR B 481 -63.84 67.45 -61.72
CA TYR B 481 -62.46 67.31 -61.33
C TYR B 481 -62.20 68.26 -60.17
N LEU B 482 -61.55 67.75 -59.13
CA LEU B 482 -61.31 68.48 -57.90
C LEU B 482 -59.82 68.51 -57.59
N VAL B 483 -59.40 69.63 -56.99
CA VAL B 483 -58.05 69.80 -56.49
C VAL B 483 -58.13 69.82 -54.96
N GLU B 484 -57.35 68.96 -54.32
CA GLU B 484 -57.37 68.77 -52.88
C GLU B 484 -55.96 68.90 -52.34
N THR B 485 -55.84 69.53 -51.16
CA THR B 485 -54.56 69.91 -50.59
C THR B 485 -54.27 69.33 -49.21
N ARG B 486 -55.24 68.70 -48.53
CA ARG B 486 -54.91 68.02 -47.29
C ARG B 486 -53.95 66.88 -47.59
N VAL B 487 -54.32 66.06 -48.57
CA VAL B 487 -53.45 65.10 -49.21
C VAL B 487 -53.46 65.54 -50.67
N ASN B 488 -52.28 65.90 -51.18
CA ASN B 488 -52.21 66.54 -52.48
C ASN B 488 -52.76 65.61 -53.54
N ARG B 489 -53.93 65.94 -54.08
CA ARG B 489 -54.65 65.07 -54.97
C ARG B 489 -55.38 65.84 -56.05
N ILE B 490 -55.51 65.21 -57.21
CA ILE B 490 -56.45 65.59 -58.24
C ILE B 490 -57.38 64.40 -58.39
N ASP B 491 -58.67 64.64 -58.26
CA ASP B 491 -59.66 63.59 -58.19
C ASP B 491 -60.77 63.84 -59.21
N VAL B 492 -61.42 62.74 -59.60
CA VAL B 492 -62.48 62.76 -60.60
C VAL B 492 -63.69 62.06 -60.02
N VAL B 493 -64.85 62.67 -60.21
CA VAL B 493 -66.12 62.17 -59.68
C VAL B 493 -67.20 62.36 -60.73
N ASN B 494 -68.37 61.81 -60.43
CA ASN B 494 -69.58 62.06 -61.17
C ASN B 494 -70.24 63.30 -60.60
N LEU B 495 -71.08 63.94 -61.41
CA LEU B 495 -71.76 65.14 -60.94
C LEU B 495 -72.62 64.86 -59.72
N GLU B 496 -73.04 63.61 -59.50
CA GLU B 496 -73.75 63.24 -58.30
C GLU B 496 -72.83 62.86 -57.14
N GLY B 497 -71.55 62.60 -57.41
CA GLY B 497 -70.61 62.28 -56.35
C GLY B 497 -70.42 60.81 -56.06
N ASN B 498 -71.07 59.90 -56.79
CA ASN B 498 -71.19 58.50 -56.42
C ASN B 498 -70.17 57.59 -57.08
N GLN B 499 -69.23 58.12 -57.86
CA GLN B 499 -68.10 57.37 -58.39
C GLN B 499 -66.88 58.23 -58.19
N ARG B 500 -65.73 57.61 -57.88
CA ARG B 500 -64.55 58.40 -57.54
C ARG B 500 -63.27 57.71 -57.98
N VAL B 501 -62.32 58.53 -58.43
CA VAL B 501 -60.99 58.08 -58.84
C VAL B 501 -60.00 59.18 -58.47
N THR B 502 -58.75 58.78 -58.26
CA THR B 502 -57.64 59.69 -58.04
C THR B 502 -56.71 59.55 -59.22
N LEU B 503 -56.39 60.68 -59.87
CA LEU B 503 -55.64 60.67 -61.13
C LEU B 503 -54.19 61.08 -61.00
N ILE B 504 -53.87 62.13 -60.25
CA ILE B 504 -52.52 62.64 -60.16
C ILE B 504 -52.17 62.82 -58.69
N THR B 505 -51.08 62.18 -58.25
CA THR B 505 -50.63 62.25 -56.86
C THR B 505 -49.12 62.44 -56.71
N GLU B 506 -48.31 62.12 -57.72
CA GLU B 506 -46.88 61.88 -57.63
C GLU B 506 -46.06 63.01 -57.02
N ASN B 507 -45.98 64.16 -57.69
CA ASN B 507 -45.09 65.24 -57.29
C ASN B 507 -45.84 66.49 -56.84
N LEU B 508 -47.15 66.41 -56.62
CA LEU B 508 -47.91 67.58 -56.23
C LEU B 508 -47.53 68.01 -54.82
N GLY B 509 -47.09 69.26 -54.68
CA GLY B 509 -46.80 69.85 -53.39
C GLY B 509 -47.83 70.86 -52.95
N HIS B 510 -48.22 71.74 -53.88
CA HIS B 510 -49.20 72.79 -53.61
C HIS B 510 -50.06 73.03 -54.84
N PRO B 511 -50.88 72.05 -55.23
CA PRO B 511 -51.74 72.23 -56.40
C PRO B 511 -52.84 73.24 -56.11
N ARG B 512 -53.05 74.18 -57.05
CA ARG B 512 -53.96 75.28 -56.85
C ARG B 512 -54.95 75.54 -57.98
N GLY B 513 -54.57 75.25 -59.22
CA GLY B 513 -55.38 75.58 -60.37
C GLY B 513 -55.52 74.41 -61.32
N ILE B 514 -56.70 74.34 -61.96
CA ILE B 514 -57.08 73.23 -62.82
C ILE B 514 -57.97 73.75 -63.95
N ALA B 515 -57.78 73.20 -65.15
CA ALA B 515 -58.56 73.54 -66.32
C ALA B 515 -58.59 72.34 -67.26
N LEU B 516 -59.67 72.25 -68.04
CA LEU B 516 -59.92 71.11 -68.91
C LEU B 516 -60.32 71.54 -70.32
N ASP B 517 -59.94 70.72 -71.29
CA ASP B 517 -60.45 70.78 -72.66
C ASP B 517 -60.89 69.36 -73.02
N PRO B 518 -62.20 69.06 -73.01
CA PRO B 518 -62.65 67.73 -73.42
C PRO B 518 -62.64 67.48 -74.91
N THR B 519 -62.61 68.52 -75.74
CA THR B 519 -62.67 68.32 -77.18
C THR B 519 -61.40 67.65 -77.69
N VAL B 520 -60.25 68.04 -77.16
CA VAL B 520 -58.97 67.44 -77.53
C VAL B 520 -58.61 66.37 -76.50
N GLY B 521 -58.97 66.63 -75.24
CA GLY B 521 -58.70 65.70 -74.16
C GLY B 521 -57.45 66.06 -73.39
N TYR B 522 -57.36 67.33 -72.97
CA TYR B 522 -56.21 67.84 -72.25
C TYR B 522 -56.60 68.40 -70.90
N LEU B 523 -55.70 68.23 -69.93
CA LEU B 523 -55.86 68.71 -68.57
C LEU B 523 -54.65 69.56 -68.23
N PHE B 524 -54.90 70.75 -67.66
CA PHE B 524 -53.87 71.70 -67.30
C PHE B 524 -53.99 72.01 -65.82
N PHE B 525 -52.87 72.02 -65.10
CA PHE B 525 -52.94 72.34 -63.67
C PHE B 525 -51.64 72.98 -63.20
N SER B 526 -51.77 73.72 -62.10
CA SER B 526 -50.67 74.51 -61.55
C SER B 526 -50.36 74.11 -60.12
N ASP B 527 -49.08 74.27 -59.77
CA ASP B 527 -48.54 73.98 -58.45
C ASP B 527 -47.53 75.08 -58.12
N TRP B 528 -47.70 75.74 -56.98
CA TRP B 528 -46.77 76.79 -56.61
C TRP B 528 -45.62 76.30 -55.74
N GLY B 529 -45.54 75.00 -55.46
CA GLY B 529 -44.38 74.46 -54.79
C GLY B 529 -44.32 72.95 -54.84
N SER B 530 -43.85 72.40 -55.96
CA SER B 530 -43.75 70.95 -56.10
C SER B 530 -42.74 70.38 -55.12
N LEU B 531 -42.90 69.08 -54.81
CA LEU B 531 -41.99 68.47 -53.85
C LEU B 531 -40.55 68.49 -54.36
N SER B 532 -40.37 68.53 -55.68
CA SER B 532 -39.04 68.67 -56.24
C SER B 532 -38.48 70.08 -56.06
N GLY B 533 -39.28 71.02 -55.56
CA GLY B 533 -38.87 72.38 -55.31
C GLY B 533 -39.30 73.37 -56.37
N GLN B 534 -39.48 72.93 -57.60
CA GLN B 534 -39.83 73.85 -58.68
C GLN B 534 -41.31 74.22 -58.62
N PRO B 535 -41.66 75.49 -58.81
CA PRO B 535 -43.04 75.83 -59.17
C PRO B 535 -43.29 75.32 -60.58
N LYS B 536 -44.54 74.95 -60.86
CA LYS B 536 -44.83 74.35 -62.15
C LYS B 536 -46.23 74.68 -62.64
N VAL B 537 -46.34 74.72 -63.96
CA VAL B 537 -47.59 74.68 -64.69
C VAL B 537 -47.41 73.49 -65.62
N GLU B 538 -48.41 72.62 -65.65
CA GLU B 538 -48.28 71.28 -66.18
C GLU B 538 -49.47 70.90 -67.03
N ARG B 539 -49.20 70.05 -68.01
CA ARG B 539 -50.18 69.56 -68.95
C ARG B 539 -50.26 68.06 -68.81
N ALA B 540 -51.45 67.53 -69.01
CA ALA B 540 -51.68 66.11 -68.88
C ALA B 540 -52.81 65.70 -69.81
N PHE B 541 -53.01 64.39 -69.89
CA PHE B 541 -54.17 63.81 -70.52
C PHE B 541 -55.25 63.75 -69.46
N MET B 542 -56.50 63.81 -69.89
CA MET B 542 -57.59 63.86 -68.92
C MET B 542 -57.65 62.63 -68.03
N ASP B 543 -56.96 61.54 -68.39
CA ASP B 543 -56.82 60.39 -67.51
C ASP B 543 -55.56 60.43 -66.65
N GLY B 544 -54.67 61.41 -66.86
CA GLY B 544 -53.46 61.49 -66.07
C GLY B 544 -52.29 60.71 -66.64
N SER B 545 -52.42 60.17 -67.85
CA SER B 545 -51.48 59.18 -68.37
C SER B 545 -50.13 59.79 -68.71
N ASN B 546 -50.12 60.84 -69.52
CA ASN B 546 -48.91 61.45 -70.04
C ASN B 546 -48.84 62.89 -69.58
N ARG B 547 -47.71 63.24 -68.97
CA ARG B 547 -47.54 64.49 -68.26
C ARG B 547 -46.34 65.24 -68.81
N LYS B 548 -46.45 66.56 -68.80
CA LYS B 548 -45.59 67.49 -69.50
C LYS B 548 -45.55 68.79 -68.72
N ASP B 549 -44.37 69.41 -68.66
CA ASP B 549 -44.18 70.67 -67.98
C ASP B 549 -44.31 71.77 -69.02
N LEU B 550 -45.36 72.58 -68.88
CA LEU B 550 -45.68 73.60 -69.87
C LEU B 550 -44.94 74.90 -69.61
N VAL B 551 -44.75 75.27 -68.34
CA VAL B 551 -44.01 76.48 -67.99
C VAL B 551 -43.17 76.18 -66.76
N THR B 552 -41.88 76.50 -66.83
CA THR B 552 -40.98 76.48 -65.68
C THR B 552 -40.11 77.71 -65.57
N THR B 553 -39.90 78.46 -66.65
CA THR B 553 -39.07 79.66 -66.61
C THR B 553 -39.88 80.87 -66.16
N LYS B 554 -39.27 81.70 -65.33
CA LYS B 554 -39.86 82.95 -64.87
C LYS B 554 -41.24 82.70 -64.27
N LEU B 555 -41.28 81.82 -63.27
CA LEU B 555 -42.51 81.36 -62.66
C LEU B 555 -42.39 81.38 -61.15
N GLY B 556 -43.38 81.99 -60.50
CA GLY B 556 -43.43 82.12 -59.06
C GLY B 556 -44.54 81.31 -58.44
N TRP B 557 -45.64 81.97 -58.12
CA TRP B 557 -46.79 81.36 -57.48
C TRP B 557 -47.98 81.32 -58.44
N PRO B 558 -48.02 80.36 -59.37
CA PRO B 558 -49.16 80.27 -60.29
C PRO B 558 -50.40 79.79 -59.57
N ALA B 559 -51.42 80.66 -59.53
CA ALA B 559 -52.63 80.44 -58.76
C ALA B 559 -53.86 80.08 -59.58
N GLY B 560 -53.91 80.41 -60.86
CA GLY B 560 -55.09 80.10 -61.64
C GLY B 560 -54.82 79.95 -63.11
N ILE B 561 -55.54 79.01 -63.74
CA ILE B 561 -55.45 78.71 -65.16
C ILE B 561 -56.83 78.80 -65.78
N THR B 562 -56.90 79.31 -67.01
CA THR B 562 -58.09 79.26 -67.83
C THR B 562 -57.65 79.00 -69.26
N LEU B 563 -58.60 78.60 -70.09
CA LEU B 563 -58.33 78.24 -71.48
C LEU B 563 -59.17 79.03 -72.45
N ASP B 564 -58.58 79.32 -73.60
CA ASP B 564 -59.24 79.89 -74.76
C ASP B 564 -59.30 78.75 -75.76
N LEU B 565 -60.52 78.34 -76.12
CA LEU B 565 -60.73 77.12 -76.89
C LEU B 565 -60.83 77.32 -78.39
N VAL B 566 -61.05 78.55 -78.85
CA VAL B 566 -61.09 78.78 -80.30
C VAL B 566 -59.69 78.94 -80.85
N SER B 567 -58.79 79.57 -80.09
CA SER B 567 -57.40 79.72 -80.46
C SER B 567 -56.49 78.68 -79.81
N LYS B 568 -57.02 77.87 -78.89
CA LYS B 568 -56.26 76.84 -78.19
C LYS B 568 -55.05 77.45 -77.49
N ARG B 569 -55.32 78.34 -76.55
CA ARG B 569 -54.35 79.03 -75.69
C ARG B 569 -54.67 78.84 -74.22
N VAL B 570 -53.64 78.92 -73.41
CA VAL B 570 -53.70 78.74 -71.97
C VAL B 570 -53.27 80.05 -71.32
N TYR B 571 -54.03 80.54 -70.35
CA TYR B 571 -53.74 81.76 -69.62
C TYR B 571 -53.57 81.40 -68.16
N TRP B 572 -52.57 81.96 -67.49
CA TRP B 572 -52.35 81.71 -66.08
C TRP B 572 -51.89 82.98 -65.38
N VAL B 573 -52.15 83.01 -64.08
CA VAL B 573 -51.86 84.17 -63.24
C VAL B 573 -50.86 83.77 -62.16
N ASP B 574 -49.92 84.68 -61.89
CA ASP B 574 -48.87 84.49 -60.90
C ASP B 574 -48.93 85.65 -59.92
N SER B 575 -48.87 85.33 -58.63
CA SER B 575 -49.05 86.30 -57.55
C SER B 575 -47.76 86.64 -56.81
N ARG B 576 -46.67 85.93 -57.06
CA ARG B 576 -45.39 86.30 -56.49
C ARG B 576 -44.69 87.28 -57.41
N TYR B 577 -44.70 86.99 -58.71
CA TYR B 577 -44.13 87.85 -59.73
C TYR B 577 -45.17 88.75 -60.35
N ASP B 578 -46.43 88.67 -59.91
CA ASP B 578 -47.47 89.65 -60.18
C ASP B 578 -47.69 89.86 -61.68
N TYR B 579 -48.11 88.78 -62.35
CA TYR B 579 -48.36 88.90 -63.79
C TYR B 579 -49.48 87.97 -64.21
N ILE B 580 -49.95 88.23 -65.44
CA ILE B 580 -50.97 87.43 -66.12
C ILE B 580 -50.41 87.19 -67.51
N GLU B 581 -50.32 85.91 -67.90
CA GLU B 581 -49.53 85.53 -69.05
C GLU B 581 -50.17 84.36 -69.77
N THR B 582 -49.78 84.18 -71.01
CA THR B 582 -50.44 83.31 -71.97
C THR B 582 -49.42 82.50 -72.74
N VAL B 583 -49.74 81.24 -72.99
CA VAL B 583 -48.99 80.34 -73.83
C VAL B 583 -50.00 79.59 -74.69
N THR B 584 -49.51 78.68 -75.53
CA THR B 584 -50.35 77.80 -76.31
C THR B 584 -50.40 76.44 -75.62
N TYR B 585 -51.23 75.54 -76.17
CA TYR B 585 -51.39 74.22 -75.57
C TYR B 585 -50.06 73.49 -75.48
N ASP B 586 -49.10 73.81 -76.35
CA ASP B 586 -47.78 73.18 -76.33
C ASP B 586 -46.71 74.03 -75.66
N GLY B 587 -47.04 75.24 -75.20
CA GLY B 587 -46.04 76.03 -74.48
C GLY B 587 -45.04 76.76 -75.33
N ILE B 588 -45.34 77.00 -76.61
CA ILE B 588 -44.36 77.38 -77.61
C ILE B 588 -44.25 78.89 -77.82
N GLN B 589 -45.36 79.62 -77.72
CA GLN B 589 -45.38 81.06 -77.91
C GLN B 589 -45.94 81.71 -76.64
N ARG B 590 -45.18 82.61 -76.04
CA ARG B 590 -45.47 83.14 -74.72
C ARG B 590 -45.60 84.66 -74.77
N LYS B 591 -46.71 85.17 -74.22
CA LYS B 591 -47.13 86.58 -74.25
C LYS B 591 -47.64 87.05 -72.89
N THR B 592 -47.23 88.23 -72.43
CA THR B 592 -47.67 88.86 -71.20
C THR B 592 -48.82 89.80 -71.46
N VAL B 593 -49.92 89.61 -70.75
CA VAL B 593 -51.13 90.41 -70.89
C VAL B 593 -51.06 91.65 -70.01
N ALA B 594 -50.54 91.53 -68.79
CA ALA B 594 -50.32 92.65 -67.88
C ALA B 594 -49.34 92.21 -66.81
N ARG B 595 -48.58 93.17 -66.31
CA ARG B 595 -47.61 92.91 -65.25
C ARG B 595 -47.45 94.16 -64.42
N GLY B 596 -46.94 93.96 -63.20
CA GLY B 596 -46.64 95.05 -62.29
C GLY B 596 -47.36 94.93 -60.96
N GLY B 597 -46.70 95.37 -59.90
CA GLY B 597 -47.30 95.30 -58.58
C GLY B 597 -48.54 96.17 -58.45
N SER B 598 -48.55 97.32 -59.11
CA SER B 598 -49.68 98.23 -59.03
C SER B 598 -50.87 97.75 -59.85
N LEU B 599 -50.63 97.09 -60.98
CA LEU B 599 -51.70 96.66 -61.86
C LEU B 599 -52.29 95.31 -61.48
N VAL B 600 -51.44 94.34 -61.14
CA VAL B 600 -51.86 92.97 -60.84
C VAL B 600 -51.13 92.52 -59.58
N PRO B 601 -51.49 93.07 -58.41
CA PRO B 601 -50.72 92.76 -57.19
C PRO B 601 -50.80 91.33 -56.68
N HIS B 602 -51.98 90.71 -56.63
CA HIS B 602 -52.11 89.36 -56.06
C HIS B 602 -53.28 88.62 -56.67
N PRO B 603 -53.17 88.22 -57.93
CA PRO B 603 -54.27 87.49 -58.55
C PRO B 603 -54.34 86.05 -58.08
N PHE B 604 -55.56 85.51 -58.03
CA PHE B 604 -55.81 84.13 -57.63
C PHE B 604 -56.52 83.33 -58.71
N GLY B 605 -57.64 83.83 -59.22
CA GLY B 605 -58.46 83.09 -60.16
C GLY B 605 -58.67 83.89 -61.43
N ILE B 606 -58.86 83.15 -62.53
CA ILE B 606 -58.95 83.74 -63.86
C ILE B 606 -59.96 82.98 -64.70
N SER B 607 -60.66 83.73 -65.56
CA SER B 607 -61.68 83.21 -66.47
C SER B 607 -61.64 84.08 -67.71
N LEU B 608 -62.17 83.57 -68.82
CA LEU B 608 -61.98 84.17 -70.12
C LEU B 608 -63.24 84.11 -70.97
N PHE B 609 -63.53 85.20 -71.67
CA PHE B 609 -64.65 85.23 -72.61
C PHE B 609 -64.43 86.34 -73.62
N GLU B 610 -64.58 86.01 -74.89
CA GLU B 610 -64.45 86.93 -76.01
C GLU B 610 -63.20 87.81 -75.88
N GLU B 611 -63.36 89.13 -75.81
CA GLU B 611 -62.24 90.07 -75.78
C GLU B 611 -61.59 90.19 -74.42
N HIS B 612 -62.17 89.64 -73.37
CA HIS B 612 -61.83 90.00 -72.01
C HIS B 612 -61.51 88.78 -71.15
N VAL B 613 -60.70 89.05 -70.14
CA VAL B 613 -60.37 88.11 -69.09
C VAL B 613 -60.81 88.74 -67.77
N PHE B 614 -61.37 87.91 -66.90
CA PHE B 614 -61.87 88.31 -65.60
C PHE B 614 -61.01 87.62 -64.56
N PHE B 615 -60.40 88.39 -63.67
CA PHE B 615 -59.52 87.81 -62.66
C PHE B 615 -59.77 88.44 -61.30
N THR B 616 -59.51 87.65 -60.27
CA THR B 616 -59.75 88.03 -58.90
C THR B 616 -58.44 88.33 -58.21
N ASP B 617 -58.41 89.41 -57.43
CA ASP B 617 -57.20 89.88 -56.78
C ASP B 617 -57.48 90.13 -55.31
N TRP B 618 -56.63 89.54 -54.46
CA TRP B 618 -56.74 89.65 -53.02
C TRP B 618 -56.24 90.98 -52.49
N THR B 619 -55.28 91.60 -53.17
CA THR B 619 -54.78 92.89 -52.71
C THR B 619 -55.74 94.00 -53.09
N LYS B 620 -56.28 93.95 -54.31
CA LYS B 620 -57.35 94.84 -54.69
C LYS B 620 -58.64 94.51 -53.95
N MET B 621 -58.78 93.29 -53.45
CA MET B 621 -60.02 92.79 -52.86
C MET B 621 -61.14 92.99 -53.87
N ALA B 622 -60.89 92.54 -55.09
CA ALA B 622 -61.75 92.88 -56.21
C ALA B 622 -61.76 91.80 -57.27
N VAL B 623 -62.81 91.89 -58.10
CA VAL B 623 -62.94 91.16 -59.34
C VAL B 623 -62.71 92.18 -60.43
N MET B 624 -61.85 91.86 -61.39
CA MET B 624 -61.32 92.82 -62.34
C MET B 624 -61.46 92.29 -63.75
N LYS B 625 -61.56 93.24 -64.68
CA LYS B 625 -61.76 92.99 -66.09
C LYS B 625 -60.58 93.58 -66.86
N ALA B 626 -60.09 92.81 -67.82
CA ALA B 626 -58.92 93.18 -68.58
C ALA B 626 -59.06 92.65 -70.00
N ASN B 627 -58.20 93.14 -70.88
CA ASN B 627 -58.22 92.79 -72.30
C ASN B 627 -57.32 91.58 -72.53
N LYS B 628 -57.81 90.63 -73.29
CA LYS B 628 -57.15 89.34 -73.51
C LYS B 628 -55.74 89.45 -74.09
N PHE B 629 -55.45 90.47 -74.88
CA PHE B 629 -54.21 90.58 -75.64
C PHE B 629 -53.17 91.47 -74.95
N THR B 630 -53.57 92.63 -74.45
CA THR B 630 -52.75 93.55 -73.64
C THR B 630 -53.65 94.54 -72.93
N ASP B 631 -53.38 94.82 -71.67
CA ASP B 631 -54.10 95.81 -70.87
C ASP B 631 -53.13 96.45 -69.90
N THR B 632 -52.78 97.71 -70.17
CA THR B 632 -51.87 98.46 -69.29
C THR B 632 -52.59 99.09 -68.12
N ASN B 633 -53.91 98.92 -68.01
CA ASN B 633 -54.66 99.47 -66.89
C ASN B 633 -55.97 98.69 -66.72
N PRO B 634 -55.96 97.58 -65.97
CA PRO B 634 -57.19 96.83 -65.75
C PRO B 634 -58.25 97.66 -65.03
N GLN B 635 -59.48 97.17 -65.06
CA GLN B 635 -60.62 97.86 -64.48
C GLN B 635 -61.32 96.93 -63.50
N VAL B 636 -62.25 97.49 -62.72
CA VAL B 636 -62.91 96.77 -61.65
C VAL B 636 -64.35 96.49 -62.05
N TYR B 637 -64.74 95.22 -61.93
CA TYR B 637 -66.07 94.72 -62.23
C TYR B 637 -66.92 94.61 -60.97
N HIS B 638 -66.31 94.23 -59.86
CA HIS B 638 -66.96 94.15 -58.57
C HIS B 638 -65.92 94.39 -57.48
N GLN B 639 -66.31 95.15 -56.46
CA GLN B 639 -65.45 95.46 -55.32
C GLN B 639 -66.01 94.74 -54.11
N SER B 640 -65.15 94.08 -53.34
CA SER B 640 -65.56 93.25 -52.22
C SER B 640 -64.84 93.69 -50.95
N SER B 641 -65.52 93.49 -49.82
CA SER B 641 -64.93 93.72 -48.51
C SER B 641 -64.08 92.54 -48.06
N LEU B 642 -64.21 91.39 -48.71
CA LEU B 642 -63.42 90.21 -48.44
C LEU B 642 -62.73 89.77 -49.72
N THR B 643 -61.68 89.00 -49.56
CA THR B 643 -60.88 88.55 -50.70
C THR B 643 -61.69 87.62 -51.61
N PRO B 644 -61.90 87.96 -52.89
CA PRO B 644 -62.63 87.04 -53.77
C PRO B 644 -61.71 85.96 -54.31
N PHE B 645 -62.23 84.73 -54.33
CA PHE B 645 -61.46 83.56 -54.68
C PHE B 645 -61.64 83.09 -56.11
N GLY B 646 -62.86 82.75 -56.51
CA GLY B 646 -63.11 82.05 -57.76
C GLY B 646 -64.08 82.78 -58.67
N VAL B 647 -63.82 82.68 -59.98
CA VAL B 647 -64.60 83.37 -61.00
C VAL B 647 -64.70 82.48 -62.22
N THR B 648 -65.85 82.53 -62.88
CA THR B 648 -66.10 81.79 -64.10
C THR B 648 -67.12 82.56 -64.93
N VAL B 649 -67.16 82.26 -66.23
CA VAL B 649 -68.10 82.86 -67.15
C VAL B 649 -69.04 81.77 -67.61
N TYR B 650 -70.33 82.06 -67.59
CA TYR B 650 -71.41 81.12 -67.86
C TYR B 650 -72.02 81.50 -69.19
N HIS B 651 -71.89 80.61 -70.17
CA HIS B 651 -72.31 80.84 -71.54
C HIS B 651 -72.15 79.52 -72.28
N ALA B 652 -72.91 79.37 -73.37
CA ALA B 652 -72.89 78.14 -74.12
C ALA B 652 -71.56 77.89 -74.82
N LEU B 653 -70.97 78.94 -75.39
CA LEU B 653 -69.76 78.77 -76.18
C LEU B 653 -68.52 78.46 -75.35
N ARG B 654 -68.60 78.56 -74.02
CA ARG B 654 -67.53 78.12 -73.16
C ARG B 654 -67.52 76.61 -72.98
N GLN B 655 -68.56 75.91 -73.40
CA GLN B 655 -68.66 74.46 -73.29
C GLN B 655 -69.19 73.90 -74.60
N PRO B 656 -68.37 73.93 -75.66
CA PRO B 656 -68.82 73.42 -76.95
C PRO B 656 -69.05 71.91 -76.95
N ASN B 657 -69.88 71.49 -77.88
CA ASN B 657 -70.28 70.10 -78.00
C ASN B 657 -69.20 69.26 -78.67
N ALA B 658 -69.21 67.96 -78.36
CA ALA B 658 -68.34 66.98 -79.00
C ALA B 658 -68.87 65.60 -78.68
N THR B 659 -68.35 64.60 -79.41
CA THR B 659 -68.73 63.23 -79.21
C THR B 659 -68.06 62.64 -77.96
N ASN B 660 -68.77 61.74 -77.29
CA ASN B 660 -68.26 61.08 -76.10
C ASN B 660 -67.92 59.64 -76.42
N PRO B 661 -66.64 59.23 -76.42
CA PRO B 661 -66.32 57.81 -76.67
C PRO B 661 -66.93 56.85 -75.67
N CYS B 662 -67.10 57.26 -74.41
CA CYS B 662 -67.65 56.37 -73.40
C CYS B 662 -69.12 56.05 -73.62
N GLY B 663 -69.78 56.66 -74.60
CA GLY B 663 -71.17 56.34 -74.89
C GLY B 663 -71.41 54.91 -75.33
N ASN B 664 -70.37 54.23 -75.82
CA ASN B 664 -70.50 52.85 -76.30
C ASN B 664 -70.55 51.90 -75.10
N ASN B 665 -71.71 51.92 -74.44
CA ASN B 665 -71.98 51.06 -73.30
C ASN B 665 -70.92 51.28 -72.22
N ASN B 666 -70.80 52.55 -71.81
CA ASN B 666 -69.81 52.95 -70.82
C ASN B 666 -68.39 52.72 -71.34
N GLY B 667 -68.20 52.83 -72.66
CA GLY B 667 -66.90 52.55 -73.22
C GLY B 667 -66.52 51.10 -73.08
N GLY B 668 -67.52 50.24 -72.87
CA GLY B 668 -67.33 48.86 -72.52
C GLY B 668 -66.67 48.62 -71.16
N CYS B 669 -66.31 49.69 -70.44
CA CYS B 669 -65.64 49.54 -69.16
C CYS B 669 -66.61 48.99 -68.12
N ALA B 670 -66.06 48.23 -67.17
CA ALA B 670 -66.87 47.65 -66.11
C ALA B 670 -67.37 48.70 -65.13
N GLN B 671 -66.48 49.58 -64.64
CA GLN B 671 -66.82 50.51 -63.57
C GLN B 671 -66.77 51.98 -63.95
N ILE B 672 -65.64 52.50 -64.44
CA ILE B 672 -65.53 53.92 -64.76
C ILE B 672 -64.81 54.08 -66.10
N CYS B 673 -65.27 55.05 -66.89
CA CYS B 673 -64.70 55.38 -68.18
C CYS B 673 -64.31 56.84 -68.15
N VAL B 674 -63.06 57.13 -68.47
CA VAL B 674 -62.51 58.49 -68.37
C VAL B 674 -61.89 58.86 -69.71
N LEU B 675 -62.15 60.09 -70.14
CA LEU B 675 -61.61 60.58 -71.40
C LEU B 675 -60.10 60.73 -71.31
N SER B 676 -59.43 60.46 -72.43
CA SER B 676 -58.01 60.70 -72.65
C SER B 676 -57.90 61.56 -73.89
N HIS B 677 -56.67 61.73 -74.38
CA HIS B 677 -56.50 62.44 -75.63
C HIS B 677 -57.16 61.64 -76.76
N ARG B 678 -57.66 62.34 -77.76
CA ARG B 678 -58.42 61.69 -78.82
C ARG B 678 -57.60 60.64 -79.57
N THR B 679 -56.27 60.76 -79.56
CA THR B 679 -55.40 59.80 -80.21
C THR B 679 -55.05 58.61 -79.32
N ASP B 680 -55.34 58.68 -78.02
CA ASP B 680 -54.93 57.64 -77.10
C ASP B 680 -55.75 56.37 -77.27
N ASN B 681 -55.15 55.25 -76.87
CA ASN B 681 -55.79 53.93 -76.89
C ASN B 681 -56.19 53.55 -78.32
N GLY B 682 -55.26 53.70 -79.25
CA GLY B 682 -55.55 53.36 -80.63
C GLY B 682 -56.56 54.27 -81.28
N GLY B 683 -56.71 55.49 -80.79
CA GLY B 683 -57.68 56.42 -81.31
C GLY B 683 -59.06 56.34 -80.68
N LEU B 684 -59.26 55.45 -79.70
CA LEU B 684 -60.55 55.36 -79.05
C LEU B 684 -60.81 56.54 -78.13
N GLY B 685 -59.75 57.12 -77.57
CA GLY B 685 -59.86 58.33 -76.77
C GLY B 685 -60.36 58.15 -75.36
N TYR B 686 -60.43 56.93 -74.85
CA TYR B 686 -60.87 56.72 -73.48
C TYR B 686 -60.04 55.63 -72.82
N ARG B 687 -60.15 55.58 -71.50
CA ARG B 687 -59.51 54.56 -70.68
C ARG B 687 -60.51 54.14 -69.60
N CYS B 688 -60.22 53.00 -68.98
CA CYS B 688 -61.09 52.44 -67.95
C CYS B 688 -60.40 52.53 -66.60
N LYS B 689 -61.20 52.78 -65.57
CA LYS B 689 -60.72 52.87 -64.20
C LYS B 689 -61.67 52.11 -63.28
N CYS B 690 -61.12 51.62 -62.17
CA CYS B 690 -61.87 50.88 -61.18
C CYS B 690 -61.97 51.68 -59.89
N GLU B 691 -63.09 51.53 -59.21
CA GLU B 691 -63.36 52.26 -57.99
C GLU B 691 -62.41 51.81 -56.88
N PHE B 692 -62.41 52.55 -55.78
CA PHE B 692 -61.55 52.24 -54.65
C PHE B 692 -61.88 50.87 -54.11
N GLY B 693 -60.84 50.15 -53.69
CA GLY B 693 -60.96 48.77 -53.30
C GLY B 693 -60.85 47.80 -54.45
N PHE B 694 -60.89 48.29 -55.69
CA PHE B 694 -60.78 47.49 -56.89
C PHE B 694 -59.50 47.84 -57.64
N GLU B 695 -59.26 47.08 -58.69
CA GLU B 695 -58.02 47.06 -59.44
C GLU B 695 -58.39 46.57 -60.83
N LEU B 696 -57.51 46.84 -61.79
CA LEU B 696 -57.76 46.53 -63.20
C LEU B 696 -57.14 45.20 -63.57
N ASP B 697 -57.77 44.51 -64.51
CA ASP B 697 -57.33 43.20 -64.95
C ASP B 697 -56.66 43.30 -66.32
N ALA B 698 -56.21 42.15 -66.83
CA ALA B 698 -55.34 42.11 -68.00
C ALA B 698 -55.99 42.75 -69.22
N ASP B 699 -57.31 42.61 -69.37
CA ASP B 699 -57.96 43.22 -70.52
C ASP B 699 -58.08 44.73 -70.40
N GLU B 700 -57.76 45.30 -69.24
CA GLU B 700 -57.83 46.74 -68.99
C GLU B 700 -59.25 47.27 -69.10
N HIS B 701 -60.24 46.39 -69.00
CA HIS B 701 -61.66 46.74 -68.99
C HIS B 701 -62.35 46.30 -67.72
N HIS B 702 -62.01 45.12 -67.21
CA HIS B 702 -62.67 44.53 -66.05
C HIS B 702 -61.89 44.79 -64.76
N CYS B 703 -62.61 44.63 -63.66
CA CYS B 703 -62.14 44.96 -62.32
C CYS B 703 -62.14 43.74 -61.42
N VAL B 704 -61.21 43.75 -60.48
CA VAL B 704 -60.95 42.67 -59.53
C VAL B 704 -60.60 43.33 -58.21
N ALA B 705 -60.88 42.66 -57.10
CA ALA B 705 -60.80 43.29 -55.79
C ALA B 705 -59.38 43.19 -55.25
N VAL B 706 -58.91 44.31 -54.67
CA VAL B 706 -57.50 44.42 -54.31
C VAL B 706 -57.12 43.39 -53.26
N LYS B 707 -55.97 42.77 -53.47
CA LYS B 707 -55.38 41.84 -52.53
C LYS B 707 -54.26 42.46 -51.70
N ASN B 708 -53.33 43.14 -52.37
CA ASN B 708 -52.11 43.65 -51.76
C ASN B 708 -51.98 45.16 -51.95
N PHE B 709 -51.89 45.89 -50.84
CA PHE B 709 -51.48 47.28 -50.87
C PHE B 709 -50.91 47.63 -49.51
N LEU B 710 -50.11 48.70 -49.48
CA LEU B 710 -49.40 49.14 -48.30
C LEU B 710 -50.17 50.26 -47.64
N LEU B 711 -50.16 50.30 -46.32
CA LEU B 711 -50.84 51.33 -45.53
C LEU B 711 -49.81 52.11 -44.75
N PHE B 712 -50.00 53.43 -44.64
CA PHE B 712 -49.16 54.20 -43.74
C PHE B 712 -49.94 55.35 -43.13
N SER B 713 -49.50 55.74 -41.93
CA SER B 713 -50.13 56.76 -41.12
C SER B 713 -49.20 57.93 -40.87
N SER B 714 -49.81 59.10 -40.72
CA SER B 714 -49.09 60.35 -40.55
C SER B 714 -50.04 61.34 -39.90
N GLN B 715 -49.43 62.36 -39.30
CA GLN B 715 -50.14 63.44 -38.62
C GLN B 715 -51.41 63.85 -39.35
N THR B 716 -51.33 64.03 -40.66
CA THR B 716 -52.46 64.51 -41.43
C THR B 716 -53.34 63.41 -41.99
N ALA B 717 -52.80 62.23 -42.27
CA ALA B 717 -53.59 61.27 -43.03
C ALA B 717 -53.11 59.85 -42.83
N VAL B 718 -54.04 58.92 -43.03
CA VAL B 718 -53.78 57.50 -43.17
C VAL B 718 -54.21 57.16 -44.58
N ARG B 719 -53.28 56.61 -45.36
CA ARG B 719 -53.63 56.26 -46.73
C ARG B 719 -52.80 55.09 -47.20
N GLY B 720 -53.28 54.47 -48.27
CA GLY B 720 -52.69 53.27 -48.80
C GLY B 720 -52.31 53.41 -50.26
N ILE B 721 -51.21 52.75 -50.62
CA ILE B 721 -50.59 52.88 -51.94
C ILE B 721 -50.23 51.50 -52.46
N PRO B 722 -50.14 51.35 -53.78
CA PRO B 722 -49.75 50.06 -54.34
C PRO B 722 -48.27 49.78 -54.13
N PHE B 723 -47.92 48.49 -54.18
CA PHE B 723 -46.54 48.08 -54.02
C PHE B 723 -45.72 48.29 -55.29
N THR B 724 -46.36 48.29 -56.45
CA THR B 724 -45.67 48.58 -57.70
C THR B 724 -45.38 50.08 -57.73
N LEU B 725 -44.11 50.43 -57.61
CA LEU B 725 -43.71 51.84 -57.61
C LEU B 725 -43.99 52.54 -58.93
N SER B 726 -44.24 51.79 -60.01
CA SER B 726 -44.58 52.42 -61.28
C SER B 726 -45.89 53.19 -61.18
N THR B 727 -46.80 52.73 -60.32
CA THR B 727 -48.07 53.37 -60.05
C THR B 727 -47.99 54.00 -58.66
N GLN B 728 -48.46 55.25 -58.55
CA GLN B 728 -48.32 56.03 -57.33
C GLN B 728 -49.62 56.74 -56.96
N GLU B 729 -50.77 56.14 -57.29
CA GLU B 729 -52.06 56.68 -56.96
C GLU B 729 -52.68 55.82 -55.85
N ASP B 730 -53.38 56.48 -54.93
CA ASP B 730 -53.89 55.80 -53.75
C ASP B 730 -54.85 54.68 -54.12
N VAL B 731 -54.81 53.59 -53.34
CA VAL B 731 -55.70 52.47 -53.53
C VAL B 731 -56.98 52.59 -52.71
N MET B 732 -56.97 53.37 -51.63
CA MET B 732 -58.11 53.56 -50.76
C MET B 732 -58.39 55.04 -50.59
N VAL B 733 -59.62 55.34 -50.18
CA VAL B 733 -60.02 56.70 -49.87
C VAL B 733 -59.19 57.13 -48.66
N PRO B 734 -58.40 58.21 -48.74
CA PRO B 734 -57.62 58.61 -47.56
C PRO B 734 -58.51 58.98 -46.39
N VAL B 735 -57.96 58.77 -45.19
CA VAL B 735 -58.61 59.13 -43.94
C VAL B 735 -57.95 60.39 -43.43
N THR B 736 -58.75 61.44 -43.24
CA THR B 736 -58.22 62.69 -42.73
C THR B 736 -59.37 63.47 -42.08
N GLY B 737 -59.03 64.23 -41.04
CA GLY B 737 -59.99 65.06 -40.34
C GLY B 737 -59.31 66.28 -39.78
N SER B 738 -60.13 67.17 -39.21
CA SER B 738 -59.63 68.39 -38.59
C SER B 738 -60.06 68.45 -37.12
N PRO B 739 -59.14 68.33 -36.14
CA PRO B 739 -57.70 68.03 -36.23
C PRO B 739 -57.38 66.57 -36.49
N SER B 740 -56.10 66.23 -36.69
CA SER B 740 -55.70 64.84 -36.88
C SER B 740 -54.30 64.60 -36.38
N PHE B 741 -54.10 63.46 -35.72
CA PHE B 741 -52.79 62.88 -35.47
C PHE B 741 -52.99 61.36 -35.42
N PHE B 742 -52.84 60.71 -36.57
CA PHE B 742 -52.94 59.26 -36.64
C PHE B 742 -51.61 58.62 -36.29
N VAL B 743 -51.67 57.50 -35.56
CA VAL B 743 -50.46 56.79 -35.13
C VAL B 743 -50.54 55.30 -35.42
N GLY B 744 -51.60 54.65 -34.97
CA GLY B 744 -51.72 53.20 -35.00
C GLY B 744 -52.81 52.72 -35.94
N ILE B 745 -52.50 51.68 -36.71
CA ILE B 745 -53.37 51.18 -37.77
C ILE B 745 -53.24 49.67 -37.88
N ASP B 746 -54.35 49.02 -38.23
CA ASP B 746 -54.36 47.63 -38.64
C ASP B 746 -55.51 47.45 -39.63
N PHE B 747 -55.68 46.23 -40.14
CA PHE B 747 -56.69 45.97 -41.17
C PHE B 747 -57.44 44.67 -40.93
N ASP B 748 -58.64 44.63 -41.49
CA ASP B 748 -59.52 43.47 -41.53
C ASP B 748 -59.91 43.28 -42.99
N ALA B 749 -59.54 42.13 -43.56
CA ALA B 749 -59.73 41.90 -44.99
C ALA B 749 -61.10 41.34 -45.34
N GLN B 750 -61.72 40.55 -44.47
CA GLN B 750 -63.00 39.96 -44.82
C GLN B 750 -64.13 40.97 -44.90
N HIS B 751 -63.93 42.21 -44.47
CA HIS B 751 -64.92 43.26 -44.62
C HIS B 751 -64.35 44.53 -45.24
N SER B 752 -63.15 44.45 -45.85
CA SER B 752 -62.53 45.59 -46.52
C SER B 752 -62.49 46.81 -45.60
N THR B 753 -61.92 46.61 -44.41
CA THR B 753 -61.98 47.58 -43.34
C THR B 753 -60.59 47.81 -42.78
N ILE B 754 -60.35 49.01 -42.29
CA ILE B 754 -59.12 49.34 -41.58
C ILE B 754 -59.50 49.96 -40.25
N PHE B 755 -58.67 49.71 -39.24
CA PHE B 755 -58.79 50.29 -37.92
C PHE B 755 -57.68 51.30 -37.75
N TYR B 756 -58.01 52.46 -37.21
CA TYR B 756 -57.03 53.52 -36.99
C TYR B 756 -57.33 54.25 -35.70
N SER B 757 -56.28 54.77 -35.08
CA SER B 757 -56.38 55.48 -33.82
C SER B 757 -55.93 56.91 -33.99
N ASP B 758 -56.67 57.84 -33.38
CA ASP B 758 -56.39 59.26 -33.49
C ASP B 758 -56.16 59.82 -32.09
N LEU B 759 -54.99 60.42 -31.91
CA LEU B 759 -54.56 61.00 -30.63
C LEU B 759 -55.13 62.39 -30.39
N SER B 760 -55.44 63.13 -31.47
CA SER B 760 -56.05 64.44 -31.31
C SER B 760 -57.48 64.34 -30.82
N LYS B 761 -58.05 63.15 -30.88
CA LYS B 761 -59.39 62.85 -30.40
C LYS B 761 -59.40 61.71 -29.39
N ASN B 762 -58.32 60.93 -29.34
CA ASN B 762 -58.23 59.76 -28.45
C ASN B 762 -59.39 58.82 -28.74
N ILE B 763 -59.57 58.50 -30.02
CA ILE B 763 -60.61 57.58 -30.45
C ILE B 763 -60.05 56.58 -31.44
N ILE B 764 -60.61 55.37 -31.39
CA ILE B 764 -60.28 54.31 -32.33
C ILE B 764 -61.49 54.12 -33.23
N TYR B 765 -61.25 54.11 -34.52
CA TYR B 765 -62.27 54.07 -35.56
C TYR B 765 -62.01 52.90 -36.47
N GLN B 766 -63.08 52.40 -37.07
CA GLN B 766 -63.01 51.44 -38.16
C GLN B 766 -63.68 52.11 -39.34
N GLN B 767 -63.11 51.90 -40.52
CA GLN B 767 -63.53 52.60 -41.72
C GLN B 767 -63.34 51.65 -42.89
N LYS B 768 -64.04 51.92 -43.98
CA LYS B 768 -63.93 51.05 -45.15
C LYS B 768 -63.12 51.74 -46.23
N ILE B 769 -62.37 50.93 -46.99
CA ILE B 769 -61.41 51.46 -47.96
C ILE B 769 -62.07 52.20 -49.11
N ASP B 770 -63.39 52.09 -49.27
CA ASP B 770 -64.11 52.92 -50.22
C ASP B 770 -64.69 54.16 -49.56
N GLY B 771 -64.45 54.36 -48.27
CA GLY B 771 -64.89 55.53 -47.56
C GLY B 771 -66.34 55.51 -47.13
N THR B 772 -67.09 54.46 -47.49
CA THR B 772 -68.53 54.48 -47.29
C THR B 772 -68.94 54.25 -45.84
N GLY B 773 -68.07 53.70 -45.01
CA GLY B 773 -68.42 53.41 -43.64
C GLY B 773 -67.36 53.93 -42.69
N LYS B 774 -67.84 54.40 -41.53
CA LYS B 774 -67.03 54.89 -40.42
C LYS B 774 -67.77 54.60 -39.13
N GLU B 775 -67.08 53.98 -38.17
CA GLU B 775 -67.69 53.58 -36.91
C GLU B 775 -66.62 53.71 -35.84
N VAL B 776 -67.06 53.79 -34.58
CA VAL B 776 -66.17 53.99 -33.44
C VAL B 776 -66.11 52.69 -32.66
N ILE B 777 -64.90 52.17 -32.48
CA ILE B 777 -64.73 50.95 -31.69
C ILE B 777 -64.82 51.28 -30.21
N THR B 778 -64.05 52.27 -29.77
CA THR B 778 -64.16 52.77 -28.41
C THR B 778 -63.61 54.18 -28.37
N ALA B 779 -64.12 54.95 -27.40
CA ALA B 779 -63.64 56.29 -27.11
C ALA B 779 -63.32 56.46 -25.63
N ASN B 780 -63.33 55.38 -24.85
CA ASN B 780 -63.27 55.41 -23.40
C ASN B 780 -61.90 54.99 -22.88
N ARG B 781 -61.34 55.83 -22.02
CA ARG B 781 -60.09 55.57 -21.31
C ARG B 781 -58.94 55.19 -22.23
N LEU B 782 -58.78 56.00 -23.28
CA LEU B 782 -57.62 55.96 -24.16
C LEU B 782 -56.82 57.23 -23.88
N GLN B 783 -55.53 57.08 -23.63
CA GLN B 783 -54.66 58.22 -23.32
C GLN B 783 -53.56 58.44 -24.35
N ASN B 784 -52.72 57.44 -24.61
CA ASN B 784 -51.60 57.56 -25.53
C ASN B 784 -51.47 56.31 -26.39
N VAL B 785 -52.60 55.88 -26.96
CA VAL B 785 -52.61 54.65 -27.75
C VAL B 785 -51.73 54.86 -28.98
N GLU B 786 -50.66 54.08 -29.10
CA GLU B 786 -49.80 54.18 -30.27
C GLU B 786 -49.40 52.81 -30.81
N CYS B 787 -50.33 51.85 -30.82
CA CYS B 787 -50.23 50.63 -31.61
C CYS B 787 -51.54 49.88 -31.52
N LEU B 788 -51.91 49.28 -32.66
CA LEU B 788 -53.06 48.42 -32.85
C LEU B 788 -52.62 47.12 -33.52
N SER B 789 -53.14 46.00 -33.05
CA SER B 789 -52.94 44.70 -33.67
C SER B 789 -54.29 44.00 -33.75
N PHE B 790 -54.51 43.24 -34.81
CA PHE B 790 -55.80 42.59 -35.03
C PHE B 790 -55.60 41.10 -35.23
N ASP B 791 -56.42 40.31 -34.55
CA ASP B 791 -56.44 38.87 -34.63
C ASP B 791 -57.73 38.53 -35.35
N TRP B 792 -57.60 37.88 -36.50
CA TRP B 792 -58.70 37.71 -37.43
C TRP B 792 -59.42 36.38 -37.31
N ILE B 793 -58.81 35.38 -36.66
CA ILE B 793 -59.50 34.11 -36.48
C ILE B 793 -60.58 34.25 -35.41
N SER B 794 -60.22 34.86 -34.28
CA SER B 794 -61.13 35.15 -33.20
C SER B 794 -61.80 36.52 -33.32
N ARG B 795 -61.30 37.38 -34.21
CA ARG B 795 -61.80 38.73 -34.39
C ARG B 795 -61.71 39.53 -33.09
N ASN B 796 -60.48 39.68 -32.64
CA ASN B 796 -60.11 40.44 -31.47
C ASN B 796 -59.19 41.58 -31.89
N LEU B 797 -59.22 42.67 -31.13
CA LEU B 797 -58.39 43.83 -31.41
C LEU B 797 -57.61 44.17 -30.15
N TYR B 798 -56.31 44.40 -30.31
CA TYR B 798 -55.39 44.65 -29.22
C TYR B 798 -54.80 46.03 -29.42
N TRP B 799 -54.59 46.76 -28.33
CA TRP B 799 -53.91 48.02 -28.46
C TRP B 799 -53.07 48.30 -27.22
N THR B 800 -52.02 49.08 -27.44
CA THR B 800 -51.08 49.46 -26.39
C THR B 800 -51.29 50.92 -26.02
N ASP B 801 -51.21 51.21 -24.72
CA ASP B 801 -51.34 52.57 -24.23
C ASP B 801 -50.18 52.87 -23.29
N GLY B 802 -49.46 53.95 -23.59
CA GLY B 802 -48.33 54.41 -22.82
C GLY B 802 -48.65 55.35 -21.68
N GLY B 803 -49.91 55.75 -21.55
CA GLY B 803 -50.31 56.60 -20.45
C GLY B 803 -50.83 55.73 -19.32
N SER B 804 -51.73 54.82 -19.65
CA SER B 804 -52.18 53.81 -18.71
C SER B 804 -51.17 52.69 -18.57
N LYS B 805 -50.16 52.64 -19.44
CA LYS B 805 -49.07 51.68 -19.35
C LYS B 805 -49.62 50.26 -19.33
N SER B 806 -50.40 49.96 -20.37
CA SER B 806 -51.19 48.74 -20.39
C SER B 806 -51.43 48.26 -21.82
N VAL B 807 -51.85 47.00 -21.90
CA VAL B 807 -52.28 46.36 -23.13
C VAL B 807 -53.73 45.92 -22.92
N THR B 808 -54.58 46.28 -23.88
CA THR B 808 -56.01 46.04 -23.77
C THR B 808 -56.48 45.27 -24.99
N VAL B 809 -57.46 44.39 -24.78
CA VAL B 809 -58.05 43.58 -25.83
C VAL B 809 -59.55 43.79 -25.81
N MET B 810 -60.12 43.82 -27.01
CA MET B 810 -61.55 44.02 -27.20
C MET B 810 -62.06 43.04 -28.25
N LYS B 811 -63.29 42.59 -28.05
CA LYS B 811 -63.99 41.71 -28.98
C LYS B 811 -65.07 42.57 -29.61
N LEU B 812 -65.06 42.60 -30.95
CA LEU B 812 -65.84 43.55 -31.73
C LEU B 812 -67.29 43.14 -31.91
N ALA B 813 -67.61 41.85 -31.87
CA ALA B 813 -69.00 41.44 -32.02
C ALA B 813 -69.84 41.92 -30.84
N ASP B 814 -69.34 41.72 -29.63
CA ASP B 814 -70.01 42.15 -28.41
C ASP B 814 -69.48 43.47 -27.86
N LYS B 815 -68.35 43.96 -28.37
CA LYS B 815 -67.67 45.12 -27.82
C LYS B 815 -67.43 44.90 -26.33
N SER B 816 -66.67 43.83 -26.08
CA SER B 816 -66.34 43.36 -24.75
C SER B 816 -64.86 43.60 -24.52
N ARG B 817 -64.52 44.17 -23.38
CA ARG B 817 -63.23 44.76 -23.11
C ARG B 817 -62.57 44.19 -21.86
N ARG B 818 -61.28 43.91 -21.97
CA ARG B 818 -60.50 43.42 -20.86
C ARG B 818 -59.08 43.94 -21.03
N GLN B 819 -58.41 44.17 -19.91
CA GLN B 819 -57.05 44.68 -19.87
C GLN B 819 -56.19 43.54 -19.35
N ILE B 820 -55.19 43.15 -20.13
CA ILE B 820 -54.51 41.88 -19.93
C ILE B 820 -53.05 42.02 -19.51
N ILE B 821 -52.40 43.14 -19.76
CA ILE B 821 -51.06 43.40 -19.25
C ILE B 821 -51.05 44.80 -18.67
N SER B 822 -50.38 44.97 -17.53
CA SER B 822 -50.32 46.25 -16.85
C SER B 822 -48.95 46.42 -16.20
N ASN B 823 -48.68 47.67 -15.82
CA ASN B 823 -47.44 48.07 -15.17
C ASN B 823 -46.22 47.98 -16.08
N LEU B 824 -46.42 48.17 -17.38
CA LEU B 824 -45.30 48.30 -18.30
C LEU B 824 -44.72 49.70 -18.17
N ASN B 825 -43.45 49.84 -18.58
CA ASN B 825 -42.78 51.13 -18.42
C ASN B 825 -43.10 52.08 -19.58
N ASN B 826 -42.64 51.74 -20.77
CA ASN B 826 -42.90 52.52 -21.98
C ASN B 826 -43.20 51.55 -23.13
N PRO B 827 -44.39 50.96 -23.13
CA PRO B 827 -44.76 50.05 -24.22
C PRO B 827 -45.07 50.82 -25.50
N ARG B 828 -44.55 50.33 -26.61
CA ARG B 828 -44.74 50.99 -27.90
C ARG B 828 -45.50 50.16 -28.91
N SER B 829 -45.04 48.95 -29.24
CA SER B 829 -45.53 48.18 -30.38
C SER B 829 -45.97 46.79 -29.98
N ILE B 830 -47.07 46.33 -30.59
CA ILE B 830 -47.64 45.02 -30.33
C ILE B 830 -47.98 44.36 -31.65
N VAL B 831 -47.63 43.08 -31.77
CA VAL B 831 -47.98 42.23 -32.90
C VAL B 831 -48.49 40.91 -32.34
N VAL B 832 -49.46 40.33 -33.03
CA VAL B 832 -50.15 39.13 -32.58
C VAL B 832 -50.09 38.08 -33.67
N HIS B 833 -49.91 36.82 -33.25
CA HIS B 833 -49.78 35.68 -34.15
C HIS B 833 -50.85 34.67 -33.76
N PRO B 834 -51.97 34.58 -34.50
CA PRO B 834 -53.04 33.66 -34.08
C PRO B 834 -52.70 32.20 -34.25
N ALA B 835 -52.01 31.82 -35.33
CA ALA B 835 -51.68 30.43 -35.55
C ALA B 835 -50.76 29.91 -34.44
N ALA B 836 -49.75 30.70 -34.07
CA ALA B 836 -48.82 30.27 -33.04
C ALA B 836 -49.35 30.50 -31.64
N GLY B 837 -50.40 31.30 -31.48
CA GLY B 837 -50.94 31.57 -30.17
C GLY B 837 -50.07 32.46 -29.32
N TYR B 838 -49.33 33.35 -29.95
CA TYR B 838 -48.38 34.22 -29.28
C TYR B 838 -48.67 35.68 -29.57
N MET B 839 -48.27 36.50 -28.61
CA MET B 839 -48.36 37.95 -28.66
C MET B 839 -46.97 38.49 -28.35
N PHE B 840 -46.57 39.53 -29.06
CA PHE B 840 -45.25 40.11 -28.91
C PHE B 840 -45.41 41.60 -28.65
N LEU B 841 -44.53 42.13 -27.80
CA LEU B 841 -44.65 43.47 -27.27
C LEU B 841 -43.25 44.04 -27.08
N SER B 842 -43.15 45.37 -27.12
CA SER B 842 -41.88 46.06 -26.99
C SER B 842 -42.01 47.20 -26.01
N ASP B 843 -41.00 47.34 -25.15
CA ASP B 843 -40.93 48.38 -24.14
C ASP B 843 -39.56 49.02 -24.25
N TRP B 844 -39.51 50.36 -24.35
CA TRP B 844 -38.26 51.05 -24.62
C TRP B 844 -37.71 51.84 -23.44
N PHE B 845 -38.33 51.77 -22.28
CA PHE B 845 -37.76 52.39 -21.08
C PHE B 845 -36.54 51.58 -20.67
N ARG B 846 -35.42 52.24 -20.46
CA ARG B 846 -34.21 51.49 -20.13
C ARG B 846 -34.39 50.80 -18.78
N PRO B 847 -34.10 49.49 -18.67
CA PRO B 847 -33.58 48.58 -19.71
C PRO B 847 -34.66 48.18 -20.69
N ALA B 848 -34.40 48.36 -21.98
CA ALA B 848 -35.40 48.06 -23.00
C ALA B 848 -35.54 46.56 -23.18
N LYS B 849 -36.72 46.14 -23.60
CA LYS B 849 -37.00 44.72 -23.73
C LYS B 849 -38.05 44.46 -24.79
N ILE B 850 -38.00 43.26 -25.34
CA ILE B 850 -39.03 42.71 -26.20
C ILE B 850 -39.56 41.50 -25.46
N MET B 851 -40.88 41.38 -25.38
CA MET B 851 -41.53 40.40 -24.54
C MET B 851 -42.51 39.56 -25.34
N ARG B 852 -42.65 38.30 -24.94
CA ARG B 852 -43.58 37.37 -25.53
C ARG B 852 -44.58 36.96 -24.48
N ALA B 853 -45.81 36.75 -24.93
CA ALA B 853 -46.92 36.36 -24.08
C ALA B 853 -47.82 35.43 -24.88
N TRP B 854 -48.78 34.85 -24.20
CA TRP B 854 -49.86 34.14 -24.86
C TRP B 854 -50.91 35.16 -25.25
N SER B 855 -51.91 34.72 -26.03
CA SER B 855 -52.89 35.66 -26.53
C SER B 855 -53.71 36.26 -25.40
N ASP B 856 -54.04 35.45 -24.40
CA ASP B 856 -54.77 35.95 -23.24
C ASP B 856 -53.88 36.71 -22.26
N GLY B 857 -52.58 36.81 -22.53
CA GLY B 857 -51.69 37.48 -21.60
C GLY B 857 -51.38 36.67 -20.35
N SER B 858 -51.63 35.36 -20.38
CA SER B 858 -51.49 34.55 -19.17
C SER B 858 -50.03 34.32 -18.80
N HIS B 859 -49.14 34.38 -19.79
CA HIS B 859 -47.71 34.23 -19.57
C HIS B 859 -47.01 35.43 -20.17
N LEU B 860 -45.84 35.76 -19.62
CA LEU B 860 -45.11 36.93 -20.07
C LEU B 860 -43.63 36.73 -19.75
N MET B 861 -42.78 36.85 -20.77
CA MET B 861 -41.35 36.68 -20.56
C MET B 861 -40.57 37.54 -21.55
N PRO B 862 -39.44 38.13 -21.14
CA PRO B 862 -38.62 38.86 -22.11
C PRO B 862 -37.85 37.90 -22.99
N ILE B 863 -38.13 37.93 -24.29
CA ILE B 863 -37.40 37.09 -25.22
C ILE B 863 -36.16 37.77 -25.78
N VAL B 864 -36.05 39.10 -25.68
CA VAL B 864 -34.86 39.84 -26.07
C VAL B 864 -34.68 40.97 -25.08
N ASN B 865 -33.54 40.99 -24.38
CA ASN B 865 -33.21 42.09 -23.50
C ASN B 865 -31.73 42.46 -23.56
N THR B 866 -30.98 41.94 -24.52
CA THR B 866 -29.57 42.24 -24.69
C THR B 866 -29.36 43.09 -25.94
N SER B 867 -28.69 44.23 -25.76
CA SER B 867 -28.34 45.14 -26.86
C SER B 867 -29.59 45.69 -27.54
N LEU B 868 -30.50 46.25 -26.74
CA LEU B 868 -31.68 46.95 -27.25
C LEU B 868 -31.71 48.33 -26.62
N GLY B 869 -31.72 49.36 -27.46
CA GLY B 869 -31.87 50.72 -26.98
C GLY B 869 -33.28 51.27 -27.08
N TRP B 870 -33.79 51.34 -28.31
CA TRP B 870 -35.10 51.92 -28.61
C TRP B 870 -35.85 51.04 -29.60
N PRO B 871 -36.30 49.86 -29.17
CA PRO B 871 -37.02 48.98 -30.10
C PRO B 871 -38.40 49.54 -30.44
N ASN B 872 -38.43 50.45 -31.40
CA ASN B 872 -39.64 51.18 -31.72
C ASN B 872 -40.67 50.34 -32.46
N GLY B 873 -40.23 49.37 -33.27
CA GLY B 873 -41.16 48.64 -34.11
C GLY B 873 -40.86 47.17 -34.31
N LEU B 874 -41.94 46.39 -34.36
CA LEU B 874 -41.92 44.95 -34.54
C LEU B 874 -42.74 44.55 -35.76
N ALA B 875 -42.34 43.45 -36.39
CA ALA B 875 -43.05 42.88 -37.51
C ALA B 875 -42.90 41.38 -37.47
N ILE B 876 -43.84 40.67 -38.11
CA ILE B 876 -43.81 39.22 -38.20
C ILE B 876 -43.70 38.83 -39.67
N ASP B 877 -42.88 37.82 -39.93
CA ASP B 877 -42.65 37.27 -41.25
C ASP B 877 -43.30 35.90 -41.25
N TRP B 878 -44.23 35.70 -42.19
CA TRP B 878 -45.08 34.52 -42.24
C TRP B 878 -44.57 33.46 -43.19
N SER B 879 -43.68 33.82 -44.13
CA SER B 879 -43.06 32.82 -44.98
C SER B 879 -42.05 31.98 -44.21
N THR B 880 -41.60 32.46 -43.06
CA THR B 880 -40.61 31.78 -42.24
C THR B 880 -40.99 31.65 -40.78
N SER B 881 -42.09 32.28 -40.34
CA SER B 881 -42.48 32.30 -38.93
C SER B 881 -41.35 32.88 -38.08
N ARG B 882 -40.99 34.12 -38.40
CA ARG B 882 -39.92 34.83 -37.72
C ARG B 882 -40.38 36.22 -37.30
N LEU B 883 -39.60 36.83 -36.41
CA LEU B 883 -39.91 38.12 -35.83
C LEU B 883 -38.80 39.10 -36.14
N TYR B 884 -39.16 40.31 -36.56
CA TYR B 884 -38.24 41.36 -36.91
C TYR B 884 -38.49 42.55 -36.00
N TRP B 885 -37.41 43.24 -35.64
CA TRP B 885 -37.53 44.48 -34.89
C TRP B 885 -36.49 45.47 -35.40
N VAL B 886 -36.83 46.75 -35.25
CA VAL B 886 -35.92 47.83 -35.64
C VAL B 886 -35.67 48.70 -34.41
N ASP B 887 -34.41 49.08 -34.24
CA ASP B 887 -33.91 49.79 -33.06
C ASP B 887 -33.30 51.10 -33.52
N ALA B 888 -33.72 52.20 -32.88
CA ALA B 888 -33.35 53.55 -33.26
C ALA B 888 -32.17 54.11 -32.48
N PHE B 889 -31.77 53.46 -31.39
CA PHE B 889 -30.59 53.92 -30.67
C PHE B 889 -29.32 53.45 -31.39
N PHE B 890 -29.27 52.16 -31.69
CA PHE B 890 -28.16 51.59 -32.44
C PHE B 890 -28.40 51.60 -33.95
N ASP B 891 -29.59 52.01 -34.39
CA ASP B 891 -29.92 52.16 -35.80
C ASP B 891 -29.69 50.84 -36.54
N LYS B 892 -30.42 49.81 -36.12
CA LYS B 892 -30.23 48.48 -36.69
C LYS B 892 -31.56 47.76 -36.87
N ILE B 893 -31.55 46.80 -37.79
CA ILE B 893 -32.66 45.90 -38.02
C ILE B 893 -32.17 44.51 -37.67
N GLU B 894 -32.93 43.82 -36.82
CA GLU B 894 -32.59 42.49 -36.36
C GLU B 894 -33.80 41.59 -36.55
N HIS B 895 -33.53 40.31 -36.79
CA HIS B 895 -34.60 39.34 -36.87
C HIS B 895 -34.17 38.06 -36.18
N SER B 896 -35.16 37.43 -35.55
CA SER B 896 -34.98 36.29 -34.70
C SER B 896 -36.11 35.30 -34.93
N ASN B 897 -35.99 34.16 -34.27
CA ASN B 897 -37.07 33.19 -34.24
C ASN B 897 -37.89 33.46 -32.98
N LEU B 898 -39.14 32.98 -33.00
CA LEU B 898 -40.13 33.43 -32.04
C LEU B 898 -39.76 33.12 -30.59
N ASP B 899 -38.75 32.28 -30.34
CA ASP B 899 -38.25 32.05 -29.00
C ASP B 899 -37.15 33.03 -28.62
N GLY B 900 -36.64 33.80 -29.58
CA GLY B 900 -35.54 34.70 -29.33
C GLY B 900 -34.18 34.03 -29.30
N LEU B 901 -34.11 32.72 -29.56
CA LEU B 901 -32.89 31.94 -29.39
C LEU B 901 -32.03 31.87 -30.65
N ASP B 902 -32.53 32.32 -31.79
CA ASP B 902 -31.74 32.49 -33.00
C ASP B 902 -31.95 33.92 -33.42
N ARG B 903 -30.85 34.62 -33.67
CA ARG B 903 -30.81 36.07 -33.82
C ARG B 903 -29.78 36.46 -34.87
N LYS B 904 -30.19 37.36 -35.77
CA LYS B 904 -29.35 37.82 -36.86
C LYS B 904 -29.62 39.30 -37.09
N ARG B 905 -28.63 39.98 -37.68
CA ARG B 905 -28.65 41.42 -37.90
C ARG B 905 -28.45 41.73 -39.37
N LEU B 906 -29.31 42.59 -39.91
CA LEU B 906 -29.20 42.97 -41.31
C LEU B 906 -28.13 44.05 -41.49
N GLY B 907 -27.71 44.22 -42.73
CA GLY B 907 -26.66 45.17 -43.05
C GLY B 907 -27.09 46.61 -42.87
N HIS B 908 -26.07 47.46 -42.86
CA HIS B 908 -26.24 48.90 -42.65
C HIS B 908 -27.13 49.53 -43.72
N VAL B 909 -28.26 50.08 -43.29
CA VAL B 909 -29.12 50.86 -44.17
C VAL B 909 -28.48 52.23 -44.32
N ASP B 910 -28.62 52.81 -45.51
CA ASP B 910 -27.77 53.92 -45.94
C ASP B 910 -27.96 55.16 -45.08
N GLN B 911 -29.21 55.61 -44.89
CA GLN B 911 -29.47 56.84 -44.13
C GLN B 911 -30.47 56.65 -43.00
N MET B 912 -30.81 55.41 -42.67
CA MET B 912 -31.68 55.14 -41.53
C MET B 912 -31.03 55.62 -40.24
N THR B 913 -31.66 56.60 -39.57
CA THR B 913 -31.09 57.15 -38.35
C THR B 913 -32.08 57.26 -37.20
N HIS B 914 -33.39 57.13 -37.44
CA HIS B 914 -34.37 57.03 -36.36
C HIS B 914 -35.60 56.28 -36.86
N PRO B 915 -35.47 54.98 -37.06
CA PRO B 915 -36.62 54.19 -37.50
C PRO B 915 -37.69 54.07 -36.42
N PHE B 916 -38.94 54.00 -36.85
CA PHE B 916 -40.08 53.86 -35.95
C PHE B 916 -41.00 52.70 -36.29
N GLY B 917 -41.26 52.45 -37.55
CA GLY B 917 -42.27 51.49 -37.96
C GLY B 917 -41.73 50.52 -38.97
N LEU B 918 -42.20 49.27 -38.87
CA LEU B 918 -41.70 48.13 -39.63
C LEU B 918 -42.82 47.22 -40.07
N THR B 919 -42.70 46.70 -41.29
CA THR B 919 -43.57 45.65 -41.79
C THR B 919 -42.78 44.83 -42.79
N VAL B 920 -43.28 43.62 -43.07
CA VAL B 920 -42.59 42.67 -43.93
C VAL B 920 -43.56 42.10 -44.95
N PHE B 921 -43.18 42.13 -46.23
CA PHE B 921 -44.02 41.65 -47.31
C PHE B 921 -43.13 40.98 -48.33
N LYS B 922 -43.43 39.72 -48.62
CA LYS B 922 -42.69 38.87 -49.57
C LYS B 922 -41.20 38.96 -49.26
N ASP B 923 -40.33 39.22 -50.24
CA ASP B 923 -38.89 39.25 -50.03
C ASP B 923 -38.40 40.58 -49.51
N ASN B 924 -39.29 41.49 -49.10
CA ASN B 924 -38.93 42.85 -48.78
C ASN B 924 -39.43 43.24 -47.40
N VAL B 925 -38.71 44.18 -46.80
CA VAL B 925 -39.03 44.77 -45.50
C VAL B 925 -39.19 46.26 -45.73
N PHE B 926 -40.26 46.81 -45.17
CA PHE B 926 -40.62 48.21 -45.32
C PHE B 926 -40.50 48.86 -43.95
N LEU B 927 -40.05 50.10 -43.95
CA LEU B 927 -39.54 50.79 -42.79
C LEU B 927 -39.88 52.27 -42.89
N THR B 928 -40.06 52.91 -41.74
CA THR B 928 -40.34 54.34 -41.69
C THR B 928 -39.32 55.02 -40.80
N ASP B 929 -38.87 56.19 -41.23
CA ASP B 929 -37.87 56.97 -40.51
C ASP B 929 -38.39 58.37 -40.23
N TRP B 930 -38.32 58.75 -38.94
CA TRP B 930 -38.71 60.08 -38.50
C TRP B 930 -37.77 61.15 -39.03
N ARG B 931 -36.46 60.91 -38.90
CA ARG B 931 -35.48 61.94 -39.24
C ARG B 931 -35.55 62.30 -40.71
N LEU B 932 -35.85 61.34 -41.56
CA LEU B 932 -36.05 61.61 -42.98
C LEU B 932 -37.50 61.94 -43.30
N GLY B 933 -38.44 61.52 -42.47
CA GLY B 933 -39.84 61.66 -42.76
C GLY B 933 -40.12 60.84 -44.00
N ALA B 934 -39.63 59.60 -44.02
CA ALA B 934 -39.58 58.83 -45.24
C ALA B 934 -39.93 57.37 -45.01
N ILE B 935 -40.32 56.71 -46.11
CA ILE B 935 -40.58 55.28 -46.17
C ILE B 935 -39.47 54.67 -47.00
N ILE B 936 -38.88 53.60 -46.49
CA ILE B 936 -37.73 52.94 -47.09
C ILE B 936 -38.05 51.45 -47.24
N ARG B 937 -37.53 50.87 -48.31
CA ARG B 937 -37.70 49.45 -48.62
C ARG B 937 -36.33 48.84 -48.84
N VAL B 938 -36.08 47.73 -48.16
CA VAL B 938 -34.85 46.97 -48.31
C VAL B 938 -35.22 45.50 -48.26
N ARG B 939 -34.24 44.64 -48.48
CA ARG B 939 -34.51 43.20 -48.54
C ARG B 939 -34.29 42.59 -47.17
N LYS B 940 -35.19 41.68 -46.81
CA LYS B 940 -35.23 41.13 -45.45
C LYS B 940 -34.13 40.12 -45.18
N SER B 941 -33.55 39.53 -46.22
CA SER B 941 -32.47 38.58 -45.99
C SER B 941 -31.16 39.27 -45.65
N ASP B 942 -30.88 40.39 -46.30
CA ASP B 942 -29.57 41.02 -46.31
C ASP B 942 -29.59 42.51 -46.02
N GLY B 943 -30.72 43.17 -46.17
CA GLY B 943 -30.73 44.60 -46.26
C GLY B 943 -30.31 44.97 -47.66
N GLY B 944 -29.98 46.24 -47.85
CA GLY B 944 -29.47 46.67 -49.13
C GLY B 944 -30.58 46.85 -50.14
N ASP B 945 -30.21 47.41 -51.30
CA ASP B 945 -31.16 47.74 -52.34
C ASP B 945 -32.20 48.72 -51.80
N MET B 946 -31.69 49.76 -51.15
CA MET B 946 -32.53 50.81 -50.59
C MET B 946 -33.35 51.47 -51.68
N THR B 947 -34.67 51.46 -51.51
CA THR B 947 -35.59 52.22 -52.33
C THR B 947 -36.39 53.11 -51.40
N VAL B 948 -36.69 54.32 -51.84
CA VAL B 948 -37.45 55.26 -51.02
C VAL B 948 -38.82 55.41 -51.67
N VAL B 949 -39.86 54.98 -50.96
CA VAL B 949 -41.19 54.95 -51.54
C VAL B 949 -41.84 56.31 -51.45
N ARG B 950 -41.65 57.03 -50.35
CA ARG B 950 -42.15 58.39 -50.20
C ARG B 950 -41.17 59.17 -49.35
N ARG B 951 -41.17 60.49 -49.54
CA ARG B 951 -40.36 61.39 -48.74
C ARG B 951 -41.19 62.60 -48.35
N GLY B 952 -40.71 63.33 -47.35
CA GLY B 952 -41.35 64.54 -46.92
C GLY B 952 -42.64 64.36 -46.16
N ILE B 953 -42.95 63.15 -45.71
CA ILE B 953 -44.18 62.93 -44.96
C ILE B 953 -44.04 63.59 -43.59
N SER B 954 -45.00 64.47 -43.26
CA SER B 954 -44.98 65.17 -41.99
C SER B 954 -45.33 64.22 -40.87
N SER B 955 -44.36 63.95 -39.99
CA SER B 955 -44.53 63.10 -38.82
C SER B 955 -45.12 61.74 -39.20
N ILE B 956 -44.37 61.00 -40.01
CA ILE B 956 -44.77 59.66 -40.40
C ILE B 956 -44.65 58.75 -39.19
N MET B 957 -45.65 57.87 -39.00
CA MET B 957 -45.68 57.03 -37.80
C MET B 957 -45.56 55.54 -38.08
N HIS B 958 -46.51 54.94 -38.80
CA HIS B 958 -46.61 53.50 -38.92
C HIS B 958 -46.80 53.07 -40.37
N VAL B 959 -46.33 51.86 -40.66
CA VAL B 959 -46.47 51.23 -41.97
C VAL B 959 -47.00 49.83 -41.75
N LYS B 960 -47.98 49.43 -42.55
CA LYS B 960 -48.67 48.15 -42.40
C LYS B 960 -49.05 47.67 -43.79
N ALA B 961 -49.10 46.35 -43.96
CA ALA B 961 -49.29 45.72 -45.25
C ALA B 961 -50.63 44.99 -45.30
N TYR B 962 -51.52 45.47 -46.17
CA TYR B 962 -52.81 44.85 -46.38
C TYR B 962 -52.64 43.62 -47.27
N ASP B 963 -53.11 42.47 -46.80
CA ASP B 963 -52.96 41.22 -47.55
C ASP B 963 -54.14 40.32 -47.21
N ALA B 964 -55.00 40.09 -48.19
CA ALA B 964 -56.16 39.23 -47.98
C ALA B 964 -55.76 37.78 -47.74
N ASP B 965 -54.68 37.33 -48.38
CA ASP B 965 -54.27 35.94 -48.23
C ASP B 965 -53.73 35.65 -46.85
N LEU B 966 -53.08 36.64 -46.23
CA LEU B 966 -52.55 36.46 -44.89
C LEU B 966 -53.67 36.13 -43.90
N GLN B 967 -54.82 36.78 -44.04
CA GLN B 967 -55.89 36.62 -43.07
C GLN B 967 -56.71 35.36 -43.30
N THR B 968 -56.39 34.54 -44.29
CA THR B 968 -56.99 33.22 -44.37
C THR B 968 -56.51 32.39 -43.18
N GLY B 969 -57.35 31.47 -42.73
CA GLY B 969 -56.93 30.54 -41.70
C GLY B 969 -58.09 30.01 -40.91
N THR B 970 -57.77 29.02 -40.07
CA THR B 970 -58.73 28.43 -39.14
C THR B 970 -58.02 28.08 -37.84
N ASN B 971 -58.80 28.02 -36.77
CA ASN B 971 -58.32 27.61 -35.46
C ASN B 971 -59.52 27.08 -34.68
N TYR B 972 -59.26 26.56 -33.48
CA TYR B 972 -60.34 25.99 -32.68
C TYR B 972 -61.39 27.02 -32.31
N CYS B 973 -61.06 28.32 -32.34
CA CYS B 973 -62.04 29.36 -32.06
C CYS B 973 -62.97 29.62 -33.24
N SER B 974 -62.62 29.14 -34.43
CA SER B 974 -63.34 29.45 -35.67
C SER B 974 -64.07 28.27 -36.29
N GLN B 975 -64.02 27.10 -35.67
CA GLN B 975 -64.60 25.91 -36.30
C GLN B 975 -66.12 25.98 -36.29
N THR B 976 -66.71 25.64 -37.44
CA THR B 976 -68.13 25.84 -37.68
C THR B 976 -69.03 24.94 -36.86
N THR B 977 -68.57 23.73 -36.49
CA THR B 977 -69.44 22.81 -35.77
C THR B 977 -69.48 23.07 -34.27
N HIS B 978 -68.63 23.95 -33.76
CA HIS B 978 -68.68 24.37 -32.36
C HIS B 978 -68.05 25.76 -32.30
N PRO B 979 -68.85 26.81 -32.46
CA PRO B 979 -68.27 28.14 -32.64
C PRO B 979 -67.67 28.74 -31.38
N ASN B 980 -66.76 29.68 -31.61
CA ASN B 980 -66.09 30.46 -30.57
C ASN B 980 -65.46 29.58 -29.50
N GLY B 981 -65.07 28.36 -29.85
CA GLY B 981 -64.46 27.48 -28.86
C GLY B 981 -65.36 27.14 -27.71
N ASP B 982 -66.67 27.35 -27.86
CA ASP B 982 -67.68 27.21 -26.82
C ASP B 982 -67.50 28.24 -25.71
N CYS B 983 -66.55 29.16 -25.85
CA CYS B 983 -66.39 30.23 -24.88
C CYS B 983 -67.55 31.20 -25.04
N SER B 984 -68.03 31.74 -23.92
CA SER B 984 -69.16 32.65 -23.98
C SER B 984 -68.75 34.00 -24.55
N HIS B 985 -67.72 34.62 -23.97
CA HIS B 985 -67.31 35.97 -24.36
C HIS B 985 -66.04 36.00 -25.19
N PHE B 986 -64.92 35.54 -24.65
CA PHE B 986 -63.63 35.58 -25.32
C PHE B 986 -63.13 34.18 -25.65
N CYS B 987 -62.47 34.05 -26.79
CA CYS B 987 -61.77 32.84 -27.19
C CYS B 987 -60.37 33.27 -27.58
N PHE B 988 -59.35 32.64 -26.99
CA PHE B 988 -57.97 33.00 -27.21
C PHE B 988 -57.18 31.80 -27.72
N PRO B 989 -56.44 31.92 -28.82
CA PRO B 989 -55.54 30.84 -29.21
C PRO B 989 -54.27 30.89 -28.39
N VAL B 990 -53.78 29.72 -28.02
CA VAL B 990 -52.55 29.59 -27.24
C VAL B 990 -51.71 28.50 -27.89
N PRO B 991 -50.41 28.45 -27.57
CA PRO B 991 -49.50 27.56 -28.29
C PRO B 991 -49.92 26.11 -28.26
N ASN B 992 -49.35 25.36 -29.22
CA ASN B 992 -49.62 23.94 -29.41
C ASN B 992 -51.10 23.69 -29.73
N PHE B 993 -51.67 24.58 -30.53
CA PHE B 993 -52.97 24.41 -31.18
C PHE B 993 -54.08 24.05 -30.18
N GLN B 994 -54.36 25.00 -29.30
CA GLN B 994 -55.42 24.84 -28.31
C GLN B 994 -55.89 26.24 -27.92
N ARG B 995 -57.04 26.29 -27.25
CA ARG B 995 -57.76 27.52 -26.98
C ARG B 995 -58.02 27.72 -25.49
N VAL B 996 -58.22 28.98 -25.14
CA VAL B 996 -58.52 29.40 -23.77
C VAL B 996 -59.68 30.39 -23.85
N CYS B 997 -60.45 30.47 -22.77
CA CYS B 997 -61.62 31.33 -22.69
C CYS B 997 -61.39 32.45 -21.67
N GLY B 998 -62.01 33.60 -21.92
CA GLY B 998 -61.92 34.73 -21.02
C GLY B 998 -63.23 35.46 -20.90
N CYS B 999 -63.34 36.27 -19.86
CA CYS B 999 -64.51 37.07 -19.56
C CYS B 999 -64.13 38.55 -19.46
N PRO B 1000 -65.08 39.47 -19.70
CA PRO B 1000 -64.75 40.90 -19.63
C PRO B 1000 -64.45 41.38 -18.22
N TYR B 1001 -64.31 42.69 -18.06
CA TYR B 1001 -63.84 43.27 -16.80
C TYR B 1001 -64.73 42.88 -15.62
N GLY B 1002 -66.03 43.10 -15.74
CA GLY B 1002 -66.94 42.90 -14.63
C GLY B 1002 -67.36 41.48 -14.38
N MET B 1003 -66.57 40.52 -14.86
CA MET B 1003 -66.96 39.13 -14.92
C MET B 1003 -65.82 38.21 -14.52
N LYS B 1004 -66.20 36.99 -14.18
CA LYS B 1004 -65.33 35.94 -13.70
C LYS B 1004 -65.66 34.68 -14.49
N LEU B 1005 -64.80 33.68 -14.35
CA LEU B 1005 -64.93 32.42 -15.05
C LEU B 1005 -65.55 31.36 -14.15
N GLN B 1006 -66.23 30.40 -14.78
CA GLN B 1006 -67.04 29.41 -14.10
C GLN B 1006 -66.37 28.06 -14.28
N ARG B 1007 -66.72 27.10 -13.40
CA ARG B 1007 -66.06 25.80 -13.36
C ARG B 1007 -65.92 25.21 -14.76
N ASP B 1008 -66.97 25.32 -15.57
CA ASP B 1008 -66.87 25.06 -16.98
C ASP B 1008 -66.35 26.37 -17.54
N GLN B 1009 -65.05 26.42 -17.83
CA GLN B 1009 -64.43 27.68 -18.23
C GLN B 1009 -65.02 28.25 -19.52
N MET B 1010 -65.82 27.47 -20.22
CA MET B 1010 -66.56 28.00 -21.37
C MET B 1010 -67.41 29.21 -20.97
N THR B 1011 -67.92 29.23 -19.74
CA THR B 1011 -68.94 30.16 -19.30
C THR B 1011 -68.42 31.15 -18.26
N CYS B 1012 -69.14 32.27 -18.19
CA CYS B 1012 -68.78 33.45 -17.42
C CYS B 1012 -69.91 33.82 -16.46
N GLU B 1013 -69.53 34.49 -15.37
CA GLU B 1013 -70.45 34.98 -14.35
C GLU B 1013 -70.00 36.38 -13.97
N GLY B 1014 -70.73 37.01 -13.05
CA GLY B 1014 -70.48 38.38 -12.65
C GLY B 1014 -69.75 38.40 -11.31
N ASP B 1015 -68.78 39.31 -11.19
CA ASP B 1015 -67.87 39.39 -10.05
C ASP B 1015 -67.95 40.77 -9.41
N PRO B 1016 -69.01 41.06 -8.66
CA PRO B 1016 -69.07 42.35 -7.95
C PRO B 1016 -68.08 42.45 -6.79
N ALA B 1017 -67.48 41.34 -6.38
CA ALA B 1017 -66.55 41.37 -5.26
C ALA B 1017 -65.22 42.00 -5.65
N ARG B 1018 -64.57 41.44 -6.67
CA ARG B 1018 -63.24 41.88 -7.07
C ARG B 1018 -63.26 42.98 -8.13
N GLU B 1019 -64.25 42.99 -9.01
CA GLU B 1019 -64.31 43.93 -10.14
C GLU B 1019 -65.70 44.54 -10.20
N PRO B 1020 -66.00 45.50 -9.33
CA PRO B 1020 -67.32 46.12 -9.32
C PRO B 1020 -67.53 46.99 -10.55
N PRO B 1021 -68.77 47.40 -10.82
CA PRO B 1021 -69.01 48.34 -11.91
C PRO B 1021 -68.40 49.70 -11.60
N THR B 1022 -68.09 50.44 -12.66
CA THR B 1022 -67.47 51.75 -12.55
C THR B 1022 -68.20 52.74 -13.45
N GLN B 1023 -68.24 54.00 -13.00
CA GLN B 1023 -68.89 55.03 -13.78
C GLN B 1023 -67.98 55.50 -14.91
N GLN B 1024 -68.60 56.14 -15.90
CA GLN B 1024 -67.94 56.44 -17.16
C GLN B 1024 -66.81 57.46 -17.01
N CYS B 1025 -67.05 58.55 -16.27
CA CYS B 1025 -66.18 59.71 -16.33
C CYS B 1025 -65.80 60.35 -15.01
N GLY B 1026 -66.18 59.81 -13.87
CA GLY B 1026 -65.83 60.48 -12.65
C GLY B 1026 -66.66 61.74 -12.44
N SER B 1027 -66.19 62.58 -11.52
CA SER B 1027 -66.94 63.74 -11.06
C SER B 1027 -66.75 64.96 -11.95
N SER B 1028 -65.51 65.42 -12.13
CA SER B 1028 -65.26 66.66 -12.85
C SER B 1028 -65.23 66.48 -14.36
N SER B 1029 -66.28 65.93 -14.94
CA SER B 1029 -66.34 65.74 -16.39
C SER B 1029 -67.77 65.44 -16.80
N PHE B 1030 -68.04 65.60 -18.09
CA PHE B 1030 -69.34 65.33 -18.68
C PHE B 1030 -69.29 64.03 -19.46
N PRO B 1031 -70.22 63.09 -19.26
CA PRO B 1031 -70.19 61.85 -20.04
C PRO B 1031 -70.85 62.04 -21.40
N CYS B 1032 -70.11 61.76 -22.46
CA CYS B 1032 -70.60 61.89 -23.82
C CYS B 1032 -71.09 60.54 -24.33
N ASN B 1033 -72.11 60.60 -25.17
CA ASN B 1033 -72.83 59.41 -25.60
C ASN B 1033 -71.94 58.39 -26.30
N ASN B 1034 -70.84 58.82 -26.89
CA ASN B 1034 -69.97 57.90 -27.59
C ASN B 1034 -69.02 57.14 -26.67
N GLY B 1035 -69.04 57.40 -25.35
CA GLY B 1035 -68.15 56.70 -24.45
C GLY B 1035 -66.88 57.51 -24.22
N LYS B 1036 -67.03 58.82 -24.11
CA LYS B 1036 -65.92 59.74 -23.95
C LYS B 1036 -66.19 60.68 -22.79
N CYS B 1037 -65.11 61.23 -22.25
CA CYS B 1037 -65.15 62.12 -21.09
C CYS B 1037 -64.48 63.43 -21.43
N VAL B 1038 -65.12 64.51 -21.02
CA VAL B 1038 -64.66 65.87 -21.31
C VAL B 1038 -64.93 66.75 -20.10
N PRO B 1039 -64.09 67.77 -19.86
CA PRO B 1039 -64.31 68.60 -18.67
C PRO B 1039 -65.66 69.30 -18.69
N SER B 1040 -66.18 69.53 -17.48
CA SER B 1040 -67.49 70.16 -17.33
C SER B 1040 -67.52 71.57 -17.92
N ILE B 1041 -66.39 72.28 -17.89
CA ILE B 1041 -66.33 73.62 -18.46
C ILE B 1041 -66.67 73.59 -19.94
N PHE B 1042 -66.33 72.49 -20.62
CA PHE B 1042 -66.53 72.34 -22.05
C PHE B 1042 -67.97 72.01 -22.43
N ARG B 1043 -68.84 71.75 -21.45
CA ARG B 1043 -70.17 71.22 -21.72
C ARG B 1043 -70.94 72.07 -22.72
N CYS B 1044 -70.92 73.40 -22.55
CA CYS B 1044 -71.61 74.31 -23.48
C CYS B 1044 -70.75 75.51 -23.80
N ASP B 1045 -69.46 75.29 -24.07
CA ASP B 1045 -68.61 76.40 -24.47
C ASP B 1045 -68.85 76.85 -25.90
N GLY B 1046 -69.66 76.10 -26.67
CA GLY B 1046 -70.03 76.48 -28.02
C GLY B 1046 -69.44 75.61 -29.11
N VAL B 1047 -68.57 74.65 -28.78
CA VAL B 1047 -67.91 73.80 -29.75
C VAL B 1047 -67.99 72.34 -29.32
N ASP B 1048 -67.86 71.46 -30.31
CA ASP B 1048 -68.09 70.01 -30.16
C ASP B 1048 -66.82 69.33 -29.63
N ASP B 1049 -66.55 69.56 -28.35
CA ASP B 1049 -65.37 68.96 -27.74
C ASP B 1049 -65.48 67.45 -27.71
N CYS B 1050 -66.70 66.92 -27.73
CA CYS B 1050 -67.00 65.52 -27.99
C CYS B 1050 -67.48 65.47 -29.42
N HIS B 1051 -66.84 64.64 -30.23
CA HIS B 1051 -67.03 64.67 -31.67
C HIS B 1051 -68.31 64.02 -32.13
N ASP B 1052 -69.13 63.52 -31.22
CA ASP B 1052 -70.51 63.15 -31.49
C ASP B 1052 -71.46 64.35 -31.33
N ASN B 1053 -70.91 65.51 -30.96
CA ASN B 1053 -71.70 66.72 -30.67
C ASN B 1053 -72.61 66.50 -29.46
N SER B 1054 -72.20 65.61 -28.56
CA SER B 1054 -73.02 65.29 -27.39
C SER B 1054 -73.10 66.46 -26.42
N ASP B 1055 -72.00 67.18 -26.23
CA ASP B 1055 -71.93 68.18 -25.17
C ASP B 1055 -72.79 69.41 -25.50
N GLU B 1056 -72.77 69.85 -26.75
CA GLU B 1056 -73.56 71.02 -27.15
C GLU B 1056 -75.02 70.68 -27.42
N HIS B 1057 -75.49 69.51 -26.98
CA HIS B 1057 -76.85 69.07 -27.24
C HIS B 1057 -77.82 69.68 -26.23
N GLN B 1058 -78.92 70.23 -26.75
CA GLN B 1058 -80.00 70.81 -25.94
C GLN B 1058 -79.47 71.70 -24.83
N CYS B 1059 -78.68 72.70 -25.23
CA CYS B 1059 -78.11 73.67 -24.32
C CYS B 1059 -78.60 75.06 -24.68
N GLY B 1060 -78.65 75.92 -23.66
CA GLY B 1060 -79.31 77.19 -23.73
C GLY B 1060 -80.77 77.14 -23.35
N ALA B 1061 -81.36 75.95 -23.33
CA ALA B 1061 -82.71 75.76 -22.85
C ALA B 1061 -82.76 75.99 -21.34
N LEU B 1062 -83.98 76.09 -20.82
CA LEU B 1062 -84.15 76.37 -19.39
C LEU B 1062 -83.51 75.29 -18.53
N ASN B 1063 -83.45 74.06 -19.03
CA ASN B 1063 -82.85 72.96 -18.25
C ASN B 1063 -81.33 73.01 -18.23
N ASN B 1064 -80.70 73.70 -19.16
CA ASN B 1064 -79.25 73.70 -19.29
C ASN B 1064 -78.76 75.08 -19.72
N THR B 1065 -78.31 75.88 -18.75
CA THR B 1065 -77.71 77.16 -19.06
C THR B 1065 -76.28 76.96 -19.52
N CYS B 1066 -75.71 77.98 -20.13
CA CYS B 1066 -74.46 77.87 -20.87
C CYS B 1066 -73.25 78.34 -20.08
N SER B 1067 -72.08 78.03 -20.63
CA SER B 1067 -70.81 78.31 -19.99
C SER B 1067 -70.53 79.80 -19.91
N SER B 1068 -69.77 80.17 -18.87
CA SER B 1068 -69.27 81.54 -18.76
C SER B 1068 -68.30 81.89 -19.87
N SER B 1069 -67.65 80.89 -20.46
CA SER B 1069 -66.74 81.16 -21.58
C SER B 1069 -67.49 81.48 -22.87
N ALA B 1070 -68.71 80.97 -23.00
CA ALA B 1070 -69.48 81.13 -24.22
C ALA B 1070 -70.20 82.47 -24.22
N PHE B 1071 -70.96 82.71 -25.29
CA PHE B 1071 -71.85 83.85 -25.43
C PHE B 1071 -73.23 83.31 -25.79
N THR B 1072 -74.26 83.96 -25.29
CA THR B 1072 -75.63 83.52 -25.44
C THR B 1072 -76.42 84.55 -26.23
N CYS B 1073 -77.32 84.07 -27.08
CA CYS B 1073 -78.08 84.88 -28.01
C CYS B 1073 -79.41 85.13 -27.32
N VAL B 1074 -79.75 86.41 -27.14
CA VAL B 1074 -80.77 86.83 -26.19
C VAL B 1074 -82.13 86.25 -26.55
N HIS B 1075 -82.59 86.44 -27.80
CA HIS B 1075 -83.91 85.95 -28.16
C HIS B 1075 -83.93 84.44 -28.37
N GLY B 1076 -82.86 83.90 -28.98
CA GLY B 1076 -82.85 82.51 -29.37
C GLY B 1076 -82.64 81.52 -28.26
N GLY B 1077 -81.86 81.89 -27.24
CA GLY B 1077 -81.49 80.95 -26.21
C GLY B 1077 -80.60 79.86 -26.76
N GLN B 1078 -79.62 80.24 -27.58
CA GLN B 1078 -78.61 79.36 -28.15
C GLN B 1078 -77.26 80.02 -27.94
N CYS B 1079 -76.23 79.19 -27.78
CA CYS B 1079 -74.94 79.62 -27.29
C CYS B 1079 -73.83 79.31 -28.30
N ILE B 1080 -72.95 80.28 -28.47
CA ILE B 1080 -71.87 80.26 -29.45
C ILE B 1080 -70.57 80.62 -28.75
N PRO B 1081 -69.41 80.20 -29.26
CA PRO B 1081 -68.15 80.54 -28.60
C PRO B 1081 -67.91 82.04 -28.57
N GLY B 1082 -67.18 82.47 -27.54
CA GLY B 1082 -67.01 83.89 -27.28
C GLY B 1082 -66.32 84.66 -28.40
N GLN B 1083 -65.40 84.00 -29.12
CA GLN B 1083 -64.71 84.71 -30.20
C GLN B 1083 -65.69 85.21 -31.25
N TRP B 1084 -66.82 84.52 -31.41
CA TRP B 1084 -67.85 84.90 -32.36
C TRP B 1084 -68.69 86.08 -31.88
N ARG B 1085 -68.46 86.54 -30.65
CA ARG B 1085 -69.30 87.56 -30.03
C ARG B 1085 -69.43 88.81 -30.89
N CYS B 1086 -68.35 89.23 -31.54
CA CYS B 1086 -68.39 90.45 -32.36
C CYS B 1086 -67.40 90.29 -33.51
N ASP B 1087 -67.93 89.95 -34.69
CA ASP B 1087 -67.12 89.83 -35.89
C ASP B 1087 -68.03 90.03 -37.09
N LYS B 1088 -67.47 89.86 -38.29
CA LYS B 1088 -68.21 90.10 -39.52
C LYS B 1088 -69.44 89.19 -39.64
N GLN B 1089 -69.41 88.01 -39.03
CA GLN B 1089 -70.47 87.03 -39.20
C GLN B 1089 -71.61 87.23 -38.21
N ASN B 1090 -72.82 86.95 -38.71
CA ASN B 1090 -74.04 86.91 -37.91
C ASN B 1090 -74.25 85.44 -37.53
N ASP B 1091 -73.83 85.09 -36.31
CA ASP B 1091 -73.74 83.72 -35.89
C ASP B 1091 -75.00 83.15 -35.24
N CYS B 1092 -76.00 83.97 -34.92
CA CYS B 1092 -77.26 83.44 -34.38
C CYS B 1092 -78.42 84.11 -35.09
N LEU B 1093 -79.56 83.44 -35.04
CA LEU B 1093 -80.73 83.87 -35.81
C LEU B 1093 -81.19 85.26 -35.42
N ASP B 1094 -81.01 85.66 -34.16
CA ASP B 1094 -81.39 86.99 -33.73
C ASP B 1094 -80.32 88.05 -34.04
N GLY B 1095 -79.14 87.64 -34.50
CA GLY B 1095 -78.09 88.61 -34.73
C GLY B 1095 -77.65 89.31 -33.46
N SER B 1096 -77.86 88.70 -32.30
CA SER B 1096 -77.57 89.36 -31.04
C SER B 1096 -76.08 89.46 -30.78
N ASP B 1097 -75.26 88.66 -31.47
CA ASP B 1097 -73.82 88.84 -31.38
C ASP B 1097 -73.42 90.21 -31.92
N GLU B 1098 -73.98 90.59 -33.07
CA GLU B 1098 -73.64 91.84 -33.74
C GLU B 1098 -74.66 92.95 -33.49
N GLN B 1099 -75.61 92.77 -32.58
CA GLN B 1099 -76.53 93.86 -32.26
C GLN B 1099 -75.78 95.05 -31.69
N ASN B 1100 -74.81 94.81 -30.81
CA ASN B 1100 -74.02 95.87 -30.21
C ASN B 1100 -72.61 95.36 -30.00
N CYS B 1101 -71.64 96.27 -30.02
CA CYS B 1101 -70.23 95.91 -29.96
C CYS B 1101 -69.45 97.06 -29.37
N PRO B 1102 -68.24 96.80 -28.86
CA PRO B 1102 -67.33 97.89 -28.48
C PRO B 1102 -66.78 98.59 -29.71
N THR B 1103 -66.04 99.67 -29.46
CA THR B 1103 -65.36 100.40 -30.52
C THR B 1103 -64.00 100.87 -30.02
N ARG B 1104 -63.15 101.24 -30.97
CA ARG B 1104 -61.78 101.63 -30.65
C ARG B 1104 -61.72 102.93 -29.88
N SER B 1105 -60.83 102.97 -28.90
CA SER B 1105 -60.59 104.18 -28.14
C SER B 1105 -59.82 105.16 -29.03
N PRO B 1106 -60.30 106.39 -29.23
CA PRO B 1106 -59.59 107.30 -30.13
C PRO B 1106 -58.24 107.71 -29.57
N SER B 1107 -57.42 108.29 -30.46
CA SER B 1107 -56.08 108.74 -30.14
C SER B 1107 -55.15 107.60 -29.74
N SER B 1108 -55.47 106.37 -30.14
CA SER B 1108 -54.54 105.28 -29.90
C SER B 1108 -53.33 105.44 -30.81
N THR B 1109 -52.23 104.80 -30.41
CA THR B 1109 -50.92 105.03 -30.99
C THR B 1109 -50.42 103.83 -31.79
N CYS B 1110 -49.96 104.11 -33.01
CA CYS B 1110 -49.06 103.36 -33.83
C CYS B 1110 -47.73 104.09 -33.79
N PRO B 1111 -46.61 103.44 -33.48
CA PRO B 1111 -45.36 104.18 -33.33
C PRO B 1111 -44.90 104.78 -34.64
N PRO B 1112 -44.02 105.78 -34.61
CA PRO B 1112 -43.58 106.41 -35.86
C PRO B 1112 -42.79 105.49 -36.76
N THR B 1113 -42.31 104.35 -36.22
CA THR B 1113 -41.61 103.35 -37.01
C THR B 1113 -42.50 102.63 -38.00
N SER B 1114 -43.82 102.77 -37.89
CA SER B 1114 -44.80 101.93 -38.54
C SER B 1114 -45.80 102.78 -39.33
N PHE B 1115 -46.72 102.08 -39.97
CA PHE B 1115 -47.70 102.63 -40.89
C PHE B 1115 -49.10 102.26 -40.41
N THR B 1116 -50.05 103.13 -40.70
CA THR B 1116 -51.42 103.01 -40.21
C THR B 1116 -52.35 102.72 -41.38
N CYS B 1117 -53.32 101.85 -41.11
CA CYS B 1117 -54.28 101.38 -42.10
C CYS B 1117 -55.64 101.96 -41.78
N ASP B 1118 -56.48 102.08 -42.80
CA ASP B 1118 -57.77 102.73 -42.60
C ASP B 1118 -58.68 101.98 -41.63
N ASN B 1119 -58.41 100.71 -41.37
CA ASN B 1119 -59.16 99.95 -40.36
C ASN B 1119 -58.55 100.06 -38.98
N HIS B 1120 -57.70 101.07 -38.73
CA HIS B 1120 -57.10 101.33 -37.43
C HIS B 1120 -56.30 100.13 -36.93
N MET B 1121 -55.26 99.81 -37.71
CA MET B 1121 -54.29 98.78 -37.40
C MET B 1121 -52.92 99.32 -37.79
N CYS B 1122 -51.88 98.77 -37.17
CA CYS B 1122 -50.52 99.25 -37.36
C CYS B 1122 -49.69 98.19 -38.08
N ILE B 1123 -48.93 98.62 -39.08
CA ILE B 1123 -48.10 97.73 -39.90
C ILE B 1123 -46.73 98.35 -40.08
N PRO B 1124 -45.67 97.53 -40.14
CA PRO B 1124 -44.35 98.11 -40.42
C PRO B 1124 -44.30 98.81 -41.76
N LYS B 1125 -43.58 99.94 -41.79
CA LYS B 1125 -43.43 100.71 -43.01
C LYS B 1125 -42.77 99.91 -44.13
N GLU B 1126 -41.89 98.96 -43.77
CA GLU B 1126 -41.17 98.20 -44.78
C GLU B 1126 -42.09 97.27 -45.56
N TRP B 1127 -43.23 96.91 -44.99
CA TRP B 1127 -44.16 95.97 -45.60
C TRP B 1127 -45.11 96.58 -46.61
N VAL B 1128 -45.24 97.90 -46.66
CA VAL B 1128 -46.38 98.60 -47.21
C VAL B 1128 -46.64 98.28 -48.67
N CYS B 1129 -45.76 98.70 -49.58
CA CYS B 1129 -45.95 98.45 -51.01
C CYS B 1129 -45.23 97.17 -51.46
N ASP B 1130 -45.57 96.04 -50.84
CA ASP B 1130 -45.03 94.74 -51.22
C ASP B 1130 -45.99 93.92 -52.06
N THR B 1131 -47.03 94.54 -52.62
CA THR B 1131 -48.05 93.92 -53.45
C THR B 1131 -48.93 92.93 -52.70
N ASP B 1132 -48.73 92.74 -51.39
CA ASP B 1132 -49.46 91.77 -50.60
C ASP B 1132 -50.17 92.47 -49.45
N ASN B 1133 -51.36 91.96 -49.14
CA ASN B 1133 -52.35 92.59 -48.28
C ASN B 1133 -51.98 92.28 -46.83
N ASP B 1134 -51.17 93.14 -46.22
CA ASP B 1134 -50.68 92.91 -44.86
C ASP B 1134 -51.72 93.25 -43.81
N CYS B 1135 -52.48 94.33 -44.01
CA CYS B 1135 -53.62 94.68 -43.18
C CYS B 1135 -54.81 94.59 -44.11
N SER B 1136 -55.83 93.89 -43.70
CA SER B 1136 -56.88 93.30 -44.48
C SER B 1136 -57.83 94.28 -45.05
N ASP B 1137 -57.67 95.59 -44.94
CA ASP B 1137 -58.49 96.53 -45.70
C ASP B 1137 -57.84 96.94 -47.01
N GLY B 1138 -56.63 96.46 -47.29
CA GLY B 1138 -55.94 96.77 -48.52
C GLY B 1138 -55.31 98.14 -48.57
N SER B 1139 -55.32 98.88 -47.46
CA SER B 1139 -54.86 100.26 -47.47
C SER B 1139 -53.35 100.40 -47.65
N ASP B 1140 -52.58 99.36 -47.34
CA ASP B 1140 -51.13 99.48 -47.50
C ASP B 1140 -50.74 99.49 -48.97
N GLU B 1141 -51.46 98.76 -49.81
CA GLU B 1141 -51.20 98.68 -51.23
C GLU B 1141 -52.01 99.69 -52.03
N LYS B 1142 -52.53 100.73 -51.37
CA LYS B 1142 -53.53 101.62 -51.95
C LYS B 1142 -52.98 102.62 -52.95
N ASN B 1143 -51.71 103.01 -52.87
CA ASN B 1143 -51.21 104.16 -53.61
C ASN B 1143 -49.82 103.94 -54.20
N CYS B 1144 -49.44 102.70 -54.49
CA CYS B 1144 -48.07 102.44 -54.93
C CYS B 1144 -47.85 102.93 -56.36
N GLN B 1145 -46.66 103.50 -56.58
CA GLN B 1145 -46.23 104.04 -57.87
C GLN B 1145 -47.11 105.19 -58.35
N ALA B 1146 -47.54 106.04 -57.42
CA ALA B 1146 -48.13 107.34 -57.77
C ALA B 1146 -46.99 108.35 -57.97
N SER B 1147 -46.08 108.01 -58.87
CA SER B 1147 -44.85 108.75 -59.13
C SER B 1147 -43.93 108.75 -57.92
N GLY B 1148 -44.16 107.82 -56.99
CA GLY B 1148 -43.39 107.74 -55.76
C GLY B 1148 -42.19 106.81 -55.87
N THR B 1149 -41.57 106.56 -54.72
CA THR B 1149 -40.42 105.69 -54.60
C THR B 1149 -40.55 104.84 -53.34
N CYS B 1150 -39.72 103.80 -53.27
CA CYS B 1150 -39.72 102.91 -52.11
C CYS B 1150 -39.18 103.64 -50.88
N HIS B 1151 -39.67 103.23 -49.71
CA HIS B 1151 -39.19 103.80 -48.46
C HIS B 1151 -37.69 103.53 -48.34
N PRO B 1152 -36.92 104.43 -47.72
CA PRO B 1152 -35.45 104.30 -47.81
C PRO B 1152 -34.87 102.98 -47.35
N THR B 1153 -35.46 102.33 -46.34
CA THR B 1153 -34.92 101.04 -45.91
C THR B 1153 -35.28 99.89 -46.85
N GLN B 1154 -36.30 100.07 -47.69
CA GLN B 1154 -36.75 99.02 -48.59
C GLN B 1154 -35.74 98.78 -49.70
N PHE B 1155 -36.03 97.77 -50.51
CA PHE B 1155 -35.28 97.42 -51.71
C PHE B 1155 -36.27 97.37 -52.86
N ARG B 1156 -35.79 97.67 -54.06
CA ARG B 1156 -36.63 97.84 -55.23
C ARG B 1156 -36.27 96.87 -56.33
N CYS B 1157 -37.30 96.45 -57.08
CA CYS B 1157 -37.15 95.54 -58.21
C CYS B 1157 -37.62 96.31 -59.44
N PRO B 1158 -36.79 96.45 -60.48
CA PRO B 1158 -36.98 97.47 -61.52
C PRO B 1158 -38.38 97.65 -62.06
N ASP B 1159 -39.11 96.56 -62.28
CA ASP B 1159 -40.44 96.63 -62.85
C ASP B 1159 -41.54 96.12 -61.94
N HIS B 1160 -41.20 95.61 -60.75
CA HIS B 1160 -42.15 94.79 -59.99
C HIS B 1160 -42.61 95.37 -58.66
N ARG B 1161 -41.75 95.54 -57.67
CA ARG B 1161 -42.25 95.90 -56.35
C ARG B 1161 -41.11 96.25 -55.41
N CYS B 1162 -41.48 96.88 -54.29
CA CYS B 1162 -40.57 97.16 -53.20
C CYS B 1162 -40.68 96.01 -52.21
N ILE B 1163 -39.54 95.62 -51.63
CA ILE B 1163 -39.47 94.47 -50.73
C ILE B 1163 -38.72 94.84 -49.46
N SER B 1164 -38.98 94.08 -48.40
CA SER B 1164 -38.35 94.31 -47.12
C SER B 1164 -36.86 93.97 -47.17
N PRO B 1165 -36.07 94.51 -46.24
CA PRO B 1165 -34.64 94.16 -46.20
C PRO B 1165 -34.37 92.68 -46.03
N LEU B 1166 -35.19 91.96 -45.26
CA LEU B 1166 -34.94 90.54 -45.01
C LEU B 1166 -34.99 89.72 -46.29
N TYR B 1167 -35.78 90.16 -47.27
CA TYR B 1167 -35.89 89.47 -48.54
C TYR B 1167 -34.73 89.73 -49.47
N VAL B 1168 -33.91 90.75 -49.18
CA VAL B 1168 -32.91 91.21 -50.14
C VAL B 1168 -31.89 90.13 -50.44
N CYS B 1169 -31.54 89.32 -49.45
CA CYS B 1169 -30.71 88.14 -49.73
C CYS B 1169 -31.01 87.07 -48.69
N ASP B 1170 -31.83 86.12 -49.07
CA ASP B 1170 -32.18 84.96 -48.24
C ASP B 1170 -31.94 83.65 -48.95
N GLY B 1171 -32.18 83.60 -50.26
CA GLY B 1171 -32.07 82.38 -51.04
C GLY B 1171 -33.15 82.26 -52.10
N ASP B 1172 -34.25 82.98 -51.91
CA ASP B 1172 -35.39 82.95 -52.82
C ASP B 1172 -35.42 84.19 -53.70
N LYS B 1173 -35.65 83.98 -55.00
CA LYS B 1173 -35.85 85.06 -55.95
C LYS B 1173 -37.22 85.67 -55.71
N ASP B 1174 -37.29 86.73 -54.92
CA ASP B 1174 -38.56 87.33 -54.56
C ASP B 1174 -39.12 88.27 -55.61
N CYS B 1175 -38.38 88.53 -56.69
CA CYS B 1175 -38.90 89.30 -57.81
C CYS B 1175 -38.32 88.76 -59.10
N VAL B 1176 -38.93 89.21 -60.20
CA VAL B 1176 -38.83 88.57 -61.51
C VAL B 1176 -37.39 88.39 -61.97
N ASP B 1177 -36.58 89.44 -61.86
CA ASP B 1177 -35.24 89.42 -62.44
C ASP B 1177 -34.16 89.05 -61.44
N GLY B 1178 -34.53 88.69 -60.22
CA GLY B 1178 -33.53 88.32 -59.25
C GLY B 1178 -32.62 89.46 -58.85
N SER B 1179 -33.15 90.67 -58.71
CA SER B 1179 -32.36 91.77 -58.19
C SER B 1179 -31.88 91.42 -56.80
N ASP B 1180 -32.75 90.81 -56.01
CA ASP B 1180 -32.38 90.25 -54.73
C ASP B 1180 -31.53 89.01 -54.96
N GLU B 1181 -30.72 88.67 -53.97
CA GLU B 1181 -29.76 87.56 -54.00
C GLU B 1181 -28.63 87.78 -55.01
N ALA B 1182 -28.56 88.94 -55.65
CA ALA B 1182 -27.47 89.23 -56.58
C ALA B 1182 -26.18 89.53 -55.82
N GLY B 1183 -25.12 88.81 -56.16
CA GLY B 1183 -23.80 89.12 -55.67
C GLY B 1183 -23.56 88.83 -54.20
N CYS B 1184 -24.37 87.97 -53.59
CA CYS B 1184 -24.22 87.73 -52.16
C CYS B 1184 -23.09 86.75 -51.87
N VAL B 1185 -22.58 86.84 -50.65
CA VAL B 1185 -21.65 85.90 -50.07
C VAL B 1185 -22.29 85.41 -48.76
N LEU B 1186 -22.44 84.10 -48.62
CA LEU B 1186 -23.06 83.56 -47.42
C LEU B 1186 -22.16 83.80 -46.21
N ASN B 1187 -22.76 84.27 -45.13
CA ASN B 1187 -22.05 84.70 -43.93
C ASN B 1187 -22.77 84.24 -42.67
N CYS B 1188 -23.22 82.99 -42.65
CA CYS B 1188 -24.04 82.51 -41.55
C CYS B 1188 -23.21 82.38 -40.28
N THR B 1189 -23.89 82.48 -39.14
CA THR B 1189 -23.26 82.56 -37.83
C THR B 1189 -22.58 81.24 -37.44
N SER B 1190 -21.83 81.31 -36.35
CA SER B 1190 -21.02 80.19 -35.88
C SER B 1190 -21.85 78.98 -35.47
N SER B 1191 -23.14 79.16 -35.22
CA SER B 1191 -24.02 78.06 -34.85
C SER B 1191 -24.41 77.17 -36.03
N GLN B 1192 -23.81 77.39 -37.21
CA GLN B 1192 -24.22 76.73 -38.44
C GLN B 1192 -22.98 76.28 -39.19
N PHE B 1193 -23.22 75.50 -40.24
CA PHE B 1193 -22.17 74.89 -41.06
C PHE B 1193 -22.45 75.22 -42.51
N LYS B 1194 -21.37 75.33 -43.29
CA LYS B 1194 -21.42 75.70 -44.70
C LYS B 1194 -20.90 74.52 -45.51
N CYS B 1195 -21.45 74.36 -46.71
CA CYS B 1195 -21.23 73.20 -47.55
C CYS B 1195 -20.26 73.54 -48.67
N ALA B 1196 -19.60 72.50 -49.18
CA ALA B 1196 -18.41 72.66 -50.00
C ALA B 1196 -18.67 73.41 -51.29
N ASP B 1197 -19.80 73.15 -51.96
CA ASP B 1197 -20.03 73.88 -53.20
C ASP B 1197 -20.62 75.27 -52.98
N GLY B 1198 -20.82 75.69 -51.73
CA GLY B 1198 -21.21 77.04 -51.42
C GLY B 1198 -22.70 77.34 -51.48
N SER B 1199 -23.52 76.36 -51.82
CA SER B 1199 -24.94 76.61 -52.05
C SER B 1199 -25.75 76.83 -50.80
N SER B 1200 -25.41 76.20 -49.68
CA SER B 1200 -26.29 76.12 -48.53
C SER B 1200 -25.52 76.16 -47.22
N CYS B 1201 -26.18 76.70 -46.20
CA CYS B 1201 -25.69 76.73 -44.84
C CYS B 1201 -26.79 76.13 -43.97
N ILE B 1202 -26.40 75.28 -43.02
CA ILE B 1202 -27.31 74.48 -42.22
C ILE B 1202 -26.75 74.37 -40.81
N ASN B 1203 -27.67 74.26 -39.84
CA ASN B 1203 -27.31 74.29 -38.44
C ASN B 1203 -26.34 73.17 -38.09
N SER B 1204 -25.61 73.39 -36.99
CA SER B 1204 -24.51 72.51 -36.60
C SER B 1204 -24.97 71.11 -36.24
N ARG B 1205 -26.16 70.98 -35.65
CA ARG B 1205 -26.62 69.65 -35.24
C ARG B 1205 -26.72 68.69 -36.42
N TYR B 1206 -26.94 69.21 -37.62
CA TYR B 1206 -27.11 68.38 -38.80
C TYR B 1206 -25.79 67.90 -39.38
N ARG B 1207 -24.69 68.55 -39.05
CA ARG B 1207 -23.37 68.07 -39.45
C ARG B 1207 -23.07 66.79 -38.70
N CYS B 1208 -22.61 65.77 -39.44
CA CYS B 1208 -22.30 64.47 -38.86
C CYS B 1208 -23.48 63.88 -38.09
N ASP B 1209 -24.56 63.59 -38.84
CA ASP B 1209 -25.73 62.94 -38.27
C ASP B 1209 -26.21 61.74 -39.09
N GLY B 1210 -25.45 61.33 -40.10
CA GLY B 1210 -25.82 60.17 -40.89
C GLY B 1210 -26.75 60.44 -42.06
N VAL B 1211 -27.20 61.68 -42.23
CA VAL B 1211 -28.11 62.06 -43.30
C VAL B 1211 -27.48 63.18 -44.13
N TYR B 1212 -27.57 63.04 -45.45
CA TYR B 1212 -27.01 64.01 -46.38
C TYR B 1212 -27.98 65.19 -46.46
N ASP B 1213 -27.66 66.26 -45.73
CA ASP B 1213 -28.52 67.43 -45.64
C ASP B 1213 -28.22 68.51 -46.66
N CYS B 1214 -27.13 68.39 -47.42
CA CYS B 1214 -26.84 69.32 -48.50
C CYS B 1214 -26.18 68.55 -49.62
N LYS B 1215 -26.36 69.04 -50.84
CA LYS B 1215 -25.84 68.36 -52.01
C LYS B 1215 -24.31 68.29 -51.95
N ASP B 1216 -23.78 67.26 -52.60
CA ASP B 1216 -22.37 66.84 -52.58
C ASP B 1216 -21.95 66.29 -51.22
N ASN B 1217 -22.89 66.03 -50.31
CA ASN B 1217 -22.68 65.28 -49.08
C ASN B 1217 -21.57 65.86 -48.21
N SER B 1218 -21.26 67.15 -48.35
CA SER B 1218 -20.16 67.73 -47.58
C SER B 1218 -20.48 67.82 -46.10
N ASP B 1219 -21.75 67.80 -45.71
CA ASP B 1219 -22.08 67.85 -44.29
C ASP B 1219 -21.75 66.55 -43.58
N GLU B 1220 -21.59 65.45 -44.31
CA GLU B 1220 -21.21 64.16 -43.76
C GLU B 1220 -19.88 63.65 -44.26
N ALA B 1221 -19.23 64.33 -45.20
CA ALA B 1221 -17.99 63.82 -45.78
C ALA B 1221 -16.84 63.86 -44.78
N GLY B 1222 -16.69 64.98 -44.08
CA GLY B 1222 -15.56 65.19 -43.21
C GLY B 1222 -15.80 64.80 -41.77
N CYS B 1223 -16.19 63.55 -41.53
CA CYS B 1223 -16.74 63.10 -40.27
C CYS B 1223 -15.88 62.02 -39.61
N PRO B 1224 -15.85 61.98 -38.27
CA PRO B 1224 -15.14 60.89 -37.59
C PRO B 1224 -15.71 59.53 -37.94
N THR B 1225 -14.84 58.52 -37.94
CA THR B 1225 -15.23 57.15 -38.24
C THR B 1225 -14.77 56.21 -37.14
N ARG B 1226 -15.45 55.08 -37.06
CA ARG B 1226 -15.18 54.06 -36.06
C ARG B 1226 -13.90 53.30 -36.42
N PRO B 1227 -12.93 53.21 -35.53
CA PRO B 1227 -11.71 52.47 -35.87
C PRO B 1227 -12.01 51.00 -36.10
N PRO B 1228 -11.18 50.30 -36.86
CA PRO B 1228 -11.52 48.94 -37.31
C PRO B 1228 -11.67 47.97 -36.15
N GLY B 1229 -12.88 47.42 -36.03
CA GLY B 1229 -13.16 46.41 -35.02
C GLY B 1229 -13.18 46.91 -33.60
N MET B 1230 -13.23 48.23 -33.38
CA MET B 1230 -13.15 48.82 -32.05
C MET B 1230 -14.25 49.86 -31.89
N CYS B 1231 -14.23 50.53 -30.75
CA CYS B 1231 -15.26 51.48 -30.36
C CYS B 1231 -14.62 52.78 -29.90
N HIS B 1232 -15.44 53.83 -29.87
CA HIS B 1232 -14.99 55.16 -29.49
C HIS B 1232 -14.64 55.19 -28.01
N PRO B 1233 -13.82 56.17 -27.58
CA PRO B 1233 -13.45 56.24 -26.15
C PRO B 1233 -14.64 56.45 -25.23
N ASP B 1234 -15.75 57.00 -25.71
CA ASP B 1234 -16.95 57.17 -24.91
C ASP B 1234 -17.92 56.01 -25.10
N GLU B 1235 -17.40 54.83 -25.43
CA GLU B 1235 -18.18 53.62 -25.61
C GLU B 1235 -17.52 52.46 -24.88
N PHE B 1236 -18.24 51.35 -24.83
CA PHE B 1236 -17.80 50.11 -24.22
C PHE B 1236 -18.03 49.02 -25.25
N GLN B 1237 -17.22 47.97 -25.19
CA GLN B 1237 -17.27 46.88 -26.16
C GLN B 1237 -17.58 45.57 -25.44
N CYS B 1238 -18.31 44.70 -26.14
CA CYS B 1238 -18.75 43.43 -25.58
C CYS B 1238 -17.82 42.32 -26.02
N GLN B 1239 -17.38 41.51 -25.06
CA GLN B 1239 -16.42 40.44 -25.34
C GLN B 1239 -16.98 39.41 -26.30
N GLY B 1240 -18.25 39.04 -26.13
CA GLY B 1240 -18.83 37.93 -26.87
C GLY B 1240 -19.28 38.22 -28.28
N ASP B 1241 -19.46 39.49 -28.64
CA ASP B 1241 -20.01 39.83 -29.95
C ASP B 1241 -19.28 40.96 -30.66
N GLY B 1242 -18.28 41.58 -30.04
CA GLY B 1242 -17.58 42.66 -30.72
C GLY B 1242 -18.48 43.81 -31.12
N THR B 1243 -19.37 44.22 -30.22
CA THR B 1243 -20.35 45.26 -30.48
C THR B 1243 -20.22 46.33 -29.41
N CYS B 1244 -20.58 47.56 -29.80
CA CYS B 1244 -20.35 48.74 -28.98
C CYS B 1244 -21.66 49.24 -28.37
N ILE B 1245 -21.59 49.60 -27.09
CA ILE B 1245 -22.72 50.14 -26.35
C ILE B 1245 -22.25 51.36 -25.58
N PRO B 1246 -23.17 52.19 -25.10
CA PRO B 1246 -22.74 53.39 -24.36
C PRO B 1246 -21.91 53.07 -23.13
N ASN B 1247 -21.05 54.02 -22.78
CA ASN B 1247 -20.18 53.87 -21.61
C ASN B 1247 -20.98 53.72 -20.32
N THR B 1248 -22.10 54.44 -20.21
CA THR B 1248 -22.92 54.37 -19.01
C THR B 1248 -23.48 52.98 -18.79
N TRP B 1249 -23.75 52.26 -19.87
CA TRP B 1249 -24.41 50.96 -19.74
C TRP B 1249 -23.51 49.94 -19.04
N GLU B 1250 -22.20 50.11 -19.13
CA GLU B 1250 -21.28 49.22 -18.42
C GLU B 1250 -21.52 49.32 -16.92
N CYS B 1251 -21.83 48.18 -16.31
CA CYS B 1251 -22.00 48.06 -14.86
C CYS B 1251 -23.10 48.99 -14.34
N ASP B 1252 -24.32 48.71 -14.77
CA ASP B 1252 -25.51 49.35 -14.23
C ASP B 1252 -26.57 48.31 -13.90
N GLY B 1253 -26.12 47.14 -13.42
CA GLY B 1253 -26.99 46.09 -12.96
C GLY B 1253 -27.65 45.26 -14.03
N HIS B 1254 -27.81 45.78 -15.26
CA HIS B 1254 -28.51 45.06 -16.31
C HIS B 1254 -27.55 44.51 -17.34
N PRO B 1255 -27.68 43.23 -17.75
CA PRO B 1255 -26.80 42.70 -18.81
C PRO B 1255 -27.23 43.20 -20.19
N ASP B 1256 -26.46 44.14 -20.74
CA ASP B 1256 -26.71 44.65 -22.07
C ASP B 1256 -26.07 43.79 -23.16
N CYS B 1257 -24.90 43.23 -22.90
CA CYS B 1257 -24.21 42.42 -23.90
C CYS B 1257 -24.90 41.08 -24.08
N ILE B 1258 -24.50 40.38 -25.14
CA ILE B 1258 -25.05 39.06 -25.41
C ILE B 1258 -24.70 38.10 -24.27
N GLN B 1259 -23.44 38.11 -23.85
CA GLN B 1259 -22.96 37.30 -22.74
C GLN B 1259 -23.04 38.02 -21.41
N GLY B 1260 -23.63 39.23 -21.38
CA GLY B 1260 -23.74 39.95 -20.13
C GLY B 1260 -22.42 40.42 -19.57
N SER B 1261 -21.38 40.50 -20.41
CA SER B 1261 -20.05 40.86 -19.93
C SER B 1261 -19.95 42.31 -19.49
N ASP B 1262 -20.94 43.15 -19.78
CA ASP B 1262 -20.91 44.53 -19.32
C ASP B 1262 -21.14 44.65 -17.81
N GLU B 1263 -21.52 43.57 -17.14
CA GLU B 1263 -21.83 43.55 -15.72
C GLU B 1263 -20.82 42.67 -14.97
N HIS B 1264 -19.54 42.85 -15.32
CA HIS B 1264 -18.48 42.02 -14.77
C HIS B 1264 -18.31 42.24 -13.27
N ASN B 1265 -17.51 41.35 -12.67
CA ASN B 1265 -17.30 41.27 -11.24
C ASN B 1265 -16.43 42.40 -10.70
N GLY B 1266 -15.81 43.20 -11.56
CA GLY B 1266 -14.88 44.23 -11.14
C GLY B 1266 -15.50 45.50 -10.59
N CYS B 1267 -16.81 45.66 -10.70
CA CYS B 1267 -17.50 46.88 -10.34
C CYS B 1267 -17.97 46.86 -8.89
N VAL B 1268 -18.37 48.02 -8.39
CA VAL B 1268 -18.64 48.23 -6.97
C VAL B 1268 -20.04 48.81 -6.81
N PRO B 1269 -20.64 48.66 -5.63
CA PRO B 1269 -22.06 48.98 -5.45
C PRO B 1269 -22.35 50.48 -5.38
N LYS B 1270 -23.65 50.77 -5.42
CA LYS B 1270 -24.22 52.07 -5.14
C LYS B 1270 -25.01 51.95 -3.85
N THR B 1271 -24.74 52.81 -2.88
CA THR B 1271 -25.38 52.70 -1.57
C THR B 1271 -26.77 53.34 -1.60
N ASN B 1350 -76.36 56.56 29.86
CA ASN B 1350 -76.60 57.23 31.14
C ASN B 1350 -76.59 58.74 30.91
N GLN B 1351 -76.31 59.52 31.96
CA GLN B 1351 -76.52 60.96 31.95
C GLN B 1351 -75.44 61.67 31.16
N ASP B 1352 -75.85 62.38 30.11
CA ASP B 1352 -75.00 63.37 29.48
C ASP B 1352 -74.68 64.49 30.45
N SER B 1353 -75.60 64.75 31.39
CA SER B 1353 -75.45 65.78 32.42
C SER B 1353 -74.36 65.47 33.43
N CYS B 1354 -73.62 64.38 33.26
CA CYS B 1354 -72.37 64.13 33.94
C CYS B 1354 -71.55 65.41 33.97
N LEU B 1355 -71.46 66.06 32.81
CA LEU B 1355 -70.72 67.31 32.67
C LEU B 1355 -71.30 68.43 33.52
N HIS B 1356 -72.61 68.43 33.72
CA HIS B 1356 -73.30 69.56 34.37
C HIS B 1356 -73.38 69.42 35.89
N PHE B 1357 -73.61 68.21 36.41
CA PHE B 1357 -73.80 67.98 37.83
C PHE B 1357 -72.95 66.82 38.35
N ASN B 1358 -71.85 66.49 37.68
CA ASN B 1358 -71.00 65.37 38.03
C ASN B 1358 -71.77 64.04 38.01
N GLY B 1359 -72.91 64.00 37.33
CA GLY B 1359 -73.70 62.78 37.27
C GLY B 1359 -74.26 62.33 38.60
N GLY B 1360 -74.27 63.21 39.60
CA GLY B 1360 -74.67 62.80 40.94
C GLY B 1360 -73.65 61.94 41.63
N CYS B 1361 -72.47 61.75 41.04
CA CYS B 1361 -71.46 60.88 41.58
C CYS B 1361 -70.66 61.60 42.67
N THR B 1362 -70.22 60.82 43.65
CA THR B 1362 -69.57 61.39 44.82
C THR B 1362 -68.22 62.03 44.49
N HIS B 1363 -67.33 61.30 43.82
CA HIS B 1363 -65.97 61.79 43.60
C HIS B 1363 -65.76 62.43 42.22
N ARG B 1364 -65.96 61.69 41.14
CA ARG B 1364 -65.61 62.20 39.83
C ARG B 1364 -66.39 61.47 38.74
N CYS B 1365 -66.82 62.25 37.75
CA CYS B 1365 -67.54 61.76 36.59
C CYS B 1365 -66.82 62.24 35.33
N ILE B 1366 -66.79 61.37 34.32
CA ILE B 1366 -66.09 61.58 33.08
C ILE B 1366 -67.01 61.22 31.92
N GLN B 1367 -66.96 62.02 30.86
CA GLN B 1367 -67.81 61.80 29.70
C GLN B 1367 -67.41 60.53 28.97
N GLY B 1368 -68.38 59.91 28.32
CA GLY B 1368 -68.13 58.73 27.53
C GLY B 1368 -69.26 58.45 26.55
N PRO B 1369 -69.12 57.38 25.77
CA PRO B 1369 -70.16 57.07 24.76
C PRO B 1369 -71.53 56.80 25.37
N PHE B 1370 -71.60 56.43 26.64
CA PHE B 1370 -72.86 56.20 27.32
C PHE B 1370 -73.19 57.35 28.29
N GLY B 1371 -72.71 58.56 27.95
CA GLY B 1371 -73.02 59.74 28.72
C GLY B 1371 -72.15 59.94 29.94
N ALA B 1372 -72.30 59.08 30.93
CA ALA B 1372 -71.63 59.18 32.21
C ALA B 1372 -70.79 57.95 32.50
N THR B 1373 -69.60 58.17 33.04
CA THR B 1373 -68.76 57.17 33.67
C THR B 1373 -68.31 57.79 34.98
N CYS B 1374 -68.21 57.00 36.04
CA CYS B 1374 -67.85 57.54 37.34
C CYS B 1374 -66.77 56.69 37.98
N VAL B 1375 -65.88 57.36 38.72
CA VAL B 1375 -64.69 56.73 39.26
C VAL B 1375 -64.39 57.28 40.66
N CYS B 1376 -63.86 56.40 41.50
CA CYS B 1376 -63.40 56.70 42.84
C CYS B 1376 -61.91 56.40 42.94
N PRO B 1377 -61.17 57.13 43.78
CA PRO B 1377 -59.71 56.98 43.78
C PRO B 1377 -59.21 55.72 44.48
N ILE B 1378 -57.87 55.63 44.60
CA ILE B 1378 -57.25 54.47 45.22
C ILE B 1378 -57.78 54.28 46.64
N GLY B 1379 -58.02 53.03 47.00
CA GLY B 1379 -58.52 52.67 48.30
C GLY B 1379 -60.03 52.78 48.45
N TYR B 1380 -60.70 53.42 47.50
CA TYR B 1380 -62.16 53.53 47.51
C TYR B 1380 -62.79 52.43 46.67
N GLN B 1381 -64.11 52.36 46.73
CA GLN B 1381 -64.87 51.36 45.99
C GLN B 1381 -66.18 51.98 45.56
N LEU B 1382 -66.71 51.47 44.44
CA LEU B 1382 -67.92 51.98 43.80
C LEU B 1382 -68.91 50.83 43.80
N ALA B 1383 -70.19 51.14 43.96
CA ALA B 1383 -71.23 50.22 44.36
C ALA B 1383 -72.38 50.14 43.36
N ASN B 1384 -73.44 49.46 43.80
CA ASN B 1384 -74.56 49.06 42.94
C ASN B 1384 -75.21 50.23 42.22
N ASP B 1385 -75.20 51.43 42.80
CA ASP B 1385 -75.78 52.57 42.09
C ASP B 1385 -74.88 53.09 40.99
N THR B 1386 -73.64 52.62 40.92
CA THR B 1386 -72.65 53.05 39.93
C THR B 1386 -72.34 54.54 40.02
N LYS B 1387 -72.72 55.20 41.12
CA LYS B 1387 -72.50 56.64 41.28
C LYS B 1387 -71.74 57.03 42.54
N THR B 1388 -72.03 56.39 43.67
CA THR B 1388 -71.40 56.76 44.91
C THR B 1388 -70.06 56.06 45.09
N CYS B 1389 -69.33 56.47 46.13
CA CYS B 1389 -68.02 55.95 46.46
C CYS B 1389 -68.05 55.42 47.89
N GLU B 1390 -67.30 54.33 48.12
CA GLU B 1390 -67.24 53.69 49.42
C GLU B 1390 -65.80 53.32 49.73
N ASP B 1391 -65.52 53.16 51.02
CA ASP B 1391 -64.16 52.92 51.50
C ASP B 1391 -63.94 51.45 51.82
N VAL B 1392 -62.88 50.89 51.24
CA VAL B 1392 -62.47 49.53 51.56
C VAL B 1392 -62.04 49.50 53.03
N ASN B 1393 -62.73 48.70 53.83
CA ASN B 1393 -62.32 48.48 55.21
C ASN B 1393 -61.25 47.40 55.17
N GLU B 1394 -60.01 47.83 54.96
CA GLU B 1394 -58.91 46.90 54.76
C GLU B 1394 -58.77 45.95 55.95
N CYS B 1395 -59.01 46.45 57.16
CA CYS B 1395 -58.86 45.61 58.34
C CYS B 1395 -59.84 44.45 58.38
N ASP B 1396 -60.89 44.48 57.54
CA ASP B 1396 -61.80 43.34 57.49
C ASP B 1396 -61.18 42.16 56.78
N ILE B 1397 -60.14 42.36 55.98
CA ILE B 1397 -59.48 41.24 55.31
C ILE B 1397 -58.59 40.56 56.33
N PRO B 1398 -58.75 39.25 56.58
CA PRO B 1398 -57.90 38.61 57.59
C PRO B 1398 -56.44 38.58 57.14
N GLY B 1399 -55.57 39.11 57.99
CA GLY B 1399 -54.15 39.10 57.70
C GLY B 1399 -53.69 40.16 56.73
N PHE B 1400 -54.45 41.24 56.54
CA PHE B 1400 -54.01 42.28 55.63
C PHE B 1400 -52.69 42.87 56.14
N CYS B 1401 -52.65 43.25 57.40
CA CYS B 1401 -51.42 43.56 58.11
C CYS B 1401 -51.43 42.73 59.38
N SER B 1402 -50.23 42.44 59.87
CA SER B 1402 -50.00 41.33 60.78
C SER B 1402 -50.59 41.52 62.18
N GLN B 1403 -50.51 42.71 62.78
CA GLN B 1403 -50.84 42.84 64.19
C GLN B 1403 -51.97 43.80 64.53
N HIS B 1404 -51.88 45.08 64.18
CA HIS B 1404 -52.93 46.04 64.50
C HIS B 1404 -53.27 46.84 63.26
N CYS B 1405 -54.57 47.06 63.05
CA CYS B 1405 -55.07 47.75 61.87
C CYS B 1405 -56.18 48.71 62.26
N VAL B 1406 -56.14 49.91 61.67
CA VAL B 1406 -57.15 50.93 61.86
C VAL B 1406 -57.56 51.41 60.47
N ASN B 1407 -58.87 51.39 60.21
CA ASN B 1407 -59.39 51.84 58.93
C ASN B 1407 -59.45 53.35 58.87
N MET B 1408 -59.20 53.89 57.68
CA MET B 1408 -59.31 55.30 57.41
C MET B 1408 -59.94 55.48 56.03
N ARG B 1409 -60.47 56.67 55.77
CA ARG B 1409 -61.06 56.98 54.49
C ARG B 1409 -60.06 56.73 53.37
N GLY B 1410 -60.32 55.71 52.55
CA GLY B 1410 -59.43 55.40 51.44
C GLY B 1410 -58.03 55.06 51.86
N SER B 1411 -57.82 54.61 53.09
CA SER B 1411 -56.48 54.36 53.58
C SER B 1411 -56.55 53.44 54.79
N PHE B 1412 -55.39 53.05 55.30
CA PHE B 1412 -55.27 52.20 56.47
C PHE B 1412 -54.04 52.61 57.26
N ARG B 1413 -54.02 52.21 58.53
CA ARG B 1413 -52.87 52.42 59.40
C ARG B 1413 -52.63 51.12 60.14
N CYS B 1414 -51.36 50.73 60.27
CA CYS B 1414 -51.01 49.46 60.89
C CYS B 1414 -49.89 49.65 61.91
N ALA B 1415 -49.91 48.80 62.94
CA ALA B 1415 -48.96 48.89 64.05
C ALA B 1415 -48.58 47.50 64.56
N CYS B 1416 -47.37 47.42 65.12
CA CYS B 1416 -46.81 46.22 65.70
C CYS B 1416 -46.54 46.44 67.19
N ASP B 1417 -46.48 45.35 67.93
CA ASP B 1417 -46.22 45.38 69.37
C ASP B 1417 -44.75 45.71 69.66
N PRO B 1418 -44.42 46.03 70.91
CA PRO B 1418 -43.04 46.45 71.21
C PRO B 1418 -41.98 45.43 70.87
N GLU B 1419 -42.28 44.14 70.91
CA GLU B 1419 -41.30 43.14 70.53
C GLU B 1419 -40.99 43.16 69.04
N TYR B 1420 -41.79 43.87 68.24
CA TYR B 1420 -41.71 43.86 66.80
C TYR B 1420 -41.44 45.25 66.24
N THR B 1421 -40.81 45.27 65.07
CA THR B 1421 -40.59 46.47 64.28
C THR B 1421 -41.39 46.35 63.00
N LEU B 1422 -42.10 47.42 62.64
CA LEU B 1422 -42.79 47.46 61.36
C LEU B 1422 -41.77 47.57 60.24
N GLU B 1423 -42.07 46.97 59.09
CA GLU B 1423 -41.19 47.03 57.89
C GLU B 1423 -41.54 48.28 57.07
N SER B 1424 -40.84 48.58 55.96
CA SER B 1424 -41.04 49.84 55.19
C SER B 1424 -42.34 49.84 54.38
N ASP B 1425 -42.90 48.68 54.02
CA ASP B 1425 -44.10 48.58 53.14
C ASP B 1425 -45.33 49.20 53.80
N GLY B 1426 -45.58 48.96 55.10
CA GLY B 1426 -46.73 49.53 55.87
C GLY B 1426 -47.66 48.47 56.44
N ARG B 1427 -47.49 47.18 56.14
CA ARG B 1427 -48.25 46.04 56.63
C ARG B 1427 -47.47 44.99 57.40
N THR B 1428 -46.24 44.71 57.03
CA THR B 1428 -45.49 43.61 57.63
C THR B 1428 -44.81 44.03 58.93
N CYS B 1429 -44.72 43.07 59.85
CA CYS B 1429 -44.04 43.21 61.13
C CYS B 1429 -42.97 42.13 61.22
N LYS B 1430 -41.84 42.48 61.84
CA LYS B 1430 -40.71 41.58 61.97
C LYS B 1430 -40.22 41.69 63.41
N VAL B 1431 -39.40 40.74 63.84
CA VAL B 1431 -39.03 40.62 65.25
C VAL B 1431 -37.69 41.29 65.47
N THR B 1432 -37.60 42.10 66.53
CA THR B 1432 -36.40 42.88 66.83
C THR B 1432 -35.29 42.04 67.39
N ALA B 1433 -35.61 40.96 68.10
CA ALA B 1433 -34.57 40.16 68.73
C ALA B 1433 -33.68 39.50 67.69
N SER B 1434 -32.38 39.51 67.96
CA SER B 1434 -31.40 38.98 67.03
C SER B 1434 -31.38 37.46 66.99
N GLU B 1435 -32.01 36.78 67.94
CA GLU B 1435 -31.90 35.32 68.00
C GLU B 1435 -32.71 34.67 66.88
N ASN B 1436 -32.17 33.57 66.36
CA ASN B 1436 -32.85 32.77 65.37
C ASN B 1436 -34.10 32.11 65.96
N LEU B 1437 -35.04 31.78 65.09
CA LEU B 1437 -36.15 30.92 65.49
C LEU B 1437 -35.60 29.54 65.82
N LEU B 1438 -36.09 28.97 66.92
CA LEU B 1438 -35.71 27.63 67.33
C LEU B 1438 -37.00 26.84 67.46
N LEU B 1439 -37.07 25.69 66.80
CA LEU B 1439 -38.30 24.90 66.71
C LEU B 1439 -38.00 23.51 67.24
N VAL B 1440 -38.76 23.07 68.23
CA VAL B 1440 -38.49 21.84 68.93
C VAL B 1440 -39.68 20.91 68.76
N VAL B 1441 -39.40 19.68 68.33
CA VAL B 1441 -40.40 18.67 68.03
C VAL B 1441 -40.06 17.45 68.87
N ALA B 1442 -41.11 16.72 69.25
CA ALA B 1442 -40.99 15.59 70.15
C ALA B 1442 -41.24 14.29 69.40
N SER B 1443 -40.22 13.43 69.39
CA SER B 1443 -40.31 12.06 68.93
C SER B 1443 -39.92 11.20 70.11
N ARG B 1444 -40.43 9.96 70.13
CA ARG B 1444 -40.34 9.15 71.34
C ARG B 1444 -38.92 9.01 71.85
N ASP B 1445 -37.96 8.80 70.96
CA ASP B 1445 -36.57 8.63 71.35
C ASP B 1445 -35.73 9.89 71.22
N LYS B 1446 -36.27 10.99 70.69
CA LYS B 1446 -35.46 12.15 70.39
C LYS B 1446 -36.26 13.43 70.49
N ILE B 1447 -35.71 14.41 71.21
CA ILE B 1447 -36.19 15.78 71.20
C ILE B 1447 -35.44 16.45 70.06
N ILE B 1448 -36.08 16.56 68.90
CA ILE B 1448 -35.46 17.18 67.74
C ILE B 1448 -35.54 18.68 67.89
N MET B 1449 -34.47 19.36 67.49
CA MET B 1449 -34.39 20.81 67.50
C MET B 1449 -33.90 21.28 66.14
N ASP B 1450 -34.57 22.30 65.63
CA ASP B 1450 -34.27 22.92 64.34
C ASP B 1450 -33.99 24.40 64.56
N ASN B 1451 -33.00 24.89 63.84
CA ASN B 1451 -32.51 26.26 63.95
C ASN B 1451 -32.70 26.88 62.58
N ILE B 1452 -33.33 28.06 62.53
CA ILE B 1452 -33.75 28.68 61.29
C ILE B 1452 -32.94 29.95 61.06
N THR B 1453 -32.38 30.07 59.86
CA THR B 1453 -31.56 31.22 59.47
C THR B 1453 -31.92 31.61 58.04
N ALA B 1454 -32.67 32.70 57.89
CA ALA B 1454 -33.04 33.22 56.57
C ALA B 1454 -33.61 32.13 55.66
N HIS B 1455 -34.53 31.36 56.21
CA HIS B 1455 -35.21 30.26 55.49
C HIS B 1455 -34.26 29.12 55.13
N THR B 1456 -33.24 28.90 55.96
CA THR B 1456 -32.39 27.71 55.88
C THR B 1456 -32.45 27.01 57.23
N HIS B 1457 -32.32 25.69 57.20
CA HIS B 1457 -32.59 24.83 58.34
C HIS B 1457 -31.34 24.11 58.82
N ASN B 1458 -31.31 23.81 60.11
CA ASN B 1458 -30.27 22.97 60.71
C ASN B 1458 -30.95 22.15 61.79
N ILE B 1459 -30.88 20.82 61.68
CA ILE B 1459 -31.63 19.89 62.51
C ILE B 1459 -30.67 18.98 63.28
N TYR B 1460 -30.89 18.87 64.59
CA TYR B 1460 -30.10 18.00 65.45
C TYR B 1460 -30.97 17.53 66.61
N SER B 1461 -30.41 16.63 67.42
CA SER B 1461 -31.13 16.01 68.53
C SER B 1461 -30.44 16.43 69.82
N LEU B 1462 -31.22 17.04 70.74
CA LEU B 1462 -30.67 17.68 71.93
C LEU B 1462 -30.25 16.73 73.05
N VAL B 1463 -31.20 16.05 73.67
CA VAL B 1463 -31.02 15.38 74.94
C VAL B 1463 -30.91 13.88 74.76
N GLN B 1464 -29.91 13.30 75.43
CA GLN B 1464 -29.68 11.86 75.43
C GLN B 1464 -30.54 11.19 76.50
N ASP B 1465 -30.91 9.94 76.23
CA ASP B 1465 -31.65 9.09 77.17
C ASP B 1465 -33.02 9.68 77.52
N VAL B 1466 -33.83 9.91 76.49
CA VAL B 1466 -35.24 10.21 76.62
C VAL B 1466 -35.99 9.01 76.09
N SER B 1467 -37.01 8.56 76.82
CA SER B 1467 -37.70 7.32 76.49
C SER B 1467 -38.90 7.52 75.56
N PHE B 1468 -39.89 8.32 75.99
CA PHE B 1468 -41.07 8.57 75.16
C PHE B 1468 -41.56 9.99 75.45
N VAL B 1469 -41.12 10.96 74.67
CA VAL B 1469 -41.47 12.35 74.89
C VAL B 1469 -42.83 12.61 74.25
N VAL B 1470 -43.69 13.32 74.98
CA VAL B 1470 -45.05 13.62 74.52
C VAL B 1470 -45.31 15.13 74.47
N ALA B 1471 -44.94 15.85 75.52
CA ALA B 1471 -45.29 17.26 75.67
C ALA B 1471 -44.03 18.10 75.91
N LEU B 1472 -44.06 19.31 75.37
CA LEU B 1472 -42.96 20.26 75.36
C LEU B 1472 -43.43 21.67 75.70
N ASP B 1473 -42.56 22.42 76.38
CA ASP B 1473 -42.72 23.86 76.58
C ASP B 1473 -41.35 24.44 76.85
N PHE B 1474 -41.27 25.77 76.95
CA PHE B 1474 -40.01 26.44 77.24
C PHE B 1474 -40.22 27.64 78.17
N ASP B 1475 -39.15 27.97 78.90
CA ASP B 1475 -39.08 29.12 79.78
C ASP B 1475 -37.99 30.03 79.25
N SER B 1476 -38.34 31.30 79.01
CA SER B 1476 -37.39 32.28 78.48
C SER B 1476 -36.52 32.91 79.56
N VAL B 1477 -36.99 32.96 80.80
CA VAL B 1477 -36.19 33.59 81.85
C VAL B 1477 -34.95 32.77 82.14
N THR B 1478 -35.11 31.46 82.30
CA THR B 1478 -33.99 30.58 82.55
C THR B 1478 -33.36 30.03 81.27
N GLY B 1479 -34.00 30.24 80.11
CA GLY B 1479 -33.46 29.70 78.89
C GLY B 1479 -33.50 28.18 78.88
N ARG B 1480 -34.62 27.61 79.28
CA ARG B 1480 -34.73 26.16 79.48
C ARG B 1480 -35.93 25.60 78.74
N VAL B 1481 -35.84 24.32 78.43
CA VAL B 1481 -36.90 23.57 77.77
C VAL B 1481 -37.38 22.49 78.72
N PHE B 1482 -38.69 22.30 78.76
CA PHE B 1482 -39.37 21.37 79.65
C PHE B 1482 -40.07 20.33 78.78
N TRP B 1483 -39.99 19.06 79.19
CA TRP B 1483 -40.69 18.02 78.46
C TRP B 1483 -41.16 16.96 79.43
N SER B 1484 -42.12 16.15 78.98
CA SER B 1484 -42.63 15.05 79.79
C SER B 1484 -42.47 13.71 79.07
N ASP B 1485 -42.22 12.68 79.87
CA ASP B 1485 -41.92 11.34 79.41
C ASP B 1485 -43.00 10.39 79.93
N LEU B 1486 -43.58 9.62 79.00
CA LEU B 1486 -44.70 8.73 79.25
C LEU B 1486 -44.28 7.38 79.81
N LEU B 1487 -43.10 6.89 79.43
CA LEU B 1487 -42.65 5.61 79.96
C LEU B 1487 -42.06 5.79 81.35
N GLU B 1488 -41.40 6.92 81.57
CA GLU B 1488 -40.81 7.21 82.85
C GLU B 1488 -41.83 7.79 83.82
N GLY B 1489 -42.92 8.36 83.30
CA GLY B 1489 -43.89 9.00 84.16
C GLY B 1489 -43.29 10.20 84.84
N LYS B 1490 -42.56 11.03 84.09
CA LYS B 1490 -41.81 12.12 84.70
C LYS B 1490 -41.79 13.35 83.82
N THR B 1491 -41.44 14.47 84.43
CA THR B 1491 -41.24 15.74 83.74
C THR B 1491 -39.81 16.19 84.00
N TRP B 1492 -39.16 16.67 82.95
CA TRP B 1492 -37.75 17.03 82.96
C TRP B 1492 -37.57 18.43 82.41
N SER B 1493 -36.48 19.06 82.84
CA SER B 1493 -36.08 20.38 82.39
C SER B 1493 -34.60 20.35 82.05
N ALA B 1494 -34.23 21.06 80.99
CA ALA B 1494 -32.85 21.14 80.57
C ALA B 1494 -32.60 22.50 79.94
N PHE B 1495 -31.34 22.77 79.63
CA PHE B 1495 -30.99 23.97 78.88
C PHE B 1495 -31.19 23.72 77.40
N GLN B 1496 -31.23 24.80 76.63
CA GLN B 1496 -31.46 24.68 75.20
C GLN B 1496 -30.28 24.07 74.46
N ASN B 1497 -29.14 23.87 75.14
CA ASN B 1497 -27.99 23.17 74.58
C ASN B 1497 -27.89 21.73 75.07
N GLY B 1498 -28.93 21.21 75.73
CA GLY B 1498 -28.97 19.83 76.15
C GLY B 1498 -28.36 19.54 77.50
N THR B 1499 -27.87 20.54 78.22
CA THR B 1499 -27.19 20.34 79.49
C THR B 1499 -28.11 20.56 80.68
N ASP B 1500 -27.65 20.10 81.85
CA ASP B 1500 -28.32 20.30 83.13
C ASP B 1500 -29.70 19.66 83.16
N LYS B 1501 -29.75 18.41 82.72
CA LYS B 1501 -30.98 17.62 82.78
C LYS B 1501 -31.34 17.36 84.24
N ARG B 1502 -32.49 17.88 84.68
CA ARG B 1502 -32.95 17.68 86.04
C ARG B 1502 -34.47 17.59 86.05
N VAL B 1503 -35.01 16.89 87.05
CA VAL B 1503 -36.40 16.44 87.06
C VAL B 1503 -37.26 17.40 87.85
N VAL B 1504 -38.37 17.82 87.25
CA VAL B 1504 -39.31 18.73 87.89
C VAL B 1504 -40.34 17.97 88.72
N HIS B 1505 -41.02 17.00 88.09
CA HIS B 1505 -42.02 16.17 88.74
C HIS B 1505 -41.52 14.74 88.72
N ASP B 1506 -41.36 14.15 89.91
CA ASP B 1506 -40.86 12.79 90.03
C ASP B 1506 -41.96 11.74 90.16
N SER B 1507 -43.20 12.14 90.44
CA SER B 1507 -44.28 11.19 90.63
C SER B 1507 -45.61 11.90 90.41
N GLY B 1508 -46.65 11.09 90.25
CA GLY B 1508 -48.01 11.59 90.13
C GLY B 1508 -48.46 11.89 88.72
N LEU B 1509 -47.65 11.58 87.72
CA LEU B 1509 -48.00 11.79 86.31
C LEU B 1509 -48.26 10.45 85.65
N SER B 1510 -49.37 10.36 84.91
CA SER B 1510 -49.81 9.13 84.29
C SER B 1510 -49.79 9.21 82.78
N LEU B 1511 -50.42 10.21 82.20
CA LEU B 1511 -50.34 10.47 80.75
C LEU B 1511 -50.52 11.98 80.57
N THR B 1512 -49.40 12.69 80.54
CA THR B 1512 -49.40 14.15 80.41
C THR B 1512 -49.57 14.49 78.93
N GLU B 1513 -50.72 15.08 78.60
CA GLU B 1513 -51.00 15.44 77.21
C GLU B 1513 -50.35 16.75 76.80
N MET B 1514 -50.36 17.74 77.68
CA MET B 1514 -49.88 19.06 77.32
C MET B 1514 -49.37 19.81 78.54
N ILE B 1515 -48.30 20.59 78.33
CA ILE B 1515 -47.66 21.41 79.35
C ILE B 1515 -47.71 22.86 78.90
N ALA B 1516 -47.94 23.75 79.85
CA ALA B 1516 -47.84 25.18 79.67
C ALA B 1516 -46.98 25.73 80.79
N VAL B 1517 -46.24 26.80 80.50
CA VAL B 1517 -45.36 27.42 81.48
C VAL B 1517 -45.72 28.90 81.58
N ASP B 1518 -45.92 29.36 82.81
CA ASP B 1518 -46.24 30.75 83.09
C ASP B 1518 -44.93 31.40 83.54
N TRP B 1519 -44.39 32.26 82.68
CA TRP B 1519 -43.11 32.91 82.88
C TRP B 1519 -43.20 34.14 83.77
N ILE B 1520 -44.40 34.66 84.01
CA ILE B 1520 -44.58 35.81 84.88
C ILE B 1520 -44.75 35.36 86.32
N GLY B 1521 -45.64 34.41 86.55
CA GLY B 1521 -45.90 33.87 87.86
C GLY B 1521 -44.95 32.80 88.31
N ARG B 1522 -43.98 32.40 87.48
CA ARG B 1522 -43.04 31.33 87.82
C ARG B 1522 -43.80 30.06 88.17
N ASN B 1523 -44.61 29.61 87.21
CA ASN B 1523 -45.58 28.56 87.44
C ASN B 1523 -45.63 27.62 86.24
N ILE B 1524 -46.16 26.42 86.44
CA ILE B 1524 -46.28 25.42 85.39
C ILE B 1524 -47.63 24.72 85.50
N TYR B 1525 -48.26 24.51 84.35
CA TYR B 1525 -49.58 23.90 84.24
C TYR B 1525 -49.48 22.69 83.32
N TRP B 1526 -50.31 21.68 83.58
CA TRP B 1526 -50.31 20.53 82.70
C TRP B 1526 -51.65 19.81 82.78
N THR B 1527 -51.97 19.07 81.72
CA THR B 1527 -53.20 18.29 81.65
C THR B 1527 -52.89 16.80 81.65
N ASP B 1528 -53.78 16.02 82.24
CA ASP B 1528 -53.64 14.56 82.28
C ASP B 1528 -54.94 13.91 81.83
N TYR B 1529 -54.78 12.97 80.89
CA TYR B 1529 -55.89 12.23 80.29
C TYR B 1529 -56.50 11.20 81.24
N THR B 1530 -55.65 10.40 81.90
CA THR B 1530 -56.17 9.31 82.73
C THR B 1530 -56.72 9.85 84.04
N LEU B 1531 -56.02 10.80 84.64
CA LEU B 1531 -56.54 11.40 85.86
C LEU B 1531 -57.68 12.36 85.56
N GLU B 1532 -57.83 12.76 84.29
CA GLU B 1532 -58.91 13.66 83.87
C GLU B 1532 -58.81 14.97 84.64
N THR B 1533 -57.63 15.59 84.55
CA THR B 1533 -57.37 16.76 85.37
C THR B 1533 -56.48 17.78 84.70
N ILE B 1534 -56.63 19.01 85.16
CA ILE B 1534 -55.74 20.12 84.85
C ILE B 1534 -55.14 20.52 86.18
N GLU B 1535 -53.81 20.58 86.22
CA GLU B 1535 -53.06 20.71 87.45
C GLU B 1535 -52.01 21.78 87.29
N VAL B 1536 -51.70 22.43 88.41
CA VAL B 1536 -50.83 23.60 88.45
C VAL B 1536 -49.82 23.38 89.56
N SER B 1537 -48.62 23.91 89.37
CA SER B 1537 -47.61 23.80 90.40
C SER B 1537 -46.58 24.90 90.22
N LYS B 1538 -45.72 25.04 91.22
CA LYS B 1538 -44.59 25.95 91.06
C LYS B 1538 -43.71 25.43 89.95
N ILE B 1539 -42.99 26.35 89.30
CA ILE B 1539 -42.21 25.93 88.14
C ILE B 1539 -41.10 24.95 88.51
N ASP B 1540 -40.74 24.86 89.79
CA ASP B 1540 -39.80 23.86 90.27
C ASP B 1540 -40.48 22.56 90.70
N GLY B 1541 -41.82 22.50 90.65
CA GLY B 1541 -42.53 21.30 91.04
C GLY B 1541 -42.73 21.11 92.52
N SER B 1542 -42.40 22.11 93.34
CA SER B 1542 -42.40 21.94 94.79
C SER B 1542 -43.81 21.78 95.33
N HIS B 1543 -44.72 22.67 94.95
CA HIS B 1543 -46.10 22.68 95.43
C HIS B 1543 -47.04 22.55 94.25
N ARG B 1544 -47.96 21.58 94.33
CA ARG B 1544 -48.89 21.27 93.25
C ARG B 1544 -50.32 21.23 93.76
N THR B 1545 -51.24 21.51 92.85
CA THR B 1545 -52.66 21.63 93.13
C THR B 1545 -53.42 21.17 91.88
N VAL B 1546 -54.65 20.73 92.09
CA VAL B 1546 -55.56 20.35 91.01
C VAL B 1546 -56.53 21.51 90.87
N LEU B 1547 -56.57 22.11 89.68
CA LEU B 1547 -57.26 23.37 89.47
C LEU B 1547 -58.64 23.21 88.84
N ILE B 1548 -58.78 22.36 87.83
CA ILE B 1548 -60.07 22.05 87.24
C ILE B 1548 -60.21 20.54 87.19
N SER B 1549 -61.27 20.03 87.80
CA SER B 1549 -61.64 18.62 87.71
C SER B 1549 -63.10 18.39 87.36
N LYS B 1550 -63.99 19.35 87.62
CA LYS B 1550 -65.38 19.19 87.25
C LYS B 1550 -65.56 19.29 85.75
N ASN B 1551 -66.40 18.41 85.20
CA ASN B 1551 -66.72 18.39 83.78
C ASN B 1551 -65.46 18.36 82.93
N VAL B 1552 -64.54 17.45 83.27
CA VAL B 1552 -63.33 17.22 82.51
C VAL B 1552 -63.25 15.73 82.24
N THR B 1553 -63.17 15.37 80.96
CA THR B 1553 -63.17 13.98 80.53
C THR B 1553 -61.90 13.57 79.78
N LYS B 1554 -61.50 14.35 78.77
CA LYS B 1554 -60.35 14.04 77.95
C LYS B 1554 -59.62 15.33 77.58
N PRO B 1555 -58.93 15.94 78.54
CA PRO B 1555 -58.23 17.21 78.26
C PRO B 1555 -56.90 16.97 77.55
N ARG B 1556 -56.78 17.50 76.33
CA ARG B 1556 -55.61 17.29 75.49
C ARG B 1556 -54.80 18.55 75.23
N GLY B 1557 -55.43 19.72 75.20
CA GLY B 1557 -54.74 20.95 74.80
C GLY B 1557 -54.87 22.02 75.86
N LEU B 1558 -53.83 22.84 75.95
CA LEU B 1558 -53.64 23.83 77.01
C LEU B 1558 -52.83 25.00 76.48
N ALA B 1559 -53.29 26.22 76.82
CA ALA B 1559 -52.60 27.44 76.42
C ALA B 1559 -52.85 28.51 77.48
N LEU B 1560 -51.91 29.47 77.57
CA LEU B 1560 -51.96 30.52 78.57
C LEU B 1560 -51.66 31.89 77.96
N ASP B 1561 -52.28 32.91 78.56
CA ASP B 1561 -51.92 34.31 78.37
C ASP B 1561 -51.79 34.88 79.78
N PRO B 1562 -50.57 35.07 80.27
CA PRO B 1562 -50.38 35.60 81.63
C PRO B 1562 -50.21 37.10 81.73
N ARG B 1563 -50.31 37.84 80.62
CA ARG B 1563 -50.09 39.27 80.64
C ARG B 1563 -51.07 39.97 81.56
N MET B 1564 -50.60 41.06 82.17
CA MET B 1564 -51.40 41.83 83.11
C MET B 1564 -52.70 42.28 82.47
N GLY B 1565 -53.81 41.88 83.07
CA GLY B 1565 -55.14 42.20 82.60
C GLY B 1565 -55.78 41.12 81.76
N ASP B 1566 -54.99 40.20 81.20
CA ASP B 1566 -55.54 39.05 80.51
C ASP B 1566 -55.70 37.89 81.48
N ASN B 1567 -54.59 37.42 82.03
CA ASN B 1567 -54.54 36.40 83.09
C ASN B 1567 -55.53 35.27 82.85
N VAL B 1568 -55.44 34.68 81.66
CA VAL B 1568 -56.44 33.74 81.18
C VAL B 1568 -55.77 32.48 80.65
N MET B 1569 -56.48 31.37 80.76
CA MET B 1569 -56.03 30.07 80.30
C MET B 1569 -57.12 29.44 79.45
N PHE B 1570 -56.71 28.59 78.53
CA PHE B 1570 -57.61 27.92 77.60
C PHE B 1570 -57.25 26.45 77.55
N TRP B 1571 -58.25 25.57 77.46
CA TRP B 1571 -57.99 24.16 77.31
C TRP B 1571 -59.06 23.52 76.43
N SER B 1572 -58.72 22.36 75.88
CA SER B 1572 -59.60 21.64 74.99
C SER B 1572 -59.91 20.25 75.54
N ASP B 1573 -61.15 19.81 75.33
CA ASP B 1573 -61.63 18.50 75.77
C ASP B 1573 -62.30 17.82 74.58
N TRP B 1574 -61.88 16.60 74.28
CA TRP B 1574 -62.41 15.82 73.17
C TRP B 1574 -63.29 14.66 73.62
N GLY B 1575 -63.76 14.68 74.85
CA GLY B 1575 -64.77 13.75 75.30
C GLY B 1575 -66.12 14.14 74.73
N HIS B 1576 -67.17 13.50 75.24
CA HIS B 1576 -68.49 13.75 74.68
C HIS B 1576 -68.85 15.20 74.94
N HIS B 1577 -69.54 15.81 73.99
CA HIS B 1577 -69.74 17.24 73.91
C HIS B 1577 -68.37 17.91 73.87
N PRO B 1578 -67.58 17.65 72.83
CA PRO B 1578 -66.24 18.23 72.76
C PRO B 1578 -66.31 19.75 72.75
N ARG B 1579 -65.31 20.38 73.37
CA ARG B 1579 -65.38 21.81 73.59
C ARG B 1579 -64.00 22.39 73.83
N ILE B 1580 -63.94 23.71 73.70
CA ILE B 1580 -62.81 24.52 74.10
C ILE B 1580 -63.33 25.46 75.16
N GLU B 1581 -62.62 25.54 76.28
CA GLU B 1581 -63.04 26.28 77.44
C GLU B 1581 -61.97 27.28 77.85
N ARG B 1582 -62.43 28.38 78.40
CA ARG B 1582 -61.59 29.47 78.87
C ARG B 1582 -61.83 29.61 80.36
N ALA B 1583 -60.78 29.92 81.10
CA ALA B 1583 -60.90 30.14 82.52
C ALA B 1583 -59.89 31.17 82.97
N SER B 1584 -60.03 31.59 84.21
CA SER B 1584 -59.03 32.43 84.84
C SER B 1584 -57.90 31.54 85.30
N MET B 1585 -56.68 32.08 85.33
CA MET B 1585 -55.53 31.25 85.65
C MET B 1585 -55.55 30.71 87.07
N ASP B 1586 -56.52 31.11 87.89
CA ASP B 1586 -56.75 30.54 89.21
C ASP B 1586 -58.02 29.69 89.24
N GLY B 1587 -58.67 29.47 88.10
CA GLY B 1587 -59.87 28.66 88.05
C GLY B 1587 -61.13 29.33 88.57
N THR B 1588 -61.07 30.61 88.93
CA THR B 1588 -62.22 31.27 89.56
C THR B 1588 -63.32 31.64 88.58
N MET B 1589 -63.02 31.69 87.29
CA MET B 1589 -64.01 31.98 86.26
C MET B 1589 -63.85 30.93 85.18
N ARG B 1590 -64.98 30.46 84.64
CA ARG B 1590 -64.99 29.40 83.64
C ARG B 1590 -66.09 29.65 82.61
N THR B 1591 -65.76 29.40 81.36
CA THR B 1591 -66.65 29.63 80.23
C THR B 1591 -66.29 28.65 79.12
N VAL B 1592 -67.24 28.47 78.20
CA VAL B 1592 -67.07 27.61 77.03
C VAL B 1592 -67.16 28.54 75.83
N ILE B 1593 -66.14 28.52 74.96
CA ILE B 1593 -66.01 29.50 73.90
C ILE B 1593 -66.17 28.90 72.51
N VAL B 1594 -65.82 27.63 72.31
CA VAL B 1594 -66.08 26.92 71.07
C VAL B 1594 -66.84 25.67 71.47
N GLN B 1595 -68.05 25.52 70.92
CA GLN B 1595 -68.96 24.45 71.28
C GLN B 1595 -69.60 23.74 70.11
N GLU B 1596 -69.44 24.24 68.88
CA GLU B 1596 -70.10 23.69 67.71
C GLU B 1596 -69.09 23.55 66.59
N LYS B 1597 -69.37 22.61 65.69
CA LYS B 1597 -68.47 22.26 64.59
C LYS B 1597 -67.10 21.92 65.16
N ILE B 1598 -67.10 20.91 66.02
CA ILE B 1598 -65.92 20.52 66.78
C ILE B 1598 -66.04 19.05 67.13
N TYR B 1599 -64.99 18.28 66.80
CA TYR B 1599 -64.99 16.84 66.98
C TYR B 1599 -63.52 16.44 66.97
N TRP B 1600 -63.00 16.03 68.13
CA TRP B 1600 -61.58 15.76 68.37
C TRP B 1600 -60.73 17.02 68.22
N PRO B 1601 -60.94 18.04 69.09
CA PRO B 1601 -60.06 19.22 69.15
C PRO B 1601 -58.78 18.87 69.88
N CYS B 1602 -57.67 18.91 69.15
CA CYS B 1602 -56.38 18.45 69.64
C CYS B 1602 -55.53 19.48 70.39
N GLY B 1603 -55.13 20.54 69.72
CA GLY B 1603 -54.10 21.43 70.24
C GLY B 1603 -54.46 22.90 70.10
N LEU B 1604 -53.89 23.69 71.01
CA LEU B 1604 -54.16 25.11 71.14
C LEU B 1604 -52.88 25.91 71.14
N SER B 1605 -52.95 27.11 70.54
CA SER B 1605 -51.86 28.06 70.54
C SER B 1605 -52.47 29.46 70.54
N ILE B 1606 -51.70 30.43 71.01
CA ILE B 1606 -52.17 31.79 71.19
C ILE B 1606 -51.28 32.77 70.45
N ASP B 1607 -51.90 33.78 69.85
CA ASP B 1607 -51.23 34.89 69.17
C ASP B 1607 -51.47 36.09 70.05
N TYR B 1608 -50.41 36.63 70.62
CA TYR B 1608 -50.49 37.65 71.65
C TYR B 1608 -50.75 39.05 71.10
N PRO B 1609 -50.12 39.48 70.00
CA PRO B 1609 -50.47 40.80 69.46
C PRO B 1609 -51.93 40.94 69.11
N ASN B 1610 -52.49 39.94 68.42
CA ASN B 1610 -53.88 39.96 68.01
C ASN B 1610 -54.84 39.44 69.06
N ARG B 1611 -54.33 38.77 70.10
CA ARG B 1611 -55.16 38.14 71.13
C ARG B 1611 -56.16 37.19 70.48
N LEU B 1612 -55.60 36.20 69.80
CA LEU B 1612 -56.36 35.17 69.10
C LEU B 1612 -55.94 33.80 69.59
N ILE B 1613 -56.89 32.88 69.54
CA ILE B 1613 -56.70 31.48 69.93
C ILE B 1613 -56.72 30.67 68.66
N TYR B 1614 -55.73 29.80 68.50
CA TYR B 1614 -55.59 28.95 67.33
C TYR B 1614 -55.85 27.53 67.79
N PHE B 1615 -56.79 26.86 67.13
CA PHE B 1615 -57.23 25.53 67.52
C PHE B 1615 -57.39 24.66 66.29
N MET B 1616 -57.20 23.37 66.50
CA MET B 1616 -57.02 22.39 65.46
C MET B 1616 -57.84 21.17 65.79
N ASP B 1617 -58.46 20.59 64.76
CA ASP B 1617 -59.40 19.49 64.89
C ASP B 1617 -58.99 18.38 63.94
N ALA B 1618 -58.98 17.14 64.46
CA ALA B 1618 -58.47 15.98 63.72
C ALA B 1618 -59.54 15.11 63.09
N TYR B 1619 -60.81 15.32 63.40
CA TYR B 1619 -61.90 14.57 62.77
C TYR B 1619 -62.49 15.36 61.61
N LEU B 1620 -62.77 16.63 61.85
CA LEU B 1620 -63.17 17.53 60.79
C LEU B 1620 -61.97 18.09 60.03
N ASP B 1621 -60.75 17.82 60.51
CA ASP B 1621 -59.50 18.08 59.82
C ASP B 1621 -59.36 19.56 59.43
N TYR B 1622 -59.27 20.40 60.46
CA TYR B 1622 -59.13 21.83 60.19
C TYR B 1622 -58.20 22.52 61.18
N ILE B 1623 -57.73 23.68 60.75
CA ILE B 1623 -57.06 24.68 61.59
C ILE B 1623 -57.91 25.94 61.52
N GLU B 1624 -58.26 26.48 62.69
CA GLU B 1624 -59.08 27.67 62.78
C GLU B 1624 -58.50 28.59 63.83
N PHE B 1625 -58.86 29.86 63.74
CA PHE B 1625 -58.52 30.82 64.78
C PHE B 1625 -59.77 31.59 65.14
N CYS B 1626 -59.89 31.90 66.42
CA CYS B 1626 -61.00 32.66 66.95
C CYS B 1626 -60.48 33.68 67.95
N ASP B 1627 -61.38 34.48 68.49
CA ASP B 1627 -61.01 35.45 69.51
C ASP B 1627 -61.28 34.87 70.90
N TYR B 1628 -60.76 35.56 71.92
CA TYR B 1628 -60.79 35.03 73.28
C TYR B 1628 -62.20 34.70 73.75
N ASP B 1629 -63.21 35.36 73.20
CA ASP B 1629 -64.60 35.05 73.53
C ASP B 1629 -65.23 34.07 72.55
N GLY B 1630 -64.56 33.72 71.47
CA GLY B 1630 -65.13 32.80 70.51
C GLY B 1630 -66.20 33.40 69.64
N GLN B 1631 -66.25 34.73 69.51
CA GLN B 1631 -67.31 35.39 68.77
C GLN B 1631 -66.87 35.86 67.40
N ASN B 1632 -65.59 35.76 67.09
CA ASN B 1632 -65.05 35.88 65.75
C ASN B 1632 -64.27 34.60 65.50
N ARG B 1633 -64.51 33.99 64.34
CA ARG B 1633 -64.00 32.67 63.99
C ARG B 1633 -63.68 32.63 62.51
N ARG B 1634 -62.54 32.02 62.17
CA ARG B 1634 -62.04 31.99 60.81
C ARG B 1634 -61.27 30.70 60.61
N GLN B 1635 -61.15 30.29 59.35
CA GLN B 1635 -60.49 29.06 58.95
C GLN B 1635 -59.21 29.36 58.20
N VAL B 1636 -58.11 28.72 58.61
CA VAL B 1636 -56.83 28.87 57.94
C VAL B 1636 -56.73 27.78 56.89
N ILE B 1637 -56.75 26.52 57.35
CA ILE B 1637 -56.76 25.36 56.48
C ILE B 1637 -58.05 24.61 56.77
N ALA B 1638 -58.86 24.40 55.73
CA ALA B 1638 -60.10 23.66 55.85
C ALA B 1638 -60.44 23.06 54.49
N SER B 1639 -61.10 21.91 54.51
CA SER B 1639 -61.46 21.21 53.28
C SER B 1639 -60.22 20.95 52.43
N ASP B 1640 -59.14 20.57 53.08
CA ASP B 1640 -57.85 20.32 52.44
C ASP B 1640 -57.33 18.98 52.91
N LEU B 1641 -56.93 18.13 51.97
CA LEU B 1641 -56.43 16.81 52.27
C LEU B 1641 -55.02 16.79 52.84
N VAL B 1642 -54.40 17.96 53.04
CA VAL B 1642 -53.08 18.00 53.67
C VAL B 1642 -53.16 17.51 55.11
N LEU B 1643 -54.25 17.81 55.80
CA LEU B 1643 -54.42 17.42 57.19
C LEU B 1643 -55.01 16.02 57.26
N HIS B 1644 -54.33 15.13 57.96
CA HIS B 1644 -54.79 13.76 58.17
C HIS B 1644 -55.09 13.52 59.65
N HIS B 1645 -54.11 13.71 60.52
CA HIS B 1645 -54.30 13.62 61.96
C HIS B 1645 -53.39 14.62 62.65
N PRO B 1646 -53.74 15.90 62.63
CA PRO B 1646 -52.93 16.89 63.34
C PRO B 1646 -52.95 16.65 64.84
N HIS B 1647 -51.85 16.99 65.50
CA HIS B 1647 -51.76 16.89 66.96
C HIS B 1647 -51.46 18.22 67.63
N ALA B 1648 -50.37 18.90 67.27
CA ALA B 1648 -49.89 20.07 67.98
C ALA B 1648 -49.56 21.20 67.02
N LEU B 1649 -49.66 22.42 67.57
CA LEU B 1649 -49.69 23.68 66.87
C LEU B 1649 -48.79 24.71 67.56
N THR B 1650 -48.08 25.51 66.75
CA THR B 1650 -47.25 26.61 67.21
C THR B 1650 -47.33 27.73 66.19
N LEU B 1651 -46.99 28.95 66.63
CA LEU B 1651 -47.06 30.14 65.79
C LEU B 1651 -45.78 30.94 65.89
N PHE B 1652 -45.41 31.56 64.76
CA PHE B 1652 -44.28 32.48 64.72
C PHE B 1652 -44.48 33.43 63.55
N GLU B 1653 -44.47 34.73 63.82
CA GLU B 1653 -44.71 35.79 62.83
C GLU B 1653 -46.00 35.45 62.09
N ASP B 1654 -46.03 35.46 60.75
CA ASP B 1654 -47.19 35.10 59.96
C ASP B 1654 -47.17 33.64 59.54
N SER B 1655 -46.51 32.78 60.32
CA SER B 1655 -46.38 31.38 60.02
C SER B 1655 -46.96 30.53 61.14
N VAL B 1656 -47.55 29.41 60.75
CA VAL B 1656 -48.15 28.44 61.67
C VAL B 1656 -47.48 27.10 61.39
N PHE B 1657 -47.03 26.44 62.45
CA PHE B 1657 -46.36 25.16 62.35
C PHE B 1657 -47.21 24.13 63.07
N TRP B 1658 -47.27 22.92 62.52
CA TRP B 1658 -48.03 21.88 63.19
C TRP B 1658 -47.42 20.53 62.88
N THR B 1659 -47.84 19.53 63.65
CA THR B 1659 -47.37 18.16 63.51
C THR B 1659 -48.54 17.24 63.21
N ASP B 1660 -48.29 16.25 62.36
CA ASP B 1660 -49.31 15.30 61.93
C ASP B 1660 -48.80 13.89 62.20
N ARG B 1661 -49.66 13.10 62.85
CA ARG B 1661 -49.37 11.73 63.24
C ARG B 1661 -49.72 10.70 62.17
N GLY B 1662 -50.53 11.07 61.19
CA GLY B 1662 -50.91 10.14 60.15
C GLY B 1662 -49.85 10.14 59.07
N THR B 1663 -49.38 11.34 58.72
CA THR B 1663 -48.36 11.49 57.72
C THR B 1663 -46.96 11.43 58.31
N HIS B 1664 -46.84 11.40 59.65
CA HIS B 1664 -45.55 11.35 60.31
C HIS B 1664 -44.70 12.54 59.83
N GLN B 1665 -45.29 13.73 59.93
CA GLN B 1665 -44.78 14.89 59.24
C GLN B 1665 -44.94 16.17 60.05
N VAL B 1666 -44.05 17.12 59.79
CA VAL B 1666 -44.07 18.43 60.41
C VAL B 1666 -44.21 19.45 59.29
N MET B 1667 -45.17 20.35 59.44
CA MET B 1667 -45.64 21.23 58.38
C MET B 1667 -45.58 22.68 58.82
N GLN B 1668 -45.35 23.55 57.83
CA GLN B 1668 -45.37 24.99 57.98
C GLN B 1668 -46.35 25.56 56.97
N ALA B 1669 -47.10 26.57 57.39
CA ALA B 1669 -48.02 27.26 56.51
C ALA B 1669 -48.14 28.72 56.95
N ASN B 1670 -48.97 29.47 56.24
CA ASN B 1670 -49.23 30.86 56.55
C ASN B 1670 -50.46 30.91 57.44
N LYS B 1671 -50.35 31.59 58.58
CA LYS B 1671 -51.33 31.52 59.65
C LYS B 1671 -52.64 32.22 59.33
N TRP B 1672 -52.78 32.87 58.17
CA TRP B 1672 -54.02 33.56 57.82
C TRP B 1672 -54.80 32.88 56.71
N HIS B 1673 -54.13 32.32 55.71
CA HIS B 1673 -54.82 31.67 54.60
C HIS B 1673 -54.23 30.35 54.11
N GLY B 1674 -53.06 29.93 54.61
CA GLY B 1674 -52.54 28.64 54.20
C GLY B 1674 -52.09 28.52 52.76
N ARG B 1675 -51.85 29.64 52.07
CA ARG B 1675 -51.54 29.58 50.65
C ARG B 1675 -50.09 29.20 50.35
N ASN B 1676 -49.25 29.11 51.37
CA ASN B 1676 -47.86 28.68 51.23
C ASN B 1676 -47.66 27.56 52.23
N GLN B 1677 -47.20 26.41 51.75
CA GLN B 1677 -47.09 25.21 52.56
C GLN B 1677 -45.75 24.52 52.32
N SER B 1678 -45.16 24.02 53.40
CA SER B 1678 -43.82 23.45 53.37
C SER B 1678 -43.71 22.35 54.40
N VAL B 1679 -42.73 21.46 54.18
CA VAL B 1679 -42.45 20.33 55.06
C VAL B 1679 -41.10 20.56 55.71
N VAL B 1680 -41.07 20.54 57.04
CA VAL B 1680 -39.84 20.70 57.80
C VAL B 1680 -39.13 19.37 58.02
N MET B 1681 -39.91 18.32 58.27
CA MET B 1681 -39.39 16.98 58.54
C MET B 1681 -40.32 16.00 57.85
N TYR B 1682 -39.76 14.87 57.41
CA TYR B 1682 -40.40 13.96 56.49
C TYR B 1682 -40.62 12.55 57.01
N SER B 1683 -39.79 12.04 57.91
CA SER B 1683 -39.87 10.64 58.33
C SER B 1683 -39.74 10.52 59.84
N VAL B 1684 -40.43 11.38 60.58
CA VAL B 1684 -40.35 11.36 62.04
C VAL B 1684 -41.07 10.12 62.54
N PRO B 1685 -40.54 9.38 63.55
CA PRO B 1685 -41.24 8.18 64.04
C PRO B 1685 -42.72 8.44 64.32
N GLN B 1686 -43.05 9.33 65.25
CA GLN B 1686 -44.36 9.93 65.37
C GLN B 1686 -44.25 11.29 66.04
N PRO B 1687 -44.52 12.41 65.35
CA PRO B 1687 -44.39 13.74 65.98
C PRO B 1687 -45.62 14.09 66.78
N LEU B 1688 -45.47 14.14 68.10
CA LEU B 1688 -46.59 14.43 68.99
C LEU B 1688 -46.65 15.89 69.42
N GLY B 1689 -45.55 16.45 69.89
CA GLY B 1689 -45.54 17.78 70.47
C GLY B 1689 -44.58 18.71 69.76
N ILE B 1690 -44.95 19.98 69.68
CA ILE B 1690 -44.15 21.00 69.01
C ILE B 1690 -44.20 22.28 69.83
N ILE B 1691 -43.05 22.92 69.97
CA ILE B 1691 -42.93 24.21 70.63
C ILE B 1691 -42.00 25.08 69.81
N ALA B 1692 -42.24 26.40 69.86
CA ALA B 1692 -41.43 27.38 69.16
C ALA B 1692 -40.80 28.28 70.21
N ILE B 1693 -39.49 28.51 70.07
CA ILE B 1693 -38.68 29.20 71.05
C ILE B 1693 -38.08 30.43 70.39
N HIS B 1694 -38.39 31.58 70.99
CA HIS B 1694 -37.96 32.93 70.65
C HIS B 1694 -38.45 33.83 71.77
N PRO B 1695 -37.78 34.95 72.06
CA PRO B 1695 -38.32 35.87 73.08
C PRO B 1695 -39.72 36.37 72.80
N SER B 1696 -40.07 36.57 71.53
CA SER B 1696 -41.37 37.13 71.19
C SER B 1696 -42.54 36.23 71.59
N ARG B 1697 -42.28 34.95 71.84
CA ARG B 1697 -43.34 34.03 72.23
C ARG B 1697 -43.68 34.11 73.71
N GLN B 1698 -42.92 34.86 74.51
CA GLN B 1698 -43.19 35.05 75.92
C GLN B 1698 -43.01 36.52 76.26
N PRO B 1699 -43.97 37.36 75.87
CA PRO B 1699 -43.82 38.80 76.11
C PRO B 1699 -43.76 39.13 77.59
N SER B 1700 -43.06 40.21 77.91
CA SER B 1700 -42.91 40.67 79.27
C SER B 1700 -44.17 41.39 79.74
N SER B 1701 -44.37 41.41 81.05
CA SER B 1701 -45.50 42.10 81.66
C SER B 1701 -45.26 42.17 83.16
N PRO B 1702 -45.97 43.07 83.86
CA PRO B 1702 -45.84 43.12 85.32
C PRO B 1702 -46.29 41.82 85.99
N ASN B 1703 -45.72 41.55 87.15
CA ASN B 1703 -46.07 40.37 87.94
C ASN B 1703 -46.81 40.79 89.21
N PRO B 1704 -48.12 40.56 89.32
CA PRO B 1704 -48.81 40.91 90.57
C PRO B 1704 -48.28 40.20 91.79
N CYS B 1705 -47.79 38.97 91.64
CA CYS B 1705 -47.34 38.16 92.77
C CYS B 1705 -45.98 38.61 93.32
N ALA B 1706 -45.32 39.58 92.70
CA ALA B 1706 -43.98 39.96 93.13
C ALA B 1706 -43.97 40.49 94.56
N SER B 1707 -45.04 41.15 94.98
CA SER B 1707 -45.16 41.70 96.33
C SER B 1707 -46.15 40.92 97.19
N ALA B 1708 -46.71 39.82 96.69
CA ALA B 1708 -47.69 39.06 97.45
C ALA B 1708 -47.01 38.25 98.54
N THR B 1709 -47.81 37.83 99.52
CA THR B 1709 -47.34 37.06 100.66
C THR B 1709 -48.04 35.71 100.78
N CYS B 1710 -48.49 35.15 99.66
CA CYS B 1710 -49.06 33.81 99.69
C CYS B 1710 -47.99 32.84 100.18
N SER B 1711 -48.40 31.88 101.01
CA SER B 1711 -47.43 31.00 101.64
C SER B 1711 -47.02 29.83 100.74
N HIS B 1712 -47.94 29.31 99.93
CA HIS B 1712 -47.62 28.18 99.06
C HIS B 1712 -47.75 28.49 97.57
N LEU B 1713 -48.91 28.93 97.08
CA LEU B 1713 -49.03 29.27 95.67
C LEU B 1713 -49.71 30.61 95.48
N CYS B 1714 -49.18 31.38 94.54
CA CYS B 1714 -49.80 32.62 94.06
C CYS B 1714 -50.09 32.40 92.59
N LEU B 1715 -51.35 32.58 92.21
CA LEU B 1715 -51.81 32.30 90.85
C LEU B 1715 -52.38 33.57 90.24
N LEU B 1716 -52.00 33.85 89.00
CA LEU B 1716 -52.53 35.00 88.30
C LEU B 1716 -54.04 34.84 88.13
N SER B 1717 -54.74 35.96 88.13
CA SER B 1717 -56.19 35.98 88.09
C SER B 1717 -56.66 37.13 87.21
N ALA B 1718 -57.77 36.90 86.52
CA ALA B 1718 -58.41 37.93 85.72
C ALA B 1718 -59.25 38.88 86.57
N GLN B 1719 -59.26 38.72 87.89
CA GLN B 1719 -60.13 39.47 88.78
C GLN B 1719 -59.49 40.78 89.20
N GLU B 1720 -60.11 41.88 88.80
CA GLU B 1720 -59.77 43.21 89.28
C GLU B 1720 -60.02 43.25 90.79
N PRO B 1721 -59.22 44.00 91.57
CA PRO B 1721 -58.09 44.89 91.27
C PRO B 1721 -56.67 44.33 91.40
N ARG B 1722 -56.43 43.28 92.19
CA ARG B 1722 -55.07 42.84 92.45
C ARG B 1722 -54.58 41.76 91.48
N HIS B 1723 -55.48 41.12 90.75
CA HIS B 1723 -55.14 40.21 89.66
C HIS B 1723 -54.35 38.99 90.12
N TYR B 1724 -54.40 38.63 91.41
CA TYR B 1724 -53.82 37.38 91.85
C TYR B 1724 -54.69 36.78 92.96
N SER B 1725 -54.47 35.50 93.22
CA SER B 1725 -55.14 34.80 94.31
C SER B 1725 -54.19 33.76 94.88
N CYS B 1726 -54.36 33.45 96.15
CA CYS B 1726 -53.49 32.49 96.83
C CYS B 1726 -54.17 31.13 96.84
N ALA B 1727 -53.39 30.09 96.55
CA ALA B 1727 -53.86 28.72 96.50
C ALA B 1727 -52.97 27.82 97.34
N CYS B 1728 -53.59 26.78 97.89
CA CYS B 1728 -52.97 25.80 98.77
C CYS B 1728 -52.76 24.48 98.04
N PRO B 1729 -51.71 23.71 98.38
CA PRO B 1729 -51.52 22.42 97.71
C PRO B 1729 -52.55 21.37 98.08
N SER B 1730 -52.45 20.21 97.43
CA SER B 1730 -53.32 19.08 97.74
C SER B 1730 -53.12 18.64 99.19
N GLY B 1731 -54.24 18.41 99.89
CA GLY B 1731 -54.20 18.02 101.28
C GLY B 1731 -54.13 19.18 102.25
N TRP B 1732 -54.04 20.41 101.75
CA TRP B 1732 -54.01 21.60 102.59
C TRP B 1732 -55.34 22.34 102.49
N ASN B 1733 -55.50 23.30 103.39
CA ASN B 1733 -56.68 24.14 103.53
C ASN B 1733 -56.22 25.59 103.42
N LEU B 1734 -57.16 26.47 103.09
CA LEU B 1734 -56.90 27.89 102.97
C LEU B 1734 -57.53 28.61 104.15
N SER B 1735 -56.88 29.69 104.60
CA SER B 1735 -57.29 30.39 105.79
C SER B 1735 -58.05 31.66 105.46
N ASP B 1736 -58.86 32.11 106.41
CA ASP B 1736 -59.68 33.30 106.21
C ASP B 1736 -58.85 34.55 105.94
N ASP B 1737 -57.58 34.55 106.36
CA ASP B 1737 -56.70 35.64 105.97
C ASP B 1737 -56.45 35.67 104.46
N SER B 1738 -56.75 34.57 103.77
CA SER B 1738 -56.64 34.43 102.32
C SER B 1738 -55.22 34.55 101.81
N VAL B 1739 -54.22 34.36 102.69
CA VAL B 1739 -52.83 34.33 102.27
C VAL B 1739 -52.13 33.08 102.82
N ASN B 1740 -52.63 32.55 103.93
CA ASN B 1740 -52.03 31.42 104.60
C ASN B 1740 -52.81 30.13 104.36
N CYS B 1741 -52.09 29.02 104.49
CA CYS B 1741 -52.65 27.69 104.38
C CYS B 1741 -52.37 26.91 105.67
N VAL B 1742 -53.23 25.92 105.90
CA VAL B 1742 -53.19 25.07 107.07
C VAL B 1742 -53.18 23.64 106.53
N ARG B 1743 -52.77 22.69 107.36
CA ARG B 1743 -52.65 21.30 106.94
C ARG B 1743 -53.75 20.48 107.58
N GLY B 1744 -54.51 19.78 106.75
CA GLY B 1744 -55.65 19.03 107.22
C GLY B 1744 -55.24 17.77 107.95
N ASP B 1745 -55.57 17.68 109.23
CA ASP B 1745 -55.38 16.48 110.02
C ASP B 1745 -56.52 15.47 109.84
N GLN B 1746 -57.54 15.83 109.06
CA GLN B 1746 -58.71 14.98 108.95
C GLN B 1746 -58.39 13.69 108.21
N PRO B 1747 -59.05 12.59 108.56
CA PRO B 1747 -58.80 11.32 107.86
C PRO B 1747 -59.24 11.39 106.41
N PHE B 1748 -58.62 10.55 105.59
CA PHE B 1748 -59.06 10.39 104.21
C PHE B 1748 -58.97 8.92 103.83
N LEU B 1749 -59.47 8.59 102.65
CA LEU B 1749 -59.62 7.22 102.20
C LEU B 1749 -58.68 6.96 101.04
N ILE B 1750 -58.04 5.78 101.04
CA ILE B 1750 -57.07 5.39 100.03
C ILE B 1750 -57.68 4.24 99.25
N SER B 1751 -57.72 4.40 97.93
CA SER B 1751 -58.29 3.42 97.03
C SER B 1751 -57.19 2.88 96.14
N VAL B 1752 -57.23 1.58 95.83
CA VAL B 1752 -56.20 0.93 95.05
C VAL B 1752 -56.86 0.35 93.80
N ARG B 1753 -56.16 0.52 92.68
CA ARG B 1753 -56.64 0.11 91.37
C ARG B 1753 -55.46 -0.50 90.64
N GLU B 1754 -55.77 -1.29 89.60
CA GLU B 1754 -54.76 -2.13 88.94
C GLU B 1754 -53.50 -1.37 88.55
N ASN B 1755 -53.59 -0.08 88.28
CA ASN B 1755 -52.43 0.70 87.89
C ASN B 1755 -52.33 2.05 88.58
N VAL B 1756 -53.23 2.37 89.50
CA VAL B 1756 -53.25 3.67 90.15
C VAL B 1756 -53.68 3.49 91.60
N ILE B 1757 -53.25 4.43 92.44
CA ILE B 1757 -53.69 4.56 93.82
C ILE B 1757 -54.19 5.98 93.97
N PHE B 1758 -55.35 6.13 94.62
CA PHE B 1758 -56.02 7.42 94.73
C PHE B 1758 -56.33 7.76 96.17
N GLY B 1759 -56.48 9.06 96.40
CA GLY B 1759 -56.90 9.61 97.67
C GLY B 1759 -58.26 10.26 97.51
N ILE B 1760 -59.17 9.92 98.40
CA ILE B 1760 -60.56 10.32 98.35
C ILE B 1760 -60.93 10.89 99.70
N SER B 1761 -61.93 11.76 99.73
CA SER B 1761 -62.35 12.45 100.93
C SER B 1761 -63.64 11.84 101.44
N LEU B 1762 -63.73 11.69 102.75
CA LEU B 1762 -64.85 10.99 103.36
C LEU B 1762 -66.14 11.77 103.34
N ASP B 1763 -66.16 12.96 102.72
CA ASP B 1763 -67.39 13.64 102.39
C ASP B 1763 -67.78 13.10 101.01
N PRO B 1764 -68.87 12.32 100.89
CA PRO B 1764 -69.19 11.73 99.58
C PRO B 1764 -69.52 12.76 98.52
N GLU B 1765 -69.89 13.98 98.89
CA GLU B 1765 -70.24 14.99 97.91
C GLU B 1765 -69.01 15.62 97.26
N VAL B 1766 -67.82 15.43 97.82
CA VAL B 1766 -66.58 15.93 97.24
C VAL B 1766 -66.09 14.86 96.28
N LYS B 1767 -66.28 15.10 94.99
CA LYS B 1767 -65.95 14.13 93.96
C LYS B 1767 -64.51 14.23 93.45
N SER B 1768 -63.75 15.23 93.88
CA SER B 1768 -62.38 15.35 93.44
C SER B 1768 -61.48 14.34 94.15
N ASN B 1769 -60.61 13.70 93.38
CA ASN B 1769 -59.66 12.72 93.89
C ASN B 1769 -58.31 13.38 94.14
N ASP B 1770 -58.27 14.27 95.13
CA ASP B 1770 -57.08 15.07 95.39
C ASP B 1770 -56.73 15.14 96.87
N ALA B 1771 -57.11 14.15 97.67
CA ALA B 1771 -56.71 14.16 99.07
C ALA B 1771 -55.20 13.99 99.21
N MET B 1772 -54.54 13.43 98.20
CA MET B 1772 -53.09 13.30 98.17
C MET B 1772 -52.66 13.31 96.72
N VAL B 1773 -51.36 13.48 96.49
CA VAL B 1773 -50.82 13.37 95.15
C VAL B 1773 -50.94 11.89 94.77
N PRO B 1774 -51.61 11.55 93.66
CA PRO B 1774 -51.79 10.13 93.35
C PRO B 1774 -50.51 9.41 92.97
N ILE B 1775 -50.54 8.10 93.14
CA ILE B 1775 -49.45 7.21 92.77
C ILE B 1775 -49.89 6.59 91.45
N SER B 1776 -49.15 6.90 90.38
CA SER B 1776 -49.60 6.79 89.00
C SER B 1776 -48.86 5.77 88.15
N GLY B 1777 -48.01 4.92 88.73
CA GLY B 1777 -47.24 4.00 87.93
C GLY B 1777 -47.10 2.59 88.46
N ILE B 1778 -48.06 2.14 89.27
CA ILE B 1778 -47.97 0.82 89.87
C ILE B 1778 -48.44 -0.23 88.87
N GLN B 1779 -48.12 -1.49 89.16
CA GLN B 1779 -48.60 -2.63 88.39
C GLN B 1779 -49.13 -3.68 89.36
N HIS B 1780 -50.28 -4.26 89.03
CA HIS B 1780 -50.87 -5.35 89.82
C HIS B 1780 -51.15 -4.91 91.26
N GLY B 1781 -51.81 -3.77 91.41
CA GLY B 1781 -52.12 -3.27 92.75
C GLY B 1781 -53.17 -4.12 93.42
N TYR B 1782 -52.93 -4.49 94.67
CA TYR B 1782 -53.89 -5.21 95.49
C TYR B 1782 -54.09 -4.59 96.87
N ASP B 1783 -53.02 -4.10 97.49
CA ASP B 1783 -53.04 -3.68 98.89
C ASP B 1783 -52.10 -2.50 99.07
N VAL B 1784 -52.29 -1.80 100.18
CA VAL B 1784 -51.54 -0.59 100.50
C VAL B 1784 -51.49 -0.43 102.01
N GLU B 1785 -50.43 0.19 102.49
CA GLU B 1785 -50.30 0.53 103.91
C GLU B 1785 -49.79 1.95 104.03
N PHE B 1786 -49.91 2.52 105.22
CA PHE B 1786 -49.48 3.90 105.45
C PHE B 1786 -48.84 4.04 106.82
N ASP B 1787 -47.97 5.04 106.93
CA ASP B 1787 -47.37 5.47 108.19
C ASP B 1787 -47.55 6.98 108.26
N ASP B 1788 -48.23 7.45 109.30
CA ASP B 1788 -48.49 8.88 109.44
C ASP B 1788 -47.37 9.64 110.13
N SER B 1789 -46.57 8.96 110.96
CA SER B 1789 -45.47 9.64 111.64
C SER B 1789 -44.44 10.19 110.65
N GLU B 1790 -44.38 9.63 109.45
CA GLU B 1790 -43.52 10.14 108.39
C GLU B 1790 -44.27 10.47 107.11
N GLN B 1791 -45.59 10.32 107.09
CA GLN B 1791 -46.42 10.63 105.93
C GLN B 1791 -45.95 9.85 104.70
N PHE B 1792 -46.05 8.53 104.81
CA PHE B 1792 -45.60 7.61 103.77
C PHE B 1792 -46.69 6.61 103.45
N ILE B 1793 -46.72 6.22 102.18
CA ILE B 1793 -47.61 5.20 101.64
C ILE B 1793 -46.73 4.11 101.08
N TYR B 1794 -47.09 2.86 101.34
CA TYR B 1794 -46.30 1.69 101.00
C TYR B 1794 -47.11 0.75 100.14
N TRP B 1795 -46.47 0.23 99.10
CA TRP B 1795 -47.09 -0.74 98.21
C TRP B 1795 -46.01 -1.69 97.73
N VAL B 1796 -46.44 -2.76 97.06
CA VAL B 1796 -45.57 -3.85 96.65
C VAL B 1796 -45.43 -3.86 95.13
N GLU B 1797 -44.23 -4.20 94.67
CA GLU B 1797 -43.88 -4.25 93.26
C GLU B 1797 -43.18 -5.56 92.97
N ASN B 1798 -43.54 -6.15 91.85
CA ASN B 1798 -43.01 -7.43 91.41
C ASN B 1798 -41.64 -7.26 90.75
N PRO B 1799 -40.71 -8.21 90.94
CA PRO B 1799 -40.72 -9.37 91.84
C PRO B 1799 -40.12 -9.05 93.20
N GLY B 1800 -40.84 -9.30 94.29
CA GLY B 1800 -40.27 -9.22 95.62
C GLY B 1800 -39.67 -7.89 96.03
N GLU B 1801 -40.35 -6.78 95.79
CA GLU B 1801 -39.84 -5.47 96.19
C GLU B 1801 -40.96 -4.66 96.83
N ILE B 1802 -40.57 -3.74 97.72
CA ILE B 1802 -41.54 -2.85 98.36
C ILE B 1802 -41.12 -1.42 98.10
N HIS B 1803 -42.09 -0.58 97.79
CA HIS B 1803 -41.88 0.80 97.41
C HIS B 1803 -42.65 1.71 98.35
N ARG B 1804 -42.10 2.89 98.60
CA ARG B 1804 -42.75 3.88 99.43
C ARG B 1804 -42.68 5.25 98.77
N VAL B 1805 -43.74 6.03 98.99
CA VAL B 1805 -43.84 7.39 98.47
C VAL B 1805 -44.48 8.27 99.53
N LYS B 1806 -44.18 9.56 99.47
CA LYS B 1806 -44.80 10.52 100.38
C LYS B 1806 -46.04 11.11 99.71
N THR B 1807 -47.02 11.46 100.55
CA THR B 1807 -48.30 11.91 100.05
C THR B 1807 -48.20 13.22 99.26
N ASP B 1808 -47.10 13.96 99.39
CA ASP B 1808 -46.87 15.13 98.56
C ASP B 1808 -46.02 14.83 97.33
N GLY B 1809 -45.62 13.58 97.12
CA GLY B 1809 -44.81 13.23 95.98
C GLY B 1809 -43.34 13.54 96.10
N SER B 1810 -42.89 14.04 97.26
CA SER B 1810 -41.54 14.58 97.37
C SER B 1810 -40.49 13.48 97.37
N ASN B 1811 -40.77 12.35 98.01
CA ASN B 1811 -39.87 11.20 98.05
C ASN B 1811 -40.59 9.99 97.49
N ARG B 1812 -39.91 9.26 96.62
CA ARG B 1812 -40.41 8.00 96.07
C ARG B 1812 -39.22 7.09 95.89
N THR B 1813 -39.30 5.88 96.46
CA THR B 1813 -38.16 4.99 96.43
C THR B 1813 -38.59 3.55 96.53
N ALA B 1814 -37.67 2.67 96.12
CA ALA B 1814 -37.77 1.24 96.33
C ALA B 1814 -37.01 1.01 97.63
N PHE B 1815 -37.68 0.49 98.64
CA PHE B 1815 -37.22 0.53 100.00
C PHE B 1815 -36.63 -0.76 100.53
N ALA B 1816 -37.15 -1.92 100.12
CA ALA B 1816 -36.55 -3.16 100.61
C ALA B 1816 -36.93 -4.31 99.71
N PRO B 1817 -36.06 -5.32 99.58
CA PRO B 1817 -36.47 -6.57 98.94
C PRO B 1817 -37.29 -7.38 99.94
N LEU B 1818 -38.39 -7.95 99.44
CA LEU B 1818 -39.32 -8.70 100.29
C LEU B 1818 -39.05 -10.19 100.29
N SER B 1819 -38.92 -10.80 99.11
CA SER B 1819 -38.74 -12.25 99.04
C SER B 1819 -38.10 -12.61 97.72
N LEU B 1820 -37.10 -13.48 97.79
CA LEU B 1820 -36.40 -13.98 96.61
C LEU B 1820 -37.17 -15.08 95.88
N LEU B 1821 -38.23 -15.60 96.49
CA LEU B 1821 -38.94 -16.77 95.97
C LEU B 1821 -40.22 -16.43 95.22
N GLY B 1822 -40.77 -15.24 95.40
CA GLY B 1822 -42.00 -14.90 94.69
C GLY B 1822 -42.54 -13.56 95.10
N SER B 1823 -43.66 -13.21 94.47
CA SER B 1823 -44.32 -11.94 94.69
C SER B 1823 -45.19 -11.97 95.95
N SER B 1824 -45.15 -10.89 96.71
CA SER B 1824 -45.97 -10.72 97.90
C SER B 1824 -47.31 -10.10 97.49
N LEU B 1825 -48.32 -10.36 98.32
CA LEU B 1825 -49.70 -10.01 98.02
C LEU B 1825 -50.34 -9.07 99.04
N GLY B 1826 -50.14 -9.31 100.33
CA GLY B 1826 -50.85 -8.57 101.35
C GLY B 1826 -49.90 -7.92 102.33
N LEU B 1827 -50.32 -6.77 102.84
CA LEU B 1827 -49.52 -5.94 103.75
C LEU B 1827 -50.30 -5.56 104.99
N ALA B 1828 -49.59 -5.49 106.10
CA ALA B 1828 -50.05 -4.93 107.36
C ALA B 1828 -48.87 -4.20 107.98
N LEU B 1829 -49.15 -3.18 108.77
CA LEU B 1829 -48.10 -2.38 109.38
C LEU B 1829 -48.31 -2.24 110.87
N ASP B 1830 -47.24 -2.39 111.62
CA ASP B 1830 -47.20 -2.15 113.06
C ASP B 1830 -46.43 -0.85 113.24
N TRP B 1831 -47.12 0.15 113.76
CA TRP B 1831 -46.64 1.51 113.93
C TRP B 1831 -46.01 1.75 115.30
N VAL B 1832 -46.17 0.80 116.21
CA VAL B 1832 -45.59 0.91 117.54
C VAL B 1832 -44.19 0.34 117.57
N SER B 1833 -44.02 -0.87 117.02
CA SER B 1833 -42.72 -1.50 116.88
C SER B 1833 -42.05 -1.17 115.55
N ARG B 1834 -42.76 -0.51 114.63
CA ARG B 1834 -42.21 -0.08 113.34
C ARG B 1834 -41.76 -1.28 112.51
N ASN B 1835 -42.68 -2.22 112.34
CA ASN B 1835 -42.47 -3.39 111.52
C ASN B 1835 -43.54 -3.44 110.43
N ILE B 1836 -43.22 -4.09 109.32
CA ILE B 1836 -44.18 -4.33 108.26
C ILE B 1836 -44.30 -5.83 108.04
N TYR B 1837 -45.51 -6.34 108.19
CA TYR B 1837 -45.82 -7.74 107.97
C TYR B 1837 -46.37 -7.88 106.55
N TYR B 1838 -45.93 -8.92 105.85
CA TYR B 1838 -46.38 -9.14 104.49
C TYR B 1838 -46.62 -10.62 104.26
N THR B 1839 -47.30 -10.88 103.13
CA THR B 1839 -47.81 -12.19 102.78
C THR B 1839 -47.27 -12.61 101.42
N THR B 1840 -46.63 -13.77 101.37
CA THR B 1840 -46.03 -14.31 100.15
C THR B 1840 -46.74 -15.62 99.80
N PRO B 1841 -47.70 -15.62 98.87
CA PRO B 1841 -48.42 -16.87 98.60
C PRO B 1841 -47.59 -17.92 97.88
N ALA B 1842 -46.73 -17.53 96.94
CA ALA B 1842 -45.99 -18.53 96.18
C ALA B 1842 -45.06 -19.33 97.08
N SER B 1843 -44.43 -18.68 98.04
CA SER B 1843 -43.64 -19.37 99.05
C SER B 1843 -44.51 -19.91 100.18
N ARG B 1844 -45.78 -19.55 100.22
CA ARG B 1844 -46.71 -19.97 101.27
C ARG B 1844 -46.15 -19.59 102.63
N SER B 1845 -45.98 -18.29 102.82
CA SER B 1845 -45.34 -17.77 104.01
C SER B 1845 -45.92 -16.42 104.41
N ILE B 1846 -45.81 -16.15 105.71
CA ILE B 1846 -46.08 -14.85 106.30
C ILE B 1846 -44.76 -14.39 106.88
N GLU B 1847 -44.41 -13.14 106.62
CA GLU B 1847 -43.07 -12.64 106.87
C GLU B 1847 -43.14 -11.24 107.47
N VAL B 1848 -42.05 -10.87 108.13
CA VAL B 1848 -41.95 -9.58 108.80
C VAL B 1848 -40.65 -8.93 108.39
N LEU B 1849 -40.67 -7.60 108.32
CA LEU B 1849 -39.54 -6.77 107.95
C LEU B 1849 -39.51 -5.57 108.87
N THR B 1850 -38.32 -5.02 109.09
CA THR B 1850 -38.13 -3.92 110.03
C THR B 1850 -37.99 -2.59 109.29
N LEU B 1851 -38.78 -1.59 109.70
CA LEU B 1851 -38.66 -0.27 109.11
C LEU B 1851 -37.61 0.58 109.83
N ARG B 1852 -37.32 0.26 111.09
CA ARG B 1852 -36.38 1.05 111.88
C ARG B 1852 -34.95 0.76 111.46
N GLY B 1853 -34.11 1.79 111.51
CA GLY B 1853 -32.69 1.66 111.28
C GLY B 1853 -32.29 1.73 109.82
N ASP B 1854 -30.98 1.74 109.60
CA ASP B 1854 -30.41 1.83 108.27
C ASP B 1854 -30.25 0.47 107.59
N THR B 1855 -30.32 -0.62 108.35
CA THR B 1855 -30.11 -1.97 107.84
C THR B 1855 -31.42 -2.74 107.94
N ARG B 1856 -31.87 -3.29 106.82
CA ARG B 1856 -33.12 -4.03 106.77
C ARG B 1856 -32.93 -5.45 107.30
N TYR B 1857 -33.88 -5.89 108.11
CA TYR B 1857 -33.91 -7.25 108.62
C TYR B 1857 -35.30 -7.82 108.41
N GLY B 1858 -35.36 -9.07 108.00
CA GLY B 1858 -36.63 -9.73 107.75
C GLY B 1858 -36.56 -11.22 108.03
N LYS B 1859 -37.70 -11.78 108.41
CA LYS B 1859 -37.77 -13.21 108.68
C LYS B 1859 -39.14 -13.75 108.31
N THR B 1860 -39.24 -15.08 108.32
CA THR B 1860 -40.47 -15.81 108.07
C THR B 1860 -41.03 -16.30 109.40
N LEU B 1861 -42.28 -15.97 109.68
CA LEU B 1861 -42.92 -16.35 110.93
C LEU B 1861 -43.75 -17.63 110.83
N ILE B 1862 -44.49 -17.80 109.75
CA ILE B 1862 -45.39 -18.94 109.57
C ILE B 1862 -45.23 -19.45 108.15
N THR B 1863 -45.16 -20.78 108.01
CA THR B 1863 -45.10 -21.42 106.71
C THR B 1863 -45.86 -22.73 106.78
N ASN B 1864 -46.06 -23.34 105.61
CA ASN B 1864 -46.83 -24.57 105.52
C ASN B 1864 -45.99 -25.73 106.04
N ASP B 1865 -46.47 -26.37 107.11
CA ASP B 1865 -45.76 -27.47 107.76
C ASP B 1865 -46.56 -28.78 107.75
N GLY B 1866 -47.65 -28.84 106.97
CA GLY B 1866 -48.49 -30.00 106.92
C GLY B 1866 -49.60 -30.06 107.95
N THR B 1867 -49.54 -29.22 108.97
CA THR B 1867 -50.63 -29.13 109.93
C THR B 1867 -51.73 -28.22 109.38
N PRO B 1868 -52.98 -28.40 109.82
CA PRO B 1868 -54.04 -27.48 109.39
C PRO B 1868 -53.87 -26.08 109.94
N LEU B 1869 -53.05 -25.90 110.97
CA LEU B 1869 -52.89 -24.61 111.61
C LEU B 1869 -51.98 -23.65 110.83
N GLY B 1870 -51.09 -24.18 109.99
CA GLY B 1870 -50.20 -23.32 109.23
C GLY B 1870 -50.86 -22.67 108.03
N VAL B 1871 -50.08 -21.80 107.37
CA VAL B 1871 -50.56 -21.10 106.20
C VAL B 1871 -50.65 -22.06 105.01
N GLY B 1872 -51.77 -22.02 104.30
CA GLY B 1872 -51.91 -22.75 103.06
C GLY B 1872 -51.74 -21.86 101.84
N PHE B 1873 -52.56 -20.82 101.78
CA PHE B 1873 -52.50 -19.82 100.71
C PHE B 1873 -53.07 -18.54 101.30
N PRO B 1874 -52.24 -17.72 101.93
CA PRO B 1874 -52.74 -16.51 102.60
C PRO B 1874 -52.97 -15.35 101.64
N VAL B 1875 -54.05 -14.60 101.89
CA VAL B 1875 -54.43 -13.49 101.02
C VAL B 1875 -54.62 -12.17 101.75
N GLY B 1876 -54.83 -12.14 103.06
CA GLY B 1876 -55.02 -10.90 103.77
C GLY B 1876 -54.52 -11.01 105.19
N ILE B 1877 -53.99 -9.90 105.71
CA ILE B 1877 -53.33 -9.87 107.01
C ILE B 1877 -53.66 -8.58 107.74
N ALA B 1878 -53.82 -8.68 109.06
CA ALA B 1878 -54.09 -7.56 109.95
C ALA B 1878 -53.35 -7.79 111.25
N VAL B 1879 -53.00 -6.71 111.95
CA VAL B 1879 -52.25 -6.80 113.19
C VAL B 1879 -52.82 -5.87 114.25
N ASP B 1880 -52.70 -6.31 115.50
CA ASP B 1880 -53.02 -5.51 116.69
C ASP B 1880 -51.72 -5.39 117.48
N PRO B 1881 -51.07 -4.22 117.51
CA PRO B 1881 -49.80 -4.13 118.25
C PRO B 1881 -49.93 -4.12 119.76
N ALA B 1882 -50.97 -3.49 120.30
CA ALA B 1882 -51.10 -3.39 121.74
C ALA B 1882 -51.27 -4.76 122.39
N ARG B 1883 -52.10 -5.60 121.81
CA ARG B 1883 -52.33 -6.94 122.32
C ARG B 1883 -51.43 -7.98 121.67
N GLY B 1884 -50.54 -7.58 120.76
CA GLY B 1884 -49.58 -8.51 120.20
C GLY B 1884 -50.18 -9.63 119.41
N LYS B 1885 -51.15 -9.33 118.53
CA LYS B 1885 -51.86 -10.37 117.81
C LYS B 1885 -51.84 -10.12 116.31
N LEU B 1886 -51.90 -11.21 115.56
CA LEU B 1886 -51.87 -11.22 114.10
C LEU B 1886 -53.04 -12.06 113.62
N TYR B 1887 -53.72 -11.58 112.59
CA TYR B 1887 -54.88 -12.25 112.02
C TYR B 1887 -54.70 -12.32 110.52
N TRP B 1888 -55.11 -13.44 109.92
CA TRP B 1888 -54.93 -13.59 108.49
C TRP B 1888 -56.00 -14.51 107.91
N SER B 1889 -56.24 -14.32 106.61
CA SER B 1889 -57.23 -15.08 105.86
C SER B 1889 -56.52 -15.96 104.86
N ASP B 1890 -57.00 -17.20 104.74
CA ASP B 1890 -56.31 -18.24 103.99
C ASP B 1890 -57.31 -19.03 103.16
N HIS B 1891 -56.94 -19.28 101.90
CA HIS B 1891 -57.74 -20.10 101.01
C HIS B 1891 -57.51 -21.59 101.22
N GLY B 1892 -56.49 -21.97 101.99
CA GLY B 1892 -56.20 -23.36 102.23
C GLY B 1892 -55.48 -24.02 101.08
N THR B 1893 -55.23 -25.32 101.25
CA THR B 1893 -54.55 -26.14 100.26
C THR B 1893 -55.17 -27.53 100.24
N ASP B 1894 -54.99 -28.22 99.12
CA ASP B 1894 -55.46 -29.59 99.00
C ASP B 1894 -54.69 -30.55 99.90
N SER B 1895 -53.52 -30.12 100.42
CA SER B 1895 -52.75 -30.98 101.29
C SER B 1895 -53.38 -31.11 102.68
N GLY B 1896 -54.23 -30.17 103.08
CA GLY B 1896 -54.91 -30.27 104.35
C GLY B 1896 -55.24 -28.98 105.07
N VAL B 1897 -54.72 -27.85 104.60
CA VAL B 1897 -55.04 -26.58 105.26
C VAL B 1897 -56.43 -26.15 104.83
N PRO B 1898 -57.38 -25.94 105.75
CA PRO B 1898 -58.72 -25.49 105.35
C PRO B 1898 -58.76 -24.01 105.04
N ALA B 1899 -59.81 -23.62 104.32
CA ALA B 1899 -60.08 -22.20 104.11
C ALA B 1899 -60.51 -21.63 105.44
N LYS B 1900 -59.80 -20.61 105.92
CA LYS B 1900 -59.95 -20.20 107.30
C LYS B 1900 -59.59 -18.74 107.54
N ILE B 1901 -60.04 -18.28 108.69
CA ILE B 1901 -59.58 -17.08 109.36
C ILE B 1901 -58.76 -17.60 110.55
N ALA B 1902 -57.52 -17.13 110.66
CA ALA B 1902 -56.56 -17.68 111.60
C ALA B 1902 -55.90 -16.57 112.39
N SER B 1903 -55.49 -16.92 113.60
CA SER B 1903 -54.89 -15.99 114.54
C SER B 1903 -53.56 -16.56 115.02
N ALA B 1904 -52.68 -15.65 115.38
CA ALA B 1904 -51.35 -15.99 115.83
C ALA B 1904 -50.82 -14.87 116.71
N ASN B 1905 -49.70 -15.14 117.37
CA ASN B 1905 -48.98 -14.13 118.10
C ASN B 1905 -47.98 -13.50 117.13
N MET B 1906 -47.70 -12.22 117.32
CA MET B 1906 -46.93 -11.47 116.35
C MET B 1906 -45.48 -11.91 116.25
N ASP B 1907 -45.04 -12.92 117.01
CA ASP B 1907 -43.76 -13.56 116.80
C ASP B 1907 -43.90 -14.98 116.26
N GLY B 1908 -45.11 -15.40 115.92
CA GLY B 1908 -45.34 -16.69 115.29
C GLY B 1908 -45.45 -17.87 116.23
N THR B 1909 -45.38 -17.66 117.55
CA THR B 1909 -45.28 -18.75 118.50
C THR B 1909 -46.62 -19.40 118.86
N SER B 1910 -47.73 -18.88 118.36
CA SER B 1910 -49.04 -19.48 118.61
C SER B 1910 -49.84 -19.47 117.32
N LEU B 1911 -50.71 -20.47 117.17
CA LEU B 1911 -51.53 -20.60 115.97
C LEU B 1911 -52.90 -21.11 116.37
N LYS B 1912 -53.93 -20.48 115.82
CA LYS B 1912 -55.31 -20.83 116.10
C LYS B 1912 -56.15 -20.63 114.85
N ILE B 1913 -57.22 -21.42 114.75
CA ILE B 1913 -58.21 -21.29 113.70
C ILE B 1913 -59.46 -20.74 114.37
N LEU B 1914 -59.90 -19.56 113.94
CA LEU B 1914 -61.04 -18.90 114.55
C LEU B 1914 -62.35 -19.25 113.85
N PHE B 1915 -62.38 -19.13 112.53
CA PHE B 1915 -63.57 -19.39 111.74
C PHE B 1915 -63.20 -20.18 110.50
N THR B 1916 -64.03 -21.17 110.19
CA THR B 1916 -63.89 -21.94 108.97
C THR B 1916 -65.27 -22.46 108.57
N GLY B 1917 -65.39 -22.82 107.30
CA GLY B 1917 -66.65 -23.28 106.75
C GLY B 1917 -67.36 -22.17 106.02
N ASN B 1918 -67.90 -22.47 104.83
CA ASN B 1918 -68.59 -21.49 104.00
C ASN B 1918 -67.67 -20.31 103.68
N MET B 1919 -66.47 -20.63 103.20
CA MET B 1919 -65.45 -19.64 102.86
C MET B 1919 -64.73 -20.07 101.58
N GLU B 1920 -65.50 -20.34 100.53
CA GLU B 1920 -64.93 -20.90 99.31
C GLU B 1920 -64.03 -19.88 98.61
N HIS B 1921 -64.46 -18.63 98.54
CA HIS B 1921 -63.69 -17.56 97.90
C HIS B 1921 -63.67 -16.45 98.94
N LEU B 1922 -62.53 -16.29 99.59
CA LEU B 1922 -62.36 -15.45 100.78
C LEU B 1922 -61.37 -14.34 100.48
N GLU B 1923 -61.85 -13.10 100.61
CA GLU B 1923 -61.05 -11.91 100.38
C GLU B 1923 -60.45 -11.42 101.70
N VAL B 1924 -59.91 -10.20 101.69
CA VAL B 1924 -59.14 -9.69 102.82
C VAL B 1924 -59.92 -9.70 104.14
N VAL B 1925 -59.16 -9.68 105.23
CA VAL B 1925 -59.67 -9.57 106.59
C VAL B 1925 -59.16 -8.26 107.18
N THR B 1926 -60.04 -7.57 107.92
CA THR B 1926 -59.68 -6.33 108.59
C THR B 1926 -60.15 -6.40 110.03
N LEU B 1927 -59.51 -5.61 110.89
CA LEU B 1927 -59.77 -5.62 112.32
C LEU B 1927 -60.20 -4.26 112.82
N ASP B 1928 -61.29 -4.22 113.58
CA ASP B 1928 -61.68 -3.08 114.38
C ASP B 1928 -60.99 -3.29 115.73
N ILE B 1929 -60.03 -2.43 116.04
CA ILE B 1929 -59.22 -2.57 117.24
C ILE B 1929 -59.94 -2.06 118.48
N GLN B 1930 -60.80 -1.05 118.33
CA GLN B 1930 -61.47 -0.49 119.49
C GLN B 1930 -62.51 -1.47 120.04
N GLU B 1931 -63.30 -2.08 119.15
CA GLU B 1931 -64.29 -3.07 119.54
C GLU B 1931 -63.81 -4.50 119.37
N GLN B 1932 -62.59 -4.70 118.86
CA GLN B 1932 -61.97 -6.02 118.75
C GLN B 1932 -62.85 -6.99 117.94
N LYS B 1933 -63.13 -6.61 116.70
CA LYS B 1933 -63.95 -7.46 115.84
C LYS B 1933 -63.36 -7.56 114.45
N LEU B 1934 -63.37 -8.77 113.91
CA LEU B 1934 -62.83 -9.07 112.58
C LEU B 1934 -63.94 -9.05 111.54
N TYR B 1935 -63.65 -8.43 110.41
CA TYR B 1935 -64.54 -8.34 109.27
C TYR B 1935 -63.86 -8.99 108.08
N TRP B 1936 -64.59 -9.80 107.32
CA TRP B 1936 -64.08 -10.42 106.11
C TRP B 1936 -65.18 -10.46 105.08
N ALA B 1937 -64.84 -10.87 103.87
CA ALA B 1937 -65.79 -10.96 102.78
C ALA B 1937 -65.67 -12.31 102.08
N VAL B 1938 -66.83 -12.93 101.84
CA VAL B 1938 -66.94 -14.18 101.10
C VAL B 1938 -67.61 -13.84 99.78
N THR B 1939 -66.84 -13.95 98.70
CA THR B 1939 -67.31 -13.64 97.35
C THR B 1939 -68.21 -14.75 96.80
N SER B 1940 -67.98 -15.99 97.22
CA SER B 1940 -68.79 -17.10 96.73
C SER B 1940 -70.23 -17.01 97.21
N ARG B 1941 -70.52 -16.14 98.18
CA ARG B 1941 -71.88 -15.90 98.65
C ARG B 1941 -72.27 -14.44 98.61
N GLY B 1942 -71.34 -13.54 98.30
CA GLY B 1942 -71.66 -12.13 98.20
C GLY B 1942 -71.92 -11.48 99.54
N VAL B 1943 -71.20 -11.89 100.58
CA VAL B 1943 -71.47 -11.41 101.93
C VAL B 1943 -70.22 -10.83 102.56
N ILE B 1944 -70.45 -9.85 103.44
CA ILE B 1944 -69.47 -9.38 104.40
C ILE B 1944 -69.87 -9.99 105.73
N GLU B 1945 -68.93 -10.61 106.41
CA GLU B 1945 -69.18 -11.28 107.68
C GLU B 1945 -68.32 -10.67 108.77
N ARG B 1946 -68.81 -10.80 110.00
CA ARG B 1946 -68.16 -10.25 111.18
C ARG B 1946 -68.11 -11.31 112.26
N GLY B 1947 -67.06 -11.22 113.08
CA GLY B 1947 -66.90 -12.14 114.19
C GLY B 1947 -66.02 -11.53 115.25
N ASN B 1948 -65.99 -12.19 116.40
CA ASN B 1948 -65.12 -11.77 117.49
C ASN B 1948 -63.72 -12.35 117.28
N VAL B 1949 -62.74 -11.66 117.86
CA VAL B 1949 -61.35 -12.11 117.76
C VAL B 1949 -61.09 -13.42 118.49
N ASP B 1950 -62.01 -13.85 119.36
CA ASP B 1950 -61.88 -15.09 120.08
C ASP B 1950 -62.58 -16.26 119.37
N GLY B 1951 -63.08 -16.05 118.16
CA GLY B 1951 -63.72 -17.11 117.43
C GLY B 1951 -65.18 -17.33 117.78
N THR B 1952 -65.92 -16.26 118.05
CA THR B 1952 -67.32 -16.38 118.44
C THR B 1952 -68.16 -15.30 117.76
N GLU B 1953 -69.47 -15.56 117.73
CA GLU B 1953 -70.48 -14.61 117.25
C GLU B 1953 -70.30 -14.26 115.78
N ARG B 1954 -70.22 -15.29 114.94
CA ARG B 1954 -70.15 -15.06 113.50
C ARG B 1954 -71.52 -14.62 112.99
N MET B 1955 -71.52 -13.62 112.12
CA MET B 1955 -72.76 -13.14 111.53
C MET B 1955 -72.49 -12.50 110.18
N ILE B 1956 -73.57 -12.31 109.42
CA ILE B 1956 -73.53 -11.62 108.13
C ILE B 1956 -74.00 -10.19 108.37
N LEU B 1957 -73.23 -9.22 107.88
CA LEU B 1957 -73.52 -7.81 108.05
C LEU B 1957 -74.02 -7.14 106.79
N VAL B 1958 -73.58 -7.58 105.61
CA VAL B 1958 -74.01 -7.01 104.33
C VAL B 1958 -74.30 -8.16 103.37
N HIS B 1959 -75.39 -8.03 102.63
CA HIS B 1959 -75.84 -9.03 101.67
C HIS B 1959 -75.72 -8.51 100.24
N HIS B 1960 -75.89 -9.45 99.30
CA HIS B 1960 -76.14 -9.19 97.89
C HIS B 1960 -74.99 -8.47 97.18
N LEU B 1961 -73.75 -8.68 97.62
CA LEU B 1961 -72.61 -8.16 96.88
C LEU B 1961 -72.21 -9.15 95.79
N ALA B 1962 -71.33 -8.70 94.90
CA ALA B 1962 -70.93 -9.48 93.72
C ALA B 1962 -69.48 -9.96 93.83
N HIS B 1963 -68.54 -9.05 94.02
CA HIS B 1963 -67.14 -9.40 94.26
C HIS B 1963 -66.54 -8.37 95.18
N PRO B 1964 -66.80 -8.47 96.48
CA PRO B 1964 -66.23 -7.49 97.41
C PRO B 1964 -64.73 -7.68 97.56
N TRP B 1965 -63.96 -6.75 96.98
CA TRP B 1965 -62.51 -6.85 96.92
C TRP B 1965 -61.81 -6.15 98.06
N GLY B 1966 -62.40 -5.09 98.60
CA GLY B 1966 -61.75 -4.29 99.62
C GLY B 1966 -62.66 -3.94 100.77
N LEU B 1967 -62.10 -3.93 101.98
CA LEU B 1967 -62.80 -3.64 103.22
C LEU B 1967 -61.95 -2.73 104.09
N VAL B 1968 -62.62 -1.83 104.81
CA VAL B 1968 -61.97 -1.04 105.85
C VAL B 1968 -63.05 -0.54 106.79
N VAL B 1969 -62.71 -0.47 108.08
CA VAL B 1969 -63.64 -0.04 109.11
C VAL B 1969 -63.03 1.14 109.85
N HIS B 1970 -63.81 2.21 110.00
CA HIS B 1970 -63.32 3.44 110.61
C HIS B 1970 -64.50 4.12 111.28
N GLY B 1971 -64.33 4.49 112.54
CA GLY B 1971 -65.41 5.11 113.27
C GLY B 1971 -66.60 4.17 113.33
N SER B 1972 -67.78 4.71 113.04
CA SER B 1972 -69.01 3.95 113.00
C SER B 1972 -69.30 3.34 111.64
N PHE B 1973 -68.39 3.47 110.67
CA PHE B 1973 -68.67 3.15 109.29
C PHE B 1973 -67.75 2.05 108.77
N LEU B 1974 -68.29 1.30 107.83
CA LEU B 1974 -67.59 0.25 107.11
C LEU B 1974 -67.64 0.63 105.64
N TYR B 1975 -66.49 0.59 104.99
CA TYR B 1975 -66.36 0.96 103.60
C TYR B 1975 -65.93 -0.28 102.84
N TYR B 1976 -66.51 -0.50 101.67
CA TYR B 1976 -66.16 -1.65 100.86
C TYR B 1976 -66.18 -1.28 99.39
N SER B 1977 -65.41 -2.03 98.61
CA SER B 1977 -65.33 -1.85 97.17
C SER B 1977 -65.71 -3.14 96.47
N ASP B 1978 -66.46 -2.99 95.38
CA ASP B 1978 -66.94 -4.11 94.58
C ASP B 1978 -66.48 -3.91 93.14
N GLU B 1979 -65.89 -4.97 92.59
CA GLU B 1979 -65.27 -4.97 91.27
C GLU B 1979 -66.24 -5.25 90.15
N GLN B 1980 -67.38 -5.87 90.43
CA GLN B 1980 -68.37 -6.11 89.40
C GLN B 1980 -69.39 -4.99 89.35
N TYR B 1981 -69.82 -4.50 90.52
CA TYR B 1981 -70.64 -3.31 90.58
C TYR B 1981 -69.83 -2.05 90.29
N GLU B 1982 -68.50 -2.13 90.31
CA GLU B 1982 -67.63 -1.01 90.00
C GLU B 1982 -67.94 0.16 90.94
N VAL B 1983 -67.99 -0.13 92.24
CA VAL B 1983 -68.49 0.84 93.21
C VAL B 1983 -67.71 0.80 94.51
N ILE B 1984 -67.67 1.96 95.17
CA ILE B 1984 -67.18 2.14 96.53
C ILE B 1984 -68.38 2.61 97.34
N GLU B 1985 -68.65 1.92 98.44
CA GLU B 1985 -69.83 2.20 99.24
C GLU B 1985 -69.50 2.20 100.72
N ARG B 1986 -70.30 2.93 101.48
CA ARG B 1986 -70.18 3.08 102.91
C ARG B 1986 -71.49 2.67 103.56
N VAL B 1987 -71.37 1.95 104.68
CA VAL B 1987 -72.50 1.48 105.47
C VAL B 1987 -72.14 1.66 106.94
N ASP B 1988 -73.12 1.47 107.80
CA ASP B 1988 -72.96 1.63 109.24
C ASP B 1988 -72.64 0.26 109.83
N LYS B 1989 -71.52 0.18 110.54
CA LYS B 1989 -70.99 -1.12 110.96
C LYS B 1989 -71.86 -1.82 111.98
N SER B 1990 -72.76 -1.11 112.66
CA SER B 1990 -73.59 -1.78 113.66
C SER B 1990 -74.62 -2.69 113.01
N SER B 1991 -75.24 -2.23 111.91
CA SER B 1991 -76.29 -2.98 111.25
C SER B 1991 -76.19 -3.04 109.73
N GLY B 1992 -75.34 -2.23 109.11
CA GLY B 1992 -75.33 -2.20 107.66
C GLY B 1992 -76.61 -1.68 107.05
N SER B 1993 -77.38 -0.89 107.81
CA SER B 1993 -78.74 -0.52 107.46
C SER B 1993 -78.86 0.83 106.76
N ASN B 1994 -77.74 1.50 106.52
CA ASN B 1994 -77.72 2.73 105.72
C ASN B 1994 -76.64 2.56 104.68
N LYS B 1995 -76.85 3.16 103.51
CA LYS B 1995 -75.92 3.04 102.40
C LYS B 1995 -75.66 4.39 101.76
N VAL B 1996 -74.39 4.68 101.51
CA VAL B 1996 -73.94 5.86 100.80
C VAL B 1996 -72.96 5.38 99.75
N VAL B 1997 -72.96 6.03 98.59
CA VAL B 1997 -72.10 5.65 97.47
C VAL B 1997 -71.10 6.76 97.24
N PHE B 1998 -69.82 6.43 97.26
CA PHE B 1998 -68.76 7.42 97.13
C PHE B 1998 -68.31 7.60 95.69
N ARG B 1999 -68.07 6.51 94.99
CA ARG B 1999 -67.67 6.54 93.59
C ARG B 1999 -68.33 5.37 92.88
N ASP B 2000 -68.60 5.57 91.59
CA ASP B 2000 -69.18 4.53 90.76
C ASP B 2000 -68.54 4.57 89.37
N ASN B 2001 -68.78 3.51 88.61
CA ASN B 2001 -68.22 3.33 87.28
C ASN B 2001 -66.69 3.39 87.31
N ILE B 2002 -66.10 2.86 88.39
CA ILE B 2002 -64.65 2.80 88.54
C ILE B 2002 -64.20 1.41 88.08
N PRO B 2003 -63.48 1.28 86.98
CA PRO B 2003 -62.99 -0.05 86.58
C PRO B 2003 -61.78 -0.49 87.38
N TYR B 2004 -61.61 -1.80 87.44
CA TYR B 2004 -60.42 -2.42 88.04
C TYR B 2004 -60.23 -2.00 89.50
N LEU B 2005 -61.32 -2.06 90.26
CA LEU B 2005 -61.23 -1.69 91.67
C LEU B 2005 -60.44 -2.74 92.44
N ARG B 2006 -59.76 -2.27 93.48
CA ARG B 2006 -59.01 -3.12 94.39
C ARG B 2006 -59.24 -2.58 95.80
N GLY B 2007 -58.38 -2.94 96.73
CA GLY B 2007 -58.63 -2.72 98.13
C GLY B 2007 -58.41 -1.31 98.61
N LEU B 2008 -59.03 -1.05 99.76
CA LEU B 2008 -59.10 0.26 100.37
C LEU B 2008 -58.44 0.26 101.73
N ARG B 2009 -57.93 1.43 102.11
CA ARG B 2009 -57.40 1.74 103.43
C ARG B 2009 -57.97 3.08 103.85
N VAL B 2010 -57.83 3.42 105.13
CA VAL B 2010 -58.15 4.76 105.62
C VAL B 2010 -56.92 5.31 106.32
N TYR B 2011 -56.60 6.56 106.02
CA TYR B 2011 -55.44 7.25 106.52
C TYR B 2011 -55.90 8.18 107.62
N HIS B 2012 -55.28 8.04 108.80
CA HIS B 2012 -55.65 8.79 109.99
C HIS B 2012 -54.46 8.80 110.94
N HIS B 2013 -54.53 9.66 111.95
CA HIS B 2013 -53.44 9.83 112.90
C HIS B 2013 -53.53 8.79 114.01
N ARG B 2014 -53.06 7.59 113.70
CA ARG B 2014 -52.92 6.53 114.70
C ARG B 2014 -51.60 6.75 115.43
N ASN B 2015 -51.67 6.93 116.74
CA ASN B 2015 -50.53 7.31 117.56
C ASN B 2015 -50.01 6.14 118.39
N ALA B 2016 -48.68 6.08 118.52
CA ALA B 2016 -48.02 5.00 119.24
C ALA B 2016 -48.15 5.13 120.74
N ALA B 2017 -48.31 6.36 121.26
CA ALA B 2017 -48.32 6.54 122.71
C ALA B 2017 -49.47 5.78 123.36
N ASP B 2018 -50.66 5.83 122.76
CA ASP B 2018 -51.80 5.09 123.31
C ASP B 2018 -51.62 3.59 123.11
N SER B 2019 -51.23 3.17 121.92
CA SER B 2019 -51.06 1.77 121.53
C SER B 2019 -49.73 1.16 121.94
N SER B 2020 -48.98 1.79 122.86
CA SER B 2020 -47.64 1.31 123.20
C SER B 2020 -47.66 -0.15 123.64
N ASN B 2021 -46.54 -0.82 123.38
CA ASN B 2021 -46.37 -2.23 123.72
C ASN B 2021 -44.94 -2.44 124.24
N GLY B 2022 -44.58 -3.72 124.39
CA GLY B 2022 -43.29 -4.07 124.95
C GLY B 2022 -42.12 -3.60 124.11
N CYS B 2023 -42.21 -3.72 122.79
CA CYS B 2023 -41.09 -3.31 121.95
C CYS B 2023 -40.91 -1.79 121.97
N SER B 2024 -41.99 -1.03 122.11
CA SER B 2024 -41.87 0.42 122.23
C SER B 2024 -41.33 0.80 123.60
N ASN B 2025 -41.72 0.06 124.64
CA ASN B 2025 -41.24 0.36 125.99
C ASN B 2025 -39.78 -0.04 126.20
N ASN B 2026 -39.30 -1.04 125.45
CA ASN B 2026 -37.93 -1.53 125.56
C ASN B 2026 -37.20 -1.37 124.23
N PRO B 2027 -36.97 -0.13 123.80
CA PRO B 2027 -36.24 0.08 122.55
C PRO B 2027 -34.79 -0.37 122.69
N ASN B 2028 -34.19 -0.74 121.57
CA ASN B 2028 -32.80 -1.18 121.50
C ASN B 2028 -32.54 -2.43 122.33
N ALA B 2029 -33.59 -3.21 122.62
CA ALA B 2029 -33.42 -4.43 123.38
C ALA B 2029 -32.85 -5.55 122.51
N CYS B 2030 -33.55 -5.89 121.43
CA CYS B 2030 -33.11 -6.96 120.56
C CYS B 2030 -32.07 -6.44 119.57
N GLN B 2031 -31.21 -7.35 119.13
CA GLN B 2031 -30.15 -6.99 118.19
C GLN B 2031 -30.71 -6.68 116.81
N GLN B 2032 -31.58 -7.54 116.29
CA GLN B 2032 -32.08 -7.42 114.92
C GLN B 2032 -33.56 -7.09 114.82
N ILE B 2033 -34.46 -7.88 115.43
CA ILE B 2033 -35.89 -7.65 115.30
C ILE B 2033 -36.55 -7.80 116.66
N CYS B 2034 -37.55 -6.96 116.92
CA CYS B 2034 -38.38 -7.03 118.12
C CYS B 2034 -39.81 -7.23 117.67
N LEU B 2035 -40.49 -8.20 118.28
CA LEU B 2035 -41.86 -8.53 117.93
C LEU B 2035 -42.69 -8.60 119.21
N PRO B 2036 -43.83 -7.89 119.28
CA PRO B 2036 -44.62 -7.94 120.52
C PRO B 2036 -45.31 -9.28 120.69
N VAL B 2037 -45.66 -9.58 121.94
CA VAL B 2037 -46.45 -10.76 122.29
C VAL B 2037 -47.45 -10.36 123.37
N PRO B 2038 -48.50 -11.16 123.56
CA PRO B 2038 -49.54 -10.77 124.51
C PRO B 2038 -49.01 -10.57 125.92
N GLY B 2039 -49.75 -9.78 126.70
CA GLY B 2039 -49.38 -9.49 128.07
C GLY B 2039 -48.37 -8.38 128.23
N GLY B 2040 -48.16 -7.56 127.21
CA GLY B 2040 -47.20 -6.48 127.28
C GLY B 2040 -45.77 -6.90 127.10
N MET B 2041 -45.51 -8.20 126.91
CA MET B 2041 -44.17 -8.69 126.76
C MET B 2041 -43.71 -8.60 125.30
N PHE B 2042 -42.40 -8.74 125.12
CA PHE B 2042 -41.79 -8.68 123.80
C PHE B 2042 -40.91 -9.91 123.60
N SER B 2043 -40.65 -10.19 122.34
CA SER B 2043 -39.86 -11.34 121.91
C SER B 2043 -38.84 -10.83 120.91
N CYS B 2044 -37.69 -11.48 120.88
CA CYS B 2044 -36.60 -11.07 120.01
C CYS B 2044 -36.49 -12.06 118.86
N ALA B 2045 -36.23 -11.53 117.68
CA ALA B 2045 -36.27 -12.26 116.43
C ALA B 2045 -35.04 -11.92 115.61
N CYS B 2046 -34.62 -12.89 114.81
CA CYS B 2046 -33.38 -12.84 114.07
C CYS B 2046 -33.65 -13.15 112.62
N ALA B 2047 -32.97 -12.42 111.74
CA ALA B 2047 -33.20 -12.44 110.31
C ALA B 2047 -32.85 -13.80 109.71
N SER B 2048 -33.26 -13.97 108.45
CA SER B 2048 -33.04 -15.21 107.72
C SER B 2048 -31.57 -15.55 107.65
N GLY B 2049 -31.26 -16.82 107.92
CA GLY B 2049 -29.90 -17.31 107.95
C GLY B 2049 -29.26 -17.24 109.31
N PHE B 2050 -29.84 -16.50 110.24
CA PHE B 2050 -29.35 -16.36 111.60
C PHE B 2050 -30.34 -16.97 112.58
N LYS B 2051 -29.83 -17.29 113.76
CA LYS B 2051 -30.57 -17.90 114.86
C LYS B 2051 -30.33 -17.04 116.09
N LEU B 2052 -31.21 -17.20 117.08
CA LEU B 2052 -31.18 -16.40 118.30
C LEU B 2052 -30.46 -17.20 119.38
N SER B 2053 -29.71 -16.49 120.23
CA SER B 2053 -28.80 -17.09 121.19
C SER B 2053 -29.37 -17.08 122.59
N PRO B 2054 -28.92 -17.99 123.46
CA PRO B 2054 -29.57 -18.17 124.77
C PRO B 2054 -29.69 -16.92 125.62
N ASP B 2055 -28.94 -15.85 125.34
CA ASP B 2055 -29.19 -14.62 126.08
C ASP B 2055 -30.52 -14.00 125.73
N GLY B 2056 -31.15 -14.43 124.63
CA GLY B 2056 -32.44 -13.96 124.21
C GLY B 2056 -32.41 -12.66 123.43
N ARG B 2057 -31.24 -12.08 123.24
CA ARG B 2057 -31.08 -10.81 122.52
C ARG B 2057 -30.11 -10.89 121.35
N SER B 2058 -29.11 -11.77 121.42
CA SER B 2058 -28.07 -11.83 120.40
C SER B 2058 -28.41 -12.82 119.29
N CYS B 2059 -27.67 -12.68 118.20
CA CYS B 2059 -27.87 -13.43 116.97
C CYS B 2059 -26.56 -14.09 116.54
N SER B 2060 -26.67 -15.30 116.00
CA SER B 2060 -25.51 -16.06 115.57
C SER B 2060 -25.95 -16.98 114.43
N PRO B 2061 -25.09 -17.27 113.46
CA PRO B 2061 -25.52 -18.12 112.34
C PRO B 2061 -25.95 -19.51 112.78
N TYR B 2062 -26.90 -20.07 112.03
CA TYR B 2062 -27.30 -21.45 112.19
C TYR B 2062 -26.10 -22.37 111.96
N ASN B 2063 -26.09 -23.51 112.66
CA ASN B 2063 -25.08 -24.52 112.44
C ASN B 2063 -25.65 -25.94 112.45
N SER B 2064 -26.97 -26.10 112.41
CA SER B 2064 -27.59 -27.42 112.34
C SER B 2064 -28.91 -27.25 111.58
N PHE B 2065 -28.89 -27.52 110.29
CA PHE B 2065 -30.11 -27.41 109.50
C PHE B 2065 -29.99 -28.33 108.28
N ILE B 2066 -31.13 -28.58 107.63
CA ILE B 2066 -31.17 -29.41 106.43
C ILE B 2066 -31.41 -28.51 105.24
N VAL B 2067 -30.74 -28.83 104.13
CA VAL B 2067 -30.78 -28.03 102.91
C VAL B 2067 -31.40 -28.88 101.82
N VAL B 2068 -32.38 -28.32 101.14
CA VAL B 2068 -33.24 -29.02 100.20
C VAL B 2068 -33.10 -28.34 98.85
N SER B 2069 -33.09 -29.14 97.80
CA SER B 2069 -32.93 -28.65 96.45
C SER B 2069 -34.19 -28.89 95.65
N MET B 2070 -34.56 -27.88 94.87
CA MET B 2070 -35.64 -27.96 93.91
C MET B 2070 -35.15 -27.20 92.71
N LEU B 2071 -35.68 -27.55 91.53
CA LEU B 2071 -35.21 -26.93 90.29
C LEU B 2071 -35.13 -25.41 90.37
N PRO B 2072 -36.10 -24.69 90.93
CA PRO B 2072 -35.94 -23.23 91.01
C PRO B 2072 -35.08 -22.71 92.15
N ALA B 2073 -34.81 -23.48 93.21
CA ALA B 2073 -34.14 -22.89 94.36
C ALA B 2073 -33.47 -23.94 95.25
N VAL B 2074 -32.70 -23.43 96.20
CA VAL B 2074 -32.12 -24.18 97.30
C VAL B 2074 -32.56 -23.48 98.57
N ARG B 2075 -33.10 -24.24 99.52
CA ARG B 2075 -33.66 -23.69 100.74
C ARG B 2075 -33.19 -24.47 101.96
N GLY B 2076 -33.15 -23.79 103.10
CA GLY B 2076 -32.70 -24.38 104.34
C GLY B 2076 -33.77 -24.32 105.40
N PHE B 2077 -33.95 -25.43 106.12
CA PHE B 2077 -34.98 -25.58 107.13
C PHE B 2077 -34.36 -26.11 108.41
N SER B 2078 -34.92 -25.66 109.53
CA SER B 2078 -34.49 -26.12 110.84
C SER B 2078 -35.16 -27.44 111.17
N LEU B 2079 -34.44 -28.28 111.91
CA LEU B 2079 -34.99 -29.55 112.33
C LEU B 2079 -35.96 -29.42 113.50
N GLU B 2080 -36.02 -28.25 114.13
CA GLU B 2080 -37.05 -27.96 115.11
C GLU B 2080 -38.32 -27.66 114.34
N LEU B 2081 -39.31 -28.56 114.44
CA LEU B 2081 -40.49 -28.46 113.60
C LEU B 2081 -41.28 -27.18 113.84
N SER B 2082 -41.16 -26.57 115.02
CA SER B 2082 -41.86 -25.32 115.28
C SER B 2082 -41.14 -24.10 114.74
N ASP B 2083 -39.89 -24.26 114.26
CA ASP B 2083 -39.09 -23.13 113.77
C ASP B 2083 -39.38 -22.96 112.29
N HIS B 2084 -40.24 -22.00 111.96
CA HIS B 2084 -40.64 -21.74 110.59
C HIS B 2084 -39.66 -20.83 109.84
N SER B 2085 -38.53 -20.48 110.44
CA SER B 2085 -37.61 -19.55 109.82
C SER B 2085 -36.81 -20.22 108.70
N GLU B 2086 -36.21 -19.38 107.86
CA GLU B 2086 -35.29 -19.83 106.83
C GLU B 2086 -33.90 -19.96 107.45
N ALA B 2087 -33.36 -21.18 107.46
CA ALA B 2087 -32.05 -21.40 108.06
C ALA B 2087 -30.92 -20.85 107.22
N MET B 2088 -31.15 -20.52 105.95
CA MET B 2088 -30.16 -19.89 105.11
C MET B 2088 -30.85 -18.90 104.19
N VAL B 2089 -30.12 -17.88 103.77
CA VAL B 2089 -30.67 -17.00 102.74
C VAL B 2089 -30.92 -17.85 101.50
N PRO B 2090 -32.12 -17.89 100.92
CA PRO B 2090 -32.35 -18.77 99.78
C PRO B 2090 -31.45 -18.46 98.60
N VAL B 2091 -31.41 -19.41 97.68
CA VAL B 2091 -30.74 -19.27 96.39
C VAL B 2091 -31.83 -19.33 95.35
N ALA B 2092 -32.02 -18.24 94.62
CA ALA B 2092 -33.08 -18.18 93.62
C ALA B 2092 -32.77 -17.06 92.64
N GLY B 2093 -33.20 -17.24 91.41
CA GLY B 2093 -33.12 -16.21 90.40
C GLY B 2093 -32.81 -16.81 89.05
N GLN B 2094 -32.38 -15.93 88.15
CA GLN B 2094 -32.10 -16.31 86.77
C GLN B 2094 -30.95 -17.31 86.71
N GLY B 2095 -31.13 -18.33 85.87
CA GLY B 2095 -30.11 -19.34 85.65
C GLY B 2095 -30.13 -20.50 86.62
N ARG B 2096 -31.01 -20.50 87.63
CA ARG B 2096 -31.04 -21.56 88.62
C ARG B 2096 -31.95 -22.70 88.15
N ASN B 2097 -31.34 -23.85 87.88
CA ASN B 2097 -32.00 -25.10 87.51
C ASN B 2097 -31.37 -26.23 88.31
N VAL B 2098 -31.31 -26.01 89.62
CA VAL B 2098 -30.52 -26.86 90.52
C VAL B 2098 -30.98 -28.30 90.46
N LEU B 2099 -30.02 -29.22 90.55
CA LEU B 2099 -30.28 -30.65 90.58
C LEU B 2099 -29.68 -31.35 91.79
N HIS B 2100 -28.56 -30.89 92.32
CA HIS B 2100 -27.97 -31.49 93.50
C HIS B 2100 -27.22 -30.41 94.28
N ALA B 2101 -27.19 -30.59 95.61
CA ALA B 2101 -26.50 -29.72 96.54
C ALA B 2101 -25.76 -30.53 97.58
N ASP B 2102 -24.56 -30.05 97.95
CA ASP B 2102 -23.75 -30.64 99.02
C ASP B 2102 -23.20 -29.48 99.85
N VAL B 2103 -22.63 -29.79 101.02
CA VAL B 2103 -22.23 -28.77 101.97
C VAL B 2103 -20.84 -29.04 102.53
N ASP B 2104 -20.12 -27.94 102.81
CA ASP B 2104 -18.87 -27.93 103.55
C ASP B 2104 -19.19 -27.16 104.82
N VAL B 2105 -19.29 -27.88 105.95
CA VAL B 2105 -19.71 -27.26 107.20
C VAL B 2105 -18.59 -26.44 107.84
N ALA B 2106 -17.36 -26.94 107.81
CA ALA B 2106 -16.27 -26.25 108.48
C ALA B 2106 -16.00 -24.89 107.87
N ASN B 2107 -15.93 -24.82 106.55
CA ASN B 2107 -15.68 -23.56 105.88
C ASN B 2107 -16.95 -22.74 105.64
N GLY B 2108 -18.13 -23.32 105.88
CA GLY B 2108 -19.37 -22.57 105.78
C GLY B 2108 -19.81 -22.31 104.36
N PHE B 2109 -19.84 -23.35 103.53
CA PHE B 2109 -20.20 -23.19 102.12
C PHE B 2109 -21.21 -24.25 101.71
N ILE B 2110 -22.02 -23.90 100.73
CA ILE B 2110 -22.98 -24.79 100.09
C ILE B 2110 -22.63 -24.79 98.61
N TYR B 2111 -22.54 -25.98 98.03
CA TYR B 2111 -22.19 -26.19 96.64
C TYR B 2111 -23.41 -26.80 95.94
N TRP B 2112 -23.66 -26.37 94.71
CA TRP B 2112 -24.77 -26.92 93.96
C TRP B 2112 -24.42 -26.93 92.48
N CYS B 2113 -25.15 -27.76 91.73
CA CYS B 2113 -24.95 -27.87 90.30
C CYS B 2113 -26.18 -27.42 89.54
N ASP B 2114 -25.95 -26.79 88.39
CA ASP B 2114 -26.99 -26.24 87.54
C ASP B 2114 -26.86 -26.86 86.16
N PHE B 2115 -28.01 -27.08 85.53
CA PHE B 2115 -28.15 -27.77 84.25
C PHE B 2115 -29.03 -26.97 83.29
N SER B 2116 -28.65 -26.97 82.02
CA SER B 2116 -29.49 -26.43 80.96
C SER B 2116 -29.15 -27.11 79.64
N SER B 2117 -30.18 -27.59 78.95
CA SER B 2117 -30.02 -28.24 77.66
C SER B 2117 -29.90 -27.26 76.51
N SER B 2118 -30.16 -25.97 76.74
CA SER B 2118 -30.20 -24.97 75.68
C SER B 2118 -29.23 -23.82 75.86
N VAL B 2119 -28.57 -23.70 77.01
CA VAL B 2119 -27.68 -22.58 77.31
C VAL B 2119 -26.44 -23.14 78.00
N ARG B 2120 -25.31 -23.10 77.31
CA ARG B 2120 -24.07 -23.66 77.83
C ARG B 2120 -23.65 -23.01 79.15
N SER B 2121 -23.65 -21.68 79.18
CA SER B 2121 -23.16 -20.98 80.37
C SER B 2121 -23.99 -21.23 81.60
N SER B 2122 -25.24 -21.70 81.44
CA SER B 2122 -26.08 -21.99 82.59
C SER B 2122 -25.78 -23.34 83.24
N ASN B 2123 -24.75 -24.06 82.76
CA ASN B 2123 -24.35 -25.33 83.33
C ASN B 2123 -23.10 -25.12 84.18
N GLY B 2124 -23.08 -25.73 85.36
CA GLY B 2124 -21.87 -25.67 86.14
C GLY B 2124 -22.06 -26.08 87.59
N ILE B 2125 -21.01 -25.82 88.37
CA ILE B 2125 -21.00 -25.99 89.82
C ILE B 2125 -20.69 -24.62 90.42
N ARG B 2126 -21.45 -24.25 91.44
CA ARG B 2126 -21.35 -22.94 92.05
C ARG B 2126 -21.48 -23.09 93.56
N ARG B 2127 -20.79 -22.22 94.29
CA ARG B 2127 -20.85 -22.25 95.74
C ARG B 2127 -21.21 -20.87 96.29
N ILE B 2128 -21.95 -20.90 97.39
CA ILE B 2128 -22.39 -19.72 98.10
C ILE B 2128 -22.27 -20.01 99.59
N LYS B 2129 -22.45 -18.96 100.40
CA LYS B 2129 -22.47 -19.11 101.85
C LYS B 2129 -23.90 -18.99 102.36
N PRO B 2130 -24.24 -19.63 103.48
CA PRO B 2130 -25.63 -19.58 103.95
C PRO B 2130 -26.16 -18.17 104.18
N ASN B 2131 -25.28 -17.18 104.38
CA ASN B 2131 -25.69 -15.80 104.52
C ASN B 2131 -25.68 -15.04 103.20
N GLY B 2132 -25.46 -15.70 102.07
CA GLY B 2132 -25.55 -15.03 100.79
C GLY B 2132 -24.40 -14.11 100.47
N SER B 2133 -23.30 -14.19 101.21
CA SER B 2133 -22.26 -13.17 101.12
C SER B 2133 -21.38 -13.35 99.89
N ASN B 2134 -20.86 -14.55 99.65
CA ASN B 2134 -19.89 -14.76 98.58
C ASN B 2134 -20.32 -15.90 97.67
N PHE B 2135 -20.38 -15.60 96.37
CA PHE B 2135 -20.89 -16.46 95.33
C PHE B 2135 -19.81 -16.64 94.27
N THR B 2136 -19.49 -17.88 93.95
CA THR B 2136 -18.43 -18.12 92.96
C THR B 2136 -18.70 -19.40 92.18
N ASN B 2137 -18.11 -19.45 90.99
CA ASN B 2137 -18.26 -20.54 90.04
C ASN B 2137 -16.99 -21.37 90.06
N ILE B 2138 -17.14 -22.70 90.22
CA ILE B 2138 -16.02 -23.58 90.46
C ILE B 2138 -15.76 -24.50 89.26
N VAL B 2139 -16.79 -24.97 88.58
CA VAL B 2139 -16.64 -25.75 87.36
C VAL B 2139 -17.55 -25.13 86.31
N THR B 2140 -16.96 -24.67 85.20
CA THR B 2140 -17.72 -24.17 84.07
C THR B 2140 -17.25 -24.74 82.74
N TYR B 2141 -15.99 -25.14 82.66
CA TYR B 2141 -15.41 -25.64 81.42
C TYR B 2141 -15.56 -27.15 81.30
N GLY B 2142 -15.80 -27.61 80.08
CA GLY B 2142 -15.82 -29.03 79.78
C GLY B 2142 -16.95 -29.81 80.40
N ILE B 2143 -18.18 -29.35 80.25
CA ILE B 2143 -19.36 -30.03 80.76
C ILE B 2143 -20.11 -30.64 79.59
N GLY B 2144 -20.57 -31.88 79.77
CA GLY B 2144 -21.24 -32.60 78.72
C GLY B 2144 -22.64 -32.09 78.45
N ALA B 2145 -23.21 -32.63 77.37
CA ALA B 2145 -24.54 -32.19 76.95
C ALA B 2145 -25.60 -32.52 77.99
N ASN B 2146 -25.45 -33.63 78.70
CA ASN B 2146 -26.41 -34.00 79.74
C ASN B 2146 -26.07 -33.39 81.09
N GLY B 2147 -25.00 -32.61 81.17
CA GLY B 2147 -24.70 -31.84 82.36
C GLY B 2147 -24.06 -32.62 83.47
N ILE B 2148 -23.79 -31.89 84.55
CA ILE B 2148 -23.26 -32.47 85.77
C ILE B 2148 -24.44 -33.02 86.56
N ARG B 2149 -24.31 -34.27 87.01
CA ARG B 2149 -25.39 -34.96 87.71
C ARG B 2149 -24.92 -35.48 89.05
N GLY B 2150 -24.08 -34.72 89.74
CA GLY B 2150 -23.56 -35.18 91.01
C GLY B 2150 -22.54 -34.25 91.61
N VAL B 2151 -22.64 -34.03 92.92
CA VAL B 2151 -21.65 -33.25 93.67
C VAL B 2151 -21.46 -33.93 95.02
N ALA B 2152 -20.22 -34.31 95.30
CA ALA B 2152 -19.80 -34.81 96.60
C ALA B 2152 -18.62 -33.98 97.05
N VAL B 2153 -18.54 -33.71 98.35
CA VAL B 2153 -17.49 -32.87 98.90
C VAL B 2153 -16.77 -33.65 99.99
N ASP B 2154 -15.45 -33.63 99.92
CA ASP B 2154 -14.57 -34.27 100.89
C ASP B 2154 -13.94 -33.11 101.66
N TRP B 2155 -14.39 -32.96 102.91
CA TRP B 2155 -13.99 -31.89 103.79
C TRP B 2155 -12.63 -32.13 104.44
N VAL B 2156 -12.16 -33.37 104.42
CA VAL B 2156 -10.84 -33.67 104.97
C VAL B 2156 -9.75 -33.24 103.99
N ALA B 2157 -9.84 -33.74 102.76
CA ALA B 2157 -8.83 -33.45 101.75
C ALA B 2157 -9.05 -32.13 101.03
N GLY B 2158 -10.24 -31.53 101.14
CA GLY B 2158 -10.53 -30.33 100.38
C GLY B 2158 -10.79 -30.62 98.92
N ASN B 2159 -11.52 -31.69 98.64
CA ASN B 2159 -11.75 -32.17 97.28
C ASN B 2159 -13.23 -32.19 96.96
N LEU B 2160 -13.54 -32.06 95.68
CA LEU B 2160 -14.91 -32.14 95.19
C LEU B 2160 -14.95 -33.15 94.06
N TYR B 2161 -15.92 -34.07 94.13
CA TYR B 2161 -16.10 -35.12 93.14
C TYR B 2161 -17.41 -34.85 92.41
N PHE B 2162 -17.40 -35.05 91.09
CA PHE B 2162 -18.61 -34.85 90.32
C PHE B 2162 -18.63 -35.75 89.11
N THR B 2163 -19.85 -36.04 88.66
CA THR B 2163 -20.12 -36.90 87.52
C THR B 2163 -20.55 -36.03 86.35
N ASN B 2164 -19.85 -36.18 85.24
CA ASN B 2164 -20.03 -35.37 84.04
C ASN B 2164 -20.56 -36.29 82.95
N ALA B 2165 -21.78 -36.02 82.51
CA ALA B 2165 -22.52 -36.90 81.62
C ALA B 2165 -22.55 -36.34 80.21
N PHE B 2166 -22.00 -37.09 79.26
CA PHE B 2166 -22.09 -36.82 77.85
C PHE B 2166 -23.20 -37.68 77.26
N VAL B 2167 -23.38 -37.60 75.95
CA VAL B 2167 -24.48 -38.32 75.32
C VAL B 2167 -24.26 -39.82 75.38
N TYR B 2168 -23.04 -40.29 75.09
CA TYR B 2168 -22.74 -41.72 75.01
C TYR B 2168 -21.67 -42.17 75.98
N GLU B 2169 -21.33 -41.36 76.99
CA GLU B 2169 -20.36 -41.78 77.98
C GLU B 2169 -20.49 -40.88 79.20
N THR B 2170 -19.79 -41.26 80.27
CA THR B 2170 -19.82 -40.53 81.51
C THR B 2170 -18.43 -40.55 82.13
N LEU B 2171 -18.11 -39.48 82.85
CA LEU B 2171 -16.85 -39.31 83.54
C LEU B 2171 -17.10 -39.07 85.01
N ILE B 2172 -16.19 -39.56 85.84
CA ILE B 2172 -16.09 -39.21 87.24
C ILE B 2172 -14.81 -38.42 87.37
N GLU B 2173 -14.92 -37.21 87.92
CA GLU B 2173 -13.86 -36.23 87.98
C GLU B 2173 -13.73 -35.69 89.39
N VAL B 2174 -12.53 -35.21 89.69
CA VAL B 2174 -12.20 -34.61 90.98
C VAL B 2174 -11.51 -33.28 90.75
N ILE B 2175 -11.87 -32.29 91.55
CA ILE B 2175 -11.28 -30.95 91.51
C ILE B 2175 -10.89 -30.57 92.92
N ARG B 2176 -9.68 -30.03 93.09
CA ARG B 2176 -9.22 -29.60 94.40
C ARG B 2176 -9.70 -28.19 94.63
N ILE B 2177 -10.38 -27.96 95.77
CA ILE B 2177 -11.04 -26.70 96.01
C ILE B 2177 -10.02 -25.57 96.16
N ASN B 2178 -10.37 -24.40 95.64
CA ASN B 2178 -9.53 -23.21 95.65
C ASN B 2178 -8.26 -23.39 94.82
N THR B 2179 -8.29 -24.28 93.83
CA THR B 2179 -7.14 -24.49 92.96
C THR B 2179 -7.63 -24.82 91.56
N THR B 2180 -6.74 -24.63 90.59
CA THR B 2180 -6.99 -25.03 89.21
C THR B 2180 -6.43 -26.42 88.95
N TYR B 2181 -6.80 -27.38 89.82
CA TYR B 2181 -6.37 -28.76 89.70
C TYR B 2181 -7.62 -29.61 89.51
N ARG B 2182 -7.67 -30.33 88.39
CA ARG B 2182 -8.79 -31.13 87.97
C ARG B 2182 -8.26 -32.39 87.30
N ARG B 2183 -8.87 -33.52 87.62
CA ARG B 2183 -8.44 -34.81 87.11
C ARG B 2183 -9.65 -35.68 86.83
N VAL B 2184 -9.49 -36.61 85.89
CA VAL B 2184 -10.51 -37.57 85.55
C VAL B 2184 -10.09 -38.89 86.17
N LEU B 2185 -10.95 -39.44 87.02
CA LEU B 2185 -10.68 -40.69 87.70
C LEU B 2185 -11.38 -41.87 87.04
N LEU B 2186 -12.50 -41.65 86.37
CA LEU B 2186 -13.13 -42.76 85.67
C LEU B 2186 -13.81 -42.26 84.41
N LYS B 2187 -13.80 -43.12 83.39
CA LYS B 2187 -14.44 -42.86 82.10
C LYS B 2187 -15.10 -44.16 81.67
N VAL B 2188 -16.41 -44.15 81.46
CA VAL B 2188 -17.14 -45.38 81.17
C VAL B 2188 -18.32 -45.07 80.26
N SER B 2189 -18.61 -46.03 79.37
CA SER B 2189 -19.64 -45.89 78.35
C SER B 2189 -20.88 -46.73 78.62
N VAL B 2190 -20.71 -48.01 78.95
CA VAL B 2190 -21.88 -48.87 79.14
C VAL B 2190 -22.49 -48.71 80.53
N ASP B 2191 -21.70 -48.29 81.51
CA ASP B 2191 -22.21 -47.94 82.83
C ASP B 2191 -22.59 -46.46 82.81
N MET B 2192 -23.47 -46.08 83.73
CA MET B 2192 -23.98 -44.71 83.81
C MET B 2192 -23.95 -44.21 85.25
N PRO B 2193 -22.76 -43.93 85.79
CA PRO B 2193 -22.67 -43.34 87.12
C PRO B 2193 -23.38 -41.99 87.14
N ARG B 2194 -24.36 -41.84 88.03
CA ARG B 2194 -25.05 -40.56 88.19
C ARG B 2194 -24.90 -39.95 89.57
N HIS B 2195 -25.33 -40.59 90.65
CA HIS B 2195 -25.37 -39.94 91.96
C HIS B 2195 -24.24 -40.46 92.83
N ILE B 2196 -23.43 -39.55 93.36
CA ILE B 2196 -22.17 -39.88 94.01
C ILE B 2196 -22.11 -39.27 95.41
N VAL B 2197 -21.59 -40.06 96.35
CA VAL B 2197 -21.41 -39.66 97.74
C VAL B 2197 -20.07 -40.21 98.20
N VAL B 2198 -19.45 -39.52 99.16
CA VAL B 2198 -18.09 -39.83 99.59
C VAL B 2198 -18.03 -39.98 101.10
N ASP B 2199 -17.16 -40.88 101.56
CA ASP B 2199 -16.94 -41.17 102.97
C ASP B 2199 -15.43 -41.09 103.21
N PRO B 2200 -14.93 -40.01 103.81
CA PRO B 2200 -13.50 -39.95 104.14
C PRO B 2200 -13.13 -40.72 105.40
N LYS B 2201 -14.10 -41.05 106.24
CA LYS B 2201 -13.79 -41.77 107.47
C LYS B 2201 -13.39 -43.20 107.18
N HIS B 2202 -14.09 -43.86 106.26
CA HIS B 2202 -13.74 -45.21 105.83
C HIS B 2202 -13.11 -45.24 104.46
N ARG B 2203 -12.86 -44.08 103.85
CA ARG B 2203 -12.07 -43.97 102.62
C ARG B 2203 -12.74 -44.69 101.45
N TYR B 2204 -14.03 -44.40 101.26
CA TYR B 2204 -14.80 -45.02 100.19
C TYR B 2204 -15.58 -43.96 99.43
N LEU B 2205 -15.89 -44.28 98.17
CA LEU B 2205 -16.64 -43.42 97.28
C LEU B 2205 -17.73 -44.28 96.66
N PHE B 2206 -19.00 -43.90 96.87
CA PHE B 2206 -20.13 -44.68 96.43
C PHE B 2206 -20.88 -43.94 95.34
N TRP B 2207 -21.46 -44.70 94.41
CA TRP B 2207 -22.31 -44.06 93.41
C TRP B 2207 -23.44 -44.98 92.99
N ALA B 2208 -24.48 -44.35 92.45
CA ALA B 2208 -25.68 -45.00 91.98
C ALA B 2208 -25.85 -44.74 90.50
N ASP B 2209 -26.24 -45.80 89.80
CA ASP B 2209 -26.38 -45.86 88.34
C ASP B 2209 -27.76 -46.39 88.04
N TYR B 2210 -28.55 -45.60 87.31
CA TYR B 2210 -29.90 -45.99 86.89
C TYR B 2210 -30.01 -46.16 85.39
N GLY B 2211 -28.91 -46.48 84.74
CA GLY B 2211 -28.91 -46.81 83.33
C GLY B 2211 -29.27 -48.26 83.13
N GLN B 2212 -28.91 -48.79 81.97
CA GLN B 2212 -29.17 -50.18 81.69
C GLN B 2212 -28.16 -51.00 82.49
N LYS B 2213 -28.64 -52.05 83.14
CA LYS B 2213 -27.97 -52.79 84.19
C LYS B 2213 -27.74 -51.83 85.35
N PRO B 2214 -28.80 -51.35 85.99
CA PRO B 2214 -28.64 -50.42 87.12
C PRO B 2214 -27.97 -51.07 88.31
N LYS B 2215 -27.27 -50.26 89.09
CA LYS B 2215 -26.52 -50.80 90.21
C LYS B 2215 -26.10 -49.69 91.16
N ILE B 2216 -25.58 -50.12 92.32
CA ILE B 2216 -24.92 -49.26 93.28
C ILE B 2216 -23.51 -49.82 93.44
N GLU B 2217 -22.52 -48.94 93.42
CA GLU B 2217 -21.12 -49.33 93.42
C GLU B 2217 -20.34 -48.61 94.49
N ARG B 2218 -19.29 -49.29 94.95
CA ARG B 2218 -18.33 -48.78 95.91
C ARG B 2218 -16.96 -48.79 95.26
N SER B 2219 -16.15 -47.80 95.62
CA SER B 2219 -14.83 -47.64 95.06
C SER B 2219 -13.95 -46.92 96.07
N PHE B 2220 -12.71 -46.68 95.69
CA PHE B 2220 -11.76 -45.93 96.47
C PHE B 2220 -11.80 -44.47 96.05
N LEU B 2221 -11.09 -43.62 96.80
CA LEU B 2221 -11.11 -42.20 96.53
C LEU B 2221 -10.38 -41.82 95.25
N ASP B 2222 -9.76 -42.79 94.56
CA ASP B 2222 -9.21 -42.59 93.24
C ASP B 2222 -9.80 -43.57 92.22
N CYS B 2223 -10.89 -44.25 92.56
CA CYS B 2223 -11.62 -45.14 91.66
C CYS B 2223 -10.78 -46.33 91.19
N THR B 2224 -9.69 -46.65 91.87
CA THR B 2224 -8.83 -47.74 91.43
C THR B 2224 -9.38 -49.11 91.81
N ASN B 2225 -10.42 -49.18 92.62
CA ASN B 2225 -11.13 -50.41 92.92
C ASN B 2225 -12.61 -50.18 92.69
N ARG B 2226 -13.29 -51.21 92.21
CA ARG B 2226 -14.72 -51.13 91.93
C ARG B 2226 -15.41 -52.41 92.39
N THR B 2227 -16.48 -52.27 93.14
CA THR B 2227 -17.29 -53.39 93.60
C THR B 2227 -18.75 -52.98 93.51
N VAL B 2228 -19.62 -53.97 93.34
CA VAL B 2228 -21.05 -53.74 93.19
C VAL B 2228 -21.76 -54.28 94.42
N LEU B 2229 -22.51 -53.41 95.10
CA LEU B 2229 -23.20 -53.82 96.32
C LEU B 2229 -24.60 -54.33 96.02
N VAL B 2230 -25.34 -53.62 95.17
CA VAL B 2230 -26.69 -54.00 94.77
C VAL B 2230 -26.68 -54.19 93.25
N SER B 2231 -27.06 -55.39 92.81
CA SER B 2231 -27.17 -55.71 91.40
C SER B 2231 -28.53 -56.23 91.00
N GLU B 2232 -29.41 -56.52 91.96
CA GLU B 2232 -30.72 -57.09 91.71
C GLU B 2232 -31.74 -56.37 92.57
N GLY B 2233 -32.99 -56.34 92.11
CA GLY B 2233 -34.02 -55.62 92.82
C GLY B 2233 -33.80 -54.12 92.81
N ILE B 2234 -33.25 -53.60 91.72
CA ILE B 2234 -32.86 -52.20 91.61
C ILE B 2234 -33.08 -51.79 90.15
N VAL B 2235 -33.86 -50.74 89.93
CA VAL B 2235 -34.26 -50.34 88.58
C VAL B 2235 -33.89 -48.88 88.31
N THR B 2236 -34.25 -47.98 89.23
CA THR B 2236 -33.98 -46.56 89.07
C THR B 2236 -33.52 -45.97 90.41
N PRO B 2237 -32.32 -46.33 90.85
CA PRO B 2237 -31.80 -45.76 92.10
C PRO B 2237 -31.36 -44.32 91.92
N ARG B 2238 -32.12 -43.40 92.51
CA ARG B 2238 -31.87 -41.95 92.40
C ARG B 2238 -31.91 -41.37 93.81
N GLY B 2239 -30.79 -41.51 94.51
CA GLY B 2239 -30.67 -41.05 95.88
C GLY B 2239 -29.70 -41.94 96.62
N LEU B 2240 -28.71 -41.34 97.28
CA LEU B 2240 -27.71 -42.13 97.99
C LEU B 2240 -27.24 -41.35 99.21
N ALA B 2241 -27.33 -41.99 100.37
CA ALA B 2241 -26.96 -41.39 101.64
C ALA B 2241 -26.09 -42.39 102.39
N VAL B 2242 -25.26 -41.88 103.30
CA VAL B 2242 -24.34 -42.69 104.07
C VAL B 2242 -24.48 -42.34 105.55
N ASP B 2243 -24.35 -43.34 106.41
CA ASP B 2243 -24.43 -43.16 107.85
C ASP B 2243 -23.09 -43.56 108.44
N HIS B 2244 -22.48 -42.63 109.18
CA HIS B 2244 -21.18 -42.88 109.79
C HIS B 2244 -21.30 -43.73 111.05
N ASP B 2245 -22.44 -43.68 111.73
CA ASP B 2245 -22.60 -44.35 113.01
C ASP B 2245 -22.86 -45.85 112.89
N THR B 2246 -23.43 -46.29 111.76
CA THR B 2246 -23.80 -47.69 111.58
C THR B 2246 -23.11 -48.36 110.41
N GLY B 2247 -22.46 -47.61 109.52
CA GLY B 2247 -21.83 -48.22 108.37
C GLY B 2247 -22.80 -48.71 107.32
N TYR B 2248 -23.89 -47.97 107.11
CA TYR B 2248 -24.92 -48.32 106.16
C TYR B 2248 -25.06 -47.22 105.11
N ILE B 2249 -25.48 -47.63 103.91
CA ILE B 2249 -25.78 -46.71 102.83
C ILE B 2249 -27.23 -46.94 102.45
N TYR B 2250 -27.93 -45.83 102.19
CA TYR B 2250 -29.36 -45.80 101.99
C TYR B 2250 -29.65 -45.29 100.58
N TRP B 2251 -30.59 -45.94 99.90
CA TRP B 2251 -30.97 -45.53 98.57
C TRP B 2251 -32.48 -45.60 98.42
N VAL B 2252 -33.00 -44.76 97.52
CA VAL B 2252 -34.42 -44.68 97.22
C VAL B 2252 -34.61 -44.93 95.74
N ASP B 2253 -35.60 -45.74 95.40
CA ASP B 2253 -35.94 -46.06 94.02
C ASP B 2253 -37.41 -45.74 93.83
N ASP B 2254 -37.70 -44.85 92.87
CA ASP B 2254 -39.04 -44.42 92.57
C ASP B 2254 -39.75 -45.31 91.55
N SER B 2255 -39.02 -46.18 90.86
CA SER B 2255 -39.64 -47.12 89.93
C SER B 2255 -40.05 -48.41 90.62
N LEU B 2256 -39.59 -48.63 91.84
CA LEU B 2256 -40.05 -49.72 92.69
C LEU B 2256 -40.77 -49.21 93.93
N ASP B 2257 -40.79 -47.89 94.16
CA ASP B 2257 -41.46 -47.30 95.32
C ASP B 2257 -40.89 -47.88 96.60
N ILE B 2258 -39.59 -47.69 96.79
CA ILE B 2258 -38.88 -48.37 97.87
C ILE B 2258 -37.75 -47.51 98.42
N ILE B 2259 -37.53 -47.63 99.73
CA ILE B 2259 -36.40 -47.06 100.43
C ILE B 2259 -35.70 -48.25 101.08
N ALA B 2260 -34.39 -48.33 100.92
CA ALA B 2260 -33.65 -49.51 101.35
C ALA B 2260 -32.26 -49.13 101.81
N ARG B 2261 -31.66 -50.02 102.59
CA ARG B 2261 -30.31 -49.85 103.10
C ARG B 2261 -29.51 -51.13 102.90
N ILE B 2262 -28.22 -50.95 102.67
CA ILE B 2262 -27.27 -52.04 102.53
C ILE B 2262 -25.99 -51.63 103.24
N HIS B 2263 -25.24 -52.63 103.70
CA HIS B 2263 -24.03 -52.40 104.47
C HIS B 2263 -22.85 -52.37 103.50
N ARG B 2264 -21.93 -51.42 103.73
CA ARG B 2264 -20.89 -51.09 102.76
C ARG B 2264 -20.01 -52.29 102.41
N ASP B 2265 -19.88 -53.26 103.32
CA ASP B 2265 -19.14 -54.46 103.00
C ASP B 2265 -19.94 -55.44 102.16
N GLY B 2266 -21.18 -55.11 101.83
CA GLY B 2266 -22.03 -55.98 101.04
C GLY B 2266 -23.00 -56.76 101.91
N GLY B 2267 -23.39 -57.93 101.44
CA GLY B 2267 -24.31 -58.76 102.18
C GLY B 2267 -25.75 -58.54 101.74
N GLU B 2268 -26.66 -58.89 102.64
CA GLU B 2268 -28.08 -58.79 102.34
C GLU B 2268 -28.50 -57.32 102.26
N SER B 2269 -29.71 -57.13 101.78
CA SER B 2269 -30.31 -55.81 101.59
C SER B 2269 -31.57 -55.74 102.44
N GLN B 2270 -31.82 -54.58 103.03
CA GLN B 2270 -32.94 -54.40 103.93
C GLN B 2270 -33.82 -53.26 103.42
N VAL B 2271 -35.11 -53.38 103.71
CA VAL B 2271 -36.13 -52.47 103.21
C VAL B 2271 -36.71 -51.73 104.40
N VAL B 2272 -36.90 -50.41 104.22
CA VAL B 2272 -37.23 -49.51 105.31
C VAL B 2272 -38.62 -48.90 105.10
N ARG B 2273 -38.94 -48.50 103.88
CA ARG B 2273 -40.28 -48.04 103.55
C ARG B 2273 -40.63 -48.60 102.18
N TYR B 2274 -41.88 -49.04 102.06
CA TYR B 2274 -42.36 -49.65 100.82
C TYR B 2274 -43.87 -49.58 100.79
N GLY B 2275 -44.43 -49.43 99.61
CA GLY B 2275 -45.86 -49.53 99.42
C GLY B 2275 -46.30 -48.68 98.25
N SER B 2276 -47.62 -48.60 98.08
CA SER B 2276 -48.18 -47.73 97.07
C SER B 2276 -47.87 -46.28 97.39
N ARG B 2277 -47.85 -45.95 98.67
CA ARG B 2277 -47.32 -44.68 99.14
C ARG B 2277 -45.82 -44.64 98.84
N TYR B 2278 -45.18 -43.51 99.15
CA TYR B 2278 -43.78 -43.33 98.78
C TYR B 2278 -43.67 -43.49 97.26
N PRO B 2279 -44.49 -42.80 96.47
CA PRO B 2279 -44.47 -43.05 95.02
C PRO B 2279 -43.23 -42.57 94.31
N THR B 2280 -42.66 -41.42 94.68
CA THR B 2280 -41.53 -40.85 93.95
C THR B 2280 -40.51 -40.23 94.89
N PRO B 2281 -39.86 -41.04 95.73
CA PRO B 2281 -38.78 -40.52 96.55
C PRO B 2281 -37.59 -40.20 95.66
N TYR B 2282 -37.14 -38.95 95.70
CA TYR B 2282 -36.06 -38.48 94.85
C TYR B 2282 -34.75 -38.20 95.58
N GLY B 2283 -34.78 -38.02 96.89
CA GLY B 2283 -33.55 -37.78 97.63
C GLY B 2283 -33.72 -38.13 99.08
N ILE B 2284 -32.63 -38.56 99.70
CA ILE B 2284 -32.60 -39.09 101.05
C ILE B 2284 -31.31 -38.67 101.75
N THR B 2285 -31.42 -38.44 103.05
CA THR B 2285 -30.30 -38.17 103.94
C THR B 2285 -30.58 -38.83 105.27
N VAL B 2286 -29.51 -39.06 106.04
CA VAL B 2286 -29.59 -39.76 107.32
C VAL B 2286 -29.01 -38.87 108.41
N PHE B 2287 -29.77 -38.70 109.50
CA PHE B 2287 -29.32 -37.92 110.64
C PHE B 2287 -29.88 -38.56 111.90
N GLY B 2288 -28.98 -38.87 112.84
CA GLY B 2288 -29.39 -39.49 114.09
C GLY B 2288 -30.10 -40.79 113.84
N GLU B 2289 -31.24 -40.96 114.52
CA GLU B 2289 -32.10 -42.12 114.35
C GLU B 2289 -33.15 -41.91 113.28
N SER B 2290 -32.93 -40.97 112.36
CA SER B 2290 -33.94 -40.56 111.39
C SER B 2290 -33.37 -40.53 109.99
N ILE B 2291 -34.26 -40.78 109.03
CA ILE B 2291 -34.02 -40.55 107.62
C ILE B 2291 -34.97 -39.45 107.18
N ILE B 2292 -34.46 -38.54 106.36
CA ILE B 2292 -35.23 -37.43 105.83
C ILE B 2292 -35.18 -37.56 104.32
N TRP B 2293 -36.35 -37.54 103.68
CA TRP B 2293 -36.41 -37.72 102.24
C TRP B 2293 -37.46 -36.79 101.65
N VAL B 2294 -37.40 -36.65 100.33
CA VAL B 2294 -38.27 -35.74 99.60
C VAL B 2294 -39.06 -36.52 98.56
N ASP B 2295 -40.32 -36.14 98.36
CA ASP B 2295 -41.18 -36.77 97.38
C ASP B 2295 -41.71 -35.72 96.41
N ARG B 2296 -41.53 -36.00 95.13
CA ARG B 2296 -41.91 -35.11 94.03
C ARG B 2296 -43.42 -35.07 93.83
N ASN B 2297 -44.06 -36.24 93.80
CA ASN B 2297 -45.50 -36.27 93.54
C ASN B 2297 -46.25 -35.70 94.73
N LEU B 2298 -45.88 -36.12 95.93
CA LEU B 2298 -46.56 -35.64 97.12
C LEU B 2298 -46.10 -34.24 97.48
N ARG B 2299 -45.03 -33.74 96.85
CA ARG B 2299 -44.56 -32.37 97.07
C ARG B 2299 -44.28 -32.16 98.55
N LYS B 2300 -43.63 -33.14 99.16
CA LYS B 2300 -43.43 -33.13 100.60
C LYS B 2300 -42.04 -33.56 101.03
N VAL B 2301 -41.63 -33.03 102.18
CA VAL B 2301 -40.38 -33.38 102.84
C VAL B 2301 -40.78 -34.15 104.10
N PHE B 2302 -40.28 -35.38 104.21
CA PHE B 2302 -40.68 -36.34 105.21
C PHE B 2302 -39.50 -36.72 106.09
N GLN B 2303 -39.81 -37.05 107.34
CA GLN B 2303 -38.88 -37.61 108.30
C GLN B 2303 -39.49 -38.88 108.87
N ALA B 2304 -38.66 -39.91 109.02
CA ALA B 2304 -39.07 -41.16 109.63
C ALA B 2304 -37.88 -41.78 110.33
N SER B 2305 -38.10 -42.92 110.96
CA SER B 2305 -37.07 -43.60 111.72
C SER B 2305 -36.38 -44.62 110.81
N LYS B 2306 -35.07 -44.58 110.80
CA LYS B 2306 -34.22 -45.28 109.84
C LYS B 2306 -34.14 -46.75 110.05
N GLN B 2307 -34.91 -47.39 110.94
CA GLN B 2307 -34.72 -48.81 111.13
C GLN B 2307 -35.78 -49.60 110.36
N PRO B 2308 -35.43 -50.72 109.72
CA PRO B 2308 -36.45 -51.51 109.05
C PRO B 2308 -37.46 -52.08 110.03
N GLY B 2309 -38.69 -52.25 109.57
CA GLY B 2309 -39.75 -52.80 110.36
C GLY B 2309 -40.60 -51.80 111.10
N ASN B 2310 -40.18 -50.54 111.15
CA ASN B 2310 -40.99 -49.50 111.75
C ASN B 2310 -42.12 -49.14 110.79
N THR B 2311 -43.33 -49.00 111.35
CA THR B 2311 -44.51 -48.69 110.53
C THR B 2311 -45.26 -47.48 111.06
N ASP B 2312 -44.63 -46.65 111.86
CA ASP B 2312 -45.26 -45.42 112.31
C ASP B 2312 -45.48 -44.51 111.11
N PRO B 2313 -46.54 -43.72 111.09
CA PRO B 2313 -46.74 -42.80 109.97
C PRO B 2313 -45.61 -41.79 109.91
N PRO B 2314 -45.17 -41.40 108.71
CA PRO B 2314 -44.10 -40.40 108.63
C PRO B 2314 -44.49 -39.08 109.26
N THR B 2315 -43.51 -38.19 109.33
CA THR B 2315 -43.66 -36.85 109.86
C THR B 2315 -43.28 -35.90 108.73
N VAL B 2316 -43.89 -34.72 108.72
CA VAL B 2316 -43.73 -33.77 107.62
C VAL B 2316 -43.04 -32.53 108.16
N ILE B 2317 -42.15 -31.98 107.34
CA ILE B 2317 -41.35 -30.82 107.71
C ILE B 2317 -41.78 -29.59 106.93
N ARG B 2318 -42.00 -29.74 105.63
CA ARG B 2318 -42.58 -28.71 104.79
C ARG B 2318 -43.49 -29.39 103.79
N ASP B 2319 -44.50 -28.65 103.34
CA ASP B 2319 -45.51 -29.18 102.42
C ASP B 2319 -45.74 -28.20 101.29
N SER B 2320 -46.14 -28.75 100.14
CA SER B 2320 -46.47 -27.98 98.94
C SER B 2320 -45.24 -27.27 98.35
N ILE B 2321 -44.15 -28.02 98.22
CA ILE B 2321 -42.94 -27.55 97.54
C ILE B 2321 -42.88 -28.25 96.19
N ASN B 2322 -42.77 -27.45 95.13
CA ASN B 2322 -42.77 -27.98 93.77
C ASN B 2322 -41.38 -28.33 93.28
N LEU B 2323 -41.34 -29.23 92.31
CA LEU B 2323 -40.13 -29.56 91.56
C LEU B 2323 -38.98 -29.95 92.49
N LEU B 2324 -39.27 -30.86 93.42
CA LEU B 2324 -38.30 -31.22 94.43
C LEU B 2324 -37.13 -32.00 93.83
N ARG B 2325 -35.96 -31.79 94.43
CA ARG B 2325 -34.76 -32.56 94.20
C ARG B 2325 -34.21 -32.90 95.59
N ASP B 2326 -33.04 -33.51 95.66
CA ASP B 2326 -32.60 -34.17 96.87
C ASP B 2326 -32.30 -33.19 98.00
N VAL B 2327 -32.07 -33.79 99.16
CA VAL B 2327 -31.88 -33.11 100.43
C VAL B 2327 -30.60 -33.60 101.07
N THR B 2328 -29.88 -32.70 101.74
CA THR B 2328 -28.67 -33.02 102.48
C THR B 2328 -28.73 -32.24 103.79
N ILE B 2329 -27.75 -32.47 104.65
CA ILE B 2329 -27.76 -31.89 105.99
C ILE B 2329 -26.45 -31.17 106.27
N PHE B 2330 -26.55 -30.10 107.05
CA PHE B 2330 -25.47 -29.19 107.41
C PHE B 2330 -25.36 -29.23 108.93
N ASP B 2331 -24.30 -29.86 109.44
CA ASP B 2331 -24.09 -30.04 110.86
C ASP B 2331 -22.67 -30.56 111.08
N GLU B 2332 -22.04 -30.12 112.16
CA GLU B 2332 -20.68 -30.55 112.46
C GLU B 2332 -20.59 -32.05 112.72
N HIS B 2333 -21.67 -32.65 113.23
CA HIS B 2333 -21.64 -34.06 113.56
C HIS B 2333 -21.44 -34.93 112.32
N VAL B 2334 -22.08 -34.56 111.20
CA VAL B 2334 -21.96 -35.35 109.98
C VAL B 2334 -20.63 -35.13 109.26
N GLN B 2335 -19.82 -34.17 109.70
CA GLN B 2335 -18.52 -33.89 109.08
C GLN B 2335 -17.46 -33.73 110.16
N PRO B 2336 -17.06 -34.82 110.80
CA PRO B 2336 -16.01 -34.75 111.81
C PRO B 2336 -14.67 -34.37 111.20
N LEU B 2337 -13.84 -33.69 111.99
CA LEU B 2337 -12.51 -33.29 111.57
C LEU B 2337 -11.43 -33.69 112.58
N SER B 2338 -11.76 -34.46 113.60
CA SER B 2338 -10.77 -34.94 114.54
C SER B 2338 -10.06 -36.17 113.95
N PRO B 2339 -8.73 -36.30 114.14
CA PRO B 2339 -8.07 -37.51 113.63
C PRO B 2339 -8.61 -38.80 114.23
N ALA B 2340 -8.92 -38.79 115.53
CA ALA B 2340 -9.42 -40.00 116.17
C ALA B 2340 -10.78 -40.39 115.62
N GLU B 2341 -11.57 -39.41 115.16
CA GLU B 2341 -12.87 -39.68 114.57
C GLU B 2341 -12.76 -40.00 113.08
N LEU B 2342 -11.70 -39.58 112.42
CA LEU B 2342 -11.47 -39.87 111.01
C LEU B 2342 -10.50 -41.02 110.79
N ASN B 2343 -10.17 -41.76 111.85
CA ASN B 2343 -9.28 -42.92 111.76
C ASN B 2343 -7.90 -42.52 111.24
N ASN B 2344 -7.42 -41.35 111.64
CA ASN B 2344 -6.08 -40.88 111.32
C ASN B 2344 -5.87 -40.77 109.80
N ASN B 2345 -6.80 -40.12 109.13
CA ASN B 2345 -6.68 -39.93 107.69
C ASN B 2345 -5.41 -39.16 107.36
N PRO B 2346 -4.57 -39.63 106.43
CA PRO B 2346 -3.31 -38.92 106.16
C PRO B 2346 -3.47 -37.58 105.47
N CYS B 2347 -4.55 -37.36 104.73
CA CYS B 2347 -4.72 -36.10 104.00
C CYS B 2347 -5.25 -34.98 104.88
N LEU B 2348 -5.53 -35.26 106.16
CA LEU B 2348 -6.15 -34.27 107.03
C LEU B 2348 -5.25 -33.07 107.30
N GLN B 2349 -3.93 -33.23 107.24
CA GLN B 2349 -2.98 -32.18 107.57
C GLN B 2349 -2.09 -31.86 106.37
N SER B 2350 -2.14 -30.59 105.94
CA SER B 2350 -1.27 -30.07 104.87
C SER B 2350 -1.34 -30.92 103.61
N ASN B 2351 -2.53 -31.44 103.31
CA ASN B 2351 -2.77 -32.23 102.11
C ASN B 2351 -1.85 -33.44 102.01
N GLY B 2352 -1.35 -33.92 103.14
CA GLY B 2352 -0.44 -35.05 103.13
C GLY B 2352 0.90 -34.78 102.48
N GLY B 2353 1.19 -33.53 102.14
CA GLY B 2353 2.39 -33.17 101.42
C GLY B 2353 2.30 -33.37 99.93
N CYS B 2354 1.21 -33.94 99.42
CA CYS B 2354 1.05 -34.10 97.98
C CYS B 2354 0.90 -32.72 97.35
N SER B 2355 1.56 -32.52 96.21
CA SER B 2355 1.51 -31.23 95.54
C SER B 2355 0.12 -30.97 94.97
N HIS B 2356 -0.41 -31.89 94.17
CA HIS B 2356 -1.67 -31.68 93.47
C HIS B 2356 -2.89 -32.31 94.17
N PHE B 2357 -2.91 -33.64 94.31
CA PHE B 2357 -4.05 -34.34 94.89
C PHE B 2357 -3.59 -35.34 95.93
N CYS B 2358 -4.36 -35.47 97.01
CA CYS B 2358 -4.12 -36.43 98.07
C CYS B 2358 -5.30 -37.39 98.14
N PHE B 2359 -5.00 -38.69 98.12
CA PHE B 2359 -6.00 -39.74 98.25
C PHE B 2359 -5.60 -40.67 99.39
N ALA B 2360 -6.55 -40.96 100.25
CA ALA B 2360 -6.35 -41.89 101.36
C ALA B 2360 -7.00 -43.21 100.99
N LEU B 2361 -6.18 -44.26 100.82
CA LEU B 2361 -6.72 -45.56 100.46
C LEU B 2361 -6.99 -46.40 101.71
N PRO B 2362 -7.94 -47.34 101.68
CA PRO B 2362 -8.21 -48.14 102.87
C PRO B 2362 -7.01 -48.95 103.33
N GLU B 2363 -6.84 -49.03 104.65
CA GLU B 2363 -5.82 -49.84 105.30
C GLU B 2363 -4.41 -49.48 104.83
N LEU B 2364 -4.20 -48.23 104.43
CA LEU B 2364 -2.89 -47.73 104.04
C LEU B 2364 -2.50 -46.61 104.99
N PRO B 2365 -1.38 -46.69 105.72
CA PRO B 2365 -1.06 -45.63 106.68
C PRO B 2365 -0.47 -44.38 106.06
N THR B 2366 -0.09 -44.41 104.78
CA THR B 2366 0.50 -43.26 104.12
C THR B 2366 -0.40 -42.76 103.00
N PRO B 2367 -0.32 -41.47 102.66
CA PRO B 2367 -1.15 -40.95 101.57
C PRO B 2367 -0.67 -41.48 100.22
N LYS B 2368 -1.54 -41.31 99.23
CA LYS B 2368 -1.22 -41.54 97.84
C LYS B 2368 -1.42 -40.20 97.15
N CYS B 2369 -0.56 -39.89 96.18
CA CYS B 2369 -0.58 -38.59 95.53
C CYS B 2369 -0.92 -38.73 94.06
N GLY B 2370 -1.64 -37.75 93.55
CA GLY B 2370 -2.03 -37.74 92.15
C GLY B 2370 -1.76 -36.37 91.54
N CYS B 2371 -1.42 -36.39 90.26
CA CYS B 2371 -1.05 -35.19 89.53
C CYS B 2371 -2.17 -34.78 88.58
N ALA B 2372 -2.61 -33.53 88.69
CA ALA B 2372 -3.56 -32.99 87.73
C ALA B 2372 -2.95 -32.89 86.35
N PHE B 2373 -1.65 -32.63 86.29
CA PHE B 2373 -0.90 -32.60 85.06
C PHE B 2373 0.49 -33.14 85.35
N GLY B 2374 1.08 -33.78 84.36
CA GLY B 2374 2.39 -34.35 84.52
C GLY B 2374 2.34 -35.75 85.09
N THR B 2375 3.49 -36.17 85.63
CA THR B 2375 3.68 -37.48 86.21
C THR B 2375 4.37 -37.31 87.56
N LEU B 2376 4.29 -38.35 88.38
CA LEU B 2376 4.71 -38.32 89.76
C LEU B 2376 6.08 -38.96 89.86
N GLU B 2377 6.89 -38.46 90.79
CA GLU B 2377 8.32 -38.68 90.86
C GLU B 2377 8.68 -39.63 91.99
N ASP B 2378 9.98 -39.90 92.10
CA ASP B 2378 10.51 -40.86 93.07
C ASP B 2378 10.30 -40.41 94.51
N ASP B 2379 10.15 -39.11 94.76
CA ASP B 2379 9.88 -38.66 96.12
C ASP B 2379 8.45 -38.99 96.54
N GLY B 2380 7.57 -39.32 95.59
CA GLY B 2380 6.23 -39.74 95.89
C GLY B 2380 5.24 -38.64 96.17
N LYS B 2381 5.63 -37.38 96.05
CA LYS B 2381 4.75 -36.28 96.43
C LYS B 2381 4.74 -35.09 95.48
N ASN B 2382 5.73 -34.91 94.61
CA ASN B 2382 5.75 -33.82 93.65
C ASN B 2382 5.48 -34.36 92.26
N CYS B 2383 5.20 -33.44 91.34
CA CYS B 2383 4.80 -33.75 89.98
C CYS B 2383 5.73 -33.05 88.99
N ALA B 2384 6.02 -33.74 87.89
CA ALA B 2384 6.84 -33.24 86.81
C ALA B 2384 6.26 -33.73 85.50
N THR B 2385 6.67 -33.11 84.40
CA THR B 2385 6.08 -33.39 83.10
C THR B 2385 6.80 -34.57 82.46
N SER B 2386 6.03 -35.41 81.78
CA SER B 2386 6.47 -36.73 81.38
C SER B 2386 7.65 -36.68 80.43
N ARG B 2387 8.57 -37.64 80.61
CA ARG B 2387 9.70 -37.85 79.74
C ARG B 2387 9.49 -39.01 78.78
N GLU B 2388 8.31 -39.60 78.78
CA GLU B 2388 7.95 -40.67 77.85
C GLU B 2388 7.37 -40.06 76.58
N ASP B 2389 6.77 -40.90 75.74
CA ASP B 2389 6.27 -40.49 74.43
C ASP B 2389 4.78 -40.25 74.53
N PHE B 2390 4.30 -39.15 73.94
CA PHE B 2390 2.90 -38.78 74.07
C PHE B 2390 2.47 -37.93 72.88
N LEU B 2391 1.18 -37.59 72.87
CA LEU B 2391 0.54 -36.82 71.80
C LEU B 2391 0.36 -35.38 72.22
N ILE B 2392 0.42 -34.48 71.24
CA ILE B 2392 0.14 -33.06 71.44
C ILE B 2392 -0.80 -32.60 70.33
N TYR B 2393 -1.78 -31.79 70.70
CA TYR B 2393 -2.76 -31.31 69.73
C TYR B 2393 -3.23 -29.92 70.13
N SER B 2394 -3.66 -29.17 69.12
CA SER B 2394 -4.14 -27.81 69.31
C SER B 2394 -5.65 -27.78 69.47
N LEU B 2395 -6.11 -26.88 70.34
CA LEU B 2395 -7.53 -26.71 70.61
C LEU B 2395 -7.75 -25.20 70.80
N ASN B 2396 -8.30 -24.57 69.75
CA ASN B 2396 -8.53 -23.13 69.72
C ASN B 2396 -7.29 -22.36 70.18
N ASN B 2397 -7.37 -21.67 71.32
CA ASN B 2397 -6.28 -20.84 71.81
C ASN B 2397 -5.29 -21.58 72.69
N SER B 2398 -5.20 -22.90 72.59
CA SER B 2398 -4.32 -23.64 73.48
C SER B 2398 -3.70 -24.84 72.80
N LEU B 2399 -2.67 -25.36 73.46
CA LEU B 2399 -1.98 -26.59 73.08
C LEU B 2399 -2.11 -27.53 74.26
N ARG B 2400 -2.43 -28.78 73.99
CA ARG B 2400 -2.80 -29.75 74.99
C ARG B 2400 -2.12 -31.08 74.68
N SER B 2401 -1.99 -31.90 75.72
CA SER B 2401 -1.28 -33.16 75.64
C SER B 2401 -2.19 -34.32 76.02
N LEU B 2402 -1.83 -35.50 75.51
CA LEU B 2402 -2.64 -36.69 75.61
C LEU B 2402 -1.70 -37.90 75.63
N HIS B 2403 -2.19 -39.00 76.19
CA HIS B 2403 -1.41 -40.23 76.31
C HIS B 2403 -1.93 -41.30 75.36
N PHE B 2404 -1.00 -42.12 74.87
CA PHE B 2404 -1.38 -43.19 73.95
C PHE B 2404 -2.28 -44.22 74.60
N ASP B 2405 -2.11 -44.46 75.89
CA ASP B 2405 -2.92 -45.46 76.59
C ASP B 2405 -4.29 -44.86 76.91
N PRO B 2406 -5.39 -45.42 76.38
CA PRO B 2406 -6.71 -44.84 76.70
C PRO B 2406 -7.07 -44.90 78.17
N GLN B 2407 -6.51 -45.85 78.92
CA GLN B 2407 -6.83 -46.00 80.33
C GLN B 2407 -5.94 -45.16 81.24
N ASP B 2408 -5.11 -44.30 80.67
CA ASP B 2408 -4.25 -43.40 81.43
C ASP B 2408 -4.86 -42.00 81.34
N HIS B 2409 -5.23 -41.44 82.47
CA HIS B 2409 -5.88 -40.14 82.52
C HIS B 2409 -4.95 -39.03 82.99
N ASN B 2410 -3.67 -39.33 83.18
CA ASN B 2410 -2.69 -38.29 83.41
C ASN B 2410 -2.51 -37.47 82.13
N LEU B 2411 -2.19 -36.21 82.31
CA LEU B 2411 -1.86 -35.34 81.19
C LEU B 2411 -0.36 -35.16 81.14
N PRO B 2412 0.32 -35.39 80.01
CA PRO B 2412 1.78 -35.23 80.00
C PRO B 2412 2.26 -33.88 80.47
N PHE B 2413 1.59 -32.80 80.07
CA PHE B 2413 1.92 -31.49 80.61
C PHE B 2413 0.64 -30.66 80.70
N GLN B 2414 0.68 -29.65 81.56
CA GLN B 2414 -0.42 -28.72 81.70
C GLN B 2414 -0.67 -28.01 80.38
N ALA B 2415 -1.88 -27.52 80.20
CA ALA B 2415 -2.29 -26.96 78.92
C ALA B 2415 -1.75 -25.56 78.80
N ILE B 2416 -1.33 -25.20 77.60
CA ILE B 2416 -0.58 -23.98 77.31
C ILE B 2416 -1.48 -23.08 76.49
N SER B 2417 -1.45 -21.78 76.78
CA SER B 2417 -2.33 -20.80 76.18
C SER B 2417 -1.53 -19.88 75.29
N VAL B 2418 -2.05 -19.64 74.08
CA VAL B 2418 -1.34 -18.90 73.04
C VAL B 2418 -2.26 -17.86 72.42
N GLU B 2419 -1.63 -16.88 71.77
CA GLU B 2419 -2.36 -15.84 71.08
C GLU B 2419 -3.03 -16.38 69.81
N GLY B 2420 -4.29 -16.03 69.62
CA GLY B 2420 -5.00 -16.43 68.41
C GLY B 2420 -5.43 -17.88 68.45
N MET B 2421 -5.56 -18.47 67.26
CA MET B 2421 -6.00 -19.86 67.12
C MET B 2421 -4.89 -20.62 66.42
N ALA B 2422 -4.42 -21.69 67.05
CA ALA B 2422 -3.26 -22.43 66.56
C ALA B 2422 -3.67 -23.59 65.67
N ILE B 2423 -3.15 -23.61 64.44
CA ILE B 2423 -3.27 -24.78 63.56
C ILE B 2423 -1.89 -25.06 62.96
N ALA B 2424 -1.07 -25.80 63.70
CA ALA B 2424 0.13 -26.49 63.26
C ALA B 2424 0.83 -27.10 64.47
N LEU B 2425 1.50 -28.23 64.30
CA LEU B 2425 2.32 -28.78 65.36
C LEU B 2425 3.47 -29.59 64.78
N ASP B 2426 4.68 -29.29 65.25
CA ASP B 2426 5.86 -30.08 65.04
C ASP B 2426 6.74 -29.88 66.25
N TYR B 2427 7.58 -30.87 66.53
CA TYR B 2427 8.34 -30.90 67.78
C TYR B 2427 9.81 -31.11 67.46
N ASP B 2428 10.67 -30.42 68.23
CA ASP B 2428 12.11 -30.44 68.04
C ASP B 2428 12.70 -31.23 69.20
N ARG B 2429 13.41 -32.31 68.88
CA ARG B 2429 13.89 -33.25 69.87
C ARG B 2429 15.23 -32.84 70.46
N ARG B 2430 15.96 -31.93 69.81
CA ARG B 2430 17.23 -31.47 70.36
C ARG B 2430 17.01 -30.50 71.51
N ASN B 2431 16.17 -29.48 71.29
CA ASN B 2431 15.91 -28.44 72.28
C ASN B 2431 14.65 -28.67 73.11
N ASN B 2432 13.88 -29.72 72.82
CA ASN B 2432 12.67 -30.06 73.57
C ASN B 2432 11.69 -28.88 73.58
N ARG B 2433 11.32 -28.48 72.36
CA ARG B 2433 10.39 -27.39 72.14
C ARG B 2433 9.41 -27.80 71.04
N ILE B 2434 8.28 -27.11 71.04
CA ILE B 2434 7.21 -27.32 70.08
C ILE B 2434 7.12 -26.08 69.22
N PHE B 2435 6.91 -26.29 67.92
CA PHE B 2435 6.72 -25.24 66.93
C PHE B 2435 5.26 -25.26 66.49
N PHE B 2436 4.62 -24.09 66.48
CA PHE B 2436 3.22 -24.03 66.09
C PHE B 2436 2.94 -22.73 65.35
N THR B 2437 1.82 -22.73 64.64
CA THR B 2437 1.41 -21.66 63.74
C THR B 2437 0.08 -21.14 64.24
N GLN B 2438 -0.07 -19.81 64.21
CA GLN B 2438 -1.25 -19.15 64.75
C GLN B 2438 -1.91 -18.26 63.71
N LYS B 2439 -3.23 -18.27 63.74
CA LYS B 2439 -4.10 -17.37 63.00
C LYS B 2439 -4.53 -16.28 63.96
N LEU B 2440 -4.24 -15.03 63.61
CA LEU B 2440 -4.59 -13.89 64.44
C LEU B 2440 -5.83 -13.16 63.96
N ASN B 2441 -6.07 -13.18 62.65
CA ASN B 2441 -7.28 -12.68 62.01
C ASN B 2441 -7.38 -13.38 60.68
N PRO B 2442 -8.46 -13.20 59.91
CA PRO B 2442 -8.59 -13.93 58.63
C PRO B 2442 -7.50 -13.65 57.61
N ILE B 2443 -6.60 -12.69 57.80
CA ILE B 2443 -5.50 -12.36 56.88
C ILE B 2443 -4.13 -12.66 57.49
N ARG B 2444 -3.94 -12.47 58.80
CA ARG B 2444 -2.63 -12.48 59.43
C ARG B 2444 -2.33 -13.74 60.22
N GLY B 2445 -1.09 -14.23 60.05
CA GLY B 2445 -0.62 -15.39 60.77
C GLY B 2445 0.71 -15.12 61.46
N GLN B 2446 1.15 -16.11 62.23
CA GLN B 2446 2.35 -15.99 63.06
C GLN B 2446 2.92 -17.38 63.29
N ILE B 2447 4.20 -17.46 63.65
CA ILE B 2447 4.84 -18.71 64.04
C ILE B 2447 5.38 -18.50 65.44
N SER B 2448 5.45 -19.58 66.22
CA SER B 2448 5.90 -19.48 67.58
C SER B 2448 6.48 -20.81 68.03
N TYR B 2449 7.31 -20.73 69.07
CA TYR B 2449 7.87 -21.91 69.70
C TYR B 2449 7.76 -21.77 71.21
N VAL B 2450 7.61 -22.93 71.87
CA VAL B 2450 7.47 -23.00 73.32
C VAL B 2450 8.26 -24.20 73.81
N ASN B 2451 8.83 -24.07 75.00
CA ASN B 2451 9.77 -25.04 75.53
C ASN B 2451 9.08 -25.88 76.61
N LEU B 2452 9.37 -27.18 76.62
CA LEU B 2452 8.69 -28.09 77.54
C LEU B 2452 9.38 -28.26 78.88
N TYR B 2453 10.65 -28.67 78.88
CA TYR B 2453 11.35 -29.08 80.08
C TYR B 2453 12.24 -28.01 80.69
N SER B 2454 12.38 -26.84 80.07
CA SER B 2454 13.24 -25.78 80.60
C SER B 2454 12.48 -24.96 81.65
N GLY B 2455 11.95 -25.66 82.66
CA GLY B 2455 11.14 -24.98 83.64
C GLY B 2455 9.88 -24.46 82.98
N ALA B 2456 9.25 -23.48 83.64
CA ALA B 2456 8.09 -22.84 83.06
C ALA B 2456 8.53 -21.94 81.91
N SER B 2457 7.70 -21.87 80.87
CA SER B 2457 8.02 -21.08 79.71
C SER B 2457 6.73 -20.57 79.08
N SER B 2458 6.88 -19.62 78.18
CA SER B 2458 5.78 -19.00 77.46
C SER B 2458 6.13 -18.92 75.98
N PRO B 2459 5.13 -18.72 75.11
CA PRO B 2459 5.41 -18.63 73.68
C PRO B 2459 6.41 -17.54 73.32
N THR B 2460 7.24 -17.84 72.32
CA THR B 2460 8.20 -16.91 71.76
C THR B 2460 7.94 -16.93 70.28
N ILE B 2461 8.07 -15.78 69.62
CA ILE B 2461 7.47 -15.51 68.33
C ILE B 2461 8.51 -15.41 67.23
N LEU B 2462 8.17 -15.99 66.07
CA LEU B 2462 8.91 -15.90 64.83
C LEU B 2462 7.94 -15.52 63.72
N LEU B 2463 8.47 -14.80 62.74
CA LEU B 2463 7.70 -14.32 61.59
C LEU B 2463 6.39 -13.68 62.05
N SER B 2464 6.54 -12.55 62.74
CA SER B 2464 5.40 -11.85 63.32
C SER B 2464 4.37 -11.39 62.29
N ASN B 2465 4.64 -11.53 60.99
CA ASN B 2465 3.65 -11.16 59.97
C ASN B 2465 3.78 -12.11 58.79
N ILE B 2466 2.83 -13.04 58.66
CA ILE B 2466 2.71 -13.91 57.51
C ILE B 2466 1.23 -14.07 57.21
N GLY B 2467 0.96 -14.72 56.07
CA GLY B 2467 -0.42 -15.00 55.71
C GLY B 2467 -1.01 -16.05 56.61
N VAL B 2468 -2.31 -16.30 56.44
CA VAL B 2468 -2.97 -17.37 57.16
C VAL B 2468 -2.23 -18.64 56.77
N THR B 2469 -1.57 -19.25 57.76
CA THR B 2469 -0.66 -20.36 57.55
C THR B 2469 -1.17 -21.55 58.35
N ASP B 2470 -1.25 -22.71 57.71
CA ASP B 2470 -1.56 -23.93 58.46
C ASP B 2470 -0.84 -25.09 57.80
N GLY B 2471 0.38 -25.32 58.24
CA GLY B 2471 1.18 -26.46 57.88
C GLY B 2471 2.57 -26.21 58.40
N ILE B 2472 3.18 -27.15 59.11
CA ILE B 2472 4.54 -26.94 59.59
C ILE B 2472 5.28 -28.27 59.62
N ALA B 2473 6.55 -28.23 59.25
CA ALA B 2473 7.41 -29.40 59.26
C ALA B 2473 8.81 -28.92 59.59
N PHE B 2474 9.53 -29.74 60.35
CA PHE B 2474 10.85 -29.42 60.83
C PHE B 2474 11.85 -30.46 60.38
N ASP B 2475 13.08 -30.01 60.12
CA ASP B 2475 14.14 -30.84 59.57
C ASP B 2475 15.25 -30.92 60.61
N TRP B 2476 15.58 -32.14 61.01
CA TRP B 2476 16.54 -32.38 62.07
C TRP B 2476 17.95 -32.62 61.55
N ILE B 2477 18.12 -32.74 60.23
CA ILE B 2477 19.44 -32.90 59.64
C ILE B 2477 19.98 -31.54 59.21
N ASN B 2478 19.11 -30.64 58.74
CA ASN B 2478 19.48 -29.31 58.29
C ASN B 2478 19.06 -28.22 59.26
N ARG B 2479 18.21 -28.52 60.23
CA ARG B 2479 17.72 -27.53 61.19
C ARG B 2479 17.01 -26.38 60.47
N ARG B 2480 16.01 -26.74 59.66
CA ARG B 2480 15.18 -25.80 58.93
C ARG B 2480 13.71 -26.09 59.17
N ILE B 2481 12.89 -25.06 59.01
CA ILE B 2481 11.46 -25.11 59.22
C ILE B 2481 10.78 -24.87 57.89
N TYR B 2482 9.65 -25.53 57.61
CA TYR B 2482 8.90 -25.41 56.36
C TYR B 2482 7.44 -25.13 56.69
N TYR B 2483 6.77 -24.24 55.96
CA TYR B 2483 5.41 -23.83 56.27
C TYR B 2483 4.54 -23.52 55.05
N SER B 2484 3.22 -23.69 55.22
CA SER B 2484 2.17 -23.65 54.20
C SER B 2484 1.36 -22.37 54.30
N ASP B 2485 1.71 -21.34 53.52
CA ASP B 2485 1.03 -20.02 53.62
C ASP B 2485 -0.17 -20.02 52.65
N PHE B 2486 -1.40 -20.14 53.16
CA PHE B 2486 -2.63 -20.20 52.34
C PHE B 2486 -2.95 -18.88 51.67
N SER B 2487 -2.77 -17.78 52.42
CA SER B 2487 -3.28 -16.45 52.10
C SER B 2487 -2.48 -15.86 50.94
N ASN B 2488 -1.24 -16.35 50.80
CA ASN B 2488 -0.22 -15.94 49.82
C ASN B 2488 0.13 -17.10 48.88
N GLN B 2489 -0.65 -18.17 48.88
CA GLN B 2489 -0.55 -19.35 47.99
C GLN B 2489 0.90 -19.68 47.72
N THR B 2490 1.64 -20.14 48.74
CA THR B 2490 3.10 -20.45 48.67
C THR B 2490 3.58 -21.36 49.80
N ILE B 2491 4.50 -22.29 49.52
CA ILE B 2491 5.20 -23.12 50.48
C ILE B 2491 6.58 -22.55 50.67
N ASN B 2492 6.91 -22.24 51.92
CA ASN B 2492 8.04 -21.43 52.32
C ASN B 2492 8.94 -22.23 53.26
N SER B 2493 10.19 -21.84 53.33
CA SER B 2493 11.17 -22.41 54.25
C SER B 2493 11.84 -21.29 55.03
N MET B 2494 12.37 -21.63 56.18
CA MET B 2494 12.90 -20.71 57.16
C MET B 2494 13.99 -21.45 57.93
N ALA B 2495 14.81 -20.68 58.64
CA ALA B 2495 15.86 -21.26 59.46
C ALA B 2495 15.46 -21.19 60.92
N GLU B 2496 15.96 -22.15 61.69
CA GLU B 2496 15.63 -22.34 63.10
C GLU B 2496 15.60 -21.05 63.91
N ASP B 2497 16.53 -20.14 63.64
CA ASP B 2497 16.59 -18.87 64.35
C ASP B 2497 15.70 -17.80 63.73
N GLY B 2498 14.96 -18.09 62.68
CA GLY B 2498 14.18 -17.08 62.02
C GLY B 2498 15.00 -16.17 61.11
N SER B 2499 16.22 -16.57 60.78
CA SER B 2499 17.18 -15.72 60.10
C SER B 2499 16.95 -15.68 58.60
N ASN B 2500 16.95 -16.84 57.95
CA ASN B 2500 16.98 -16.97 56.51
C ASN B 2500 15.71 -17.62 56.00
N ARG B 2501 15.13 -17.03 54.96
CA ARG B 2501 13.83 -17.37 54.41
C ARG B 2501 13.94 -17.63 52.91
N ALA B 2502 13.16 -18.60 52.43
CA ALA B 2502 13.16 -19.02 51.04
C ALA B 2502 11.76 -19.45 50.66
N VAL B 2503 11.50 -19.53 49.37
CA VAL B 2503 10.22 -19.97 48.83
C VAL B 2503 10.48 -21.19 47.97
N ILE B 2504 9.77 -22.27 48.23
CA ILE B 2504 10.02 -23.54 47.57
C ILE B 2504 9.06 -23.78 46.41
N ALA B 2505 7.80 -23.37 46.55
CA ALA B 2505 6.84 -23.58 45.48
C ALA B 2505 5.64 -22.68 45.69
N ARG B 2506 4.89 -22.49 44.61
CA ARG B 2506 3.61 -21.82 44.62
C ARG B 2506 2.54 -22.89 44.42
N VAL B 2507 1.53 -22.88 45.29
CA VAL B 2507 0.52 -23.93 45.35
C VAL B 2507 -0.84 -23.27 45.49
N SER B 2508 -1.85 -23.87 44.84
CA SER B 2508 -3.18 -23.27 44.81
C SER B 2508 -3.76 -23.15 46.21
N LYS B 2509 -3.83 -24.28 46.93
CA LYS B 2509 -4.31 -24.31 48.31
C LYS B 2509 -3.49 -25.33 49.08
N PRO B 2510 -2.27 -24.98 49.50
CA PRO B 2510 -1.43 -25.95 50.21
C PRO B 2510 -1.85 -26.08 51.67
N ARG B 2511 -1.81 -27.31 52.18
CA ARG B 2511 -2.13 -27.55 53.59
C ARG B 2511 -1.02 -28.22 54.39
N ALA B 2512 -0.56 -29.40 53.98
CA ALA B 2512 0.27 -30.25 54.81
C ALA B 2512 1.63 -30.52 54.17
N ILE B 2513 2.62 -30.75 55.01
CA ILE B 2513 4.01 -30.96 54.59
C ILE B 2513 4.56 -32.16 55.34
N VAL B 2514 5.33 -32.97 54.63
CA VAL B 2514 6.04 -34.11 55.19
C VAL B 2514 7.46 -34.06 54.64
N LEU B 2515 8.44 -34.46 55.46
CA LEU B 2515 9.85 -34.38 55.09
C LEU B 2515 10.59 -35.67 55.39
N ASP B 2516 11.52 -35.99 54.52
CA ASP B 2516 12.53 -37.04 54.74
C ASP B 2516 13.86 -36.39 54.39
N PRO B 2517 14.70 -36.03 55.38
CA PRO B 2517 15.99 -35.41 55.04
C PRO B 2517 17.07 -36.38 54.58
N CYS B 2518 17.05 -37.61 55.09
CA CYS B 2518 18.07 -38.58 54.71
C CYS B 2518 17.85 -39.15 53.32
N ARG B 2519 16.75 -38.81 52.66
CA ARG B 2519 16.56 -39.10 51.24
C ARG B 2519 16.23 -37.84 50.44
N GLY B 2520 16.37 -36.66 51.04
CA GLY B 2520 16.31 -35.42 50.30
C GLY B 2520 14.99 -35.08 49.68
N TYR B 2521 13.88 -35.61 50.20
CA TYR B 2521 12.58 -35.43 49.57
C TYR B 2521 11.58 -34.78 50.52
N MET B 2522 10.68 -34.03 49.93
CA MET B 2522 9.62 -33.28 50.57
C MET B 2522 8.29 -33.68 49.94
N TYR B 2523 7.22 -33.70 50.72
CA TYR B 2523 5.89 -34.02 50.23
C TYR B 2523 4.89 -33.02 50.77
N TRP B 2524 3.96 -32.59 49.94
CA TRP B 2524 2.91 -31.68 50.35
C TRP B 2524 1.60 -31.96 49.67
N THR B 2525 0.53 -31.39 50.23
CA THR B 2525 -0.83 -31.61 49.75
C THR B 2525 -1.48 -30.29 49.38
N ASP B 2526 -2.28 -30.32 48.32
CA ASP B 2526 -2.97 -29.16 47.78
C ASP B 2526 -4.42 -29.54 47.54
N TRP B 2527 -5.35 -28.77 48.10
CA TRP B 2527 -6.79 -28.98 47.98
C TRP B 2527 -7.47 -27.97 47.04
N GLY B 2528 -6.71 -27.30 46.17
CA GLY B 2528 -7.27 -26.43 45.15
C GLY B 2528 -7.91 -27.29 44.08
N THR B 2529 -8.43 -26.62 43.05
CA THR B 2529 -9.03 -27.37 41.94
C THR B 2529 -7.96 -28.29 41.37
N ASN B 2530 -8.37 -29.50 41.02
CA ASN B 2530 -7.45 -30.58 40.70
C ASN B 2530 -6.55 -30.84 41.91
N ALA B 2531 -7.19 -31.25 43.00
CA ALA B 2531 -6.47 -31.52 44.24
C ALA B 2531 -5.43 -32.60 44.01
N LYS B 2532 -4.28 -32.45 44.66
CA LYS B 2532 -3.16 -33.33 44.42
C LYS B 2532 -2.25 -33.43 45.63
N ILE B 2533 -1.40 -34.44 45.59
CA ILE B 2533 -0.29 -34.63 46.52
C ILE B 2533 0.96 -34.60 45.66
N GLU B 2534 1.95 -33.81 46.07
CA GLU B 2534 3.13 -33.56 45.26
C GLU B 2534 4.39 -33.86 46.04
N ARG B 2535 5.42 -34.26 45.29
CA ARG B 2535 6.75 -34.53 45.81
C ARG B 2535 7.71 -33.54 45.20
N ALA B 2536 8.71 -33.17 45.99
CA ALA B 2536 9.74 -32.23 45.59
C ALA B 2536 11.02 -32.60 46.34
N THR B 2537 12.04 -31.80 46.13
CA THR B 2537 13.30 -31.91 46.84
C THR B 2537 13.37 -30.73 47.80
N LEU B 2538 14.13 -30.91 48.89
CA LEU B 2538 14.12 -29.92 49.96
C LEU B 2538 14.59 -28.55 49.49
N GLY B 2539 15.23 -28.46 48.33
CA GLY B 2539 15.50 -27.18 47.70
C GLY B 2539 14.47 -26.75 46.69
N GLY B 2540 13.61 -27.67 46.24
CA GLY B 2540 12.53 -27.36 45.34
C GLY B 2540 12.84 -27.52 43.87
N ASN B 2541 13.93 -28.21 43.52
CA ASN B 2541 14.42 -28.22 42.15
C ASN B 2541 13.73 -29.24 41.26
N PHE B 2542 12.98 -30.19 41.81
CA PHE B 2542 12.12 -31.07 41.05
C PHE B 2542 10.74 -31.07 41.68
N ARG B 2543 9.73 -31.32 40.85
CA ARG B 2543 8.35 -31.31 41.31
C ARG B 2543 7.55 -32.33 40.52
N VAL B 2544 6.84 -33.22 41.19
CA VAL B 2544 6.05 -34.24 40.48
C VAL B 2544 4.83 -34.63 41.29
N PRO B 2545 3.67 -34.87 40.67
CA PRO B 2545 2.52 -35.37 41.43
C PRO B 2545 2.67 -36.86 41.76
N ILE B 2546 2.49 -37.20 43.02
CA ILE B 2546 2.48 -38.61 43.42
C ILE B 2546 1.07 -39.17 43.34
N VAL B 2547 0.07 -38.37 43.70
CA VAL B 2547 -1.33 -38.76 43.62
C VAL B 2547 -2.11 -37.59 43.04
N ASN B 2548 -2.90 -37.86 41.99
CA ASN B 2548 -3.75 -36.84 41.39
C ASN B 2548 -5.14 -37.38 41.03
N THR B 2549 -5.55 -38.49 41.63
CA THR B 2549 -6.83 -39.12 41.32
C THR B 2549 -7.58 -39.42 42.61
N SER B 2550 -8.89 -39.15 42.58
CA SER B 2550 -9.78 -39.41 43.71
C SER B 2550 -9.35 -38.68 44.97
N LEU B 2551 -8.96 -37.42 44.80
CA LEU B 2551 -8.64 -36.51 45.89
C LEU B 2551 -9.48 -35.26 45.77
N VAL B 2552 -10.02 -34.79 46.89
CA VAL B 2552 -10.82 -33.58 46.91
C VAL B 2552 -10.30 -32.61 47.97
N TRP B 2553 -10.21 -33.07 49.23
CA TRP B 2553 -9.76 -32.26 50.36
C TRP B 2553 -8.71 -33.02 51.15
N PRO B 2554 -7.52 -33.21 50.58
CA PRO B 2554 -6.46 -33.91 51.33
C PRO B 2554 -5.85 -33.04 52.40
N ASN B 2555 -6.46 -33.03 53.59
CA ASN B 2555 -6.07 -32.14 54.66
C ASN B 2555 -4.86 -32.63 55.45
N GLY B 2556 -4.64 -33.94 55.53
CA GLY B 2556 -3.58 -34.48 56.36
C GLY B 2556 -2.70 -35.46 55.62
N LEU B 2557 -1.41 -35.44 55.98
CA LEU B 2557 -0.37 -36.24 55.35
C LEU B 2557 0.63 -36.65 56.42
N THR B 2558 1.06 -37.91 56.36
CA THR B 2558 2.03 -38.46 57.31
C THR B 2558 2.89 -39.50 56.62
N LEU B 2559 4.09 -39.69 57.14
CA LEU B 2559 5.01 -40.70 56.62
C LEU B 2559 5.53 -41.54 57.78
N ASP B 2560 5.60 -42.84 57.55
CA ASP B 2560 6.08 -43.81 58.53
C ASP B 2560 7.38 -44.37 58.00
N LEU B 2561 8.48 -44.07 58.71
CA LEU B 2561 9.82 -44.46 58.33
C LEU B 2561 10.20 -45.87 58.78
N GLU B 2562 9.35 -46.53 59.57
CA GLU B 2562 9.53 -47.93 59.90
C GLU B 2562 9.08 -48.83 58.77
N THR B 2563 8.22 -48.31 57.89
CA THR B 2563 7.62 -49.05 56.80
C THR B 2563 7.75 -48.32 55.47
N ASP B 2564 8.23 -47.08 55.46
CA ASP B 2564 8.36 -46.30 54.23
C ASP B 2564 7.00 -46.21 53.55
N LEU B 2565 6.00 -45.82 54.34
CA LEU B 2565 4.64 -45.67 53.84
C LEU B 2565 4.10 -44.28 54.08
N LEU B 2566 3.31 -43.79 53.15
CA LEU B 2566 2.75 -42.45 53.16
C LEU B 2566 1.24 -42.56 53.27
N TYR B 2567 0.67 -41.92 54.28
CA TYR B 2567 -0.75 -41.95 54.58
C TYR B 2567 -1.30 -40.55 54.40
N TRP B 2568 -2.53 -40.46 53.90
CA TRP B 2568 -3.19 -39.17 53.77
C TRP B 2568 -4.68 -39.34 54.05
N ALA B 2569 -5.29 -38.24 54.47
CA ALA B 2569 -6.68 -38.20 54.86
C ALA B 2569 -7.43 -37.16 54.05
N ASP B 2570 -8.64 -37.53 53.62
CA ASP B 2570 -9.49 -36.68 52.80
C ASP B 2570 -10.80 -36.48 53.53
N ALA B 2571 -11.19 -35.21 53.68
CA ALA B 2571 -12.36 -34.81 54.46
C ALA B 2571 -13.64 -34.75 53.65
N SER B 2572 -13.56 -34.64 52.31
CA SER B 2572 -14.75 -34.62 51.49
C SER B 2572 -15.16 -36.04 51.13
N LEU B 2573 -14.20 -36.85 50.69
CA LEU B 2573 -14.44 -38.26 50.50
C LEU B 2573 -14.50 -39.01 51.83
N GLN B 2574 -14.05 -38.38 52.91
CA GLN B 2574 -14.17 -38.91 54.26
C GLN B 2574 -13.48 -40.27 54.39
N LYS B 2575 -12.21 -40.32 53.98
CA LYS B 2575 -11.48 -41.58 54.07
C LYS B 2575 -9.98 -41.34 54.20
N ILE B 2576 -9.31 -42.36 54.73
CA ILE B 2576 -7.88 -42.34 54.98
C ILE B 2576 -7.26 -43.47 54.16
N GLU B 2577 -6.22 -43.13 53.41
CA GLU B 2577 -5.60 -44.04 52.47
C GLU B 2577 -4.10 -44.06 52.68
N ARG B 2578 -3.48 -45.19 52.31
CA ARG B 2578 -2.04 -45.38 52.42
C ARG B 2578 -1.49 -45.82 51.07
N SER B 2579 -0.25 -45.43 50.82
CA SER B 2579 0.47 -45.81 49.62
C SER B 2579 1.95 -45.86 49.96
N THR B 2580 2.75 -46.23 48.97
CA THR B 2580 4.20 -46.19 49.08
C THR B 2580 4.68 -44.89 48.45
N LEU B 2581 5.95 -44.58 48.68
CA LEU B 2581 6.46 -43.26 48.35
C LEU B 2581 6.36 -42.93 46.87
N THR B 2582 6.30 -43.93 46.00
CA THR B 2582 6.13 -43.71 44.56
C THR B 2582 4.69 -43.88 44.09
N GLY B 2583 3.76 -44.21 44.98
CA GLY B 2583 2.39 -44.46 44.55
C GLY B 2583 2.13 -45.85 44.07
N SER B 2584 3.08 -46.77 44.23
CA SER B 2584 3.02 -48.06 43.56
C SER B 2584 1.83 -48.90 44.03
N ASN B 2585 1.49 -48.80 45.32
CA ASN B 2585 0.33 -49.49 45.88
C ASN B 2585 -0.55 -48.46 46.57
N ARG B 2586 -1.85 -48.72 46.58
CA ARG B 2586 -2.82 -47.81 47.17
C ARG B 2586 -3.90 -48.61 47.86
N GLU B 2587 -4.19 -48.25 49.10
CA GLU B 2587 -5.17 -48.96 49.91
C GLU B 2587 -5.91 -47.97 50.78
N VAL B 2588 -7.08 -48.38 51.24
CA VAL B 2588 -7.91 -47.58 52.15
C VAL B 2588 -7.87 -48.25 53.50
N VAL B 2589 -7.46 -47.52 54.53
CA VAL B 2589 -7.33 -48.07 55.86
C VAL B 2589 -8.59 -47.85 56.67
N ILE B 2590 -9.12 -46.62 56.62
CA ILE B 2590 -10.35 -46.25 57.30
C ILE B 2590 -11.30 -45.73 56.23
N SER B 2591 -12.49 -46.33 56.16
CA SER B 2591 -13.45 -46.04 55.11
C SER B 2591 -14.40 -44.90 55.46
N THR B 2592 -14.37 -44.40 56.69
CA THR B 2592 -15.22 -43.29 57.10
C THR B 2592 -14.47 -42.52 58.18
N ALA B 2593 -14.28 -41.20 57.98
CA ALA B 2593 -13.46 -40.44 58.92
C ALA B 2593 -13.98 -39.04 59.19
N PHE B 2594 -15.27 -38.78 58.96
CA PHE B 2594 -16.02 -37.63 59.45
C PHE B 2594 -15.24 -36.31 59.37
N HIS B 2595 -14.67 -36.03 58.19
CA HIS B 2595 -14.00 -34.75 57.95
C HIS B 2595 -12.72 -34.59 58.75
N SER B 2596 -11.78 -35.53 58.59
CA SER B 2596 -10.52 -35.46 59.28
C SER B 2596 -9.68 -34.27 58.82
N PHE B 2597 -9.04 -33.60 59.77
CA PHE B 2597 -8.10 -32.52 59.49
C PHE B 2597 -6.64 -32.96 59.63
N GLY B 2598 -6.26 -33.42 60.82
CA GLY B 2598 -4.88 -33.73 61.12
C GLY B 2598 -4.68 -35.21 61.38
N LEU B 2599 -3.45 -35.66 61.12
CA LEU B 2599 -3.05 -37.06 61.08
C LEU B 2599 -1.64 -37.23 61.61
N THR B 2600 -1.43 -38.32 62.34
CA THR B 2600 -0.11 -38.70 62.83
C THR B 2600 -0.09 -40.22 62.99
N VAL B 2601 1.11 -40.78 63.07
CA VAL B 2601 1.29 -42.23 63.19
C VAL B 2601 2.30 -42.54 64.28
N TYR B 2602 2.01 -43.55 65.10
CA TYR B 2602 2.93 -44.01 66.12
C TYR B 2602 2.63 -45.48 66.38
N GLY B 2603 3.69 -46.27 66.47
CA GLY B 2603 3.54 -47.69 66.74
C GLY B 2603 2.69 -48.37 65.69
N GLN B 2604 1.81 -49.24 66.17
CA GLN B 2604 0.86 -49.95 65.34
C GLN B 2604 -0.38 -49.11 65.01
N TYR B 2605 -0.40 -47.84 65.38
CA TYR B 2605 -1.61 -47.03 65.36
C TYR B 2605 -1.44 -45.74 64.59
N ILE B 2606 -2.56 -45.29 64.04
CA ILE B 2606 -2.69 -44.03 63.31
C ILE B 2606 -3.76 -43.22 64.02
N TYR B 2607 -3.48 -41.95 64.25
CA TYR B 2607 -4.34 -41.06 65.00
C TYR B 2607 -4.75 -39.89 64.12
N TRP B 2608 -6.01 -39.47 64.25
CA TRP B 2608 -6.46 -38.32 63.47
C TRP B 2608 -7.55 -37.58 64.21
N THR B 2609 -7.69 -36.29 63.88
CA THR B 2609 -8.65 -35.40 64.52
C THR B 2609 -9.65 -34.88 63.50
N ASP B 2610 -10.90 -34.71 63.92
CA ASP B 2610 -11.92 -34.22 62.98
C ASP B 2610 -12.80 -33.14 63.59
N PHE B 2611 -13.33 -32.31 62.69
CA PHE B 2611 -14.21 -31.18 63.03
C PHE B 2611 -15.63 -31.61 63.37
N TYR B 2612 -16.17 -32.60 62.65
CA TYR B 2612 -17.59 -32.90 62.73
C TYR B 2612 -18.00 -33.42 64.11
N THR B 2613 -17.23 -34.36 64.65
CA THR B 2613 -17.52 -34.91 65.97
C THR B 2613 -16.70 -34.28 67.07
N LYS B 2614 -15.78 -33.37 66.73
CA LYS B 2614 -14.93 -32.70 67.71
C LYS B 2614 -14.20 -33.72 68.56
N LYS B 2615 -13.50 -34.62 67.89
CA LYS B 2615 -12.87 -35.74 68.56
C LYS B 2615 -11.56 -36.12 67.89
N ILE B 2616 -10.77 -36.86 68.67
CA ILE B 2616 -9.52 -37.46 68.24
C ILE B 2616 -9.76 -38.96 68.24
N TYR B 2617 -9.27 -39.64 67.21
CA TYR B 2617 -9.56 -41.03 66.96
C TYR B 2617 -8.26 -41.80 66.75
N ARG B 2618 -8.29 -43.07 67.15
CA ARG B 2618 -7.20 -43.99 66.99
C ARG B 2618 -7.69 -45.19 66.19
N ALA B 2619 -6.86 -45.64 65.25
CA ALA B 2619 -7.11 -46.82 64.44
C ALA B 2619 -5.82 -47.57 64.27
N ASN B 2620 -5.92 -48.79 63.74
CA ASN B 2620 -4.76 -49.63 63.48
C ASN B 2620 -4.36 -49.40 62.04
N LYS B 2621 -3.10 -49.03 61.82
CA LYS B 2621 -2.66 -48.49 60.54
C LYS B 2621 -2.67 -49.52 59.41
N TYR B 2622 -2.78 -50.82 59.71
CA TYR B 2622 -2.78 -51.80 58.65
C TYR B 2622 -4.18 -52.18 58.19
N ASP B 2623 -5.16 -52.19 59.10
CA ASP B 2623 -6.49 -52.70 58.81
C ASP B 2623 -7.64 -51.84 59.31
N GLY B 2624 -7.42 -50.86 60.20
CA GLY B 2624 -8.53 -50.23 60.87
C GLY B 2624 -9.16 -51.20 61.86
N SER B 2625 -8.37 -52.14 62.36
CA SER B 2625 -8.89 -53.27 63.12
C SER B 2625 -9.56 -52.81 64.42
N ASP B 2626 -8.92 -51.91 65.15
CA ASP B 2626 -9.44 -51.42 66.42
C ASP B 2626 -9.55 -49.92 66.34
N LEU B 2627 -10.78 -49.41 66.47
CA LEU B 2627 -11.09 -48.00 66.34
C LEU B 2627 -11.67 -47.50 67.65
N ILE B 2628 -11.07 -46.46 68.21
CA ILE B 2628 -11.56 -45.85 69.44
C ILE B 2628 -11.43 -44.34 69.35
N ALA B 2629 -12.11 -43.66 70.27
CA ALA B 2629 -12.03 -42.22 70.42
C ALA B 2629 -11.21 -41.93 71.66
N MET B 2630 -10.11 -41.19 71.50
CA MET B 2630 -9.22 -40.92 72.62
C MET B 2630 -9.73 -39.80 73.51
N THR B 2631 -10.69 -39.01 73.05
CA THR B 2631 -11.21 -37.89 73.81
C THR B 2631 -12.73 -37.89 73.77
N THR B 2632 -13.31 -37.22 74.76
CA THR B 2632 -14.72 -36.88 74.75
C THR B 2632 -14.95 -35.79 73.71
N ARG B 2633 -16.22 -35.43 73.52
CA ARG B 2633 -16.53 -34.34 72.60
C ARG B 2633 -15.91 -33.06 73.12
N LEU B 2634 -14.93 -32.52 72.40
CA LEU B 2634 -14.23 -31.36 72.88
C LEU B 2634 -15.07 -30.09 72.68
N PRO B 2635 -14.90 -29.07 73.53
CA PRO B 2635 -15.77 -27.89 73.43
C PRO B 2635 -15.65 -27.12 72.14
N THR B 2636 -14.54 -27.26 71.42
CA THR B 2636 -14.33 -26.53 70.17
C THR B 2636 -13.75 -27.47 69.14
N GLN B 2637 -13.82 -27.05 67.88
CA GLN B 2637 -13.30 -27.83 66.77
C GLN B 2637 -11.81 -28.09 66.99
N PRO B 2638 -11.36 -29.36 67.06
CA PRO B 2638 -9.93 -29.59 67.28
C PRO B 2638 -9.10 -29.16 66.09
N SER B 2639 -7.81 -29.42 66.16
CA SER B 2639 -6.86 -28.96 65.16
C SER B 2639 -5.76 -29.99 65.02
N GLY B 2640 -4.68 -29.61 64.36
CA GLY B 2640 -3.65 -30.55 63.99
C GLY B 2640 -2.95 -31.16 65.19
N ILE B 2641 -2.41 -32.35 64.95
CA ILE B 2641 -1.90 -33.25 65.98
C ILE B 2641 -0.49 -33.68 65.61
N SER B 2642 0.32 -33.92 66.63
CA SER B 2642 1.72 -34.30 66.47
C SER B 2642 2.11 -35.17 67.66
N THR B 2643 3.31 -35.71 67.59
CA THR B 2643 3.84 -36.62 68.60
C THR B 2643 5.14 -36.12 69.18
N VAL B 2644 5.36 -36.47 70.44
CA VAL B 2644 6.57 -36.16 71.19
C VAL B 2644 7.20 -37.49 71.56
N VAL B 2645 8.47 -37.64 71.23
CA VAL B 2645 9.19 -38.90 71.35
C VAL B 2645 10.57 -38.65 71.94
N LYS B 2646 11.00 -39.53 72.86
CA LYS B 2646 12.27 -39.40 73.53
C LYS B 2646 13.43 -40.01 72.75
N THR B 2647 13.17 -40.99 71.89
CA THR B 2647 14.23 -41.66 71.17
C THR B 2647 14.78 -40.78 70.05
N GLN B 2648 16.09 -40.84 69.84
CA GLN B 2648 16.73 -40.04 68.81
C GLN B 2648 16.30 -40.49 67.42
N GLN B 2649 16.13 -39.53 66.53
CA GLN B 2649 15.64 -39.78 65.19
C GLN B 2649 16.72 -40.45 64.33
N GLN B 2650 16.31 -40.90 63.15
CA GLN B 2650 17.24 -41.42 62.17
C GLN B 2650 18.21 -40.32 61.79
N GLN B 2651 19.50 -40.67 61.72
CA GLN B 2651 20.56 -39.70 61.50
C GLN B 2651 21.34 -40.04 60.24
N CYS B 2652 21.81 -39.00 59.57
CA CYS B 2652 22.60 -39.12 58.36
C CYS B 2652 23.45 -37.86 58.21
N SER B 2653 24.52 -37.98 57.44
CA SER B 2653 25.40 -36.84 57.21
C SER B 2653 24.73 -35.81 56.31
N ASN B 2654 25.03 -34.54 56.55
CA ASN B 2654 24.46 -33.43 55.81
C ASN B 2654 25.50 -32.86 54.86
N PRO B 2655 25.29 -32.83 53.54
CA PRO B 2655 26.29 -32.19 52.67
C PRO B 2655 26.44 -30.70 52.92
N CYS B 2656 25.42 -30.07 53.53
CA CYS B 2656 25.48 -28.63 53.79
C CYS B 2656 26.39 -28.26 54.95
N ASP B 2657 26.82 -29.21 55.78
CA ASP B 2657 27.57 -28.88 56.97
C ASP B 2657 29.06 -28.63 56.73
N GLN B 2658 29.56 -28.86 55.51
CA GLN B 2658 30.93 -28.55 55.15
C GLN B 2658 30.94 -27.32 54.24
N PHE B 2659 31.39 -26.19 54.79
CA PHE B 2659 31.54 -24.96 54.03
C PHE B 2659 30.24 -24.58 53.34
N ASN B 2660 29.12 -24.77 54.05
CA ASN B 2660 27.79 -24.47 53.55
C ASN B 2660 27.47 -25.20 52.25
N GLY B 2661 28.13 -26.34 52.02
CA GLY B 2661 27.90 -27.10 50.80
C GLY B 2661 28.23 -26.35 49.53
N GLY B 2662 29.03 -25.31 49.62
CA GLY B 2662 29.34 -24.47 48.48
C GLY B 2662 28.29 -23.44 48.16
N CYS B 2663 27.13 -23.50 48.81
CA CYS B 2663 26.04 -22.58 48.49
C CYS B 2663 26.40 -21.17 48.94
N SER B 2664 25.92 -20.19 48.19
CA SER B 2664 26.18 -18.80 48.53
C SER B 2664 25.32 -18.32 49.70
N HIS B 2665 24.02 -18.59 49.68
CA HIS B 2665 23.12 -18.15 50.75
C HIS B 2665 22.47 -19.27 51.54
N ILE B 2666 21.65 -20.12 50.92
CA ILE B 2666 20.88 -21.14 51.64
C ILE B 2666 21.14 -22.51 51.02
N CYS B 2667 21.28 -23.52 51.87
CA CYS B 2667 21.61 -24.89 51.47
C CYS B 2667 20.58 -25.87 52.01
N ALA B 2668 20.27 -26.89 51.20
CA ALA B 2668 19.34 -27.95 51.58
C ALA B 2668 19.92 -29.29 51.14
N PRO B 2669 19.71 -30.37 51.89
CA PRO B 2669 20.31 -31.67 51.48
C PRO B 2669 19.44 -32.49 50.53
N GLY B 2670 19.45 -32.11 49.25
CA GLY B 2670 18.64 -32.79 48.27
C GLY B 2670 19.20 -34.15 47.89
N PRO B 2671 18.48 -34.82 47.00
CA PRO B 2671 18.97 -36.12 46.52
C PRO B 2671 20.17 -35.88 45.63
N ASN B 2672 21.14 -36.76 45.77
CA ASN B 2672 22.43 -36.74 45.09
C ASN B 2672 23.36 -35.69 45.68
N GLY B 2673 22.92 -34.85 46.62
CA GLY B 2673 23.83 -33.86 47.17
C GLY B 2673 23.10 -32.63 47.64
N ALA B 2674 23.86 -31.55 47.79
CA ALA B 2674 23.30 -30.29 48.23
C ALA B 2674 22.53 -29.60 47.11
N GLU B 2675 21.63 -28.73 47.53
CA GLU B 2675 20.89 -27.81 46.67
C GLU B 2675 21.07 -26.44 47.28
N CYS B 2676 21.02 -25.41 46.44
CA CYS B 2676 21.17 -24.03 46.90
C CYS B 2676 19.96 -23.20 46.53
N GLN B 2677 19.56 -22.34 47.45
CA GLN B 2677 18.49 -21.37 47.25
C GLN B 2677 18.98 -19.99 47.65
N CYS B 2678 18.46 -18.98 46.94
CA CYS B 2678 18.73 -17.58 47.18
C CYS B 2678 17.64 -16.96 48.03
N PRO B 2679 17.89 -15.82 48.67
CA PRO B 2679 16.86 -15.21 49.52
C PRO B 2679 15.61 -14.81 48.75
N HIS B 2680 14.49 -14.83 49.47
CA HIS B 2680 13.19 -14.42 48.95
C HIS B 2680 13.05 -12.91 48.77
N GLU B 2681 14.03 -12.13 49.20
CA GLU B 2681 13.92 -10.68 49.29
C GLU B 2681 13.91 -9.96 47.94
N GLY B 2682 14.29 -10.61 46.85
CA GLY B 2682 14.38 -9.93 45.57
C GLY B 2682 14.35 -10.85 44.38
N SER B 2683 14.92 -10.37 43.27
CA SER B 2683 14.96 -11.07 42.00
C SER B 2683 16.36 -11.62 41.82
N TRP B 2684 16.47 -12.93 41.67
CA TRP B 2684 17.74 -13.62 41.74
C TRP B 2684 17.89 -14.59 40.58
N TYR B 2685 19.12 -15.08 40.45
CA TYR B 2685 19.60 -15.90 39.37
C TYR B 2685 20.69 -16.79 39.93
N LEU B 2686 20.85 -17.98 39.35
CA LEU B 2686 21.76 -18.99 39.86
C LEU B 2686 22.90 -19.20 38.86
N ALA B 2687 24.11 -19.37 39.38
CA ALA B 2687 25.31 -19.41 38.55
C ALA B 2687 26.34 -20.32 39.21
N ASN B 2688 27.39 -20.63 38.43
CA ASN B 2688 28.52 -21.41 38.91
C ASN B 2688 28.06 -22.76 39.45
N ASP B 2689 27.52 -23.57 38.53
CA ASP B 2689 26.91 -24.86 38.87
C ASP B 2689 25.72 -24.67 39.81
N ASN B 2690 25.09 -23.49 39.73
CA ASN B 2690 23.95 -23.11 40.55
C ASN B 2690 24.31 -23.07 42.04
N LYS B 2691 25.60 -23.07 42.37
CA LYS B 2691 26.05 -22.96 43.74
C LYS B 2691 26.18 -21.52 44.20
N TYR B 2692 26.09 -20.56 43.27
CA TYR B 2692 26.19 -19.15 43.59
C TYR B 2692 24.90 -18.43 43.20
N CYS B 2693 24.63 -17.35 43.93
CA CYS B 2693 23.43 -16.55 43.77
C CYS B 2693 23.83 -15.14 43.32
N VAL B 2694 23.09 -14.63 42.35
CA VAL B 2694 23.34 -13.34 41.71
C VAL B 2694 21.99 -12.63 41.62
N VAL B 2695 22.04 -11.31 41.51
CA VAL B 2695 20.85 -10.48 41.51
C VAL B 2695 20.55 -10.13 40.07
N ASP B 2696 19.31 -10.40 39.65
CA ASP B 2696 18.95 -10.51 38.25
C ASP B 2696 18.78 -9.14 37.59
N THR B 2697 19.60 -8.88 36.57
CA THR B 2697 19.45 -7.76 35.65
C THR B 2697 19.79 -8.17 34.23
N GLY B 2698 19.80 -9.47 33.92
CA GLY B 2698 20.31 -9.92 32.65
C GLY B 2698 21.83 -9.95 32.69
N ALA B 2699 22.46 -9.67 31.55
CA ALA B 2699 23.91 -9.61 31.44
C ALA B 2699 24.58 -10.92 31.83
N ARG B 2700 23.92 -12.04 31.57
CA ARG B 2700 24.48 -13.34 31.93
C ARG B 2700 25.60 -13.67 30.97
N CYS B 2701 26.64 -14.33 31.49
CA CYS B 2701 27.96 -14.40 30.90
C CYS B 2701 28.18 -15.65 30.05
N ASN B 2702 29.35 -15.68 29.43
CA ASN B 2702 29.76 -16.70 28.47
C ASN B 2702 30.29 -17.96 29.15
N GLN B 2703 30.48 -18.98 28.33
CA GLN B 2703 31.01 -20.26 28.78
C GLN B 2703 32.46 -20.12 29.25
N PHE B 2704 32.85 -21.02 30.15
CA PHE B 2704 34.20 -21.14 30.68
C PHE B 2704 34.63 -19.96 31.55
N GLN B 2705 33.69 -19.10 31.94
CA GLN B 2705 33.97 -17.99 32.83
C GLN B 2705 33.60 -18.36 34.26
N PHE B 2706 33.96 -17.47 35.18
CA PHE B 2706 33.61 -17.57 36.59
C PHE B 2706 33.03 -16.22 36.98
N THR B 2707 32.10 -16.22 37.93
CA THR B 2707 31.37 -15.01 38.28
C THR B 2707 31.44 -14.71 39.77
N CYS B 2708 31.31 -13.42 40.07
CA CYS B 2708 31.37 -12.85 41.39
C CYS B 2708 30.03 -12.20 41.69
N LEU B 2709 29.66 -12.29 42.97
CA LEU B 2709 28.34 -11.95 43.48
C LEU B 2709 27.97 -10.50 43.23
N ASN B 2710 28.94 -9.63 42.96
CA ASN B 2710 28.60 -8.27 42.55
C ASN B 2710 28.06 -8.24 41.13
N GLY B 2711 28.00 -9.38 40.44
CA GLY B 2711 27.43 -9.46 39.11
C GLY B 2711 28.50 -9.24 38.07
N ARG B 2712 29.69 -9.81 38.29
CA ARG B 2712 30.82 -9.57 37.39
C ARG B 2712 31.47 -10.89 37.01
N CYS B 2713 32.06 -10.93 35.81
CA CYS B 2713 32.59 -12.18 35.27
C CYS B 2713 34.04 -12.02 34.84
N ILE B 2714 34.79 -13.12 35.00
CA ILE B 2714 36.23 -13.17 34.81
C ILE B 2714 36.63 -14.52 34.21
N SER B 2715 37.85 -14.57 33.68
CA SER B 2715 38.41 -15.83 33.22
C SER B 2715 38.56 -16.76 34.42
N GLN B 2716 38.21 -18.03 34.20
CA GLN B 2716 38.12 -18.99 35.30
C GLN B 2716 39.46 -19.23 35.98
N ASP B 2717 40.57 -19.06 35.27
CA ASP B 2717 41.88 -19.35 35.86
C ASP B 2717 42.13 -18.50 37.10
N TRP B 2718 41.58 -17.29 37.15
CA TRP B 2718 41.79 -16.40 38.29
C TRP B 2718 41.13 -16.92 39.56
N LYS B 2719 40.26 -17.91 39.44
CA LYS B 2719 39.59 -18.51 40.59
C LYS B 2719 40.58 -19.12 41.57
N CYS B 2720 40.42 -18.76 42.85
CA CYS B 2720 41.25 -19.28 43.94
C CYS B 2720 42.75 -19.13 43.66
N ASP B 2721 43.12 -18.02 43.02
CA ASP B 2721 44.51 -17.73 42.71
C ASP B 2721 45.20 -16.91 43.80
N ASN B 2722 44.55 -16.72 44.94
CA ASN B 2722 45.07 -15.93 46.05
C ASN B 2722 45.22 -14.45 45.71
N ASP B 2723 44.54 -13.99 44.66
CA ASP B 2723 44.44 -12.57 44.32
C ASP B 2723 42.98 -12.18 44.25
N ASN B 2724 42.67 -10.97 44.69
CA ASN B 2724 41.29 -10.50 44.77
C ASN B 2724 40.88 -9.95 43.41
N ASP B 2725 40.15 -10.76 42.65
CA ASP B 2725 39.74 -10.44 41.29
C ASP B 2725 38.54 -9.51 41.20
N CYS B 2726 37.82 -9.29 42.30
CA CYS B 2726 36.50 -8.70 42.28
C CYS B 2726 36.36 -7.69 43.43
N GLY B 2727 35.29 -6.89 43.35
CA GLY B 2727 35.02 -5.90 44.37
C GLY B 2727 34.89 -6.50 45.76
N ASP B 2728 34.52 -7.77 45.83
CA ASP B 2728 34.58 -8.56 47.05
C ASP B 2728 35.22 -9.90 46.69
N GLY B 2729 35.77 -10.56 47.71
CA GLY B 2729 36.60 -11.73 47.48
C GLY B 2729 35.88 -13.02 47.16
N SER B 2730 34.76 -12.94 46.43
CA SER B 2730 34.01 -14.15 46.08
C SER B 2730 34.87 -15.18 45.37
N ASP B 2731 35.82 -14.72 44.55
CA ASP B 2731 36.71 -15.63 43.84
C ASP B 2731 37.61 -16.43 44.76
N GLU B 2732 37.88 -15.93 45.96
CA GLU B 2732 38.84 -16.52 46.89
C GLU B 2732 38.19 -17.09 48.15
N LEU B 2733 36.87 -17.18 48.20
CA LEU B 2733 36.24 -17.66 49.42
C LEU B 2733 36.52 -19.14 49.64
N PRO B 2734 36.57 -19.58 50.91
CA PRO B 2734 36.72 -21.00 51.18
C PRO B 2734 35.59 -21.83 50.63
N THR B 2735 34.40 -21.23 50.48
CA THR B 2735 33.27 -21.98 49.93
C THR B 2735 33.56 -22.46 48.52
N VAL B 2736 34.44 -21.76 47.82
CA VAL B 2736 34.92 -22.19 46.51
C VAL B 2736 36.16 -23.06 46.65
N CYS B 2737 37.18 -22.55 47.34
CA CYS B 2737 38.48 -23.18 47.32
C CYS B 2737 38.55 -24.46 48.14
N ALA B 2738 37.51 -24.81 48.90
CA ALA B 2738 37.47 -26.09 49.58
C ALA B 2738 37.17 -27.24 48.64
N PHE B 2739 36.56 -26.93 47.49
CA PHE B 2739 36.13 -27.92 46.52
C PHE B 2739 36.83 -27.76 45.17
N HIS B 2740 37.31 -26.57 44.85
CA HIS B 2740 38.02 -26.34 43.60
C HIS B 2740 39.32 -27.13 43.57
N THR B 2741 39.71 -27.55 42.37
CA THR B 2741 40.94 -28.28 42.14
C THR B 2741 41.79 -27.54 41.12
N CYS B 2742 43.11 -27.58 41.32
CA CYS B 2742 44.03 -26.86 40.45
C CYS B 2742 44.26 -27.61 39.15
N ARG B 2743 44.30 -26.85 38.06
CA ARG B 2743 44.53 -27.44 36.75
C ARG B 2743 45.90 -28.12 36.70
N SER B 2744 46.04 -29.02 35.75
CA SER B 2744 47.24 -29.86 35.67
C SER B 2744 48.50 -29.05 35.43
N THR B 2745 48.41 -27.97 34.65
CA THR B 2745 49.59 -27.19 34.29
C THR B 2745 49.93 -26.13 35.33
N ALA B 2746 49.32 -26.15 36.50
CA ALA B 2746 49.50 -25.14 37.52
C ALA B 2746 50.43 -25.67 38.61
N PHE B 2747 50.58 -24.90 39.68
CA PHE B 2747 51.31 -25.28 40.88
C PHE B 2747 50.36 -25.05 42.04
N THR B 2748 50.44 -25.93 43.04
CA THR B 2748 49.50 -25.91 44.15
C THR B 2748 50.27 -25.74 45.46
N CYS B 2749 49.66 -25.02 46.40
CA CYS B 2749 50.25 -24.78 47.70
C CYS B 2749 49.39 -25.41 48.78
N ALA B 2750 49.97 -25.53 49.99
CA ALA B 2750 49.24 -26.11 51.11
C ALA B 2750 47.97 -25.32 51.44
N ASN B 2751 47.91 -24.06 51.02
CA ASN B 2751 46.73 -23.23 51.23
C ASN B 2751 45.51 -23.72 50.46
N GLY B 2752 45.67 -24.69 49.56
CA GLY B 2752 44.60 -25.07 48.67
C GLY B 2752 44.41 -24.02 47.59
N ARG B 2753 45.52 -23.44 47.13
CA ARG B 2753 45.49 -22.36 46.16
C ARG B 2753 46.44 -22.69 45.01
N CYS B 2754 46.10 -22.17 43.83
CA CYS B 2754 46.75 -22.49 42.57
C CYS B 2754 47.42 -21.24 42.03
N VAL B 2755 48.67 -21.40 41.58
CA VAL B 2755 49.45 -20.31 41.00
C VAL B 2755 50.08 -20.81 39.70
N PRO B 2756 50.28 -19.98 38.68
CA PRO B 2756 50.99 -20.46 37.49
C PRO B 2756 52.40 -20.89 37.85
N TYR B 2757 52.88 -21.91 37.14
CA TYR B 2757 54.14 -22.55 37.52
C TYR B 2757 55.33 -21.61 37.42
N HIS B 2758 55.32 -20.66 36.48
CA HIS B 2758 56.49 -19.81 36.33
C HIS B 2758 56.74 -18.94 37.56
N TYR B 2759 55.71 -18.68 38.36
CA TYR B 2759 55.90 -17.98 39.63
C TYR B 2759 56.70 -18.82 40.61
N ARG B 2760 56.75 -20.13 40.42
CA ARG B 2760 57.44 -21.01 41.36
C ARG B 2760 58.93 -20.67 41.40
N CYS B 2761 59.42 -20.35 42.60
CA CYS B 2761 60.81 -19.92 42.82
C CYS B 2761 61.14 -18.66 42.03
N ASP B 2762 60.23 -17.68 42.06
CA ASP B 2762 60.44 -16.38 41.42
C ASP B 2762 60.88 -15.30 42.41
N PHE B 2763 61.17 -15.67 43.66
CA PHE B 2763 61.52 -14.75 44.73
C PHE B 2763 60.34 -13.90 45.20
N TYR B 2764 59.11 -14.29 44.85
CA TYR B 2764 57.90 -13.64 45.32
C TYR B 2764 56.97 -14.72 45.86
N ASN B 2765 56.12 -14.34 46.83
CA ASN B 2765 55.35 -15.35 47.55
C ASN B 2765 54.25 -15.95 46.67
N ASP B 2766 53.21 -15.18 46.39
CA ASP B 2766 52.12 -15.53 45.48
C ASP B 2766 51.17 -16.61 45.99
N CYS B 2767 51.55 -17.30 47.08
CA CYS B 2767 50.67 -18.19 47.82
C CYS B 2767 50.45 -17.63 49.22
N GLY B 2768 49.52 -18.24 49.95
CA GLY B 2768 49.33 -17.83 51.33
C GLY B 2768 50.57 -18.09 52.17
N ASP B 2769 51.12 -19.30 52.05
CA ASP B 2769 52.36 -19.67 52.70
C ASP B 2769 53.56 -19.30 51.81
N ASN B 2770 54.76 -19.63 52.29
CA ASN B 2770 56.00 -19.50 51.54
C ASN B 2770 56.20 -20.62 50.53
N SER B 2771 55.20 -21.51 50.38
CA SER B 2771 55.39 -22.75 49.63
C SER B 2771 55.81 -22.51 48.18
N ASP B 2772 55.33 -21.44 47.56
CA ASP B 2772 55.73 -21.19 46.17
C ASP B 2772 57.23 -21.06 46.02
N GLU B 2773 57.90 -20.54 47.05
CA GLU B 2773 59.34 -20.36 47.06
C GLU B 2773 60.05 -21.36 47.96
N ALA B 2774 59.33 -22.37 48.47
CA ALA B 2774 59.93 -23.33 49.37
C ALA B 2774 60.75 -24.35 48.61
N GLY B 2775 61.84 -24.79 49.23
CA GLY B 2775 62.67 -25.83 48.68
C GLY B 2775 63.48 -25.44 47.46
N CYS B 2776 63.47 -24.18 47.07
CA CYS B 2776 64.18 -23.77 45.87
C CYS B 2776 65.68 -23.96 46.02
N LEU B 2777 66.31 -24.49 44.98
CA LEU B 2777 67.75 -24.76 44.97
C LEU B 2777 68.53 -23.55 44.49
N PHE B 2778 68.55 -22.51 45.32
CA PHE B 2778 69.43 -21.37 45.11
C PHE B 2778 70.02 -20.91 46.44
N CYS B 3034 45.29 15.22 -12.15
CA CYS B 3034 45.32 14.89 -10.73
C CYS B 3034 45.51 13.39 -10.54
N ARG B 3035 45.84 12.98 -9.32
CA ARG B 3035 46.00 11.56 -9.04
C ARG B 3035 44.64 10.87 -9.03
N ASP B 3036 44.66 9.55 -9.19
CA ASP B 3036 43.41 8.79 -9.11
C ASP B 3036 42.78 8.92 -7.73
N ASP B 3037 43.60 9.08 -6.69
CA ASP B 3037 43.13 9.25 -5.33
C ASP B 3037 42.51 10.62 -5.07
N GLN B 3038 42.69 11.57 -5.98
CA GLN B 3038 42.42 12.97 -5.77
C GLN B 3038 41.10 13.42 -6.41
N PHE B 3039 40.66 14.58 -5.93
CA PHE B 3039 39.47 15.30 -6.40
C PHE B 3039 39.88 16.65 -6.91
N THR B 3040 39.27 17.07 -8.02
CA THR B 3040 39.65 18.25 -8.76
C THR B 3040 38.62 19.35 -8.54
N CYS B 3041 39.12 20.57 -8.34
CA CYS B 3041 38.34 21.75 -8.00
C CYS B 3041 38.44 22.76 -9.12
N GLN B 3042 37.36 23.53 -9.31
CA GLN B 3042 37.24 24.53 -10.34
C GLN B 3042 38.35 25.59 -10.23
N ASN B 3043 38.92 25.82 -9.05
CA ASN B 3043 40.04 26.74 -8.92
C ASN B 3043 41.34 26.16 -9.47
N GLY B 3044 41.36 24.86 -9.77
CA GLY B 3044 42.55 24.18 -10.27
C GLY B 3044 43.49 23.65 -9.22
N GLN B 3045 42.92 22.94 -8.25
CA GLN B 3045 43.63 22.30 -7.16
C GLN B 3045 43.20 20.85 -7.09
N CYS B 3046 44.12 19.96 -6.78
CA CYS B 3046 43.80 18.56 -6.59
C CYS B 3046 43.95 18.26 -5.09
N ILE B 3047 42.92 17.63 -4.52
CA ILE B 3047 42.86 17.27 -3.12
C ILE B 3047 42.45 15.80 -2.96
N THR B 3048 42.95 15.18 -1.90
CA THR B 3048 42.55 13.82 -1.55
C THR B 3048 41.03 13.72 -1.48
N LYS B 3049 40.48 12.76 -2.22
CA LYS B 3049 39.05 12.65 -2.45
C LYS B 3049 38.23 12.59 -1.16
N LEU B 3050 38.78 11.98 -0.10
CA LEU B 3050 38.05 11.90 1.17
C LEU B 3050 37.60 13.28 1.67
N TYR B 3051 38.36 14.32 1.37
CA TYR B 3051 38.01 15.68 1.78
C TYR B 3051 36.60 16.09 1.32
N VAL B 3052 36.11 15.54 0.20
CA VAL B 3052 34.84 15.97 -0.36
C VAL B 3052 33.72 15.82 0.66
N CYS B 3053 32.94 16.89 0.80
CA CYS B 3053 31.77 16.98 1.68
C CYS B 3053 32.12 16.78 3.16
N ASP B 3054 33.37 17.01 3.55
CA ASP B 3054 33.75 16.99 4.95
C ASP B 3054 33.39 18.30 5.65
N GLU B 3055 32.79 19.24 4.94
CA GLU B 3055 32.39 20.58 5.36
C GLU B 3055 33.55 21.52 5.63
N ASP B 3056 34.80 21.05 5.55
CA ASP B 3056 35.94 21.94 5.52
C ASP B 3056 36.03 22.53 4.12
N ASN B 3057 36.37 23.83 4.03
CA ASN B 3057 36.52 24.49 2.73
C ASN B 3057 37.91 24.21 2.14
N ASP B 3058 38.15 22.93 1.88
CA ASP B 3058 39.46 22.50 1.41
C ASP B 3058 39.85 23.18 0.10
N CYS B 3059 38.85 23.53 -0.72
CA CYS B 3059 39.05 24.31 -1.93
C CYS B 3059 38.31 25.63 -1.74
N GLY B 3060 39.03 26.73 -1.88
CA GLY B 3060 38.46 28.05 -1.70
C GLY B 3060 37.32 28.37 -2.64
N ASP B 3061 37.24 27.72 -3.80
CA ASP B 3061 36.11 27.87 -4.71
C ASP B 3061 34.81 27.29 -4.14
N GLY B 3062 34.89 26.46 -3.11
CA GLY B 3062 33.74 25.78 -2.56
C GLY B 3062 33.20 24.66 -3.42
N SER B 3063 33.88 24.32 -4.52
CA SER B 3063 33.54 23.16 -5.32
C SER B 3063 33.52 21.91 -4.44
N ASP B 3064 34.44 21.85 -3.48
CA ASP B 3064 34.60 20.74 -2.55
C ASP B 3064 33.40 20.55 -1.63
N GLU B 3065 32.49 21.51 -1.56
CA GLU B 3065 31.37 21.47 -0.61
C GLU B 3065 30.07 21.89 -1.26
N GLN B 3066 29.97 21.71 -2.58
CA GLN B 3066 28.75 22.06 -3.29
C GLN B 3066 27.55 21.25 -2.79
N GLU B 3067 26.42 21.94 -2.69
CA GLU B 3067 25.19 21.36 -2.17
C GLU B 3067 24.74 20.18 -3.02
N HIS B 3068 24.69 20.36 -4.34
CA HIS B 3068 24.32 19.28 -5.23
C HIS B 3068 25.36 18.16 -5.28
N LEU B 3069 26.56 18.40 -4.76
CA LEU B 3069 27.56 17.35 -4.64
C LEU B 3069 27.36 16.49 -3.39
N CYS B 3070 26.91 17.12 -2.29
CA CYS B 3070 26.78 16.43 -1.01
C CYS B 3070 25.36 15.96 -0.67
N HIS B 3071 24.32 16.54 -1.27
CA HIS B 3071 22.95 16.12 -1.02
C HIS B 3071 22.66 14.71 -1.53
N THR B 3072 21.77 14.01 -0.82
CA THR B 3072 21.44 12.61 -1.10
C THR B 3072 19.98 12.34 -0.80
N PRO B 3073 19.36 11.34 -1.48
CA PRO B 3073 17.95 10.98 -1.25
C PRO B 3073 17.75 10.06 -0.05
N GLU B 3074 18.41 10.38 1.07
CA GLU B 3074 18.49 9.45 2.20
C GLU B 3074 17.17 9.04 2.86
N PRO B 3075 16.15 9.90 3.06
CA PRO B 3075 14.91 9.42 3.73
C PRO B 3075 13.98 8.60 2.83
N THR B 3076 14.26 7.31 2.72
CA THR B 3076 13.44 6.40 1.91
C THR B 3076 13.39 5.01 2.55
N CYS B 3077 12.25 4.34 2.38
CA CYS B 3077 12.07 2.93 2.73
C CYS B 3077 11.03 2.33 1.79
N PRO B 3078 11.07 1.00 1.58
CA PRO B 3078 10.28 0.38 0.51
C PRO B 3078 8.77 0.53 0.69
N PRO B 3079 8.00 0.34 -0.39
CA PRO B 3079 6.52 0.40 -0.27
C PRO B 3079 5.94 -0.63 0.67
N HIS B 3080 6.65 -1.73 0.90
CA HIS B 3080 6.27 -2.75 1.88
C HIS B 3080 6.44 -2.31 3.32
N GLN B 3081 7.00 -1.12 3.56
CA GLN B 3081 7.45 -0.71 4.88
C GLN B 3081 6.92 0.66 5.25
N PHE B 3082 7.12 0.93 6.54
CA PHE B 3082 6.67 2.08 7.29
C PHE B 3082 7.89 2.64 7.97
N ARG B 3083 7.92 3.96 8.15
CA ARG B 3083 9.09 4.70 8.62
C ARG B 3083 8.74 5.50 9.86
N CYS B 3084 9.67 5.47 10.83
CA CYS B 3084 9.46 5.91 12.19
C CYS B 3084 10.53 6.91 12.62
N ASP B 3085 10.09 7.84 13.48
CA ASP B 3085 10.86 9.03 13.85
C ASP B 3085 12.27 8.71 14.31
N ASN B 3086 12.52 7.52 14.83
CA ASN B 3086 13.85 7.17 15.31
C ASN B 3086 14.82 6.86 14.18
N GLY B 3087 14.36 6.78 12.93
CA GLY B 3087 15.22 6.37 11.84
C GLY B 3087 15.17 4.88 11.54
N HIS B 3088 14.04 4.24 11.82
CA HIS B 3088 13.87 2.80 11.71
C HIS B 3088 12.61 2.56 10.89
N CYS B 3089 12.59 1.45 10.15
CA CYS B 3089 11.50 1.13 9.24
C CYS B 3089 10.98 -0.26 9.54
N ILE B 3090 9.65 -0.40 9.42
CA ILE B 3090 8.84 -1.48 9.94
C ILE B 3090 7.97 -2.05 8.82
N GLU B 3091 7.88 -3.37 8.75
CA GLU B 3091 6.96 -4.01 7.83
C GLU B 3091 5.50 -3.74 8.22
N MET B 3092 4.69 -3.47 7.20
CA MET B 3092 3.32 -3.02 7.42
C MET B 3092 2.51 -4.00 8.25
N GLY B 3093 2.83 -5.30 8.18
CA GLY B 3093 2.15 -6.24 9.05
C GLY B 3093 2.52 -6.03 10.51
N THR B 3094 3.79 -5.72 10.76
CA THR B 3094 4.26 -5.51 12.12
C THR B 3094 3.71 -4.20 12.70
N VAL B 3095 3.54 -3.19 11.85
CA VAL B 3095 2.94 -1.94 12.32
C VAL B 3095 1.58 -2.19 12.94
N CYS B 3096 1.34 -1.52 14.07
CA CYS B 3096 0.07 -1.56 14.81
C CYS B 3096 -0.21 -2.95 15.36
N ASN B 3097 0.84 -3.70 15.69
CA ASN B 3097 0.74 -4.96 16.43
C ASN B 3097 0.44 -4.75 17.90
N HIS B 3098 0.33 -3.50 18.35
CA HIS B 3098 0.24 -3.10 19.75
C HIS B 3098 1.53 -3.37 20.52
N VAL B 3099 2.67 -3.46 19.83
CA VAL B 3099 3.96 -3.74 20.44
C VAL B 3099 4.98 -2.80 19.84
N ASP B 3100 5.81 -2.19 20.69
CA ASP B 3100 6.96 -1.40 20.28
C ASP B 3100 7.81 -2.12 19.25
N ASP B 3101 7.82 -1.62 18.02
CA ASP B 3101 8.81 -1.90 16.99
C ASP B 3101 9.87 -0.82 16.91
N CYS B 3102 9.50 0.41 17.25
CA CYS B 3102 10.34 1.60 17.11
C CYS B 3102 10.42 2.37 18.42
N SER B 3103 11.60 2.93 18.67
CA SER B 3103 11.87 3.67 19.90
C SER B 3103 10.80 4.69 20.23
N ASP B 3104 10.33 5.44 19.22
CA ASP B 3104 9.31 6.45 19.45
C ASP B 3104 7.90 5.88 19.49
N ASN B 3105 7.72 4.61 19.13
CA ASN B 3105 6.45 3.90 19.24
C ASN B 3105 5.38 4.45 18.32
N SER B 3106 5.71 5.27 17.32
CA SER B 3106 4.66 5.85 16.48
C SER B 3106 4.05 4.83 15.54
N ASP B 3107 4.60 3.62 15.45
CA ASP B 3107 3.93 2.49 14.83
C ASP B 3107 2.68 2.08 15.63
N GLU B 3108 2.66 2.38 16.93
CA GLU B 3108 1.60 2.00 17.85
C GLU B 3108 0.95 3.17 18.56
N LYS B 3109 1.62 4.32 18.65
CA LYS B 3109 1.26 5.42 19.54
C LYS B 3109 -0.22 5.76 19.47
N GLY B 3110 -0.78 5.89 18.28
CA GLY B 3110 -2.20 6.10 18.10
C GLY B 3110 -2.78 5.29 16.95
N CYS B 3111 -2.18 4.14 16.69
CA CYS B 3111 -2.53 3.35 15.51
C CYS B 3111 -3.98 2.88 15.55
N GLY B 3112 -4.65 3.01 14.40
CA GLY B 3112 -6.06 2.71 14.23
C GLY B 3112 -7.04 3.77 14.71
N ILE B 3113 -6.59 4.78 15.46
CA ILE B 3113 -7.47 5.88 15.83
C ILE B 3113 -7.76 6.72 14.61
N ASN B 3114 -9.02 7.15 14.46
CA ASN B 3114 -9.45 8.01 13.36
C ASN B 3114 -9.51 9.46 13.86
N GLU B 3115 -8.35 10.12 13.82
CA GLU B 3115 -8.20 11.47 14.35
C GLU B 3115 -9.15 12.47 13.67
N CYS B 3116 -9.40 12.31 12.37
CA CYS B 3116 -10.30 13.27 11.74
C CYS B 3116 -11.76 13.06 12.15
N GLN B 3117 -12.06 12.05 12.96
CA GLN B 3117 -13.32 11.97 13.68
C GLN B 3117 -13.27 12.86 14.91
N ASP B 3118 -12.08 13.14 15.41
CA ASP B 3118 -11.87 14.05 16.51
C ASP B 3118 -11.88 15.49 15.99
N SER B 3119 -12.10 16.44 16.90
CA SER B 3119 -12.30 17.83 16.53
C SER B 3119 -11.22 18.75 17.08
N SER B 3120 -10.84 18.61 18.36
CA SER B 3120 -9.82 19.51 18.91
C SER B 3120 -8.49 19.33 18.20
N ILE B 3121 -8.09 18.08 17.94
CA ILE B 3121 -6.90 17.83 17.15
C ILE B 3121 -7.25 17.93 15.67
N SER B 3122 -6.23 18.13 14.84
CA SER B 3122 -6.43 18.33 13.41
C SER B 3122 -7.31 19.56 13.17
N HIS B 3123 -7.04 20.62 13.94
CA HIS B 3123 -7.77 21.87 13.81
C HIS B 3123 -7.32 22.52 12.53
N CYS B 3124 -8.07 22.25 11.46
CA CYS B 3124 -7.67 22.42 10.09
C CYS B 3124 -8.76 23.16 9.32
N ASP B 3125 -8.32 23.92 8.32
CA ASP B 3125 -9.17 24.89 7.63
C ASP B 3125 -10.32 24.25 6.87
N HIS B 3126 -10.02 23.44 5.85
CA HIS B 3126 -11.03 23.04 4.89
C HIS B 3126 -11.37 21.55 4.85
N ASN B 3127 -10.40 20.64 4.68
CA ASN B 3127 -10.72 19.23 4.64
C ASN B 3127 -9.69 18.40 5.40
N CYS B 3128 -10.16 17.40 6.15
CA CYS B 3128 -9.33 16.54 6.98
C CYS B 3128 -9.50 15.11 6.50
N THR B 3129 -8.38 14.42 6.27
CA THR B 3129 -8.38 13.02 5.88
C THR B 3129 -7.53 12.24 6.85
N ASP B 3130 -8.15 11.35 7.61
CA ASP B 3130 -7.43 10.46 8.50
C ASP B 3130 -6.59 9.47 7.70
N THR B 3131 -5.49 9.04 8.31
CA THR B 3131 -4.60 8.02 7.77
C THR B 3131 -4.40 7.01 8.89
N ILE B 3132 -3.85 5.84 8.55
CA ILE B 3132 -3.85 4.69 9.45
C ILE B 3132 -3.33 5.04 10.84
N THR B 3133 -2.35 5.92 10.93
CA THR B 3133 -2.01 6.60 12.16
C THR B 3133 -1.93 8.09 11.88
N SER B 3134 -2.51 8.88 12.77
CA SER B 3134 -2.53 10.34 12.66
C SER B 3134 -3.41 10.78 11.49
N PHE B 3135 -3.22 12.01 11.01
CA PHE B 3135 -4.08 12.66 10.04
C PHE B 3135 -3.27 13.47 9.04
N TYR B 3136 -3.94 13.87 7.95
CA TYR B 3136 -3.39 14.80 6.97
C TYR B 3136 -4.53 15.68 6.48
N CYS B 3137 -4.18 16.84 5.93
CA CYS B 3137 -5.16 17.86 5.57
C CYS B 3137 -5.02 18.29 4.11
N SER B 3138 -6.17 18.70 3.56
CA SER B 3138 -6.28 19.10 2.17
C SER B 3138 -7.16 20.33 2.03
N CYS B 3139 -6.85 21.12 1.00
CA CYS B 3139 -7.59 22.32 0.66
C CYS B 3139 -8.54 22.05 -0.50
N LEU B 3140 -9.48 22.95 -0.68
CA LEU B 3140 -10.47 22.85 -1.74
C LEU B 3140 -9.79 22.98 -3.11
N PRO B 3141 -10.43 22.49 -4.18
CA PRO B 3141 -9.81 22.60 -5.50
C PRO B 3141 -9.59 24.07 -5.86
N GLY B 3142 -8.44 24.33 -6.49
CA GLY B 3142 -8.04 25.67 -6.86
C GLY B 3142 -7.35 26.43 -5.76
N TYR B 3143 -7.58 26.06 -4.50
CA TYR B 3143 -6.86 26.61 -3.36
C TYR B 3143 -5.49 25.94 -3.23
N LYS B 3144 -4.69 26.48 -2.33
CA LYS B 3144 -3.33 26.04 -2.07
C LYS B 3144 -3.21 25.75 -0.59
N LEU B 3145 -2.28 24.88 -0.23
CA LEU B 3145 -2.08 24.41 1.12
C LEU B 3145 -0.76 24.99 1.61
N MET B 3146 -0.71 25.33 2.90
CA MET B 3146 0.35 26.17 3.47
C MET B 3146 1.25 25.35 4.39
N SER B 3147 2.43 25.91 4.67
CA SER B 3147 3.49 25.18 5.36
C SER B 3147 3.09 24.71 6.76
N ASP B 3148 2.13 25.37 7.40
CA ASP B 3148 1.64 24.82 8.66
C ASP B 3148 0.84 23.54 8.44
N LYS B 3149 0.53 23.22 7.18
CA LYS B 3149 -0.20 22.03 6.77
C LYS B 3149 -1.58 21.97 7.41
N ARG B 3150 -2.14 23.15 7.71
CA ARG B 3150 -3.54 23.30 8.10
C ARG B 3150 -4.21 24.48 7.42
N THR B 3151 -3.46 25.46 6.92
CA THR B 3151 -4.01 26.68 6.34
C THR B 3151 -4.15 26.57 4.81
N CYS B 3152 -5.16 27.26 4.29
CA CYS B 3152 -5.46 27.30 2.87
C CYS B 3152 -5.36 28.74 2.36
N VAL B 3153 -5.02 28.86 1.08
CA VAL B 3153 -4.68 30.12 0.42
C VAL B 3153 -5.28 30.08 -0.98
N ASP B 3154 -5.38 31.24 -1.62
CA ASP B 3154 -5.88 31.33 -2.98
C ASP B 3154 -4.78 31.73 -3.94
N ILE B 3155 -4.61 30.92 -4.99
CA ILE B 3155 -3.67 31.23 -6.05
C ILE B 3155 -4.09 32.50 -6.79
N ASP B 3156 -3.11 33.31 -7.15
CA ASP B 3156 -3.26 34.38 -8.13
C ASP B 3156 -2.90 33.73 -9.46
N GLU B 3157 -3.91 33.14 -10.10
CA GLU B 3157 -3.68 32.36 -11.31
C GLU B 3157 -3.13 33.21 -12.45
N CYS B 3158 -3.51 34.49 -12.50
CA CYS B 3158 -3.11 35.37 -13.58
C CYS B 3158 -1.69 35.89 -13.46
N LYS B 3159 -0.96 35.43 -12.46
CA LYS B 3159 0.48 35.59 -12.35
C LYS B 3159 1.18 34.26 -12.25
N GLU B 3160 0.55 33.27 -11.60
CA GLU B 3160 1.16 31.96 -11.44
C GLU B 3160 1.26 31.24 -12.78
N THR B 3161 0.21 31.30 -13.59
CA THR B 3161 0.18 30.57 -14.86
C THR B 3161 -0.62 31.38 -15.88
N PRO B 3162 0.04 32.26 -16.62
CA PRO B 3162 -0.67 33.02 -17.67
C PRO B 3162 -1.21 32.14 -18.80
N GLN B 3163 -0.79 30.89 -18.90
CA GLN B 3163 -1.18 30.02 -19.99
C GLN B 3163 -2.66 29.67 -19.99
N LEU B 3164 -3.38 29.95 -18.90
CA LEU B 3164 -4.77 29.50 -18.78
C LEU B 3164 -5.73 30.33 -19.62
N CYS B 3165 -5.35 31.54 -20.02
CA CYS B 3165 -6.22 32.40 -20.81
C CYS B 3165 -5.44 33.05 -21.94
N SER B 3166 -6.06 33.14 -23.09
CA SER B 3166 -5.58 34.01 -24.15
C SER B 3166 -5.75 35.45 -23.70
N GLN B 3167 -4.75 36.27 -24.00
CA GLN B 3167 -4.76 37.69 -23.65
C GLN B 3167 -4.76 37.80 -22.13
N LYS B 3168 -5.71 38.50 -21.50
CA LYS B 3168 -5.59 38.89 -20.10
C LYS B 3168 -6.64 38.21 -19.25
N CYS B 3169 -6.35 38.13 -17.96
CA CYS B 3169 -7.26 37.50 -17.03
C CYS B 3169 -7.17 38.22 -15.68
N GLU B 3170 -8.23 38.06 -14.90
CA GLU B 3170 -8.41 38.76 -13.64
C GLU B 3170 -8.71 37.75 -12.54
N ASN B 3171 -8.12 38.00 -11.37
CA ASN B 3171 -8.18 37.07 -10.25
C ASN B 3171 -9.49 37.19 -9.49
N VAL B 3172 -9.95 36.05 -8.99
CA VAL B 3172 -11.11 35.95 -8.11
C VAL B 3172 -10.64 35.18 -6.88
N ILE B 3173 -11.30 35.40 -5.75
CA ILE B 3173 -10.84 34.87 -4.48
C ILE B 3173 -10.75 33.34 -4.46
N GLY B 3174 -11.35 32.67 -5.44
CA GLY B 3174 -11.21 31.23 -5.58
C GLY B 3174 -11.07 30.78 -7.01
N SER B 3175 -10.92 31.71 -7.94
CA SER B 3175 -10.92 31.38 -9.36
C SER B 3175 -10.34 32.56 -10.14
N TYR B 3176 -10.45 32.48 -11.46
CA TYR B 3176 -10.00 33.51 -12.39
C TYR B 3176 -11.02 33.61 -13.50
N ILE B 3177 -11.00 34.74 -14.21
CA ILE B 3177 -11.82 34.94 -15.39
C ILE B 3177 -10.94 35.49 -16.50
N CYS B 3178 -11.30 35.18 -17.74
CA CYS B 3178 -10.50 35.55 -18.90
C CYS B 3178 -11.20 36.64 -19.68
N LYS B 3179 -10.41 37.58 -20.20
CA LYS B 3179 -10.89 38.69 -20.99
C LYS B 3179 -9.92 38.95 -22.15
N CYS B 3180 -10.51 39.40 -23.27
CA CYS B 3180 -9.79 39.81 -24.45
C CYS B 3180 -9.66 41.33 -24.48
N ALA B 3181 -8.60 41.81 -25.12
CA ALA B 3181 -8.36 43.23 -25.26
C ALA B 3181 -9.33 43.83 -26.28
N PRO B 3182 -9.40 45.16 -26.38
CA PRO B 3182 -10.26 45.78 -27.40
C PRO B 3182 -9.84 45.35 -28.79
N GLY B 3183 -10.81 45.23 -29.68
CA GLY B 3183 -10.57 44.74 -31.02
C GLY B 3183 -10.64 43.24 -31.15
N TYR B 3184 -10.99 42.54 -30.08
CA TYR B 3184 -11.03 41.09 -30.05
C TYR B 3184 -12.37 40.62 -29.50
N ILE B 3185 -12.70 39.39 -29.88
CA ILE B 3185 -13.93 38.70 -29.49
C ILE B 3185 -13.51 37.44 -28.75
N ARG B 3186 -14.34 37.04 -27.79
CA ARG B 3186 -14.06 35.90 -26.93
C ARG B 3186 -15.01 34.78 -27.32
N GLU B 3187 -14.44 33.64 -27.69
CA GLU B 3187 -15.24 32.54 -28.20
C GLU B 3187 -15.90 31.78 -27.06
N PRO B 3188 -16.91 30.94 -27.36
CA PRO B 3188 -17.59 30.19 -26.29
C PRO B 3188 -16.69 29.29 -25.46
N ASP B 3189 -15.43 29.10 -25.85
CA ASP B 3189 -14.48 28.39 -24.99
C ASP B 3189 -14.35 29.06 -23.63
N GLY B 3190 -14.58 30.38 -23.58
CA GLY B 3190 -14.39 31.14 -22.38
C GLY B 3190 -12.96 31.47 -22.08
N LYS B 3191 -12.03 31.03 -22.93
CA LYS B 3191 -10.60 31.18 -22.69
C LYS B 3191 -9.81 31.55 -23.94
N SER B 3192 -10.46 31.72 -25.09
CA SER B 3192 -9.77 32.01 -26.34
C SER B 3192 -10.34 33.24 -27.01
N CYS B 3193 -9.45 33.96 -27.69
CA CYS B 3193 -9.74 35.24 -28.31
C CYS B 3193 -9.43 35.17 -29.81
N ARG B 3194 -10.21 35.92 -30.56
CA ARG B 3194 -10.14 36.04 -32.01
C ARG B 3194 -10.22 37.52 -32.35
N GLN B 3195 -9.72 37.90 -33.53
CA GLN B 3195 -9.58 39.31 -33.87
C GLN B 3195 -10.67 39.72 -34.84
N ASN B 3196 -11.21 40.92 -34.59
CA ASN B 3196 -12.44 41.41 -35.18
C ASN B 3196 -12.26 42.34 -36.37
N SER B 3197 -11.03 42.73 -36.70
CA SER B 3197 -10.85 43.60 -37.84
C SER B 3197 -10.99 42.81 -39.13
N ASN B 3198 -11.52 43.47 -40.16
CA ASN B 3198 -11.56 42.90 -41.49
C ASN B 3198 -10.19 42.81 -42.14
N ILE B 3199 -9.18 43.48 -41.59
CA ILE B 3199 -7.85 43.50 -42.17
C ILE B 3199 -7.15 42.20 -41.82
N GLU B 3200 -6.61 41.53 -42.84
CA GLU B 3200 -5.84 40.32 -42.59
C GLU B 3200 -4.39 40.68 -42.24
N PRO B 3201 -3.81 40.07 -41.22
CA PRO B 3201 -2.41 40.38 -40.88
C PRO B 3201 -1.46 39.82 -41.93
N TYR B 3202 -0.24 40.35 -41.95
CA TYR B 3202 0.79 39.72 -42.77
C TYR B 3202 2.16 39.92 -42.15
N LEU B 3203 3.13 39.13 -42.61
CA LEU B 3203 4.47 39.13 -42.08
C LEU B 3203 5.41 39.81 -43.06
N VAL B 3204 6.32 40.62 -42.53
CA VAL B 3204 7.33 41.29 -43.34
C VAL B 3204 8.67 41.04 -42.69
N PHE B 3205 9.64 40.54 -43.44
CA PHE B 3205 10.95 40.23 -42.93
C PHE B 3205 12.00 40.61 -43.96
N SER B 3206 13.21 40.88 -43.51
CA SER B 3206 14.25 41.43 -44.37
C SER B 3206 15.45 40.50 -44.53
N ASN B 3207 15.74 40.09 -45.75
CA ASN B 3207 16.95 39.37 -46.11
C ASN B 3207 18.06 40.36 -46.47
N ARG B 3208 19.24 39.83 -46.77
CA ARG B 3208 20.43 40.58 -47.15
C ARG B 3208 20.12 41.63 -48.23
N TYR B 3209 19.63 41.19 -49.39
CA TYR B 3209 19.31 42.05 -50.53
C TYR B 3209 17.84 42.45 -50.67
N TYR B 3210 16.96 41.99 -49.78
CA TYR B 3210 15.52 41.98 -50.03
C TYR B 3210 14.69 42.26 -48.78
N ILE B 3211 13.45 42.64 -49.02
CA ILE B 3211 12.40 42.72 -48.03
C ILE B 3211 11.29 41.84 -48.58
N ARG B 3212 10.74 40.99 -47.73
CA ARG B 3212 9.86 39.91 -48.10
C ARG B 3212 8.54 40.04 -47.36
N ASN B 3213 7.51 39.52 -48.02
CA ASN B 3213 6.11 39.64 -47.66
C ASN B 3213 5.56 38.23 -47.63
N LEU B 3214 4.94 37.83 -46.54
CA LEU B 3214 4.55 36.45 -46.28
C LEU B 3214 3.21 36.45 -45.55
N THR B 3215 2.38 35.45 -45.78
CA THR B 3215 1.09 35.34 -45.11
C THR B 3215 1.20 34.34 -43.97
N ILE B 3216 0.49 34.63 -42.87
CA ILE B 3216 0.60 33.84 -41.66
C ILE B 3216 0.16 32.40 -41.89
N ASP B 3217 -0.64 32.14 -42.91
CA ASP B 3217 -1.00 30.77 -43.27
C ASP B 3217 0.04 30.12 -44.20
N GLY B 3218 1.12 30.82 -44.57
CA GLY B 3218 2.18 30.33 -45.44
C GLY B 3218 1.78 30.24 -46.91
N THR B 3219 0.57 30.65 -47.29
CA THR B 3219 0.09 30.44 -48.66
C THR B 3219 0.71 31.39 -49.67
N SER B 3220 1.02 32.63 -49.28
CA SER B 3220 1.48 33.65 -50.20
C SER B 3220 2.80 34.26 -49.75
N TYR B 3221 3.72 34.35 -50.74
CA TYR B 3221 5.10 34.87 -50.58
C TYR B 3221 5.24 35.95 -51.66
N SER B 3222 5.92 37.06 -51.38
CA SER B 3222 6.03 38.21 -52.26
C SER B 3222 7.23 39.05 -51.84
N LEU B 3223 7.59 40.00 -52.70
CA LEU B 3223 8.74 40.89 -52.49
C LEU B 3223 8.27 42.33 -52.37
N ILE B 3224 8.70 43.00 -51.31
CA ILE B 3224 8.43 44.43 -51.14
C ILE B 3224 9.50 45.27 -51.83
N LEU B 3225 10.76 44.87 -51.72
CA LEU B 3225 11.87 45.63 -52.26
C LEU B 3225 13.03 44.68 -52.51
N GLN B 3226 13.87 45.04 -53.49
CA GLN B 3226 14.99 44.21 -53.89
C GLN B 3226 16.19 45.08 -54.29
N GLY B 3227 17.34 44.44 -54.31
CA GLY B 3227 18.62 45.03 -54.67
C GLY B 3227 19.30 45.84 -53.58
N LEU B 3228 18.84 45.75 -52.34
CA LEU B 3228 19.43 46.49 -51.24
C LEU B 3228 20.75 45.84 -50.86
N GLY B 3229 21.50 46.49 -49.98
CA GLY B 3229 22.82 46.00 -49.63
C GLY B 3229 22.85 44.99 -48.50
N ASN B 3230 22.45 45.40 -47.29
CA ASN B 3230 22.35 44.46 -46.17
C ASN B 3230 21.33 45.01 -45.18
N VAL B 3231 20.10 44.54 -45.31
CA VAL B 3231 18.96 45.03 -44.52
C VAL B 3231 18.91 44.22 -43.24
N VAL B 3232 19.37 44.82 -42.14
CA VAL B 3232 19.47 44.11 -40.86
C VAL B 3232 18.28 44.37 -39.92
N ALA B 3233 17.49 45.43 -40.14
CA ALA B 3233 16.44 45.77 -39.21
C ALA B 3233 15.28 46.46 -39.92
N LEU B 3234 14.06 46.12 -39.50
CA LEU B 3234 12.80 46.65 -40.03
C LEU B 3234 11.92 47.17 -38.90
N ASP B 3235 11.06 48.13 -39.25
CA ASP B 3235 9.93 48.53 -38.44
C ASP B 3235 8.92 49.21 -39.35
N PHE B 3236 7.71 49.41 -38.85
CA PHE B 3236 6.64 50.02 -39.62
C PHE B 3236 5.90 51.07 -38.81
N ASP B 3237 5.23 51.97 -39.52
CA ASP B 3237 4.42 53.03 -38.94
C ASP B 3237 3.02 52.93 -39.53
N ARG B 3238 2.03 52.76 -38.65
CA ARG B 3238 0.62 52.66 -39.04
C ARG B 3238 0.03 54.01 -39.44
N VAL B 3239 0.48 55.08 -38.79
CA VAL B 3239 -0.15 56.38 -38.97
C VAL B 3239 0.00 56.90 -40.39
N GLU B 3240 1.20 56.76 -40.96
CA GLU B 3240 1.46 57.21 -42.33
C GLU B 3240 1.65 56.05 -43.30
N GLU B 3241 1.44 54.81 -42.85
CA GLU B 3241 1.61 53.64 -43.70
C GLU B 3241 3.00 53.63 -44.33
N ARG B 3242 4.01 53.60 -43.45
CA ARG B 3242 5.40 53.65 -43.86
C ARG B 3242 6.18 52.49 -43.28
N LEU B 3243 7.31 52.20 -43.92
CA LEU B 3243 8.21 51.13 -43.53
C LEU B 3243 9.61 51.72 -43.44
N TYR B 3244 10.32 51.38 -42.36
CA TYR B 3244 11.64 51.93 -42.08
C TYR B 3244 12.61 50.77 -41.95
N TRP B 3245 13.83 50.95 -42.45
CA TRP B 3245 14.82 49.89 -42.33
C TRP B 3245 16.23 50.46 -42.25
N ILE B 3246 17.12 49.64 -41.71
CA ILE B 3246 18.54 49.94 -41.62
C ILE B 3246 19.27 49.15 -42.70
N ASP B 3247 20.31 49.76 -43.27
CA ASP B 3247 21.21 49.09 -44.18
C ASP B 3247 22.61 49.22 -43.61
N ALA B 3248 23.26 48.08 -43.37
CA ALA B 3248 24.57 48.04 -42.76
C ALA B 3248 25.72 48.10 -43.75
N GLU B 3249 25.47 47.79 -45.03
CA GLU B 3249 26.53 47.92 -46.02
C GLU B 3249 26.71 49.39 -46.38
N LYS B 3250 25.61 50.08 -46.62
CA LYS B 3250 25.61 51.52 -46.85
C LYS B 3250 25.70 52.31 -45.55
N GLN B 3251 25.32 51.71 -44.42
CA GLN B 3251 25.27 52.38 -43.13
C GLN B 3251 24.34 53.59 -43.19
N ILE B 3252 23.07 53.31 -43.52
CA ILE B 3252 22.04 54.34 -43.65
C ILE B 3252 20.71 53.81 -43.11
N ILE B 3253 19.77 54.74 -42.94
CA ILE B 3253 18.40 54.43 -42.55
C ILE B 3253 17.49 55.00 -43.62
N GLU B 3254 16.56 54.18 -44.08
CA GLU B 3254 15.68 54.51 -45.19
C GLU B 3254 14.22 54.30 -44.80
N ARG B 3255 13.35 55.11 -45.38
CA ARG B 3255 11.91 54.97 -45.20
C ARG B 3255 11.23 54.96 -46.55
N MET B 3256 10.15 54.21 -46.63
CA MET B 3256 9.37 54.03 -47.85
C MET B 3256 7.90 53.92 -47.48
N PHE B 3257 7.04 54.07 -48.48
CA PHE B 3257 5.62 53.85 -48.31
C PHE B 3257 5.32 52.39 -48.65
N LEU B 3258 4.25 51.87 -48.05
CA LEU B 3258 3.91 50.47 -48.24
C LEU B 3258 3.38 50.18 -49.63
N ASN B 3259 3.14 51.20 -50.45
CA ASN B 3259 2.79 51.04 -51.85
C ASN B 3259 3.99 51.21 -52.77
N LYS B 3260 5.20 51.30 -52.22
CA LYS B 3260 6.45 51.37 -52.97
C LYS B 3260 6.60 52.66 -53.76
N THR B 3261 5.80 53.68 -53.47
CA THR B 3261 5.76 54.87 -54.30
C THR B 3261 6.92 55.83 -54.04
N ASN B 3262 7.33 56.01 -52.79
CA ASN B 3262 8.36 56.98 -52.44
C ASN B 3262 9.38 56.34 -51.51
N GLN B 3263 10.65 56.65 -51.76
CA GLN B 3263 11.78 56.08 -51.04
C GLN B 3263 12.71 57.22 -50.66
N GLU B 3264 13.16 57.24 -49.41
CA GLU B 3264 13.91 58.36 -48.88
C GLU B 3264 14.92 57.87 -47.86
N THR B 3265 16.01 58.61 -47.74
CA THR B 3265 17.07 58.33 -46.79
C THR B 3265 16.99 59.38 -45.70
N ILE B 3266 16.94 58.93 -44.45
CA ILE B 3266 16.62 59.78 -43.32
C ILE B 3266 17.83 60.05 -42.45
N ILE B 3267 18.65 59.04 -42.19
CA ILE B 3267 19.91 59.22 -41.48
C ILE B 3267 21.00 58.56 -42.31
N SER B 3268 22.05 59.32 -42.60
CA SER B 3268 23.15 58.88 -43.43
C SER B 3268 24.51 59.16 -42.80
N HIS B 3269 24.55 59.70 -41.58
CA HIS B 3269 25.78 60.15 -40.95
C HIS B 3269 25.85 59.63 -39.52
N ARG B 3270 27.04 59.18 -39.15
CA ARG B 3270 27.34 58.74 -37.80
C ARG B 3270 26.51 57.52 -37.41
N LEU B 3271 26.50 56.53 -38.29
CA LEU B 3271 25.91 55.21 -38.06
C LEU B 3271 27.05 54.22 -38.23
N ARG B 3272 27.78 53.95 -37.14
CA ARG B 3272 28.94 53.08 -37.22
C ARG B 3272 28.54 51.63 -37.37
N ARG B 3273 27.75 51.12 -36.43
CA ARG B 3273 27.23 49.75 -36.51
C ARG B 3273 25.84 49.77 -35.86
N ALA B 3274 24.83 50.01 -36.68
CA ALA B 3274 23.45 50.07 -36.21
C ALA B 3274 22.84 48.68 -36.29
N GLU B 3275 22.46 48.14 -35.13
CA GLU B 3275 22.00 46.76 -35.04
C GLU B 3275 20.49 46.62 -35.15
N SER B 3276 19.72 47.46 -34.48
CA SER B 3276 18.26 47.36 -34.58
C SER B 3276 17.60 48.72 -34.44
N LEU B 3277 16.37 48.75 -34.96
CA LEU B 3277 15.54 49.93 -35.13
C LEU B 3277 14.16 49.68 -34.56
N ALA B 3278 13.62 50.69 -33.89
CA ALA B 3278 12.25 50.70 -33.39
C ALA B 3278 11.62 52.01 -33.82
N VAL B 3279 10.30 51.98 -34.01
CA VAL B 3279 9.55 53.14 -34.45
C VAL B 3279 8.39 53.33 -33.49
N ASP B 3280 8.14 54.58 -33.12
CA ASP B 3280 7.12 54.95 -32.16
C ASP B 3280 6.06 55.74 -32.91
N TRP B 3281 4.83 55.26 -32.81
CA TRP B 3281 3.65 55.76 -33.50
C TRP B 3281 2.87 56.77 -32.67
N VAL B 3282 3.14 56.85 -31.38
CA VAL B 3282 2.42 57.73 -30.48
C VAL B 3282 3.06 59.10 -30.53
N SER B 3283 4.34 59.18 -30.17
CA SER B 3283 5.07 60.44 -30.21
C SER B 3283 5.82 60.66 -31.51
N ARG B 3284 5.69 59.75 -32.49
CA ARG B 3284 6.27 59.92 -33.81
C ARG B 3284 7.79 60.04 -33.72
N LYS B 3285 8.41 58.94 -33.28
CA LYS B 3285 9.85 58.91 -33.02
C LYS B 3285 10.49 57.66 -33.61
N LEU B 3286 11.82 57.71 -33.71
CA LEU B 3286 12.61 56.59 -34.18
C LEU B 3286 13.74 56.35 -33.19
N TYR B 3287 13.89 55.09 -32.76
CA TYR B 3287 14.90 54.70 -31.79
C TYR B 3287 15.80 53.66 -32.43
N TRP B 3288 17.09 53.68 -32.10
CA TRP B 3288 17.95 52.64 -32.65
C TRP B 3288 19.18 52.45 -31.78
N LEU B 3289 19.83 51.31 -31.96
CA LEU B 3289 20.99 50.91 -31.18
C LEU B 3289 22.24 50.89 -32.06
N ASP B 3290 23.36 51.34 -31.47
CA ASP B 3290 24.65 51.32 -32.14
C ASP B 3290 25.62 50.58 -31.25
N ALA B 3291 26.36 49.63 -31.83
CA ALA B 3291 27.25 48.74 -31.11
C ALA B 3291 28.72 49.07 -31.25
N ILE B 3292 29.08 50.17 -31.90
CA ILE B 3292 30.45 50.65 -31.93
C ILE B 3292 30.62 51.88 -31.07
N LEU B 3293 29.63 52.76 -31.06
CA LEU B 3293 29.53 53.83 -30.09
C LEU B 3293 28.97 53.31 -28.77
N ASP B 3294 28.37 52.11 -28.77
CA ASP B 3294 27.83 51.49 -27.57
C ASP B 3294 26.77 52.40 -26.93
N CYS B 3295 25.72 52.68 -27.70
CA CYS B 3295 24.75 53.67 -27.27
C CYS B 3295 23.40 53.46 -27.94
N LEU B 3296 22.42 54.19 -27.42
CA LEU B 3296 21.03 54.18 -27.88
C LEU B 3296 20.66 55.60 -28.29
N PHE B 3297 20.04 55.73 -29.46
CA PHE B 3297 19.72 57.00 -30.06
C PHE B 3297 18.22 57.15 -30.26
N VAL B 3298 17.76 58.39 -30.18
CA VAL B 3298 16.39 58.78 -30.50
C VAL B 3298 16.45 59.92 -31.51
N SER B 3299 15.51 59.92 -32.44
CA SER B 3299 15.41 60.96 -33.45
C SER B 3299 13.95 61.09 -33.87
N ASP B 3300 13.69 62.07 -34.71
CA ASP B 3300 12.37 62.24 -35.31
C ASP B 3300 12.33 61.48 -36.61
N LEU B 3301 11.11 61.16 -37.06
CA LEU B 3301 10.94 60.30 -38.21
C LEU B 3301 11.53 60.86 -39.50
N GLU B 3302 11.88 62.15 -39.53
CA GLU B 3302 12.54 62.76 -40.68
C GLU B 3302 14.01 63.06 -40.43
N GLY B 3303 14.58 62.60 -39.33
CA GLY B 3303 16.00 62.74 -39.10
C GLY B 3303 16.47 64.15 -38.85
N ARG B 3304 15.59 65.05 -38.43
CA ARG B 3304 15.94 66.46 -38.29
C ARG B 3304 16.65 66.76 -36.97
N GLN B 3305 16.47 65.92 -35.95
CA GLN B 3305 17.15 66.10 -34.68
C GLN B 3305 17.50 64.73 -34.11
N ARG B 3306 18.56 64.68 -33.30
CA ARG B 3306 19.04 63.44 -32.71
C ARG B 3306 19.52 63.68 -31.29
N LYS B 3307 19.30 62.69 -30.43
CA LYS B 3307 19.78 62.70 -29.07
C LYS B 3307 20.21 61.29 -28.69
N MET B 3308 21.13 61.20 -27.74
CA MET B 3308 21.64 59.93 -27.24
C MET B 3308 21.09 59.76 -25.83
N LEU B 3309 20.35 58.67 -25.61
CA LEU B 3309 19.64 58.48 -24.35
C LEU B 3309 20.34 57.58 -23.35
N ALA B 3310 21.23 56.70 -23.79
CA ALA B 3310 21.88 55.80 -22.85
C ALA B 3310 23.31 55.52 -23.29
N GLN B 3311 24.18 55.38 -22.30
CA GLN B 3311 25.56 54.97 -22.48
C GLN B 3311 25.99 54.16 -21.28
N HIS B 3312 27.20 53.63 -21.30
CA HIS B 3312 27.87 53.07 -20.14
C HIS B 3312 27.13 51.86 -19.54
N CYS B 3313 26.75 51.89 -18.26
CA CYS B 3313 26.27 50.71 -17.54
C CYS B 3313 24.86 50.87 -17.01
N VAL B 3314 24.08 49.80 -17.05
CA VAL B 3314 22.65 49.78 -16.75
C VAL B 3314 22.30 49.50 -15.28
N ASP B 3315 23.24 49.02 -14.46
CA ASP B 3315 22.85 48.60 -13.08
C ASP B 3315 23.52 49.42 -11.97
N ALA B 3316 24.21 50.52 -12.33
CA ALA B 3316 24.94 51.40 -11.38
C ALA B 3316 26.09 50.65 -10.70
N ASN B 3317 26.07 49.31 -10.69
CA ASN B 3317 27.13 48.46 -10.08
C ASN B 3317 28.19 48.17 -11.15
N ASN B 3318 27.89 48.46 -12.42
CA ASN B 3318 28.88 48.26 -13.52
C ASN B 3318 28.94 46.79 -13.91
N THR B 3319 28.06 45.95 -13.34
CA THR B 3319 28.07 44.49 -13.63
C THR B 3319 27.75 44.27 -15.12
N PHE B 3320 26.76 45.00 -15.65
CA PHE B 3320 26.43 44.89 -17.10
C PHE B 3320 26.66 46.25 -17.75
N CYS B 3321 26.89 46.35 -19.06
CA CYS B 3321 27.18 47.58 -19.77
C CYS B 3321 27.05 47.35 -21.27
N PHE B 3322 26.73 48.45 -21.95
CA PHE B 3322 26.54 48.41 -23.41
C PHE B 3322 27.82 47.94 -24.04
N GLU B 3323 27.80 46.81 -24.75
CA GLU B 3323 28.97 46.23 -25.45
C GLU B 3323 28.55 45.63 -26.79
N ASN B 3324 27.43 44.91 -26.85
CA ASN B 3324 26.87 44.36 -28.08
C ASN B 3324 25.35 44.45 -28.02
N PRO B 3325 24.79 45.66 -28.09
CA PRO B 3325 23.33 45.84 -28.05
C PRO B 3325 22.71 45.50 -29.39
N ARG B 3326 21.89 44.45 -29.42
CA ARG B 3326 21.32 43.95 -30.67
C ARG B 3326 19.87 44.34 -30.89
N GLY B 3327 18.97 43.97 -29.99
CA GLY B 3327 17.53 44.06 -30.22
C GLY B 3327 16.83 45.08 -29.35
N ILE B 3328 15.72 45.60 -29.87
CA ILE B 3328 14.98 46.70 -29.26
C ILE B 3328 13.48 46.50 -29.47
N VAL B 3329 12.70 46.90 -28.47
CA VAL B 3329 11.24 46.89 -28.54
C VAL B 3329 10.72 48.04 -27.68
N LEU B 3330 9.55 48.56 -28.05
CA LEU B 3330 8.95 49.73 -27.42
C LEU B 3330 7.59 49.41 -26.81
N HIS B 3331 7.29 50.07 -25.70
CA HIS B 3331 5.98 50.02 -25.05
C HIS B 3331 5.62 51.45 -24.68
N PRO B 3332 4.73 52.12 -25.44
CA PRO B 3332 4.40 53.51 -25.11
C PRO B 3332 3.47 53.72 -23.92
N GLN B 3333 2.51 52.82 -23.69
CA GLN B 3333 1.58 53.03 -22.59
C GLN B 3333 2.29 53.01 -21.25
N ARG B 3334 3.36 52.23 -21.12
CA ARG B 3334 4.19 52.24 -19.92
C ARG B 3334 5.38 53.17 -20.04
N GLY B 3335 5.61 53.75 -21.22
CA GLY B 3335 6.70 54.69 -21.40
C GLY B 3335 8.06 54.08 -21.25
N TYR B 3336 8.28 52.89 -21.82
CA TYR B 3336 9.51 52.15 -21.64
C TYR B 3336 10.08 51.71 -22.99
N VAL B 3337 11.41 51.61 -23.02
CA VAL B 3337 12.16 51.08 -24.15
C VAL B 3337 12.94 49.89 -23.61
N TYR B 3338 12.86 48.76 -24.30
CA TYR B 3338 13.51 47.52 -23.89
C TYR B 3338 14.56 47.15 -24.92
N TRP B 3339 15.71 46.69 -24.47
CA TRP B 3339 16.75 46.22 -25.35
C TRP B 3339 17.54 45.09 -24.74
N ALA B 3340 18.30 44.40 -25.58
CA ALA B 3340 19.10 43.26 -25.19
C ALA B 3340 20.53 43.42 -25.70
N ASP B 3341 21.46 42.85 -24.93
CA ASP B 3341 22.89 42.92 -25.22
C ASP B 3341 23.48 41.52 -25.08
N TRP B 3342 24.35 41.16 -26.02
CA TRP B 3342 24.99 39.84 -26.01
C TRP B 3342 26.50 39.92 -25.79
N GLY B 3343 26.95 40.86 -24.96
CA GLY B 3343 28.33 40.94 -24.58
C GLY B 3343 28.66 39.82 -23.59
N ASP B 3344 29.90 39.96 -23.00
CA ASP B 3344 30.34 38.94 -22.05
C ASP B 3344 29.28 38.72 -20.98
N HIS B 3345 28.72 39.79 -20.46
CA HIS B 3345 27.62 39.75 -19.49
C HIS B 3345 26.34 40.09 -20.24
N ALA B 3346 25.62 39.08 -20.69
CA ALA B 3346 24.39 39.33 -21.44
C ALA B 3346 23.28 39.80 -20.51
N TYR B 3347 22.45 40.70 -21.00
CA TYR B 3347 21.36 41.23 -20.20
C TYR B 3347 20.24 41.72 -21.10
N ILE B 3348 19.07 41.87 -20.48
CA ILE B 3348 17.94 42.59 -21.04
C ILE B 3348 17.66 43.73 -20.08
N ALA B 3349 17.51 44.94 -20.61
CA ALA B 3349 17.34 46.12 -19.79
C ALA B 3349 16.24 46.99 -20.36
N ARG B 3350 15.66 47.81 -19.50
CA ARG B 3350 14.64 48.77 -19.92
C ARG B 3350 15.02 50.16 -19.44
N ILE B 3351 14.73 51.14 -20.28
CA ILE B 3351 14.93 52.54 -19.99
C ILE B 3351 13.65 53.27 -20.38
N GLY B 3352 13.46 54.45 -19.78
CA GLY B 3352 12.30 55.24 -20.08
C GLY B 3352 12.51 56.05 -21.34
N MET B 3353 11.43 56.29 -22.06
CA MET B 3353 11.52 56.90 -23.38
C MET B 3353 12.11 58.30 -23.35
N ASP B 3354 12.26 58.90 -22.17
CA ASP B 3354 12.95 60.18 -22.01
C ASP B 3354 14.33 60.01 -21.40
N GLY B 3355 14.80 58.77 -21.24
CA GLY B 3355 16.11 58.48 -20.72
C GLY B 3355 16.16 58.16 -19.24
N THR B 3356 15.05 58.23 -18.54
CA THR B 3356 15.02 58.02 -17.09
C THR B 3356 14.77 56.55 -16.73
N ASN B 3357 15.03 56.24 -15.47
CA ASN B 3357 14.78 54.94 -14.86
C ASN B 3357 15.41 53.80 -15.67
N LYS B 3358 16.74 53.80 -15.72
CA LYS B 3358 17.56 52.76 -16.35
C LYS B 3358 17.57 51.54 -15.41
N THR B 3359 17.15 50.37 -15.89
CA THR B 3359 16.92 49.20 -15.08
C THR B 3359 17.25 47.94 -15.87
N VAL B 3360 17.68 46.88 -15.17
CA VAL B 3360 17.95 45.52 -15.69
C VAL B 3360 16.80 44.59 -15.33
N ILE B 3361 16.29 43.85 -16.31
CA ILE B 3361 15.12 43.01 -16.16
C ILE B 3361 15.47 41.52 -16.14
N ILE B 3362 16.38 41.09 -17.00
CA ILE B 3362 16.86 39.72 -17.03
C ILE B 3362 18.38 39.76 -16.97
N SER B 3363 18.97 38.95 -16.11
CA SER B 3363 20.42 38.89 -15.92
C SER B 3363 20.94 37.47 -15.75
N THR B 3364 20.11 36.43 -15.85
CA THR B 3364 20.54 35.07 -15.59
C THR B 3364 19.96 34.14 -16.64
N LYS B 3365 20.70 33.07 -16.91
CA LYS B 3365 20.35 32.07 -17.93
C LYS B 3365 20.13 32.77 -19.27
N ILE B 3366 21.15 33.50 -19.70
CA ILE B 3366 21.08 34.35 -20.87
C ILE B 3366 22.50 34.59 -21.40
N GLU B 3367 22.76 34.25 -22.66
CA GLU B 3367 24.08 34.36 -23.27
C GLU B 3367 24.03 35.16 -24.57
N TRP B 3368 23.10 34.85 -25.48
CA TRP B 3368 23.01 35.46 -26.80
C TRP B 3368 21.57 35.88 -27.08
N PRO B 3369 21.06 36.88 -26.37
CA PRO B 3369 19.68 37.30 -26.60
C PRO B 3369 19.52 38.17 -27.84
N ASN B 3370 19.37 37.53 -29.00
CA ASN B 3370 19.23 38.25 -30.26
C ASN B 3370 17.86 38.91 -30.43
N ALA B 3371 16.81 38.35 -29.85
CA ALA B 3371 15.43 38.74 -30.13
C ALA B 3371 14.66 39.12 -28.88
N ILE B 3372 13.90 40.19 -28.99
CA ILE B 3372 13.09 40.76 -27.92
C ILE B 3372 11.82 41.34 -28.53
N THR B 3373 10.67 41.03 -27.93
CA THR B 3373 9.39 41.54 -28.38
C THR B 3373 8.45 41.62 -27.19
N ILE B 3374 7.34 42.33 -27.38
CA ILE B 3374 6.33 42.49 -26.33
C ILE B 3374 4.95 42.18 -26.89
N ASP B 3375 4.12 41.61 -26.04
CA ASP B 3375 2.72 41.31 -26.34
C ASP B 3375 1.90 42.30 -25.54
N TYR B 3376 1.15 43.15 -26.26
CA TYR B 3376 0.38 44.25 -25.70
C TYR B 3376 -1.02 43.83 -25.27
N THR B 3377 -1.46 42.62 -25.62
CA THR B 3377 -2.78 42.16 -25.20
C THR B 3377 -2.78 41.80 -23.72
N ASN B 3378 -1.64 41.37 -23.20
CA ASN B 3378 -1.55 40.97 -21.79
C ASN B 3378 -0.28 41.46 -21.10
N ASP B 3379 0.45 42.41 -21.69
CA ASP B 3379 1.65 42.97 -21.06
C ASP B 3379 2.64 41.87 -20.71
N LEU B 3380 3.16 41.21 -21.74
CA LEU B 3380 4.19 40.20 -21.57
C LEU B 3380 5.39 40.48 -22.46
N LEU B 3381 6.56 40.06 -22.00
CA LEU B 3381 7.82 40.32 -22.68
C LEU B 3381 8.44 38.98 -23.06
N TYR B 3382 8.73 38.80 -24.34
CA TYR B 3382 9.28 37.58 -24.90
C TYR B 3382 10.67 37.85 -25.41
N TRP B 3383 11.57 36.88 -25.24
CA TRP B 3383 12.90 37.00 -25.80
C TRP B 3383 13.42 35.63 -26.17
N ALA B 3384 14.38 35.62 -27.09
CA ALA B 3384 14.97 34.39 -27.61
C ALA B 3384 16.48 34.42 -27.43
N ASP B 3385 17.04 33.26 -27.12
CA ASP B 3385 18.46 33.07 -26.91
C ASP B 3385 18.95 32.03 -27.90
N ALA B 3386 20.02 32.40 -28.62
CA ALA B 3386 20.60 31.60 -29.69
C ALA B 3386 21.60 30.56 -29.22
N HIS B 3387 22.25 30.77 -28.08
CA HIS B 3387 23.21 29.82 -27.53
C HIS B 3387 22.49 28.75 -26.71
N LEU B 3388 21.63 29.18 -25.80
CA LEU B 3388 20.81 28.29 -24.99
C LEU B 3388 19.62 27.74 -25.78
N GLY B 3389 19.32 28.28 -26.96
CA GLY B 3389 18.33 27.76 -27.87
C GLY B 3389 16.91 27.80 -27.34
N TYR B 3390 16.49 28.93 -26.75
CA TYR B 3390 15.17 28.99 -26.13
C TYR B 3390 14.42 30.24 -26.52
N ILE B 3391 13.10 30.17 -26.31
CA ILE B 3391 12.20 31.31 -26.29
C ILE B 3391 11.55 31.31 -24.92
N GLU B 3392 11.61 32.45 -24.24
CA GLU B 3392 11.06 32.58 -22.90
C GLU B 3392 10.18 33.82 -22.85
N PHE B 3393 9.20 33.80 -21.94
CA PHE B 3393 8.40 34.98 -21.68
C PHE B 3393 8.30 35.22 -20.18
N SER B 3394 8.26 36.51 -19.86
CA SER B 3394 8.15 37.01 -18.51
C SER B 3394 7.14 38.14 -18.48
N ASP B 3395 6.91 38.65 -17.28
CA ASP B 3395 6.10 39.84 -17.08
C ASP B 3395 7.08 41.01 -17.06
N LEU B 3396 6.57 42.19 -17.41
CA LEU B 3396 7.41 43.31 -17.79
C LEU B 3396 8.46 43.66 -16.74
N GLU B 3397 8.26 43.29 -15.47
CA GLU B 3397 9.29 43.54 -14.47
C GLU B 3397 10.34 42.44 -14.40
N GLY B 3398 10.08 41.28 -14.99
CA GLY B 3398 11.05 40.19 -15.01
C GLY B 3398 10.92 39.20 -13.89
N HIS B 3399 9.81 39.19 -13.16
CA HIS B 3399 9.68 38.46 -11.91
C HIS B 3399 9.21 37.02 -12.08
N HIS B 3400 8.53 36.70 -13.17
CA HIS B 3400 8.09 35.34 -13.47
C HIS B 3400 8.61 34.96 -14.83
N ARG B 3401 9.09 33.73 -14.98
CA ARG B 3401 9.71 33.28 -16.20
C ARG B 3401 9.13 31.93 -16.63
N HIS B 3402 8.86 31.80 -17.92
CA HIS B 3402 8.31 30.58 -18.48
C HIS B 3402 8.94 30.36 -19.84
N THR B 3403 8.97 29.10 -20.27
CA THR B 3403 9.64 28.68 -21.50
C THR B 3403 8.63 28.17 -22.50
N VAL B 3404 8.62 28.78 -23.70
CA VAL B 3404 7.84 28.24 -24.80
C VAL B 3404 8.58 27.05 -25.39
N TYR B 3405 9.89 27.20 -25.55
CA TYR B 3405 10.80 26.17 -26.02
C TYR B 3405 11.97 26.14 -25.05
N ASP B 3406 12.50 24.96 -24.78
CA ASP B 3406 13.42 24.73 -23.68
C ASP B 3406 14.74 24.13 -24.14
N GLY B 3407 15.35 24.71 -25.16
CA GLY B 3407 16.65 24.28 -25.64
C GLY B 3407 16.58 23.41 -26.87
N THR B 3408 15.82 23.86 -27.86
CA THR B 3408 15.61 23.08 -29.08
C THR B 3408 15.64 23.92 -30.35
N LEU B 3409 15.95 25.22 -30.27
CA LEU B 3409 15.92 26.11 -31.42
C LEU B 3409 17.34 26.50 -31.82
N PRO B 3410 17.84 26.11 -33.00
CA PRO B 3410 19.21 26.51 -33.39
C PRO B 3410 19.28 27.94 -33.90
N HIS B 3411 19.86 28.82 -33.10
CA HIS B 3411 20.17 30.20 -33.41
C HIS B 3411 19.03 31.04 -33.98
N PRO B 3412 17.98 31.32 -33.21
CA PRO B 3412 17.00 32.32 -33.62
C PRO B 3412 17.61 33.72 -33.63
N PHE B 3413 16.98 34.61 -34.39
CA PHE B 3413 17.43 36.01 -34.48
C PHE B 3413 16.37 37.02 -34.13
N ALA B 3414 15.12 36.82 -34.57
CA ALA B 3414 14.07 37.80 -34.38
C ALA B 3414 12.75 37.09 -34.15
N LEU B 3415 11.86 37.77 -33.44
CA LEU B 3415 10.66 37.23 -32.85
C LEU B 3415 9.53 38.25 -32.89
N THR B 3416 8.31 37.77 -33.16
CA THR B 3416 7.12 38.61 -33.20
C THR B 3416 5.93 37.75 -32.81
N ILE B 3417 4.85 38.40 -32.38
CA ILE B 3417 3.69 37.71 -31.81
C ILE B 3417 2.40 38.27 -32.38
N PHE B 3418 1.43 37.40 -32.59
CA PHE B 3418 0.07 37.79 -32.94
C PHE B 3418 -0.86 36.66 -32.52
N GLU B 3419 -1.99 37.04 -31.93
CA GLU B 3419 -3.02 36.11 -31.40
C GLU B 3419 -2.31 35.07 -30.54
N ASP B 3420 -2.65 33.78 -30.68
CA ASP B 3420 -2.04 32.70 -29.90
C ASP B 3420 -0.77 32.16 -30.54
N THR B 3421 -0.15 32.92 -31.44
CA THR B 3421 0.93 32.45 -32.28
C THR B 3421 2.14 33.38 -32.17
N VAL B 3422 3.31 32.78 -32.26
CA VAL B 3422 4.59 33.48 -32.24
C VAL B 3422 5.36 33.02 -33.47
N PHE B 3423 5.98 33.98 -34.16
CA PHE B 3423 6.75 33.76 -35.38
C PHE B 3423 8.19 34.14 -35.12
N TRP B 3424 9.15 33.38 -35.63
CA TRP B 3424 10.55 33.69 -35.42
C TRP B 3424 11.39 33.28 -36.63
N THR B 3425 12.54 33.94 -36.73
CA THR B 3425 13.50 33.73 -37.81
C THR B 3425 14.70 32.98 -37.27
N ASP B 3426 15.22 32.07 -38.08
CA ASP B 3426 16.29 31.17 -37.68
C ASP B 3426 17.39 31.23 -38.72
N TRP B 3427 18.59 31.56 -38.26
CA TRP B 3427 19.78 31.69 -39.07
C TRP B 3427 20.35 30.37 -39.53
N ASN B 3428 20.47 29.37 -38.66
CA ASN B 3428 21.25 28.18 -38.96
C ASN B 3428 20.51 27.25 -39.91
N THR B 3429 19.19 27.21 -39.87
CA THR B 3429 18.41 26.51 -40.87
C THR B 3429 17.79 27.46 -41.89
N ARG B 3430 18.07 28.76 -41.78
CA ARG B 3430 17.63 29.78 -42.74
C ARG B 3430 16.13 29.64 -43.04
N THR B 3431 15.34 29.90 -41.99
CA THR B 3431 13.90 29.64 -42.09
C THR B 3431 13.11 30.58 -41.20
N VAL B 3432 11.81 30.60 -41.47
CA VAL B 3432 10.82 31.35 -40.70
C VAL B 3432 9.82 30.33 -40.20
N GLU B 3433 9.54 30.35 -38.91
CA GLU B 3433 8.71 29.34 -38.27
C GLU B 3433 7.65 29.99 -37.40
N LYS B 3434 6.53 29.29 -37.26
CA LYS B 3434 5.45 29.73 -36.37
C LYS B 3434 5.11 28.60 -35.41
N GLY B 3435 4.78 28.99 -34.19
CA GLY B 3435 4.39 28.08 -33.13
C GLY B 3435 3.42 28.78 -32.19
N ASN B 3436 3.03 28.05 -31.15
CA ASN B 3436 2.05 28.55 -30.19
C ASN B 3436 2.82 29.17 -29.04
N LYS B 3437 2.40 30.38 -28.63
CA LYS B 3437 3.20 31.24 -27.79
C LYS B 3437 3.27 30.79 -26.33
N TYR B 3438 2.36 29.91 -25.88
CA TYR B 3438 2.38 29.47 -24.49
C TYR B 3438 3.08 28.14 -24.29
N ASP B 3439 3.06 27.26 -25.29
CA ASP B 3439 3.68 25.94 -25.15
C ASP B 3439 4.45 25.48 -26.38
N GLY B 3440 4.57 26.30 -27.41
CA GLY B 3440 5.28 25.88 -28.60
C GLY B 3440 4.59 24.84 -29.43
N SER B 3441 3.34 24.51 -29.12
CA SER B 3441 2.62 23.51 -29.88
C SER B 3441 2.25 24.07 -31.25
N GLY B 3442 1.88 23.17 -32.15
CA GLY B 3442 1.45 23.56 -33.47
C GLY B 3442 2.53 24.33 -34.20
N ARG B 3443 3.66 23.67 -34.46
CA ARG B 3443 4.87 24.27 -35.03
C ARG B 3443 5.04 23.90 -36.49
N VAL B 3444 5.27 24.88 -37.36
CA VAL B 3444 5.55 24.66 -38.79
C VAL B 3444 6.56 25.67 -39.35
N VAL B 3445 7.24 25.25 -40.41
CA VAL B 3445 8.18 26.10 -41.19
C VAL B 3445 7.32 26.76 -42.27
N LEU B 3446 7.22 28.08 -42.27
CA LEU B 3446 6.45 28.82 -43.27
C LEU B 3446 7.23 28.91 -44.58
N VAL B 3447 8.49 29.36 -44.55
CA VAL B 3447 9.35 29.41 -45.77
C VAL B 3447 10.81 29.27 -45.39
N ASN B 3448 11.67 28.90 -46.35
CA ASN B 3448 13.15 28.85 -46.18
C ASN B 3448 13.79 29.70 -47.26
N THR B 3449 14.95 30.31 -47.01
CA THR B 3449 15.62 31.28 -47.89
C THR B 3449 17.10 30.90 -48.12
N THR B 3450 17.73 31.40 -49.20
CA THR B 3450 19.17 31.16 -49.47
C THR B 3450 20.07 32.04 -48.60
N HIS B 3451 19.66 33.27 -48.28
CA HIS B 3451 20.50 34.25 -47.48
C HIS B 3451 20.17 34.13 -45.98
N LYS B 3452 20.57 35.06 -45.10
CA LYS B 3452 20.17 35.00 -43.67
C LYS B 3452 18.84 35.75 -43.48
N PRO B 3453 17.78 35.17 -42.88
CA PRO B 3453 16.47 35.83 -42.79
C PRO B 3453 16.41 37.20 -42.08
N PHE B 3454 17.19 37.51 -41.04
CA PHE B 3454 17.24 38.84 -40.34
C PHE B 3454 15.88 39.24 -39.72
N ASP B 3455 15.56 40.51 -39.47
CA ASP B 3455 14.52 40.90 -38.47
C ASP B 3455 13.09 40.91 -39.03
N ILE B 3456 12.18 40.18 -38.35
CA ILE B 3456 10.78 39.85 -38.76
C ILE B 3456 9.78 40.77 -38.04
N HIS B 3457 8.67 41.11 -38.66
CA HIS B 3457 7.60 41.87 -38.04
C HIS B 3457 6.26 41.35 -38.53
N VAL B 3458 5.23 41.59 -37.74
CA VAL B 3458 3.85 41.33 -38.11
C VAL B 3458 3.20 42.69 -38.30
N LEU B 3459 2.49 42.82 -39.42
CA LEU B 3459 1.93 44.08 -39.88
C LEU B 3459 0.42 43.92 -39.88
N HIS B 3460 -0.22 44.67 -38.99
CA HIS B 3460 -1.64 44.70 -38.70
C HIS B 3460 -1.84 45.86 -37.73
N PRO B 3461 -2.97 46.57 -37.78
CA PRO B 3461 -3.14 47.73 -36.89
C PRO B 3461 -2.99 47.44 -35.40
N TYR B 3462 -3.49 46.29 -34.92
CA TYR B 3462 -3.52 46.02 -33.48
C TYR B 3462 -2.14 45.85 -32.87
N ARG B 3463 -1.09 45.67 -33.67
CA ARG B 3463 0.25 45.59 -33.12
C ARG B 3463 0.84 46.95 -32.77
N GLN B 3464 0.12 48.03 -33.09
CA GLN B 3464 0.50 49.40 -32.72
C GLN B 3464 -0.74 50.03 -32.09
N PRO B 3465 -1.03 49.69 -30.83
CA PRO B 3465 -2.31 50.09 -30.25
C PRO B 3465 -2.47 51.59 -30.11
N ILE B 3466 -3.75 51.99 -30.07
CA ILE B 3466 -4.13 53.40 -30.01
C ILE B 3466 -3.96 53.93 -28.60
N MET B 3467 -3.36 55.11 -28.49
CA MET B 3467 -3.32 55.88 -27.25
C MET B 3467 -3.08 57.33 -27.61
N SER B 3468 -3.42 58.22 -26.69
CA SER B 3468 -3.28 59.65 -26.92
C SER B 3468 -1.83 60.08 -26.77
N ASN B 3469 -1.40 60.98 -27.66
CA ASN B 3469 -0.03 61.46 -27.66
C ASN B 3469 0.11 62.62 -26.68
N PRO B 3470 0.90 62.51 -25.61
CA PRO B 3470 1.03 63.65 -24.70
C PRO B 3470 1.71 64.87 -25.31
N CYS B 3471 2.49 64.69 -26.37
CA CYS B 3471 3.21 65.76 -27.03
C CYS B 3471 2.42 66.43 -28.14
N ALA B 3472 1.12 66.13 -28.24
CA ALA B 3472 0.34 66.48 -29.43
C ALA B 3472 0.27 67.98 -29.66
N THR B 3473 -0.10 68.75 -28.63
CA THR B 3473 -0.32 70.19 -28.81
C THR B 3473 1.01 70.93 -28.83
N ASN B 3474 1.46 71.30 -30.04
CA ASN B 3474 2.65 72.14 -30.24
C ASN B 3474 3.88 71.53 -29.55
N ASN B 3475 4.05 70.21 -29.70
CA ASN B 3475 5.15 69.49 -29.08
C ASN B 3475 5.17 69.69 -27.57
N GLY B 3476 4.00 69.91 -26.97
CA GLY B 3476 3.92 70.13 -25.54
C GLY B 3476 4.66 71.36 -25.06
N GLY B 3477 4.90 72.31 -25.96
CA GLY B 3477 5.68 73.48 -25.64
C GLY B 3477 7.17 73.28 -25.66
N CYS B 3478 7.63 72.06 -25.94
CA CYS B 3478 9.06 71.80 -25.99
C CYS B 3478 9.68 72.50 -27.19
N SER B 3479 10.90 73.01 -27.00
CA SER B 3479 11.58 73.70 -28.09
C SER B 3479 12.14 72.75 -29.14
N HIS B 3480 12.78 71.65 -28.72
CA HIS B 3480 13.42 70.74 -29.66
C HIS B 3480 12.83 69.33 -29.66
N LEU B 3481 12.91 68.59 -28.56
CA LEU B 3481 12.42 67.22 -28.50
C LEU B 3481 11.42 67.04 -27.37
N CYS B 3482 10.37 66.27 -27.63
CA CYS B 3482 9.36 65.93 -26.65
C CYS B 3482 9.29 64.41 -26.58
N LEU B 3483 9.49 63.86 -25.38
CA LEU B 3483 9.59 62.42 -25.18
C LEU B 3483 8.68 61.97 -24.05
N ILE B 3484 8.08 60.79 -24.19
CA ILE B 3484 7.17 60.29 -23.18
C ILE B 3484 7.94 59.95 -21.92
N LYS B 3485 7.39 60.34 -20.77
CA LYS B 3485 8.00 60.04 -19.48
C LYS B 3485 7.89 58.56 -19.15
N ALA B 3486 8.80 58.10 -18.30
CA ALA B 3486 8.71 56.76 -17.76
C ALA B 3486 7.38 56.58 -17.06
N GLY B 3487 6.79 55.41 -17.21
CA GLY B 3487 5.46 55.13 -16.72
C GLY B 3487 4.36 55.49 -17.69
N GLY B 3488 4.66 56.27 -18.72
CA GLY B 3488 3.76 56.51 -19.82
C GLY B 3488 2.82 57.69 -19.70
N ARG B 3489 2.84 58.39 -18.57
CA ARG B 3489 2.00 59.58 -18.38
C ARG B 3489 2.89 60.81 -18.34
N GLY B 3490 2.60 61.76 -19.23
CA GLY B 3490 3.31 63.01 -19.30
C GLY B 3490 4.53 62.94 -20.20
N PHE B 3491 5.15 64.12 -20.39
CA PHE B 3491 6.22 64.30 -21.35
C PHE B 3491 7.36 65.08 -20.73
N THR B 3492 8.50 65.00 -21.40
CA THR B 3492 9.74 65.63 -21.00
C THR B 3492 10.34 66.32 -22.22
N CYS B 3493 10.75 67.57 -22.04
CA CYS B 3493 11.41 68.32 -23.10
C CYS B 3493 12.91 68.10 -23.01
N GLU B 3494 13.54 67.98 -24.17
CA GLU B 3494 14.98 67.74 -24.22
C GLU B 3494 15.58 68.38 -25.46
N CYS B 3495 16.91 68.43 -25.48
CA CYS B 3495 17.76 69.11 -26.42
C CYS B 3495 18.62 68.12 -27.20
N PRO B 3496 18.97 68.42 -28.45
CA PRO B 3496 19.88 67.55 -29.21
C PRO B 3496 21.23 67.43 -28.52
N ASP B 3497 22.07 66.56 -29.06
CA ASP B 3497 23.25 66.04 -28.39
C ASP B 3497 24.40 67.03 -28.32
N ASP B 3498 24.39 68.12 -29.08
CA ASP B 3498 25.40 69.16 -28.96
C ASP B 3498 24.79 70.43 -28.36
N PHE B 3499 23.77 70.26 -27.53
CA PHE B 3499 23.11 71.34 -26.83
C PHE B 3499 23.13 71.05 -25.32
N GLN B 3500 23.06 72.10 -24.52
CA GLN B 3500 22.98 71.99 -23.08
C GLN B 3500 21.55 72.28 -22.65
N THR B 3501 21.00 71.40 -21.82
CA THR B 3501 19.65 71.55 -21.31
C THR B 3501 19.69 72.26 -19.97
N VAL B 3502 18.77 73.20 -19.77
CA VAL B 3502 18.65 73.90 -18.50
C VAL B 3502 17.18 74.20 -18.26
N GLN B 3503 16.82 74.32 -16.98
CA GLN B 3503 15.44 74.51 -16.57
C GLN B 3503 15.25 75.88 -15.95
N LEU B 3504 14.08 76.48 -16.21
CA LEU B 3504 13.71 77.79 -15.73
C LEU B 3504 12.26 77.71 -15.27
N ARG B 3505 11.76 78.80 -14.69
CA ARG B 3505 10.40 78.82 -14.15
C ARG B 3505 9.38 78.45 -15.24
N ASP B 3506 8.76 77.27 -15.09
CA ASP B 3506 7.77 76.78 -16.04
C ASP B 3506 8.32 76.77 -17.47
N ARG B 3507 9.61 76.51 -17.62
CA ARG B 3507 10.23 76.61 -18.94
C ARG B 3507 11.48 75.75 -18.97
N THR B 3508 11.89 75.38 -20.19
CA THR B 3508 13.15 74.70 -20.44
C THR B 3508 13.85 75.41 -21.59
N LEU B 3509 15.18 75.35 -21.57
CA LEU B 3509 16.00 76.04 -22.56
C LEU B 3509 17.11 75.13 -23.05
N CYS B 3510 17.36 75.22 -24.35
CA CYS B 3510 18.47 74.51 -25.00
C CYS B 3510 19.47 75.56 -25.48
N MET B 3511 20.70 75.46 -25.00
CA MET B 3511 21.77 76.37 -25.38
C MET B 3511 22.73 75.64 -26.29
N PRO B 3512 22.97 76.05 -27.53
CA PRO B 3512 23.91 75.30 -28.37
C PRO B 3512 25.31 75.41 -27.83
N MET B 3513 25.98 74.26 -27.69
CA MET B 3513 27.34 74.21 -27.20
C MET B 3513 28.23 73.44 -28.16
N CYS B 3514 27.94 73.53 -29.45
CA CYS B 3514 28.63 72.68 -30.40
C CYS B 3514 29.95 73.31 -30.81
N SER B 3515 30.87 72.44 -31.19
CA SER B 3515 32.30 72.62 -31.27
C SER B 3515 32.72 73.28 -32.58
N SER B 3516 33.99 73.65 -32.61
CA SER B 3516 34.71 73.93 -33.82
C SER B 3516 34.68 72.68 -34.70
N THR B 3517 34.76 72.88 -36.00
CA THR B 3517 34.53 71.86 -37.01
C THR B 3517 33.06 71.46 -37.10
N GLN B 3518 32.18 72.23 -36.48
CA GLN B 3518 30.74 72.06 -36.59
C GLN B 3518 30.14 73.44 -36.86
N PHE B 3519 28.89 73.45 -37.32
CA PHE B 3519 28.23 74.67 -37.73
C PHE B 3519 26.79 74.63 -37.25
N LEU B 3520 26.29 75.80 -36.86
CA LEU B 3520 25.01 75.97 -36.19
C LEU B 3520 24.04 76.71 -37.11
N CYS B 3521 22.77 76.35 -36.99
CA CYS B 3521 21.72 76.87 -37.85
C CYS B 3521 20.96 77.97 -37.12
N GLY B 3522 20.40 78.90 -37.88
CA GLY B 3522 19.80 80.08 -37.29
C GLY B 3522 18.60 79.79 -36.40
N ASN B 3523 17.84 78.74 -36.71
CA ASN B 3523 16.71 78.36 -35.87
C ASN B 3523 17.13 77.66 -34.59
N ASN B 3524 18.44 77.50 -34.35
CA ASN B 3524 18.95 76.71 -33.23
C ASN B 3524 18.38 75.30 -33.25
N GLU B 3525 18.09 74.81 -34.45
CA GLU B 3525 17.52 73.48 -34.63
C GLU B 3525 18.58 72.41 -34.41
N LYS B 3526 19.69 72.51 -35.13
CA LYS B 3526 20.72 71.49 -35.17
C LYS B 3526 22.07 72.16 -35.34
N CYS B 3527 23.11 71.37 -35.14
CA CYS B 3527 24.49 71.77 -35.42
C CYS B 3527 25.08 70.66 -36.28
N ILE B 3528 25.78 71.04 -37.35
CA ILE B 3528 26.21 70.09 -38.37
C ILE B 3528 27.72 70.22 -38.59
N PRO B 3529 28.35 69.17 -39.11
CA PRO B 3529 29.78 69.25 -39.45
C PRO B 3529 30.10 70.44 -40.36
N ILE B 3530 31.30 70.97 -40.19
CA ILE B 3530 31.73 72.13 -40.99
C ILE B 3530 31.77 71.82 -42.48
N TRP B 3531 32.24 70.63 -42.87
CA TRP B 3531 32.28 70.32 -44.29
C TRP B 3531 30.90 70.32 -44.95
N TRP B 3532 29.85 70.07 -44.19
CA TRP B 3532 28.49 70.22 -44.72
C TRP B 3532 28.14 71.65 -45.07
N LYS B 3533 28.78 72.62 -44.42
CA LYS B 3533 28.35 74.02 -44.43
C LYS B 3533 28.03 74.52 -45.83
N CYS B 3534 28.90 74.23 -46.80
CA CYS B 3534 28.66 74.64 -48.19
C CYS B 3534 29.07 73.51 -49.13
N ASP B 3535 28.09 72.67 -49.46
CA ASP B 3535 28.29 71.47 -50.27
C ASP B 3535 27.27 71.30 -51.38
N GLY B 3536 26.39 72.27 -51.59
CA GLY B 3536 25.28 72.18 -52.51
C GLY B 3536 24.01 71.55 -51.98
N GLN B 3537 24.02 71.02 -50.77
CA GLN B 3537 22.85 70.38 -50.16
C GLN B 3537 22.41 71.18 -48.95
N LYS B 3538 21.14 71.57 -48.94
CA LYS B 3538 20.57 72.26 -47.80
C LYS B 3538 20.42 71.26 -46.65
N ASP B 3539 21.12 71.53 -45.55
CA ASP B 3539 21.12 70.65 -44.39
C ASP B 3539 20.35 71.22 -43.22
N CYS B 3540 20.40 72.52 -42.99
CA CYS B 3540 19.49 73.15 -42.04
C CYS B 3540 18.11 73.23 -42.67
N SER B 3541 17.08 73.09 -41.83
CA SER B 3541 15.73 73.19 -42.35
C SER B 3541 15.45 74.58 -42.92
N ASP B 3542 16.07 75.61 -42.34
CA ASP B 3542 15.91 76.97 -42.82
C ASP B 3542 16.81 77.30 -44.01
N GLY B 3543 17.63 76.36 -44.47
CA GLY B 3543 18.58 76.67 -45.51
C GLY B 3543 19.72 77.57 -45.08
N SER B 3544 19.94 77.70 -43.77
CA SER B 3544 20.89 78.65 -43.24
C SER B 3544 22.34 78.31 -43.58
N ASP B 3545 22.64 77.05 -43.86
CA ASP B 3545 24.02 76.65 -44.16
C ASP B 3545 24.39 76.95 -45.62
N GLU B 3546 23.53 76.57 -46.55
CA GLU B 3546 23.81 76.63 -47.98
C GLU B 3546 23.54 78.01 -48.57
N SER B 3547 24.18 79.02 -47.99
CA SER B 3547 23.92 80.38 -48.44
C SER B 3547 24.66 80.67 -49.75
N ASP B 3548 24.22 81.73 -50.41
CA ASP B 3548 24.84 82.14 -51.68
C ASP B 3548 26.22 82.74 -51.48
N LEU B 3549 26.51 83.30 -50.31
CA LEU B 3549 27.79 83.96 -50.04
C LEU B 3549 28.87 82.96 -49.67
N CYS B 3550 29.11 81.99 -50.56
CA CYS B 3550 30.02 80.88 -50.32
C CYS B 3550 31.03 80.74 -51.45
N PRO B 3551 32.25 80.29 -51.16
CA PRO B 3551 33.21 79.97 -52.22
C PRO B 3551 32.69 78.90 -53.18
N HIS B 3552 33.47 78.66 -54.23
CA HIS B 3552 33.18 77.57 -55.16
C HIS B 3552 33.51 76.21 -54.54
N ARG B 3553 32.58 75.28 -54.64
CA ARG B 3553 32.72 73.92 -54.11
C ARG B 3553 33.40 73.01 -55.12
N PHE B 3554 34.72 72.91 -55.02
CA PHE B 3554 35.50 72.04 -55.91
C PHE B 3554 35.33 70.57 -55.54
N CYS B 3555 35.40 70.26 -54.26
CA CYS B 3555 35.45 68.90 -53.77
C CYS B 3555 34.10 68.19 -53.84
N ARG B 3556 34.17 66.86 -53.86
CA ARG B 3556 33.01 66.01 -53.85
C ARG B 3556 32.20 66.19 -52.56
N LEU B 3557 30.93 65.81 -52.64
CA LEU B 3557 30.05 65.79 -51.49
C LEU B 3557 30.59 64.93 -50.35
N GLY B 3558 30.69 65.52 -49.16
CA GLY B 3558 31.23 64.86 -47.98
C GLY B 3558 32.72 64.96 -47.78
N GLN B 3559 33.48 65.39 -48.78
CA GLN B 3559 34.88 65.71 -48.57
C GLN B 3559 35.02 67.06 -47.89
N PHE B 3560 36.22 67.33 -47.38
CA PHE B 3560 36.53 68.58 -46.69
C PHE B 3560 37.46 69.39 -47.57
N GLN B 3561 37.18 70.67 -47.67
CA GLN B 3561 37.80 71.57 -48.64
C GLN B 3561 38.67 72.61 -47.95
N CYS B 3562 39.84 72.84 -48.52
CA CYS B 3562 40.82 73.77 -48.03
C CYS B 3562 40.79 75.04 -48.89
N ARG B 3563 41.17 76.16 -48.26
CA ARG B 3563 41.23 77.47 -48.91
C ARG B 3563 41.85 77.43 -50.31
N ASP B 3564 42.88 76.60 -50.51
CA ASP B 3564 43.48 76.44 -51.84
C ASP B 3564 42.50 75.91 -52.87
N GLY B 3565 41.40 75.31 -52.43
CA GLY B 3565 40.51 74.53 -53.28
C GLY B 3565 40.96 73.11 -53.51
N ASN B 3566 41.42 72.46 -52.46
CA ASN B 3566 41.93 71.09 -52.46
C ASN B 3566 41.05 70.31 -51.49
N CYS B 3567 41.06 68.99 -51.66
CA CYS B 3567 40.14 68.10 -50.99
C CYS B 3567 40.87 67.04 -50.17
N THR B 3568 40.38 66.83 -48.94
CA THR B 3568 40.86 65.79 -48.05
C THR B 3568 39.69 65.16 -47.31
N SER B 3569 39.85 63.90 -46.94
CA SER B 3569 38.84 63.23 -46.14
C SER B 3569 38.70 63.94 -44.79
N PRO B 3570 37.47 64.07 -44.24
CA PRO B 3570 37.32 64.77 -42.94
C PRO B 3570 38.13 64.18 -41.80
N GLN B 3571 38.46 62.89 -41.84
CA GLN B 3571 39.28 62.31 -40.77
C GLN B 3571 40.65 62.97 -40.69
N ALA B 3572 41.09 63.57 -41.79
CA ALA B 3572 42.35 64.31 -41.79
C ALA B 3572 42.31 65.48 -40.82
N LEU B 3573 41.17 66.15 -40.72
CA LEU B 3573 41.06 67.40 -39.97
C LEU B 3573 41.41 67.21 -38.50
N CYS B 3574 42.33 68.04 -38.03
CA CYS B 3574 42.82 68.06 -36.65
C CYS B 3574 43.27 66.68 -36.17
N ASN B 3575 44.30 66.16 -36.82
CA ASN B 3575 44.96 64.92 -36.43
C ASN B 3575 46.44 65.12 -36.13
N ALA B 3576 46.89 66.36 -35.97
CA ALA B 3576 48.25 66.75 -35.58
C ALA B 3576 49.29 66.47 -36.66
N ARG B 3577 48.89 66.19 -37.90
CA ARG B 3577 49.80 66.14 -39.03
C ARG B 3577 49.18 66.87 -40.20
N GLN B 3578 50.00 67.64 -40.92
CA GLN B 3578 49.51 68.44 -42.02
C GLN B 3578 49.22 67.57 -43.23
N ASP B 3579 47.95 67.58 -43.66
CA ASP B 3579 47.46 66.78 -44.78
C ASP B 3579 47.06 67.61 -45.98
N CYS B 3580 46.84 68.91 -45.80
CA CYS B 3580 46.45 69.84 -46.86
C CYS B 3580 47.49 70.95 -46.92
N ALA B 3581 47.76 71.40 -48.16
CA ALA B 3581 48.82 72.39 -48.40
C ALA B 3581 48.62 73.64 -47.55
N ASP B 3582 47.40 74.19 -47.54
CA ASP B 3582 47.12 75.39 -46.75
C ASP B 3582 47.48 75.20 -45.29
N GLY B 3583 47.36 73.99 -44.77
CA GLY B 3583 47.41 73.75 -43.36
C GLY B 3583 46.13 74.11 -42.65
N SER B 3584 45.07 74.46 -43.40
CA SER B 3584 43.77 74.66 -42.80
C SER B 3584 43.31 73.37 -42.14
N ASP B 3585 43.79 72.23 -42.67
CA ASP B 3585 43.58 70.92 -42.08
C ASP B 3585 43.90 70.89 -40.59
N GLU B 3586 44.82 71.75 -40.14
CA GLU B 3586 45.25 71.81 -38.74
C GLU B 3586 45.19 73.23 -38.20
N ASP B 3587 44.28 74.06 -38.74
CA ASP B 3587 44.17 75.44 -38.30
C ASP B 3587 43.84 75.51 -36.82
N ARG B 3588 44.46 76.46 -36.13
CA ARG B 3588 44.20 76.67 -34.71
C ARG B 3588 42.73 76.99 -34.47
N VAL B 3589 42.14 77.82 -35.33
CA VAL B 3589 40.75 78.23 -35.16
C VAL B 3589 39.82 77.04 -35.23
N LEU B 3590 40.15 76.06 -36.08
CA LEU B 3590 39.30 74.88 -36.22
C LEU B 3590 39.56 73.83 -35.14
N CYS B 3591 40.80 73.68 -34.71
CA CYS B 3591 41.12 72.62 -33.77
C CYS B 3591 40.90 73.02 -32.31
N GLU B 3592 40.98 74.30 -31.98
CA GLU B 3592 40.64 74.73 -30.63
C GLU B 3592 39.15 74.54 -30.41
N HIS B 3593 38.79 74.05 -29.23
CA HIS B 3593 37.41 73.74 -28.90
C HIS B 3593 36.85 72.65 -29.81
N HIS B 3594 37.70 71.69 -30.17
CA HIS B 3594 37.31 70.52 -30.94
C HIS B 3594 36.97 69.38 -30.01
N ARG B 3595 36.06 68.50 -30.45
CA ARG B 3595 35.57 67.40 -29.64
C ARG B 3595 35.57 66.10 -30.45
N CYS B 3596 36.01 65.02 -29.81
CA CYS B 3596 36.16 63.72 -30.43
C CYS B 3596 34.86 62.91 -30.34
N GLU B 3597 34.90 61.70 -30.87
CA GLU B 3597 33.77 60.78 -30.83
C GLU B 3597 33.65 60.15 -29.44
N ALA B 3598 32.47 59.58 -29.17
CA ALA B 3598 32.17 59.03 -27.85
C ALA B 3598 33.07 57.86 -27.47
N ASN B 3599 33.68 57.18 -28.45
CA ASN B 3599 34.55 56.03 -28.19
C ASN B 3599 36.02 56.38 -28.40
N GLU B 3600 36.38 57.63 -28.15
CA GLU B 3600 37.73 58.12 -28.36
C GLU B 3600 38.18 58.94 -27.16
N TRP B 3601 39.49 59.20 -27.12
CA TRP B 3601 40.10 60.05 -26.13
C TRP B 3601 40.93 61.09 -26.89
N GLN B 3602 41.05 62.27 -26.29
CA GLN B 3602 41.69 63.40 -26.95
C GLN B 3602 43.05 63.68 -26.34
N CYS B 3603 43.95 64.19 -27.17
CA CYS B 3603 45.32 64.50 -26.84
C CYS B 3603 45.54 66.00 -26.87
N ALA B 3604 46.58 66.44 -26.15
CA ALA B 3604 46.86 67.87 -26.03
C ALA B 3604 47.01 68.55 -27.38
N ASN B 3605 47.52 67.83 -28.38
CA ASN B 3605 47.61 68.38 -29.74
C ASN B 3605 46.29 68.36 -30.48
N LYS B 3606 45.18 68.06 -29.79
CA LYS B 3606 43.85 67.98 -30.40
C LYS B 3606 43.83 66.91 -31.48
N ARG B 3607 44.15 65.69 -31.05
CA ARG B 3607 44.06 64.48 -31.85
C ARG B 3607 43.24 63.48 -31.08
N CYS B 3608 42.53 62.61 -31.79
CA CYS B 3608 41.65 61.63 -31.18
C CYS B 3608 42.19 60.23 -31.43
N ILE B 3609 42.23 59.43 -30.37
CA ILE B 3609 42.67 58.04 -30.45
C ILE B 3609 41.65 57.15 -29.73
N PRO B 3610 41.50 55.88 -30.10
CA PRO B 3610 40.64 54.99 -29.32
C PRO B 3610 41.13 54.90 -27.88
N GLU B 3611 40.17 54.77 -26.96
CA GLU B 3611 40.50 54.77 -25.54
C GLU B 3611 41.42 53.62 -25.16
N TYR B 3612 41.35 52.49 -25.86
CA TYR B 3612 42.23 51.38 -25.49
C TYR B 3612 43.68 51.68 -25.81
N TRP B 3613 43.96 52.59 -26.74
CA TRP B 3613 45.31 53.04 -27.04
C TRP B 3613 45.91 53.93 -25.96
N GLN B 3614 45.10 54.38 -25.00
CA GLN B 3614 45.42 55.52 -24.16
C GLN B 3614 46.69 55.33 -23.33
N CYS B 3615 46.95 54.13 -22.82
CA CYS B 3615 48.21 53.85 -22.13
C CYS B 3615 48.73 52.47 -22.54
N ASP B 3616 48.64 52.16 -23.83
CA ASP B 3616 49.07 50.87 -24.35
C ASP B 3616 50.58 50.77 -24.55
N SER B 3617 51.36 51.72 -24.05
CA SER B 3617 52.82 51.75 -24.18
C SER B 3617 53.26 51.97 -25.63
N VAL B 3618 52.48 52.73 -26.39
CA VAL B 3618 52.85 53.14 -27.74
C VAL B 3618 52.52 54.62 -27.91
N ASP B 3619 53.35 55.31 -28.68
CA ASP B 3619 53.26 56.75 -28.86
C ASP B 3619 52.21 57.10 -29.93
N ASP B 3620 50.96 56.72 -29.65
CA ASP B 3620 49.90 56.87 -30.63
C ASP B 3620 49.63 58.34 -30.95
N CYS B 3621 49.88 59.24 -29.99
CA CYS B 3621 49.76 60.67 -30.19
C CYS B 3621 51.17 61.25 -30.29
N LEU B 3622 51.41 62.05 -31.34
CA LEU B 3622 52.75 62.55 -31.58
C LEU B 3622 53.27 63.44 -30.46
N ASP B 3623 52.39 64.01 -29.64
CA ASP B 3623 52.82 64.81 -28.51
C ASP B 3623 53.09 63.98 -27.26
N ASN B 3624 52.90 62.66 -27.34
CA ASN B 3624 53.11 61.75 -26.22
C ASN B 3624 52.22 62.07 -25.03
N SER B 3625 51.11 62.78 -25.25
CA SER B 3625 50.24 63.16 -24.16
C SER B 3625 49.44 61.99 -23.60
N ASP B 3626 49.26 60.94 -24.39
CA ASP B 3626 48.47 59.80 -23.94
C ASP B 3626 49.21 59.00 -22.86
N GLU B 3627 50.51 58.79 -23.03
CA GLU B 3627 51.30 58.01 -22.09
C GLU B 3627 52.19 58.87 -21.21
N ASP B 3628 51.74 60.08 -20.90
CA ASP B 3628 52.34 60.88 -19.86
C ASP B 3628 52.21 60.09 -18.57
N PRO B 3629 53.30 59.83 -17.82
CA PRO B 3629 53.14 59.03 -16.60
C PRO B 3629 52.20 59.66 -15.60
N SER B 3630 52.19 60.99 -15.48
CA SER B 3630 51.24 61.63 -14.58
C SER B 3630 49.80 61.33 -15.00
N HIS B 3631 49.54 61.34 -16.31
CA HIS B 3631 48.20 61.05 -16.79
C HIS B 3631 47.82 59.61 -16.54
N CYS B 3632 48.69 58.67 -16.92
CA CYS B 3632 48.35 57.27 -16.72
C CYS B 3632 48.26 56.91 -15.24
N ALA B 3633 48.86 57.73 -14.36
CA ALA B 3633 48.76 57.49 -12.92
C ALA B 3633 47.48 58.09 -12.35
N SER B 3634 47.05 59.24 -12.85
CA SER B 3634 45.84 59.89 -12.35
C SER B 3634 44.58 59.44 -13.07
N ARG B 3635 44.72 58.62 -14.11
CA ARG B 3635 43.58 58.20 -14.92
C ARG B 3635 42.53 57.46 -14.11
N THR B 3636 41.27 57.76 -14.42
CA THR B 3636 40.10 57.06 -13.93
C THR B 3636 39.36 56.55 -15.16
N CYS B 3637 39.08 55.25 -15.20
CA CYS B 3637 38.55 54.62 -16.39
C CYS B 3637 37.04 54.52 -16.37
N ARG B 3638 36.47 54.42 -17.56
CA ARG B 3638 35.04 54.52 -17.73
C ARG B 3638 34.31 53.30 -17.17
N PRO B 3639 32.99 53.39 -16.95
CA PRO B 3639 32.22 52.32 -16.34
C PRO B 3639 32.35 50.97 -17.06
N GLY B 3640 32.50 49.91 -16.28
CA GLY B 3640 32.45 48.54 -16.78
C GLY B 3640 33.79 47.97 -17.21
N GLN B 3641 34.90 48.65 -16.91
CA GLN B 3641 36.23 48.12 -17.14
C GLN B 3641 37.08 48.39 -15.90
N PHE B 3642 38.26 47.79 -15.89
CA PHE B 3642 39.12 47.59 -14.74
C PHE B 3642 40.49 48.17 -15.03
N LYS B 3643 41.10 48.75 -14.01
CA LYS B 3643 42.34 49.51 -14.11
C LYS B 3643 43.48 48.74 -13.47
N CYS B 3644 44.69 48.98 -13.99
CA CYS B 3644 45.90 48.32 -13.54
C CYS B 3644 46.93 49.34 -13.10
N ASN B 3645 47.91 48.85 -12.35
CA ASN B 3645 48.93 49.71 -11.75
C ASN B 3645 49.65 50.55 -12.80
N ASN B 3646 49.90 49.99 -13.98
CA ASN B 3646 50.59 50.71 -15.04
C ASN B 3646 49.68 51.67 -15.80
N GLY B 3647 48.52 52.01 -15.26
CA GLY B 3647 47.68 53.00 -15.89
C GLY B 3647 46.99 52.53 -17.15
N ARG B 3648 46.75 51.23 -17.27
CA ARG B 3648 46.11 50.64 -18.44
C ARG B 3648 44.83 49.97 -17.98
N CYS B 3649 43.83 49.98 -18.86
CA CYS B 3649 42.50 49.51 -18.52
C CYS B 3649 42.02 48.47 -19.52
N ILE B 3650 41.34 47.45 -18.98
CA ILE B 3650 40.89 46.30 -19.76
C ILE B 3650 39.47 45.94 -19.33
N PRO B 3651 38.73 45.23 -20.18
CA PRO B 3651 37.39 44.79 -19.80
C PRO B 3651 37.37 44.07 -18.46
N GLN B 3652 36.29 44.31 -17.70
CA GLN B 3652 36.13 43.68 -16.39
C GLN B 3652 36.19 42.16 -16.50
N SER B 3653 35.74 41.60 -17.63
CA SER B 3653 35.77 40.16 -17.81
C SER B 3653 37.19 39.63 -17.86
N TRP B 3654 38.13 40.42 -18.39
CA TRP B 3654 39.51 39.96 -18.53
C TRP B 3654 40.18 39.77 -17.18
N LYS B 3655 39.69 40.38 -16.10
CA LYS B 3655 40.21 40.18 -14.74
C LYS B 3655 40.00 38.72 -14.33
N CYS B 3656 40.97 38.14 -13.63
CA CYS B 3656 40.92 36.77 -13.13
C CYS B 3656 40.65 35.74 -14.21
N ASP B 3657 41.64 35.53 -15.06
CA ASP B 3657 41.72 34.42 -16.00
C ASP B 3657 43.20 34.11 -16.17
N VAL B 3658 43.62 33.54 -17.31
CA VAL B 3658 44.96 32.99 -17.44
C VAL B 3658 45.93 33.91 -18.18
N ASP B 3659 45.47 34.97 -18.83
CA ASP B 3659 46.32 35.82 -19.66
C ASP B 3659 46.61 37.15 -18.97
N ASN B 3660 47.90 37.51 -18.90
CA ASN B 3660 48.36 38.75 -18.29
C ASN B 3660 48.03 39.90 -19.24
N ASP B 3661 46.77 40.32 -19.20
CA ASP B 3661 46.27 41.31 -20.14
C ASP B 3661 46.87 42.69 -19.92
N CYS B 3662 47.27 43.00 -18.70
CA CYS B 3662 47.89 44.29 -18.38
C CYS B 3662 49.41 44.25 -18.45
N GLY B 3663 49.98 43.16 -18.95
CA GLY B 3663 51.42 43.02 -19.01
C GLY B 3663 51.91 42.62 -17.65
N ASP B 3664 51.81 43.55 -16.70
CA ASP B 3664 51.93 43.22 -15.30
C ASP B 3664 50.78 42.31 -14.91
N TYR B 3665 51.03 41.45 -13.93
CA TYR B 3665 50.05 40.44 -13.54
C TYR B 3665 48.96 40.99 -12.62
N SER B 3666 48.76 42.32 -12.59
CA SER B 3666 47.81 42.92 -11.68
C SER B 3666 46.36 42.60 -12.04
N ASP B 3667 46.10 42.19 -13.26
CA ASP B 3667 44.74 41.80 -13.63
C ASP B 3667 44.37 40.44 -13.08
N GLU B 3668 45.31 39.70 -12.51
CA GLU B 3668 45.08 38.36 -11.98
C GLU B 3668 45.70 38.23 -10.59
N PRO B 3669 45.12 38.88 -9.59
CA PRO B 3669 45.57 38.63 -8.22
C PRO B 3669 45.10 37.24 -7.81
N ILE B 3670 46.04 36.30 -7.72
CA ILE B 3670 45.73 34.89 -7.53
C ILE B 3670 44.92 34.67 -6.25
N HIS B 3671 45.29 35.35 -5.17
CA HIS B 3671 44.62 35.13 -3.89
C HIS B 3671 43.17 35.55 -3.92
N GLU B 3672 42.77 36.46 -4.83
CA GLU B 3672 41.37 36.83 -5.08
C GLU B 3672 40.73 35.92 -6.11
N CYS B 3673 41.40 35.67 -7.24
CA CYS B 3673 40.85 34.87 -8.32
C CYS B 3673 40.50 33.45 -7.92
N MET B 3674 41.23 32.83 -6.98
CA MET B 3674 40.91 31.46 -6.60
C MET B 3674 39.74 31.37 -5.63
N THR B 3675 39.05 32.46 -5.29
CA THR B 3675 37.87 32.45 -4.41
C THR B 3675 36.58 32.04 -5.13
N ALA B 3676 35.53 31.69 -4.38
CA ALA B 3676 34.24 31.27 -4.92
C ALA B 3676 33.51 32.33 -5.76
N ALA B 3677 33.93 33.60 -5.70
CA ALA B 3677 33.35 34.69 -6.48
C ALA B 3677 33.51 34.53 -7.99
N TYR B 3678 34.51 33.75 -8.43
CA TYR B 3678 34.87 33.55 -9.84
C TYR B 3678 34.51 32.16 -10.37
N ASN B 3679 33.59 31.44 -9.72
CA ASN B 3679 33.12 30.15 -10.20
C ASN B 3679 32.36 30.29 -11.53
N CYS B 3680 32.50 29.37 -12.46
CA CYS B 3680 31.95 29.42 -13.77
C CYS B 3680 30.46 29.34 -13.76
N ASP B 3681 29.80 30.12 -14.63
CA ASP B 3681 28.33 30.09 -14.75
C ASP B 3681 27.94 28.69 -15.22
N ASN B 3682 27.13 27.96 -14.46
CA ASN B 3682 26.78 26.54 -14.73
C ASN B 3682 25.82 26.36 -15.91
N HIS B 3683 25.32 27.43 -16.54
CA HIS B 3683 24.47 27.30 -17.75
C HIS B 3683 25.27 27.66 -18.99
N THR B 3684 26.11 28.68 -18.91
CA THR B 3684 26.73 29.19 -20.14
C THR B 3684 28.24 29.09 -20.20
N GLU B 3685 28.89 28.43 -19.24
CA GLU B 3685 30.37 28.46 -19.26
C GLU B 3685 30.98 27.09 -19.01
N PHE B 3686 32.24 26.91 -19.41
CA PHE B 3686 32.99 25.68 -19.28
C PHE B 3686 34.26 25.98 -18.51
N SER B 3687 34.68 25.00 -17.69
CA SER B 3687 35.80 25.13 -16.80
C SER B 3687 36.92 24.19 -17.19
N CYS B 3688 38.16 24.67 -17.07
CA CYS B 3688 39.34 23.97 -17.54
C CYS B 3688 40.11 23.53 -16.30
N LYS B 3689 40.34 22.20 -16.32
CA LYS B 3689 40.86 21.51 -15.12
C LYS B 3689 42.20 22.00 -14.56
N THR B 3690 43.07 22.59 -15.38
CA THR B 3690 44.42 23.00 -14.92
C THR B 3690 44.43 24.39 -14.29
N ASN B 3691 43.42 25.23 -14.52
CA ASN B 3691 43.48 26.64 -14.08
C ASN B 3691 42.11 27.21 -13.82
N TYR B 3692 42.11 28.41 -13.25
CA TYR B 3692 40.92 29.16 -12.85
C TYR B 3692 40.38 30.04 -13.97
N ARG B 3693 40.15 29.44 -15.13
CA ARG B 3693 39.64 30.18 -16.28
C ARG B 3693 38.36 29.52 -16.76
N CYS B 3694 37.38 30.35 -17.10
CA CYS B 3694 36.11 29.96 -17.68
C CYS B 3694 36.08 30.38 -19.14
N ILE B 3695 35.63 29.49 -20.03
CA ILE B 3695 35.37 29.82 -21.44
C ILE B 3695 33.89 29.59 -21.73
N PRO B 3696 33.25 30.31 -22.65
CA PRO B 3696 31.86 30.06 -22.99
C PRO B 3696 31.65 28.66 -23.55
N GLN B 3697 30.49 28.05 -23.39
CA GLN B 3697 30.28 26.66 -23.83
C GLN B 3697 30.46 26.48 -25.34
N TRP B 3698 30.18 27.50 -26.15
CA TRP B 3698 30.39 27.47 -27.59
C TRP B 3698 31.87 27.42 -27.93
N ALA B 3699 32.74 27.86 -27.03
CA ALA B 3699 34.17 27.79 -27.27
C ALA B 3699 34.67 26.35 -27.26
N VAL B 3700 34.01 25.44 -26.57
CA VAL B 3700 34.44 24.05 -26.46
C VAL B 3700 34.31 23.39 -27.83
N CYS B 3701 35.34 22.68 -28.26
CA CYS B 3701 35.38 21.92 -29.50
C CYS B 3701 35.11 22.80 -30.71
N ASN B 3702 35.79 23.94 -30.76
CA ASN B 3702 35.72 24.86 -31.88
C ASN B 3702 36.98 24.86 -32.73
N GLY B 3703 37.98 24.04 -32.38
CA GLY B 3703 39.22 23.99 -33.10
C GLY B 3703 40.31 24.91 -32.58
N PHE B 3704 40.11 25.50 -31.40
CA PHE B 3704 41.05 26.46 -30.85
C PHE B 3704 41.29 26.20 -29.37
N ASP B 3705 42.51 26.51 -28.94
CA ASP B 3705 42.98 26.29 -27.58
C ASP B 3705 42.60 27.50 -26.73
N ASP B 3706 41.30 27.58 -26.42
CA ASP B 3706 40.74 28.76 -25.79
C ASP B 3706 41.14 28.89 -24.31
N CYS B 3707 41.46 27.78 -23.66
CA CYS B 3707 42.08 27.79 -22.34
C CYS B 3707 43.32 26.94 -22.47
N ARG B 3708 44.42 27.41 -21.89
CA ARG B 3708 45.78 27.06 -22.22
C ARG B 3708 46.15 25.62 -21.84
N ASP B 3709 45.25 24.83 -21.27
CA ASP B 3709 45.52 23.42 -21.02
C ASP B 3709 44.91 22.52 -22.09
N ASN B 3710 44.30 23.10 -23.12
CA ASN B 3710 43.69 22.39 -24.24
C ASN B 3710 42.60 21.42 -23.81
N SER B 3711 42.08 21.55 -22.59
CA SER B 3711 41.02 20.66 -22.13
C SER B 3711 39.72 20.86 -22.88
N ASP B 3712 39.54 22.00 -23.55
CA ASP B 3712 38.33 22.35 -24.28
C ASP B 3712 38.26 21.71 -25.67
N GLU B 3713 39.29 20.97 -26.11
CA GLU B 3713 39.31 20.35 -27.43
C GLU B 3713 39.65 18.87 -27.39
N GLN B 3714 39.66 18.25 -26.21
CA GLN B 3714 40.15 16.88 -26.07
C GLN B 3714 39.09 15.84 -26.40
N GLY B 3715 37.91 15.96 -25.80
CA GLY B 3715 36.86 14.95 -25.88
C GLY B 3715 35.79 15.12 -26.93
N CYS B 3716 36.12 15.76 -28.05
CA CYS B 3716 35.12 16.22 -29.00
C CYS B 3716 34.40 15.11 -29.74
N GLU B 3717 34.91 13.87 -29.73
CA GLU B 3717 34.16 12.79 -30.37
C GLU B 3717 32.84 12.54 -29.66
N SER B 3718 32.77 12.87 -28.37
CA SER B 3718 31.58 12.64 -27.56
C SER B 3718 30.57 13.77 -27.62
N VAL B 3719 30.91 14.93 -28.20
CA VAL B 3719 30.04 16.08 -28.20
C VAL B 3719 29.09 15.95 -29.39
N PRO B 3720 27.79 15.80 -29.18
CA PRO B 3720 26.87 15.74 -30.33
C PRO B 3720 26.59 17.11 -30.90
N CYS B 3721 26.32 17.14 -32.20
CA CYS B 3721 25.83 18.33 -32.85
C CYS B 3721 24.34 18.48 -32.61
N HIS B 3722 23.85 19.71 -32.73
CA HIS B 3722 22.43 19.94 -32.55
C HIS B 3722 21.66 19.13 -33.59
N PRO B 3723 20.53 18.49 -33.22
CA PRO B 3723 19.89 17.57 -34.17
C PRO B 3723 19.55 18.18 -35.52
N SER B 3724 19.05 19.40 -35.55
CA SER B 3724 18.84 20.14 -36.79
C SER B 3724 19.47 21.51 -36.67
N GLY B 3725 20.04 21.98 -37.77
CA GLY B 3725 20.70 23.27 -37.83
C GLY B 3725 22.21 23.20 -37.81
N ASP B 3726 22.78 22.08 -37.40
CA ASP B 3726 24.21 21.86 -37.38
C ASP B 3726 24.63 20.85 -38.44
N PHE B 3727 25.89 20.94 -38.81
CA PHE B 3727 26.55 20.01 -39.72
C PHE B 3727 27.83 19.56 -39.05
N ARG B 3728 28.24 18.32 -39.32
CA ARG B 3728 29.34 17.70 -38.62
C ARG B 3728 30.51 17.47 -39.56
N CYS B 3729 31.72 17.65 -39.05
CA CYS B 3729 32.95 17.52 -39.80
C CYS B 3729 33.75 16.34 -39.26
N GLY B 3730 34.56 15.73 -40.13
CA GLY B 3730 35.37 14.60 -39.72
C GLY B 3730 36.35 14.91 -38.61
N ASN B 3731 36.64 16.18 -38.38
CA ASN B 3731 37.43 16.61 -37.23
C ASN B 3731 36.66 16.52 -35.92
N HIS B 3732 35.43 16.00 -35.94
CA HIS B 3732 34.54 15.96 -34.78
C HIS B 3732 34.27 17.38 -34.29
N HIS B 3733 33.88 18.22 -35.23
CA HIS B 3733 33.47 19.59 -35.00
C HIS B 3733 32.07 19.76 -35.55
N CYS B 3734 31.33 20.73 -35.00
CA CYS B 3734 29.99 21.05 -35.46
C CYS B 3734 29.96 22.50 -35.88
N ILE B 3735 29.37 22.77 -37.04
CA ILE B 3735 29.26 24.12 -37.58
C ILE B 3735 27.81 24.41 -37.93
N PRO B 3736 27.43 25.68 -38.02
CA PRO B 3736 26.09 26.00 -38.53
C PRO B 3736 25.90 25.44 -39.93
N LEU B 3737 24.69 24.97 -40.24
CA LEU B 3737 24.35 24.35 -41.56
C LEU B 3737 24.21 25.46 -42.60
N ARG B 3738 24.20 26.74 -42.20
CA ARG B 3738 24.20 27.88 -43.15
C ARG B 3738 25.58 27.95 -43.80
N TRP B 3739 26.64 27.56 -43.11
CA TRP B 3739 28.05 27.60 -43.60
C TRP B 3739 28.41 26.42 -44.50
N LYS B 3740 27.65 25.34 -44.55
CA LYS B 3740 27.86 24.27 -45.52
C LYS B 3740 27.62 24.83 -46.92
N CYS B 3741 28.56 24.56 -47.83
CA CYS B 3741 28.46 25.00 -49.21
C CYS B 3741 28.32 26.52 -49.31
N ASP B 3742 29.30 27.22 -48.72
CA ASP B 3742 29.37 28.67 -48.78
C ASP B 3742 30.68 29.18 -49.37
N GLY B 3743 31.56 28.29 -49.83
CA GLY B 3743 32.79 28.71 -50.46
C GLY B 3743 33.94 29.03 -49.52
N ILE B 3744 33.79 28.82 -48.22
CA ILE B 3744 34.83 29.10 -47.25
C ILE B 3744 35.06 27.87 -46.38
N ASP B 3745 36.32 27.67 -45.99
CA ASP B 3745 36.76 26.52 -45.19
C ASP B 3745 36.47 26.83 -43.73
N ASP B 3746 35.30 26.41 -43.25
CA ASP B 3746 34.85 26.69 -41.90
C ASP B 3746 35.33 25.67 -40.88
N CYS B 3747 35.57 24.43 -41.30
CA CYS B 3747 36.18 23.40 -40.47
C CYS B 3747 37.31 22.81 -41.30
N GLY B 3748 38.47 22.64 -40.67
CA GLY B 3748 39.73 22.42 -41.34
C GLY B 3748 39.89 21.12 -42.08
N ASP B 3749 38.87 20.27 -42.17
CA ASP B 3749 38.93 19.08 -43.00
C ASP B 3749 38.22 19.26 -44.34
N ASN B 3750 37.68 20.45 -44.60
CA ASN B 3750 36.96 20.79 -45.84
C ASN B 3750 35.71 19.94 -46.05
N SER B 3751 35.24 19.23 -45.01
CA SER B 3751 34.04 18.42 -45.16
C SER B 3751 32.81 19.25 -45.44
N ASP B 3752 32.84 20.56 -45.17
CA ASP B 3752 31.72 21.43 -45.41
C ASP B 3752 31.62 21.90 -46.86
N GLU B 3753 32.64 21.64 -47.69
CA GLU B 3753 32.71 22.17 -49.05
C GLU B 3753 32.99 21.14 -50.11
N GLU B 3754 33.61 20.00 -49.77
CA GLU B 3754 34.10 19.07 -50.77
C GLU B 3754 32.98 18.45 -51.61
N SER B 3755 31.77 18.33 -51.07
CA SER B 3755 30.66 17.66 -51.74
C SER B 3755 29.66 18.62 -52.36
N CYS B 3756 29.98 19.91 -52.37
CA CYS B 3756 28.99 20.96 -52.68
C CYS B 3756 28.76 21.26 -54.15
N VAL B 3757 27.53 21.65 -54.47
CA VAL B 3757 27.10 21.98 -55.85
C VAL B 3757 26.78 23.48 -55.89
N PRO B 3758 27.17 24.32 -56.89
CA PRO B 3758 26.75 25.74 -56.89
C PRO B 3758 25.26 26.00 -56.61
N ARG B 3759 24.94 26.98 -55.75
CA ARG B 3759 23.53 27.33 -55.37
C ARG B 3759 22.87 28.19 -56.46
N GLU B 3760 21.53 28.21 -56.53
CA GLU B 3760 20.76 28.99 -57.55
C GLU B 3760 20.72 30.46 -57.14
N CYS B 3761 20.84 31.40 -58.10
CA CYS B 3761 20.91 32.78 -57.81
C CYS B 3761 19.50 33.32 -57.56
N THR B 3762 19.40 34.31 -56.70
CA THR B 3762 18.14 34.91 -56.27
C THR B 3762 17.73 36.06 -57.22
N GLU B 3763 16.59 36.69 -56.96
CA GLU B 3763 15.91 37.59 -57.88
C GLU B 3763 16.79 38.75 -58.32
N SER B 3764 17.63 39.27 -57.43
CA SER B 3764 18.47 40.42 -57.73
C SER B 3764 19.93 40.05 -57.88
N GLU B 3765 20.21 38.80 -58.24
CA GLU B 3765 21.57 38.33 -58.46
C GLU B 3765 21.80 38.02 -59.93
N PHE B 3766 23.07 37.94 -60.28
CA PHE B 3766 23.55 37.69 -61.63
C PHE B 3766 24.52 36.52 -61.53
N ARG B 3767 24.53 35.67 -62.55
CA ARG B 3767 25.26 34.42 -62.53
C ARG B 3767 26.42 34.47 -63.50
N CYS B 3768 27.52 33.86 -63.10
CA CYS B 3768 28.78 33.87 -63.82
C CYS B 3768 29.19 32.44 -64.13
N ALA B 3769 29.81 32.27 -65.31
CA ALA B 3769 30.10 30.98 -65.92
C ALA B 3769 30.90 30.05 -65.02
N ASP B 3770 31.52 30.57 -64.00
CA ASP B 3770 32.09 29.77 -62.93
C ASP B 3770 30.99 29.22 -61.98
N GLN B 3771 29.73 29.44 -62.35
CA GLN B 3771 28.57 29.13 -61.54
C GLN B 3771 28.71 29.81 -60.19
N GLN B 3772 28.83 31.13 -60.26
CA GLN B 3772 28.88 31.98 -59.08
C GLN B 3772 27.78 33.02 -59.18
N CYS B 3773 27.30 33.49 -58.02
CA CYS B 3773 26.24 34.50 -57.97
C CYS B 3773 26.82 35.77 -57.35
N ILE B 3774 26.59 36.90 -58.01
CA ILE B 3774 27.03 38.21 -57.53
C ILE B 3774 25.86 39.18 -57.63
N PRO B 3775 25.89 40.28 -56.88
CA PRO B 3775 24.80 41.27 -57.02
C PRO B 3775 24.70 41.79 -58.44
N SER B 3776 23.46 42.02 -58.88
CA SER B 3776 23.20 42.57 -60.20
C SER B 3776 23.84 43.94 -60.41
N ARG B 3777 23.91 44.75 -59.35
CA ARG B 3777 24.53 46.07 -59.43
C ARG B 3777 25.96 46.01 -59.95
N TRP B 3778 26.69 44.96 -59.61
CA TRP B 3778 28.07 44.83 -60.09
C TRP B 3778 28.16 44.69 -61.60
N VAL B 3779 27.13 44.16 -62.25
CA VAL B 3779 27.15 43.95 -63.69
C VAL B 3779 27.42 45.26 -64.42
N CYS B 3780 28.44 45.23 -65.28
CA CYS B 3780 28.79 46.35 -66.16
C CYS B 3780 29.19 47.61 -65.38
N ASP B 3781 29.81 47.42 -64.21
CA ASP B 3781 30.22 48.51 -63.34
C ASP B 3781 31.67 48.92 -63.57
N GLN B 3782 32.31 48.45 -64.64
CA GLN B 3782 33.70 48.66 -65.02
C GLN B 3782 34.70 47.88 -64.18
N GLU B 3783 34.26 47.05 -63.23
CA GLU B 3783 35.16 46.20 -62.46
C GLU B 3783 34.85 44.75 -62.79
N ASN B 3784 35.90 43.95 -62.96
CA ASN B 3784 35.78 42.51 -63.17
C ASN B 3784 35.56 41.81 -61.84
N ASP B 3785 34.30 41.83 -61.41
CA ASP B 3785 33.91 41.21 -60.15
C ASP B 3785 34.01 39.69 -60.26
N CYS B 3786 33.61 39.12 -61.38
CA CYS B 3786 33.83 37.72 -61.68
C CYS B 3786 35.13 37.65 -62.47
N GLY B 3787 35.99 36.71 -62.10
CA GLY B 3787 37.35 36.72 -62.62
C GLY B 3787 37.46 36.62 -64.13
N ASP B 3788 36.47 36.03 -64.79
CA ASP B 3788 36.51 35.93 -66.25
C ASP B 3788 36.02 37.21 -66.92
N ASN B 3789 35.76 38.26 -66.16
CA ASN B 3789 35.21 39.52 -66.69
C ASN B 3789 33.84 39.33 -67.32
N SER B 3790 33.15 38.24 -66.99
CA SER B 3790 31.87 37.92 -67.59
C SER B 3790 30.75 38.84 -67.09
N ASP B 3791 30.97 39.51 -65.97
CA ASP B 3791 29.99 40.48 -65.48
C ASP B 3791 29.96 41.75 -66.31
N GLU B 3792 31.00 42.02 -67.09
CA GLU B 3792 31.09 43.19 -67.95
C GLU B 3792 30.78 42.87 -69.40
N ARG B 3793 30.19 41.71 -69.66
CA ARG B 3793 29.91 41.23 -71.01
C ARG B 3793 28.64 41.87 -71.57
N ASP B 3794 28.64 42.08 -72.89
CA ASP B 3794 27.49 42.49 -73.69
C ASP B 3794 26.85 43.82 -73.25
N CYS B 3795 27.60 44.65 -72.52
CA CYS B 3795 27.03 45.79 -71.83
C CYS B 3795 26.35 46.80 -72.76
N GLU B 3796 26.89 47.01 -73.97
CA GLU B 3796 26.35 48.04 -74.85
C GLU B 3796 24.89 47.81 -75.24
N MET B 3797 24.45 46.56 -75.36
CA MET B 3797 23.07 46.33 -75.75
C MET B 3797 22.10 46.40 -74.57
N LYS B 3798 22.60 46.34 -73.34
CA LYS B 3798 21.75 46.39 -72.17
C LYS B 3798 21.42 47.83 -71.78
N THR B 3799 20.25 48.00 -71.20
CA THR B 3799 19.82 49.23 -70.55
C THR B 3799 20.42 49.29 -69.14
N CYS B 3800 20.19 50.42 -68.47
CA CYS B 3800 20.79 50.71 -67.18
C CYS B 3800 19.76 50.92 -66.08
N HIS B 3801 20.25 50.72 -64.86
CA HIS B 3801 19.45 50.87 -63.64
C HIS B 3801 18.89 52.29 -63.56
N PRO B 3802 17.67 52.47 -63.06
CA PRO B 3802 17.09 53.84 -63.01
C PRO B 3802 17.90 54.87 -62.25
N GLU B 3803 18.72 54.46 -61.30
CA GLU B 3803 19.58 55.39 -60.57
C GLU B 3803 20.87 55.73 -61.29
N HIS B 3804 21.21 55.02 -62.37
CA HIS B 3804 22.52 55.07 -62.99
C HIS B 3804 22.45 55.62 -64.41
N PHE B 3805 23.42 56.47 -64.72
CA PHE B 3805 23.71 56.94 -66.06
C PHE B 3805 24.50 55.88 -66.85
N GLN B 3806 24.26 55.84 -68.16
CA GLN B 3806 24.95 54.95 -69.07
C GLN B 3806 26.00 55.68 -69.90
N CYS B 3807 27.18 55.09 -70.01
CA CYS B 3807 28.26 55.65 -70.80
C CYS B 3807 28.16 55.08 -72.23
N THR B 3808 28.79 55.79 -73.17
CA THR B 3808 28.84 55.33 -74.57
C THR B 3808 29.35 53.90 -74.68
N SER B 3809 30.33 53.53 -73.85
CA SER B 3809 30.87 52.17 -73.83
C SER B 3809 29.90 51.14 -73.28
N GLY B 3810 28.67 51.51 -72.97
CA GLY B 3810 27.68 50.61 -72.41
C GLY B 3810 27.74 50.40 -70.92
N HIS B 3811 28.54 51.17 -70.20
CA HIS B 3811 28.79 50.96 -68.79
C HIS B 3811 27.99 51.97 -67.99
N CYS B 3812 27.60 51.58 -66.79
CA CYS B 3812 26.74 52.37 -65.93
C CYS B 3812 27.54 53.06 -64.84
N VAL B 3813 27.15 54.31 -64.56
CA VAL B 3813 27.77 55.12 -63.51
C VAL B 3813 26.65 55.84 -62.78
N PRO B 3814 26.73 56.04 -61.47
CA PRO B 3814 25.66 56.77 -60.76
C PRO B 3814 25.42 58.14 -61.39
N LYS B 3815 24.14 58.47 -61.56
CA LYS B 3815 23.78 59.66 -62.32
C LYS B 3815 24.25 60.94 -61.65
N ALA B 3816 24.40 60.95 -60.32
CA ALA B 3816 24.94 62.11 -59.64
C ALA B 3816 26.36 62.45 -60.05
N LEU B 3817 27.10 61.50 -60.62
CA LEU B 3817 28.46 61.73 -61.08
C LEU B 3817 28.55 62.13 -62.54
N ALA B 3818 27.42 62.22 -63.24
CA ALA B 3818 27.38 62.86 -64.55
C ALA B 3818 27.59 64.36 -64.46
N CYS B 3819 28.40 64.89 -65.37
CA CYS B 3819 28.66 66.33 -65.46
C CYS B 3819 29.25 66.92 -64.18
N ASP B 3820 30.02 66.15 -63.43
CA ASP B 3820 30.60 66.65 -62.18
C ASP B 3820 31.98 67.27 -62.39
N GLY B 3821 32.55 67.15 -63.59
CA GLY B 3821 33.89 67.59 -63.92
C GLY B 3821 34.93 66.50 -63.91
N ARG B 3822 34.64 65.35 -63.31
CA ARG B 3822 35.59 64.25 -63.20
C ARG B 3822 35.18 63.13 -64.15
N ALA B 3823 36.17 62.52 -64.78
CA ALA B 3823 35.92 61.40 -65.68
C ALA B 3823 35.60 60.13 -64.89
N ASP B 3824 34.32 59.88 -64.64
CA ASP B 3824 33.93 58.63 -63.98
C ASP B 3824 33.74 57.50 -64.97
N CYS B 3825 33.27 57.80 -66.18
CA CYS B 3825 33.30 56.83 -67.26
C CYS B 3825 34.73 56.72 -67.76
N LEU B 3826 35.15 55.51 -68.07
CA LEU B 3826 36.48 55.34 -68.65
C LEU B 3826 36.59 56.04 -70.00
N ASP B 3827 35.46 56.31 -70.67
CA ASP B 3827 35.42 57.02 -71.93
C ASP B 3827 35.12 58.51 -71.79
N ALA B 3828 35.05 59.02 -70.56
CA ALA B 3828 34.66 60.41 -70.27
C ALA B 3828 33.33 60.87 -70.85
N SER B 3829 32.48 59.94 -71.30
CA SER B 3829 31.20 60.35 -71.88
C SER B 3829 30.25 60.96 -70.85
N ASP B 3830 30.52 60.76 -69.56
CA ASP B 3830 29.74 61.42 -68.51
C ASP B 3830 29.97 62.93 -68.47
N GLU B 3831 31.10 63.40 -68.99
CA GLU B 3831 31.48 64.80 -68.94
C GLU B 3831 31.49 65.47 -70.31
N SER B 3832 31.68 64.68 -71.35
CA SER B 3832 31.81 65.18 -72.73
C SER B 3832 30.65 66.02 -73.21
N ALA B 3833 29.45 65.83 -72.67
CA ALA B 3833 28.19 66.21 -73.28
C ALA B 3833 27.38 67.31 -72.63
N CYS B 3834 27.52 67.60 -71.34
CA CYS B 3834 26.53 68.40 -70.64
C CYS B 3834 26.68 69.91 -70.90
N PRO B 3835 25.67 70.71 -70.53
CA PRO B 3835 25.70 72.16 -70.77
C PRO B 3835 26.83 72.96 -70.14
N THR B 3836 26.99 74.17 -70.69
CA THR B 3836 27.93 75.17 -70.21
C THR B 3836 27.69 75.45 -68.73
N ARG B 3837 28.78 75.66 -67.99
CA ARG B 3837 28.78 75.75 -66.55
C ARG B 3837 28.94 77.16 -65.99
N PHE B 3838 29.59 78.08 -66.71
CA PHE B 3838 29.88 79.43 -66.25
C PHE B 3838 29.62 80.45 -67.35
N PRO B 3839 29.27 81.70 -66.98
CA PRO B 3839 29.20 82.76 -68.00
C PRO B 3839 30.50 82.96 -68.75
N ASN B 3840 31.65 82.67 -68.12
CA ASN B 3840 32.93 82.66 -68.83
C ASN B 3840 32.83 81.89 -70.14
N GLY B 3841 31.98 80.87 -70.19
CA GLY B 3841 31.88 79.87 -71.21
C GLY B 3841 32.79 78.68 -71.00
N THR B 3842 33.60 78.70 -69.95
CA THR B 3842 34.44 77.57 -69.62
C THR B 3842 33.60 76.46 -69.00
N TYR B 3843 34.18 75.27 -68.94
CA TYR B 3843 33.65 74.13 -68.21
C TYR B 3843 34.40 73.84 -66.92
N CYS B 3844 35.40 74.65 -66.57
CA CYS B 3844 36.32 74.40 -65.48
C CYS B 3844 36.81 75.75 -64.96
N PRO B 3845 36.94 75.92 -63.64
CA PRO B 3845 37.52 77.17 -63.11
C PRO B 3845 39.00 77.31 -63.43
N ALA B 3846 39.44 78.56 -63.53
CA ALA B 3846 40.82 78.86 -63.83
C ALA B 3846 41.78 78.35 -62.77
N ALA B 3847 41.32 78.10 -61.56
CA ALA B 3847 42.16 77.45 -60.55
C ALA B 3847 42.61 76.07 -61.02
N MET B 3848 41.89 75.45 -61.94
CA MET B 3848 42.12 74.12 -62.46
C MET B 3848 42.41 74.22 -63.96
N PHE B 3849 42.57 73.05 -64.58
CA PHE B 3849 42.87 72.88 -65.99
C PHE B 3849 41.71 72.19 -66.70
N GLU B 3850 41.50 72.56 -67.95
CA GLU B 3850 40.37 72.10 -68.76
C GLU B 3850 40.88 71.38 -70.00
N CYS B 3851 40.26 70.24 -70.31
CA CYS B 3851 40.62 69.45 -71.48
C CYS B 3851 39.38 69.16 -72.32
N LYS B 3852 39.63 69.10 -73.64
CA LYS B 3852 38.60 68.97 -74.68
C LYS B 3852 37.56 67.90 -74.42
N ASN B 3853 37.87 66.91 -73.59
CA ASN B 3853 36.85 66.03 -73.06
C ASN B 3853 35.87 66.78 -72.15
N HIS B 3854 36.01 68.11 -72.03
CA HIS B 3854 35.26 68.94 -71.10
C HIS B 3854 35.49 68.51 -69.67
N VAL B 3855 36.63 67.89 -69.42
CA VAL B 3855 36.98 67.39 -68.10
C VAL B 3855 37.83 68.44 -67.42
N CYS B 3856 37.65 68.55 -66.10
CA CYS B 3856 38.31 69.52 -65.25
C CYS B 3856 39.26 68.79 -64.32
N ILE B 3857 40.52 69.21 -64.31
CA ILE B 3857 41.63 68.48 -63.72
C ILE B 3857 42.52 69.41 -62.89
N GLN B 3858 43.05 68.88 -61.79
CA GLN B 3858 44.06 69.58 -61.00
C GLN B 3858 45.19 70.09 -61.88
N SER B 3859 45.48 71.39 -61.75
CA SER B 3859 46.47 72.05 -62.60
C SER B 3859 47.83 71.36 -62.59
N PHE B 3860 48.31 70.94 -61.42
CA PHE B 3860 49.64 70.31 -61.35
C PHE B 3860 49.72 69.04 -62.19
N TRP B 3861 48.60 68.37 -62.44
CA TRP B 3861 48.62 67.15 -63.24
C TRP B 3861 49.08 67.39 -64.67
N ILE B 3862 49.01 68.62 -65.18
CA ILE B 3862 49.41 68.87 -66.56
C ILE B 3862 50.87 68.47 -66.76
N CYS B 3863 51.06 67.50 -67.65
CA CYS B 3863 52.37 66.96 -68.03
C CYS B 3863 53.10 66.26 -66.89
N ASP B 3864 52.50 65.17 -66.42
CA ASP B 3864 53.16 64.24 -65.52
C ASP B 3864 52.65 62.84 -65.85
N GLY B 3865 53.56 61.97 -66.28
CA GLY B 3865 53.28 60.58 -66.54
C GLY B 3865 52.03 60.30 -67.36
N GLU B 3866 51.09 59.59 -66.74
CA GLU B 3866 49.84 59.24 -67.40
C GLU B 3866 49.04 60.47 -67.78
N ASN B 3867 48.32 60.35 -68.89
CA ASN B 3867 47.35 61.34 -69.33
C ASN B 3867 46.13 61.30 -68.41
N ASP B 3868 46.12 62.17 -67.40
CA ASP B 3868 45.02 62.23 -66.45
C ASP B 3868 43.69 62.58 -67.10
N CYS B 3869 43.72 63.14 -68.31
CA CYS B 3869 42.52 63.40 -69.09
C CYS B 3869 42.45 62.23 -70.04
N VAL B 3870 41.27 61.62 -70.13
CA VAL B 3870 41.11 60.30 -70.75
C VAL B 3870 41.83 60.22 -72.10
N ASP B 3871 41.62 61.23 -72.94
CA ASP B 3871 42.42 61.47 -74.13
C ASP B 3871 42.72 62.93 -74.41
N GLY B 3872 42.16 63.86 -73.66
CA GLY B 3872 42.28 65.27 -73.98
C GLY B 3872 43.57 66.01 -73.74
N SER B 3873 44.61 65.56 -74.41
CA SER B 3873 45.86 66.28 -74.62
C SER B 3873 46.60 66.60 -73.33
N ASP B 3874 46.52 65.74 -72.32
CA ASP B 3874 47.48 65.79 -71.26
C ASP B 3874 48.85 65.34 -71.80
N GLU B 3875 49.91 65.77 -71.14
CA GLU B 3875 51.29 65.41 -71.47
C GLU B 3875 51.77 66.02 -72.79
N GLU B 3876 50.97 66.84 -73.44
CA GLU B 3876 51.40 67.51 -74.66
C GLU B 3876 52.52 68.49 -74.36
N ILE B 3877 53.50 68.55 -75.26
CA ILE B 3877 54.67 69.37 -75.05
C ILE B 3877 54.30 70.86 -74.93
N HIS B 3878 53.24 71.30 -75.61
CA HIS B 3878 52.89 72.71 -75.47
C HIS B 3878 52.33 73.06 -74.09
N LEU B 3879 51.99 72.06 -73.27
CA LEU B 3879 51.71 72.23 -71.85
C LEU B 3879 52.98 72.11 -71.04
N CYS B 3880 53.83 71.16 -71.40
CA CYS B 3880 55.03 70.84 -70.66
C CYS B 3880 56.01 72.01 -70.67
N CYS B 3993 91.61 50.82 -43.89
CA CYS B 3993 92.15 50.01 -44.97
C CYS B 3993 91.68 50.56 -46.31
N ARG B 3994 92.44 50.27 -47.36
CA ARG B 3994 92.04 50.66 -48.70
C ARG B 3994 90.98 49.69 -49.22
N PRO B 3995 90.25 50.06 -50.28
CA PRO B 3995 89.24 49.15 -50.83
C PRO B 3995 89.86 47.84 -51.28
N GLY B 3996 89.07 46.77 -51.20
CA GLY B 3996 89.53 45.44 -51.47
C GLY B 3996 90.10 44.73 -50.27
N PHE B 3997 90.06 45.35 -49.09
CA PHE B 3997 90.56 44.78 -47.85
C PHE B 3997 89.54 44.98 -46.75
N LYS B 3998 89.54 44.05 -45.80
CA LYS B 3998 88.62 44.03 -44.67
C LYS B 3998 89.40 43.83 -43.37
N PRO B 3999 88.92 44.39 -42.25
CA PRO B 3999 89.67 44.22 -41.00
C PRO B 3999 89.79 42.77 -40.57
N SER B 4000 90.93 42.45 -39.95
CA SER B 4000 91.19 41.11 -39.44
C SER B 4000 90.47 40.87 -38.13
N THR B 4001 90.04 39.61 -37.93
CA THR B 4001 89.51 39.21 -36.65
C THR B 4001 90.63 38.99 -35.63
N LEU B 4002 91.82 38.57 -36.11
CA LEU B 4002 92.94 38.34 -35.21
C LEU B 4002 93.47 39.64 -34.64
N ASP B 4003 93.39 40.72 -35.40
CA ASP B 4003 93.80 42.05 -34.95
C ASP B 4003 92.98 43.05 -35.74
N LYS B 4004 92.00 43.65 -35.09
CA LYS B 4004 91.11 44.60 -35.76
C LYS B 4004 91.83 45.86 -36.24
N ASN B 4005 93.09 46.04 -35.88
CA ASN B 4005 93.91 47.14 -36.36
C ASN B 4005 94.60 46.83 -37.67
N SER B 4006 94.32 45.67 -38.29
CA SER B 4006 95.02 45.21 -39.48
C SER B 4006 94.02 44.80 -40.55
N CYS B 4007 94.53 44.68 -41.78
CA CYS B 4007 93.73 44.53 -42.99
C CYS B 4007 94.12 43.26 -43.75
N GLN B 4008 93.10 42.54 -44.23
CA GLN B 4008 93.25 41.28 -44.94
C GLN B 4008 92.52 41.37 -46.27
N ASP B 4009 92.78 40.40 -47.15
CA ASP B 4009 92.24 40.41 -48.49
C ASP B 4009 91.01 39.50 -48.60
N ILE B 4010 89.92 40.06 -49.10
CA ILE B 4010 88.71 39.29 -49.36
C ILE B 4010 88.92 38.43 -50.59
N ASN B 4011 88.52 37.16 -50.51
CA ASN B 4011 88.49 36.27 -51.66
C ASN B 4011 87.21 36.57 -52.42
N GLU B 4012 87.30 37.48 -53.39
CA GLU B 4012 86.14 37.86 -54.18
C GLU B 4012 85.59 36.70 -54.98
N CYS B 4013 86.41 35.69 -55.27
CA CYS B 4013 85.94 34.52 -56.02
C CYS B 4013 84.95 33.69 -55.24
N GLU B 4014 84.82 33.90 -53.93
CA GLU B 4014 83.86 33.15 -53.13
C GLU B 4014 82.44 33.72 -53.22
N GLU B 4015 82.26 34.86 -53.87
CA GLU B 4015 80.93 35.41 -54.08
C GLU B 4015 80.26 34.71 -55.25
N PHE B 4016 78.95 34.50 -55.13
CA PHE B 4016 78.20 33.81 -56.17
C PHE B 4016 77.89 34.75 -57.32
N GLY B 4017 78.13 34.27 -58.54
CA GLY B 4017 77.85 35.06 -59.73
C GLY B 4017 78.82 36.19 -59.98
N ILE B 4018 80.00 36.15 -59.37
CA ILE B 4018 80.96 37.23 -59.57
C ILE B 4018 81.43 37.27 -61.02
N CYS B 4019 81.57 36.12 -61.65
CA CYS B 4019 82.10 36.04 -63.01
C CYS B 4019 81.46 34.86 -63.72
N PRO B 4020 81.52 34.82 -65.06
CA PRO B 4020 80.91 33.71 -65.79
C PRO B 4020 81.52 32.33 -65.58
N GLN B 4021 82.83 32.17 -65.81
CA GLN B 4021 83.46 30.85 -65.76
C GLN B 4021 84.49 30.66 -64.65
N SER B 4022 85.56 31.45 -64.59
CA SER B 4022 86.60 31.21 -63.60
C SER B 4022 87.13 32.52 -63.03
N CYS B 4023 87.50 32.46 -61.75
CA CYS B 4023 87.96 33.60 -60.99
C CYS B 4023 89.29 33.27 -60.33
N ARG B 4024 90.13 34.30 -60.20
CA ARG B 4024 91.48 34.18 -59.68
C ARG B 4024 91.66 35.28 -58.64
N ASN B 4025 91.99 34.89 -57.42
CA ASN B 4025 92.14 35.86 -56.34
C ASN B 4025 93.49 36.56 -56.44
N SER B 4026 93.49 37.83 -56.06
CA SER B 4026 94.69 38.63 -55.94
C SER B 4026 94.60 39.41 -54.63
N LYS B 4027 95.75 39.73 -54.06
CA LYS B 4027 95.77 40.46 -52.79
C LYS B 4027 95.32 41.88 -53.05
N GLY B 4028 94.05 42.16 -52.78
CA GLY B 4028 93.44 43.45 -53.02
C GLY B 4028 92.62 43.56 -54.29
N SER B 4029 92.50 42.49 -55.06
CA SER B 4029 91.79 42.53 -56.34
C SER B 4029 91.41 41.11 -56.73
N TYR B 4030 90.70 41.00 -57.85
CA TYR B 4030 90.42 39.72 -58.47
C TYR B 4030 90.54 39.86 -59.99
N GLU B 4031 90.76 38.74 -60.64
CA GLU B 4031 90.79 38.64 -62.09
C GLU B 4031 89.85 37.52 -62.50
N CYS B 4032 89.36 37.56 -63.73
CA CYS B 4032 88.43 36.54 -64.18
C CYS B 4032 88.76 36.12 -65.61
N PHE B 4033 88.58 34.83 -65.89
CA PHE B 4033 88.92 34.28 -67.18
C PHE B 4033 87.99 33.13 -67.57
N CYS B 4034 87.87 32.95 -68.89
CA CYS B 4034 87.19 31.82 -69.49
C CYS B 4034 88.23 30.72 -69.74
N VAL B 4035 87.80 29.48 -69.57
CA VAL B 4035 88.69 28.32 -69.73
C VAL B 4035 88.89 27.99 -71.20
N ASP B 4036 89.82 27.07 -71.46
CA ASP B 4036 90.14 26.64 -72.82
C ASP B 4036 88.88 26.25 -73.59
N GLY B 4037 88.85 26.64 -74.86
CA GLY B 4037 87.70 26.46 -75.70
C GLY B 4037 86.73 27.63 -75.68
N PHE B 4038 86.96 28.60 -74.81
CA PHE B 4038 86.10 29.75 -74.66
C PHE B 4038 86.91 31.03 -74.82
N LYS B 4039 86.20 32.09 -75.21
CA LYS B 4039 86.75 33.42 -75.46
C LYS B 4039 85.90 34.43 -74.71
N SER B 4040 86.47 35.61 -74.49
CA SER B 4040 85.82 36.66 -73.73
C SER B 4040 85.45 37.82 -74.66
N MET B 4041 84.24 38.34 -74.49
CA MET B 4041 83.69 39.38 -75.34
C MET B 4041 82.97 40.42 -74.50
N SER B 4042 83.05 41.68 -74.91
CA SER B 4042 82.37 42.75 -74.21
C SER B 4042 80.87 42.70 -74.47
N THR B 4043 80.09 43.15 -73.49
CA THR B 4043 78.64 43.15 -73.60
C THR B 4043 78.13 44.14 -72.54
N HIS B 4044 76.88 44.58 -72.70
CA HIS B 4044 76.32 45.59 -71.80
C HIS B 4044 76.44 45.19 -70.33
N TYR B 4045 76.35 43.91 -70.02
CA TYR B 4045 76.41 43.41 -68.66
C TYR B 4045 77.82 42.98 -68.25
N GLY B 4046 78.84 43.35 -69.01
CA GLY B 4046 80.22 42.98 -68.73
C GLY B 4046 80.80 41.97 -69.69
N GLU B 4047 81.76 41.17 -69.20
CA GLU B 4047 82.40 40.17 -70.03
C GLU B 4047 81.55 38.91 -70.14
N ARG B 4048 81.36 38.43 -71.37
CA ARG B 4048 80.80 37.14 -71.68
C ARG B 4048 81.90 36.09 -71.70
N CYS B 4049 81.48 34.84 -71.79
CA CYS B 4049 82.30 33.71 -72.20
C CYS B 4049 81.53 33.03 -73.31
N ALA B 4050 82.14 32.94 -74.48
CA ALA B 4050 81.52 32.41 -75.69
C ALA B 4050 82.38 31.30 -76.23
N ALA B 4051 81.75 30.29 -76.81
CA ALA B 4051 82.37 29.00 -77.04
C ALA B 4051 82.70 28.80 -78.51
N ASP B 4052 83.84 28.16 -78.74
CA ASP B 4052 84.31 27.80 -80.05
C ASP B 4052 83.44 26.70 -80.64
N GLY B 4053 83.60 26.48 -81.94
CA GLY B 4053 82.88 25.40 -82.59
C GLY B 4053 81.56 25.85 -83.15
N SER B 4054 80.90 24.91 -83.82
CA SER B 4054 79.62 25.21 -84.42
C SER B 4054 78.64 25.60 -83.32
N PRO B 4055 77.72 26.52 -83.58
CA PRO B 4055 76.91 27.08 -82.51
C PRO B 4055 76.05 26.02 -81.84
N PRO B 4056 75.63 26.24 -80.60
CA PRO B 4056 74.85 25.22 -79.89
C PRO B 4056 73.50 24.96 -80.54
N LEU B 4057 72.96 23.78 -80.26
CA LEU B 4057 71.62 23.42 -80.67
C LEU B 4057 70.84 22.94 -79.46
N LEU B 4058 69.52 22.94 -79.59
CA LEU B 4058 68.63 22.40 -78.59
C LEU B 4058 67.95 21.15 -79.14
N LEU B 4059 67.86 20.14 -78.30
CA LEU B 4059 67.18 18.89 -78.63
C LEU B 4059 65.92 18.85 -77.79
N LEU B 4060 64.80 18.58 -78.44
CA LEU B 4060 63.48 18.63 -77.83
C LEU B 4060 62.75 17.34 -78.14
N PRO B 4061 62.53 16.44 -77.16
CA PRO B 4061 61.71 15.25 -77.41
C PRO B 4061 60.23 15.51 -77.20
N GLU B 4062 59.45 15.38 -78.26
CA GLU B 4062 58.00 15.32 -78.14
C GLU B 4062 57.62 13.86 -77.93
N ASN B 4063 56.32 13.60 -77.86
CA ASN B 4063 55.88 12.23 -77.58
C ASN B 4063 56.20 11.31 -78.75
N VAL B 4064 56.10 11.83 -79.97
CA VAL B 4064 56.27 11.04 -81.17
C VAL B 4064 57.48 11.44 -82.00
N ARG B 4065 58.17 12.52 -81.63
CA ARG B 4065 59.29 12.97 -82.44
C ARG B 4065 60.32 13.65 -81.55
N ILE B 4066 61.55 13.65 -82.05
CA ILE B 4066 62.64 14.43 -81.49
C ILE B 4066 62.97 15.47 -82.54
N ARG B 4067 63.11 16.72 -82.12
CA ARG B 4067 63.25 17.84 -83.03
C ARG B 4067 64.39 18.72 -82.55
N LYS B 4068 65.07 19.37 -83.50
CA LYS B 4068 66.23 20.18 -83.20
C LYS B 4068 65.93 21.63 -83.47
N TYR B 4069 66.48 22.50 -82.64
CA TYR B 4069 66.36 23.94 -82.79
C TYR B 4069 67.74 24.54 -82.78
N ASN B 4070 67.94 25.55 -83.62
CA ASN B 4070 69.22 26.20 -83.81
C ASN B 4070 69.08 27.64 -83.36
N ILE B 4071 69.74 27.95 -82.24
CA ILE B 4071 69.70 29.26 -81.59
C ILE B 4071 70.33 30.33 -82.47
N SER B 4072 71.33 29.95 -83.26
CA SER B 4072 71.99 30.92 -84.13
C SER B 4072 71.06 31.32 -85.26
N SER B 4073 70.52 30.34 -85.96
CA SER B 4073 69.64 30.59 -87.08
C SER B 4073 68.18 30.74 -86.64
N GLU B 4074 67.88 30.45 -85.37
CA GLU B 4074 66.52 30.58 -84.86
C GLU B 4074 65.57 29.74 -85.69
N LYS B 4075 65.97 28.51 -85.98
CA LYS B 4075 65.19 27.66 -86.87
C LYS B 4075 65.14 26.21 -86.40
N PHE B 4076 64.19 25.48 -86.97
CA PHE B 4076 63.89 24.10 -86.60
C PHE B 4076 64.35 23.14 -87.69
N SER B 4077 64.72 21.93 -87.25
CA SER B 4077 65.12 20.85 -88.15
C SER B 4077 64.59 19.53 -87.61
N GLU B 4078 64.42 18.59 -88.53
CA GLU B 4078 63.73 17.33 -88.33
C GLU B 4078 64.74 16.20 -88.23
N TYR B 4079 64.67 15.45 -87.13
CA TYR B 4079 65.65 14.42 -86.81
C TYR B 4079 65.05 13.02 -86.75
N LEU B 4080 64.03 12.79 -85.92
CA LEU B 4080 63.50 11.46 -85.66
C LEU B 4080 61.99 11.52 -85.54
N GLU B 4081 61.29 10.60 -86.19
CA GLU B 4081 59.84 10.61 -86.22
C GLU B 4081 59.30 9.19 -86.28
N GLU B 4082 57.97 9.10 -86.11
CA GLU B 4082 57.20 7.86 -86.12
C GLU B 4082 57.46 6.98 -84.90
N GLU B 4083 57.85 7.58 -83.78
CA GLU B 4083 57.97 6.92 -82.51
C GLU B 4083 56.74 7.27 -81.67
N GLU B 4084 56.65 6.66 -80.48
CA GLU B 4084 55.66 7.05 -79.49
C GLU B 4084 56.26 6.98 -78.10
N HIS B 4085 55.76 7.84 -77.22
CA HIS B 4085 56.02 7.78 -75.78
C HIS B 4085 57.49 8.01 -75.43
N ILE B 4086 58.17 8.88 -76.17
CA ILE B 4086 59.53 9.26 -75.81
C ILE B 4086 59.47 10.11 -74.54
N GLN B 4087 60.43 9.90 -73.63
CA GLN B 4087 60.48 10.63 -72.37
C GLN B 4087 61.78 11.40 -72.15
N ALA B 4088 62.94 10.76 -72.30
CA ALA B 4088 64.22 11.36 -71.93
C ALA B 4088 65.25 11.16 -73.02
N ILE B 4089 66.22 12.09 -73.08
CA ILE B 4089 67.29 12.16 -74.07
C ILE B 4089 68.62 12.42 -73.38
N ASP B 4090 69.69 11.86 -73.96
CA ASP B 4090 71.07 12.19 -73.65
C ASP B 4090 71.93 11.81 -74.84
N TYR B 4091 73.06 12.50 -75.00
CA TYR B 4091 73.90 12.36 -76.19
C TYR B 4091 75.37 12.11 -75.84
N ASP B 4092 76.06 11.51 -76.82
CA ASP B 4092 77.50 11.27 -76.78
C ASP B 4092 78.03 11.90 -78.06
N TRP B 4093 79.07 12.73 -77.93
CA TRP B 4093 79.46 13.66 -78.99
C TRP B 4093 80.20 13.00 -80.14
N ASP B 4094 81.28 12.27 -79.87
CA ASP B 4094 82.09 11.65 -80.92
C ASP B 4094 82.55 10.27 -80.48
N PRO B 4095 81.63 9.32 -80.38
CA PRO B 4095 82.01 7.96 -79.95
C PRO B 4095 82.84 7.20 -80.96
N GLU B 4096 82.86 7.60 -82.24
CA GLU B 4096 83.55 6.85 -83.27
C GLU B 4096 84.41 7.71 -84.19
N GLY B 4097 84.64 8.98 -83.85
CA GLY B 4097 85.52 9.82 -84.64
C GLY B 4097 84.91 10.44 -85.87
N ILE B 4098 83.95 9.76 -86.50
CA ILE B 4098 83.24 10.34 -87.64
C ILE B 4098 82.40 11.51 -87.15
N GLY B 4099 81.87 12.29 -88.09
CA GLY B 4099 81.18 13.52 -87.76
C GLY B 4099 79.74 13.37 -87.30
N LEU B 4100 79.37 12.21 -86.76
CA LEU B 4100 78.03 11.96 -86.27
C LEU B 4100 78.10 11.67 -84.78
N SER B 4101 77.34 12.43 -84.00
CA SER B 4101 77.10 12.13 -82.60
C SER B 4101 76.16 10.94 -82.50
N VAL B 4102 75.94 10.48 -81.27
CA VAL B 4102 75.03 9.39 -80.99
C VAL B 4102 74.05 9.88 -79.93
N VAL B 4103 72.79 9.44 -80.03
CA VAL B 4103 71.72 9.90 -79.17
C VAL B 4103 71.02 8.70 -78.55
N TYR B 4104 70.71 8.82 -77.27
CA TYR B 4104 70.05 7.78 -76.49
C TYR B 4104 68.76 8.37 -75.96
N TYR B 4105 67.67 7.63 -76.11
CA TYR B 4105 66.38 8.12 -75.65
C TYR B 4105 65.55 6.96 -75.12
N THR B 4106 64.66 7.28 -74.19
CA THR B 4106 63.87 6.30 -73.48
C THR B 4106 62.40 6.37 -73.92
N VAL B 4107 61.74 5.21 -73.88
CA VAL B 4107 60.36 5.05 -74.33
C VAL B 4107 59.58 4.38 -73.21
N LEU B 4108 58.44 4.97 -72.86
CA LEU B 4108 57.60 4.47 -71.79
C LEU B 4108 56.79 3.24 -72.25
N SER B 4109 56.37 2.45 -71.27
CA SER B 4109 55.51 1.31 -71.54
C SER B 4109 54.14 1.80 -71.98
N GLN B 4110 53.62 1.22 -73.07
CA GLN B 4110 52.35 1.63 -73.63
C GLN B 4110 51.17 0.88 -73.05
N GLY B 4111 51.41 -0.25 -72.40
CA GLY B 4111 50.38 -1.19 -72.00
C GLY B 4111 51.04 -2.48 -71.57
N SER B 4112 50.57 -3.60 -72.12
CA SER B 4112 51.24 -4.86 -71.89
C SER B 4112 52.66 -4.86 -72.44
N GLN B 4113 52.93 -4.01 -73.42
CA GLN B 4113 54.26 -3.92 -74.03
C GLN B 4113 55.17 -3.09 -73.12
N PHE B 4114 56.40 -3.56 -72.95
CA PHE B 4114 57.35 -2.88 -72.08
C PHE B 4114 58.05 -1.73 -72.81
N GLY B 4115 58.69 -0.88 -72.03
CA GLY B 4115 59.43 0.25 -72.57
C GLY B 4115 60.76 -0.18 -73.15
N ALA B 4116 61.54 0.83 -73.55
CA ALA B 4116 62.79 0.58 -74.24
C ALA B 4116 63.75 1.74 -74.02
N ILE B 4117 65.03 1.44 -74.28
CA ILE B 4117 66.08 2.44 -74.44
C ILE B 4117 66.64 2.22 -75.84
N LYS B 4118 66.74 3.31 -76.59
CA LYS B 4118 67.05 3.30 -78.00
C LYS B 4118 68.24 4.19 -78.29
N ARG B 4119 68.83 3.96 -79.45
CA ARG B 4119 70.14 4.42 -79.84
C ARG B 4119 70.06 4.85 -81.30
N ALA B 4120 70.57 6.05 -81.58
CA ALA B 4120 70.47 6.64 -82.90
C ALA B 4120 71.66 7.55 -83.16
N TYR B 4121 71.91 7.81 -84.43
CA TYR B 4121 72.99 8.68 -84.89
C TYR B 4121 72.46 10.07 -85.15
N LEU B 4122 73.17 11.09 -84.65
CA LEU B 4122 72.78 12.49 -84.83
C LEU B 4122 73.90 13.20 -85.57
N PRO B 4123 73.69 13.66 -86.81
CA PRO B 4123 74.74 14.42 -87.50
C PRO B 4123 75.14 15.68 -86.73
N ASP B 4124 76.46 15.89 -86.63
CA ASP B 4124 76.97 17.15 -86.10
C ASP B 4124 76.71 18.29 -87.07
N PHE B 4125 76.64 17.99 -88.36
CA PHE B 4125 76.50 18.98 -89.42
C PHE B 4125 75.02 19.22 -89.74
N GLU B 4126 74.77 20.27 -90.52
CA GLU B 4126 73.42 20.62 -90.91
C GLU B 4126 72.78 19.48 -91.70
N SER B 4127 71.56 19.12 -91.31
CA SER B 4127 70.85 18.02 -91.94
C SER B 4127 69.39 18.09 -91.54
N GLY B 4128 68.58 17.31 -92.24
CA GLY B 4128 67.14 17.23 -91.95
C GLY B 4128 66.61 15.89 -92.36
N SER B 4129 65.43 15.88 -92.98
CA SER B 4129 64.83 14.63 -93.44
C SER B 4129 65.54 14.03 -94.64
N ASN B 4130 66.58 14.69 -95.17
CA ASN B 4130 67.37 14.11 -96.25
C ASN B 4130 68.25 12.96 -95.77
N ASN B 4131 68.54 12.90 -94.47
CA ASN B 4131 69.34 11.83 -93.87
C ASN B 4131 68.45 11.07 -92.89
N PRO B 4132 67.60 10.17 -93.39
CA PRO B 4132 66.72 9.42 -92.47
C PRO B 4132 67.52 8.65 -91.44
N VAL B 4133 66.95 8.53 -90.25
CA VAL B 4133 67.61 7.91 -89.10
C VAL B 4133 67.02 6.53 -88.86
N ARG B 4134 67.90 5.55 -88.69
CA ARG B 4134 67.53 4.23 -88.22
C ARG B 4134 67.67 4.19 -86.70
N GLU B 4135 66.97 3.24 -86.08
CA GLU B 4135 66.99 3.07 -84.64
C GLU B 4135 67.56 1.71 -84.27
N VAL B 4136 68.21 1.66 -83.12
CA VAL B 4136 68.70 0.43 -82.52
C VAL B 4136 68.18 0.41 -81.10
N ASP B 4137 67.90 -0.78 -80.59
CA ASP B 4137 67.29 -0.96 -79.28
C ASP B 4137 68.28 -1.74 -78.42
N LEU B 4138 68.57 -1.22 -77.22
CA LEU B 4138 69.60 -1.83 -76.41
C LEU B 4138 69.21 -3.20 -75.88
N GLY B 4139 67.95 -3.60 -76.01
CA GLY B 4139 67.54 -4.90 -75.53
C GLY B 4139 67.33 -5.00 -74.04
N LEU B 4140 67.26 -3.87 -73.34
CA LEU B 4140 67.06 -3.88 -71.89
C LEU B 4140 65.59 -4.15 -71.61
N LYS B 4141 65.31 -5.33 -71.10
CA LYS B 4141 63.96 -5.80 -70.89
C LYS B 4141 63.37 -5.25 -69.59
N TYR B 4142 62.04 -5.30 -69.52
CA TYR B 4142 61.25 -5.06 -68.32
C TYR B 4142 61.15 -3.61 -67.90
N LEU B 4143 61.44 -2.66 -68.79
CA LEU B 4143 61.34 -1.25 -68.42
C LEU B 4143 59.89 -0.82 -68.40
N MET B 4144 59.53 -0.03 -67.40
CA MET B 4144 58.17 0.45 -67.21
C MET B 4144 58.03 1.95 -67.44
N GLN B 4145 58.77 2.77 -66.70
CA GLN B 4145 58.71 4.23 -66.80
C GLN B 4145 60.13 4.77 -66.67
N PRO B 4146 60.97 4.52 -67.66
CA PRO B 4146 62.36 5.00 -67.59
C PRO B 4146 62.45 6.49 -67.88
N ASP B 4147 62.05 7.28 -66.89
CA ASP B 4147 61.94 8.72 -67.02
C ASP B 4147 63.20 9.44 -66.58
N GLY B 4148 64.29 8.72 -66.35
CA GLY B 4148 65.55 9.38 -66.08
C GLY B 4148 66.70 8.71 -66.78
N LEU B 4149 67.45 9.46 -67.59
CA LEU B 4149 68.53 8.90 -68.37
C LEU B 4149 69.75 9.81 -68.29
N ALA B 4150 70.93 9.19 -68.17
CA ALA B 4150 72.21 9.88 -68.16
C ALA B 4150 73.22 9.01 -68.89
N VAL B 4151 74.22 9.65 -69.47
CA VAL B 4151 75.26 8.96 -70.22
C VAL B 4151 76.61 9.37 -69.66
N ASP B 4152 77.49 8.39 -69.51
CA ASP B 4152 78.84 8.58 -69.00
C ASP B 4152 79.78 8.30 -70.15
N TRP B 4153 80.52 9.33 -70.55
CA TRP B 4153 81.38 9.33 -71.72
C TRP B 4153 82.81 8.95 -71.40
N VAL B 4154 83.18 8.94 -70.12
CA VAL B 4154 84.52 8.52 -69.72
C VAL B 4154 84.57 7.03 -69.50
N GLY B 4155 83.61 6.51 -68.73
CA GLY B 4155 83.52 5.08 -68.48
C GLY B 4155 82.78 4.31 -69.56
N ARG B 4156 82.12 5.01 -70.49
CA ARG B 4156 81.37 4.38 -71.58
C ARG B 4156 80.20 3.56 -71.02
N HIS B 4157 79.35 4.26 -70.25
CA HIS B 4157 78.22 3.62 -69.59
C HIS B 4157 76.96 4.46 -69.76
N ILE B 4158 75.81 3.82 -69.53
CA ILE B 4158 74.52 4.50 -69.54
C ILE B 4158 73.85 4.20 -68.21
N TYR B 4159 73.27 5.24 -67.61
CA TYR B 4159 72.63 5.18 -66.30
C TYR B 4159 71.17 5.55 -66.48
N TRP B 4160 70.27 4.83 -65.83
CA TRP B 4160 68.87 5.21 -65.94
C TRP B 4160 68.09 4.89 -64.68
N SER B 4161 67.04 5.67 -64.49
CA SER B 4161 66.12 5.57 -63.37
C SER B 4161 64.72 5.33 -63.92
N ASP B 4162 64.01 4.41 -63.25
CA ASP B 4162 62.65 4.01 -63.58
C ASP B 4162 61.79 4.17 -62.33
N ALA B 4163 60.71 4.93 -62.46
CA ALA B 4163 59.86 5.25 -61.32
C ALA B 4163 59.07 4.07 -60.79
N LYS B 4164 58.80 3.06 -61.62
CA LYS B 4164 57.94 1.94 -61.21
C LYS B 4164 58.70 0.67 -60.87
N SER B 4165 59.97 0.56 -61.25
CA SER B 4165 60.84 -0.48 -60.74
C SER B 4165 61.50 -0.04 -59.44
N GLN B 4166 61.63 1.27 -59.25
CA GLN B 4166 62.23 1.87 -58.07
C GLN B 4166 63.68 1.40 -57.92
N ARG B 4167 64.43 1.62 -58.99
CA ARG B 4167 65.83 1.23 -59.05
C ARG B 4167 66.59 2.23 -59.88
N ILE B 4168 67.90 2.25 -59.68
CA ILE B 4168 68.84 2.97 -60.52
C ILE B 4168 69.78 1.92 -61.07
N GLU B 4169 69.94 1.90 -62.39
CA GLU B 4169 70.69 0.85 -63.05
C GLU B 4169 71.70 1.45 -64.00
N VAL B 4170 72.80 0.72 -64.16
CA VAL B 4170 73.88 1.09 -65.06
C VAL B 4170 74.09 -0.07 -66.01
N ALA B 4171 74.40 0.24 -67.25
CA ALA B 4171 74.73 -0.78 -68.22
C ALA B 4171 75.80 -0.27 -69.15
N THR B 4172 76.43 -1.21 -69.84
CA THR B 4172 77.38 -0.83 -70.88
C THR B 4172 76.65 0.05 -71.88
N LEU B 4173 77.39 0.89 -72.58
CA LEU B 4173 76.74 1.83 -73.48
C LEU B 4173 76.18 1.20 -74.73
N ASP B 4174 76.17 -0.13 -74.84
CA ASP B 4174 75.44 -0.85 -75.87
C ASP B 4174 74.49 -1.90 -75.30
N GLY B 4175 74.32 -1.96 -73.98
CA GLY B 4175 73.31 -2.80 -73.37
C GLY B 4175 73.74 -4.21 -73.02
N ARG B 4176 75.03 -4.51 -72.98
CA ARG B 4176 75.49 -5.88 -72.81
C ARG B 4176 75.42 -6.35 -71.36
N TYR B 4177 76.00 -5.56 -70.46
CA TYR B 4177 76.04 -5.89 -69.05
C TYR B 4177 75.19 -4.88 -68.30
N ARG B 4178 74.42 -5.38 -67.34
CA ARG B 4178 73.40 -4.65 -66.61
C ARG B 4178 73.62 -4.86 -65.12
N LYS B 4179 73.53 -3.78 -64.34
CA LYS B 4179 73.81 -3.80 -62.92
C LYS B 4179 72.84 -2.87 -62.21
N TRP B 4180 72.40 -3.28 -61.03
CA TRP B 4180 71.53 -2.48 -60.18
C TRP B 4180 72.39 -1.87 -59.10
N LEU B 4181 72.45 -0.53 -59.06
CA LEU B 4181 73.32 0.15 -58.12
C LEU B 4181 72.60 0.58 -56.85
N ILE B 4182 71.37 1.06 -56.96
CA ILE B 4182 70.60 1.58 -55.85
C ILE B 4182 69.20 0.99 -55.94
N THR B 4183 68.87 0.12 -54.98
CA THR B 4183 67.64 -0.66 -54.99
C THR B 4183 66.71 -0.37 -53.82
N THR B 4184 67.19 0.27 -52.75
CA THR B 4184 66.44 0.46 -51.52
C THR B 4184 66.22 1.94 -51.22
N GLN B 4185 65.10 2.20 -50.56
CA GLN B 4185 64.71 3.54 -50.11
C GLN B 4185 64.62 4.51 -51.28
N LEU B 4186 63.90 4.11 -52.32
CA LEU B 4186 63.57 4.94 -53.46
C LEU B 4186 62.07 4.93 -53.65
N ASP B 4187 61.51 6.10 -53.94
CA ASP B 4187 60.09 6.27 -54.19
C ASP B 4187 59.95 7.28 -55.31
N GLN B 4188 59.54 6.78 -56.48
CA GLN B 4188 59.43 7.59 -57.70
C GLN B 4188 60.72 8.33 -58.04
N PRO B 4189 61.82 7.63 -58.29
CA PRO B 4189 63.02 8.30 -58.81
C PRO B 4189 62.70 8.90 -60.17
N ALA B 4190 63.16 10.13 -60.39
CA ALA B 4190 62.72 10.97 -61.49
C ALA B 4190 63.82 11.48 -62.41
N ALA B 4191 65.00 11.82 -61.88
CA ALA B 4191 66.05 12.41 -62.70
C ALA B 4191 67.41 11.98 -62.17
N ILE B 4192 68.36 11.87 -63.09
CA ILE B 4192 69.71 11.38 -62.81
C ILE B 4192 70.73 12.16 -63.63
N ALA B 4193 71.86 12.45 -63.01
CA ALA B 4193 72.98 13.14 -63.64
C ALA B 4193 74.27 12.50 -63.14
N VAL B 4194 75.33 12.64 -63.93
CA VAL B 4194 76.62 12.02 -63.62
C VAL B 4194 77.75 13.02 -63.80
N ASN B 4195 78.77 12.88 -62.96
CA ASN B 4195 80.00 13.64 -63.05
C ASN B 4195 81.14 12.63 -63.05
N PRO B 4196 81.79 12.37 -64.19
CA PRO B 4196 82.89 11.41 -64.19
C PRO B 4196 84.15 11.91 -63.53
N LYS B 4197 84.45 13.20 -63.63
CA LYS B 4197 85.65 13.74 -63.02
C LYS B 4197 85.66 13.49 -61.51
N LEU B 4198 84.52 13.76 -60.86
CA LEU B 4198 84.39 13.48 -59.44
C LEU B 4198 84.05 12.03 -59.17
N GLY B 4199 83.60 11.29 -60.17
CA GLY B 4199 83.18 9.92 -59.97
C GLY B 4199 81.92 9.82 -59.14
N LEU B 4200 80.96 10.71 -59.38
CA LEU B 4200 79.75 10.80 -58.58
C LEU B 4200 78.52 10.79 -59.47
N MET B 4201 77.41 10.29 -58.91
CA MET B 4201 76.12 10.32 -59.58
C MET B 4201 75.12 10.95 -58.62
N PHE B 4202 74.18 11.69 -59.20
CA PHE B 4202 73.19 12.46 -58.47
C PHE B 4202 71.82 12.12 -59.02
N TRP B 4203 70.81 12.07 -58.15
CA TRP B 4203 69.47 11.77 -58.62
C TRP B 4203 68.46 12.36 -57.66
N THR B 4204 67.21 12.40 -58.12
CA THR B 4204 66.10 13.00 -57.40
C THR B 4204 64.96 12.01 -57.22
N ASP B 4205 64.25 12.15 -56.10
CA ASP B 4205 63.07 11.38 -55.79
C ASP B 4205 61.89 12.32 -55.66
N GLN B 4206 60.75 11.90 -56.22
CA GLN B 4206 59.55 12.71 -56.34
C GLN B 4206 58.38 12.20 -55.51
N GLY B 4207 58.56 11.12 -54.76
CA GLY B 4207 57.46 10.49 -54.03
C GLY B 4207 57.09 11.15 -52.73
N LYS B 4208 56.59 10.28 -51.79
CA LYS B 4208 56.04 10.75 -50.52
C LYS B 4208 57.05 11.58 -49.74
N GLN B 4209 58.34 11.23 -49.81
CA GLN B 4209 59.40 11.95 -49.12
C GLN B 4209 60.35 12.48 -50.19
N PRO B 4210 60.14 13.69 -50.71
CA PRO B 4210 61.01 14.20 -51.77
C PRO B 4210 62.42 14.43 -51.25
N LYS B 4211 63.40 13.94 -51.99
CA LYS B 4211 64.79 14.09 -51.61
C LYS B 4211 65.67 14.14 -52.86
N ILE B 4212 66.84 14.74 -52.68
CA ILE B 4212 67.88 14.82 -53.70
C ILE B 4212 69.10 14.15 -53.11
N GLU B 4213 69.68 13.24 -53.86
CA GLU B 4213 70.72 12.36 -53.35
C GLU B 4213 71.90 12.30 -54.30
N SER B 4214 73.06 11.97 -53.72
CA SER B 4214 74.30 11.81 -54.43
C SER B 4214 74.93 10.50 -53.99
N ALA B 4215 75.64 9.86 -54.90
CA ALA B 4215 76.32 8.62 -54.59
C ALA B 4215 77.55 8.48 -55.45
N TRP B 4216 78.30 7.41 -55.21
CA TRP B 4216 79.42 7.08 -56.06
C TRP B 4216 78.89 6.36 -57.29
N MET B 4217 79.57 6.55 -58.41
CA MET B 4217 79.09 5.95 -59.65
C MET B 4217 79.11 4.43 -59.61
N ASN B 4218 79.79 3.81 -58.63
CA ASN B 4218 79.70 2.38 -58.40
C ASN B 4218 78.66 2.01 -57.35
N GLY B 4219 78.01 2.99 -56.72
CA GLY B 4219 76.97 2.71 -55.75
C GLY B 4219 77.43 2.51 -54.33
N GLU B 4220 78.74 2.56 -54.06
CA GLU B 4220 79.25 2.15 -52.75
C GLU B 4220 78.93 3.15 -51.65
N HIS B 4221 78.84 4.44 -51.96
CA HIS B 4221 78.50 5.46 -50.98
C HIS B 4221 77.29 6.24 -51.44
N ARG B 4222 76.46 6.64 -50.47
CA ARG B 4222 75.18 7.29 -50.70
C ARG B 4222 74.96 8.36 -49.64
N SER B 4223 74.36 9.47 -50.07
CA SER B 4223 74.10 10.60 -49.20
C SER B 4223 72.91 11.37 -49.74
N VAL B 4224 72.29 12.15 -48.87
CA VAL B 4224 71.16 13.01 -49.22
C VAL B 4224 71.62 14.45 -49.06
N LEU B 4225 71.60 15.21 -50.16
CA LEU B 4225 72.05 16.59 -50.16
C LEU B 4225 70.97 17.57 -49.72
N ALA B 4226 69.71 17.30 -50.05
CA ALA B 4226 68.62 18.18 -49.68
C ALA B 4226 67.37 17.36 -49.43
N SER B 4227 66.65 17.69 -48.37
CA SER B 4227 65.38 17.05 -48.06
C SER B 4227 64.29 18.08 -47.77
N ALA B 4228 64.68 19.25 -47.30
CA ALA B 4228 63.72 20.29 -46.94
C ALA B 4228 63.29 21.12 -48.15
N ASN B 4229 61.98 21.36 -48.25
CA ASN B 4229 61.40 22.24 -49.26
C ASN B 4229 61.80 21.80 -50.67
N LEU B 4230 61.32 20.61 -51.06
CA LEU B 4230 61.69 20.03 -52.34
C LEU B 4230 60.52 19.63 -53.21
N GLY B 4231 59.30 19.57 -52.68
CA GLY B 4231 58.12 19.38 -53.50
C GLY B 4231 58.17 18.19 -54.43
N TRP B 4232 58.26 18.49 -55.73
CA TRP B 4232 58.38 17.51 -56.81
C TRP B 4232 59.64 17.83 -57.62
N PRO B 4233 60.83 17.42 -57.14
CA PRO B 4233 62.06 17.69 -57.89
C PRO B 4233 62.17 16.73 -59.07
N ASN B 4234 61.98 17.29 -60.27
CA ASN B 4234 61.76 16.53 -61.49
C ASN B 4234 62.88 16.61 -62.51
N GLY B 4235 63.78 17.57 -62.39
CA GLY B 4235 64.87 17.70 -63.35
C GLY B 4235 66.13 18.17 -62.65
N LEU B 4236 67.26 17.68 -63.16
CA LEU B 4236 68.56 17.84 -62.55
C LEU B 4236 69.60 18.10 -63.63
N SER B 4237 70.46 19.09 -63.41
CA SER B 4237 71.50 19.45 -64.36
C SER B 4237 72.74 19.84 -63.58
N ILE B 4238 73.89 19.77 -64.25
CA ILE B 4238 75.18 20.06 -63.62
C ILE B 4238 75.94 21.06 -64.46
N ASP B 4239 76.63 21.97 -63.78
CA ASP B 4239 77.54 22.93 -64.39
C ASP B 4239 78.93 22.50 -63.98
N TYR B 4240 79.76 22.15 -64.97
CA TYR B 4240 81.09 21.65 -64.72
C TYR B 4240 82.15 22.74 -64.70
N LEU B 4241 81.83 23.94 -65.19
CA LEU B 4241 82.80 25.02 -65.23
C LEU B 4241 82.70 25.93 -64.01
N ASN B 4242 81.49 26.13 -63.48
CA ASN B 4242 81.32 26.85 -62.22
C ASN B 4242 81.45 25.90 -61.02
N GLY B 4243 82.58 25.19 -60.97
CA GLY B 4243 82.95 24.39 -59.81
C GLY B 4243 82.08 23.19 -59.49
N ASP B 4244 81.62 22.46 -60.50
CA ASP B 4244 80.90 21.20 -60.29
C ASP B 4244 79.68 21.40 -59.41
N ARG B 4245 78.75 22.20 -59.91
CA ARG B 4245 77.59 22.65 -59.15
C ARG B 4245 76.33 22.06 -59.76
N ILE B 4246 75.32 21.84 -58.90
CA ILE B 4246 74.12 21.08 -59.21
C ILE B 4246 72.93 22.02 -59.19
N TYR B 4247 72.05 21.87 -60.18
CA TYR B 4247 70.83 22.64 -60.29
C TYR B 4247 69.66 21.67 -60.43
N TRP B 4248 68.52 22.02 -59.85
CA TRP B 4248 67.33 21.20 -59.97
C TRP B 4248 66.09 22.08 -60.07
N SER B 4249 65.04 21.47 -60.63
CA SER B 4249 63.78 22.14 -60.86
C SER B 4249 62.66 21.41 -60.11
N ASP B 4250 61.76 22.20 -59.53
CA ASP B 4250 60.63 21.68 -58.76
C ASP B 4250 59.36 22.34 -59.29
N SER B 4251 58.39 21.49 -59.66
CA SER B 4251 57.13 21.93 -60.22
C SER B 4251 56.04 22.12 -59.18
N LYS B 4252 56.19 21.52 -58.00
CA LYS B 4252 55.21 21.74 -56.94
C LYS B 4252 55.41 23.10 -56.28
N GLU B 4253 56.64 23.61 -56.30
CA GLU B 4253 56.95 24.90 -55.74
C GLU B 4253 57.32 25.93 -56.79
N ASP B 4254 57.30 25.56 -58.08
CA ASP B 4254 57.53 26.48 -59.19
C ASP B 4254 58.88 27.19 -59.02
N VAL B 4255 59.93 26.42 -58.74
CA VAL B 4255 61.23 26.99 -58.41
C VAL B 4255 62.37 26.21 -59.03
N ILE B 4256 63.48 26.91 -59.24
CA ILE B 4256 64.74 26.34 -59.68
C ILE B 4256 65.79 26.72 -58.64
N GLU B 4257 66.52 25.73 -58.16
CA GLU B 4257 67.45 25.90 -57.06
C GLU B 4257 68.79 25.27 -57.41
N SER B 4258 69.83 25.75 -56.74
CA SER B 4258 71.19 25.28 -56.96
C SER B 4258 71.87 24.96 -55.63
N ILE B 4259 72.68 23.91 -55.65
CA ILE B 4259 73.49 23.50 -54.52
C ILE B 4259 74.88 23.09 -55.02
N LYS B 4260 75.79 22.94 -54.09
CA LYS B 4260 77.12 22.42 -54.36
C LYS B 4260 77.07 20.90 -54.17
N TYR B 4261 78.00 20.20 -54.81
CA TYR B 4261 77.95 18.75 -54.79
C TYR B 4261 78.09 18.16 -53.40
N ASP B 4262 78.48 18.96 -52.40
CA ASP B 4262 78.47 18.52 -51.01
C ASP B 4262 77.29 19.06 -50.21
N GLY B 4263 76.41 19.85 -50.83
CA GLY B 4263 75.22 20.33 -50.14
C GLY B 4263 75.40 21.57 -49.28
N THR B 4264 76.57 22.21 -49.31
CA THR B 4264 76.96 23.23 -48.36
C THR B 4264 76.51 24.64 -48.69
N ASP B 4265 75.87 24.87 -49.84
CA ASP B 4265 75.39 26.21 -50.18
C ASP B 4265 74.19 26.09 -51.10
N ARG B 4266 73.03 26.54 -50.64
CA ARG B 4266 71.78 26.37 -51.35
C ARG B 4266 71.20 27.73 -51.71
N ARG B 4267 70.69 27.84 -52.94
CA ARG B 4267 70.22 29.12 -53.45
C ARG B 4267 69.02 28.91 -54.37
N LEU B 4268 68.19 29.94 -54.47
CA LEU B 4268 67.07 29.99 -55.40
C LEU B 4268 67.49 30.88 -56.56
N ILE B 4269 67.45 30.34 -57.77
CA ILE B 4269 67.86 31.07 -58.96
C ILE B 4269 66.67 31.70 -59.67
N ILE B 4270 65.57 30.97 -59.77
CA ILE B 4270 64.41 31.42 -60.52
C ILE B 4270 63.16 30.99 -59.77
N ASN B 4271 62.38 31.96 -59.32
CA ASN B 4271 61.05 31.72 -58.77
C ASN B 4271 60.02 32.03 -59.85
N ASP B 4272 58.78 31.69 -59.56
CA ASP B 4272 57.68 31.72 -60.54
C ASP B 4272 58.14 31.16 -61.87
N ALA B 4273 58.75 29.97 -61.81
CA ALA B 4273 59.33 29.31 -62.97
C ALA B 4273 58.30 28.59 -63.82
N MET B 4274 57.03 28.64 -63.47
CA MET B 4274 55.94 28.14 -64.29
C MET B 4274 56.00 26.63 -64.44
N LYS B 4275 55.97 25.92 -63.32
CA LYS B 4275 55.99 24.47 -63.29
C LYS B 4275 57.13 23.88 -64.13
N PRO B 4276 58.39 24.18 -63.77
CA PRO B 4276 59.51 23.70 -64.57
C PRO B 4276 59.65 22.19 -64.49
N PHE B 4277 60.02 21.58 -65.62
CA PHE B 4277 60.12 20.13 -65.74
C PHE B 4277 61.47 19.63 -66.23
N SER B 4278 62.28 20.44 -66.89
CA SER B 4278 63.62 20.03 -67.28
C SER B 4278 64.51 21.25 -67.35
N LEU B 4279 65.80 21.01 -67.13
CA LEU B 4279 66.85 22.02 -67.02
C LEU B 4279 68.06 21.65 -67.87
N ASP B 4280 68.74 22.69 -68.35
CA ASP B 4280 70.05 22.56 -68.97
C ASP B 4280 70.75 23.90 -68.90
N ILE B 4281 72.08 23.88 -68.83
CA ILE B 4281 72.88 25.07 -68.60
C ILE B 4281 74.01 25.14 -69.62
N PHE B 4282 74.22 26.32 -70.18
CA PHE B 4282 75.30 26.54 -71.15
C PHE B 4282 75.72 27.99 -71.09
N GLU B 4283 77.03 28.21 -71.00
CA GLU B 4283 77.64 29.54 -70.90
C GLU B 4283 77.00 30.28 -69.73
N ASP B 4284 76.60 31.53 -69.89
CA ASP B 4284 75.97 32.33 -68.84
C ASP B 4284 74.50 32.00 -68.64
N GLN B 4285 73.94 31.09 -69.42
CA GLN B 4285 72.51 30.92 -69.59
C GLN B 4285 72.01 29.58 -69.08
N LEU B 4286 70.78 29.61 -68.59
CA LEU B 4286 70.06 28.48 -68.05
C LEU B 4286 68.75 28.38 -68.80
N TYR B 4287 68.44 27.20 -69.31
CA TYR B 4287 67.28 26.92 -70.12
C TYR B 4287 66.41 25.92 -69.36
N TRP B 4288 65.10 26.16 -69.36
CA TRP B 4288 64.19 25.24 -68.70
C TRP B 4288 62.88 25.18 -69.46
N VAL B 4289 62.17 24.08 -69.24
CA VAL B 4289 60.91 23.80 -69.93
C VAL B 4289 59.74 23.97 -68.98
N ALA B 4290 58.64 24.50 -69.51
CA ALA B 4290 57.40 24.72 -68.78
C ALA B 4290 56.38 23.72 -69.29
N LYS B 4291 55.83 22.92 -68.37
CA LYS B 4291 55.06 21.73 -68.71
C LYS B 4291 53.60 22.03 -69.08
N GLU B 4292 52.97 22.99 -68.40
CA GLU B 4292 51.54 23.20 -68.62
C GLU B 4292 51.21 23.73 -70.00
N LYS B 4293 52.12 24.49 -70.61
CA LYS B 4293 51.80 25.18 -71.86
C LYS B 4293 52.90 25.08 -72.91
N GLY B 4294 53.89 24.22 -72.72
CA GLY B 4294 54.84 23.95 -73.78
C GLY B 4294 55.69 25.13 -74.19
N GLU B 4295 56.57 25.57 -73.31
CA GLU B 4295 57.42 26.72 -73.58
C GLU B 4295 58.82 26.44 -73.07
N VAL B 4296 59.79 27.08 -73.72
CA VAL B 4296 61.18 27.02 -73.32
C VAL B 4296 61.58 28.43 -72.91
N TRP B 4297 62.14 28.57 -71.72
CA TRP B 4297 62.49 29.85 -71.14
C TRP B 4297 63.98 29.84 -70.82
N ARG B 4298 64.61 31.01 -70.92
CA ARG B 4298 66.00 31.14 -70.57
C ARG B 4298 66.21 32.36 -69.68
N GLN B 4299 67.17 32.20 -68.77
CA GLN B 4299 67.54 33.26 -67.85
C GLN B 4299 69.04 33.14 -67.57
N ASN B 4300 69.58 34.09 -66.83
CA ASN B 4300 70.99 34.03 -66.44
C ASN B 4300 71.10 33.06 -65.28
N LYS B 4301 72.08 32.16 -65.35
CA LYS B 4301 72.15 31.06 -64.40
C LYS B 4301 72.38 31.53 -62.97
N PHE B 4302 72.86 32.75 -62.77
CA PHE B 4302 73.01 33.31 -61.44
C PHE B 4302 71.78 34.06 -60.97
N GLY B 4303 70.67 33.96 -61.69
CA GLY B 4303 69.43 34.61 -61.32
C GLY B 4303 69.32 36.06 -61.73
N LYS B 4304 70.36 36.62 -62.34
CA LYS B 4304 70.40 38.04 -62.64
C LYS B 4304 69.46 38.43 -63.76
N GLY B 4305 68.83 39.60 -63.60
CA GLY B 4305 68.09 40.25 -64.65
C GLY B 4305 66.65 39.84 -64.88
N ASN B 4306 66.42 39.25 -66.04
CA ASN B 4306 65.08 38.97 -66.55
C ASN B 4306 65.09 37.65 -67.30
N LYS B 4307 63.90 37.09 -67.48
CA LYS B 4307 63.73 35.82 -68.18
C LYS B 4307 63.05 36.06 -69.51
N GLU B 4308 63.43 35.25 -70.50
CA GLU B 4308 62.98 35.38 -71.87
C GLU B 4308 62.34 34.08 -72.33
N LYS B 4309 61.37 34.21 -73.23
CA LYS B 4309 60.71 33.07 -73.84
C LYS B 4309 61.35 32.84 -75.20
N LEU B 4310 61.92 31.65 -75.39
CA LEU B 4310 62.68 31.32 -76.58
C LEU B 4310 61.89 30.51 -77.59
N LEU B 4311 60.95 29.68 -77.15
CA LEU B 4311 60.18 28.84 -78.04
C LEU B 4311 58.82 28.55 -77.44
N VAL B 4312 57.88 28.21 -78.32
CA VAL B 4312 56.61 27.63 -77.97
C VAL B 4312 56.53 26.31 -78.73
N VAL B 4313 56.60 25.21 -78.00
CA VAL B 4313 56.58 23.86 -78.53
C VAL B 4313 55.59 23.09 -77.67
N ASN B 4314 54.70 22.34 -78.30
CA ASN B 4314 53.46 21.82 -77.79
C ASN B 4314 53.62 21.03 -76.49
N PRO B 4315 52.53 20.77 -75.76
CA PRO B 4315 52.64 20.16 -74.42
C PRO B 4315 53.29 18.81 -74.35
N TRP B 4316 53.48 18.10 -75.46
CA TRP B 4316 54.16 16.83 -75.39
C TRP B 4316 55.63 16.97 -75.04
N LEU B 4317 56.16 18.19 -75.05
CA LEU B 4317 57.57 18.43 -74.77
C LEU B 4317 57.92 18.00 -73.34
N THR B 4318 58.89 17.10 -73.22
CA THR B 4318 59.30 16.53 -71.95
C THR B 4318 60.65 17.04 -71.46
N GLN B 4319 61.56 17.41 -72.36
CA GLN B 4319 62.90 17.79 -71.97
C GLN B 4319 63.46 18.80 -72.96
N VAL B 4320 64.50 19.50 -72.51
CA VAL B 4320 65.35 20.32 -73.35
C VAL B 4320 66.78 19.90 -73.06
N ARG B 4321 67.56 19.64 -74.11
CA ARG B 4321 68.97 19.35 -73.95
C ARG B 4321 69.77 20.27 -74.85
N ILE B 4322 70.99 20.60 -74.41
CA ILE B 4322 71.87 21.50 -75.14
C ILE B 4322 72.95 20.63 -75.76
N PHE B 4323 73.19 20.83 -77.05
CA PHE B 4323 74.00 19.99 -77.90
C PHE B 4323 75.13 20.83 -78.45
N HIS B 4324 76.35 20.49 -78.04
CA HIS B 4324 77.55 21.26 -78.33
C HIS B 4324 78.74 20.44 -77.87
N GLN B 4325 79.89 20.73 -78.47
CA GLN B 4325 81.11 19.98 -78.17
C GLN B 4325 81.58 20.21 -76.74
N LEU B 4326 81.47 21.44 -76.24
CA LEU B 4326 82.05 21.83 -74.97
C LEU B 4326 81.08 21.74 -73.80
N ARG B 4327 79.93 21.11 -73.97
CA ARG B 4327 79.03 20.90 -72.83
C ARG B 4327 79.62 19.87 -71.88
N TYR B 4328 80.10 18.76 -72.43
CA TYR B 4328 80.74 17.69 -71.66
C TYR B 4328 82.19 17.61 -72.10
N ASN B 4329 83.10 17.64 -71.13
CA ASN B 4329 84.54 17.64 -71.42
C ASN B 4329 84.94 16.29 -71.99
N GLN B 4330 85.11 16.24 -73.30
CA GLN B 4330 85.50 15.01 -73.98
C GLN B 4330 86.91 14.57 -73.63
N SER B 4331 87.76 15.49 -73.17
CA SER B 4331 89.17 15.21 -72.94
C SER B 4331 89.40 14.32 -71.72
N VAL B 4332 88.44 14.25 -70.78
CA VAL B 4332 88.66 13.52 -69.53
C VAL B 4332 88.99 12.07 -69.82
N SER B 4333 89.94 11.52 -69.05
CA SER B 4333 90.55 10.23 -69.31
C SER B 4333 90.04 9.18 -68.33
N ASN B 4334 89.85 7.97 -68.83
CA ASN B 4334 89.31 6.86 -68.05
C ASN B 4334 90.37 6.28 -67.12
N PRO B 4335 90.14 6.20 -65.81
CA PRO B 4335 91.12 5.57 -64.92
C PRO B 4335 91.30 4.07 -65.11
N CYS B 4336 90.35 3.37 -65.73
CA CYS B 4336 90.38 1.91 -65.75
C CYS B 4336 91.61 1.40 -66.48
N LYS B 4337 92.09 0.22 -66.08
CA LYS B 4337 93.31 -0.38 -66.60
C LYS B 4337 93.08 -1.81 -67.09
N GLN B 4338 91.89 -2.08 -67.62
CA GLN B 4338 91.55 -3.32 -68.32
C GLN B 4338 91.71 -4.58 -67.46
N VAL B 4339 91.56 -4.45 -66.15
CA VAL B 4339 91.58 -5.64 -65.30
C VAL B 4339 90.19 -6.26 -65.19
N CYS B 4340 89.14 -5.45 -65.18
CA CYS B 4340 87.80 -5.96 -64.95
C CYS B 4340 87.35 -6.82 -66.13
N SER B 4341 86.66 -7.92 -65.81
CA SER B 4341 86.17 -8.82 -66.85
C SER B 4341 84.89 -8.31 -67.50
N HIS B 4342 83.96 -7.75 -66.72
CA HIS B 4342 82.66 -7.34 -67.25
C HIS B 4342 82.40 -5.85 -67.14
N LEU B 4343 82.48 -5.25 -65.95
CA LEU B 4343 82.23 -3.82 -65.81
C LEU B 4343 83.32 -3.14 -65.00
N CYS B 4344 83.68 -1.92 -65.41
CA CYS B 4344 84.57 -1.04 -64.68
C CYS B 4344 83.81 0.26 -64.47
N LEU B 4345 83.66 0.65 -63.20
CA LEU B 4345 82.84 1.79 -62.82
C LEU B 4345 83.67 2.76 -62.00
N LEU B 4346 83.40 4.04 -62.20
CA LEU B 4346 84.20 5.10 -61.61
C LEU B 4346 83.81 5.37 -60.17
N ARG B 4347 84.78 5.80 -59.38
CA ARG B 4347 84.60 6.25 -58.01
C ARG B 4347 85.57 7.38 -57.78
N PRO B 4348 85.38 8.18 -56.71
CA PRO B 4348 86.29 9.29 -56.46
C PRO B 4348 87.75 8.86 -56.39
N GLY B 4349 88.53 9.36 -57.35
CA GLY B 4349 89.95 9.06 -57.42
C GLY B 4349 90.31 7.74 -58.06
N GLY B 4350 89.36 7.03 -58.66
CA GLY B 4350 89.73 5.79 -59.35
C GLY B 4350 88.55 5.00 -59.86
N TYR B 4351 88.69 3.68 -59.83
CA TYR B 4351 87.75 2.77 -60.43
C TYR B 4351 87.57 1.54 -59.55
N SER B 4352 86.55 0.77 -59.89
CA SER B 4352 86.23 -0.50 -59.25
C SER B 4352 85.64 -1.43 -60.29
N CYS B 4353 85.71 -2.73 -60.03
CA CYS B 4353 85.20 -3.72 -60.95
C CYS B 4353 83.86 -4.24 -60.45
N ALA B 4354 82.94 -4.46 -61.39
CA ALA B 4354 81.59 -4.90 -61.08
C ALA B 4354 81.16 -6.00 -62.03
N CYS B 4355 80.33 -6.88 -61.51
CA CYS B 4355 79.71 -8.02 -62.16
C CYS B 4355 78.26 -7.73 -62.49
N PRO B 4356 77.71 -8.24 -63.59
CA PRO B 4356 76.29 -8.00 -63.87
C PRO B 4356 75.41 -8.64 -62.81
N GLN B 4357 74.13 -8.27 -62.83
CA GLN B 4357 73.20 -8.70 -61.82
C GLN B 4357 73.03 -10.22 -61.84
N GLY B 4358 72.94 -10.81 -60.64
CA GLY B 4358 72.86 -12.24 -60.48
C GLY B 4358 74.19 -12.95 -60.47
N SER B 4359 75.22 -12.36 -61.06
CA SER B 4359 76.55 -12.94 -61.09
C SER B 4359 77.30 -12.55 -59.82
N ASP B 4360 78.46 -13.18 -59.62
CA ASP B 4360 79.30 -12.89 -58.47
C ASP B 4360 80.74 -13.14 -58.84
N PHE B 4361 81.65 -12.53 -58.08
CA PHE B 4361 83.07 -12.69 -58.34
C PHE B 4361 83.48 -14.14 -58.17
N VAL B 4362 84.37 -14.61 -59.05
CA VAL B 4362 84.97 -15.91 -58.89
C VAL B 4362 85.68 -15.90 -57.55
N THR B 4363 85.68 -17.04 -56.86
CA THR B 4363 86.09 -17.08 -55.47
C THR B 4363 87.51 -16.54 -55.28
N GLY B 4364 87.63 -15.61 -54.33
CA GLY B 4364 88.88 -14.97 -53.99
C GLY B 4364 89.31 -13.84 -54.91
N SER B 4365 88.59 -13.61 -56.01
CA SER B 4365 88.94 -12.54 -56.94
C SER B 4365 88.15 -11.27 -56.64
N THR B 4366 88.72 -10.14 -57.06
CA THR B 4366 88.07 -8.84 -57.01
C THR B 4366 87.91 -8.21 -58.38
N VAL B 4367 88.26 -8.91 -59.46
CA VAL B 4367 88.25 -8.33 -60.80
C VAL B 4367 87.57 -9.24 -61.84
N GLU B 4368 87.30 -10.49 -61.50
CA GLU B 4368 86.73 -11.45 -62.43
C GLU B 4368 85.43 -12.01 -61.88
N CYS B 4369 84.50 -12.29 -62.79
CA CYS B 4369 83.14 -12.65 -62.46
C CYS B 4369 82.76 -14.00 -63.08
N ASP B 4370 81.79 -14.65 -62.44
CA ASP B 4370 81.21 -15.89 -62.93
C ASP B 4370 80.09 -15.58 -63.91
N ALA B 4371 80.47 -15.05 -65.07
CA ALA B 4371 79.51 -14.72 -66.11
C ALA B 4371 80.19 -14.79 -67.47
N ALA B 4372 79.37 -15.01 -68.50
CA ALA B 4372 79.87 -15.15 -69.85
C ALA B 4372 80.16 -13.79 -70.47
N SER B 4373 81.14 -13.77 -71.37
CA SER B 4373 81.49 -12.55 -72.09
C SER B 4373 80.52 -12.33 -73.25
N GLU B 4374 80.10 -11.09 -73.41
CA GLU B 4374 79.19 -10.69 -74.48
C GLU B 4374 79.93 -9.77 -75.45
N LEU B 4375 79.83 -10.07 -76.74
CA LEU B 4375 80.55 -9.30 -77.75
C LEU B 4375 79.82 -7.97 -78.01
N PRO B 4376 80.58 -6.90 -78.29
CA PRO B 4376 79.94 -5.59 -78.55
C PRO B 4376 78.93 -5.64 -79.69
N ILE B 4377 77.90 -4.82 -79.55
CA ILE B 4377 76.84 -4.68 -80.54
C ILE B 4377 77.10 -3.38 -81.29
N THR B 4378 77.78 -3.47 -82.43
CA THR B 4378 78.01 -2.32 -83.27
C THR B 4378 76.80 -2.07 -84.16
N MET B 4379 76.45 -0.79 -84.36
CA MET B 4379 75.25 -0.44 -85.10
C MET B 4379 75.58 -0.08 -86.54
N PRO B 4380 74.60 -0.17 -87.44
CA PRO B 4380 74.88 0.07 -88.86
C PRO B 4380 75.31 1.49 -89.17
N SER B 4381 75.96 1.63 -90.32
CA SER B 4381 76.47 2.94 -90.74
C SER B 4381 75.30 3.88 -91.04
N PRO B 4382 75.39 5.15 -90.64
CA PRO B 4382 74.30 6.09 -90.88
C PRO B 4382 74.42 6.82 -92.21
N CYS B 4383 73.33 7.47 -92.58
CA CYS B 4383 73.30 8.34 -93.75
C CYS B 4383 74.05 9.63 -93.39
N ARG B 4384 75.12 9.91 -94.13
CA ARG B 4384 76.09 10.95 -93.81
C ARG B 4384 76.12 12.11 -94.80
N CYS B 4385 75.18 12.19 -95.74
CA CYS B 4385 75.26 13.19 -96.80
C CYS B 4385 75.18 14.58 -96.19
N MET B 4386 76.25 15.36 -96.40
CA MET B 4386 76.48 16.62 -95.70
C MET B 4386 75.67 17.82 -96.20
N HIS B 4387 75.93 18.25 -97.44
CA HIS B 4387 75.45 19.52 -97.96
C HIS B 4387 74.10 19.41 -98.67
N GLY B 4388 73.09 19.00 -97.91
CA GLY B 4388 71.77 18.87 -98.45
C GLY B 4388 71.55 17.67 -99.34
N GLY B 4389 72.56 16.83 -99.54
CA GLY B 4389 72.40 15.64 -100.33
C GLY B 4389 71.39 14.71 -99.71
N SER B 4390 70.98 13.72 -100.50
CA SER B 4390 69.91 12.81 -100.14
C SER B 4390 70.44 11.38 -100.22
N CYS B 4391 69.99 10.53 -99.30
CA CYS B 4391 70.53 9.19 -99.16
C CYS B 4391 69.47 8.14 -99.47
N TYR B 4392 69.92 7.09 -100.15
CA TYR B 4392 69.11 5.94 -100.50
C TYR B 4392 69.88 4.69 -100.15
N PHE B 4393 69.16 3.64 -99.80
CA PHE B 4393 69.77 2.37 -99.41
C PHE B 4393 69.85 1.46 -100.62
N ASP B 4394 71.06 1.01 -100.94
CA ASP B 4394 71.29 0.20 -102.13
C ASP B 4394 70.86 -1.24 -101.87
N GLU B 4395 71.01 -2.09 -102.89
CA GLU B 4395 70.58 -3.48 -102.79
C GLU B 4395 71.31 -4.22 -101.68
N ASN B 4396 72.52 -3.80 -101.33
CA ASN B 4396 73.23 -4.35 -100.18
C ASN B 4396 72.82 -3.66 -98.87
N ASP B 4397 71.80 -2.80 -98.91
CA ASP B 4397 71.27 -2.05 -97.78
C ASP B 4397 72.27 -1.02 -97.26
N LEU B 4398 73.34 -0.74 -98.01
CA LEU B 4398 74.28 0.30 -97.63
C LEU B 4398 73.74 1.68 -98.00
N PRO B 4399 73.88 2.68 -97.13
CA PRO B 4399 73.45 4.02 -97.49
C PRO B 4399 74.41 4.65 -98.49
N LYS B 4400 73.86 5.30 -99.52
CA LYS B 4400 74.64 5.96 -100.54
C LYS B 4400 73.95 7.27 -100.88
N CYS B 4401 74.74 8.26 -101.28
CA CYS B 4401 74.31 9.65 -101.38
C CYS B 4401 74.25 10.14 -102.82
N LYS B 4402 73.36 11.11 -103.02
CA LYS B 4402 73.20 11.84 -104.26
C LYS B 4402 73.30 13.31 -103.88
N CYS B 4403 74.17 14.03 -104.58
CA CYS B 4403 74.50 15.41 -104.26
C CYS B 4403 73.58 16.39 -104.96
N SER B 4404 73.55 17.59 -104.41
CA SER B 4404 73.04 18.76 -105.07
C SER B 4404 74.02 19.16 -106.16
N SER B 4405 73.56 19.98 -107.11
CA SER B 4405 74.39 20.28 -108.26
C SER B 4405 75.68 21.00 -107.87
N GLY B 4406 75.72 21.61 -106.69
CA GLY B 4406 76.88 22.35 -106.23
C GLY B 4406 77.96 21.57 -105.51
N TYR B 4407 77.79 20.27 -105.28
CA TYR B 4407 78.70 19.51 -104.44
C TYR B 4407 78.93 18.13 -105.03
N SER B 4408 80.00 17.49 -104.58
CA SER B 4408 80.39 16.16 -105.03
C SER B 4408 81.14 15.45 -103.92
N GLY B 4409 81.15 14.11 -103.99
CA GLY B 4409 81.89 13.30 -103.05
C GLY B 4409 81.12 12.06 -102.61
N GLU B 4410 81.81 11.12 -101.96
CA GLU B 4410 81.15 9.90 -101.50
C GLU B 4410 80.05 10.19 -100.50
N TYR B 4411 80.32 11.07 -99.54
CA TYR B 4411 79.34 11.56 -98.58
C TYR B 4411 78.93 13.00 -98.88
N CYS B 4412 79.08 13.42 -100.13
CA CYS B 4412 78.79 14.78 -100.57
C CYS B 4412 79.53 15.80 -99.71
N GLU B 4413 80.79 15.49 -99.40
CA GLU B 4413 81.63 16.38 -98.62
C GLU B 4413 81.93 17.66 -99.38
C1 NAG C . -87.78 -15.67 51.79
C2 NAG C . -89.24 -15.47 52.21
C3 NAG C . -89.66 -16.51 53.26
C4 NAG C . -89.28 -17.91 52.82
C5 NAG C . -87.83 -17.96 52.39
C6 NAG C . -87.43 -19.30 51.82
C7 NAG C . -88.85 -13.59 53.78
C8 NAG C . -89.23 -12.19 54.12
N2 NAG C . -89.46 -14.11 52.70
O3 NAG C . -91.07 -16.41 53.45
O4 NAG C . -89.45 -18.80 53.91
O5 NAG C . -87.59 -17.00 51.37
O6 NAG C . -86.04 -19.33 51.52
O7 NAG C . -88.04 -14.24 54.44
C1 NAG C . -90.67 -19.58 53.90
C2 NAG C . -90.37 -20.85 54.70
C3 NAG C . -91.62 -21.71 54.84
C4 NAG C . -92.78 -20.89 55.40
C5 NAG C . -92.98 -19.65 54.54
C6 NAG C . -94.06 -18.74 55.07
C7 NAG C . -88.29 -22.16 54.73
C8 NAG C . -87.28 -22.89 53.89
N2 NAG C . -89.30 -21.61 54.05
O3 NAG C . -91.34 -22.80 55.72
O4 NAG C . -93.97 -21.67 55.39
O5 NAG C . -91.78 -18.89 54.50
O6 NAG C . -93.80 -18.36 56.41
O7 NAG C . -88.21 -22.10 55.95
C1 NAG D . -11.15 -21.88 100.15
C2 NAG D . -10.85 -22.53 101.50
C3 NAG D . -11.81 -22.02 102.59
C4 NAG D . -11.89 -20.50 102.57
C5 NAG D . -12.15 -20.00 101.16
C6 NAG D . -12.11 -18.49 101.06
C7 NAG D . -11.98 -24.68 101.09
C8 NAG D . -11.82 -26.17 101.07
N2 NAG D . -10.89 -23.98 101.42
O3 NAG D . -11.35 -22.47 103.86
O4 NAG D . -12.97 -20.09 103.39
O5 NAG D . -11.14 -20.49 100.28
O6 NAG D . -12.46 -18.05 99.75
O7 NAG D . -13.04 -24.14 100.82
C1 NAG D . -12.60 -19.63 104.72
C2 NAG D . -13.71 -18.66 105.16
C3 NAG D . -13.49 -18.20 106.58
C4 NAG D . -13.30 -19.39 107.52
C5 NAG D . -12.19 -20.28 106.99
C6 NAG D . -12.00 -21.53 107.82
C7 NAG D . -14.91 -17.02 103.78
C8 NAG D . -14.76 -15.85 102.85
N2 NAG D . -13.76 -17.52 104.24
O3 NAG D . -14.61 -17.43 107.00
O4 NAG D . -12.95 -18.93 108.82
O5 NAG D . -12.50 -20.71 105.66
O6 NAG D . -13.20 -22.27 107.92
O7 NAG D . -16.00 -17.46 104.10
C1 NGA E . 21.20 -53.90 1.47
C2 NGA E . 20.13 -53.05 0.80
C3 NGA E . 19.46 -53.80 -0.35
C4 NGA E . 20.49 -54.44 -1.26
C5 NGA E . 21.50 -55.24 -0.45
C6 NGA E . 22.56 -55.85 -1.35
C7 NGA E . 18.53 -51.50 1.78
C8 NGA E . 17.66 -51.18 2.96
N2 NGA E . 19.14 -52.68 1.79
O3 NGA E . 18.67 -52.89 -1.11
O4 NGA E . 21.16 -53.43 -1.99
O5 NGA E . 22.11 -54.41 0.51
O6 NGA E . 21.95 -56.76 -2.25
O7 NGA E . 18.65 -50.68 0.86
C1 NAG F . 123.56 -50.85 -30.26
C2 NAG F . 124.09 -51.58 -29.01
C3 NAG F . 124.51 -50.59 -27.93
C4 NAG F . 125.48 -49.55 -28.48
C5 NAG F . 124.88 -48.85 -29.68
C6 NAG F . 125.87 -47.91 -30.36
C7 NAG F . 123.09 -53.81 -28.74
C8 NAG F . 121.99 -54.60 -28.07
N2 NAG F . 123.09 -52.50 -28.49
O3 NAG F . 125.12 -51.30 -26.85
O4 NAG F . 125.77 -48.59 -27.47
O5 NAG F . 124.48 -49.81 -30.67
O6 NAG F . 127.02 -48.61 -30.80
O7 NAG F . 123.93 -54.34 -29.45
C1 NAG G . 125.80 -64.10 10.48
C2 NAG G . 126.99 -63.72 9.58
C3 NAG G . 128.11 -63.12 10.41
C4 NAG G . 127.61 -61.96 11.25
C5 NAG G . 126.43 -62.41 12.10
C6 NAG G . 125.79 -61.28 12.87
C7 NAG G . 127.28 -65.04 7.52
C8 NAG G . 127.85 -66.28 6.93
N2 NAG G . 127.47 -64.88 8.84
O3 NAG G . 129.16 -62.67 9.55
O4 NAG G . 128.64 -61.48 12.10
O5 NAG G . 125.41 -62.97 11.26
O6 NAG G . 125.28 -60.28 11.99
O7 NAG G . 126.66 -64.22 6.84
C1 NAG H . 85.42 -58.35 26.39
C2 NAG H . 84.57 -59.12 27.39
C3 NAG H . 84.66 -58.48 28.77
C4 NAG H . 86.11 -58.32 29.20
C5 NAG H . 86.88 -57.55 28.12
C6 NAG H . 88.35 -57.42 28.42
C7 NAG H . 82.62 -60.33 26.50
C8 NAG H . 81.18 -60.22 26.08
N2 NAG H . 83.19 -59.20 26.95
O3 NAG H . 83.97 -59.30 29.72
O4 NAG H . 86.18 -57.60 30.43
O5 NAG H . 86.76 -58.25 26.87
O6 NAG H . 88.94 -58.69 28.68
O7 NAG H . 83.24 -61.39 26.44
C1 NAG I . 116.08 -56.05 14.67
C2 NAG I . 117.03 -57.22 14.43
C3 NAG I . 117.17 -58.06 15.69
C4 NAG I . 117.61 -57.18 16.87
C5 NAG I . 116.65 -56.02 17.04
C6 NAG I . 117.10 -55.03 18.08
C7 NAG I . 116.93 -57.83 12.05
C8 NAG I . 116.36 -58.79 11.05
N2 NAG I . 116.58 -58.05 13.32
O3 NAG I . 118.13 -59.09 15.48
O4 NAG I . 117.65 -57.94 18.06
O5 NAG I . 116.53 -55.28 15.80
O6 NAG I . 118.39 -54.53 17.81
O7 NAG I . 117.64 -56.89 11.73
C1 NAG J . 40.01 -36.18 9.28
C2 NAG J . 39.01 -36.64 10.34
C3 NAG J . 38.04 -35.51 10.65
C4 NAG J . 38.79 -34.25 11.04
C5 NAG J . 39.82 -33.90 9.97
C6 NAG J . 40.71 -32.74 10.37
C7 NAG J . 38.31 -38.99 10.58
C8 NAG J . 37.51 -40.10 9.97
N2 NAG J . 38.30 -37.83 9.91
O3 NAG J . 37.18 -35.92 11.71
O4 NAG J . 37.88 -33.17 11.19
O5 NAG J . 40.68 -35.02 9.73
O6 NAG J . 39.97 -31.59 10.73
O7 NAG J . 38.93 -39.13 11.63
C1 NAG K . 64.74 -71.37 -27.28
C2 NAG K . 65.49 -72.17 -28.34
C3 NAG K . 64.51 -72.77 -29.34
C4 NAG K . 63.47 -73.61 -28.60
C5 NAG K . 62.80 -72.78 -27.51
C6 NAG K . 61.85 -73.59 -26.65
C7 NAG K . 67.73 -71.19 -28.63
C8 NAG K . 68.59 -70.28 -29.46
N2 NAG K . 66.46 -71.33 -29.04
O3 NAG K . 65.22 -73.59 -30.26
O4 NAG K . 62.48 -74.07 -29.52
O5 NAG K . 63.78 -72.22 -26.63
O6 NAG K . 62.52 -74.68 -26.04
O7 NAG K . 68.17 -71.77 -27.65
C1 NAG L . 2.11 -72.94 67.09
C2 NAG L . 1.09 -73.41 68.11
C3 NAG L . 0.11 -72.30 68.43
C4 NAG L . 0.85 -71.05 68.88
C5 NAG L . 1.90 -70.66 67.84
C6 NAG L . 2.77 -69.51 68.28
C7 NAG L . 0.74 -75.84 67.95
C8 NAG L . -0.11 -76.93 67.37
N2 NAG L . 0.38 -74.59 67.64
O3 NAG L . -0.78 -72.73 69.46
O4 NAG L . -0.06 -69.97 69.05
O5 NAG L . 2.78 -71.77 67.58
O6 NAG L . 3.52 -69.84 69.44
O7 NAG L . 1.71 -76.08 68.67
C1 NAG M . -39.17 -54.60 38.45
C2 NAG M . -40.69 -54.60 38.21
C3 NAG M . -41.06 -55.60 37.14
C4 NAG M . -40.27 -55.35 35.86
C5 NAG M . -38.78 -55.33 36.18
C6 NAG M . -37.93 -54.95 34.98
C7 NAG M . -41.84 -53.93 40.28
C8 NAG M . -42.57 -54.42 41.50
N2 NAG M . -41.40 -54.88 39.45
O3 NAG M . -42.46 -55.51 36.87
O4 NAG M . -40.55 -56.35 34.91
O5 NAG M . -38.50 -54.38 37.21
O6 NAG M . -38.27 -53.65 34.51
O7 NAG M . -41.65 -52.74 40.06
C1 NAG N . -51.92 -55.07 40.81
C2 NAG N . -52.73 -55.05 39.51
C3 NAG N . -53.92 -55.99 39.63
C4 NAG N . -53.48 -57.37 40.06
C5 NAG N . -52.65 -57.29 41.34
C6 NAG N . -52.06 -58.62 41.74
C7 NAG N . -52.45 -52.89 38.38
C8 NAG N . -53.05 -51.55 38.13
N2 NAG N . -53.15 -53.71 39.17
O3 NAG N . -54.59 -56.06 38.38
O4 NAG N . -54.62 -58.19 40.31
O5 NAG N . -51.54 -56.40 41.13
O6 NAG N . -51.16 -59.12 40.75
O7 NAG N . -51.37 -53.22 37.89
C1 NAG O . -39.06 -62.52 84.68
C2 NAG O . -38.99 -64.04 84.59
C3 NAG O . -38.78 -64.63 85.99
C4 NAG O . -37.54 -64.02 86.63
C5 NAG O . -37.66 -62.50 86.65
C6 NAG O . -36.41 -61.83 87.15
C7 NAG O . -40.28 -64.82 82.66
C8 NAG O . -41.58 -65.41 82.19
N2 NAG O . -40.17 -64.59 83.97
O3 NAG O . -38.63 -66.04 85.88
O4 NAG O . -37.40 -64.51 87.96
O5 NAG O . -37.89 -62.00 85.32
O6 NAG O . -35.30 -62.07 86.30
O7 NAG O . -39.37 -64.55 81.88
C1 NAG P . -15.59 -55.82 46.91
C2 NAG P . -15.80 -56.37 45.51
C3 NAG P . -14.51 -56.99 45.00
C4 NAG P . -13.37 -55.98 45.08
C5 NAG P . -13.26 -55.41 46.49
C6 NAG P . -12.25 -54.28 46.59
C7 NAG P . -17.99 -57.21 44.74
C8 NAG P . -18.98 -58.33 44.84
N2 NAG P . -16.88 -57.34 45.48
O3 NAG P . -14.68 -57.42 43.66
O4 NAG P . -12.14 -56.61 44.73
O5 NAG P . -14.52 -54.88 46.90
O6 NAG P . -12.60 -53.21 45.72
O7 NAG P . -18.17 -56.23 44.02
C1 NAG Q . -62.62 -68.19 82.28
C2 NAG Q . -63.77 -68.66 83.16
C3 NAG Q . -63.70 -67.98 84.52
C4 NAG Q . -62.36 -68.25 85.17
C5 NAG Q . -61.22 -67.83 84.24
C6 NAG Q . -59.86 -68.22 84.76
C7 NAG Q . -65.67 -69.29 81.73
C8 NAG Q . -66.99 -68.86 81.17
N2 NAG Q . -65.05 -68.41 82.52
O3 NAG Q . -64.76 -68.46 85.34
O4 NAG Q . -62.25 -67.53 86.39
O5 NAG Q . -61.37 -68.44 82.95
O6 NAG Q . -58.82 -67.67 83.96
O7 NAG Q . -65.18 -70.39 81.47
C1 NAG R . -69.84 -52.46 62.22
C2 NAG R . -69.10 -53.60 61.52
C3 NAG R . -69.95 -54.14 60.36
C4 NAG R . -71.34 -54.52 60.85
C5 NAG R . -71.98 -53.35 61.59
C6 NAG R . -73.31 -53.69 62.20
C7 NAG R . -66.75 -53.98 60.91
C8 NAG R . -65.49 -53.36 60.40
N2 NAG R . -67.80 -53.16 61.03
O3 NAG R . -69.30 -55.27 59.79
O4 NAG R . -72.16 -54.89 59.75
O5 NAG R . -71.13 -52.92 62.66
O6 NAG R . -73.19 -54.70 63.20
O7 NAG R . -66.81 -55.17 61.22
C1 NAG S . -83.98 -26.18 53.91
C2 NAG S . -83.80 -26.10 52.39
C3 NAG S . -84.02 -27.47 51.76
C4 NAG S . -83.11 -28.50 52.42
C5 NAG S . -83.35 -28.52 53.93
C6 NAG S . -82.42 -29.44 54.67
C7 NAG S . -84.32 -24.16 50.97
C8 NAG S . -85.41 -23.27 50.46
N2 NAG S . -84.72 -25.14 51.80
O3 NAG S . -83.74 -27.41 50.36
O4 NAG S . -83.36 -29.80 51.90
O5 NAG S . -83.12 -27.21 54.45
O6 NAG S . -82.79 -29.55 56.04
O7 NAG S . -83.15 -24.02 50.64
C1 NAG T . -91.24 15.98 59.93
C2 NAG T . -92.74 16.03 60.27
C3 NAG T . -93.19 17.48 60.52
C4 NAG T . -92.28 18.16 61.54
C5 NAG T . -90.84 18.06 61.08
C6 NAG T . -89.85 18.65 62.06
C7 NAG T . -94.81 15.04 59.38
C8 NAG T . -95.48 14.45 58.19
N2 NAG T . -93.54 15.43 59.21
O3 NAG T . -94.54 17.49 60.99
O4 NAG T . -92.64 19.53 61.67
O5 NAG T . -90.50 16.68 60.92
O6 NAG T . -88.53 18.56 61.58
O7 NAG T . -95.38 15.16 60.46
C1 NAG U . -61.86 -8.40 40.72
C2 NAG U . -62.51 -9.48 41.60
C3 NAG U . -61.94 -10.87 41.27
C4 NAG U . -61.99 -11.13 39.77
C5 NAG U . -61.29 -10.01 39.03
C6 NAG U . -61.35 -10.16 37.52
C7 NAG U . -63.16 -8.37 43.69
C8 NAG U . -62.85 -8.20 45.14
N2 NAG U . -62.35 -9.19 43.01
O3 NAG U . -62.67 -11.87 41.97
O4 NAG U . -61.34 -12.37 39.48
O5 NAG U . -61.93 -8.77 39.34
O6 NAG U . -62.67 -9.98 37.04
O7 NAG U . -64.11 -7.81 43.15
C1 NAG V . -40.35 21.98 26.50
C2 NAG V . -39.15 21.86 25.58
C3 NAG V . -38.86 23.20 24.90
C4 NAG V . -40.11 23.72 24.20
C5 NAG V . -41.27 23.80 25.19
C6 NAG V . -42.57 24.20 24.55
C7 NAG V . -37.65 20.12 26.45
C8 NAG V . -36.41 19.84 27.24
N2 NAG V . -37.97 21.41 26.31
O3 NAG V . -37.80 23.04 23.96
O4 NAG V . -39.87 25.02 23.67
O5 NAG V . -41.47 22.50 25.77
O6 NAG V . -42.99 23.25 23.58
O7 NAG V . -38.34 19.22 25.97
C1 NAG W . 8.00 -21.76 7.46
C2 NAG W . 9.24 -22.62 7.19
C3 NAG W . 10.18 -22.55 8.39
C4 NAG W . 10.56 -21.11 8.68
C5 NAG W . 9.32 -20.23 8.86
C6 NAG W . 9.63 -18.76 8.93
C7 NAG W . 8.30 -24.82 7.76
C8 NAG W . 8.08 -26.23 7.27
N2 NAG W . 8.91 -24.00 6.90
O3 NAG W . 11.34 -23.32 8.14
O4 NAG W . 11.35 -21.05 9.86
O5 NAG W . 8.40 -20.40 7.77
O6 NAG W . 10.48 -18.46 10.04
O7 NAG W . 7.93 -24.45 8.87
C1 NAG X . 51.60 -21.77 -33.02
C2 NAG X . 51.56 -21.56 -31.51
C3 NAG X . 52.47 -22.58 -30.80
C4 NAG X . 52.18 -23.99 -31.29
C5 NAG X . 52.21 -24.04 -32.82
C6 NAG X . 51.81 -25.38 -33.40
C7 NAG X . 51.78 -19.70 -29.92
C8 NAG X . 52.25 -18.29 -29.71
N2 NAG X . 51.95 -20.20 -31.15
O3 NAG X . 52.29 -22.51 -29.40
O4 NAG X . 53.15 -24.90 -30.79
O5 NAG X . 51.26 -23.09 -33.33
O6 NAG X . 51.82 -25.35 -34.81
O7 NAG X . 51.27 -20.35 -29.01
C1 NAG Y . 56.47 -33.73 -37.19
C2 NAG Y . 57.67 -34.65 -36.94
C3 NAG Y . 57.28 -36.10 -37.22
C4 NAG Y . 56.02 -36.48 -36.45
C5 NAG Y . 54.91 -35.49 -36.73
C6 NAG Y . 53.67 -35.71 -35.89
C7 NAG Y . 59.80 -33.50 -37.32
C8 NAG Y . 60.90 -33.22 -38.30
N2 NAG Y . 58.80 -34.27 -37.76
O3 NAG Y . 58.35 -36.96 -36.85
O4 NAG Y . 55.60 -37.79 -36.84
O5 NAG Y . 55.37 -34.16 -36.42
O6 NAG Y . 53.09 -36.98 -36.15
O7 NAG Y . 59.83 -33.04 -36.18
C1 NAG Z . 3.54 -33.37 -41.54
C2 NAG Z . 3.11 -33.50 -40.07
C3 NAG Z . 1.59 -33.54 -39.96
C4 NAG Z . 1.03 -32.27 -40.57
C5 NAG Z . 1.55 -32.11 -42.00
C6 NAG Z . 1.08 -30.81 -42.64
C7 NAG Z . 3.55 -35.91 -39.74
C8 NAG Z . 4.35 -36.88 -38.92
N2 NAG Z . 3.74 -34.63 -39.40
O3 NAG Z . 1.20 -33.64 -38.59
O4 NAG Z . -0.40 -32.33 -40.56
O5 NAG Z . 2.98 -32.14 -42.04
O6 NAG Z . 1.65 -29.69 -41.96
O7 NAG Z . 2.81 -36.28 -40.63
C1 NAG AA . 17.16 -41.88 -31.69
C2 NAG AA . 17.63 -42.32 -30.32
C3 NAG AA . 16.50 -42.17 -29.31
C4 NAG AA . 15.96 -40.74 -29.32
C5 NAG AA . 15.58 -40.33 -30.74
C6 NAG AA . 15.19 -38.86 -30.84
C7 NAG AA . 19.39 -44.00 -30.57
C8 NAG AA . 19.70 -45.47 -30.57
N2 NAG AA . 18.11 -43.69 -30.34
O3 NAG AA . 16.97 -42.50 -28.01
O4 NAG AA . 14.80 -40.65 -28.49
O5 NAG AA . 16.70 -40.51 -31.63
O6 NAG AA . 14.91 -38.50 -32.19
O7 NAG AA . 20.25 -43.16 -30.78
C1 NAG BA . 41.86 -3.88 -35.19
C2 NAG BA . 41.46 -2.52 -35.79
C3 NAG BA . 42.39 -1.42 -35.28
C4 NAG BA . 42.40 -1.43 -33.76
C5 NAG BA . 42.77 -2.82 -33.26
C6 NAG BA . 42.77 -2.87 -31.73
C7 NAG BA . 40.47 -2.79 -38.01
C8 NAG BA . 40.76 -2.82 -39.48
N2 NAG BA . 41.53 -2.56 -37.24
O3 NAG BA . 41.93 -0.16 -35.75
O4 NAG BA . 43.34 -0.47 -33.28
O5 NAG BA . 41.84 -3.78 -33.76
O6 NAG BA . 41.44 -2.70 -31.24
O7 NAG BA . 39.34 -2.97 -37.57
C1 NAG CA . 42.77 -37.82 -83.46
C2 NAG CA . 43.60 -38.94 -84.16
C3 NAG CA . 43.85 -38.68 -85.67
C4 NAG CA . 42.69 -38.01 -86.40
C5 NAG CA . 42.06 -36.91 -85.60
C6 NAG CA . 40.78 -36.37 -86.23
C7 NAG CA . 45.67 -40.17 -83.71
C8 NAG CA . 46.93 -40.20 -82.90
N2 NAG CA . 44.87 -39.14 -83.47
O3 NAG CA . 44.17 -39.91 -86.31
O4 NAG CA . 43.17 -37.49 -87.63
O5 NAG CA . 41.71 -37.37 -84.30
O6 NAG CA . 41.07 -35.53 -87.33
O7 NAG CA . 45.40 -41.03 -84.52
C1 NAG DA . 6.19 -14.83 -32.73
C2 NAG DA . 6.71 -13.88 -31.63
C3 NAG DA . 6.83 -14.65 -30.31
C4 NAG DA . 5.51 -15.34 -29.97
C5 NAG DA . 4.98 -16.20 -31.13
C6 NAG DA . 3.60 -16.78 -30.85
C7 NAG DA . 8.16 -12.07 -32.54
C8 NAG DA . 9.58 -11.67 -32.90
N2 NAG DA . 7.97 -13.29 -32.02
O3 NAG DA . 7.19 -13.77 -29.24
O4 NAG DA . 5.72 -16.15 -28.81
O5 NAG DA . 4.94 -15.41 -32.32
O6 NAG DA . 3.20 -17.66 -31.91
O7 NAG DA . 7.21 -11.34 -32.71
C1 NAG EA . 59.79 -47.62 -81.10
C2 NAG EA . 58.89 -48.33 -80.06
C3 NAG EA . 57.66 -49.00 -80.68
C4 NAG EA . 56.91 -48.11 -81.66
C5 NAG EA . 57.83 -47.41 -82.65
C6 NAG EA . 57.14 -46.26 -83.35
C7 NAG EA . 60.34 -49.05 -78.19
C8 NAG EA . 61.05 -50.20 -77.56
N2 NAG EA . 59.65 -49.32 -79.31
O3 NAG EA . 56.77 -49.39 -79.64
O4 NAG EA . 56.00 -48.90 -82.41
O5 NAG EA . 59.00 -46.86 -82.03
O6 NAG EA . 57.15 -45.08 -82.54
O7 NAG EA . 60.37 -47.92 -77.71
C1 NAG FA . 50.66 20.42 -102.98
C2 NAG FA . 50.95 21.80 -103.56
C3 NAG FA . 50.94 21.74 -105.09
C4 NAG FA . 51.92 20.68 -105.58
C5 NAG FA . 51.60 19.33 -104.93
C6 NAG FA . 52.62 18.27 -105.26
C7 NAG FA . 50.36 23.92 -102.48
C8 NAG FA . 49.23 24.83 -102.08
N2 NAG FA . 50.01 22.80 -103.09
O3 NAG FA . 51.29 23.01 -105.62
O4 NAG FA . 51.83 20.55 -106.99
O5 NAG FA . 51.58 19.46 -103.50
O6 NAG FA . 52.29 17.02 -104.67
O7 NAG FA . 51.53 24.19 -102.23
C1 NAG GA . 27.09 24.92 -108.46
C2 NAG GA . 26.67 23.57 -109.05
C3 NAG GA . 26.09 23.74 -110.45
C4 NAG GA . 25.00 24.80 -110.46
C5 NAG GA . 25.53 26.09 -109.87
C6 NAG GA . 24.49 27.18 -109.77
C7 NAG GA . 28.00 21.69 -108.19
C8 NAG GA . 29.22 20.84 -108.39
N2 NAG GA . 27.81 22.65 -109.09
O3 NAG GA . 25.56 22.49 -110.90
O4 NAG GA . 24.56 25.04 -111.79
O5 NAG GA . 25.98 25.83 -108.53
O6 NAG GA . 23.38 26.77 -108.98
O7 NAG GA . 27.22 21.49 -107.26
C1 NGA HA . 110.92 19.27 -55.08
C2 NGA HA . 111.15 17.74 -54.80
C3 NGA HA . 112.21 17.13 -55.69
C4 NGA HA . 111.99 17.50 -57.15
C5 NGA HA . 112.00 19.01 -57.23
C6 NGA HA . 111.91 19.50 -58.67
C7 NGA HA . 110.82 17.09 -52.46
C8 NGA HA . 111.49 16.98 -51.13
N2 NGA HA . 111.59 17.57 -53.43
O3 NGA HA . 112.19 15.70 -55.55
O4 NGA HA . 110.75 16.95 -57.60
O5 NGA HA . 110.90 19.52 -56.48
O6 NGA HA . 112.23 20.90 -58.72
O7 NGA HA . 109.66 16.74 -52.63
C1 NGA IA . 111.93 -38.71 -3.77
C2 NGA IA . 110.79 -38.01 -3.04
C3 NGA IA . 111.32 -37.12 -1.94
C4 NGA IA . 112.26 -37.92 -1.04
C5 NGA IA . 113.30 -38.66 -1.86
C6 NGA IA . 114.16 -39.54 -0.96
C7 NGA IA . 108.68 -37.16 -3.93
C8 NGA IA . 107.98 -36.49 -5.07
N2 NGA IA . 110.01 -37.23 -3.99
O3 NGA IA . 110.25 -36.62 -1.17
O4 NGA IA . 111.51 -38.84 -0.31
O5 NGA IA . 112.68 -39.46 -2.84
O6 NGA IA . 115.30 -39.96 -1.68
O7 NGA IA . 108.03 -37.60 -2.99
C1 NGA JA . 52.11 -55.72 34.67
C2 NGA JA . 53.48 -55.15 34.38
C3 NGA JA . 53.31 -53.70 33.95
C4 NGA JA . 52.32 -53.62 32.80
C5 NGA JA . 51.03 -54.36 33.12
C6 NGA JA . 50.07 -54.37 31.94
C7 NGA JA . 55.15 -54.62 36.17
C8 NGA JA . 56.06 -55.32 37.14
N2 NGA JA . 54.26 -55.41 35.59
O3 NGA JA . 54.52 -53.15 33.48
O4 NGA JA . 52.92 -54.19 31.66
O5 NGA JA . 51.31 -55.68 33.51
O6 NGA JA . 50.64 -55.10 30.88
O7 NGA JA . 55.29 -53.42 35.97
C1 NGA KA . 63.80 -82.25 34.76
C2 NGA KA . 62.70 -83.20 34.19
C3 NGA KA . 62.29 -82.83 32.77
C4 NGA KA . 61.90 -81.36 32.70
C5 NGA KA . 62.97 -80.52 33.36
C6 NGA KA . 62.65 -79.03 33.33
C7 NGA KA . 63.19 -85.30 35.30
C8 NGA KA . 63.74 -86.69 35.12
N2 NGA KA . 63.18 -84.56 34.20
O3 NGA KA . 61.19 -83.64 32.35
O4 NGA KA . 60.63 -81.16 33.34
O5 NGA KA . 63.20 -80.96 34.70
O6 NGA KA . 63.85 -78.26 33.34
O7 NGA KA . 62.80 -84.90 36.38
C1 NGA LA . 70.95 -99.97 -2.39
C2 NGA LA . 70.77 -100.23 -3.88
C3 NGA LA . 71.35 -101.60 -4.20
C4 NGA LA . 72.82 -101.61 -3.81
C5 NGA LA . 73.00 -101.16 -2.36
C6 NGA LA . 74.48 -100.97 -2.02
C7 NGA LA . 68.36 -100.78 -3.75
C8 NGA LA . 67.01 -100.48 -4.32
N2 NGA LA . 69.38 -100.10 -4.29
O3 NGA LA . 71.25 -101.87 -5.59
O4 NGA LA . 73.54 -100.76 -4.67
O5 NGA LA . 72.32 -99.96 -2.09
O6 NGA LA . 74.59 -100.55 -0.68
O7 NGA LA . 68.48 -101.62 -2.86
C1 NGA MA . 87.28 -90.62 -20.29
C2 NGA MA . 86.49 -91.68 -19.53
C3 NGA MA . 87.06 -93.06 -19.82
C4 NGA MA . 87.10 -93.28 -21.32
C5 NGA MA . 87.81 -92.14 -22.02
C6 NGA MA . 87.75 -92.29 -23.54
C7 NGA MA . 85.47 -91.12 -17.39
C8 NGA MA . 85.69 -90.92 -15.92
N2 NGA MA . 86.55 -91.40 -18.11
O3 NGA MA . 86.24 -94.05 -19.24
O4 NGA MA . 85.78 -93.39 -21.82
O5 NGA MA . 87.23 -90.90 -21.67
O6 NGA MA . 88.64 -91.37 -24.15
O7 NGA MA . 84.33 -91.03 -17.85
C1 NGA NA . 52.31 -40.90 -21.82
C2 NGA NA . 53.20 -40.08 -22.73
C3 NGA NA . 52.42 -38.89 -23.29
C4 NGA NA . 51.16 -39.40 -23.95
C5 NGA NA . 50.37 -40.30 -23.00
C6 NGA NA . 49.14 -40.88 -23.68
C7 NGA NA . 54.46 -38.94 -20.95
C8 NGA NA . 55.83 -38.58 -20.44
N2 NGA NA . 54.43 -39.66 -22.07
O3 NGA NA . 53.19 -38.20 -24.25
O4 NGA NA . 51.48 -40.11 -25.11
O5 NGA NA . 51.19 -41.36 -22.56
O6 NGA NA . 48.27 -41.41 -22.70
O7 NGA NA . 53.47 -38.55 -20.34
C1 NGA OA . -11.82 -80.08 46.93
C2 NGA OA . -12.87 -80.12 45.83
C3 NGA OA . -12.33 -79.52 44.54
C4 NGA OA . -11.69 -78.16 44.82
C5 NGA OA . -10.72 -78.23 46.00
C6 NGA OA . -10.17 -76.86 46.34
C7 NGA OA . -14.53 -81.85 45.35
C8 NGA OA . -14.85 -83.31 45.38
N2 NGA OA . -13.27 -81.51 45.62
O3 NGA OA . -13.38 -79.35 43.62
O4 NGA OA . -12.70 -77.22 45.10
O5 NGA OA . -11.38 -78.76 47.13
O6 NGA OA . -9.11 -76.99 47.26
O7 NGA OA . -15.41 -81.02 45.08
C1 NGA PA . -58.45 23.71 -11.01
C2 NGA PA . -57.01 23.90 -11.43
C3 NGA PA . -56.29 24.79 -10.43
C4 NGA PA . -57.06 26.10 -10.30
C5 NGA PA . -58.53 25.85 -10.02
C6 NGA PA . -59.31 27.16 -10.05
C7 NGA PA . -56.28 21.92 -12.67
C8 NGA PA . -55.56 20.62 -12.61
N2 NGA PA . -56.37 22.60 -11.52
O3 NGA PA . -54.99 25.06 -10.87
O4 NGA PA . -56.92 26.84 -11.49
O5 NGA PA . -59.10 24.96 -10.96
O6 NGA PA . -60.61 26.96 -9.54
O7 NGA PA . -56.75 22.33 -13.73
C1 NGA QA . -3.04 -2.03 -13.04
C2 NGA QA . -2.17 -1.13 -13.93
C3 NGA QA . -0.74 -1.09 -13.40
C4 NGA QA . -0.72 -0.77 -11.92
C5 NGA QA . -1.61 -1.73 -11.15
C6 NGA QA . -1.63 -1.41 -9.66
C7 NGA QA . -2.14 -0.87 -16.36
C8 NGA QA . -2.29 -1.56 -17.69
N2 NGA QA . -2.23 -1.65 -15.28
O3 NGA QA . 0.04 -0.10 -14.05
O4 NGA QA . -1.17 0.55 -11.73
O5 NGA QA . -2.92 -1.70 -11.67
O6 NGA QA . -2.55 -2.25 -8.99
O7 NGA QA . -1.95 0.34 -16.31
C1 NGA RA . 20.68 -25.60 -2.37
C2 NGA RA . 20.14 -24.63 -1.33
C3 NGA RA . 20.46 -23.21 -1.74
C4 NGA RA . 21.95 -23.07 -1.99
C5 NGA RA . 22.45 -24.17 -2.92
C6 NGA RA . 23.96 -24.15 -3.07
C7 NGA RA . 18.17 -25.38 -0.06
C8 NGA RA . 16.68 -25.48 -0.02
N2 NGA RA . 18.71 -24.83 -1.16
O3 NGA RA . 20.08 -22.31 -0.71
O4 NGA RA . 22.64 -23.16 -0.77
O5 NGA RA . 22.07 -25.44 -2.45
O6 NGA RA . 24.34 -25.09 -4.04
O7 NGA RA . 18.85 -25.80 0.89
C1 NGA SA . 64.09 -17.94 -54.54
C2 NGA SA . 64.15 -17.30 -53.11
C3 NGA SA . 64.50 -18.31 -52.04
C4 NGA SA . 63.55 -19.49 -52.12
C5 NGA SA . 63.53 -20.00 -53.55
C6 NGA SA . 62.65 -21.23 -53.65
C7 NGA SA . 65.35 -15.43 -52.12
C8 NGA SA . 66.39 -14.38 -52.37
N2 NGA SA . 65.11 -16.22 -53.16
O3 NGA SA . 64.43 -17.73 -50.73
O4 NGA SA . 62.24 -19.09 -51.71
O5 NGA SA . 63.09 -18.97 -54.45
O6 NGA SA . 63.02 -22.02 -54.80
O7 NGA SA . 64.78 -15.55 -51.05
C1 NGA TA . 68.11 -42.59 -73.85
C2 NGA TA . 68.47 -43.79 -72.98
C3 NGA TA . 69.55 -44.67 -73.62
C4 NGA TA . 69.22 -44.99 -75.06
C5 NGA TA . 68.94 -43.70 -75.80
C6 NGA TA . 68.62 -44.00 -77.26
C7 NGA TA . 68.88 -44.07 -70.62
C8 NGA TA . 69.49 -43.49 -69.37
N2 NGA TA . 68.94 -43.31 -71.71
O3 NGA TA . 69.68 -45.87 -72.89
O4 NGA TA . 68.08 -45.81 -75.10
O5 NGA TA . 67.86 -43.00 -75.18
O6 NGA TA . 67.36 -44.62 -77.35
O7 NGA TA . 68.37 -45.18 -70.59
C1 NGA UA . 77.67 -99.69 13.62
C2 NGA UA . 76.92 -101.01 13.62
C3 NGA UA . 77.85 -102.12 14.08
C4 NGA UA . 79.08 -102.15 13.21
C5 NGA UA . 79.72 -100.77 13.15
C6 NGA UA . 80.90 -100.77 12.18
C7 NGA UA . 74.52 -100.94 14.09
C8 NGA UA . 73.47 -100.97 15.15
N2 NGA UA . 75.78 -100.90 14.51
O3 NGA UA . 77.19 -103.37 13.99
O4 NGA UA . 78.72 -102.56 11.90
O5 NGA UA . 78.79 -99.79 12.75
O6 NGA UA . 81.65 -99.59 12.34
O7 NGA UA . 74.19 -100.97 12.89
C1 NGA VA . -9.29 -6.65 -23.63
C2 NGA VA . -10.08 -7.94 -23.58
C3 NGA VA . -11.46 -7.69 -24.16
C4 NGA VA . -12.14 -6.56 -23.40
C5 NGA VA . -11.25 -5.31 -23.37
C6 NGA VA . -11.84 -4.21 -22.51
C7 NGA VA . -9.26 -10.22 -23.91
C8 NGA VA . -8.70 -11.21 -24.90
N2 NGA VA . -9.41 -8.97 -24.35
O3 NGA VA . -12.24 -8.87 -24.05
O4 NGA VA . -12.42 -6.98 -22.09
O5 NGA VA . -9.95 -5.66 -22.89
O6 NGA VA . -10.90 -3.16 -22.38
O7 NGA VA . -9.55 -10.60 -22.77
CA CA WA . 97.63 3.61 -58.59
CA CA XA . 98.99 34.29 -46.96
CA CA YA . 100.09 -47.54 -19.30
CA CA ZA . 102.24 -69.84 -35.69
CA CA AB . 67.61 -72.37 26.84
CA CA BB . 79.82 -83.65 20.81
CA CA CB . 83.48 -81.80 -6.25
CA CA DB . 79.09 -70.19 -16.28
CA CA EB . 62.36 -51.95 -13.47
CA CA FB . 37.00 -42.60 0.16
CA CA GB . -58.09 8.13 -16.67
CA CA HB . -66.16 13.36 -28.60
CA CA IB . -12.99 -10.69 -37.10
CA CA JB . -16.78 -2.02 2.68
CA CA KB . 45.83 -44.79 -62.23
CA CA LB . 30.52 -37.87 -76.01
CA CA MB . 13.77 -30.80 -70.63
CA CA NB . 5.20 -19.85 -57.20
CA CA OB . 13.84 -6.11 -51.65
CA CA PB . 31.97 -2.07 -52.67
CA CA QB . 51.04 -13.24 -63.94
CA CA RB . 55.95 -29.20 -70.75
CA CA SB . 50.79 -26.00 -87.59
CA CA TB . -10.56 -78.94 53.96
CA CA UB . -6.37 -12.54 6.49
CA CA VB . 17.22 -29.31 -7.04
CA CA WB . 16.24 1.24 -111.52
CA CA XB . 88.39 -74.51 -7.23
CA CA YB . 55.34 -47.50 -4.07
CA CA ZB . -24.78 -44.75 67.93
CA CA AC . -71.39 1.16 84.41
CA CA BC . 22.24 -27.39 -52.79
CA CA CC . 13.72 -19.24 -43.86
CA CA DC . 97.28 -44.11 -20.68
CA CA EC . 65.75 -72.78 21.08
CA CA FC . 79.67 -77.74 -6.78
CA CA GC . -18.61 -10.45 -38.34
CA CA HC . 16.94 -26.58 -70.47
CA CA IC . 10.49 -17.90 -56.98
CA CA JC . 30.73 -8.55 -53.58
CA CA KC . 46.44 -16.52 -63.61
CA CA LC . 45.87 -26.33 -83.97
C1 NAG MC . -46.92 -4.13 18.70
C2 NAG MC . -45.40 -4.18 18.50
C3 NAG MC . -45.14 -4.03 17.02
C4 NAG MC . -45.89 -5.10 16.25
C5 NAG MC . -47.38 -5.01 16.56
C6 NAG MC . -48.15 -6.11 15.85
C7 NAG MC . -44.31 -3.14 20.44
C8 NAG MC . -43.68 -1.88 20.96
N2 NAG MC . -44.70 -3.09 19.17
O3 NAG MC . -43.74 -4.16 16.79
O4 NAG MC . -45.70 -4.89 14.85
O5 NAG MC . -47.59 -5.14 17.96
O6 NAG MC . -47.72 -7.39 16.32
O7 NAG MC . -44.45 -4.13 21.13
C1 NAG NC . 88.89 19.11 -69.66
C2 NAG NC . 89.29 20.46 -69.05
C3 NAG NC . 90.81 20.64 -69.08
C4 NAG NC . 91.51 19.43 -68.48
C5 NAG NC . 91.04 18.17 -69.18
C6 NAG NC . 91.63 16.91 -68.59
C7 NAG NC . 87.56 22.19 -69.29
C8 NAG NC . 87.02 23.29 -70.14
N2 NAG NC . 88.64 21.56 -69.75
O3 NAG NC . 91.15 21.82 -68.36
O4 NAG NC . 92.92 19.56 -68.64
O5 NAG NC . 89.61 18.07 -69.02
O6 NAG NC . 91.33 16.78 -67.21
O7 NAG NC . 87.03 21.88 -68.22
C1 NGA OC . -39.30 108.84 -53.40
C2 NGA OC . -39.86 109.39 -52.09
C3 NGA OC . -40.15 110.87 -52.23
C4 NGA OC . -38.90 111.58 -52.71
C5 NGA OC . -38.34 110.92 -53.96
C6 NGA OC . -37.02 111.55 -54.39
C7 NGA OC . -41.18 107.94 -50.64
C8 NGA OC . -42.52 107.32 -50.39
N2 NGA OC . -41.07 108.67 -51.75
O3 NGA OC . -40.51 111.41 -50.99
O4 NGA OC . -37.92 111.56 -51.70
O5 NGA OC . -38.13 109.54 -53.74
O6 NGA OC . -36.66 111.11 -55.68
O7 NGA OC . -40.27 107.76 -49.84
CA CA PC . -27.71 98.13 -78.78
CA CA QC . 10.27 37.35 -107.14
C1 NGA RC . 39.87 -30.76 39.55
C2 NGA RC . 39.66 -30.48 38.07
C3 NGA RC . 38.67 -31.47 37.49
C4 NGA RC . 39.17 -32.89 37.77
C5 NGA RC . 39.50 -33.07 39.25
C6 NGA RC . 40.15 -34.43 39.48
C7 NGA RC . 40.01 -28.10 37.66
C8 NGA RC . 39.36 -26.76 37.48
N2 NGA RC . 39.19 -29.12 37.91
O3 NGA RC . 38.55 -31.30 36.11
O4 NGA RC . 40.32 -33.14 37.00
O5 NGA RC . 40.37 -32.06 39.71
O6 NGA RC . 40.21 -34.70 40.87
O7 NGA RC . 41.23 -28.23 37.57
C1 NAG SC . -14.69 19.22 2.82
C2 NAG SC . -15.17 20.36 1.92
C3 NAG SC . -16.61 20.11 1.49
C4 NAG SC . -16.72 18.77 0.77
C5 NAG SC . -16.16 17.64 1.64
C6 NAG SC . -16.03 16.33 0.90
C7 NAG SC . -15.75 22.00 3.68
C8 NAG SC . -15.53 23.40 4.17
N2 NAG SC . -15.07 21.65 2.57
O3 NAG SC . -17.06 21.15 0.64
O4 NAG SC . -18.09 18.50 0.47
O5 NAG SC . -14.84 17.95 2.12
O6 NAG SC . -17.30 15.87 0.43
O7 NAG SC . -16.48 21.22 4.27
CA CA TC . 32.27 46.40 -57.28
C1 NAG UC . -19.33 88.62 -42.47
C2 NAG UC . -18.89 89.86 -43.23
C3 NAG UC . -17.73 90.53 -42.52
C4 NAG UC . -18.11 90.83 -41.07
C5 NAG UC . -18.60 89.56 -40.38
C6 NAG UC . -19.12 89.81 -38.98
C7 NAG UC . -19.38 89.55 -45.62
C8 NAG UC . -18.83 89.17 -46.97
N2 NAG UC . -18.51 89.53 -44.60
O3 NAG UC . -17.40 91.74 -43.18
O4 NAG UC . -16.98 91.34 -40.37
O5 NAG UC . -19.67 88.97 -41.12
O6 NAG UC . -20.19 90.75 -38.99
O7 NAG UC . -20.57 89.85 -45.47
C1 NAG VC . -46.55 32.22 48.52
C2 NAG VC . -45.34 33.15 48.40
C3 NAG VC . -45.59 34.17 47.30
C4 NAG VC . -45.93 33.47 45.99
C5 NAG VC . -47.09 32.50 46.19
C6 NAG VC . -47.36 31.65 44.97
C7 NAG VC . -43.92 33.70 50.33
C8 NAG VC . -43.82 34.48 51.61
N2 NAG VC . -45.07 33.82 49.66
O3 NAG VC . -44.43 34.98 47.13
O4 NAG VC . -46.29 34.42 45.01
O5 NAG VC . -46.79 31.60 47.27
O6 NAG VC . -46.22 30.88 44.61
O7 NAG VC . -43.00 33.01 49.92
C1 NAG WC . -16.92 -12.13 101.05
C2 NAG WC . -15.64 -11.65 100.34
C3 NAG WC . -15.30 -10.23 100.77
C4 NAG WC . -16.49 -9.31 100.54
C5 NAG WC . -17.70 -9.85 101.28
C6 NAG WC . -18.96 -9.05 101.03
C7 NAG WC . -13.75 -13.08 99.66
C8 NAG WC . -12.64 -13.96 100.14
N2 NAG WC . -14.52 -12.54 100.62
O3 NAG WC . -14.18 -9.76 100.02
O4 NAG WC . -16.20 -8.00 101.01
O5 NAG WC . -17.98 -11.18 100.82
O6 NAG WC . -20.03 -9.49 101.87
O7 NAG WC . -13.93 -12.84 98.47
C1 NAG XC . -74.82 71.71 -78.04
C2 NAG XC . -75.27 73.08 -78.57
C3 NAG XC . -76.62 73.45 -77.98
C4 NAG XC . -77.65 72.35 -78.25
C5 NAG XC . -77.12 71.02 -77.72
C6 NAG XC . -78.02 69.86 -78.08
C7 NAG XC . -73.27 74.40 -79.09
C8 NAG XC . -72.36 75.50 -78.63
N2 NAG XC . -74.28 74.11 -78.28
O3 NAG XC . -77.07 74.68 -78.55
O4 NAG XC . -78.87 72.66 -77.60
O5 NAG XC . -75.84 70.73 -78.30
O6 NAG XC . -78.23 69.77 -79.49
O7 NAG XC . -73.09 73.80 -80.15
C1 NGA YC . 4.88 24.70 -122.78
C2 NGA YC . 4.21 26.05 -122.38
C3 NGA YC . 4.40 27.15 -123.41
C4 NGA YC . 5.85 27.24 -123.85
C5 NGA YC . 6.24 25.89 -124.39
C6 NGA YC . 7.65 25.89 -124.97
C7 NGA YC . 2.15 25.80 -121.05
C8 NGA YC . 0.68 25.60 -121.14
N2 NGA YC . 2.78 25.85 -122.23
O3 NGA YC . 3.98 28.40 -122.87
O4 NGA YC . 6.66 27.62 -122.74
O5 NGA YC . 6.18 24.93 -123.33
O6 NGA YC . 7.86 24.70 -125.74
O7 NGA YC . 2.72 25.93 -119.98
CA CA ZC . -7.57 32.98 -7.78
C1 NAG AD . -75.54 45.06 45.70
C2 NAG AD . -76.11 44.93 47.10
C3 NAG AD . -75.72 43.59 47.71
C4 NAG AD . -76.16 42.45 46.79
C5 NAG AD . -75.62 42.67 45.38
C6 NAG AD . -76.13 41.65 44.39
C7 NAG AD . -76.34 47.14 48.16
C8 NAG AD . -75.70 48.15 49.07
N2 NAG AD . -75.64 46.02 47.95
O3 NAG AD . -76.33 43.45 48.99
O4 NAG AD . -75.68 41.22 47.30
O5 NAG AD . -76.01 43.96 44.89
O6 NAG AD . -77.54 41.73 44.25
O7 NAG AD . -77.44 47.33 47.64
CA CA BD . -58.62 13.08 60.19
CA CA CD . -62.47 74.02 -26.12
C1 NAG DD . 35.14 83.67 -64.70
C2 NAG DD . 34.46 83.77 -63.32
C3 NAG DD . 35.38 84.32 -62.22
C4 NAG DD . 36.76 83.67 -62.21
C5 NAG DD . 37.38 83.55 -63.58
C6 NAG DD . 38.54 82.58 -63.61
C7 NAG DD . 32.04 84.12 -63.69
C8 NAG DD . 30.93 85.14 -63.72
N2 NAG DD . 33.26 84.59 -63.39
O3 NAG DD . 34.77 84.15 -60.95
O4 NAG DD . 37.64 84.45 -61.41
O5 NAG DD . 36.45 83.10 -64.58
O6 NAG DD . 38.08 81.24 -63.73
O7 NAG DD . 31.85 82.93 -63.93
C1 NAG ED . -25.44 25.69 78.01
C2 NAG ED . -23.96 25.95 78.26
C3 NAG ED . -23.75 26.50 79.67
C4 NAG ED . -24.62 27.72 79.89
C5 NAG ED . -26.08 27.40 79.57
C6 NAG ED . -26.97 28.62 79.64
C7 NAG ED . -22.62 24.39 76.91
C8 NAG ED . -21.84 23.12 76.91
N2 NAG ED . -23.19 24.73 78.07
O3 NAG ED . -22.38 26.84 79.84
O4 NAG ED . -24.53 28.14 81.25
O5 NAG ED . -26.17 26.89 78.24
O6 NAG ED . -26.60 29.59 78.68
O7 NAG ED . -22.72 25.09 75.91
C1 NAG FD . 1.07 55.57 -51.19
C2 NAG FD . 0.13 56.60 -51.84
C3 NAG FD . 0.24 57.93 -51.11
C4 NAG FD . 0.02 57.76 -49.62
C5 NAG FD . 0.96 56.70 -49.07
C6 NAG FD . 0.70 56.35 -47.62
C7 NAG FD . -0.20 56.13 -54.23
C8 NAG FD . 0.25 56.44 -55.63
N2 NAG FD . 0.45 56.76 -53.25
O3 NAG FD . -0.73 58.83 -51.64
O4 NAG FD . 0.26 58.99 -48.95
O5 NAG FD . 0.79 55.47 -49.80
O6 NAG FD . 0.90 57.48 -46.78
O7 NAG FD . -1.11 55.34 -54.01
C1 NAG GD . -35.97 12.29 100.29
C2 NAG GD . -35.91 13.74 99.77
C3 NAG GD . -34.66 14.43 100.29
C4 NAG GD . -34.57 14.31 101.81
C5 NAG GD . -34.69 12.85 102.23
C6 NAG GD . -34.72 12.68 103.73
C7 NAG GD . -36.47 14.79 97.63
C8 NAG GD . -36.43 14.66 96.14
N2 NAG GD . -35.95 13.77 98.31
O3 NAG GD . -34.67 15.79 99.90
O4 NAG GD . -33.33 14.84 102.27
O5 NAG GD . -35.90 12.30 101.72
O6 NAG GD . -35.87 13.29 104.30
O7 NAG GD . -36.97 15.77 98.18
C1 NGA HD . 26.30 78.43 -71.15
C2 NGA HD . 25.12 79.33 -70.77
C3 NGA HD . 25.03 80.57 -71.65
C4 NGA HD . 26.36 81.28 -71.75
C5 NGA HD . 27.41 80.28 -72.19
C6 NGA HD . 28.77 80.97 -72.32
C7 NGA HD . 22.82 78.88 -70.22
C8 NGA HD . 21.59 78.07 -70.51
N2 NGA HD . 23.91 78.56 -70.90
O3 NGA HD . 24.07 81.47 -71.11
O4 NGA HD . 26.71 81.81 -70.49
O5 NGA HD . 27.48 79.20 -71.26
O6 NGA HD . 29.25 81.29 -71.03
O7 NGA HD . 22.78 79.79 -69.38
C1 NAG ID . -33.15 38.80 -19.82
C2 NAG ID . -33.75 38.64 -18.43
C3 NAG ID . -33.36 37.30 -17.84
C4 NAG ID . -33.75 36.16 -18.79
C5 NAG ID . -33.17 36.42 -20.18
C6 NAG ID . -33.66 35.42 -21.20
C7 NAG ID . -34.16 40.56 -16.94
C8 NAG ID . -33.53 41.61 -16.08
N2 NAG ID . -33.32 39.72 -17.56
O3 NAG ID . -34.01 37.12 -16.59
O4 NAG ID . -33.26 34.92 -18.30
O5 NAG ID . -33.58 37.71 -20.64
O6 NAG ID . -33.41 34.08 -20.81
O7 NAG ID . -35.39 40.47 -17.08
C1 NAG JD . -60.06 21.61 106.15
C2 NAG JD . -60.44 21.50 107.62
C3 NAG JD . -61.51 20.44 107.80
C4 NAG JD . -62.72 20.76 106.94
C5 NAG JD . -62.30 20.93 105.48
C6 NAG JD . -63.43 21.42 104.60
C7 NAG JD . -58.51 22.15 108.99
C8 NAG JD . -57.36 21.65 109.82
N2 NAG JD . -59.28 21.20 108.43
O3 NAG JD . -61.89 20.38 109.17
O4 NAG JD . -63.68 19.71 107.03
O5 NAG JD . -61.24 21.90 105.36
O6 NAG JD . -63.05 21.40 103.22
O7 NAG JD . -58.73 23.34 108.84
CA CA KD . -25.25 47.06 -18.20
C1 NGA LD . -12.18 56.15 -39.82
C2 NGA LD . -11.58 55.88 -41.19
C3 NGA LD . -10.50 54.80 -41.10
C4 NGA LD . -9.48 55.22 -40.04
C5 NGA LD . -10.18 55.56 -38.73
C6 NGA LD . -9.18 56.06 -37.70
C7 NGA LD . -13.44 54.51 -42.06
C8 NGA LD . -14.39 54.32 -43.20
N2 NGA LD . -12.59 55.54 -42.18
O3 NGA LD . -9.84 54.65 -42.34
O4 NGA LD . -8.75 56.33 -40.50
O5 NGA LD . -11.15 56.57 -38.94
O6 NGA LD . -9.78 56.02 -36.42
O7 NGA LD . -13.47 53.75 -41.11
C1 NGA MD . -22.07 53.57 -0.14
C2 NGA MD . -20.83 52.78 0.29
C3 NGA MD . -19.70 53.70 0.73
C4 NGA MD . -19.49 54.83 -0.28
C5 NGA MD . -20.80 55.50 -0.62
C6 NGA MD . -20.61 56.59 -1.66
C7 NGA MD . -20.68 50.68 1.52
C8 NGA MD . -21.27 49.81 2.58
N2 NGA MD . -21.20 51.89 1.38
O3 NGA MD . -18.50 52.96 0.85
O4 NGA MD . -18.92 54.29 -1.46
O5 NGA MD . -21.72 54.55 -1.10
O6 NGA MD . -19.75 57.59 -1.14
O7 NGA MD . -19.74 50.26 0.81
C1 NAG ND . 72.99 26.52 -86.93
C2 NAG ND . 73.67 25.51 -87.85
C3 NAG ND . 75.00 26.09 -88.35
C4 NAG ND . 74.78 27.42 -89.02
C5 NAG ND . 74.06 28.38 -88.07
C6 NAG ND . 73.68 29.68 -88.73
C7 NAG ND . 73.44 23.08 -87.66
C8 NAG ND . 73.77 21.86 -86.84
N2 NAG ND . 73.88 24.25 -87.19
O3 NAG ND . 75.59 25.17 -89.26
O4 NAG ND . 76.03 27.99 -89.40
O5 NAG ND . 72.84 27.78 -87.60
O6 NAG ND . 73.04 30.56 -87.81
O7 NAG ND . 72.78 23.00 -88.69
C1 NAG OD . 2.10 42.15 -49.45
C2 NAG OD . 0.83 41.45 -48.96
C3 NAG OD . -0.40 42.35 -49.17
C4 NAG OD . -0.14 43.75 -48.61
C5 NAG OD . 1.17 44.30 -49.16
C6 NAG OD . 1.55 45.64 -48.57
C7 NAG OD . -0.25 39.26 -49.22
C8 NAG OD . -0.33 38.00 -50.03
N2 NAG OD . 0.64 40.17 -49.63
O3 NAG OD . -1.54 41.78 -48.56
O4 NAG OD . -1.21 44.62 -48.99
O5 NAG OD . 2.23 43.40 -48.83
O6 NAG OD . 2.80 46.08 -49.07
O7 NAG OD . -0.97 39.45 -48.24
C1 NGA PD . -53.44 55.31 53.30
C2 NGA PD . -52.03 55.48 53.86
C3 NGA PD . -51.01 55.47 52.73
C4 NGA PD . -51.23 54.28 51.81
C5 NGA PD . -52.69 54.16 51.39
C6 NGA PD . -52.93 52.90 50.57
C7 NGA PD . -51.27 56.86 55.72
C8 NGA PD . -51.48 58.13 56.49
N2 NGA PD . -51.97 56.73 54.59
O3 NGA PD . -49.71 55.40 53.27
O4 NGA PD . -50.84 53.10 52.48
O5 NGA PD . -53.52 54.13 52.54
O6 NGA PD . -54.23 52.96 50.01
O7 NGA PD . -50.48 56.00 56.12
C1 NAG QD . 11.35 52.70 -12.10
C2 NAG QD . 9.85 52.75 -11.88
C3 NAG QD . 9.48 52.03 -10.59
C4 NAG QD . 10.03 50.61 -10.60
C5 NAG QD . 11.53 50.62 -10.90
C6 NAG QD . 12.10 49.22 -11.08
C7 NAG QD . 8.95 54.76 -12.96
C8 NAG QD . 8.50 56.18 -12.74
N2 NAG QD . 9.36 54.11 -11.86
O3 NAG QD . 8.06 52.00 -10.45
O4 NAG QD . 9.82 50.00 -9.33
O5 NAG QD . 11.79 51.33 -12.13
O6 NAG QD . 13.49 49.28 -11.42
O7 NAG QD . 8.94 54.24 -14.06
C1 NAG RD . 46.64 71.76 -53.86
C2 NAG RD . 46.65 73.20 -54.45
C3 NAG RD . 47.92 73.52 -55.28
C4 NAG RD . 49.20 72.90 -54.74
C5 NAG RD . 49.02 71.49 -54.28
C6 NAG RD . 50.23 70.92 -53.56
C7 NAG RD . 45.10 74.63 -55.70
C8 NAG RD . 43.84 74.66 -56.52
N2 NAG RD . 45.47 73.43 -55.25
O3 NAG RD . 48.08 74.93 -55.38
O4 NAG RD . 50.19 72.93 -55.76
O5 NAG RD . 47.92 71.39 -53.37
O6 NAG RD . 51.26 70.58 -54.47
O7 NAG RD . 45.74 75.63 -55.46
CA CA SD . -33.16 68.45 -77.79
C1 NAG TD . -10.99 -19.26 71.16
C2 NAG TD . -11.70 -18.70 72.40
C3 NAG TD . -11.97 -17.19 72.24
C4 NAG TD . -10.69 -16.46 71.86
C5 NAG TD . -10.10 -17.10 70.60
C6 NAG TD . -8.78 -16.46 70.19
C7 NAG TD . -13.03 -20.55 73.33
C8 NAG TD . -14.40 -21.13 73.50
N2 NAG TD . -12.95 -19.39 72.65
O3 NAG TD . -12.49 -16.67 73.46
O4 NAG TD . -10.98 -15.09 71.60
O5 NAG TD . -9.83 -18.48 70.86
O6 NAG TD . -7.76 -16.76 71.13
O7 NAG TD . -12.03 -21.10 73.78
C1 NAG UD . -37.50 83.52 -101.91
C2 NAG UD . -38.98 83.89 -101.70
C3 NAG UD . -39.90 82.71 -102.02
C4 NAG UD . -39.61 82.15 -103.41
C5 NAG UD . -38.14 81.78 -103.54
C6 NAG UD . -37.77 81.36 -104.95
C7 NAG UD . -39.28 85.63 -99.98
C8 NAG UD . -39.55 85.90 -98.52
N2 NAG UD . -39.22 84.35 -100.33
O3 NAG UD . -41.26 83.14 -101.95
O4 NAG UD . -40.41 81.00 -103.63
O5 NAG UD . -37.32 82.91 -103.21
O6 NAG UD . -38.03 82.40 -105.88
O7 NAG UD . -39.13 86.53 -100.80
C1 NAG VD . -9.93 -54.40 95.48
C2 NAG VD . -9.58 -54.88 96.89
C3 NAG VD . -9.29 -56.39 96.89
C4 NAG VD . -10.43 -57.15 96.21
C5 NAG VD . -10.66 -56.60 94.82
C6 NAG VD . -11.82 -57.26 94.10
C7 NAG VD . -8.13 -54.12 98.72
C8 NAG VD . -6.92 -53.32 99.10
N2 NAG VD . -8.44 -54.15 97.42
O3 NAG VD . -9.13 -56.85 98.22
O4 NAG VD . -10.09 -58.53 96.12
O5 NAG VD . -10.98 -55.21 94.93
O6 NAG VD . -11.99 -56.71 92.81
O7 NAG VD . -8.81 -54.72 99.56
C1 NAG WD . 22.83 25.85 -11.85
C2 NAG WD . 21.85 24.73 -12.24
C3 NAG WD . 20.47 25.01 -11.62
C4 NAG WD . 20.60 25.25 -10.12
C5 NAG WD . 21.65 26.31 -9.77
C6 NAG WD . 21.87 26.45 -8.27
C7 NAG WD . 22.41 23.67 -14.42
C8 NAG WD . 22.21 23.74 -15.92
N2 NAG WD . 21.78 24.58 -13.67
O3 NAG WD . 19.56 23.93 -11.86
O4 NAG WD . 19.31 25.65 -9.63
O5 NAG WD . 22.88 25.98 -10.41
O6 NAG WD . 22.77 27.52 -7.99
O7 NAG WD . 23.13 22.86 -13.89
CA CA XD . -43.13 -44.64 91.48
C1 NGA YD . -75.68 77.75 -16.51
C2 NGA YD . -74.91 78.56 -15.43
C3 NGA YD . -73.42 78.60 -15.69
C4 NGA YD . -72.87 77.19 -15.86
C5 NGA YD . -73.72 76.43 -16.85
C6 NGA YD . -73.24 75.01 -17.07
C7 NGA YD . -76.56 80.24 -14.77
C8 NGA YD . -76.94 81.68 -14.86
N2 NGA YD . -75.43 79.91 -15.39
O3 NGA YD . -72.75 79.25 -14.59
O4 NGA YD . -72.84 76.52 -14.59
O5 NGA YD . -75.08 76.45 -16.43
O6 NGA YD . -73.59 74.56 -18.37
O7 NGA YD . -77.25 79.41 -14.19
C1 NAG ZD . -77.07 82.61 -85.34
C2 NAG ZD . -76.70 82.81 -86.82
C3 NAG ZD . -77.78 82.23 -87.71
C4 NAG ZD . -78.05 80.77 -87.37
C5 NAG ZD . -78.39 80.65 -85.89
C6 NAG ZD . -78.53 79.22 -85.44
C7 NAG ZD . -75.30 84.77 -87.35
C8 NAG ZD . -75.30 86.25 -87.64
N2 NAG ZD . -76.50 84.22 -87.11
O3 NAG ZD . -77.37 82.33 -89.08
O4 NAG ZD . -79.13 80.27 -88.14
O5 NAG ZD . -77.34 81.23 -85.10
O6 NAG ZD . -77.33 78.48 -85.63
O7 NAG ZD . -74.27 84.11 -87.31
C1 NGA AE . -50.02 107.91 -29.76
C2 NGA AE . -48.68 108.62 -30.02
C3 NGA AE . -48.95 110.10 -30.20
C4 NGA AE . -49.93 110.30 -31.35
C5 NGA AE . -51.18 109.45 -31.15
C6 NGA AE . -52.07 109.48 -32.39
C7 NGA AE . -47.88 108.56 -27.69
C8 NGA AE . -46.74 108.18 -26.81
N2 NGA AE . -47.71 108.33 -29.00
O3 NGA AE . -47.76 110.79 -30.50
O4 NGA AE . -49.30 109.96 -32.56
O5 NGA AE . -50.87 108.10 -30.87
O6 NGA AE . -53.20 108.67 -32.17
O7 NGA AE . -48.91 109.05 -27.21
C1 NAG BE . 27.68 45.22 -6.40
C2 NAG BE . 26.54 44.77 -5.47
C3 NAG BE . 27.09 44.43 -4.09
C4 NAG BE . 28.14 43.34 -4.23
C5 NAG BE . 29.21 43.78 -5.23
C6 NAG BE . 30.25 42.70 -5.48
C7 NAG BE . 25.54 46.96 -4.94
C8 NAG BE . 24.27 47.74 -5.03
N2 NAG BE . 25.44 45.72 -5.41
O3 NAG BE . 26.03 43.98 -3.23
O4 NAG BE . 28.72 43.09 -2.95
O5 NAG BE . 28.62 44.14 -6.49
O6 NAG BE . 29.65 41.57 -6.11
O7 NAG BE . 26.56 47.43 -4.47
C1 NAG CE . 2.84 -12.60 49.00
C2 NAG CE . 2.35 -12.17 47.62
C3 NAG CE . 3.57 -11.75 46.82
C4 NAG CE . 4.33 -10.68 47.57
C5 NAG CE . 4.72 -11.19 48.96
C6 NAG CE . 5.44 -10.10 49.75
C7 NAG CE . 0.41 -13.53 46.98
C8 NAG CE . -0.05 -14.72 46.20
N2 NAG CE . 1.70 -13.24 46.87
O3 NAG CE . 3.14 -11.24 45.56
O4 NAG CE . 5.53 -10.36 46.86
O5 NAG CE . 3.55 -11.58 49.67
O6 NAG CE . 4.56 -8.99 49.96
O7 NAG CE . -0.36 -12.88 47.68
CA CA DE . 48.24 62.06 -60.58
C1 NAG EE . -28.74 28.82 65.87
C2 NAG EE . -27.88 28.57 67.11
C3 NAG EE . -27.00 29.76 67.40
C4 NAG EE . -26.16 30.12 66.17
C5 NAG EE . -27.08 30.33 64.97
C6 NAG EE . -26.30 30.56 63.69
C7 NAG EE . -29.06 27.01 68.61
C8 NAG EE . -29.92 26.89 69.84
N2 NAG EE . -28.72 28.25 68.26
O3 NAG EE . -26.14 29.46 68.49
O4 NAG EE . -25.42 31.30 66.43
O5 NAG EE . -27.89 29.17 64.76
O6 NAG EE . -25.47 29.45 63.39
O7 NAG EE . -28.69 26.03 67.98
C1 NGA FE . -53.11 61.04 -86.57
C2 NGA FE . -53.10 59.91 -85.55
C3 NGA FE . -54.11 58.84 -85.93
C4 NGA FE . -55.47 59.47 -86.17
C5 NGA FE . -55.36 60.65 -87.13
C6 NGA FE . -56.71 61.35 -87.27
C7 NGA FE . -51.24 58.96 -84.29
C8 NGA FE . -49.80 58.58 -84.30
N2 NGA FE . -51.77 59.34 -85.45
O3 NGA FE . -54.21 57.89 -84.89
O4 NGA FE . -55.99 59.92 -84.95
O5 NGA FE . -54.41 61.58 -86.66
O6 NGA FE . -56.67 62.23 -88.38
O7 NGA FE . -51.89 58.92 -83.24
CA CA GE . 31.94 32.34 -42.68
CA CA HE . 41.58 37.67 -23.00
C1 NAG IE . 12.06 24.35 -47.62
C2 NAG IE . 13.04 23.21 -47.93
C3 NAG IE . 12.44 22.24 -48.93
C4 NAG IE . 11.10 21.75 -48.41
C5 NAG IE . 10.20 22.93 -48.10
C6 NAG IE . 8.85 22.48 -47.55
C7 NAG IE . 15.36 23.98 -47.74
C8 NAG IE . 16.52 24.56 -48.49
N2 NAG IE . 14.28 23.75 -48.48
O3 NAG IE . 13.32 21.14 -49.11
O4 NAG IE . 10.48 20.91 -49.39
O5 NAG IE . 10.83 23.78 -47.13
O6 NAG IE . 9.03 21.86 -46.27
O7 NAG IE . 15.42 23.77 -46.54
CA CA JE . 48.77 51.52 -30.45
CA CA KE . 39.35 18.32 6.51
CA CA LE . -45.09 90.87 -46.33
CA CA ME . -47.74 89.94 -55.21
CA CA NE . 91.09 39.51 -53.32
CA CA OE . -5.67 7.97 12.01
CA CA PE . -59.89 52.19 54.25
CA CA QE . 49.38 64.04 -66.25
CA CA RE . 28.41 35.23 -20.83
CA CA SE . 31.70 62.48 -63.88
CA CA TE . 31.30 44.50 -62.52
CA CA UE . 32.02 26.36 -45.61
CA CA VE . 38.03 25.80 -28.01
CA CA WE . 43.62 38.40 -17.78
CA CA XE . 49.35 54.77 -26.32
CA CA YE . 45.35 66.67 -40.52
CA CA ZE . 4.41 -2.67 16.31
CA CA AF . 25.20 71.76 -46.86
CA CA BF . 35.78 19.35 2.09
CA CA CF . 41.30 -14.50 42.45
CA CA DF . 56.36 -17.09 43.65
C1 NGA EF . -64.84 50.90 -15.12
C2 NGA EF . -65.05 50.77 -16.62
C3 NGA EF . -64.28 49.53 -17.10
C4 NGA EF . -62.84 49.63 -16.65
C5 NGA EF . -62.72 49.92 -15.16
C6 NGA EF . -61.27 50.12 -14.72
C7 NGA EF . -67.22 50.04 -17.64
C8 NGA EF . -68.62 50.55 -17.86
N2 NGA EF . -66.49 50.76 -16.78
O3 NGA EF . -64.28 49.45 -18.50
O4 NGA EF . -62.22 50.67 -17.39
O5 NGA EF . -63.48 51.06 -14.84
O6 NGA EF . -60.75 51.27 -15.35
O7 NGA EF . -66.85 49.03 -18.23
CA CA FF . 30.81 47.53 -28.69
CA CA GF . -48.07 95.24 -48.14
CA CA HF . -34.88 86.98 -51.63
CA CA IF . -68.23 72.14 -25.89
CA CA JF . -70.63 87.14 -34.93
C1 NAG KF . -72.44 63.28 -46.33
C2 NAG KF . -73.12 63.47 -44.97
C3 NAG KF . -74.23 62.44 -44.79
C4 NAG KF . -75.19 62.46 -45.97
C5 NAG KF . -74.41 62.29 -47.27
C6 NAG KF . -75.28 62.38 -48.50
C7 NAG KF . -71.76 64.45 -43.17
C8 NAG KF . -70.76 64.18 -42.10
N2 NAG KF . -72.16 63.39 -43.89
O3 NAG KF . -74.94 62.72 -43.58
O4 NAG KF . -76.14 61.41 -45.84
O5 NAG KF . -73.41 63.31 -47.37
O6 NAG KF . -76.03 63.59 -48.51
O7 NAG KF . -72.20 65.58 -43.38
CA CA LF . -36.33 71.76 -78.63
C1 NAG MF . -1.16 -37.75 37.26
C2 NAG MF . -0.89 -37.07 35.92
C3 NAG MF . -0.14 -38.01 34.98
C4 NAG MF . 1.13 -38.52 35.67
C5 NAG MF . 0.78 -39.17 37.00
C6 NAG MF . 1.99 -39.61 37.79
C7 NAG MF . -2.67 -35.43 35.49
C8 NAG MF . -3.96 -35.16 34.77
N2 NAG MF . -2.14 -36.64 35.29
O3 NAG MF . 0.20 -37.32 33.79
O4 NAG MF . 1.77 -39.49 34.83
O5 NAG MF . 0.08 -38.21 37.81
O6 NAG MF . 2.81 -38.50 38.13
O7 NAG MF . -2.16 -34.60 36.23
CA CA NF . 6.15 5.62 -114.50
C1 NGA OF . 23.27 11.95 2.16
C2 NGA OF . 23.28 12.96 3.31
C3 NGA OF . 24.43 12.62 4.23
C4 NGA OF . 24.31 11.18 4.71
C5 NGA OF . 24.16 10.22 3.53
C6 NGA OF . 23.90 8.79 3.98
C7 NGA OF . 22.73 15.34 3.23
C8 NGA OF . 23.14 16.69 2.73
N2 NGA OF . 23.44 14.30 2.80
O3 NGA OF . 24.42 13.49 5.34
O4 NGA OF . 23.19 11.07 5.55
O5 NGA OF . 23.11 10.65 2.67
O6 NGA OF . 23.63 7.98 2.85
O7 NGA OF . 21.76 15.24 4.01
CA CA PF . -26.21 65.68 -42.05
C1 NGA QF . -66.88 103.79 -30.20
C2 NGA QF . -66.84 104.83 -29.10
C3 NGA QF . -67.88 105.90 -29.38
C4 NGA QF . -67.66 106.49 -30.76
C5 NGA QF . -67.58 105.38 -31.80
C6 NGA QF . -67.23 105.96 -33.16
C7 NGA QF . -66.21 104.10 -26.86
C8 NGA QF . -66.70 103.54 -25.56
N2 NGA QF . -67.11 104.19 -27.83
O3 NGA QF . -67.80 106.93 -28.42
O4 NGA QF . -66.44 107.22 -30.76
O5 NGA QF . -66.62 104.42 -31.45
O6 NGA QF . -67.44 104.98 -34.17
O7 NGA QF . -65.03 104.45 -26.98
C1 NGA RF . 16.44 48.51 -69.14
C2 NGA RF . 15.30 47.46 -68.91
C3 NGA RF . 13.98 48.11 -68.51
C4 NGA RF . 14.21 49.02 -67.31
C5 NGA RF . 15.36 49.96 -67.62
C6 NGA RF . 15.56 50.92 -66.47
C7 NGA RF . 14.32 45.68 -70.25
C8 NGA RF . 14.32 45.02 -71.59
N2 NGA RF . 15.16 46.70 -70.13
O3 NGA RF . 13.01 47.13 -68.18
O4 NGA RF . 14.50 48.22 -66.15
O5 NGA RF . 16.56 49.21 -67.89
O6 NGA RF . 16.23 52.11 -66.93
O7 NGA RF . 13.60 45.30 -69.33
C1 NGA SF . -12.34 28.76 -10.43
C2 NGA SF . -12.82 27.41 -9.92
C3 NGA SF . -12.28 26.31 -10.82
C4 NGA SF . -12.67 26.59 -12.26
C5 NGA SF . -12.30 28.01 -12.65
C6 NGA SF . -12.83 28.37 -14.04
C7 NGA SF . -13.25 27.25 -7.51
C8 NGA SF . -12.66 27.00 -6.15
N2 NGA SF . -12.39 27.23 -8.54
O3 NGA SF . -12.83 25.07 -10.43
O4 NGA SF . -14.06 26.42 -12.41
O5 NGA SF . -12.84 28.94 -11.74
O6 NGA SF . -12.34 29.64 -14.39
O7 NGA SF . -14.46 27.46 -7.63
C1 NAG TF . -71.03 20.72 84.44
C2 NAG TF . -71.33 22.16 84.84
C3 NAG TF . -72.76 22.28 85.34
C4 NAG TF . -73.72 21.78 84.28
C5 NAG TF . -73.37 20.35 83.88
C6 NAG TF . -74.20 19.83 82.73
C7 NAG TF . -69.25 23.23 85.56
C8 NAG TF . -68.41 23.65 86.74
N2 NAG TF . -70.40 22.62 85.85
O3 NAG TF . -73.04 23.64 85.64
O4 NAG TF . -75.06 21.81 84.78
O5 NAG TF . -72.00 20.28 83.46
O6 NAG TF . -73.98 20.58 81.54
O7 NAG TF . -68.90 23.45 84.41
CA CA UF . -30.47 56.94 -34.13
C1 NGA VF . 12.30 5.54 -1.18
C2 NGA VF . 12.90 5.21 -2.55
C3 NGA VF . 11.84 5.30 -3.63
C4 NGA VF . 10.59 4.52 -3.25
C5 NGA VF . 10.10 4.95 -1.88
C6 NGA VF . 8.86 4.15 -1.45
C7 NGA VF . 15.07 5.78 -3.50
C8 NGA VF . 16.15 6.82 -3.60
N2 NGA VF . 14.01 6.12 -2.79
O3 NGA VF . 12.29 4.78 -4.87
O4 NGA VF . 10.91 3.14 -3.22
O5 NGA VF . 11.12 4.81 -0.92
O6 NGA VF . 8.49 4.50 -0.13
O7 NGA VF . 15.21 4.70 -4.06
#